data_4HRD
#
_entry.id   4HRD
#
_cell.length_a   134.620
_cell.length_b   300.280
_cell.length_c   144.570
_cell.angle_alpha   90.00
_cell.angle_beta   112.49
_cell.angle_gamma   90.00
#
_symmetry.space_group_name_H-M   'P 1 21 1'
#
loop_
_entity.id
_entity.type
_entity.pdbx_description
1 polymer 'Proteasome component Y7'
2 polymer 'Proteasome component Y13'
3 polymer 'Proteasome component PRE6'
4 polymer 'Proteasome component PUP2'
5 polymer 'Proteasome component PRE5'
6 polymer 'Proteasome component C1'
7 polymer 'Proteasome component C7-alpha'
8 polymer 'Proteasome component PUP1'
9 polymer 'Proteasome component PUP3'
10 polymer 'Proteasome component C11'
11 polymer 'Proteasome component PRE2'
12 polymer 'Proteasome component C5'
13 polymer 'Proteasome component PRE4'
14 polymer 'Proteasome component PRE3'
15 non-polymer N-[(2S)-1-({(2S)-1-{[(2R,3S,4S)-1,3-dihydroxy-2,6-dimethylheptan-4-yl]amino}-4-[(R)-methylsulfinyl]-1-oxobutan-2-yl}amino)-3-methyl-1-oxobutan-2-yl]hexanamide
16 water water
#
loop_
_entity_poly.entity_id
_entity_poly.type
_entity_poly.pdbx_seq_one_letter_code
_entity_poly.pdbx_strand_id
1 'polypeptide(L)'
;MTDRYSFSLTTFSPSGKLGQIDYALTAVKQGVTSLGIKATNGVVIATEKKSSSPLAMSETLSKVSLLTPDIGAVYSGMGP
DYRVLVDKSRKVAHTSYKRIYGEYPPTKLLVSEVAKIMQEATQSGGVRPFGVSLLIAGHDEFNGFSLYQVDPSGSYFPWK
ATAIGKGSVAAKTFLEKRWNDELELEDAIHIALLTLKESVEGEFNGDTIELAIIGDENPDLLGYTGIPTDKGPRFRKLTS
QEINDRLEAL
;
A,O
2 'polypeptide(L)'
;GSRRYDSRTTIFSPEGRLYQVEYALESISHAGTAIGIMASDGIVLAAERKVTSTLLEQDTSTEKLYKLNDKIAVAVAGLT
ADAEILINTARIHAQNYLKTYNEDIPVEILVRRLSDIKQGYTQHGGLRPFGVSFIYAGYDDRYGYQLYTSNPSGNYTGWK
AISVGANTSAAQTLLQMDYKDDMKVDDAIELALKTLSKTTDSSALTYDRLEFATIRKGANDGEVYQKIFKPQEIKDILVK
TGIT
;
B,P
3 'polypeptide(L)'
;GYDRALSIFSPDGHIFQVEYALEAVKRGTCAVGVKGKNCVVLGCERRSTLKLQDTRITPSKVSKIDSHVVLSFSGLNADS
RILIEKARVEAQSHRLTLEDPVTVEYLTRYVAGVQQRYTQSGGVRPFGVSTLIAGFDPRDDEPKLYQTEPSGIYSSWSAQ
TIGRNSKTVREFLEKNYDRKEPPATVEECVKLTVRSLLEVVQTGAKNIEITVVKPDSDIVALSSEEINQYVTQIEQEKQE
Q
;
C,Q
4 'polypeptide(L)'
;DRGVSTFSPEGRLFQVEYSLEAIKLGSTAIGIATKEGVVLGVEKRATSPLLESDSIEKIVEIDRHIGCAMSGLTADARSM
IEHARTAAVTHNLYYDEDINVESLTQSVCDLALRFGEGASGEERLMSRPFGVALLIAGHDADDGYQLFHAEPSGTFYRYN
AKAIGSGSEGAQAELLNEWHSSLTLKEAELLVLKILKQVMEEKLDENNAQLSCITKQDGFKIYDNEKTAELIKELKEKEA
AE
;
D,R
5 'polypeptide(L)'
;FRNNYDGDTVTFSPTGRLFQVEYALEAIKQGSVTVGLRSNTHAVLVALKRNADELSSYQKKIIKCDEHMGLSLAGLAPDA
RVLSNYLRQQCNYSSLVFNRKLAVERAGHLLCDKAQKNTQSYGGRPYGVGLLIIGYDKSGAHLLEFQPSGNVTELYGTAI
GARSQGAKTYLERTLDTFIKIDGNPDELIKAGVEAISQSLRDESLTVDNLSIAIVGKDTPFTIYDGEAVAKYI
;
E,S
6 'polypeptide(L)'
;GTGYDLSNSVFSPDGRNFQVEYAVKAVENGTTSIGIKCNDGVVFAVEKLITSKLLVPQKNVKIQVVDRHIGCVYSGLIPD
GRHLVNRGREEAASFKKLYKTPIPIPAFADRLGQYVQAHTLYNSVRPFGVSTIFGGVDKNGAHLYMLEPSGSYWGYKGAA
TGKGRQSAKAELEKLVDHHPEGLSAREAVKQAAKIIYLAHEDNKEKDFELEISWCSLSETNGLHKFVKGDLLQEAIDFAQ
KEIN
;
F,T
7 'polypeptide(L)'
;AGYDRHITIFSPEGRLYQVEYAFKATNQTNINSLAVRGKDCTVVISQKKVPDKLLDPTTVSYIFCISRTIGMVVNGPIPD
ARNAALRAKAEAAEFRYKYGYDMPCDVLAKRMANLSQIYTQRAYMRPLGVILTFVSVDEELGPSIYKTDPAGYYVGYKAT
ATGPKQQEITTNLENHFKKSKIDHINEESWEKVVEFAITHMIDALGTEFSKNDLEVGVATKDKFFTLSAENIEERLVAIA
EQD
;
G,U
8 'polypeptide(L)'
;TTIVGVKFNNGVVIAADTRSTQGPIVADKNCAKLHRISPKIWCAGAGTAADTEAVTQLIGSNIELHSLYTSREPRVVSAL
QMLKQHLFKYQGHIGAYLIVAGVDPTGSHLFSIHAHGSTDVGYYLSLGSGSLAAMAVLESHWKQDLTKEEAIKLASDAIQ
AGIWNDLGSGSNVDVCVMEIGKDAEYLRNYLTPNVREEKQKSYKFPRGTTAVLKESIVNICD
;
H,V
9 'polypeptide(L)'
;SDPSSINGGIVVAMTGKDCVAIACDLRLGSQSLGVSNKFEKIFHYGHVFLGITGLATDVTTLNEMFRYKTNLYKLKEERA
IEPETFTQLVSSSLYERRFGPYFVGPVVAGINSKSGKPFIAGFDLIGCIDEAKDFIVSGTASDQLFGMCESLYEPNLEPE
DLFETISQALLNAADRDALSGWGAVVYIIKKDEVVKRYLKMRQD
;
I,W
10 'polypeptide(L)'
;MDIILGIRVQDSVILASSKAVTRGISVLKDSDDKTRQLSPHTLMSFAGEAGDTVQFAEYIQANIQLYSIREDYELSPQAV
SSFVRQELAKSIRSRRPYQVNVLIGGYDKKKNKPELYQIDYLGTKVELPYGAHGYSGFYTFSLLDHHYRPDMTTEEGLDL
LKLCVQELEKRMPMDFKGVIVKIVDKDGIRQVDDFQAQ
;
J,X
11 'polypeptide(L)'
;TTTLAFRFQGGIIVAVDSRATAGNWVASQTVKKVIEINPFLLGTMAGGAADCQFWETWLGSQCRLHELREKERISVAAAS
KILSNLVYQYKGAGLSMGTMICGYTRKEGPTIYYVDSDGTRLKGDIFCVGSGQTFAYGVLDSNYKWDLSVEDALYLGKRS
ILAAAHRDAYSGGSVNLYHVTEDGWIYHGNHDVGELFWKVKEEEGSFNNVIG
;
K,Y
12 'polypeptide(L)'
;QFNPYGDNGGTILGIAGEDFAVLAGDTRNITDYSINSRYEPKVFDCGDNIVMSANGFAADGDALVKRFKNSVKWYHFDHN
DKKLSINSAARNIQHLLYGKRFFPYYVHTIIAGLDEDGKGAVYSFDPVGSYEREQCRAGGAAASLIMPFLDNQVNFKNQY
EPGTNGKVKKPLKYLSVEEVIKLVRDSFTSATERHIQVGDGLEILIVTKDGVRKEFYELKRD
;
L,Z
13 'polypeptide(L)'
;TQQPIVTGTSVISMKYDNGVIIAADNLGSYGSLLRFNGVERLIPVGDNTVVGISGDISDMQHIERLLKDLVTENAYDNPL
ADAEEALEPSYIFEYLATVMYQRRSKMNPLWNAIIVAGVQSNGDQFLRYVNLLGVTYSSPTLATGFGAHMANPLLRKVVD
RESDIPKTTVQVAEEAIVNAMRVLYYRDARSSRNFSLAIIDKNTGLTFKKNLQVENMKWDFAKDIKGYGTQKI
;
M,a
14 'polypeptide(L)'
;TSIMAVTFKDGVILGADSRTTTGAYIANRVTDKLTRVHDKIWCCRSGSAADTQAIADIVQYHLELYTSQYGTPSTETAAS
VFKELCYENKDNLTAGIIVAGYDDKNKGEVYTIPLGGSVHKLPYAIAGSGSTFIYGYCDKNFRENMSKEETVDFIKHSLS
QAIKWDGSSGGVIRMVVLTAAGVERLIFYPDEYEQL
;
N,b
#
# COMPACT_ATOMS: atom_id res chain seq x y z
N MET A 1 -16.31 -17.51 47.69
CA MET A 1 -14.86 -17.38 47.99
C MET A 1 -14.19 -18.77 48.15
N THR A 2 -12.88 -18.79 48.42
CA THR A 2 -12.03 -20.00 48.33
C THR A 2 -12.64 -21.32 48.79
N ASP A 3 -13.01 -22.15 47.82
CA ASP A 3 -13.47 -23.51 48.05
C ASP A 3 -12.28 -24.38 48.44
N ARG A 4 -12.25 -24.79 49.71
CA ARG A 4 -11.17 -25.63 50.23
C ARG A 4 -11.53 -27.12 50.20
N TYR A 5 -12.64 -27.45 49.54
CA TYR A 5 -13.12 -28.82 49.46
C TYR A 5 -12.77 -29.46 48.10
N SER A 6 -11.48 -29.71 47.89
CA SER A 6 -10.99 -30.31 46.65
C SER A 6 -10.86 -31.82 46.76
N PHE A 7 -11.19 -32.37 47.94
CA PHE A 7 -11.06 -33.80 48.23
C PHE A 7 -12.43 -34.50 48.22
N SER A 8 -12.41 -35.82 48.09
CA SER A 8 -13.65 -36.62 48.07
C SER A 8 -14.39 -36.62 49.40
N LEU A 9 -15.71 -36.56 49.33
CA LEU A 9 -16.58 -36.67 50.49
C LEU A 9 -17.21 -38.07 50.57
N THR A 10 -17.02 -38.84 49.51
CA THR A 10 -17.46 -40.23 49.44
C THR A 10 -16.24 -41.11 49.27
N THR A 11 -15.90 -41.87 50.31
CA THR A 11 -14.72 -42.72 50.32
C THR A 11 -15.06 -44.15 50.76
N PHE A 12 -14.14 -45.08 50.55
CA PHE A 12 -14.35 -46.47 50.92
C PHE A 12 -14.10 -46.70 52.41
N SER A 13 -14.97 -47.50 53.02
CA SER A 13 -14.80 -47.91 54.42
C SER A 13 -14.12 -49.27 54.46
N PRO A 14 -13.51 -49.65 55.61
CA PRO A 14 -12.85 -50.94 55.74
C PRO A 14 -13.63 -52.14 55.17
N SER A 15 -14.96 -52.11 55.28
CA SER A 15 -15.79 -53.21 54.78
C SER A 15 -15.96 -53.22 53.26
N GLY A 16 -15.63 -52.09 52.62
CA GLY A 16 -15.77 -51.96 51.17
C GLY A 16 -16.94 -51.09 50.76
N LYS A 17 -17.78 -50.75 51.73
CA LYS A 17 -18.97 -49.92 51.49
C LYS A 17 -18.60 -48.47 51.20
N LEU A 18 -19.34 -47.87 50.27
CA LEU A 18 -19.23 -46.44 50.00
C LEU A 18 -20.36 -45.73 50.75
N GLY A 19 -20.04 -45.28 51.97
CA GLY A 19 -21.02 -44.75 52.90
C GLY A 19 -22.10 -43.86 52.32
N GLN A 20 -21.67 -42.84 51.58
CA GLN A 20 -22.58 -41.79 51.10
C GLN A 20 -23.57 -42.25 50.05
N ILE A 21 -23.16 -43.21 49.22
CA ILE A 21 -24.05 -43.82 48.23
C ILE A 21 -25.13 -44.62 48.95
N ASP A 22 -24.72 -45.44 49.91
CA ASP A 22 -25.65 -46.25 50.69
C ASP A 22 -26.69 -45.39 51.42
N TYR A 23 -26.23 -44.29 52.01
CA TYR A 23 -27.12 -43.37 52.71
C TYR A 23 -28.08 -42.66 51.75
N ALA A 24 -27.57 -42.30 50.57
CA ALA A 24 -28.42 -41.74 49.52
C ALA A 24 -29.54 -42.70 49.15
N LEU A 25 -29.22 -43.99 49.05
CA LEU A 25 -30.20 -45.02 48.74
C LEU A 25 -31.22 -45.15 49.87
N THR A 26 -30.79 -44.89 51.10
CA THR A 26 -31.67 -44.88 52.26
C THR A 26 -32.68 -43.74 52.16
N ALA A 27 -32.25 -42.61 51.63
CA ALA A 27 -33.14 -41.46 51.40
C ALA A 27 -34.18 -41.77 50.33
N VAL A 28 -33.78 -42.57 49.34
CA VAL A 28 -34.68 -43.00 48.26
C VAL A 28 -35.79 -43.93 48.76
N LYS A 29 -35.49 -44.74 49.78
CA LYS A 29 -36.49 -45.65 50.36
C LYS A 29 -37.60 -44.88 51.08
N GLN A 30 -37.25 -43.75 51.68
CA GLN A 30 -38.22 -42.92 52.40
C GLN A 30 -39.15 -42.20 51.42
N GLY A 31 -38.64 -41.94 50.22
CA GLY A 31 -39.40 -41.23 49.18
C GLY A 31 -40.66 -41.95 48.73
N VAL A 32 -41.59 -41.17 48.17
CA VAL A 32 -42.87 -41.68 47.69
C VAL A 32 -42.67 -42.66 46.53
N THR A 33 -43.54 -43.67 46.46
CA THR A 33 -43.47 -44.71 45.44
C THR A 33 -43.65 -44.15 44.02
N SER A 34 -42.77 -44.57 43.12
CA SER A 34 -42.95 -44.36 41.68
C SER A 34 -42.62 -45.65 40.93
N LEU A 35 -43.29 -45.86 39.80
CA LEU A 35 -43.14 -47.11 39.05
C LEU A 35 -43.11 -46.90 37.54
N GLY A 36 -42.72 -47.96 36.81
CA GLY A 36 -42.71 -47.95 35.35
C GLY A 36 -43.03 -49.31 34.79
N ILE A 37 -43.85 -49.35 33.75
CA ILE A 37 -44.21 -50.60 33.07
C ILE A 37 -44.06 -50.45 31.56
N LYS A 38 -43.43 -51.46 30.94
CA LYS A 38 -43.22 -51.48 29.49
C LYS A 38 -44.19 -52.45 28.81
N ALA A 39 -45.04 -51.91 27.93
CA ALA A 39 -45.93 -52.72 27.09
C ALA A 39 -45.32 -52.85 25.69
N THR A 40 -45.97 -53.61 24.82
CA THR A 40 -45.46 -53.84 23.46
C THR A 40 -45.47 -52.59 22.59
N ASN A 41 -46.52 -51.77 22.73
CA ASN A 41 -46.68 -50.56 21.93
C ASN A 41 -46.58 -49.27 22.75
N GLY A 42 -45.90 -49.33 23.89
CA GLY A 42 -45.69 -48.14 24.72
C GLY A 42 -45.11 -48.40 26.10
N VAL A 43 -44.80 -47.32 26.81
CA VAL A 43 -44.29 -47.39 28.18
C VAL A 43 -45.08 -46.42 29.06
N VAL A 44 -45.27 -46.78 30.33
CA VAL A 44 -46.00 -45.95 31.29
C VAL A 44 -45.18 -45.73 32.56
N ILE A 45 -45.09 -44.47 32.98
CA ILE A 45 -44.46 -44.09 34.25
C ILE A 45 -45.48 -43.38 35.14
N ALA A 46 -45.50 -43.72 36.42
CA ALA A 46 -46.53 -43.24 37.35
C ALA A 46 -46.00 -43.02 38.76
N THR A 47 -46.59 -42.05 39.46
CA THR A 47 -46.27 -41.77 40.85
C THR A 47 -47.43 -41.11 41.59
N GLU A 48 -47.30 -40.98 42.91
CA GLU A 48 -48.27 -40.27 43.74
C GLU A 48 -47.80 -38.83 43.97
N LYS A 49 -48.73 -37.88 43.86
CA LYS A 49 -48.46 -36.49 44.22
C LYS A 49 -48.71 -36.28 45.71
N LYS A 50 -47.64 -36.40 46.50
CA LYS A 50 -47.71 -36.13 47.93
C LYS A 50 -47.64 -34.63 48.17
N SER A 51 -48.78 -34.04 48.52
CA SER A 51 -48.89 -32.60 48.72
C SER A 51 -48.40 -32.20 50.12
N SER A 52 -47.63 -31.12 50.18
CA SER A 52 -47.09 -30.60 51.44
C SER A 52 -48.12 -29.81 52.26
N SER A 53 -49.15 -29.30 51.59
CA SER A 53 -50.22 -28.53 52.23
C SER A 53 -51.48 -28.54 51.37
N PRO A 54 -52.68 -28.54 52.00
CA PRO A 54 -53.90 -28.42 51.20
C PRO A 54 -54.10 -27.01 50.62
N LEU A 55 -53.23 -26.07 51.01
CA LEU A 55 -53.22 -24.73 50.45
C LEU A 55 -52.26 -24.59 49.27
N ALA A 56 -51.35 -25.56 49.15
CA ALA A 56 -50.43 -25.61 48.02
C ALA A 56 -51.16 -26.09 46.77
N MET A 57 -50.67 -25.67 45.60
CA MET A 57 -51.25 -26.09 44.34
C MET A 57 -50.36 -27.14 43.69
N SER A 58 -50.87 -28.38 43.65
CA SER A 58 -50.09 -29.53 43.19
C SER A 58 -49.83 -29.55 41.68
N GLU A 59 -50.59 -28.74 40.93
CA GLU A 59 -50.42 -28.60 39.49
C GLU A 59 -49.10 -27.92 39.14
N THR A 60 -48.65 -27.02 40.03
CA THR A 60 -47.41 -26.27 39.83
C THR A 60 -46.15 -27.12 40.06
N LEU A 61 -46.34 -28.31 40.63
CA LEU A 61 -45.22 -29.21 40.92
C LEU A 61 -45.39 -30.52 40.18
N SER A 62 -44.61 -30.69 39.12
CA SER A 62 -44.61 -31.93 38.33
C SER A 62 -43.53 -32.89 38.77
N LYS A 63 -43.93 -34.08 39.21
CA LYS A 63 -43.00 -35.16 39.51
C LYS A 63 -42.61 -35.89 38.24
N VAL A 64 -43.45 -35.81 37.22
CA VAL A 64 -43.14 -36.36 35.91
C VAL A 64 -42.71 -35.24 34.97
N SER A 65 -41.57 -35.43 34.31
CA SER A 65 -40.97 -34.41 33.46
C SER A 65 -40.66 -34.95 32.05
N LEU A 66 -40.87 -34.09 31.05
CA LEU A 66 -40.44 -34.38 29.69
C LEU A 66 -38.96 -34.02 29.57
N LEU A 67 -38.16 -34.95 29.04
CA LEU A 67 -36.74 -34.71 28.82
C LEU A 67 -36.46 -34.39 27.34
N THR A 68 -37.00 -35.23 26.46
CA THR A 68 -37.02 -34.97 25.02
C THR A 68 -38.44 -35.30 24.54
N PRO A 69 -38.80 -34.88 23.31
CA PRO A 69 -40.12 -35.23 22.76
C PRO A 69 -40.50 -36.71 22.91
N ASP A 70 -39.51 -37.59 23.01
CA ASP A 70 -39.73 -39.03 23.09
C ASP A 70 -39.29 -39.65 24.42
N ILE A 71 -38.80 -38.85 25.35
CA ILE A 71 -38.29 -39.37 26.63
C ILE A 71 -38.84 -38.61 27.84
N GLY A 72 -39.28 -39.36 28.84
CA GLY A 72 -39.80 -38.79 30.09
C GLY A 72 -39.18 -39.41 31.33
N ALA A 73 -39.22 -38.67 32.45
CA ALA A 73 -38.59 -39.11 33.70
C ALA A 73 -39.45 -38.92 34.95
N VAL A 74 -39.34 -39.88 35.86
CA VAL A 74 -40.00 -39.83 37.17
C VAL A 74 -38.98 -40.29 38.23
N TYR A 75 -39.27 -40.02 39.50
CA TYR A 75 -38.29 -40.27 40.56
C TYR A 75 -38.89 -40.72 41.90
N SER A 76 -38.01 -41.21 42.76
CA SER A 76 -38.27 -41.35 44.19
C SER A 76 -37.07 -40.79 44.95
N GLY A 77 -37.35 -40.03 46.00
CA GLY A 77 -36.29 -39.45 46.82
C GLY A 77 -36.48 -37.97 47.06
N MET A 78 -35.38 -37.22 46.96
CA MET A 78 -35.40 -35.79 47.24
C MET A 78 -35.80 -34.99 46.01
N GLY A 79 -36.93 -34.29 46.11
CA GLY A 79 -37.46 -33.48 45.02
C GLY A 79 -36.51 -32.48 44.35
N PRO A 80 -35.88 -31.59 45.15
CA PRO A 80 -34.96 -30.59 44.59
C PRO A 80 -33.78 -31.16 43.79
N ASP A 81 -33.20 -32.27 44.26
CA ASP A 81 -32.11 -32.95 43.55
C ASP A 81 -32.57 -33.45 42.18
N TYR A 82 -33.81 -33.89 42.10
CA TYR A 82 -34.43 -34.32 40.84
C TYR A 82 -34.62 -33.14 39.89
N ARG A 83 -35.15 -32.04 40.42
CA ARG A 83 -35.45 -30.86 39.61
C ARG A 83 -34.22 -30.36 38.87
N VAL A 84 -33.10 -30.25 39.60
CA VAL A 84 -31.83 -29.80 39.01
C VAL A 84 -31.22 -30.84 38.05
N LEU A 85 -31.48 -32.12 38.30
CA LEU A 85 -31.05 -33.19 37.38
C LEU A 85 -31.81 -33.16 36.07
N VAL A 86 -33.11 -32.86 36.15
CA VAL A 86 -33.97 -32.73 34.96
C VAL A 86 -33.47 -31.60 34.06
N ASP A 87 -33.15 -30.46 34.65
CA ASP A 87 -32.60 -29.32 33.94
C ASP A 87 -31.31 -29.69 33.20
N LYS A 88 -30.41 -30.38 33.89
CA LYS A 88 -29.11 -30.78 33.34
C LYS A 88 -29.27 -31.86 32.26
N SER A 89 -30.25 -32.75 32.47
CA SER A 89 -30.52 -33.85 31.52
C SER A 89 -31.09 -33.32 30.22
N ARG A 90 -31.90 -32.26 30.32
CA ARG A 90 -32.46 -31.61 29.14
C ARG A 90 -31.35 -30.91 28.36
N LYS A 91 -30.42 -30.28 29.09
CA LYS A 91 -29.34 -29.54 28.47
C LYS A 91 -28.34 -30.46 27.79
N VAL A 92 -27.97 -31.55 28.48
CA VAL A 92 -26.97 -32.49 27.94
C VAL A 92 -27.45 -33.18 26.67
N ALA A 93 -28.78 -33.36 26.55
CA ALA A 93 -29.39 -33.95 25.37
C ALA A 93 -29.15 -33.09 24.14
N HIS A 94 -29.04 -31.78 24.35
CA HIS A 94 -28.73 -30.85 23.28
C HIS A 94 -27.22 -30.78 23.03
N THR A 95 -26.47 -30.37 24.06
CA THR A 95 -25.02 -30.14 23.94
C THR A 95 -24.25 -31.35 23.46
N SER A 96 -24.52 -32.50 24.08
CA SER A 96 -23.77 -33.73 23.80
C SER A 96 -24.36 -34.58 22.68
N TYR A 97 -25.50 -34.17 22.12
CA TYR A 97 -26.13 -34.94 21.05
C TYR A 97 -26.77 -34.12 19.94
N LYS A 98 -27.90 -33.46 20.24
CA LYS A 98 -28.69 -32.80 19.21
C LYS A 98 -27.92 -31.76 18.40
N ARG A 99 -27.02 -31.04 19.06
CA ARG A 99 -26.19 -30.04 18.40
C ARG A 99 -25.10 -30.67 17.51
N ILE A 100 -24.86 -31.96 17.72
CA ILE A 100 -23.89 -32.72 16.91
C ILE A 100 -24.61 -33.44 15.76
N TYR A 101 -25.71 -34.12 16.07
CA TYR A 101 -26.36 -35.02 15.11
C TYR A 101 -27.70 -34.55 14.54
N GLY A 102 -28.21 -33.42 15.04
CA GLY A 102 -29.46 -32.85 14.54
C GLY A 102 -30.71 -33.66 14.89
N GLU A 103 -30.55 -34.60 15.80
CA GLU A 103 -31.66 -35.43 16.29
C GLU A 103 -31.50 -35.70 17.78
N TYR A 104 -32.55 -36.20 18.41
CA TYR A 104 -32.54 -36.45 19.85
C TYR A 104 -31.84 -37.77 20.21
N PRO A 105 -31.15 -37.80 21.37
CA PRO A 105 -30.47 -39.02 21.79
C PRO A 105 -31.41 -40.18 22.03
N PRO A 106 -30.98 -41.41 21.68
CA PRO A 106 -31.74 -42.60 22.04
C PRO A 106 -31.75 -42.77 23.56
N THR A 107 -32.79 -43.45 24.06
CA THR A 107 -33.03 -43.61 25.50
C THR A 107 -31.77 -44.03 26.28
N LYS A 108 -31.10 -45.07 25.81
CA LYS A 108 -29.90 -45.59 26.48
C LYS A 108 -28.75 -44.59 26.62
N LEU A 109 -28.59 -43.69 25.66
CA LEU A 109 -27.49 -42.73 25.66
C LEU A 109 -27.73 -41.53 26.58
N LEU A 110 -28.96 -41.04 26.61
CA LEU A 110 -29.34 -39.98 27.53
C LEU A 110 -29.29 -40.48 28.97
N VAL A 111 -29.72 -41.72 29.18
CA VAL A 111 -29.61 -42.40 30.47
C VAL A 111 -28.14 -42.44 30.89
N SER A 112 -27.29 -42.80 29.93
CA SER A 112 -25.85 -42.87 30.14
C SER A 112 -25.26 -41.52 30.57
N GLU A 113 -25.77 -40.43 29.98
CA GLU A 113 -25.34 -39.09 30.32
C GLU A 113 -25.79 -38.70 31.72
N VAL A 114 -27.02 -39.08 32.07
CA VAL A 114 -27.59 -38.83 33.40
C VAL A 114 -26.75 -39.53 34.47
N ALA A 115 -26.42 -40.80 34.20
CA ALA A 115 -25.61 -41.62 35.10
C ALA A 115 -24.22 -41.02 35.33
N LYS A 116 -23.61 -40.48 34.27
CA LYS A 116 -22.29 -39.87 34.35
C LYS A 116 -22.28 -38.68 35.32
N ILE A 117 -23.32 -37.85 35.24
CA ILE A 117 -23.50 -36.69 36.11
C ILE A 117 -23.61 -37.12 37.58
N MET A 118 -24.24 -38.26 37.82
CA MET A 118 -24.41 -38.78 39.16
C MET A 118 -23.18 -39.52 39.67
N GLN A 119 -22.42 -40.13 38.76
CA GLN A 119 -21.14 -40.76 39.13
C GLN A 119 -20.15 -39.69 39.56
N GLU A 120 -20.16 -38.56 38.87
CA GLU A 120 -19.29 -37.44 39.22
C GLU A 120 -19.59 -36.94 40.63
N ALA A 121 -20.87 -36.99 41.02
CA ALA A 121 -21.31 -36.58 42.35
C ALA A 121 -20.81 -37.53 43.45
N THR A 122 -20.30 -38.67 43.02
CA THR A 122 -19.74 -39.70 43.89
C THR A 122 -18.24 -39.50 44.14
N GLN A 123 -17.55 -38.81 43.22
CA GLN A 123 -16.09 -38.78 43.22
C GLN A 123 -15.46 -37.38 43.29
N SER A 124 -16.13 -36.38 42.70
CA SER A 124 -15.66 -34.99 42.72
C SER A 124 -15.41 -34.45 44.12
N GLY A 125 -14.55 -33.45 44.22
CA GLY A 125 -14.27 -32.80 45.48
C GLY A 125 -15.48 -32.04 45.99
N GLY A 126 -15.69 -32.09 47.30
CA GLY A 126 -16.66 -31.25 48.00
C GLY A 126 -18.13 -31.39 47.66
N VAL A 127 -18.54 -32.53 47.11
CA VAL A 127 -19.96 -32.79 46.85
C VAL A 127 -20.46 -34.08 47.51
N ARG A 128 -21.77 -34.13 47.76
CA ARG A 128 -22.44 -35.36 48.18
C ARG A 128 -23.18 -35.95 46.97
N PRO A 129 -23.41 -37.28 46.98
CA PRO A 129 -24.16 -37.88 45.88
C PRO A 129 -25.59 -37.31 45.80
N PHE A 130 -26.24 -37.50 44.66
CA PHE A 130 -27.65 -37.12 44.52
C PHE A 130 -28.49 -38.11 45.32
N GLY A 131 -29.54 -37.61 45.98
CA GLY A 131 -30.41 -38.47 46.77
C GLY A 131 -31.65 -38.91 46.04
N VAL A 132 -31.48 -39.37 44.80
CA VAL A 132 -32.62 -39.80 43.97
C VAL A 132 -32.35 -41.05 43.13
N SER A 133 -33.39 -41.87 42.98
CA SER A 133 -33.43 -42.87 41.91
C SER A 133 -34.40 -42.39 40.85
N LEU A 134 -34.00 -42.52 39.59
CA LEU A 134 -34.84 -42.10 38.49
C LEU A 134 -35.40 -43.29 37.73
N LEU A 135 -36.57 -43.09 37.13
CA LEU A 135 -37.10 -44.01 36.14
C LEU A 135 -37.29 -43.23 34.84
N ILE A 136 -36.58 -43.65 33.81
CA ILE A 136 -36.61 -42.98 32.52
C ILE A 136 -37.25 -43.88 31.47
N ALA A 137 -38.35 -43.41 30.89
CA ALA A 137 -39.08 -44.14 29.86
C ALA A 137 -38.95 -43.40 28.54
N GLY A 138 -38.76 -44.13 27.45
CA GLY A 138 -38.56 -43.50 26.15
C GLY A 138 -38.60 -44.39 24.92
N HIS A 139 -38.64 -43.75 23.77
CA HIS A 139 -38.63 -44.42 22.47
C HIS A 139 -37.54 -43.84 21.57
N ASP A 140 -36.96 -44.70 20.74
CA ASP A 140 -36.13 -44.26 19.63
C ASP A 140 -36.28 -45.23 18.48
N GLU A 141 -36.09 -44.73 17.25
CA GLU A 141 -36.39 -45.47 16.03
C GLU A 141 -35.83 -46.90 16.01
N PHE A 142 -34.58 -47.07 16.45
CA PHE A 142 -33.85 -48.33 16.27
C PHE A 142 -33.88 -49.27 17.47
N ASN A 143 -34.37 -48.79 18.61
CA ASN A 143 -34.48 -49.62 19.82
C ASN A 143 -35.93 -49.89 20.21
N GLY A 144 -36.80 -48.97 19.82
CA GLY A 144 -38.21 -49.04 20.20
C GLY A 144 -38.40 -48.48 21.59
N PHE A 145 -39.26 -49.12 22.36
CA PHE A 145 -39.59 -48.66 23.70
C PHE A 145 -38.66 -49.28 24.73
N SER A 146 -38.20 -48.46 25.68
CA SER A 146 -37.32 -48.93 26.75
C SER A 146 -37.57 -48.22 28.09
N LEU A 147 -37.18 -48.89 29.17
CA LEU A 147 -37.36 -48.37 30.53
C LEU A 147 -36.11 -48.63 31.37
N TYR A 148 -35.60 -47.56 31.98
CA TYR A 148 -34.35 -47.61 32.74
C TYR A 148 -34.52 -47.08 34.16
N GLN A 149 -33.68 -47.59 35.06
CA GLN A 149 -33.58 -47.08 36.43
C GLN A 149 -32.16 -46.59 36.69
N VAL A 150 -32.02 -45.39 37.24
CA VAL A 150 -30.71 -44.82 37.53
C VAL A 150 -30.53 -44.56 39.03
N ASP A 151 -29.58 -45.26 39.64
CA ASP A 151 -29.29 -45.16 41.08
C ASP A 151 -28.28 -44.05 41.42
N PRO A 152 -28.29 -43.56 42.69
CA PRO A 152 -27.36 -42.54 43.18
C PRO A 152 -25.88 -42.80 42.86
N SER A 153 -25.50 -44.08 42.75
CA SER A 153 -24.12 -44.46 42.42
C SER A 153 -23.78 -44.10 40.98
N GLY A 154 -24.80 -44.03 40.14
CA GLY A 154 -24.63 -43.80 38.71
C GLY A 154 -24.87 -45.07 37.89
N SER A 155 -25.34 -46.12 38.54
CA SER A 155 -25.62 -47.38 37.88
C SER A 155 -27.01 -47.35 37.24
N TYR A 156 -27.15 -48.00 36.08
CA TYR A 156 -28.44 -48.08 35.42
C TYR A 156 -28.78 -49.48 34.92
N PHE A 157 -30.07 -49.82 35.00
CA PHE A 157 -30.55 -51.15 34.63
C PHE A 157 -31.80 -51.04 33.76
N PRO A 158 -31.91 -51.87 32.71
CA PRO A 158 -33.11 -51.91 31.90
C PRO A 158 -34.18 -52.82 32.51
N TRP A 159 -35.41 -52.33 32.57
CA TRP A 159 -36.51 -53.06 33.21
C TRP A 159 -37.68 -53.28 32.28
N LYS A 160 -38.31 -54.44 32.40
CA LYS A 160 -39.61 -54.69 31.78
C LYS A 160 -40.64 -53.93 32.61
N ALA A 161 -40.52 -54.05 33.92
CA ALA A 161 -41.33 -53.30 34.87
C ALA A 161 -40.61 -53.24 36.20
N THR A 162 -40.76 -52.12 36.91
CA THR A 162 -40.19 -51.97 38.26
C THR A 162 -40.82 -50.82 39.04
N ALA A 163 -40.56 -50.81 40.35
CA ALA A 163 -41.00 -49.74 41.23
C ALA A 163 -39.86 -49.32 42.15
N ILE A 164 -39.86 -48.05 42.54
CA ILE A 164 -38.85 -47.51 43.45
C ILE A 164 -39.51 -46.69 44.56
N GLY A 165 -38.81 -46.54 45.69
CA GLY A 165 -39.33 -45.77 46.82
C GLY A 165 -39.90 -46.61 47.94
N LYS A 166 -40.89 -46.05 48.63
CA LYS A 166 -41.50 -46.66 49.82
C LYS A 166 -41.94 -48.12 49.67
N GLY A 167 -42.95 -48.36 48.84
CA GLY A 167 -43.56 -49.68 48.74
C GLY A 167 -43.05 -50.51 47.58
N SER A 168 -41.81 -50.24 47.18
CA SER A 168 -41.19 -50.87 46.01
C SER A 168 -41.11 -52.39 46.11
N VAL A 169 -40.82 -52.89 47.31
CA VAL A 169 -40.70 -54.34 47.54
C VAL A 169 -42.01 -55.06 47.21
N ALA A 170 -43.12 -54.57 47.78
CA ALA A 170 -44.45 -55.14 47.53
C ALA A 170 -44.94 -54.90 46.10
N ALA A 171 -44.58 -53.74 45.54
CA ALA A 171 -45.00 -53.36 44.19
C ALA A 171 -44.27 -54.16 43.10
N LYS A 172 -43.00 -54.47 43.32
CA LYS A 172 -42.25 -55.34 42.41
C LYS A 172 -42.84 -56.76 42.37
N THR A 173 -43.33 -57.22 43.51
CA THR A 173 -44.00 -58.52 43.60
C THR A 173 -45.31 -58.50 42.81
N PHE A 174 -46.07 -57.42 42.99
CA PHE A 174 -47.36 -57.26 42.32
C PHE A 174 -47.20 -57.16 40.80
N LEU A 175 -46.13 -56.51 40.34
CA LEU A 175 -45.83 -56.39 38.93
C LEU A 175 -45.40 -57.72 38.30
N GLU A 176 -44.63 -58.52 39.04
CA GLU A 176 -44.16 -59.82 38.57
C GLU A 176 -45.31 -60.76 38.21
N LYS A 177 -46.37 -60.74 39.02
CA LYS A 177 -47.56 -61.54 38.78
C LYS A 177 -48.32 -61.09 37.54
N ARG A 178 -48.30 -59.79 37.26
CA ARG A 178 -49.18 -59.19 36.24
C ARG A 178 -48.53 -58.93 34.87
N TRP A 179 -47.20 -58.81 34.84
CA TRP A 179 -46.49 -58.49 33.59
C TRP A 179 -46.33 -59.69 32.67
N ASN A 180 -46.56 -59.47 31.38
CA ASN A 180 -46.22 -60.42 30.32
C ASN A 180 -45.70 -59.70 29.06
N ASP A 181 -45.15 -60.47 28.13
CA ASP A 181 -44.54 -59.91 26.91
C ASP A 181 -45.56 -59.52 25.82
N GLU A 182 -46.85 -59.72 26.12
CA GLU A 182 -47.93 -59.45 25.15
C GLU A 182 -48.89 -58.35 25.61
N LEU A 183 -48.46 -57.54 26.57
CA LEU A 183 -49.28 -56.45 27.09
C LEU A 183 -49.42 -55.32 26.08
N GLU A 184 -50.65 -54.89 25.85
CA GLU A 184 -50.94 -53.69 25.09
C GLU A 184 -50.86 -52.51 26.06
N LEU A 185 -50.75 -51.29 25.52
CA LEU A 185 -50.50 -50.10 26.37
C LEU A 185 -51.63 -49.78 27.35
N GLU A 186 -52.88 -49.97 26.92
CA GLU A 186 -54.05 -49.74 27.77
C GLU A 186 -54.13 -50.72 28.93
N ASP A 187 -53.62 -51.93 28.70
CA ASP A 187 -53.49 -52.94 29.76
C ASP A 187 -52.45 -52.47 30.79
N ALA A 188 -51.32 -51.97 30.31
CA ALA A 188 -50.22 -51.53 31.18
C ALA A 188 -50.61 -50.37 32.09
N ILE A 189 -51.42 -49.45 31.58
CA ILE A 189 -51.91 -48.32 32.37
C ILE A 189 -52.85 -48.83 33.47
N HIS A 190 -53.65 -49.84 33.13
CA HIS A 190 -54.55 -50.50 34.08
C HIS A 190 -53.78 -51.09 35.27
N ILE A 191 -52.70 -51.81 34.99
CA ILE A 191 -51.85 -52.37 36.04
C ILE A 191 -51.19 -51.27 36.86
N ALA A 192 -50.66 -50.26 36.17
CA ALA A 192 -50.00 -49.11 36.80
C ALA A 192 -50.86 -48.46 37.87
N LEU A 193 -52.15 -48.30 37.57
CA LEU A 193 -53.10 -47.69 38.50
C LEU A 193 -53.38 -48.60 39.69
N LEU A 194 -53.50 -49.90 39.41
CA LEU A 194 -53.75 -50.90 40.45
C LEU A 194 -52.58 -51.05 41.42
N THR A 195 -51.36 -51.05 40.87
CA THR A 195 -50.13 -51.20 41.66
C THR A 195 -49.90 -49.99 42.57
N LEU A 196 -50.24 -48.81 42.06
CA LEU A 196 -50.05 -47.56 42.78
C LEU A 196 -51.04 -47.38 43.93
N LYS A 197 -52.18 -48.09 43.84
CA LYS A 197 -53.23 -48.02 44.87
C LYS A 197 -52.78 -48.64 46.19
N GLU A 198 -52.00 -49.71 46.12
CA GLU A 198 -51.46 -50.40 47.30
C GLU A 198 -50.55 -49.48 48.12
N SER A 199 -49.93 -48.52 47.45
CA SER A 199 -49.02 -47.56 48.08
C SER A 199 -49.76 -46.36 48.69
N VAL A 200 -50.76 -45.86 47.96
CA VAL A 200 -51.47 -44.63 48.34
C VAL A 200 -52.45 -44.86 49.51
N GLU A 201 -52.19 -44.14 50.61
CA GLU A 201 -53.03 -44.22 51.80
C GLU A 201 -54.35 -43.47 51.63
N GLY A 202 -54.29 -42.27 51.07
CA GLY A 202 -55.42 -41.35 51.06
C GLY A 202 -56.30 -41.36 49.82
N GLU A 203 -56.54 -40.16 49.29
CA GLU A 203 -57.36 -39.96 48.12
C GLU A 203 -56.69 -40.51 46.86
N PHE A 204 -57.46 -41.26 46.08
CA PHE A 204 -56.95 -41.86 44.85
C PHE A 204 -57.76 -41.37 43.64
N ASN A 205 -57.23 -40.34 42.98
CA ASN A 205 -57.85 -39.75 41.78
C ASN A 205 -56.80 -39.06 40.91
N GLY A 206 -57.27 -38.40 39.85
CA GLY A 206 -56.39 -37.71 38.90
C GLY A 206 -55.73 -36.43 39.42
N ASP A 207 -56.10 -36.02 40.63
CA ASP A 207 -55.52 -34.84 41.28
C ASP A 207 -54.37 -35.19 42.21
N THR A 208 -54.34 -36.44 42.67
CA THR A 208 -53.31 -36.92 43.61
C THR A 208 -52.35 -37.93 42.96
N ILE A 209 -52.62 -38.27 41.71
CA ILE A 209 -51.82 -39.23 40.95
C ILE A 209 -51.30 -38.60 39.66
N GLU A 210 -49.99 -38.73 39.44
CA GLU A 210 -49.35 -38.21 38.23
C GLU A 210 -48.97 -39.38 37.33
N LEU A 211 -49.38 -39.29 36.07
CA LEU A 211 -49.20 -40.40 35.12
C LEU A 211 -48.94 -39.90 33.71
N ALA A 212 -47.89 -40.44 33.09
CA ALA A 212 -47.51 -40.09 31.72
C ALA A 212 -47.07 -41.32 30.91
N ILE A 213 -47.21 -41.23 29.58
CA ILE A 213 -46.87 -42.36 28.70
C ILE A 213 -45.86 -42.02 27.60
N ILE A 214 -45.26 -43.07 27.05
CA ILE A 214 -44.47 -42.99 25.84
C ILE A 214 -45.18 -43.92 24.86
N GLY A 215 -45.93 -43.34 23.93
CA GLY A 215 -46.75 -44.14 23.02
C GLY A 215 -46.62 -43.73 21.57
N ASP A 216 -47.77 -43.63 20.89
CA ASP A 216 -47.83 -43.17 19.51
C ASP A 216 -47.44 -41.71 19.40
N GLU A 217 -47.00 -41.31 18.20
CA GLU A 217 -46.71 -39.92 17.90
C GLU A 217 -48.00 -39.09 17.93
N ASN A 218 -47.93 -37.91 18.55
CA ASN A 218 -49.09 -37.03 18.70
C ASN A 218 -49.00 -35.76 17.84
N PRO A 219 -49.51 -35.83 16.58
CA PRO A 219 -49.38 -34.69 15.65
C PRO A 219 -50.09 -33.42 16.12
N ASP A 220 -51.13 -33.58 16.94
CA ASP A 220 -51.89 -32.43 17.46
C ASP A 220 -51.17 -31.74 18.63
N LEU A 221 -50.10 -32.37 19.13
CA LEU A 221 -49.28 -31.80 20.19
C LEU A 221 -47.98 -31.17 19.68
N LEU A 222 -47.76 -31.26 18.36
CA LEU A 222 -46.55 -30.76 17.73
C LEU A 222 -46.49 -29.23 17.70
N GLY A 223 -47.59 -28.60 17.29
CA GLY A 223 -47.69 -27.15 17.25
C GLY A 223 -47.59 -26.55 15.86
N TYR A 224 -47.23 -27.38 14.88
CA TYR A 224 -47.06 -26.94 13.49
C TYR A 224 -47.29 -28.07 12.49
N THR A 225 -47.74 -27.70 11.30
CA THR A 225 -47.91 -28.64 10.19
C THR A 225 -46.99 -28.22 9.04
N GLY A 226 -46.60 -29.19 8.21
CA GLY A 226 -45.80 -28.90 7.03
C GLY A 226 -44.68 -29.88 6.74
N ILE A 227 -43.91 -30.23 7.77
CA ILE A 227 -42.83 -31.19 7.63
C ILE A 227 -43.37 -32.60 7.87
N PRO A 228 -43.35 -33.47 6.84
CA PRO A 228 -43.89 -34.82 6.95
C PRO A 228 -43.09 -35.72 7.90
N THR A 229 -41.77 -35.54 7.92
CA THR A 229 -40.89 -36.35 8.80
C THR A 229 -41.08 -36.03 10.29
N ASP A 230 -41.40 -34.77 10.59
CA ASP A 230 -41.77 -34.39 11.96
C ASP A 230 -43.22 -34.82 12.22
N LYS A 231 -43.40 -35.82 13.07
CA LYS A 231 -44.72 -36.39 13.33
C LYS A 231 -45.33 -36.05 14.71
N GLY A 232 -44.49 -35.61 15.65
CA GLY A 232 -44.98 -35.18 16.96
C GLY A 232 -44.47 -36.01 18.11
N PRO A 233 -44.53 -35.46 19.34
CA PRO A 233 -43.96 -36.11 20.53
C PRO A 233 -44.69 -37.39 20.94
N ARG A 234 -43.92 -38.38 21.38
CA ARG A 234 -44.46 -39.64 21.85
C ARG A 234 -44.72 -39.59 23.36
N PHE A 235 -44.05 -38.67 24.04
CA PHE A 235 -44.31 -38.40 25.44
C PHE A 235 -45.65 -37.67 25.60
N ARG A 236 -46.51 -38.20 26.45
CA ARG A 236 -47.77 -37.53 26.78
C ARG A 236 -48.13 -37.67 28.24
N LYS A 237 -48.31 -36.53 28.91
CA LYS A 237 -48.77 -36.51 30.28
C LYS A 237 -50.29 -36.54 30.27
N LEU A 238 -50.85 -37.57 30.91
CA LEU A 238 -52.30 -37.72 30.98
C LEU A 238 -52.89 -36.65 31.89
N THR A 239 -54.10 -36.20 31.55
CA THR A 239 -54.79 -35.19 32.35
C THR A 239 -55.54 -35.81 33.52
N SER A 240 -55.82 -34.99 34.53
CA SER A 240 -56.64 -35.39 35.69
C SER A 240 -57.95 -36.04 35.25
N GLN A 241 -58.54 -35.51 34.18
CA GLN A 241 -59.77 -36.05 33.59
C GLN A 241 -59.56 -37.43 32.96
N GLU A 242 -58.45 -37.61 32.26
CA GLU A 242 -58.14 -38.87 31.58
C GLU A 242 -57.87 -40.02 32.56
N ILE A 243 -57.26 -39.69 33.70
CA ILE A 243 -56.99 -40.67 34.76
C ILE A 243 -58.30 -41.16 35.38
N ASN A 244 -59.17 -40.22 35.74
CA ASN A 244 -60.47 -40.52 36.37
C ASN A 244 -61.36 -41.47 35.55
N ASP A 245 -61.27 -41.38 34.22
CA ASP A 245 -62.03 -42.24 33.32
C ASP A 245 -61.69 -43.72 33.49
N ARG A 246 -60.39 -44.01 33.60
CA ARG A 246 -59.90 -45.37 33.80
C ARG A 246 -60.10 -45.86 35.23
N LEU A 247 -60.42 -44.92 36.14
CA LEU A 247 -60.65 -45.25 37.54
C LEU A 247 -62.11 -45.56 37.85
N GLU A 248 -63.01 -45.06 37.01
CA GLU A 248 -64.45 -45.34 37.14
C GLU A 248 -64.75 -46.80 36.80
N ALA A 249 -64.06 -47.32 35.79
CA ALA A 249 -64.04 -48.75 35.50
C ALA A 249 -62.61 -49.26 35.74
N LEU A 250 -62.32 -49.59 36.99
CA LEU A 250 -60.97 -49.99 37.41
C LEU A 250 -60.99 -51.35 38.10
N GLY B 1 -10.68 -24.72 58.81
CA GLY B 1 -11.19 -24.88 57.41
C GLY B 1 -11.66 -26.29 57.13
N SER B 2 -11.29 -26.80 55.95
CA SER B 2 -11.75 -28.10 55.47
C SER B 2 -10.87 -29.27 55.93
N ARG B 3 -9.73 -28.94 56.51
CA ARG B 3 -8.75 -29.92 57.02
C ARG B 3 -9.39 -30.99 57.90
N ARG B 4 -10.45 -30.59 58.59
CA ARG B 4 -11.18 -31.42 59.55
C ARG B 4 -11.92 -32.59 58.90
N TYR B 5 -12.30 -32.43 57.64
CA TYR B 5 -13.19 -33.39 56.95
C TYR B 5 -12.49 -34.22 55.86
N ASP B 6 -11.18 -34.02 55.71
CA ASP B 6 -10.38 -34.71 54.69
C ASP B 6 -10.03 -36.13 55.14
N SER B 7 -10.51 -37.13 54.38
CA SER B 7 -10.20 -38.54 54.64
C SER B 7 -8.72 -38.87 54.42
N ARG B 8 -8.04 -38.06 53.60
CA ARG B 8 -6.69 -38.35 53.13
C ARG B 8 -6.69 -39.68 52.38
N THR B 9 -7.19 -39.64 51.15
CA THR B 9 -7.41 -40.83 50.34
C THR B 9 -6.10 -41.42 49.81
N THR B 10 -5.07 -40.60 49.71
CA THR B 10 -3.81 -41.00 49.09
C THR B 10 -2.64 -40.99 50.07
N ILE B 11 -2.77 -41.73 51.16
CA ILE B 11 -1.67 -41.86 52.14
C ILE B 11 -1.36 -43.32 52.47
N PHE B 12 -0.11 -43.56 52.89
CA PHE B 12 0.35 -44.88 53.31
C PHE B 12 -0.07 -45.20 54.75
N SER B 13 -0.31 -46.47 55.02
CA SER B 13 -0.47 -46.97 56.37
C SER B 13 0.91 -47.22 56.98
N PRO B 14 1.01 -47.35 58.33
CA PRO B 14 2.29 -47.68 58.92
C PRO B 14 2.91 -48.95 58.33
N GLU B 15 2.05 -49.84 57.81
CA GLU B 15 2.49 -51.10 57.21
C GLU B 15 2.99 -50.91 55.79
N GLY B 16 2.62 -49.78 55.18
CA GLY B 16 3.05 -49.45 53.81
C GLY B 16 2.00 -49.75 52.76
N ARG B 17 0.76 -49.93 53.22
CA ARG B 17 -0.36 -50.19 52.30
C ARG B 17 -1.16 -48.92 52.10
N LEU B 18 -1.85 -48.85 50.97
CA LEU B 18 -2.71 -47.72 50.65
C LEU B 18 -4.13 -48.01 51.12
N TYR B 19 -4.52 -47.38 52.24
CA TYR B 19 -5.85 -47.59 52.84
C TYR B 19 -6.98 -47.77 51.84
N GLN B 20 -7.17 -46.77 50.97
CA GLN B 20 -8.31 -46.74 50.04
C GLN B 20 -8.25 -47.82 48.98
N VAL B 21 -7.07 -48.08 48.44
CA VAL B 21 -6.86 -49.15 47.47
C VAL B 21 -7.26 -50.50 48.08
N GLU B 22 -6.88 -50.70 49.35
CA GLU B 22 -7.21 -51.90 50.09
C GLU B 22 -8.71 -52.07 50.23
N TYR B 23 -9.39 -51.01 50.67
CA TYR B 23 -10.83 -51.06 50.90
C TYR B 23 -11.62 -51.16 49.59
N ALA B 24 -11.04 -50.64 48.52
CA ALA B 24 -11.63 -50.75 47.19
C ALA B 24 -11.57 -52.18 46.68
N LEU B 25 -10.48 -52.87 47.01
CA LEU B 25 -10.30 -54.28 46.63
C LEU B 25 -11.29 -55.16 47.38
N GLU B 26 -11.59 -54.77 48.62
CA GLU B 26 -12.58 -55.45 49.44
C GLU B 26 -13.95 -55.31 48.83
N SER B 27 -14.27 -54.11 48.36
CA SER B 27 -15.53 -53.81 47.67
C SER B 27 -15.73 -54.72 46.46
N ILE B 28 -14.64 -54.95 45.72
CA ILE B 28 -14.66 -55.76 44.51
C ILE B 28 -14.85 -57.25 44.82
N SER B 29 -14.33 -57.69 45.97
CA SER B 29 -14.49 -59.07 46.41
C SER B 29 -15.95 -59.45 46.66
N HIS B 30 -16.83 -58.45 46.61
CA HIS B 30 -18.28 -58.66 46.76
C HIS B 30 -19.00 -58.66 45.40
N ALA B 31 -18.33 -58.19 44.36
CA ALA B 31 -18.89 -58.12 43.01
C ALA B 31 -18.91 -59.47 42.30
N GLY B 32 -19.90 -59.65 41.42
CA GLY B 32 -20.04 -60.89 40.64
C GLY B 32 -18.76 -61.28 39.93
N THR B 33 -18.44 -62.57 40.01
CA THR B 33 -17.21 -63.14 39.45
C THR B 33 -17.14 -63.01 37.93
N ALA B 34 -15.95 -62.69 37.42
CA ALA B 34 -15.69 -62.69 35.98
C ALA B 34 -14.43 -63.51 35.69
N ILE B 35 -14.46 -64.24 34.58
CA ILE B 35 -13.36 -65.14 34.21
C ILE B 35 -12.93 -64.91 32.76
N GLY B 36 -11.61 -64.93 32.55
CA GLY B 36 -11.03 -64.85 31.21
C GLY B 36 -10.06 -65.98 31.00
N ILE B 37 -10.21 -66.71 29.89
CA ILE B 37 -9.32 -67.82 29.56
C ILE B 37 -8.78 -67.68 28.13
N MET B 38 -7.46 -67.61 28.02
CA MET B 38 -6.80 -67.50 26.71
C MET B 38 -6.40 -68.89 26.18
N ALA B 39 -6.85 -69.19 24.97
CA ALA B 39 -6.53 -70.43 24.28
C ALA B 39 -5.62 -70.15 23.09
N SER B 40 -5.27 -71.19 22.35
CA SER B 40 -4.39 -71.07 21.19
C SER B 40 -5.10 -70.44 19.98
N ASP B 41 -6.43 -70.52 19.98
CA ASP B 41 -7.22 -70.05 18.84
C ASP B 41 -8.30 -69.03 19.23
N GLY B 42 -8.12 -68.40 20.39
CA GLY B 42 -9.04 -67.38 20.86
C GLY B 42 -9.11 -67.22 22.36
N ILE B 43 -9.97 -66.31 22.82
CA ILE B 43 -10.13 -66.01 24.24
C ILE B 43 -11.60 -66.06 24.64
N VAL B 44 -11.87 -66.52 25.86
CA VAL B 44 -13.21 -66.55 26.42
C VAL B 44 -13.35 -65.52 27.55
N LEU B 45 -14.51 -64.84 27.60
CA LEU B 45 -14.87 -64.00 28.73
C LEU B 45 -16.25 -64.37 29.28
N ALA B 46 -16.27 -64.85 30.52
CA ALA B 46 -17.51 -65.21 31.20
C ALA B 46 -17.68 -64.37 32.45
N ALA B 47 -18.91 -63.92 32.70
CA ALA B 47 -19.19 -63.08 33.87
C ALA B 47 -20.53 -63.41 34.52
N GLU B 48 -20.59 -63.23 35.84
CA GLU B 48 -21.77 -63.54 36.64
C GLU B 48 -22.47 -62.25 37.08
N ARG B 49 -23.69 -62.05 36.56
CA ARG B 49 -24.52 -60.92 36.95
C ARG B 49 -24.92 -61.03 38.41
N LYS B 50 -25.13 -59.89 39.06
CA LYS B 50 -25.52 -59.91 40.47
C LYS B 50 -26.96 -59.45 40.72
N VAL B 51 -27.61 -60.14 41.67
CA VAL B 51 -28.96 -59.82 42.16
C VAL B 51 -29.96 -59.61 41.01
N THR B 52 -30.22 -60.67 40.26
CA THR B 52 -31.10 -60.60 39.10
C THR B 52 -32.57 -60.80 39.48
N SER B 53 -33.45 -60.13 38.74
CA SER B 53 -34.89 -60.30 38.87
C SER B 53 -35.48 -60.85 37.57
N THR B 54 -36.66 -61.44 37.65
CA THR B 54 -37.33 -61.95 36.45
C THR B 54 -37.82 -60.82 35.55
N LEU B 55 -38.04 -59.65 36.14
CA LEU B 55 -38.49 -58.47 35.41
C LEU B 55 -37.35 -57.65 34.79
N LEU B 56 -36.11 -57.98 35.16
CA LEU B 56 -34.94 -57.35 34.59
C LEU B 56 -34.78 -57.76 33.12
N GLU B 57 -34.72 -56.77 32.23
CA GLU B 57 -34.54 -57.00 30.80
C GLU B 57 -33.08 -57.35 30.54
N GLN B 58 -32.84 -58.52 29.95
CA GLN B 58 -31.48 -58.98 29.65
C GLN B 58 -31.06 -58.60 28.23
N ASP B 59 -32.01 -58.57 27.31
CA ASP B 59 -31.77 -58.21 25.91
C ASP B 59 -31.08 -56.85 25.76
N THR B 60 -31.55 -55.86 26.52
CA THR B 60 -31.01 -54.51 26.46
C THR B 60 -29.90 -54.32 27.50
N SER B 61 -29.64 -55.34 28.30
CA SER B 61 -28.67 -55.27 29.39
C SER B 61 -27.24 -55.65 28.96
N THR B 62 -26.29 -54.87 29.48
CA THR B 62 -24.86 -55.08 29.25
C THR B 62 -24.11 -54.37 30.40
N GLU B 63 -23.85 -55.11 31.47
CA GLU B 63 -23.30 -54.55 32.71
C GLU B 63 -21.87 -54.98 33.05
N LYS B 64 -21.43 -56.10 32.49
CA LYS B 64 -20.11 -56.64 32.84
C LYS B 64 -19.14 -56.82 31.66
N LEU B 65 -19.69 -56.92 30.45
CA LEU B 65 -18.87 -57.14 29.24
C LEU B 65 -19.00 -55.98 28.25
N TYR B 66 -17.90 -55.24 28.08
CA TYR B 66 -17.90 -54.06 27.23
C TYR B 66 -16.91 -54.15 26.08
N LYS B 67 -17.26 -53.52 24.97
CA LYS B 67 -16.43 -53.47 23.79
C LYS B 67 -15.62 -52.16 23.78
N LEU B 68 -14.29 -52.31 23.88
CA LEU B 68 -13.38 -51.17 23.89
C LEU B 68 -12.92 -50.79 22.50
N ASN B 69 -12.75 -51.81 21.66
CA ASN B 69 -12.12 -51.68 20.36
C ASN B 69 -12.78 -52.70 19.46
N ASP B 70 -12.41 -52.69 18.18
CA ASP B 70 -12.88 -53.71 17.27
C ASP B 70 -12.16 -55.04 17.53
N LYS B 71 -11.15 -54.99 18.40
CA LYS B 71 -10.30 -56.16 18.70
C LYS B 71 -10.02 -56.37 20.19
N ILE B 72 -10.44 -55.43 21.03
CA ILE B 72 -10.25 -55.52 22.47
C ILE B 72 -11.59 -55.40 23.19
N ALA B 73 -11.77 -56.21 24.24
CA ALA B 73 -12.98 -56.19 25.06
C ALA B 73 -12.62 -56.35 26.54
N VAL B 74 -13.54 -55.97 27.43
CA VAL B 74 -13.30 -56.07 28.87
C VAL B 74 -14.42 -56.71 29.67
N ALA B 75 -14.02 -57.44 30.72
CA ALA B 75 -14.92 -57.87 31.78
C ALA B 75 -14.73 -56.95 33.00
N VAL B 76 -15.83 -56.57 33.63
CA VAL B 76 -15.80 -55.61 34.76
C VAL B 76 -16.17 -56.28 36.08
N ALA B 77 -15.41 -55.95 37.13
CA ALA B 77 -15.78 -56.30 38.49
C ALA B 77 -15.75 -55.05 39.37
N GLY B 78 -16.89 -54.74 39.99
CA GLY B 78 -17.01 -53.59 40.89
C GLY B 78 -18.06 -52.61 40.43
N LEU B 79 -17.92 -51.35 40.86
CA LEU B 79 -18.86 -50.28 40.51
C LEU B 79 -18.97 -50.12 38.99
N THR B 80 -20.17 -50.32 38.46
CA THR B 80 -20.41 -50.19 37.02
C THR B 80 -20.24 -48.74 36.56
N ALA B 81 -20.71 -47.81 37.38
CA ALA B 81 -20.62 -46.37 37.09
C ALA B 81 -19.17 -45.90 36.97
N ASP B 82 -18.31 -46.36 37.88
CA ASP B 82 -16.87 -46.07 37.84
C ASP B 82 -16.23 -46.65 36.58
N ALA B 83 -16.63 -47.88 36.24
CA ALA B 83 -16.07 -48.60 35.10
C ALA B 83 -16.39 -47.92 33.77
N GLU B 84 -17.61 -47.40 33.65
CA GLU B 84 -18.03 -46.75 32.41
C GLU B 84 -17.22 -45.47 32.15
N ILE B 85 -16.87 -44.75 33.22
CA ILE B 85 -16.00 -43.57 33.13
C ILE B 85 -14.66 -43.93 32.48
N LEU B 86 -14.05 -45.02 32.97
CA LEU B 86 -12.76 -45.50 32.44
C LEU B 86 -12.88 -46.11 31.04
N ILE B 87 -13.95 -46.89 30.82
CA ILE B 87 -14.23 -47.53 29.51
C ILE B 87 -14.33 -46.49 28.40
N ASN B 88 -14.91 -45.34 28.72
CA ASN B 88 -15.03 -44.27 27.73
C ASN B 88 -13.69 -43.64 27.38
N THR B 89 -12.82 -43.44 28.37
CA THR B 89 -11.50 -42.86 28.11
C THR B 89 -10.67 -43.85 27.29
N ALA B 90 -10.83 -45.14 27.59
CA ALA B 90 -10.14 -46.21 26.88
C ALA B 90 -10.52 -46.25 25.41
N ARG B 91 -11.81 -46.09 25.14
CA ARG B 91 -12.33 -46.04 23.77
C ARG B 91 -11.77 -44.84 23.02
N ILE B 92 -11.65 -43.71 23.70
CA ILE B 92 -11.06 -42.50 23.14
C ILE B 92 -9.57 -42.71 22.86
N HIS B 93 -8.89 -43.39 23.78
CA HIS B 93 -7.45 -43.61 23.66
C HIS B 93 -7.12 -44.46 22.42
N ALA B 94 -7.87 -45.54 22.23
CA ALA B 94 -7.69 -46.42 21.08
C ALA B 94 -7.90 -45.66 19.77
N GLN B 95 -8.82 -44.70 19.78
CA GLN B 95 -9.11 -43.92 18.59
C GLN B 95 -8.04 -42.87 18.30
N ASN B 96 -7.48 -42.28 19.36
CA ASN B 96 -6.35 -41.36 19.24
C ASN B 96 -5.14 -42.06 18.64
N TYR B 97 -4.86 -43.27 19.14
CA TYR B 97 -3.76 -44.07 18.63
C TYR B 97 -3.92 -44.38 17.15
N LEU B 98 -5.15 -44.73 16.75
CA LEU B 98 -5.47 -45.05 15.35
C LEU B 98 -5.32 -43.83 14.45
N LYS B 99 -5.74 -42.67 14.94
CA LYS B 99 -5.64 -41.41 14.18
C LYS B 99 -4.19 -40.94 14.04
N THR B 100 -3.33 -41.38 14.96
CA THR B 100 -1.93 -41.00 14.94
C THR B 100 -1.08 -41.91 14.05
N TYR B 101 -1.27 -43.23 14.20
CA TYR B 101 -0.39 -44.21 13.54
C TYR B 101 -1.03 -45.00 12.38
N ASN B 102 -2.33 -44.81 12.15
CA ASN B 102 -3.10 -45.58 11.16
C ASN B 102 -3.03 -47.09 11.40
N GLU B 103 -2.86 -47.46 12.67
CA GLU B 103 -2.83 -48.86 13.10
C GLU B 103 -3.60 -49.01 14.41
N ASP B 104 -4.30 -50.13 14.57
CA ASP B 104 -5.03 -50.43 15.80
C ASP B 104 -4.08 -50.51 16.99
N ILE B 105 -4.50 -49.99 18.13
CA ILE B 105 -3.66 -49.95 19.33
C ILE B 105 -3.30 -51.35 19.83
N PRO B 106 -2.00 -51.61 20.06
CA PRO B 106 -1.57 -52.84 20.73
C PRO B 106 -2.19 -52.94 22.11
N VAL B 107 -2.65 -54.15 22.46
CA VAL B 107 -3.46 -54.37 23.66
C VAL B 107 -2.80 -53.84 24.93
N GLU B 108 -1.50 -54.12 25.09
CA GLU B 108 -0.76 -53.74 26.29
C GLU B 108 -0.69 -52.22 26.48
N ILE B 109 -0.57 -51.48 25.37
CA ILE B 109 -0.49 -50.03 25.42
C ILE B 109 -1.80 -49.42 25.96
N LEU B 110 -2.92 -49.99 25.54
CA LEU B 110 -4.24 -49.56 26.01
C LEU B 110 -4.41 -49.86 27.50
N VAL B 111 -3.92 -51.02 27.93
CA VAL B 111 -3.97 -51.44 29.33
C VAL B 111 -3.09 -50.58 30.24
N ARG B 112 -1.87 -50.28 29.77
CA ARG B 112 -0.91 -49.49 30.54
C ARG B 112 -1.48 -48.10 30.84
N ARG B 113 -2.21 -47.54 29.88
CA ARG B 113 -2.77 -46.20 29.99
C ARG B 113 -3.89 -46.15 31.02
N LEU B 114 -4.86 -47.05 30.93
CA LEU B 114 -5.91 -47.13 31.93
C LEU B 114 -5.32 -47.34 33.32
N SER B 115 -4.39 -48.28 33.41
CA SER B 115 -3.68 -48.55 34.64
C SER B 115 -2.92 -47.33 35.15
N ASP B 116 -2.51 -46.44 34.24
CA ASP B 116 -1.82 -45.20 34.63
C ASP B 116 -2.79 -44.17 35.22
N ILE B 117 -3.99 -44.08 34.63
CA ILE B 117 -5.06 -43.23 35.15
C ILE B 117 -5.45 -43.63 36.56
N LYS B 118 -5.63 -44.93 36.79
CA LYS B 118 -5.97 -45.45 38.13
C LYS B 118 -4.89 -45.17 39.16
N GLN B 119 -3.63 -45.28 38.76
CA GLN B 119 -2.48 -44.98 39.62
C GLN B 119 -2.47 -43.51 40.05
N GLY B 120 -2.96 -42.62 39.20
CA GLY B 120 -3.00 -41.19 39.51
C GLY B 120 -3.83 -40.86 40.74
N TYR B 121 -5.04 -41.41 40.79
CA TYR B 121 -5.97 -41.23 41.90
C TYR B 121 -5.46 -41.85 43.19
N THR B 122 -4.33 -42.55 43.09
CA THR B 122 -3.64 -43.17 44.20
C THR B 122 -2.56 -42.26 44.81
N GLN B 123 -1.99 -41.37 43.99
CA GLN B 123 -0.81 -40.62 44.40
C GLN B 123 -1.04 -39.11 44.59
N HIS B 124 -2.04 -38.56 43.88
CA HIS B 124 -2.36 -37.14 44.00
C HIS B 124 -3.85 -36.87 43.78
N GLY B 125 -4.29 -35.67 44.17
CA GLY B 125 -5.64 -35.21 43.88
C GLY B 125 -6.64 -35.34 45.03
N GLY B 126 -6.32 -36.18 46.01
CA GLY B 126 -7.17 -36.38 47.18
C GLY B 126 -8.57 -36.88 46.90
N LEU B 127 -8.75 -37.60 45.80
CA LEU B 127 -10.03 -38.19 45.45
C LEU B 127 -10.00 -39.68 45.72
N ARG B 128 -11.17 -40.30 45.80
CA ARG B 128 -11.27 -41.75 46.00
C ARG B 128 -10.87 -42.50 44.72
N PRO B 129 -10.30 -43.70 44.87
CA PRO B 129 -9.92 -44.49 43.69
C PRO B 129 -11.15 -45.08 42.99
N PHE B 130 -10.97 -45.55 41.77
CA PHE B 130 -12.03 -46.24 41.04
C PHE B 130 -12.20 -47.64 41.61
N GLY B 131 -13.43 -47.99 41.97
CA GLY B 131 -13.73 -49.30 42.56
C GLY B 131 -13.93 -50.37 41.51
N VAL B 132 -12.91 -50.54 40.65
CA VAL B 132 -13.04 -51.42 39.48
C VAL B 132 -11.82 -52.31 39.28
N SER B 133 -12.09 -53.57 38.94
CA SER B 133 -11.08 -54.47 38.39
C SER B 133 -11.49 -54.91 37.00
N PHE B 134 -10.54 -54.87 36.07
CA PHE B 134 -10.79 -55.24 34.68
C PHE B 134 -10.08 -56.54 34.32
N ILE B 135 -10.73 -57.36 33.49
CA ILE B 135 -10.04 -58.34 32.68
C ILE B 135 -10.06 -57.77 31.26
N TYR B 136 -8.91 -57.78 30.59
CA TYR B 136 -8.81 -57.35 29.19
C TYR B 136 -8.58 -58.56 28.30
N ALA B 137 -9.43 -58.71 27.29
CA ALA B 137 -9.23 -59.73 26.26
C ALA B 137 -8.99 -59.04 24.92
N GLY B 138 -7.86 -59.32 24.29
CA GLY B 138 -7.51 -58.64 23.04
C GLY B 138 -6.63 -59.40 22.07
N TYR B 139 -6.41 -58.79 20.92
CA TYR B 139 -5.56 -59.35 19.87
C TYR B 139 -4.83 -58.25 19.12
N ASP B 140 -3.55 -58.48 18.85
CA ASP B 140 -2.76 -57.66 17.95
C ASP B 140 -1.71 -58.51 17.25
N ASP B 141 -1.12 -57.98 16.18
CA ASP B 141 -0.19 -58.75 15.35
C ASP B 141 1.21 -58.95 15.96
N ARG B 142 1.40 -58.50 17.20
CA ARG B 142 2.68 -58.65 17.87
C ARG B 142 2.69 -59.83 18.84
N TYR B 143 1.72 -59.88 19.73
CA TYR B 143 1.63 -60.95 20.74
C TYR B 143 0.47 -61.92 20.52
N GLY B 144 -0.38 -61.63 19.53
CA GLY B 144 -1.56 -62.46 19.28
C GLY B 144 -2.61 -62.27 20.36
N TYR B 145 -3.20 -63.37 20.80
CA TYR B 145 -4.19 -63.33 21.87
C TYR B 145 -3.56 -63.01 23.23
N GLN B 146 -4.08 -61.98 23.88
CA GLN B 146 -3.56 -61.52 25.16
C GLN B 146 -4.66 -61.40 26.21
N LEU B 147 -4.28 -61.61 27.46
CA LEU B 147 -5.20 -61.52 28.58
C LEU B 147 -4.53 -60.76 29.72
N TYR B 148 -5.14 -59.65 30.13
CA TYR B 148 -4.61 -58.81 31.20
C TYR B 148 -5.61 -58.58 32.31
N THR B 149 -5.11 -58.25 33.50
CA THR B 149 -5.95 -57.83 34.61
C THR B 149 -5.41 -56.55 35.23
N SER B 150 -6.31 -55.66 35.67
CA SER B 150 -5.91 -54.44 36.35
C SER B 150 -6.85 -54.12 37.51
N ASN B 151 -6.28 -53.64 38.62
CA ASN B 151 -7.04 -53.37 39.83
C ASN B 151 -6.95 -51.88 40.22
N PRO B 152 -7.65 -51.45 41.30
CA PRO B 152 -7.65 -50.03 41.71
C PRO B 152 -6.28 -49.39 41.96
N SER B 153 -5.25 -50.17 42.25
CA SER B 153 -3.91 -49.62 42.51
C SER B 153 -3.21 -49.14 41.23
N GLY B 154 -3.73 -49.56 40.09
CA GLY B 154 -3.11 -49.25 38.80
C GLY B 154 -2.09 -50.30 38.38
N ASN B 155 -2.06 -51.40 39.12
CA ASN B 155 -1.17 -52.50 38.78
C ASN B 155 -1.85 -53.40 37.76
N TYR B 156 -1.09 -53.81 36.75
CA TYR B 156 -1.61 -54.75 35.75
C TYR B 156 -0.64 -55.90 35.51
N THR B 157 -1.19 -57.08 35.23
CA THR B 157 -0.39 -58.28 34.94
C THR B 157 -0.97 -59.06 33.73
N GLY B 158 -0.19 -60.01 33.22
CA GLY B 158 -0.61 -60.82 32.07
C GLY B 158 -0.90 -62.26 32.45
N TRP B 159 -1.97 -62.81 31.91
CA TRP B 159 -2.43 -64.14 32.31
C TRP B 159 -2.79 -65.05 31.15
N LYS B 160 -2.74 -66.35 31.41
CA LYS B 160 -3.27 -67.35 30.49
C LYS B 160 -4.73 -67.61 30.87
N ALA B 161 -5.00 -67.60 32.18
CA ALA B 161 -6.36 -67.65 32.71
C ALA B 161 -6.42 -66.87 34.02
N ILE B 162 -7.52 -66.14 34.22
CA ILE B 162 -7.67 -65.28 35.42
C ILE B 162 -9.13 -65.06 35.80
N SER B 163 -9.35 -64.71 37.07
CA SER B 163 -10.66 -64.36 37.60
C SER B 163 -10.59 -63.07 38.43
N VAL B 164 -11.67 -62.27 38.36
CA VAL B 164 -11.81 -61.08 39.21
C VAL B 164 -13.16 -61.08 39.95
N GLY B 165 -13.24 -60.27 41.01
CA GLY B 165 -14.46 -60.15 41.79
C GLY B 165 -14.50 -61.12 42.95
N ALA B 166 -15.68 -61.69 43.20
CA ALA B 166 -15.89 -62.61 44.32
C ALA B 166 -15.26 -63.97 44.07
N ASN B 167 -14.79 -64.60 45.15
CA ASN B 167 -14.27 -65.97 45.13
C ASN B 167 -13.14 -66.26 44.12
N THR B 168 -12.25 -65.28 43.92
CA THR B 168 -11.14 -65.43 42.97
C THR B 168 -10.17 -66.51 43.43
N SER B 169 -9.88 -66.51 44.74
CA SER B 169 -9.01 -67.50 45.36
C SER B 169 -9.46 -68.92 45.03
N ALA B 170 -10.76 -69.19 45.18
CA ALA B 170 -11.34 -70.49 44.88
C ALA B 170 -11.39 -70.75 43.36
N ALA B 171 -11.64 -69.69 42.59
CA ALA B 171 -11.75 -69.78 41.14
C ALA B 171 -10.40 -70.01 40.45
N GLN B 172 -9.35 -69.41 40.99
CA GLN B 172 -8.01 -69.51 40.41
C GLN B 172 -7.39 -70.90 40.57
N THR B 173 -7.67 -71.55 41.71
CA THR B 173 -7.17 -72.90 41.98
C THR B 173 -7.80 -73.93 41.05
N LEU B 174 -9.10 -73.75 40.77
CA LEU B 174 -9.85 -74.62 39.85
C LEU B 174 -9.35 -74.48 38.42
N LEU B 175 -8.97 -73.26 38.03
CA LEU B 175 -8.39 -73.00 36.72
C LEU B 175 -6.98 -73.57 36.61
N GLN B 176 -6.17 -73.31 37.63
CA GLN B 176 -4.81 -73.84 37.72
C GLN B 176 -4.79 -75.37 37.63
N MET B 177 -5.89 -75.99 38.04
CA MET B 177 -6.03 -77.44 38.06
C MET B 177 -6.36 -78.00 36.67
N ASP B 178 -7.19 -77.29 35.92
CA ASP B 178 -7.74 -77.81 34.65
C ASP B 178 -7.23 -77.15 33.38
N TYR B 179 -6.38 -76.13 33.50
CA TYR B 179 -5.85 -75.43 32.33
C TYR B 179 -4.59 -76.09 31.80
N LYS B 180 -4.56 -76.30 30.49
CA LYS B 180 -3.34 -76.74 29.79
C LYS B 180 -3.06 -75.81 28.60
N ASP B 181 -1.77 -75.65 28.28
CA ASP B 181 -1.33 -74.66 27.30
C ASP B 181 -1.93 -74.85 25.90
N ASP B 182 -1.99 -76.10 25.45
CA ASP B 182 -2.56 -76.41 24.14
C ASP B 182 -4.07 -76.67 24.19
N MET B 183 -4.82 -75.67 24.65
CA MET B 183 -6.28 -75.75 24.73
C MET B 183 -6.95 -75.18 23.49
N LYS B 184 -7.98 -75.88 23.03
CA LYS B 184 -8.87 -75.40 21.99
C LYS B 184 -9.89 -74.48 22.67
N VAL B 185 -10.48 -73.56 21.91
CA VAL B 185 -11.42 -72.58 22.46
C VAL B 185 -12.68 -73.22 23.03
N ASP B 186 -13.24 -74.20 22.30
CA ASP B 186 -14.45 -74.89 22.75
C ASP B 186 -14.28 -75.60 24.08
N ASP B 187 -13.03 -75.96 24.41
CA ASP B 187 -12.68 -76.53 25.72
C ASP B 187 -12.60 -75.45 26.79
N ALA B 188 -12.12 -74.26 26.40
CA ALA B 188 -12.00 -73.12 27.30
C ALA B 188 -13.36 -72.55 27.70
N ILE B 189 -14.34 -72.70 26.81
CA ILE B 189 -15.72 -72.32 27.09
C ILE B 189 -16.26 -73.14 28.27
N GLU B 190 -16.06 -74.45 28.20
CA GLU B 190 -16.50 -75.37 29.25
C GLU B 190 -15.86 -75.07 30.60
N LEU B 191 -14.53 -74.88 30.60
CA LEU B 191 -13.78 -74.61 31.82
C LEU B 191 -14.31 -73.36 32.52
N ALA B 192 -14.58 -72.31 31.75
CA ALA B 192 -15.11 -71.05 32.28
C ALA B 192 -16.47 -71.21 32.94
N LEU B 193 -17.37 -71.95 32.30
CA LEU B 193 -18.72 -72.16 32.83
C LEU B 193 -18.69 -73.09 34.04
N LYS B 194 -17.85 -74.13 33.97
CA LYS B 194 -17.69 -75.08 35.07
C LYS B 194 -17.14 -74.40 36.32
N THR B 195 -16.17 -73.52 36.14
CA THR B 195 -15.54 -72.79 37.25
C THR B 195 -16.54 -71.87 37.95
N LEU B 196 -17.30 -71.12 37.15
CA LEU B 196 -18.34 -70.24 37.68
C LEU B 196 -19.38 -71.02 38.46
N SER B 197 -19.84 -72.13 37.86
CA SER B 197 -20.84 -73.01 38.46
C SER B 197 -20.45 -73.51 39.85
N LYS B 198 -19.15 -73.68 40.07
CA LYS B 198 -18.62 -74.19 41.33
C LYS B 198 -18.46 -73.12 42.40
N THR B 199 -18.17 -71.89 41.98
CA THR B 199 -17.89 -70.79 42.90
C THR B 199 -19.09 -69.88 43.13
N THR B 200 -20.21 -70.21 42.47
CA THR B 200 -21.45 -69.44 42.59
C THR B 200 -21.99 -69.47 44.01
N ASP B 201 -22.49 -68.33 44.46
CA ASP B 201 -23.19 -68.23 45.74
C ASP B 201 -24.69 -68.41 45.55
N SER B 202 -25.09 -68.59 44.29
CA SER B 202 -26.48 -68.88 43.94
C SER B 202 -26.71 -70.39 43.92
N SER B 203 -27.98 -70.79 43.86
CA SER B 203 -28.35 -72.21 43.83
C SER B 203 -27.83 -72.91 42.58
N ALA B 204 -28.12 -72.34 41.41
CA ALA B 204 -27.71 -72.90 40.13
C ALA B 204 -27.27 -71.79 39.18
N LEU B 205 -26.50 -72.16 38.17
CA LEU B 205 -26.03 -71.21 37.16
C LEU B 205 -26.95 -71.24 35.95
N THR B 206 -27.61 -70.11 35.69
CA THR B 206 -28.61 -70.02 34.62
C THR B 206 -28.28 -68.90 33.63
N TYR B 207 -28.94 -68.95 32.46
CA TYR B 207 -28.68 -68.01 31.37
C TYR B 207 -28.94 -66.56 31.74
N ASP B 208 -29.99 -66.33 32.54
CA ASP B 208 -30.40 -64.98 32.91
C ASP B 208 -29.48 -64.35 33.94
N ARG B 209 -28.46 -65.11 34.35
CA ARG B 209 -27.50 -64.67 35.36
C ARG B 209 -26.10 -64.52 34.79
N LEU B 210 -25.96 -64.78 33.48
CA LEU B 210 -24.65 -64.83 32.83
C LEU B 210 -24.47 -63.86 31.68
N GLU B 211 -23.26 -63.29 31.57
CA GLU B 211 -22.80 -62.61 30.37
C GLU B 211 -21.61 -63.38 29.81
N PHE B 212 -21.62 -63.59 28.49
CA PHE B 212 -20.64 -64.46 27.86
C PHE B 212 -20.16 -63.89 26.52
N ALA B 213 -18.85 -64.01 26.27
CA ALA B 213 -18.24 -63.46 25.06
C ALA B 213 -17.02 -64.24 24.60
N THR B 214 -16.75 -64.20 23.30
CA THR B 214 -15.55 -64.83 22.72
C THR B 214 -14.85 -63.88 21.77
N ILE B 215 -13.54 -64.03 21.65
CA ILE B 215 -12.76 -63.38 20.62
C ILE B 215 -12.06 -64.49 19.85
N ARG B 216 -12.41 -64.64 18.58
CA ARG B 216 -11.97 -65.77 17.78
C ARG B 216 -11.64 -65.31 16.37
N LYS B 217 -10.62 -65.93 15.77
CA LYS B 217 -10.27 -65.63 14.38
C LYS B 217 -11.22 -66.36 13.44
N GLY B 218 -11.53 -65.73 12.31
CA GLY B 218 -12.54 -66.23 11.37
C GLY B 218 -12.34 -67.65 10.90
N ALA B 219 -13.32 -68.51 11.19
CA ALA B 219 -13.30 -69.91 10.78
C ALA B 219 -13.24 -70.05 9.25
N ASN B 220 -13.33 -68.91 8.58
CA ASN B 220 -13.21 -68.83 7.12
C ASN B 220 -12.74 -67.43 6.67
N ASP B 221 -12.96 -66.43 7.51
CA ASP B 221 -12.64 -65.04 7.17
C ASP B 221 -11.13 -64.76 7.17
N GLY B 222 -10.44 -65.22 8.19
CA GLY B 222 -8.99 -65.02 8.33
C GLY B 222 -8.61 -63.80 9.17
N GLU B 223 -9.59 -63.25 9.88
CA GLU B 223 -9.37 -62.08 10.74
C GLU B 223 -10.20 -62.13 12.03
N VAL B 224 -9.92 -61.22 12.94
CA VAL B 224 -10.42 -61.32 14.32
C VAL B 224 -11.85 -60.82 14.53
N TYR B 225 -12.66 -61.64 15.17
CA TYR B 225 -14.08 -61.37 15.35
C TYR B 225 -14.51 -61.50 16.81
N GLN B 226 -15.22 -60.48 17.30
CA GLN B 226 -15.78 -60.48 18.65
C GLN B 226 -17.21 -60.99 18.59
N LYS B 227 -17.64 -61.66 19.66
CA LYS B 227 -19.00 -62.15 19.77
C LYS B 227 -19.47 -62.03 21.21
N ILE B 228 -20.41 -61.12 21.45
CA ILE B 228 -21.07 -61.02 22.76
C ILE B 228 -22.35 -61.84 22.72
N PHE B 229 -22.28 -63.01 23.33
CA PHE B 229 -23.37 -63.99 23.30
C PHE B 229 -24.70 -63.40 23.77
N LYS B 230 -25.76 -63.74 23.03
CA LYS B 230 -27.11 -63.32 23.35
C LYS B 230 -27.75 -64.37 24.28
N PRO B 231 -28.75 -63.97 25.09
CA PRO B 231 -29.40 -64.85 26.07
C PRO B 231 -29.71 -66.26 25.54
N GLN B 232 -30.31 -66.34 24.36
CA GLN B 232 -30.68 -67.61 23.74
C GLN B 232 -29.45 -68.45 23.39
N GLU B 233 -28.36 -67.77 23.01
CA GLU B 233 -27.11 -68.44 22.66
C GLU B 233 -26.43 -69.05 23.88
N ILE B 234 -26.50 -68.34 25.01
CA ILE B 234 -25.95 -68.84 26.28
C ILE B 234 -26.75 -70.04 26.77
N LYS B 235 -28.07 -69.92 26.72
CA LYS B 235 -28.98 -71.03 27.07
C LYS B 235 -28.63 -72.30 26.28
N ASP B 236 -28.25 -72.13 25.02
CA ASP B 236 -27.80 -73.24 24.17
C ASP B 236 -26.50 -73.86 24.68
N ILE B 237 -25.48 -73.03 24.87
CA ILE B 237 -24.15 -73.50 25.28
C ILE B 237 -24.11 -74.04 26.72
N LEU B 238 -25.10 -73.67 27.52
CA LEU B 238 -25.20 -74.11 28.91
C LEU B 238 -25.80 -75.52 28.98
N VAL B 239 -26.60 -75.88 27.96
CA VAL B 239 -27.13 -77.23 27.83
C VAL B 239 -26.05 -78.17 27.31
N LYS B 240 -25.16 -77.65 26.46
CA LYS B 240 -24.07 -78.41 25.85
C LYS B 240 -23.08 -78.93 26.91
N THR B 241 -22.60 -78.02 27.76
CA THR B 241 -21.59 -78.33 28.76
C THR B 241 -22.03 -79.32 29.83
N GLY B 242 -23.33 -79.32 30.14
CA GLY B 242 -23.91 -80.26 31.10
C GLY B 242 -24.34 -79.62 32.41
N ILE B 243 -24.88 -78.40 32.31
CA ILE B 243 -25.38 -77.66 33.46
C ILE B 243 -26.90 -77.43 33.35
N THR B 244 -27.39 -77.35 32.10
CA THR B 244 -28.80 -77.09 31.78
C THR B 244 -29.28 -75.77 32.39
N GLY C 1 -5.68 -27.28 42.80
CA GLY C 1 -6.77 -27.48 43.79
C GLY C 1 -6.27 -28.08 45.09
N TYR C 2 -6.10 -29.39 45.10
CA TYR C 2 -5.74 -30.14 46.31
C TYR C 2 -4.24 -30.03 46.62
N ASP C 3 -3.93 -29.37 47.74
CA ASP C 3 -2.53 -29.12 48.13
C ASP C 3 -2.21 -29.47 49.59
N ARG C 4 -3.05 -30.30 50.20
CA ARG C 4 -2.85 -30.72 51.59
C ARG C 4 -1.46 -31.31 51.78
N ALA C 5 -0.75 -30.83 52.82
CA ALA C 5 0.57 -31.34 53.15
C ALA C 5 0.47 -32.73 53.75
N LEU C 6 0.88 -33.73 52.99
CA LEU C 6 0.79 -35.12 53.43
C LEU C 6 2.08 -35.59 54.08
N SER C 7 3.22 -35.19 53.51
CA SER C 7 4.53 -35.47 54.08
C SER C 7 5.00 -34.32 54.98
N ILE C 8 4.89 -34.53 56.29
CA ILE C 8 5.26 -33.51 57.27
C ILE C 8 6.17 -34.08 58.38
N PHE C 9 6.74 -33.18 59.19
CA PHE C 9 7.59 -33.57 60.31
C PHE C 9 6.76 -33.95 61.52
N SER C 10 7.23 -34.94 62.27
CA SER C 10 6.63 -35.33 63.53
C SER C 10 7.59 -35.02 64.67
N PRO C 11 7.08 -34.86 65.92
CA PRO C 11 7.88 -34.42 67.07
C PRO C 11 9.32 -34.96 67.16
N ASP C 12 9.53 -36.23 66.82
CA ASP C 12 10.86 -36.84 66.91
C ASP C 12 11.77 -36.59 65.69
N GLY C 13 11.22 -35.94 64.67
CA GLY C 13 12.01 -35.51 63.51
C GLY C 13 11.89 -36.35 62.25
N HIS C 14 10.88 -37.21 62.19
CA HIS C 14 10.71 -38.11 61.04
C HIS C 14 9.58 -37.66 60.12
N ILE C 15 9.75 -37.93 58.83
CA ILE C 15 8.65 -37.77 57.88
C ILE C 15 7.98 -39.13 57.77
N PHE C 16 6.86 -39.32 58.46
CA PHE C 16 6.21 -40.62 58.53
C PHE C 16 5.74 -41.18 57.19
N GLN C 17 5.25 -40.32 56.30
CA GLN C 17 4.82 -40.76 54.97
C GLN C 17 5.97 -41.31 54.11
N VAL C 18 7.18 -40.78 54.35
CA VAL C 18 8.39 -41.27 53.69
C VAL C 18 8.82 -42.58 54.35
N GLU C 19 8.71 -42.62 55.68
CA GLU C 19 9.03 -43.80 56.48
C GLU C 19 8.16 -44.98 56.09
N TYR C 20 6.89 -44.71 55.78
CA TYR C 20 5.93 -45.74 55.40
C TYR C 20 6.09 -46.17 53.94
N ALA C 21 6.64 -45.28 53.12
CA ALA C 21 6.94 -45.59 51.73
C ALA C 21 8.07 -46.61 51.66
N LEU C 22 8.98 -46.53 52.63
CA LEU C 22 10.04 -47.53 52.80
C LEU C 22 9.49 -48.90 53.17
N GLU C 23 8.40 -48.92 53.94
CA GLU C 23 7.75 -50.17 54.34
C GLU C 23 7.12 -50.88 53.14
N ALA C 24 6.56 -50.10 52.22
CA ALA C 24 6.05 -50.61 50.96
C ALA C 24 7.16 -51.26 50.14
N VAL C 25 8.35 -50.66 50.16
CA VAL C 25 9.53 -51.20 49.49
C VAL C 25 9.96 -52.52 50.12
N LYS C 26 9.91 -52.59 51.46
CA LYS C 26 10.24 -53.80 52.21
C LYS C 26 9.29 -54.96 51.91
N ARG C 27 8.11 -54.64 51.39
CA ARG C 27 7.09 -55.63 51.03
C ARG C 27 7.28 -56.16 49.61
N GLY C 28 7.90 -55.34 48.75
CA GLY C 28 8.11 -55.71 47.35
C GLY C 28 9.04 -56.88 47.17
N THR C 29 9.05 -57.45 45.97
CA THR C 29 9.90 -58.59 45.64
C THR C 29 11.37 -58.18 45.56
N CYS C 30 12.23 -59.02 46.11
CA CYS C 30 13.67 -58.76 46.21
C CYS C 30 14.37 -58.49 44.86
N ALA C 31 15.19 -57.45 44.84
CA ALA C 31 16.00 -57.11 43.66
C ALA C 31 17.46 -56.96 44.07
N VAL C 32 18.36 -57.46 43.24
CA VAL C 32 19.79 -57.43 43.53
C VAL C 32 20.61 -57.02 42.30
N GLY C 33 21.66 -56.25 42.54
CA GLY C 33 22.60 -55.86 41.50
C GLY C 33 24.04 -56.04 41.95
N VAL C 34 24.85 -56.66 41.12
CA VAL C 34 26.29 -56.79 41.36
C VAL C 34 27.09 -56.40 40.11
N LYS C 35 28.19 -55.69 40.31
CA LYS C 35 29.06 -55.30 39.21
C LYS C 35 30.38 -56.08 39.19
N GLY C 36 30.80 -56.46 37.99
CA GLY C 36 32.06 -57.16 37.79
C GLY C 36 33.14 -56.21 37.29
N LYS C 37 34.15 -56.77 36.64
CA LYS C 37 35.23 -55.97 36.06
C LYS C 37 34.73 -55.28 34.80
N ASN C 38 33.92 -56.00 34.01
CA ASN C 38 33.45 -55.50 32.72
C ASN C 38 31.97 -55.77 32.46
N CYS C 39 31.16 -55.75 33.52
CA CYS C 39 29.72 -55.96 33.40
C CYS C 39 28.97 -55.57 34.68
N VAL C 40 27.66 -55.40 34.55
CA VAL C 40 26.76 -55.25 35.69
C VAL C 40 25.60 -56.22 35.50
N VAL C 41 25.19 -56.88 36.58
CA VAL C 41 24.14 -57.88 36.52
C VAL C 41 23.01 -57.55 37.48
N LEU C 42 21.78 -57.52 36.96
CA LEU C 42 20.59 -57.29 37.78
C LEU C 42 19.75 -58.57 37.91
N GLY C 43 19.54 -58.99 39.15
CA GLY C 43 18.70 -60.16 39.46
C GLY C 43 17.44 -59.76 40.21
N CYS C 44 16.32 -60.33 39.80
CA CYS C 44 15.02 -60.03 40.41
C CYS C 44 14.20 -61.31 40.60
N GLU C 45 13.44 -61.36 41.70
CA GLU C 45 12.56 -62.50 41.96
C GLU C 45 11.13 -62.30 41.44
N ARG C 46 10.54 -63.38 40.96
CA ARG C 46 9.13 -63.41 40.58
C ARG C 46 8.36 -64.11 41.69
N ARG C 47 7.16 -63.60 41.97
CA ARG C 47 6.30 -64.16 43.00
C ARG C 47 5.81 -65.56 42.59
N SER C 48 5.58 -66.42 43.59
CA SER C 48 5.13 -67.79 43.34
C SER C 48 3.65 -68.01 43.65
N THR C 49 3.03 -67.02 44.31
CA THR C 49 1.63 -67.09 44.73
C THR C 49 0.70 -67.57 43.61
N LEU C 50 0.80 -66.94 42.46
CA LEU C 50 0.00 -67.31 41.28
C LEU C 50 0.90 -67.83 40.16
N LYS C 51 0.68 -69.10 39.81
CA LYS C 51 1.53 -69.80 38.85
C LYS C 51 0.75 -70.00 37.54
N LEU C 52 0.10 -68.94 37.10
CA LEU C 52 -0.73 -68.98 35.89
C LEU C 52 -0.51 -67.73 35.05
N GLN C 53 0.60 -67.04 35.30
CA GLN C 53 0.96 -65.83 34.59
C GLN C 53 1.45 -66.10 33.17
N ASP C 54 1.29 -65.10 32.31
CA ASP C 54 1.76 -65.14 30.93
C ASP C 54 3.01 -64.27 30.85
N THR C 55 4.18 -64.91 30.88
CA THR C 55 5.46 -64.20 30.93
C THR C 55 5.80 -63.39 29.68
N ARG C 56 5.22 -63.78 28.54
CA ARG C 56 5.38 -63.05 27.28
C ARG C 56 4.95 -61.59 27.40
N ILE C 57 3.85 -61.35 28.09
CA ILE C 57 3.20 -60.04 28.11
C ILE C 57 3.27 -59.33 29.47
N THR C 58 3.48 -60.09 30.53
CA THR C 58 3.59 -59.53 31.88
C THR C 58 4.81 -58.59 31.95
N PRO C 59 4.60 -57.37 32.47
CA PRO C 59 5.73 -56.45 32.68
C PRO C 59 6.82 -57.09 33.53
N SER C 60 8.06 -56.97 33.08
CA SER C 60 9.23 -57.45 33.82
C SER C 60 9.83 -56.34 34.68
N LYS C 61 10.55 -56.73 35.73
CA LYS C 61 11.10 -55.78 36.69
C LYS C 61 12.28 -54.98 36.13
N VAL C 62 13.00 -55.57 35.17
CA VAL C 62 14.12 -54.89 34.54
C VAL C 62 13.65 -54.11 33.33
N SER C 63 13.73 -52.78 33.41
CA SER C 63 13.31 -51.91 32.32
C SER C 63 14.51 -51.18 31.73
N LYS C 64 14.55 -51.12 30.39
CA LYS C 64 15.54 -50.30 29.69
C LYS C 64 15.09 -48.84 29.72
N ILE C 65 15.94 -47.97 30.26
CA ILE C 65 15.69 -46.54 30.26
C ILE C 65 16.22 -45.94 28.94
N ASP C 66 17.43 -46.34 28.58
CA ASP C 66 18.01 -46.05 27.28
C ASP C 66 18.67 -47.35 26.81
N SER C 67 19.39 -47.32 25.69
CA SER C 67 20.03 -48.53 25.17
C SER C 67 21.23 -49.00 26.01
N HIS C 68 21.69 -48.15 26.92
CA HIS C 68 22.87 -48.45 27.73
C HIS C 68 22.59 -48.48 29.23
N VAL C 69 21.39 -48.09 29.63
CA VAL C 69 21.01 -48.02 31.05
C VAL C 69 19.77 -48.86 31.36
N VAL C 70 19.83 -49.61 32.44
CA VAL C 70 18.70 -50.40 32.90
C VAL C 70 18.23 -49.98 34.29
N LEU C 71 16.95 -50.18 34.58
CA LEU C 71 16.38 -49.88 35.89
C LEU C 71 15.51 -51.02 36.42
N SER C 72 15.86 -51.51 37.60
CA SER C 72 15.03 -52.46 38.33
C SER C 72 14.53 -51.76 39.60
N PHE C 73 13.48 -52.32 40.22
CA PHE C 73 12.83 -51.67 41.36
C PHE C 73 12.27 -52.67 42.37
N SER C 74 12.07 -52.18 43.60
CA SER C 74 11.27 -52.89 44.61
C SER C 74 10.25 -51.94 45.22
N GLY C 75 9.00 -52.39 45.28
CA GLY C 75 7.92 -51.60 45.87
C GLY C 75 6.62 -51.70 45.10
N LEU C 76 5.87 -50.60 45.09
CA LEU C 76 4.59 -50.54 44.38
C LEU C 76 4.81 -50.50 42.88
N ASN C 77 4.37 -51.56 42.19
CA ASN C 77 4.57 -51.74 40.76
C ASN C 77 4.01 -50.59 39.93
N ALA C 78 2.82 -50.15 40.28
CA ALA C 78 2.14 -49.06 39.58
C ALA C 78 2.93 -47.76 39.66
N ASP C 79 3.56 -47.50 40.81
CA ASP C 79 4.39 -46.31 41.01
C ASP C 79 5.64 -46.32 40.13
N SER C 80 6.23 -47.50 39.94
CA SER C 80 7.49 -47.64 39.20
C SER C 80 7.38 -47.15 37.75
N ARG C 81 6.21 -47.39 37.14
CA ARG C 81 5.95 -46.96 35.77
C ARG C 81 6.08 -45.46 35.59
N ILE C 82 5.59 -44.71 36.58
CA ILE C 82 5.68 -43.26 36.56
C ILE C 82 7.14 -42.82 36.58
N LEU C 83 7.95 -43.42 37.44
CA LEU C 83 9.38 -43.10 37.54
C LEU C 83 10.14 -43.50 36.29
N ILE C 84 9.82 -44.66 35.74
CA ILE C 84 10.46 -45.18 34.54
C ILE C 84 10.21 -44.24 33.35
N GLU C 85 8.95 -43.89 33.14
CA GLU C 85 8.57 -43.00 32.02
C GLU C 85 9.30 -41.65 32.07
N LYS C 86 9.27 -41.00 33.23
CA LYS C 86 9.97 -39.72 33.41
C LYS C 86 11.45 -39.83 33.07
N ALA C 87 12.07 -40.91 33.54
CA ALA C 87 13.48 -41.22 33.28
C ALA C 87 13.76 -41.46 31.79
N ARG C 88 12.82 -42.10 31.12
CA ARG C 88 12.95 -42.41 29.69
C ARG C 88 12.78 -41.17 28.83
N VAL C 89 11.94 -40.23 29.30
CA VAL C 89 11.74 -38.96 28.61
C VAL C 89 12.98 -38.07 28.78
N GLU C 90 13.51 -38.04 30.00
CA GLU C 90 14.70 -37.26 30.31
C GLU C 90 15.93 -37.78 29.55
N ALA C 91 15.96 -39.10 29.31
CA ALA C 91 17.03 -39.73 28.53
C ALA C 91 17.07 -39.21 27.08
N GLN C 92 15.90 -39.20 26.43
CA GLN C 92 15.76 -38.69 25.06
C GLN C 92 15.99 -37.19 24.98
N SER C 93 15.56 -36.47 26.01
CA SER C 93 15.75 -35.04 26.12
C SER C 93 17.23 -34.68 26.24
N HIS C 94 17.96 -35.45 27.04
CA HIS C 94 19.39 -35.25 27.25
C HIS C 94 20.21 -35.50 25.98
N ARG C 95 19.78 -36.48 25.18
CA ARG C 95 20.40 -36.76 23.87
C ARG C 95 20.14 -35.64 22.88
N LEU C 96 19.02 -34.94 23.07
CA LEU C 96 18.61 -33.86 22.17
C LEU C 96 19.39 -32.57 22.42
N THR C 97 19.52 -32.17 23.68
CA THR C 97 20.16 -30.90 24.03
C THR C 97 21.68 -30.98 24.21
N LEU C 98 22.17 -32.13 24.69
CA LEU C 98 23.60 -32.32 24.94
C LEU C 98 24.33 -33.07 23.82
N GLU C 99 23.58 -33.74 22.97
CA GLU C 99 24.12 -34.57 21.88
C GLU C 99 25.02 -35.71 22.39
N ASP C 100 24.54 -36.38 23.43
CA ASP C 100 25.26 -37.45 24.11
C ASP C 100 24.27 -38.15 25.05
N PRO C 101 24.29 -39.51 25.06
CA PRO C 101 23.48 -40.25 26.03
C PRO C 101 23.80 -39.88 27.48
N VAL C 102 22.85 -40.09 28.38
CA VAL C 102 23.03 -39.82 29.81
C VAL C 102 24.13 -40.68 30.45
N THR C 103 24.81 -40.12 31.44
CA THR C 103 25.65 -40.94 32.33
C THR C 103 24.72 -41.60 33.34
N VAL C 104 25.13 -42.75 33.87
CA VAL C 104 24.31 -43.50 34.82
C VAL C 104 24.05 -42.67 36.08
N GLU C 105 25.07 -41.94 36.52
CA GLU C 105 24.98 -41.03 37.66
C GLU C 105 23.93 -39.94 37.42
N TYR C 106 23.91 -39.37 36.21
CA TYR C 106 22.95 -38.31 35.87
C TYR C 106 21.51 -38.80 35.91
N LEU C 107 21.24 -39.91 35.24
CA LEU C 107 19.92 -40.52 35.20
C LEU C 107 19.44 -40.88 36.61
N THR C 108 20.37 -41.34 37.45
CA THR C 108 20.10 -41.63 38.85
C THR C 108 19.74 -40.35 39.62
N ARG C 109 20.53 -39.29 39.42
CA ARG C 109 20.30 -38.00 40.07
C ARG C 109 18.95 -37.42 39.69
N TYR C 110 18.53 -37.60 38.44
CA TYR C 110 17.24 -37.13 37.98
C TYR C 110 16.09 -37.90 38.63
N VAL C 111 16.16 -39.23 38.59
CA VAL C 111 15.15 -40.10 39.22
C VAL C 111 15.05 -39.82 40.72
N ALA C 112 16.21 -39.68 41.37
CA ALA C 112 16.27 -39.37 42.80
C ALA C 112 15.65 -38.01 43.12
N GLY C 113 15.83 -37.06 42.20
CA GLY C 113 15.27 -35.71 42.35
C GLY C 113 13.75 -35.67 42.25
N VAL C 114 13.18 -36.50 41.38
CA VAL C 114 11.73 -36.63 41.25
C VAL C 114 11.16 -37.18 42.55
N GLN C 115 11.75 -38.27 43.03
CA GLN C 115 11.34 -38.91 44.29
C GLN C 115 11.33 -37.93 45.46
N GLN C 116 12.39 -37.14 45.58
CA GLN C 116 12.49 -36.13 46.64
C GLN C 116 11.40 -35.08 46.51
N ARG C 117 11.16 -34.65 45.28
CA ARG C 117 10.16 -33.62 44.99
C ARG C 117 8.77 -34.04 45.50
N TYR C 118 8.48 -35.33 45.42
CA TYR C 118 7.22 -35.88 45.92
C TYR C 118 7.18 -36.06 47.45
N THR C 119 8.23 -35.60 48.14
CA THR C 119 8.24 -35.66 49.60
C THR C 119 8.07 -34.28 50.25
N GLN C 120 8.20 -33.21 49.46
CA GLN C 120 7.87 -31.88 49.97
C GLN C 120 7.01 -31.02 49.03
N SER C 121 6.07 -31.68 48.37
CA SER C 121 5.04 -31.00 47.59
C SER C 121 3.66 -31.32 48.16
N GLY C 122 2.76 -30.34 48.08
CA GLY C 122 1.40 -30.51 48.58
C GLY C 122 0.56 -31.39 47.68
N GLY C 123 -0.31 -32.18 48.31
CA GLY C 123 -1.29 -32.98 47.57
C GLY C 123 -0.79 -34.33 47.06
N VAL C 124 0.50 -34.60 47.21
CA VAL C 124 1.09 -35.84 46.71
C VAL C 124 1.73 -36.68 47.83
N ARG C 125 1.72 -38.00 47.65
CA ARG C 125 2.43 -38.91 48.54
C ARG C 125 3.75 -39.37 47.92
N PRO C 126 4.74 -39.75 48.76
CA PRO C 126 6.01 -40.23 48.25
C PRO C 126 5.86 -41.48 47.40
N PHE C 127 6.82 -41.73 46.51
CA PHE C 127 6.85 -42.95 45.73
C PHE C 127 7.21 -44.14 46.62
N GLY C 128 6.37 -45.17 46.60
CA GLY C 128 6.67 -46.39 47.35
C GLY C 128 7.59 -47.31 46.57
N VAL C 129 8.75 -46.78 46.19
CA VAL C 129 9.68 -47.46 45.27
C VAL C 129 11.14 -47.13 45.59
N SER C 130 11.96 -48.17 45.63
CA SER C 130 13.42 -48.02 45.58
C SER C 130 13.90 -48.64 44.27
N THR C 131 14.89 -48.02 43.65
CA THR C 131 15.36 -48.50 42.34
C THR C 131 16.83 -48.87 42.37
N LEU C 132 17.19 -49.81 41.49
CA LEU C 132 18.59 -50.05 41.17
C LEU C 132 18.82 -49.61 39.73
N ILE C 133 19.72 -48.65 39.55
CA ILE C 133 20.04 -48.14 38.23
C ILE C 133 21.45 -48.58 37.87
N ALA C 134 21.58 -49.23 36.73
CA ALA C 134 22.86 -49.81 36.29
C ALA C 134 23.11 -49.59 34.80
N GLY C 135 24.38 -49.50 34.44
CA GLY C 135 24.76 -49.34 33.04
C GLY C 135 26.20 -48.90 32.80
N PHE C 136 26.45 -48.45 31.58
CA PHE C 136 27.77 -47.97 31.18
C PHE C 136 27.65 -46.59 30.53
N ASP C 137 28.45 -45.64 31.02
CA ASP C 137 28.51 -44.30 30.44
C ASP C 137 28.98 -44.35 28.99
N PRO C 138 28.57 -43.36 28.16
CA PRO C 138 28.97 -43.35 26.74
C PRO C 138 30.48 -43.46 26.57
N ARG C 139 30.91 -44.41 25.72
CA ARG C 139 32.33 -44.64 25.40
C ARG C 139 33.18 -45.10 26.60
N ASP C 140 32.51 -45.47 27.69
CA ASP C 140 33.19 -45.87 28.92
C ASP C 140 32.94 -47.35 29.22
N ASP C 141 34.00 -48.03 29.68
CA ASP C 141 33.93 -49.47 29.95
C ASP C 141 33.89 -49.80 31.44
N GLU C 142 33.81 -48.77 32.27
CA GLU C 142 33.71 -48.94 33.72
C GLU C 142 32.25 -49.13 34.13
N PRO C 143 31.95 -50.21 34.87
CA PRO C 143 30.59 -50.55 35.28
C PRO C 143 30.06 -49.61 36.36
N LYS C 144 28.78 -49.25 36.27
CA LYS C 144 28.14 -48.33 37.20
C LYS C 144 26.87 -48.95 37.78
N LEU C 145 26.71 -48.83 39.10
CA LEU C 145 25.51 -49.32 39.78
C LEU C 145 25.08 -48.35 40.88
N TYR C 146 23.83 -47.91 40.81
CA TYR C 146 23.29 -46.91 41.74
C TYR C 146 21.97 -47.35 42.34
N GLN C 147 21.67 -46.81 43.53
CA GLN C 147 20.41 -47.06 44.20
C GLN C 147 19.73 -45.74 44.57
N THR C 148 18.40 -45.71 44.49
CA THR C 148 17.62 -44.58 44.96
C THR C 148 16.56 -45.08 45.94
N GLU C 149 16.02 -44.17 46.75
CA GLU C 149 14.96 -44.51 47.71
C GLU C 149 13.92 -43.39 47.82
N PRO C 150 12.74 -43.68 48.41
CA PRO C 150 11.63 -42.71 48.47
C PRO C 150 12.02 -41.33 49.01
N SER C 151 12.98 -41.25 49.92
CA SER C 151 13.44 -39.98 50.47
C SER C 151 14.06 -39.08 49.41
N GLY C 152 14.65 -39.71 48.39
CA GLY C 152 15.33 -38.99 47.31
C GLY C 152 16.84 -39.15 47.35
N ILE C 153 17.32 -39.84 48.39
CA ILE C 153 18.75 -40.10 48.55
C ILE C 153 19.21 -41.13 47.51
N TYR C 154 20.42 -40.94 47.00
CA TYR C 154 21.03 -41.88 46.05
C TYR C 154 22.53 -42.02 46.30
N SER C 155 23.08 -43.17 45.89
CA SER C 155 24.51 -43.46 46.03
C SER C 155 24.89 -44.68 45.20
N SER C 156 26.18 -44.86 44.95
CA SER C 156 26.66 -45.99 44.14
C SER C 156 27.12 -47.15 45.01
N TRP C 157 26.96 -48.35 44.46
CA TRP C 157 27.24 -49.58 45.20
C TRP C 157 28.03 -50.55 44.33
N SER C 158 28.96 -51.28 44.95
CA SER C 158 29.63 -52.41 44.30
C SER C 158 28.62 -53.54 44.15
N ALA C 159 27.80 -53.71 45.18
CA ALA C 159 26.75 -54.71 45.23
C ALA C 159 25.66 -54.23 46.17
N GLN C 160 24.41 -54.39 45.75
CA GLN C 160 23.27 -53.98 46.57
C GLN C 160 22.03 -54.79 46.28
N THR C 161 21.17 -54.89 47.29
CA THR C 161 19.89 -55.55 47.18
C THR C 161 18.81 -54.68 47.85
N ILE C 162 17.57 -54.82 47.39
CA ILE C 162 16.44 -54.09 47.94
C ILE C 162 15.19 -55.00 47.99
N GLY C 163 14.25 -54.66 48.86
CA GLY C 163 13.00 -55.40 48.95
C GLY C 163 12.94 -56.39 50.09
N ARG C 164 12.02 -57.34 50.00
CA ARG C 164 11.82 -58.32 51.06
C ARG C 164 13.04 -59.21 51.23
N ASN C 165 13.34 -59.55 52.49
CA ASN C 165 14.48 -60.39 52.85
C ASN C 165 15.83 -59.85 52.35
N SER C 166 15.90 -58.54 52.09
CA SER C 166 17.12 -57.92 51.58
C SER C 166 18.23 -57.86 52.64
N LYS C 167 17.83 -57.98 53.91
CA LYS C 167 18.78 -58.07 55.01
C LYS C 167 19.63 -59.34 54.85
N THR C 168 18.96 -60.43 54.47
CA THR C 168 19.60 -61.74 54.30
C THR C 168 20.58 -61.78 53.12
N VAL C 169 20.14 -61.28 51.97
CA VAL C 169 20.98 -61.28 50.76
C VAL C 169 22.14 -60.28 50.85
N ARG C 170 21.91 -59.15 51.53
CA ARG C 170 22.99 -58.17 51.75
C ARG C 170 24.08 -58.78 52.64
N GLU C 171 23.65 -59.54 53.64
CA GLU C 171 24.55 -60.25 54.55
C GLU C 171 25.42 -61.24 53.78
N PHE C 172 24.83 -61.86 52.76
CA PHE C 172 25.54 -62.81 51.91
C PHE C 172 26.62 -62.13 51.07
N LEU C 173 26.24 -61.02 50.42
CA LEU C 173 27.15 -60.29 49.53
C LEU C 173 28.31 -59.64 50.27
N GLU C 174 28.08 -59.24 51.52
CA GLU C 174 29.11 -58.60 52.35
C GLU C 174 30.27 -59.55 52.67
N LYS C 175 29.97 -60.84 52.74
CA LYS C 175 30.99 -61.85 52.99
C LYS C 175 31.33 -62.67 51.74
N ASN C 176 30.83 -62.25 50.58
CA ASN C 176 31.09 -62.97 49.33
C ASN C 176 31.60 -62.12 48.18
N TYR C 177 31.43 -60.80 48.27
CA TYR C 177 31.93 -59.89 47.24
C TYR C 177 33.27 -59.28 47.66
N ASP C 178 34.31 -59.59 46.91
CA ASP C 178 35.63 -59.02 47.15
C ASP C 178 35.86 -57.80 46.27
N ARG C 179 36.02 -56.64 46.91
CA ARG C 179 36.29 -55.39 46.21
C ARG C 179 37.68 -55.37 45.58
N LYS C 180 38.64 -55.96 46.28
CA LYS C 180 40.01 -56.08 45.78
C LYS C 180 39.99 -56.74 44.40
N GLU C 181 39.45 -57.95 44.34
CA GLU C 181 39.29 -58.69 43.08
C GLU C 181 37.80 -58.96 42.79
N PRO C 182 37.16 -58.08 42.00
CA PRO C 182 35.78 -58.28 41.55
C PRO C 182 35.65 -59.51 40.63
N PRO C 183 34.43 -59.98 40.38
CA PRO C 183 34.21 -61.06 39.40
C PRO C 183 34.80 -60.70 38.03
N ALA C 184 35.73 -61.53 37.56
CA ALA C 184 36.47 -61.26 36.32
C ALA C 184 35.64 -61.46 35.06
N THR C 185 34.92 -62.58 34.99
CA THR C 185 34.12 -62.93 33.82
C THR C 185 32.66 -62.51 34.01
N VAL C 186 31.91 -62.51 32.92
CA VAL C 186 30.46 -62.32 32.94
C VAL C 186 29.80 -63.52 33.63
N GLU C 187 30.26 -64.72 33.28
CA GLU C 187 29.79 -65.97 33.87
C GLU C 187 30.05 -66.03 35.38
N GLU C 188 31.22 -65.55 35.78
CA GLU C 188 31.62 -65.50 37.18
C GLU C 188 30.76 -64.51 37.98
N CYS C 189 30.32 -63.45 37.32
CA CYS C 189 29.49 -62.41 37.95
C CYS C 189 28.03 -62.81 38.07
N VAL C 190 27.53 -63.54 37.07
CA VAL C 190 26.14 -64.02 37.05
C VAL C 190 25.93 -65.11 38.13
N LYS C 191 26.94 -65.96 38.30
CA LYS C 191 26.88 -67.04 39.30
C LYS C 191 26.63 -66.49 40.71
N LEU C 192 27.36 -65.42 41.07
CA LEU C 192 27.22 -64.80 42.38
C LEU C 192 25.84 -64.20 42.59
N THR C 193 25.25 -63.65 41.53
CA THR C 193 23.92 -63.05 41.58
C THR C 193 22.86 -64.10 41.87
N VAL C 194 22.91 -65.22 41.15
CA VAL C 194 22.00 -66.34 41.35
C VAL C 194 22.17 -66.93 42.75
N ARG C 195 23.43 -67.09 43.19
CA ARG C 195 23.75 -67.58 44.52
C ARG C 195 23.07 -66.80 45.65
N SER C 196 23.03 -65.47 45.50
CA SER C 196 22.45 -64.60 46.52
C SER C 196 20.94 -64.71 46.58
N LEU C 197 20.30 -64.86 45.43
CA LEU C 197 18.84 -65.02 45.36
C LEU C 197 18.37 -66.38 45.86
N LEU C 198 19.25 -67.38 45.80
CA LEU C 198 18.96 -68.71 46.30
C LEU C 198 18.88 -68.76 47.83
N GLU C 199 19.37 -67.70 48.47
CA GLU C 199 19.29 -67.56 49.92
C GLU C 199 17.88 -67.20 50.37
N VAL C 200 17.17 -66.46 49.52
CA VAL C 200 15.84 -65.92 49.85
C VAL C 200 14.69 -66.56 49.06
N VAL C 201 15.00 -67.16 47.92
CA VAL C 201 13.99 -67.80 47.08
C VAL C 201 14.22 -69.31 47.06
N GLN C 202 13.19 -70.08 47.41
CA GLN C 202 13.29 -71.54 47.36
C GLN C 202 13.35 -72.05 45.91
N THR C 203 13.98 -73.21 45.73
CA THR C 203 14.26 -73.79 44.41
C THR C 203 13.25 -73.36 43.33
N GLY C 204 13.69 -72.47 42.44
CA GLY C 204 12.83 -71.94 41.39
C GLY C 204 13.59 -71.41 40.20
N ALA C 205 13.54 -72.16 39.10
CA ALA C 205 14.07 -71.71 37.81
C ALA C 205 13.18 -70.59 37.25
N LYS C 206 11.88 -70.72 37.50
CA LYS C 206 10.87 -69.72 37.14
C LYS C 206 11.08 -68.44 37.95
N ASN C 207 11.38 -68.60 39.25
CA ASN C 207 11.43 -67.49 40.20
C ASN C 207 12.54 -66.46 40.00
N ILE C 208 13.72 -66.91 39.57
CA ILE C 208 14.85 -66.01 39.38
C ILE C 208 14.98 -65.57 37.92
N GLU C 209 15.03 -64.25 37.70
CA GLU C 209 15.34 -63.69 36.38
C GLU C 209 16.56 -62.77 36.41
N ILE C 210 17.41 -62.91 35.39
CA ILE C 210 18.70 -62.23 35.33
C ILE C 210 18.81 -61.40 34.05
N THR C 211 19.47 -60.25 34.15
CA THR C 211 19.80 -59.42 32.98
C THR C 211 21.25 -58.96 33.06
N VAL C 212 21.98 -59.09 31.95
CA VAL C 212 23.39 -58.71 31.90
C VAL C 212 23.60 -57.53 30.96
N VAL C 213 24.14 -56.45 31.51
CA VAL C 213 24.51 -55.29 30.70
C VAL C 213 26.03 -55.17 30.56
N LYS C 214 26.48 -55.11 29.31
CA LYS C 214 27.89 -54.99 28.96
C LYS C 214 28.14 -53.59 28.38
N PRO C 215 29.43 -53.20 28.21
CA PRO C 215 29.73 -51.88 27.64
C PRO C 215 29.19 -51.69 26.22
N ASP C 216 28.92 -50.43 25.87
CA ASP C 216 28.44 -50.02 24.54
C ASP C 216 27.10 -50.64 24.14
N SER C 217 26.08 -50.41 24.98
CA SER C 217 24.69 -50.80 24.70
C SER C 217 24.51 -52.27 24.34
N ASP C 218 25.01 -53.16 25.19
CA ASP C 218 24.89 -54.60 24.98
C ASP C 218 24.12 -55.27 26.11
N ILE C 219 22.80 -55.08 26.10
CA ILE C 219 21.91 -55.60 27.14
C ILE C 219 21.15 -56.82 26.66
N VAL C 220 21.21 -57.90 27.43
CA VAL C 220 20.47 -59.14 27.11
C VAL C 220 19.96 -59.84 28.38
N ALA C 221 18.65 -60.05 28.44
CA ALA C 221 18.02 -60.83 29.51
C ALA C 221 18.16 -62.33 29.23
N LEU C 222 18.37 -63.10 30.29
CA LEU C 222 18.60 -64.55 30.16
C LEU C 222 17.29 -65.34 30.10
N SER C 223 17.32 -66.45 29.36
CA SER C 223 16.18 -67.37 29.29
C SER C 223 16.12 -68.21 30.57
N SER C 224 14.98 -68.89 30.76
CA SER C 224 14.78 -69.73 31.93
C SER C 224 15.78 -70.89 32.00
N GLU C 225 16.06 -71.50 30.85
CA GLU C 225 16.98 -72.63 30.76
C GLU C 225 18.42 -72.26 31.12
N GLU C 226 18.85 -71.08 30.66
CA GLU C 226 20.18 -70.57 30.96
C GLU C 226 20.36 -70.33 32.47
N ILE C 227 19.39 -69.65 33.07
CA ILE C 227 19.39 -69.41 34.52
C ILE C 227 19.30 -70.73 35.28
N ASN C 228 18.43 -71.62 34.79
CA ASN C 228 18.26 -72.96 35.36
C ASN C 228 19.59 -73.72 35.44
N GLN C 229 20.45 -73.51 34.44
CA GLN C 229 21.76 -74.17 34.39
C GLN C 229 22.68 -73.68 35.51
N TYR C 230 22.64 -72.37 35.78
CA TYR C 230 23.41 -71.78 36.88
C TYR C 230 22.98 -72.37 38.22
N VAL C 231 21.67 -72.47 38.42
CA VAL C 231 21.09 -73.09 39.62
C VAL C 231 21.56 -74.54 39.76
N THR C 232 21.54 -75.28 38.65
CA THR C 232 21.92 -76.70 38.63
C THR C 232 23.37 -76.92 39.06
N GLN C 233 24.26 -76.00 38.67
CA GLN C 233 25.67 -76.10 39.02
C GLN C 233 25.92 -75.73 40.48
N ILE C 234 25.27 -74.65 40.94
CA ILE C 234 25.43 -74.12 42.30
C ILE C 234 24.98 -75.12 43.37
N GLU C 235 23.85 -75.80 43.11
CA GLU C 235 23.30 -76.78 44.05
C GLU C 235 24.15 -78.05 44.17
N GLN C 236 25.02 -78.28 43.20
CA GLN C 236 25.94 -79.42 43.22
C GLN C 236 27.22 -79.12 44.00
N GLU C 237 27.44 -77.85 44.31
CA GLU C 237 28.60 -77.40 45.08
C GLU C 237 28.47 -77.74 46.57
N LYS C 238 27.25 -77.60 47.09
CA LYS C 238 26.94 -77.86 48.50
C LYS C 238 27.20 -79.32 48.91
N GLN C 239 26.72 -80.24 48.08
CA GLN C 239 26.77 -81.67 48.36
C GLN C 239 28.20 -82.23 48.41
N GLU C 240 29.17 -81.42 48.00
CA GLU C 240 30.58 -81.81 48.02
C GLU C 240 31.17 -81.79 49.43
N GLN C 241 30.46 -81.15 50.36
CA GLN C 241 30.89 -81.07 51.76
C GLN C 241 30.40 -82.27 52.56
N ASP D 1 -7.05 -32.25 62.71
CA ASP D 1 -5.56 -32.19 62.74
C ASP D 1 -5.09 -30.81 63.23
N ARG D 2 -4.10 -30.23 62.55
CA ARG D 2 -3.50 -28.95 62.94
C ARG D 2 -2.76 -28.33 61.75
N GLY D 3 -2.83 -27.01 61.62
CA GLY D 3 -2.18 -26.29 60.51
C GLY D 3 -0.68 -26.47 60.48
N VAL D 4 -0.10 -26.44 59.27
CA VAL D 4 1.34 -26.64 59.11
C VAL D 4 2.16 -25.51 59.72
N SER D 5 1.99 -24.29 59.22
CA SER D 5 2.57 -23.12 59.84
C SER D 5 1.64 -22.64 60.94
N THR D 6 1.91 -23.12 62.16
CA THR D 6 1.08 -22.87 63.33
C THR D 6 1.98 -22.69 64.53
N PHE D 7 1.76 -21.61 65.27
CA PHE D 7 2.55 -21.34 66.47
C PHE D 7 2.14 -22.22 67.64
N SER D 8 3.13 -22.61 68.46
CA SER D 8 2.88 -23.28 69.72
C SER D 8 2.57 -22.23 70.78
N PRO D 9 1.98 -22.65 71.92
CA PRO D 9 1.75 -21.69 73.01
C PRO D 9 3.01 -20.97 73.47
N GLU D 10 4.16 -21.62 73.30
CA GLU D 10 5.46 -21.05 73.69
C GLU D 10 5.95 -19.98 72.72
N GLY D 11 5.40 -19.96 71.51
CA GLY D 11 5.74 -18.94 70.51
C GLY D 11 6.65 -19.43 69.39
N ARG D 12 6.66 -20.74 69.17
CA ARG D 12 7.50 -21.34 68.13
C ARG D 12 6.66 -22.09 67.09
N LEU D 13 7.19 -22.20 65.89
CA LEU D 13 6.53 -22.94 64.82
C LEU D 13 6.81 -24.43 64.92
N PHE D 14 5.75 -25.22 65.05
CA PHE D 14 5.86 -26.67 65.20
C PHE D 14 6.76 -27.32 64.16
N GLN D 15 6.50 -27.05 62.88
CA GLN D 15 7.23 -27.67 61.78
C GLN D 15 8.72 -27.37 61.77
N VAL D 16 9.07 -26.12 62.07
CA VAL D 16 10.48 -25.68 62.14
C VAL D 16 11.23 -26.41 63.26
N GLU D 17 10.61 -26.48 64.43
CA GLU D 17 11.22 -27.11 65.60
C GLU D 17 11.39 -28.62 65.43
N TYR D 18 10.42 -29.26 64.78
CA TYR D 18 10.51 -30.69 64.51
C TYR D 18 11.58 -30.99 63.45
N SER D 19 11.72 -30.06 62.50
CA SER D 19 12.74 -30.15 61.46
C SER D 19 14.15 -30.08 62.06
N LEU D 20 14.28 -29.33 63.14
CA LEU D 20 15.54 -29.20 63.87
C LEU D 20 15.98 -30.51 64.52
N GLU D 21 15.00 -31.38 64.80
CA GLU D 21 15.26 -32.69 65.39
C GLU D 21 15.74 -33.70 64.33
N ALA D 22 15.36 -33.47 63.08
CA ALA D 22 15.82 -34.31 61.96
C ALA D 22 17.29 -34.04 61.67
N ILE D 23 17.70 -32.79 61.86
CA ILE D 23 19.08 -32.35 61.64
C ILE D 23 20.03 -32.92 62.70
N LYS D 24 19.51 -33.08 63.92
CA LYS D 24 20.27 -33.67 65.02
C LYS D 24 20.56 -35.15 64.78
N LEU D 25 19.80 -35.75 63.87
CA LEU D 25 20.00 -37.14 63.47
C LEU D 25 20.93 -37.25 62.26
N GLY D 26 21.34 -36.10 61.74
CA GLY D 26 22.23 -36.04 60.58
C GLY D 26 23.68 -36.32 60.92
N SER D 27 24.52 -36.38 59.87
CA SER D 27 25.95 -36.60 60.01
C SER D 27 26.66 -35.30 60.41
N THR D 28 27.74 -35.43 61.18
CA THR D 28 28.47 -34.27 61.67
C THR D 28 29.15 -33.50 60.54
N ALA D 29 29.09 -32.18 60.63
CA ALA D 29 29.77 -31.28 59.69
C ALA D 29 30.39 -30.12 60.46
N ILE D 30 31.66 -29.83 60.17
CA ILE D 30 32.42 -28.83 60.94
C ILE D 30 33.04 -27.76 60.03
N GLY D 31 32.88 -26.51 60.42
CA GLY D 31 33.51 -25.38 59.73
C GLY D 31 34.36 -24.55 60.67
N ILE D 32 35.55 -24.16 60.19
CA ILE D 32 36.46 -23.30 60.95
C ILE D 32 36.98 -22.18 60.05
N ALA D 33 36.77 -20.93 60.48
CA ALA D 33 37.23 -19.77 59.74
C ALA D 33 38.56 -19.25 60.28
N THR D 34 39.53 -19.06 59.37
CA THR D 34 40.83 -18.48 59.69
C THR D 34 41.14 -17.34 58.71
N LYS D 35 42.20 -16.57 59.00
CA LYS D 35 42.62 -15.48 58.14
C LYS D 35 43.40 -15.97 56.91
N GLU D 36 43.64 -17.28 56.84
CA GLU D 36 44.27 -17.91 55.68
C GLU D 36 43.25 -18.71 54.87
N GLY D 37 42.02 -18.80 55.36
CA GLY D 37 40.96 -19.54 54.67
C GLY D 37 39.95 -20.19 55.61
N VAL D 38 38.89 -20.73 55.02
CA VAL D 38 37.87 -21.46 55.78
C VAL D 38 37.96 -22.94 55.44
N VAL D 39 37.79 -23.79 56.46
CA VAL D 39 37.88 -25.24 56.28
C VAL D 39 36.54 -25.90 56.60
N LEU D 40 36.07 -26.76 55.69
CA LEU D 40 34.83 -27.52 55.86
C LEU D 40 35.10 -29.03 55.84
N GLY D 41 34.64 -29.72 56.88
CA GLY D 41 34.78 -31.17 56.98
C GLY D 41 33.47 -31.87 57.30
N VAL D 42 33.30 -33.07 56.74
CA VAL D 42 32.10 -33.89 56.97
C VAL D 42 32.40 -35.34 57.33
N GLU D 43 31.51 -35.93 58.11
CA GLU D 43 31.46 -37.36 58.34
C GLU D 43 30.62 -37.97 57.20
N LYS D 44 31.20 -38.92 56.48
CA LYS D 44 30.48 -39.61 55.39
C LYS D 44 29.36 -40.49 55.93
N ARG D 45 29.69 -41.38 56.87
CA ARG D 45 28.75 -42.31 57.50
C ARG D 45 28.03 -43.21 56.48
N ALA D 46 28.71 -44.25 56.02
CA ALA D 46 28.14 -45.21 55.08
C ALA D 46 27.45 -46.33 55.84
N THR D 47 26.21 -46.63 55.44
CA THR D 47 25.36 -47.61 56.13
C THR D 47 25.81 -49.06 55.97
N SER D 48 26.58 -49.32 54.90
CA SER D 48 27.09 -50.66 54.61
C SER D 48 28.50 -50.58 54.02
N PRO D 49 29.34 -51.61 54.27
CA PRO D 49 30.68 -51.62 53.66
C PRO D 49 30.67 -51.74 52.13
N LEU D 50 29.56 -52.20 51.55
CA LEU D 50 29.43 -52.34 50.10
C LEU D 50 29.19 -51.01 49.38
N LEU D 51 28.86 -49.98 50.16
CA LEU D 51 28.62 -48.63 49.65
C LEU D 51 29.93 -48.00 49.18
N GLU D 52 29.92 -47.40 47.99
CA GLU D 52 31.10 -46.74 47.44
C GLU D 52 31.19 -45.33 48.02
N SER D 53 32.08 -45.17 49.00
CA SER D 53 32.14 -43.99 49.85
C SER D 53 32.34 -42.65 49.13
N ASP D 54 33.13 -42.64 48.06
CA ASP D 54 33.42 -41.39 47.34
C ASP D 54 32.24 -40.88 46.49
N SER D 55 31.12 -41.62 46.50
CA SER D 55 29.88 -41.15 45.89
C SER D 55 28.99 -40.47 46.92
N ILE D 56 29.48 -40.33 48.15
CA ILE D 56 28.77 -39.56 49.17
C ILE D 56 29.24 -38.11 49.09
N GLU D 57 28.36 -37.27 48.55
CA GLU D 57 28.66 -35.88 48.26
C GLU D 57 27.92 -34.98 49.25
N LYS D 58 28.59 -34.68 50.36
CA LYS D 58 28.05 -33.78 51.38
C LYS D 58 28.84 -32.46 51.43
N ILE D 59 29.79 -32.33 50.51
CA ILE D 59 30.50 -31.07 50.28
C ILE D 59 30.28 -30.68 48.83
N VAL D 60 29.74 -29.49 48.60
CA VAL D 60 29.45 -29.01 47.24
C VAL D 60 29.95 -27.58 46.96
N GLU D 61 30.39 -27.38 45.72
CA GLU D 61 30.81 -26.06 45.23
C GLU D 61 29.60 -25.25 44.79
N ILE D 62 29.48 -24.03 45.30
CA ILE D 62 28.40 -23.12 44.92
C ILE D 62 28.88 -22.16 43.82
N ASP D 63 30.06 -21.58 44.04
CA ASP D 63 30.80 -20.84 43.02
C ASP D 63 32.28 -21.02 43.36
N ARG D 64 33.18 -20.48 42.54
CA ARG D 64 34.61 -20.65 42.78
C ARG D 64 35.05 -20.12 44.15
N HIS D 65 34.29 -19.17 44.68
CA HIS D 65 34.63 -18.52 45.95
C HIS D 65 33.69 -18.90 47.11
N ILE D 66 32.68 -19.73 46.85
CA ILE D 66 31.74 -20.17 47.88
C ILE D 66 31.52 -21.67 47.88
N GLY D 67 31.68 -22.28 49.06
CA GLY D 67 31.46 -23.72 49.24
C GLY D 67 30.44 -24.04 50.32
N CYS D 68 29.96 -25.27 50.32
CA CYS D 68 28.86 -25.67 51.19
C CYS D 68 29.01 -27.07 51.76
N ALA D 69 28.66 -27.23 53.03
CA ALA D 69 28.61 -28.53 53.69
C ALA D 69 27.22 -28.75 54.28
N MET D 70 26.68 -29.96 54.10
CA MET D 70 25.31 -30.27 54.52
C MET D 70 25.24 -31.29 55.65
N SER D 71 24.15 -31.22 56.42
CA SER D 71 23.88 -32.16 57.51
C SER D 71 22.38 -32.34 57.74
N GLY D 72 21.94 -33.60 57.69
CA GLY D 72 20.52 -33.93 57.92
C GLY D 72 19.93 -34.74 56.79
N LEU D 73 18.72 -34.38 56.37
CA LEU D 73 18.09 -34.99 55.20
C LEU D 73 18.71 -34.38 53.95
N THR D 74 19.81 -34.98 53.49
CA THR D 74 20.66 -34.40 52.44
C THR D 74 20.03 -34.37 51.04
N ALA D 75 18.95 -35.14 50.84
CA ALA D 75 18.18 -35.07 49.61
C ALA D 75 17.46 -33.72 49.47
N ASP D 76 17.08 -33.14 50.61
CA ASP D 76 16.43 -31.84 50.68
C ASP D 76 17.34 -30.68 50.26
N ALA D 77 18.64 -30.93 50.26
CA ALA D 77 19.62 -29.89 49.98
C ALA D 77 19.81 -29.61 48.48
N ARG D 78 19.49 -30.58 47.63
CA ARG D 78 19.73 -30.47 46.18
C ARG D 78 19.17 -29.19 45.57
N SER D 79 17.89 -28.90 45.86
CA SER D 79 17.23 -27.71 45.30
C SER D 79 17.70 -26.42 45.98
N MET D 80 18.20 -26.52 47.20
CA MET D 80 18.83 -25.39 47.89
C MET D 80 20.16 -25.02 47.22
N ILE D 81 20.96 -26.04 46.90
CA ILE D 81 22.23 -25.84 46.21
C ILE D 81 21.99 -25.29 44.80
N GLU D 82 21.01 -25.87 44.11
CA GLU D 82 20.60 -25.43 42.78
C GLU D 82 20.20 -23.95 42.79
N HIS D 83 19.46 -23.54 43.81
CA HIS D 83 19.07 -22.14 43.99
C HIS D 83 20.31 -21.27 44.24
N ALA D 84 21.15 -21.72 45.17
CA ALA D 84 22.39 -21.02 45.53
C ALA D 84 23.30 -20.76 44.33
N ARG D 85 23.55 -21.81 43.54
CA ARG D 85 24.39 -21.70 42.35
C ARG D 85 23.80 -20.72 41.35
N THR D 86 22.51 -20.88 41.06
CA THR D 86 21.79 -20.03 40.12
C THR D 86 21.80 -18.57 40.59
N ALA D 87 21.69 -18.36 41.90
CA ALA D 87 21.75 -17.03 42.49
C ALA D 87 23.12 -16.41 42.24
N ALA D 88 24.17 -17.19 42.49
CA ALA D 88 25.55 -16.74 42.33
C ALA D 88 25.88 -16.39 40.87
N VAL D 89 25.65 -17.34 39.97
CA VAL D 89 25.88 -17.14 38.54
C VAL D 89 25.03 -15.99 37.99
N THR D 90 23.77 -15.91 38.43
CA THR D 90 22.85 -14.84 38.03
C THR D 90 23.35 -13.46 38.46
N HIS D 91 23.85 -13.36 39.69
CA HIS D 91 24.41 -12.10 40.20
C HIS D 91 25.57 -11.64 39.35
N ASN D 92 26.41 -12.58 38.94
CA ASN D 92 27.55 -12.31 38.07
C ASN D 92 27.14 -11.85 36.68
N LEU D 93 25.98 -12.31 36.22
CA LEU D 93 25.46 -11.90 34.91
C LEU D 93 24.96 -10.46 34.93
N TYR D 94 24.25 -10.07 35.99
CA TYR D 94 23.74 -8.71 36.13
C TYR D 94 24.81 -7.68 36.50
N TYR D 95 25.79 -8.08 37.30
CA TYR D 95 26.70 -7.13 37.93
C TYR D 95 28.18 -7.33 37.60
N ASP D 96 28.52 -8.33 36.79
CA ASP D 96 29.91 -8.59 36.39
C ASP D 96 30.86 -8.61 37.61
N GLU D 97 30.47 -9.33 38.65
CA GLU D 97 31.24 -9.44 39.87
C GLU D 97 30.88 -10.74 40.60
N ASP D 98 31.57 -10.99 41.71
CA ASP D 98 31.26 -12.13 42.57
C ASP D 98 30.22 -11.75 43.61
N ILE D 99 29.23 -12.62 43.82
CA ILE D 99 28.25 -12.46 44.89
C ILE D 99 28.93 -12.48 46.27
N ASN D 100 28.46 -11.63 47.17
CA ASN D 100 28.91 -11.67 48.56
C ASN D 100 28.38 -12.91 49.27
N VAL D 101 29.23 -13.50 50.11
CA VAL D 101 28.86 -14.68 50.91
C VAL D 101 27.61 -14.41 51.75
N GLU D 102 27.56 -13.24 52.36
CA GLU D 102 26.44 -12.81 53.18
C GLU D 102 25.12 -12.74 52.38
N SER D 103 25.19 -12.19 51.17
CA SER D 103 24.02 -12.04 50.29
C SER D 103 23.54 -13.37 49.73
N LEU D 104 24.48 -14.26 49.43
CA LEU D 104 24.18 -15.61 48.96
C LEU D 104 23.42 -16.40 50.03
N THR D 105 23.90 -16.36 51.26
CA THR D 105 23.26 -17.05 52.37
C THR D 105 21.85 -16.53 52.59
N GLN D 106 21.71 -15.20 52.61
CA GLN D 106 20.41 -14.53 52.75
C GLN D 106 19.40 -15.02 51.69
N SER D 107 19.89 -15.24 50.47
CA SER D 107 19.06 -15.71 49.36
C SER D 107 18.60 -17.16 49.57
N VAL D 108 19.47 -17.99 50.14
CA VAL D 108 19.15 -19.37 50.48
C VAL D 108 18.10 -19.42 51.60
N CYS D 109 18.29 -18.59 52.62
CA CYS D 109 17.37 -18.52 53.77
C CYS D 109 15.98 -17.99 53.43
N ASP D 110 15.90 -17.20 52.36
CA ASP D 110 14.63 -16.64 51.87
C ASP D 110 13.64 -17.73 51.45
N LEU D 111 14.18 -18.90 51.08
CA LEU D 111 13.39 -20.06 50.70
C LEU D 111 12.79 -20.80 51.90
N ALA D 112 13.52 -20.79 53.02
CA ALA D 112 13.26 -21.68 54.16
C ALA D 112 11.85 -21.64 54.75
N LEU D 113 11.23 -20.46 54.77
CA LEU D 113 9.87 -20.33 55.32
C LEU D 113 8.76 -20.29 54.27
N ARG D 114 9.11 -20.65 53.03
CA ARG D 114 8.13 -20.70 51.94
C ARG D 114 7.35 -22.01 51.93
N PHE D 115 6.80 -22.39 53.09
CA PHE D 115 5.98 -23.59 53.20
C PHE D 115 4.59 -23.27 53.76
N GLY D 116 3.61 -24.07 53.38
CA GLY D 116 2.22 -23.86 53.80
C GLY D 116 1.19 -24.57 52.92
N GLU D 117 -0.04 -24.05 52.93
CA GLU D 117 -1.15 -24.64 52.16
C GLU D 117 -1.99 -23.59 51.40
N GLY D 118 -1.35 -22.88 50.47
CA GLY D 118 -2.00 -21.86 49.64
C GLY D 118 -2.37 -20.61 50.42
N ALA D 119 -1.33 -19.90 50.90
CA ALA D 119 -1.48 -18.87 51.94
C ALA D 119 -1.68 -17.42 51.46
N SER D 120 -1.76 -16.51 52.43
CA SER D 120 -1.87 -15.07 52.18
C SER D 120 -0.50 -14.42 51.98
N GLY D 121 -0.48 -13.25 51.34
CA GLY D 121 0.75 -12.48 51.12
C GLY D 121 1.37 -12.64 49.74
N GLU D 122 2.10 -13.73 49.55
CA GLU D 122 2.77 -14.01 48.28
C GLU D 122 2.34 -15.39 47.74
N GLU D 123 3.32 -16.27 47.46
CA GLU D 123 3.04 -17.64 47.00
C GLU D 123 4.06 -18.63 47.58
N ARG D 124 3.57 -19.58 48.38
CA ARG D 124 4.43 -20.54 49.09
C ARG D 124 3.99 -21.99 48.84
N LEU D 125 4.47 -22.54 47.72
CA LEU D 125 4.14 -23.90 47.31
C LEU D 125 5.23 -24.90 47.77
N MET D 126 5.13 -25.32 49.03
CA MET D 126 6.02 -26.32 49.62
C MET D 126 5.35 -26.87 50.87
N SER D 127 5.29 -28.20 51.00
CA SER D 127 4.48 -28.84 52.03
C SER D 127 5.10 -28.81 53.43
N ARG D 128 6.42 -28.62 53.50
CA ARG D 128 7.17 -28.70 54.74
C ARG D 128 8.50 -27.96 54.63
N PRO D 129 9.09 -27.56 55.78
CA PRO D 129 10.42 -26.94 55.75
C PRO D 129 11.48 -27.93 55.26
N PHE D 130 12.67 -27.43 54.96
CA PHE D 130 13.80 -28.31 54.65
C PHE D 130 14.25 -29.04 55.90
N GLY D 131 14.61 -30.31 55.74
CA GLY D 131 15.10 -31.10 56.86
C GLY D 131 16.61 -31.18 56.87
N VAL D 132 17.26 -30.06 56.55
CA VAL D 132 18.71 -30.02 56.40
C VAL D 132 19.30 -28.65 56.79
N ALA D 133 20.41 -28.67 57.52
CA ALA D 133 21.16 -27.46 57.86
C ALA D 133 22.39 -27.35 56.98
N LEU D 134 22.80 -26.13 56.67
CA LEU D 134 23.93 -25.89 55.78
C LEU D 134 25.02 -25.06 56.45
N LEU D 135 26.26 -25.42 56.12
CA LEU D 135 27.41 -24.59 56.46
C LEU D 135 27.91 -23.97 55.16
N ILE D 136 27.82 -22.65 55.08
CA ILE D 136 28.24 -21.92 53.89
C ILE D 136 29.52 -21.16 54.20
N ALA D 137 30.59 -21.48 53.46
CA ALA D 137 31.89 -20.85 53.66
C ALA D 137 32.41 -20.22 52.38
N GLY D 138 33.05 -19.06 52.51
CA GLY D 138 33.58 -18.36 51.35
C GLY D 138 34.41 -17.12 51.64
N HIS D 139 34.65 -16.34 50.60
CA HIS D 139 35.46 -15.14 50.67
C HIS D 139 34.94 -14.08 49.70
N ASP D 140 34.92 -12.83 50.14
CA ASP D 140 34.69 -11.68 49.26
C ASP D 140 35.56 -10.51 49.66
N ALA D 141 35.68 -9.52 48.76
CA ALA D 141 36.58 -8.38 48.97
C ALA D 141 36.19 -7.50 50.16
N ASP D 142 34.90 -7.53 50.52
CA ASP D 142 34.37 -6.63 51.56
C ASP D 142 34.59 -7.15 52.98
N ASP D 143 34.22 -8.40 53.23
CA ASP D 143 34.25 -8.96 54.59
C ASP D 143 35.19 -10.15 54.78
N GLY D 144 35.97 -10.47 53.76
CA GLY D 144 36.97 -11.54 53.83
C GLY D 144 36.41 -12.94 54.01
N TYR D 145 37.15 -13.77 54.74
CA TYR D 145 36.77 -15.17 54.98
C TYR D 145 35.60 -15.27 55.96
N GLN D 146 34.57 -16.01 55.56
CA GLN D 146 33.31 -16.07 56.31
C GLN D 146 32.76 -17.48 56.42
N LEU D 147 32.13 -17.78 57.56
CA LEU D 147 31.43 -19.04 57.75
C LEU D 147 30.00 -18.76 58.26
N PHE D 148 29.02 -19.27 57.53
CA PHE D 148 27.61 -19.10 57.90
C PHE D 148 26.92 -20.43 58.18
N HIS D 149 26.05 -20.43 59.19
CA HIS D 149 25.21 -21.56 59.47
C HIS D 149 23.77 -21.18 59.16
N ALA D 150 23.21 -21.80 58.11
CA ALA D 150 21.86 -21.52 57.66
C ALA D 150 20.89 -22.60 58.12
N GLU D 151 19.83 -22.17 58.80
CA GLU D 151 18.84 -23.09 59.37
C GLU D 151 17.50 -23.04 58.62
N PRO D 152 16.70 -24.12 58.73
CA PRO D 152 15.35 -24.16 58.14
C PRO D 152 14.36 -23.17 58.77
N SER D 153 14.80 -22.46 59.80
CA SER D 153 14.00 -21.39 60.41
C SER D 153 14.05 -20.12 59.57
N GLY D 154 15.01 -20.05 58.66
CA GLY D 154 15.21 -18.88 57.81
C GLY D 154 16.20 -17.89 58.37
N THR D 155 16.73 -18.18 59.56
CA THR D 155 17.75 -17.32 60.18
C THR D 155 19.14 -17.94 60.02
N PHE D 156 20.14 -17.08 59.85
CA PHE D 156 21.52 -17.51 59.66
C PHE D 156 22.48 -16.73 60.55
N TYR D 157 23.37 -17.45 61.20
CA TYR D 157 24.37 -16.85 62.05
C TYR D 157 25.73 -16.96 61.39
N ARG D 158 26.59 -15.97 61.62
CA ARG D 158 27.98 -16.08 61.24
C ARG D 158 28.76 -16.70 62.39
N TYR D 159 29.68 -17.61 62.05
CA TYR D 159 30.49 -18.29 63.06
C TYR D 159 31.97 -18.21 62.73
N ASN D 160 32.78 -18.12 63.78
CA ASN D 160 34.22 -18.33 63.67
C ASN D 160 34.50 -19.82 63.54
N ALA D 161 33.69 -20.61 64.23
CA ALA D 161 33.68 -22.07 64.11
C ALA D 161 32.29 -22.61 64.42
N LYS D 162 31.88 -23.65 63.71
CA LYS D 162 30.56 -24.24 63.93
C LYS D 162 30.52 -25.72 63.59
N ALA D 163 29.82 -26.48 64.43
CA ALA D 163 29.54 -27.89 64.20
C ALA D 163 28.04 -28.12 64.12
N ILE D 164 27.62 -28.96 63.18
CA ILE D 164 26.21 -29.29 63.02
C ILE D 164 26.01 -30.80 62.87
N GLY D 165 24.87 -31.30 63.33
CA GLY D 165 24.55 -32.72 63.25
C GLY D 165 24.53 -33.44 64.59
N SER D 166 24.75 -34.74 64.56
CA SER D 166 24.64 -35.59 65.74
C SER D 166 25.68 -35.29 66.82
N GLY D 167 26.92 -35.03 66.42
CA GLY D 167 27.98 -34.76 67.38
C GLY D 167 28.17 -33.29 67.76
N SER D 168 27.24 -32.45 67.31
CA SER D 168 27.42 -30.99 67.35
C SER D 168 27.59 -30.37 68.73
N GLU D 169 26.91 -30.90 69.74
CA GLU D 169 26.99 -30.33 71.10
C GLU D 169 28.35 -30.57 71.77
N GLY D 170 28.87 -31.79 71.62
CA GLY D 170 30.20 -32.13 72.12
C GLY D 170 31.29 -31.49 71.30
N ALA D 171 31.05 -31.34 70.00
CA ALA D 171 32.01 -30.74 69.09
C ALA D 171 32.13 -29.23 69.26
N GLN D 172 31.01 -28.56 69.54
CA GLN D 172 30.98 -27.11 69.71
C GLN D 172 31.68 -26.70 71.00
N ALA D 173 31.55 -27.53 72.03
CA ALA D 173 32.26 -27.33 73.30
C ALA D 173 33.77 -27.41 73.08
N GLU D 174 34.19 -28.37 72.26
CA GLU D 174 35.59 -28.54 71.90
C GLU D 174 36.09 -27.38 71.04
N LEU D 175 35.28 -26.98 70.06
CA LEU D 175 35.60 -25.86 69.19
C LEU D 175 35.65 -24.53 69.93
N LEU D 176 34.96 -24.45 71.05
CA LEU D 176 34.95 -23.25 71.88
C LEU D 176 36.35 -23.01 72.47
N ASN D 177 36.95 -24.07 73.00
CA ASN D 177 38.27 -24.01 73.63
C ASN D 177 39.42 -23.83 72.64
N GLU D 178 39.34 -24.53 71.52
CA GLU D 178 40.45 -24.61 70.57
C GLU D 178 40.65 -23.35 69.72
N TRP D 179 39.55 -22.80 69.21
CA TRP D 179 39.62 -21.69 68.26
C TRP D 179 40.21 -20.42 68.85
N HIS D 180 41.18 -19.85 68.13
CA HIS D 180 41.69 -18.50 68.39
C HIS D 180 41.82 -17.73 67.08
N SER D 181 41.93 -16.40 67.19
CA SER D 181 41.92 -15.51 66.02
C SER D 181 43.06 -15.74 65.02
N SER D 182 44.19 -16.26 65.50
CA SER D 182 45.39 -16.37 64.67
C SER D 182 45.80 -17.81 64.33
N LEU D 183 44.81 -18.64 64.02
CA LEU D 183 45.07 -20.02 63.58
C LEU D 183 45.51 -20.04 62.12
N THR D 184 46.40 -20.98 61.79
CA THR D 184 46.80 -21.20 60.40
C THR D 184 45.82 -22.16 59.74
N LEU D 185 45.89 -22.27 58.41
CA LEU D 185 45.04 -23.17 57.66
C LEU D 185 45.30 -24.64 58.03
N LYS D 186 46.57 -25.01 58.15
CA LYS D 186 46.96 -26.38 58.49
C LYS D 186 46.53 -26.78 59.89
N GLU D 187 46.64 -25.85 60.83
CA GLU D 187 46.13 -26.05 62.20
C GLU D 187 44.63 -26.32 62.20
N ALA D 188 43.90 -25.58 61.37
CA ALA D 188 42.44 -25.72 61.24
C ALA D 188 42.06 -27.05 60.60
N GLU D 189 42.79 -27.46 59.57
CA GLU D 189 42.58 -28.75 58.91
C GLU D 189 42.75 -29.90 59.89
N LEU D 190 43.84 -29.87 60.65
CA LEU D 190 44.10 -30.85 61.71
C LEU D 190 43.07 -30.79 62.83
N LEU D 191 42.52 -29.60 63.07
CA LEU D 191 41.51 -29.41 64.10
C LEU D 191 40.18 -30.06 63.71
N VAL D 192 39.76 -29.86 62.47
CA VAL D 192 38.55 -30.50 61.94
C VAL D 192 38.66 -32.02 62.07
N LEU D 193 39.81 -32.55 61.65
CA LEU D 193 40.11 -33.97 61.77
C LEU D 193 40.10 -34.47 63.22
N LYS D 194 40.57 -33.64 64.15
CA LYS D 194 40.64 -34.02 65.56
C LYS D 194 39.26 -34.17 66.20
N ILE D 195 38.35 -33.25 65.90
CA ILE D 195 36.99 -33.28 66.45
C ILE D 195 36.13 -34.37 65.81
N LEU D 196 36.16 -34.48 64.49
CA LEU D 196 35.43 -35.53 63.77
C LEU D 196 35.80 -36.92 64.29
N LYS D 197 37.09 -37.15 64.50
CA LYS D 197 37.63 -38.39 65.05
C LYS D 197 36.99 -38.75 66.40
N GLN D 198 36.72 -37.73 67.21
CA GLN D 198 36.12 -37.89 68.54
C GLN D 198 34.64 -38.24 68.52
N VAL D 199 33.86 -37.51 67.72
CA VAL D 199 32.39 -37.64 67.72
C VAL D 199 31.85 -38.79 66.87
N MET D 200 32.66 -39.30 65.94
CA MET D 200 32.28 -40.42 65.08
C MET D 200 32.17 -41.74 65.85
N GLU D 201 31.33 -42.63 65.33
CA GLU D 201 31.20 -43.98 65.90
C GLU D 201 32.26 -44.91 65.32
N GLU D 202 32.62 -44.69 64.06
CA GLU D 202 33.65 -45.48 63.38
C GLU D 202 35.02 -44.82 63.53
N LYS D 203 36.08 -45.61 63.32
CA LYS D 203 37.43 -45.07 63.27
C LYS D 203 37.59 -44.24 62.00
N LEU D 204 38.14 -43.03 62.16
CA LEU D 204 38.23 -42.07 61.06
C LEU D 204 39.41 -42.35 60.13
N ASP D 205 39.12 -42.41 58.83
CA ASP D 205 40.13 -42.53 57.79
C ASP D 205 39.76 -41.72 56.56
N GLU D 206 40.57 -41.81 55.51
CA GLU D 206 40.37 -41.03 54.29
C GLU D 206 39.15 -41.47 53.47
N ASN D 207 38.43 -42.49 53.94
CA ASN D 207 37.25 -43.00 53.24
C ASN D 207 35.93 -42.54 53.86
N ASN D 208 35.86 -42.48 55.18
CA ASN D 208 34.62 -42.10 55.87
C ASN D 208 34.57 -40.65 56.36
N ALA D 209 35.54 -39.85 55.95
CA ALA D 209 35.57 -38.41 56.27
C ALA D 209 36.18 -37.62 55.11
N GLN D 210 35.66 -36.42 54.89
CA GLN D 210 36.07 -35.61 53.74
C GLN D 210 36.44 -34.19 54.15
N LEU D 211 37.54 -33.68 53.59
CA LEU D 211 38.00 -32.32 53.86
C LEU D 211 37.87 -31.43 52.64
N SER D 212 37.72 -30.14 52.90
CA SER D 212 37.66 -29.11 51.87
C SER D 212 37.99 -27.75 52.48
N CYS D 213 38.44 -26.83 51.63
CA CYS D 213 38.73 -25.47 52.07
C CYS D 213 38.40 -24.47 50.98
N ILE D 214 38.38 -23.20 51.36
CA ILE D 214 38.23 -22.12 50.41
C ILE D 214 39.25 -21.02 50.74
N THR D 215 40.09 -20.71 49.76
CA THR D 215 41.08 -19.66 49.87
C THR D 215 40.86 -18.62 48.79
N LYS D 216 41.47 -17.44 48.96
CA LYS D 216 41.39 -16.39 47.96
C LYS D 216 42.06 -16.79 46.65
N GLN D 217 43.21 -17.45 46.76
CA GLN D 217 44.06 -17.79 45.62
C GLN D 217 43.51 -18.92 44.74
N ASP D 218 43.26 -20.08 45.34
CA ASP D 218 42.86 -21.27 44.59
C ASP D 218 41.35 -21.51 44.60
N GLY D 219 40.63 -20.68 45.35
CA GLY D 219 39.18 -20.80 45.46
C GLY D 219 38.77 -21.98 46.31
N PHE D 220 37.65 -22.59 45.96
CA PHE D 220 37.09 -23.71 46.69
C PHE D 220 37.55 -25.05 46.10
N LYS D 221 38.25 -25.83 46.92
CA LYS D 221 38.73 -27.16 46.53
C LYS D 221 38.22 -28.21 47.51
N ILE D 222 37.87 -29.38 46.98
CA ILE D 222 37.60 -30.55 47.81
C ILE D 222 38.83 -31.43 47.73
N TYR D 223 39.40 -31.73 48.89
CA TYR D 223 40.63 -32.52 48.99
C TYR D 223 40.38 -33.92 48.48
N ASP D 224 41.32 -34.45 47.69
CA ASP D 224 41.28 -35.85 47.27
C ASP D 224 41.65 -36.74 48.45
N ASN D 225 41.34 -38.02 48.35
CA ASN D 225 41.54 -38.96 49.46
C ASN D 225 43.00 -39.17 49.89
N GLU D 226 43.92 -39.05 48.93
CA GLU D 226 45.35 -39.23 49.21
C GLU D 226 45.93 -38.07 50.03
N LYS D 227 45.36 -36.88 49.84
CA LYS D 227 45.79 -35.71 50.59
C LYS D 227 45.31 -35.78 52.04
N THR D 228 44.04 -36.14 52.23
CA THR D 228 43.43 -36.21 53.56
C THR D 228 44.07 -37.32 54.40
N ALA D 229 44.41 -38.44 53.75
CA ALA D 229 45.10 -39.55 54.40
C ALA D 229 46.40 -39.09 55.06
N GLU D 230 47.10 -38.17 54.40
CA GLU D 230 48.38 -37.66 54.89
C GLU D 230 48.23 -36.71 56.08
N LEU D 231 47.10 -36.01 56.14
CA LEU D 231 46.81 -35.14 57.28
C LEU D 231 46.34 -35.94 58.49
N ILE D 232 45.70 -37.08 58.25
CA ILE D 232 45.30 -38.01 59.30
C ILE D 232 46.56 -38.65 59.88
N LYS D 233 47.49 -39.00 59.00
CA LYS D 233 48.78 -39.58 59.38
C LYS D 233 49.61 -38.58 60.18
N GLU D 234 49.44 -37.29 59.88
CA GLU D 234 50.14 -36.21 60.58
C GLU D 234 49.52 -35.91 61.95
N LEU D 235 48.20 -36.06 62.05
CA LEU D 235 47.47 -35.83 63.30
C LEU D 235 47.79 -36.91 64.32
N LYS D 236 47.92 -38.15 63.84
CA LYS D 236 48.26 -39.29 64.69
C LYS D 236 49.60 -39.08 65.38
N GLU D 237 50.56 -38.50 64.65
CA GLU D 237 51.90 -38.23 65.16
C GLU D 237 51.93 -37.11 66.20
N LYS D 238 51.11 -36.08 65.99
CA LYS D 238 51.07 -34.94 66.90
C LYS D 238 50.40 -35.24 68.23
N GLU D 239 49.28 -35.97 68.17
CA GLU D 239 48.59 -36.43 69.39
C GLU D 239 49.49 -37.34 70.22
N ALA D 240 50.25 -38.20 69.55
CA ALA D 240 51.20 -39.11 70.20
C ALA D 240 52.37 -38.40 70.85
N ALA D 241 52.74 -37.23 70.31
CA ALA D 241 53.86 -36.44 70.84
C ALA D 241 53.53 -35.85 72.22
N GLU D 242 52.34 -35.31 72.37
CA GLU D 242 51.86 -34.83 73.68
C GLU D 242 50.39 -35.20 73.93
N PHE E 1 -9.58 -26.91 77.79
CA PHE E 1 -9.99 -25.58 77.27
C PHE E 1 -9.27 -25.22 75.96
N ARG E 2 -8.06 -24.66 76.08
CA ARG E 2 -7.32 -24.07 74.96
C ARG E 2 -7.12 -25.04 73.79
N ASN E 3 -7.04 -26.33 74.15
CA ASN E 3 -7.03 -27.46 73.22
C ASN E 3 -7.61 -27.21 71.82
N ASN E 4 -8.84 -26.72 71.76
CA ASN E 4 -9.62 -26.72 70.54
C ASN E 4 -9.54 -25.45 69.69
N TYR E 5 -9.37 -24.31 70.34
CA TYR E 5 -9.52 -23.01 69.68
C TYR E 5 -8.20 -22.36 69.24
N ASP E 6 -7.12 -23.13 69.29
CA ASP E 6 -5.81 -22.62 68.88
C ASP E 6 -5.27 -23.27 67.60
N GLY E 7 -6.11 -24.05 66.93
CA GLY E 7 -5.73 -24.80 65.72
C GLY E 7 -5.34 -23.96 64.52
N ASP E 8 -5.97 -22.79 64.38
CA ASP E 8 -5.66 -21.82 63.31
C ASP E 8 -6.19 -20.43 63.65
N THR E 9 -5.72 -19.43 62.91
CA THR E 9 -6.06 -18.03 63.16
C THR E 9 -7.52 -17.70 62.85
N VAL E 10 -8.11 -18.49 61.95
CA VAL E 10 -9.48 -18.29 61.49
C VAL E 10 -10.53 -18.50 62.60
N THR E 11 -10.11 -19.13 63.70
CA THR E 11 -11.04 -19.57 64.75
C THR E 11 -11.09 -18.65 65.97
N PHE E 12 -12.32 -18.30 66.37
CA PHE E 12 -12.58 -17.53 67.58
C PHE E 12 -12.75 -18.46 68.78
N SER E 13 -12.26 -18.02 69.95
CA SER E 13 -12.54 -18.71 71.21
C SER E 13 -13.85 -18.17 71.81
N PRO E 14 -14.47 -18.93 72.74
CA PRO E 14 -15.74 -18.53 73.34
C PRO E 14 -15.74 -17.16 74.03
N THR E 15 -14.56 -16.67 74.39
CA THR E 15 -14.40 -15.37 75.03
C THR E 15 -14.07 -14.24 74.05
N GLY E 16 -13.79 -14.59 72.81
CA GLY E 16 -13.50 -13.63 71.75
C GLY E 16 -12.02 -13.46 71.43
N ARG E 17 -11.22 -14.43 71.84
CA ARG E 17 -9.77 -14.37 71.69
C ARG E 17 -9.28 -15.15 70.48
N LEU E 18 -8.21 -14.64 69.86
CA LEU E 18 -7.55 -15.34 68.75
C LEU E 18 -6.20 -15.85 69.24
N PHE E 19 -6.17 -17.12 69.64
CA PHE E 19 -5.01 -17.71 70.29
C PHE E 19 -3.76 -17.76 69.41
N GLN E 20 -3.92 -18.00 68.12
CA GLN E 20 -2.80 -18.00 67.19
C GLN E 20 -2.10 -16.65 67.14
N VAL E 21 -2.88 -15.57 67.22
CA VAL E 21 -2.34 -14.21 67.31
C VAL E 21 -1.62 -14.01 68.64
N GLU E 22 -2.23 -14.51 69.72
CA GLU E 22 -1.66 -14.40 71.06
C GLU E 22 -0.34 -15.17 71.22
N TYR E 23 -0.23 -16.32 70.56
CA TYR E 23 1.00 -17.10 70.60
C TYR E 23 2.12 -16.41 69.81
N ALA E 24 1.75 -15.70 68.75
CA ALA E 24 2.69 -14.90 67.98
C ALA E 24 3.24 -13.76 68.84
N LEU E 25 2.37 -13.18 69.65
CA LEU E 25 2.74 -12.15 70.63
C LEU E 25 3.77 -12.67 71.61
N GLU E 26 3.75 -13.97 71.89
CA GLU E 26 4.66 -14.59 72.83
C GLU E 26 6.09 -14.66 72.29
N ALA E 27 6.23 -14.80 70.98
CA ALA E 27 7.54 -14.83 70.33
C ALA E 27 8.28 -13.50 70.49
N ILE E 28 7.51 -12.41 70.57
CA ILE E 28 8.05 -11.09 70.80
C ILE E 28 8.60 -10.97 72.22
N LYS E 29 7.85 -11.49 73.18
CA LYS E 29 8.25 -11.50 74.60
C LYS E 29 9.51 -12.32 74.87
N GLN E 30 9.80 -13.29 74.01
CA GLN E 30 11.03 -14.07 74.10
C GLN E 30 12.20 -13.33 73.44
N GLY E 31 11.89 -12.52 72.43
CA GLY E 31 12.89 -11.76 71.69
C GLY E 31 13.67 -10.78 72.54
N SER E 32 14.88 -10.45 72.09
CA SER E 32 15.76 -9.53 72.81
C SER E 32 15.18 -8.12 72.84
N VAL E 33 15.38 -7.43 73.95
CA VAL E 33 14.78 -6.11 74.18
C VAL E 33 15.30 -5.02 73.24
N THR E 34 14.39 -4.14 72.82
CA THR E 34 14.73 -2.95 72.04
C THR E 34 13.86 -1.76 72.46
N VAL E 35 14.42 -0.56 72.35
CA VAL E 35 13.78 0.65 72.87
C VAL E 35 13.72 1.76 71.82
N GLY E 36 12.59 2.46 71.77
CA GLY E 36 12.43 3.65 70.94
C GLY E 36 12.08 4.87 71.78
N LEU E 37 12.56 6.04 71.33
CA LEU E 37 12.30 7.31 72.02
C LEU E 37 12.59 8.50 71.11
N ARG E 38 11.77 9.54 71.23
CA ARG E 38 11.89 10.72 70.36
C ARG E 38 11.76 12.04 71.10
N SER E 39 12.39 13.07 70.54
CA SER E 39 12.13 14.46 70.91
C SER E 39 11.42 15.12 69.73
N ASN E 40 11.49 16.45 69.64
CA ASN E 40 10.88 17.17 68.51
C ASN E 40 11.76 17.23 67.27
N THR E 41 13.07 17.11 67.46
CA THR E 41 14.01 17.16 66.34
C THR E 41 14.49 15.78 65.87
N HIS E 42 14.66 14.86 66.81
CA HIS E 42 15.23 13.54 66.49
C HIS E 42 14.43 12.38 67.09
N ALA E 43 14.54 11.22 66.43
CA ALA E 43 14.01 9.97 66.95
C ALA E 43 15.14 8.95 67.01
N VAL E 44 15.10 8.08 68.03
CA VAL E 44 16.19 7.13 68.29
C VAL E 44 15.69 5.70 68.52
N LEU E 45 16.46 4.73 68.00
CA LEU E 45 16.29 3.33 68.34
C LEU E 45 17.54 2.80 69.04
N VAL E 46 17.33 2.08 70.14
CA VAL E 46 18.41 1.38 70.85
C VAL E 46 18.03 -0.09 70.99
N ALA E 47 18.88 -0.98 70.48
CA ALA E 47 18.58 -2.41 70.47
C ALA E 47 19.67 -3.26 71.12
N LEU E 48 19.25 -4.28 71.87
CA LEU E 48 20.16 -5.26 72.45
C LEU E 48 20.22 -6.50 71.56
N LYS E 49 21.43 -6.84 71.12
CA LYS E 49 21.61 -7.95 70.17
C LYS E 49 21.89 -9.28 70.87
N ARG E 50 21.47 -10.37 70.23
CA ARG E 50 21.59 -11.71 70.78
C ARG E 50 22.47 -12.61 69.91
N ASN E 51 23.34 -13.37 70.56
CA ASN E 51 24.17 -14.36 69.89
C ASN E 51 23.75 -15.79 70.24
N ALA E 52 24.33 -16.77 69.57
CA ALA E 52 24.11 -18.18 69.90
C ALA E 52 25.25 -18.69 70.78
N ASP E 53 26.48 -18.52 70.31
CA ASP E 53 27.69 -18.88 71.06
C ASP E 53 28.60 -17.65 71.16
N GLU E 54 29.70 -17.78 71.88
CA GLU E 54 30.77 -16.78 71.86
C GLU E 54 31.64 -16.94 70.60
N LEU E 55 31.25 -17.89 69.76
CA LEU E 55 31.86 -18.10 68.45
C LEU E 55 30.99 -17.55 67.34
N SER E 56 29.79 -17.09 67.70
CA SER E 56 28.82 -16.57 66.73
C SER E 56 28.76 -15.05 66.74
N SER E 57 28.23 -14.50 65.64
CA SER E 57 27.94 -13.08 65.55
C SER E 57 26.62 -12.78 66.26
N TYR E 58 26.39 -11.50 66.54
CA TYR E 58 25.12 -11.06 67.10
C TYR E 58 24.20 -10.66 65.95
N GLN E 59 22.99 -11.22 65.94
CA GLN E 59 22.02 -10.95 64.87
C GLN E 59 21.55 -9.50 64.89
N LYS E 60 21.51 -8.88 63.71
CA LYS E 60 21.15 -7.47 63.58
C LYS E 60 19.67 -7.24 63.85
N LYS E 61 19.38 -6.13 64.53
CA LYS E 61 18.03 -5.83 65.02
C LYS E 61 17.39 -4.66 64.30
N ILE E 62 18.21 -3.80 63.68
CA ILE E 62 17.72 -2.57 63.05
C ILE E 62 17.80 -2.64 61.53
N ILE E 63 16.72 -2.26 60.86
CA ILE E 63 16.65 -2.25 59.41
C ILE E 63 16.29 -0.85 58.91
N LYS E 64 17.04 -0.39 57.91
CA LYS E 64 16.74 0.87 57.23
C LYS E 64 15.72 0.63 56.12
N CYS E 65 14.72 1.51 56.04
CA CYS E 65 13.66 1.40 55.04
C CYS E 65 13.77 2.48 53.96
N ASP E 66 14.13 3.69 54.39
CA ASP E 66 14.40 4.81 53.49
C ASP E 66 15.33 5.80 54.21
N GLU E 67 15.65 6.91 53.56
CA GLU E 67 16.56 7.91 54.11
C GLU E 67 15.98 8.62 55.34
N HIS E 68 14.67 8.54 55.50
CA HIS E 68 13.96 9.26 56.56
C HIS E 68 13.24 8.34 57.54
N MET E 69 13.22 7.04 57.25
CA MET E 69 12.46 6.08 58.04
C MET E 69 13.20 4.77 58.27
N GLY E 70 12.89 4.09 59.37
CA GLY E 70 13.49 2.80 59.71
C GLY E 70 12.83 2.14 60.90
N LEU E 71 13.26 0.91 61.22
CA LEU E 71 12.62 0.13 62.29
C LEU E 71 13.55 -0.85 63.02
N SER E 72 13.16 -1.24 64.23
CA SER E 72 13.86 -2.30 64.98
C SER E 72 12.91 -3.49 65.20
N LEU E 73 13.48 -4.68 65.37
CA LEU E 73 12.70 -5.93 65.43
C LEU E 73 12.88 -6.72 66.73
N ALA E 74 11.80 -7.39 67.15
CA ALA E 74 11.83 -8.30 68.29
C ALA E 74 10.97 -9.52 68.01
N GLY E 75 11.61 -10.67 67.85
CA GLY E 75 10.93 -11.92 67.54
C GLY E 75 11.55 -12.63 66.35
N LEU E 76 10.71 -13.16 65.47
CA LEU E 76 11.17 -13.85 64.26
C LEU E 76 11.73 -12.86 63.24
N ALA E 77 13.03 -12.98 62.97
CA ALA E 77 13.72 -12.12 62.01
C ALA E 77 13.25 -12.30 60.55
N PRO E 78 13.03 -13.56 60.10
CA PRO E 78 12.55 -13.76 58.72
C PRO E 78 11.24 -13.00 58.42
N ASP E 79 10.35 -12.94 59.40
CA ASP E 79 9.11 -12.17 59.30
C ASP E 79 9.37 -10.67 59.24
N ALA E 80 10.39 -10.23 59.99
CA ALA E 80 10.79 -8.82 59.99
C ALA E 80 11.38 -8.44 58.63
N ARG E 81 12.08 -9.38 58.01
CA ARG E 81 12.61 -9.17 56.66
C ARG E 81 11.47 -9.00 55.65
N VAL E 82 10.45 -9.87 55.74
CA VAL E 82 9.28 -9.81 54.88
C VAL E 82 8.53 -8.49 55.03
N LEU E 83 8.37 -8.03 56.27
CA LEU E 83 7.67 -6.78 56.56
C LEU E 83 8.47 -5.52 56.21
N SER E 84 9.79 -5.55 56.44
CA SER E 84 10.64 -4.39 56.14
C SER E 84 10.79 -4.22 54.64
N ASN E 85 10.87 -5.34 53.92
CA ASN E 85 10.91 -5.35 52.47
C ASN E 85 9.67 -4.67 51.89
N TYR E 86 8.50 -5.04 52.43
CA TYR E 86 7.23 -4.47 52.01
C TYR E 86 7.17 -2.96 52.21
N LEU E 87 7.55 -2.53 53.41
CA LEU E 87 7.56 -1.13 53.78
C LEU E 87 8.55 -0.35 52.92
N ARG E 88 9.68 -0.97 52.58
CA ARG E 88 10.63 -0.39 51.63
C ARG E 88 9.99 -0.10 50.28
N GLN E 89 9.25 -1.08 49.75
CA GLN E 89 8.53 -0.94 48.48
C GLN E 89 7.48 0.15 48.54
N GLN E 90 6.74 0.21 49.65
CA GLN E 90 5.72 1.23 49.86
C GLN E 90 6.34 2.63 49.91
N CYS E 91 7.51 2.73 50.55
CA CYS E 91 8.29 3.99 50.57
C CYS E 91 8.80 4.33 49.18
N ASN E 92 9.19 3.30 48.45
CA ASN E 92 9.72 3.43 47.11
C ASN E 92 8.65 3.92 46.14
N TYR E 93 7.45 3.35 46.26
CA TYR E 93 6.30 3.69 45.44
C TYR E 93 5.92 5.17 45.63
N SER E 94 5.87 5.60 46.89
CA SER E 94 5.53 6.98 47.25
C SER E 94 6.48 8.02 46.63
N SER E 95 7.77 7.69 46.57
CA SER E 95 8.78 8.56 45.97
C SER E 95 8.72 8.59 44.44
N LEU E 96 8.57 7.43 43.82
CA LEU E 96 8.60 7.35 42.36
C LEU E 96 7.35 7.91 41.70
N VAL E 97 6.18 7.55 42.24
CA VAL E 97 4.91 7.93 41.64
C VAL E 97 4.47 9.35 42.03
N PHE E 98 4.66 9.70 43.30
CA PHE E 98 4.19 10.99 43.81
C PHE E 98 5.31 11.97 44.16
N ASN E 99 6.56 11.51 44.07
CA ASN E 99 7.72 12.31 44.52
C ASN E 99 7.47 12.83 45.93
N ARG E 100 7.15 11.89 46.82
CA ARG E 100 6.68 12.21 48.17
C ARG E 100 7.27 11.24 49.18
N LYS E 101 7.85 11.78 50.24
CA LYS E 101 8.36 10.96 51.33
C LYS E 101 7.19 10.45 52.18
N LEU E 102 7.01 9.13 52.18
CA LEU E 102 5.90 8.48 52.91
C LEU E 102 5.84 8.92 54.38
N ALA E 103 4.66 9.33 54.81
CA ALA E 103 4.45 9.73 56.20
C ALA E 103 4.47 8.51 57.12
N VAL E 104 5.17 8.64 58.24
CA VAL E 104 5.37 7.54 59.20
C VAL E 104 4.03 6.94 59.67
N GLU E 105 3.04 7.80 59.87
CA GLU E 105 1.70 7.38 60.28
C GLU E 105 1.06 6.45 59.25
N ARG E 106 1.24 6.78 57.98
CA ARG E 106 0.70 5.98 56.88
C ARG E 106 1.46 4.66 56.72
N ALA E 107 2.75 4.67 57.04
CA ALA E 107 3.55 3.45 57.07
C ALA E 107 2.95 2.45 58.05
N GLY E 108 2.54 2.96 59.22
CA GLY E 108 1.88 2.16 60.25
C GLY E 108 0.55 1.59 59.82
N HIS E 109 -0.28 2.41 59.17
CA HIS E 109 -1.58 1.96 58.65
C HIS E 109 -1.43 0.82 57.63
N LEU E 110 -0.37 0.90 56.81
CA LEU E 110 -0.08 -0.11 55.81
C LEU E 110 0.37 -1.43 56.43
N LEU E 111 1.23 -1.33 57.44
CA LEU E 111 1.69 -2.50 58.19
C LEU E 111 0.56 -3.14 58.99
N CYS E 112 -0.31 -2.30 59.54
CA CYS E 112 -1.51 -2.76 60.22
C CYS E 112 -2.42 -3.58 59.29
N ASP E 113 -2.61 -3.07 58.08
CA ASP E 113 -3.47 -3.71 57.08
C ASP E 113 -2.88 -5.01 56.56
N LYS E 114 -1.55 -5.08 56.53
CA LYS E 114 -0.86 -6.27 56.03
C LYS E 114 -0.91 -7.40 57.06
N ALA E 115 -0.79 -7.02 58.32
CA ALA E 115 -0.84 -7.97 59.43
C ALA E 115 -2.25 -8.54 59.59
N GLN E 116 -3.25 -7.69 59.40
CA GLN E 116 -4.66 -8.07 59.54
C GLN E 116 -5.06 -9.24 58.64
N LYS E 117 -4.65 -9.20 57.38
CA LYS E 117 -5.07 -10.19 56.38
C LYS E 117 -4.64 -11.61 56.75
N ASN E 118 -3.55 -11.71 57.53
CA ASN E 118 -3.06 -12.98 58.04
C ASN E 118 -3.90 -13.49 59.22
N THR E 119 -4.53 -12.58 59.94
CA THR E 119 -5.32 -12.92 61.14
C THR E 119 -6.76 -13.35 60.85
N GLN E 120 -7.19 -13.26 59.59
CA GLN E 120 -8.58 -13.56 59.23
C GLN E 120 -8.76 -14.68 58.20
N SER E 121 -7.68 -15.06 57.52
CA SER E 121 -7.77 -16.05 56.44
C SER E 121 -7.21 -17.41 56.83
N TYR E 122 -7.88 -18.46 56.36
CA TYR E 122 -7.45 -19.84 56.59
C TYR E 122 -6.13 -20.12 55.89
N GLY E 123 -5.33 -20.98 56.50
CA GLY E 123 -4.04 -21.37 55.96
C GLY E 123 -2.91 -20.57 56.58
N GLY E 124 -2.81 -19.31 56.18
CA GLY E 124 -1.75 -18.44 56.65
C GLY E 124 -1.71 -18.26 58.15
N ARG E 125 -0.50 -18.28 58.71
CA ARG E 125 -0.27 -17.95 60.11
C ARG E 125 -0.18 -16.43 60.28
N PRO E 126 -0.26 -15.94 61.53
CA PRO E 126 0.09 -14.53 61.79
C PRO E 126 1.59 -14.31 61.69
N TYR E 127 2.01 -13.06 61.66
CA TYR E 127 3.42 -12.72 61.75
C TYR E 127 3.88 -12.89 63.19
N GLY E 128 5.15 -13.24 63.38
CA GLY E 128 5.69 -13.44 64.72
C GLY E 128 6.77 -12.46 65.10
N VAL E 129 6.52 -11.17 64.87
CA VAL E 129 7.52 -10.13 65.16
C VAL E 129 6.89 -8.78 65.53
N GLY E 130 7.50 -8.10 66.49
CA GLY E 130 7.12 -6.74 66.87
C GLY E 130 8.09 -5.74 66.26
N LEU E 131 7.62 -4.53 66.00
CA LEU E 131 8.45 -3.51 65.36
C LEU E 131 8.34 -2.15 66.02
N LEU E 132 9.46 -1.45 66.11
CA LEU E 132 9.49 -0.06 66.56
C LEU E 132 9.99 0.83 65.43
N ILE E 133 9.08 1.60 64.84
CA ILE E 133 9.37 2.37 63.64
C ILE E 133 9.60 3.85 63.97
N ILE E 134 10.79 4.34 63.64
CA ILE E 134 11.13 5.76 63.83
C ILE E 134 11.28 6.49 62.48
N GLY E 135 10.79 7.73 62.43
CA GLY E 135 10.87 8.52 61.21
C GLY E 135 10.95 10.03 61.42
N TYR E 136 11.23 10.73 60.33
CA TYR E 136 11.16 12.19 60.30
C TYR E 136 10.57 12.63 58.96
N ASP E 137 9.26 12.83 58.95
CA ASP E 137 8.55 13.30 57.77
C ASP E 137 8.24 14.80 57.86
N LYS E 138 7.21 15.25 57.15
CA LYS E 138 6.84 16.66 57.09
C LYS E 138 6.30 17.26 58.38
N SER E 139 5.98 16.41 59.36
CA SER E 139 5.43 16.87 60.64
C SER E 139 6.27 16.48 61.86
N GLY E 140 7.58 16.47 61.68
CA GLY E 140 8.52 16.24 62.78
C GLY E 140 8.94 14.79 63.01
N ALA E 141 9.37 14.50 64.23
CA ALA E 141 9.83 13.17 64.61
C ALA E 141 8.67 12.28 65.09
N HIS E 142 8.72 11.01 64.71
CA HIS E 142 7.67 10.05 65.04
C HIS E 142 8.23 8.72 65.55
N LEU E 143 7.47 8.07 66.43
CA LEU E 143 7.77 6.71 66.87
C LEU E 143 6.51 5.86 66.93
N LEU E 144 6.58 4.69 66.30
CA LEU E 144 5.44 3.79 66.19
C LEU E 144 5.76 2.39 66.73
N GLU E 145 4.78 1.77 67.36
CA GLU E 145 4.90 0.39 67.81
C GLU E 145 3.95 -0.50 67.01
N PHE E 146 4.49 -1.57 66.44
CA PHE E 146 3.71 -2.53 65.67
C PHE E 146 3.59 -3.87 66.38
N GLN E 147 2.35 -4.35 66.50
CA GLN E 147 2.08 -5.68 67.04
C GLN E 147 1.42 -6.51 65.94
N PRO E 148 1.81 -7.80 65.82
CA PRO E 148 1.37 -8.62 64.70
C PRO E 148 -0.13 -8.97 64.69
N SER E 149 -0.85 -8.47 65.70
CA SER E 149 -2.29 -8.52 65.71
C SER E 149 -2.84 -7.52 64.69
N GLY E 150 -2.08 -6.44 64.48
CA GLY E 150 -2.47 -5.36 63.58
C GLY E 150 -2.38 -3.99 64.23
N ASN E 151 -2.45 -3.97 65.56
CA ASN E 151 -2.44 -2.73 66.33
C ASN E 151 -1.14 -1.94 66.19
N VAL E 152 -1.27 -0.66 65.83
CA VAL E 152 -0.13 0.23 65.67
C VAL E 152 -0.37 1.53 66.45
N THR E 153 0.51 1.83 67.40
CA THR E 153 0.35 2.99 68.28
C THR E 153 1.48 4.01 68.10
N GLU E 154 1.11 5.28 68.01
CA GLU E 154 2.09 6.36 67.97
C GLU E 154 2.44 6.80 69.40
N LEU E 155 3.74 6.77 69.71
CA LEU E 155 4.21 7.01 71.07
C LEU E 155 5.40 7.97 71.10
N TYR E 156 5.69 8.52 72.28
CA TYR E 156 6.90 9.30 72.52
C TYR E 156 8.07 8.35 72.76
N GLY E 157 7.82 7.31 73.55
CA GLY E 157 8.80 6.29 73.86
C GLY E 157 8.13 4.96 74.16
N THR E 158 8.85 3.86 73.94
CA THR E 158 8.33 2.52 74.22
C THR E 158 9.40 1.44 74.08
N ALA E 159 9.10 0.24 74.59
CA ALA E 159 10.00 -0.91 74.49
C ALA E 159 9.24 -2.20 74.21
N ILE E 160 9.90 -3.12 73.50
CA ILE E 160 9.37 -4.46 73.26
C ILE E 160 10.46 -5.50 73.46
N GLY E 161 10.05 -6.74 73.73
CA GLY E 161 10.98 -7.84 73.97
C GLY E 161 10.95 -8.32 75.42
N ALA E 162 11.90 -9.19 75.75
CA ALA E 162 12.03 -9.73 77.11
C ALA E 162 12.50 -8.67 78.10
N ARG E 163 11.85 -8.64 79.27
CA ARG E 163 12.17 -7.70 80.37
C ARG E 163 11.95 -6.24 80.00
N SER E 164 11.23 -6.00 78.91
CA SER E 164 11.01 -4.65 78.37
C SER E 164 10.15 -3.77 79.27
N GLN E 165 9.52 -4.37 80.27
CA GLN E 165 8.67 -3.64 81.22
C GLN E 165 9.49 -2.69 82.10
N GLY E 166 10.76 -3.03 82.31
CA GLY E 166 11.69 -2.20 83.06
C GLY E 166 12.01 -0.90 82.35
N ALA E 167 12.36 -1.02 81.06
CA ALA E 167 12.69 0.13 80.22
C ALA E 167 11.50 1.07 80.02
N LYS E 168 10.30 0.48 79.87
CA LYS E 168 9.07 1.24 79.64
C LYS E 168 8.68 2.11 80.83
N THR E 169 8.92 1.60 82.04
CA THR E 169 8.65 2.35 83.27
C THR E 169 9.61 3.53 83.42
N TYR E 170 10.86 3.35 82.98
CA TYR E 170 11.87 4.40 83.00
C TYR E 170 11.47 5.57 82.09
N LEU E 171 11.02 5.25 80.88
CA LEU E 171 10.59 6.27 79.93
C LEU E 171 9.34 7.02 80.41
N GLU E 172 8.43 6.27 81.05
CA GLU E 172 7.18 6.82 81.60
C GLU E 172 7.44 7.82 82.73
N ARG E 173 8.60 7.69 83.37
CA ARG E 173 9.01 8.54 84.48
C ARG E 173 9.85 9.74 83.98
N THR E 174 10.51 9.55 82.84
CA THR E 174 11.45 10.53 82.29
C THR E 174 10.87 11.28 81.08
N LEU E 175 9.56 11.16 80.86
CA LEU E 175 8.89 11.72 79.69
C LEU E 175 9.15 13.22 79.48
N ASP E 176 9.07 13.98 80.56
CA ASP E 176 9.22 15.44 80.50
C ASP E 176 10.64 15.89 80.16
N THR E 177 11.62 15.04 80.48
CA THR E 177 13.04 15.35 80.28
C THR E 177 13.50 15.17 78.83
N PHE E 178 13.36 13.95 78.29
CA PHE E 178 13.95 13.62 77.00
C PHE E 178 13.23 14.24 75.79
N ILE E 179 11.96 14.58 75.96
CA ILE E 179 11.16 15.21 74.90
C ILE E 179 11.69 16.60 74.53
N LYS E 180 12.42 17.22 75.45
CA LYS E 180 12.98 18.55 75.25
C LYS E 180 14.41 18.53 74.68
N ILE E 181 14.95 17.33 74.46
CA ILE E 181 16.31 17.19 73.91
C ILE E 181 16.29 17.46 72.40
N ASP E 182 16.26 18.74 72.07
CA ASP E 182 16.14 19.19 70.68
C ASP E 182 17.44 19.81 70.18
N GLY E 183 17.98 19.25 69.11
CA GLY E 183 19.23 19.73 68.53
C GLY E 183 20.48 19.21 69.22
N ASN E 184 20.33 18.15 69.99
CA ASN E 184 21.45 17.47 70.63
C ASN E 184 21.27 15.95 70.60
N PRO E 185 21.54 15.33 69.43
CA PRO E 185 21.37 13.88 69.23
C PRO E 185 22.07 13.00 70.28
N ASP E 186 23.31 13.35 70.62
CA ASP E 186 24.11 12.62 71.62
C ASP E 186 23.38 12.43 72.95
N GLU E 187 22.78 13.51 73.45
CA GLU E 187 22.05 13.48 74.73
C GLU E 187 20.68 12.78 74.63
N LEU E 188 20.31 12.35 73.43
CA LEU E 188 19.09 11.57 73.23
C LEU E 188 19.45 10.08 73.17
N ILE E 189 20.64 9.79 72.64
CA ILE E 189 21.18 8.43 72.64
C ILE E 189 21.54 8.03 74.06
N LYS E 190 22.13 8.97 74.80
CA LYS E 190 22.46 8.80 76.22
C LYS E 190 21.23 8.38 77.03
N ALA E 191 20.07 8.92 76.66
CA ALA E 191 18.80 8.63 77.32
C ALA E 191 18.23 7.27 76.91
N GLY E 192 18.60 6.82 75.71
CA GLY E 192 18.17 5.53 75.18
C GLY E 192 18.98 4.38 75.77
N VAL E 193 20.28 4.60 75.95
CA VAL E 193 21.17 3.61 76.55
C VAL E 193 20.86 3.44 78.04
N GLU E 194 20.45 4.54 78.68
CA GLU E 194 20.02 4.50 80.08
C GLU E 194 18.68 3.78 80.20
N ALA E 195 17.86 3.87 79.16
CA ALA E 195 16.57 3.19 79.13
C ALA E 195 16.71 1.67 78.97
N ILE E 196 17.53 1.24 78.02
CA ILE E 196 17.68 -0.18 77.70
C ILE E 196 18.33 -0.99 78.84
N SER E 197 19.21 -0.35 79.60
CA SER E 197 19.92 -1.01 80.70
C SER E 197 19.02 -1.30 81.90
N GLN E 198 17.84 -0.68 81.90
CA GLN E 198 16.80 -0.95 82.90
C GLN E 198 16.14 -2.30 82.63
N SER E 199 16.46 -2.89 81.47
CA SER E 199 15.96 -4.21 81.07
C SER E 199 17.05 -5.28 81.07
N LEU E 200 18.24 -4.92 81.52
CA LEU E 200 19.35 -5.86 81.63
C LEU E 200 19.32 -6.58 82.97
N ARG E 201 18.87 -7.83 82.94
CA ARG E 201 18.85 -8.67 84.13
C ARG E 201 20.00 -9.68 84.07
N ASP E 202 20.57 -9.84 82.87
CA ASP E 202 21.50 -10.92 82.59
C ASP E 202 22.96 -10.45 82.46
N GLU E 203 23.24 -9.67 81.41
CA GLU E 203 24.62 -9.31 81.04
C GLU E 203 24.88 -7.80 80.97
N SER E 204 26.15 -7.45 80.83
CA SER E 204 26.55 -6.07 80.57
C SER E 204 26.55 -5.80 79.07
N LEU E 205 26.23 -4.57 78.68
CA LEU E 205 26.17 -4.18 77.28
C LEU E 205 27.54 -3.79 76.72
N THR E 206 27.98 -4.51 75.69
CA THR E 206 29.35 -4.37 75.15
C THR E 206 29.38 -3.77 73.74
N VAL E 207 30.59 -3.60 73.23
CA VAL E 207 30.84 -2.88 71.98
C VAL E 207 30.29 -3.58 70.73
N ASP E 208 30.16 -4.90 70.79
CA ASP E 208 29.59 -5.67 69.68
C ASP E 208 28.19 -6.20 70.05
N ASN E 209 27.69 -5.73 71.18
CA ASN E 209 26.40 -6.12 71.73
C ASN E 209 25.32 -5.06 71.48
N LEU E 210 25.74 -3.80 71.44
CA LEU E 210 24.83 -2.66 71.36
C LEU E 210 24.66 -2.12 69.95
N SER E 211 23.43 -1.74 69.63
CA SER E 211 23.08 -1.20 68.34
C SER E 211 22.22 0.04 68.52
N ILE E 212 22.53 1.09 67.76
CA ILE E 212 21.81 2.37 67.86
C ILE E 212 21.50 2.92 66.46
N ALA E 213 20.31 3.52 66.32
CA ALA E 213 19.92 4.19 65.09
C ALA E 213 19.27 5.54 65.38
N ILE E 214 19.56 6.54 64.55
CA ILE E 214 18.97 7.88 64.71
C ILE E 214 18.51 8.51 63.41
N VAL E 215 17.34 9.16 63.46
CA VAL E 215 16.82 9.98 62.37
C VAL E 215 16.39 11.34 62.93
N GLY E 216 16.48 12.38 62.11
CA GLY E 216 16.08 13.70 62.55
C GLY E 216 16.00 14.79 61.50
N LYS E 217 16.06 16.04 61.96
CA LYS E 217 15.90 17.23 61.12
C LYS E 217 16.91 17.25 59.98
N ASP E 218 18.19 17.19 60.32
CA ASP E 218 19.25 17.17 59.30
C ASP E 218 20.07 15.87 59.36
N THR E 219 19.44 14.80 59.84
CA THR E 219 20.12 13.51 59.98
C THR E 219 19.37 12.40 59.26
N PRO E 220 19.94 11.89 58.15
CA PRO E 220 19.37 10.73 57.47
C PRO E 220 19.58 9.45 58.29
N PHE E 221 18.62 8.53 58.23
CA PHE E 221 18.63 7.29 59.00
C PHE E 221 19.96 6.54 58.90
N THR E 222 20.70 6.53 60.00
CA THR E 222 22.02 5.87 60.05
C THR E 222 22.15 4.89 61.22
N ILE E 223 22.84 3.78 60.97
CA ILE E 223 23.06 2.73 61.98
C ILE E 223 24.49 2.78 62.53
N TYR E 224 24.62 2.60 63.85
CA TYR E 224 25.92 2.54 64.51
C TYR E 224 26.15 1.21 65.22
N ASP E 225 27.28 0.57 64.88
CA ASP E 225 27.70 -0.70 65.50
C ASP E 225 29.20 -0.65 65.79
N GLY E 226 29.68 -1.63 66.55
CA GLY E 226 31.11 -1.75 66.85
C GLY E 226 31.70 -0.55 67.56
N GLU E 227 32.86 -0.11 67.09
CA GLU E 227 33.57 1.04 67.69
C GLU E 227 32.80 2.37 67.63
N ALA E 228 31.73 2.40 66.85
CA ALA E 228 30.90 3.60 66.73
C ALA E 228 30.07 3.87 67.99
N VAL E 229 29.65 2.81 68.67
CA VAL E 229 28.82 2.93 69.88
C VAL E 229 29.62 2.96 71.17
N ALA E 230 30.95 2.88 71.04
CA ALA E 230 31.87 2.77 72.18
C ALA E 230 31.69 3.85 73.25
N LYS E 231 31.40 5.08 72.83
CA LYS E 231 31.29 6.20 73.75
C LYS E 231 30.02 6.19 74.62
N TYR E 232 29.02 5.40 74.23
CA TYR E 232 27.78 5.28 74.99
C TYR E 232 27.80 4.14 76.02
N ILE E 233 28.86 3.33 75.98
CA ILE E 233 29.08 2.29 76.98
C ILE E 233 29.66 2.94 78.25
N GLY F 1 -22.65 -35.67 70.53
CA GLY F 1 -22.18 -35.06 69.26
C GLY F 1 -22.29 -33.54 69.25
N THR F 2 -21.16 -32.88 69.49
CA THR F 2 -21.09 -31.41 69.49
C THR F 2 -19.96 -30.90 68.58
N GLY F 3 -19.25 -29.87 69.03
CA GLY F 3 -18.18 -29.25 68.25
C GLY F 3 -18.70 -28.26 67.23
N TYR F 4 -19.93 -27.79 67.45
CA TYR F 4 -20.61 -26.89 66.51
C TYR F 4 -20.00 -25.47 66.49
N ASP F 5 -19.14 -25.17 67.46
CA ASP F 5 -18.55 -23.84 67.60
C ASP F 5 -17.12 -23.76 67.05
N LEU F 6 -16.65 -24.84 66.45
CA LEU F 6 -15.27 -24.94 65.98
C LEU F 6 -15.08 -24.43 64.54
N SER F 7 -16.18 -24.39 63.79
CA SER F 7 -16.14 -23.99 62.39
C SER F 7 -17.17 -22.89 62.11
N ASN F 8 -16.78 -21.92 61.27
CA ASN F 8 -17.60 -20.73 61.03
C ASN F 8 -19.00 -20.98 60.46
N SER F 9 -19.10 -21.42 59.21
CA SER F 9 -20.40 -21.47 58.52
C SER F 9 -21.43 -22.46 59.09
N VAL F 10 -21.04 -23.26 60.09
CA VAL F 10 -21.87 -24.34 60.61
C VAL F 10 -23.07 -23.86 61.44
N PHE F 11 -24.25 -24.42 61.14
CA PHE F 11 -25.44 -24.21 61.97
C PHE F 11 -25.43 -25.16 63.17
N SER F 12 -25.64 -24.63 64.36
CA SER F 12 -25.84 -25.46 65.55
C SER F 12 -27.27 -26.02 65.51
N PRO F 13 -27.58 -27.05 66.33
CA PRO F 13 -28.91 -27.67 66.27
C PRO F 13 -30.07 -26.71 66.52
N ASP F 14 -29.86 -25.69 67.34
CA ASP F 14 -30.88 -24.68 67.60
C ASP F 14 -30.93 -23.57 66.54
N GLY F 15 -30.00 -23.61 65.59
CA GLY F 15 -30.02 -22.74 64.41
C GLY F 15 -29.07 -21.55 64.43
N ARG F 16 -28.04 -21.62 65.27
CA ARG F 16 -27.13 -20.49 65.48
C ARG F 16 -25.76 -20.69 64.84
N ASN F 17 -25.06 -19.57 64.65
CA ASN F 17 -23.67 -19.58 64.20
C ASN F 17 -22.76 -19.12 65.34
N PHE F 18 -22.32 -20.09 66.15
CA PHE F 18 -21.57 -19.82 67.38
C PHE F 18 -20.31 -19.00 67.16
N GLN F 19 -19.71 -19.11 65.98
CA GLN F 19 -18.48 -18.37 65.68
C GLN F 19 -18.71 -16.86 65.58
N VAL F 20 -19.90 -16.47 65.14
CA VAL F 20 -20.28 -15.06 65.09
C VAL F 20 -20.58 -14.57 66.50
N GLU F 21 -21.25 -15.40 67.30
CA GLU F 21 -21.55 -15.07 68.69
C GLU F 21 -20.27 -14.90 69.52
N TYR F 22 -19.21 -15.58 69.10
CA TYR F 22 -17.90 -15.47 69.74
C TYR F 22 -17.20 -14.18 69.29
N ALA F 23 -17.52 -13.73 68.07
CA ALA F 23 -17.01 -12.45 67.57
C ALA F 23 -17.65 -11.29 68.32
N VAL F 24 -18.94 -11.42 68.63
CA VAL F 24 -19.68 -10.43 69.42
C VAL F 24 -19.00 -10.21 70.77
N LYS F 25 -18.48 -11.29 71.36
CA LYS F 25 -17.74 -11.23 72.62
C LYS F 25 -16.49 -10.37 72.51
N ALA F 26 -15.86 -10.37 71.34
CA ALA F 26 -14.69 -9.56 71.07
C ALA F 26 -15.05 -8.08 70.98
N VAL F 27 -16.27 -7.80 70.52
CA VAL F 27 -16.77 -6.43 70.41
C VAL F 27 -17.10 -5.88 71.80
N GLU F 28 -17.84 -6.66 72.58
CA GLU F 28 -18.22 -6.31 73.95
C GLU F 28 -16.99 -6.04 74.82
N ASN F 29 -15.90 -6.71 74.47
CA ASN F 29 -14.61 -6.56 75.13
C ASN F 29 -13.95 -5.22 74.83
N GLY F 30 -14.36 -4.59 73.73
CA GLY F 30 -13.71 -3.38 73.22
C GLY F 30 -14.17 -2.06 73.82
N THR F 31 -13.55 -0.99 73.35
CA THR F 31 -13.84 0.37 73.80
C THR F 31 -15.21 0.86 73.30
N THR F 32 -15.92 1.59 74.15
CA THR F 32 -17.27 2.07 73.83
C THR F 32 -17.30 3.23 72.82
N SER F 33 -18.18 3.12 71.83
CA SER F 33 -18.39 4.16 70.82
C SER F 33 -19.87 4.36 70.54
N ILE F 34 -20.24 5.59 70.16
CA ILE F 34 -21.65 5.96 69.97
C ILE F 34 -21.90 6.81 68.72
N GLY F 35 -23.18 6.96 68.38
CA GLY F 35 -23.62 7.85 67.31
C GLY F 35 -24.96 8.50 67.65
N ILE F 36 -25.04 9.82 67.49
CA ILE F 36 -26.31 10.55 67.64
C ILE F 36 -26.74 11.16 66.31
N LYS F 37 -27.97 10.86 65.91
CA LYS F 37 -28.59 11.45 64.73
C LYS F 37 -29.35 12.71 65.14
N CYS F 38 -29.05 13.83 64.48
CA CYS F 38 -29.69 15.11 64.76
C CYS F 38 -30.59 15.59 63.59
N ASN F 39 -31.11 16.81 63.69
CA ASN F 39 -32.11 17.30 62.72
C ASN F 39 -31.61 17.60 61.30
N ASP F 40 -30.30 17.58 61.09
CA ASP F 40 -29.73 17.79 59.76
C ASP F 40 -28.39 17.06 59.53
N GLY F 41 -27.99 16.23 60.50
CA GLY F 41 -26.73 15.51 60.40
C GLY F 41 -26.53 14.43 61.46
N VAL F 42 -25.30 13.94 61.55
CA VAL F 42 -24.94 12.89 62.52
C VAL F 42 -23.64 13.21 63.26
N VAL F 43 -23.57 12.80 64.52
CA VAL F 43 -22.41 13.03 65.36
C VAL F 43 -21.84 11.70 65.87
N PHE F 44 -20.54 11.52 65.72
CA PHE F 44 -19.84 10.31 66.21
C PHE F 44 -18.85 10.66 67.31
N ALA F 45 -18.82 9.85 68.36
CA ALA F 45 -17.86 10.01 69.45
C ALA F 45 -17.31 8.66 69.91
N VAL F 46 -16.09 8.66 70.44
CA VAL F 46 -15.43 7.44 70.87
C VAL F 46 -14.46 7.65 72.05
N GLU F 47 -14.38 6.63 72.92
CA GLU F 47 -13.47 6.56 74.04
C GLU F 47 -12.09 6.06 73.57
N LYS F 48 -11.02 6.64 74.11
CA LYS F 48 -9.65 6.20 73.79
C LYS F 48 -8.87 6.00 75.08
N LEU F 49 -8.60 4.75 75.42
CA LEU F 49 -7.91 4.42 76.67
C LEU F 49 -6.43 4.82 76.63
N ILE F 50 -6.02 5.59 77.63
CA ILE F 50 -4.63 6.04 77.75
C ILE F 50 -3.88 5.11 78.71
N THR F 51 -3.31 4.04 78.15
CA THR F 51 -2.58 3.03 78.91
C THR F 51 -1.36 3.63 79.60
N SER F 52 -0.66 4.51 78.88
CA SER F 52 0.57 5.11 79.38
C SER F 52 0.64 6.60 79.04
N LYS F 53 1.47 7.32 79.80
CA LYS F 53 1.76 8.74 79.55
C LYS F 53 2.46 8.90 78.19
N LEU F 54 2.93 7.77 77.65
CA LEU F 54 3.78 7.74 76.46
C LEU F 54 3.03 7.87 75.14
N LEU F 55 1.72 7.61 75.15
CA LEU F 55 0.89 7.76 73.96
C LEU F 55 0.69 9.23 73.63
N VAL F 56 1.11 9.64 72.43
CA VAL F 56 0.98 11.02 71.99
C VAL F 56 -0.50 11.39 71.86
N PRO F 57 -0.91 12.50 72.51
CA PRO F 57 -2.30 12.97 72.43
C PRO F 57 -2.73 13.35 71.02
N GLN F 58 -4.00 13.13 70.73
CA GLN F 58 -4.65 13.53 69.46
C GLN F 58 -4.07 12.84 68.21
N LYS F 59 -3.28 11.78 68.42
CA LYS F 59 -2.52 11.17 67.32
C LYS F 59 -3.01 9.80 66.83
N ASN F 60 -3.53 8.98 67.74
CA ASN F 60 -4.02 7.65 67.38
C ASN F 60 -5.50 7.68 67.00
N VAL F 61 -5.78 8.28 65.84
CA VAL F 61 -7.16 8.57 65.42
C VAL F 61 -7.95 7.29 65.12
N LYS F 62 -9.12 7.17 65.72
CA LYS F 62 -9.96 5.98 65.56
C LYS F 62 -11.07 6.18 64.54
N ILE F 63 -11.80 7.28 64.64
CA ILE F 63 -12.89 7.59 63.69
C ILE F 63 -12.30 7.77 62.29
N GLN F 64 -12.91 7.10 61.32
CA GLN F 64 -12.43 7.15 59.94
C GLN F 64 -13.47 7.74 59.01
N VAL F 65 -13.02 8.17 57.83
CA VAL F 65 -13.89 8.70 56.78
C VAL F 65 -13.94 7.78 55.55
N VAL F 66 -15.15 7.54 55.04
CA VAL F 66 -15.33 6.96 53.72
C VAL F 66 -15.87 8.07 52.81
N ASP F 67 -15.20 8.28 51.68
CA ASP F 67 -15.55 9.32 50.71
C ASP F 67 -15.28 10.71 51.31
N ARG F 68 -16.29 11.57 51.31
CA ARG F 68 -16.15 12.92 51.86
C ARG F 68 -17.31 13.24 52.82
N HIS F 69 -18.34 12.39 52.80
CA HIS F 69 -19.58 12.67 53.53
C HIS F 69 -19.93 11.62 54.59
N ILE F 70 -19.31 10.46 54.52
CA ILE F 70 -19.57 9.37 55.48
C ILE F 70 -18.52 9.33 56.58
N GLY F 71 -18.96 9.05 57.81
CA GLY F 71 -18.05 8.83 58.92
C GLY F 71 -18.27 7.45 59.52
N CYS F 72 -17.18 6.81 59.96
CA CYS F 72 -17.26 5.48 60.56
C CYS F 72 -16.51 5.38 61.86
N VAL F 73 -17.12 4.70 62.83
CA VAL F 73 -16.49 4.40 64.10
C VAL F 73 -16.86 2.98 64.51
N TYR F 74 -15.95 2.30 65.21
CA TYR F 74 -16.15 0.88 65.56
C TYR F 74 -15.56 0.46 66.90
N SER F 75 -16.18 -0.55 67.51
CA SER F 75 -15.71 -1.15 68.74
C SER F 75 -15.30 -2.60 68.49
N GLY F 76 -14.23 -3.04 69.14
CA GLY F 76 -13.77 -4.41 69.00
C GLY F 76 -12.33 -4.47 68.51
N LEU F 77 -12.09 -5.34 67.52
CA LEU F 77 -10.77 -5.49 66.93
C LEU F 77 -10.51 -4.39 65.90
N ILE F 78 -9.69 -3.41 66.27
CA ILE F 78 -9.39 -2.25 65.43
C ILE F 78 -8.90 -2.62 64.01
N PRO F 79 -7.94 -3.56 63.90
CA PRO F 79 -7.53 -3.99 62.56
C PRO F 79 -8.69 -4.44 61.67
N ASP F 80 -9.65 -5.18 62.25
CA ASP F 80 -10.85 -5.60 61.53
C ASP F 80 -11.69 -4.41 61.07
N GLY F 81 -11.77 -3.38 61.92
CA GLY F 81 -12.52 -2.17 61.61
C GLY F 81 -11.85 -1.41 60.48
N ARG F 82 -10.52 -1.37 60.52
CA ARG F 82 -9.73 -0.75 59.46
C ARG F 82 -9.92 -1.46 58.13
N HIS F 83 -9.95 -2.80 58.17
CA HIS F 83 -10.18 -3.63 56.99
C HIS F 83 -11.56 -3.39 56.38
N LEU F 84 -12.56 -3.22 57.24
CA LEU F 84 -13.92 -2.98 56.80
C LEU F 84 -14.07 -1.64 56.09
N VAL F 85 -13.32 -0.65 56.57
CA VAL F 85 -13.33 0.69 55.99
C VAL F 85 -12.59 0.74 54.65
N ASN F 86 -11.47 0.02 54.56
CA ASN F 86 -10.76 -0.12 53.28
C ASN F 86 -11.69 -0.67 52.21
N ARG F 87 -12.59 -1.56 52.62
CA ARG F 87 -13.61 -2.11 51.73
C ARG F 87 -14.65 -1.05 51.39
N GLY F 88 -15.14 -0.33 52.40
CA GLY F 88 -16.11 0.74 52.21
C GLY F 88 -15.59 1.85 51.32
N ARG F 89 -14.31 2.17 51.48
CA ARG F 89 -13.65 3.20 50.68
C ARG F 89 -13.52 2.81 49.20
N GLU F 90 -13.28 1.52 48.97
CA GLU F 90 -13.22 0.98 47.61
C GLU F 90 -14.61 0.92 47.03
N GLU F 91 -15.57 0.54 47.87
CA GLU F 91 -16.96 0.36 47.49
C GLU F 91 -17.62 1.68 47.08
N ALA F 92 -17.35 2.74 47.83
CA ALA F 92 -17.90 4.07 47.54
C ALA F 92 -17.29 4.66 46.27
N ALA F 93 -15.98 4.49 46.11
CA ALA F 93 -15.26 4.99 44.93
C ALA F 93 -15.79 4.35 43.66
N SER F 94 -16.06 3.05 43.74
CA SER F 94 -16.65 2.28 42.65
C SER F 94 -18.03 2.80 42.26
N PHE F 95 -18.85 3.09 43.27
CA PHE F 95 -20.20 3.64 43.08
C PHE F 95 -20.15 5.02 42.42
N LYS F 96 -19.29 5.89 42.94
CA LYS F 96 -19.11 7.24 42.38
C LYS F 96 -18.60 7.19 40.93
N LYS F 97 -17.76 6.21 40.63
CA LYS F 97 -17.19 6.04 39.30
C LYS F 97 -18.25 5.78 38.24
N LEU F 98 -19.28 5.03 38.60
CA LEU F 98 -20.29 4.56 37.65
C LEU F 98 -21.52 5.46 37.59
N TYR F 99 -21.93 6.00 38.73
CA TYR F 99 -23.17 6.78 38.83
C TYR F 99 -22.95 8.27 39.09
N LYS F 100 -21.69 8.70 39.12
CA LYS F 100 -21.30 10.11 39.28
C LYS F 100 -21.58 10.67 40.68
N THR F 101 -22.79 10.43 41.18
CA THR F 101 -23.21 10.89 42.50
C THR F 101 -22.52 10.12 43.63
N PRO F 102 -22.15 10.83 44.72
CA PRO F 102 -21.58 10.12 45.88
C PRO F 102 -22.61 9.19 46.52
N ILE F 103 -22.14 8.05 47.02
CA ILE F 103 -22.99 6.97 47.52
C ILE F 103 -23.96 7.39 48.63
N PRO F 104 -25.27 7.09 48.46
CA PRO F 104 -26.23 7.29 49.54
C PRO F 104 -25.94 6.38 50.73
N ILE F 105 -26.24 6.86 51.93
CA ILE F 105 -25.90 6.14 53.16
C ILE F 105 -26.58 4.77 53.27
N PRO F 106 -27.90 4.67 52.94
CA PRO F 106 -28.55 3.36 52.87
C PRO F 106 -27.89 2.41 51.87
N ALA F 107 -27.44 2.94 50.74
CA ALA F 107 -26.75 2.17 49.72
C ALA F 107 -25.42 1.64 50.25
N PHE F 108 -24.68 2.51 50.94
CA PHE F 108 -23.38 2.19 51.51
C PHE F 108 -23.48 1.18 52.66
N ALA F 109 -24.57 1.28 53.42
CA ALA F 109 -24.81 0.39 54.55
C ALA F 109 -24.95 -1.06 54.10
N ASP F 110 -25.68 -1.28 53.00
CA ASP F 110 -25.88 -2.62 52.47
C ASP F 110 -24.59 -3.19 51.89
N ARG F 111 -23.73 -2.30 51.37
CA ARG F 111 -22.44 -2.70 50.82
C ARG F 111 -21.55 -3.29 51.92
N LEU F 112 -21.60 -2.70 53.11
CA LEU F 112 -20.91 -3.26 54.27
C LEU F 112 -21.62 -4.52 54.74
N GLY F 113 -22.95 -4.48 54.74
CA GLY F 113 -23.79 -5.59 55.18
C GLY F 113 -23.56 -6.88 54.42
N GLN F 114 -23.53 -6.80 53.08
CA GLN F 114 -23.32 -7.97 52.23
C GLN F 114 -21.90 -8.52 52.41
N TYR F 115 -20.96 -7.63 52.71
CA TYR F 115 -19.55 -7.99 52.84
C TYR F 115 -19.29 -8.70 54.17
N VAL F 116 -19.90 -8.20 55.24
CA VAL F 116 -19.79 -8.80 56.56
C VAL F 116 -20.57 -10.12 56.65
N GLN F 117 -21.73 -10.16 55.99
CA GLN F 117 -22.54 -11.37 55.87
C GLN F 117 -21.77 -12.47 55.15
N ALA F 118 -21.01 -12.07 54.13
CA ALA F 118 -20.19 -12.99 53.35
C ALA F 118 -19.20 -13.75 54.22
N HIS F 119 -18.75 -13.11 55.30
CA HIS F 119 -17.77 -13.71 56.20
C HIS F 119 -18.41 -14.60 57.28
N THR F 120 -19.66 -15.00 57.03
CA THR F 120 -20.35 -15.98 57.87
C THR F 120 -20.83 -17.17 57.03
N LEU F 121 -20.40 -17.21 55.77
CA LEU F 121 -20.87 -18.22 54.81
C LEU F 121 -19.87 -19.35 54.56
N TYR F 122 -18.63 -19.15 54.96
CA TYR F 122 -17.54 -20.08 54.64
C TYR F 122 -16.72 -20.41 55.87
N ASN F 123 -16.25 -21.67 55.95
CA ASN F 123 -15.39 -22.08 57.08
C ASN F 123 -13.95 -21.60 56.96
N SER F 124 -13.60 -21.07 55.78
CA SER F 124 -12.24 -20.62 55.50
C SER F 124 -12.02 -19.15 55.82
N VAL F 125 -13.06 -18.50 56.32
CA VAL F 125 -12.94 -17.10 56.77
C VAL F 125 -13.43 -16.92 58.20
N ARG F 126 -12.84 -15.95 58.88
CA ARG F 126 -13.23 -15.58 60.24
C ARG F 126 -14.26 -14.44 60.18
N PRO F 127 -15.31 -14.53 61.02
CA PRO F 127 -16.25 -13.41 61.12
C PRO F 127 -15.57 -12.13 61.63
N PHE F 128 -16.15 -10.99 61.31
CA PHE F 128 -15.61 -9.69 61.74
C PHE F 128 -15.81 -9.46 63.24
N GLY F 129 -14.74 -9.06 63.92
CA GLY F 129 -14.78 -8.82 65.35
C GLY F 129 -15.01 -7.35 65.67
N VAL F 130 -15.98 -6.76 64.99
CA VAL F 130 -16.34 -5.35 65.19
C VAL F 130 -17.84 -5.09 65.04
N SER F 131 -18.34 -4.15 65.83
CA SER F 131 -19.61 -3.48 65.53
C SER F 131 -19.25 -2.10 65.01
N THR F 132 -19.92 -1.69 63.93
CA THR F 132 -19.59 -0.41 63.28
C THR F 132 -20.77 0.55 63.31
N ILE F 133 -20.56 1.72 63.91
CA ILE F 133 -21.51 2.82 63.81
C ILE F 133 -21.04 3.78 62.73
N PHE F 134 -21.94 4.12 61.81
CA PHE F 134 -21.59 4.95 60.67
C PHE F 134 -22.81 5.64 60.06
N GLY F 135 -22.57 6.75 59.36
CA GLY F 135 -23.63 7.52 58.74
C GLY F 135 -23.14 8.78 58.06
N GLY F 136 -24.08 9.63 57.65
CA GLY F 136 -23.76 10.87 56.95
C GLY F 136 -24.98 11.54 56.37
N VAL F 137 -24.75 12.47 55.45
CA VAL F 137 -25.81 13.25 54.83
C VAL F 137 -25.82 12.99 53.33
N ASP F 138 -27.00 12.68 52.79
CA ASP F 138 -27.14 12.48 51.35
C ASP F 138 -28.28 13.30 50.75
N LYS F 139 -28.76 12.84 49.60
CA LYS F 139 -29.80 13.52 48.80
C LYS F 139 -31.10 13.75 49.58
N ASN F 140 -31.36 12.91 50.58
CA ASN F 140 -32.57 13.06 51.40
C ASN F 140 -32.35 12.92 52.92
N GLY F 141 -31.41 13.72 53.44
CA GLY F 141 -31.25 13.87 54.89
C GLY F 141 -30.15 13.07 55.54
N ALA F 142 -30.14 13.07 56.87
CA ALA F 142 -29.16 12.34 57.66
C ALA F 142 -29.57 10.89 57.87
N HIS F 143 -28.56 10.01 58.00
CA HIS F 143 -28.79 8.60 58.26
C HIS F 143 -27.76 8.09 59.25
N LEU F 144 -28.20 7.25 60.18
CA LEU F 144 -27.32 6.60 61.16
C LEU F 144 -27.52 5.09 61.19
N TYR F 145 -26.42 4.35 61.11
CA TYR F 145 -26.46 2.89 61.05
C TYR F 145 -25.53 2.22 62.05
N MET F 146 -25.91 1.02 62.49
CA MET F 146 -25.02 0.16 63.26
C MET F 146 -24.94 -1.25 62.67
N LEU F 147 -23.72 -1.71 62.42
CA LEU F 147 -23.49 -3.00 61.78
C LEU F 147 -22.87 -4.02 62.73
N GLU F 148 -23.55 -5.14 62.91
CA GLU F 148 -23.10 -6.22 63.79
C GLU F 148 -22.27 -7.26 63.02
N PRO F 149 -21.45 -8.06 63.74
CA PRO F 149 -20.61 -9.11 63.13
C PRO F 149 -21.37 -10.12 62.28
N SER F 150 -22.67 -10.28 62.53
CA SER F 150 -23.51 -11.18 61.74
C SER F 150 -23.82 -10.62 60.36
N GLY F 151 -23.72 -9.29 60.23
CA GLY F 151 -24.08 -8.59 59.01
C GLY F 151 -25.38 -7.84 59.17
N SER F 152 -26.04 -8.05 60.30
CA SER F 152 -27.25 -7.31 60.64
C SER F 152 -26.94 -5.82 60.83
N TYR F 153 -27.79 -4.99 60.25
CA TYR F 153 -27.72 -3.54 60.41
C TYR F 153 -29.12 -2.94 60.36
N TRP F 154 -29.31 -1.84 61.09
CA TRP F 154 -30.56 -1.11 61.04
C TRP F 154 -30.27 0.39 61.10
N GLY F 155 -31.28 1.19 60.76
CA GLY F 155 -31.20 2.65 60.96
C GLY F 155 -31.48 2.96 62.42
N TYR F 156 -30.77 3.95 62.95
CA TYR F 156 -30.88 4.32 64.36
C TYR F 156 -31.12 5.81 64.57
N LYS F 157 -31.80 6.14 65.65
CA LYS F 157 -31.85 7.51 66.17
C LYS F 157 -30.58 7.75 66.98
N GLY F 158 -30.17 6.72 67.70
CA GLY F 158 -28.94 6.71 68.48
C GLY F 158 -28.39 5.30 68.57
N ALA F 159 -27.08 5.16 68.42
CA ALA F 159 -26.44 3.85 68.45
C ALA F 159 -25.29 3.81 69.45
N ALA F 160 -25.07 2.65 70.04
CA ALA F 160 -24.01 2.43 71.02
C ALA F 160 -23.50 0.99 70.98
N THR F 161 -22.19 0.84 71.12
CA THR F 161 -21.58 -0.48 71.19
C THR F 161 -20.28 -0.46 72.01
N GLY F 162 -19.82 -1.65 72.41
CA GLY F 162 -18.60 -1.80 73.18
C GLY F 162 -18.84 -1.99 74.67
N LYS F 163 -17.83 -1.63 75.45
CA LYS F 163 -17.84 -1.83 76.91
C LYS F 163 -19.04 -1.17 77.57
N GLY F 164 -19.19 0.13 77.36
CA GLY F 164 -20.23 0.92 78.03
C GLY F 164 -21.50 1.12 77.25
N ARG F 165 -21.90 0.10 76.48
CA ARG F 165 -23.11 0.17 75.66
C ARG F 165 -24.39 0.32 76.50
N GLN F 166 -24.38 -0.26 77.70
CA GLN F 166 -25.52 -0.20 78.63
C GLN F 166 -25.81 1.22 79.10
N SER F 167 -24.78 1.89 79.62
CA SER F 167 -24.89 3.28 80.10
C SER F 167 -25.29 4.21 78.97
N ALA F 168 -24.70 3.99 77.80
CA ALA F 168 -24.93 4.81 76.63
C ALA F 168 -26.38 4.76 76.16
N LYS F 169 -26.87 3.55 75.88
CA LYS F 169 -28.27 3.35 75.45
C LYS F 169 -29.28 3.92 76.43
N ALA F 170 -29.04 3.71 77.73
CA ALA F 170 -29.91 4.24 78.78
C ALA F 170 -29.98 5.76 78.72
N GLU F 171 -28.88 6.39 78.31
CA GLU F 171 -28.80 7.84 78.19
C GLU F 171 -29.31 8.33 76.84
N LEU F 172 -29.16 7.51 75.81
CA LEU F 172 -29.66 7.81 74.47
C LEU F 172 -31.18 7.79 74.40
N GLU F 173 -31.80 6.84 75.09
CA GLU F 173 -33.26 6.72 75.11
C GLU F 173 -33.94 7.87 75.85
N LYS F 174 -33.21 8.48 76.78
CA LYS F 174 -33.69 9.67 77.49
C LYS F 174 -33.70 10.90 76.58
N LEU F 175 -32.73 10.97 75.66
CA LEU F 175 -32.65 12.05 74.68
C LEU F 175 -33.77 12.03 73.64
N VAL F 176 -34.14 10.82 73.21
CA VAL F 176 -35.23 10.62 72.23
C VAL F 176 -36.57 11.11 72.79
N ASP F 177 -36.77 10.93 74.10
CA ASP F 177 -37.99 11.34 74.78
C ASP F 177 -37.98 12.80 75.21
N HIS F 178 -36.80 13.31 75.60
CA HIS F 178 -36.67 14.71 76.01
C HIS F 178 -36.59 15.68 74.82
N HIS F 179 -36.17 15.18 73.67
CA HIS F 179 -36.08 16.00 72.46
C HIS F 179 -36.83 15.32 71.30
N PRO F 180 -38.18 15.42 71.31
CA PRO F 180 -39.01 14.72 70.31
C PRO F 180 -38.99 15.38 68.93
N GLU F 181 -38.73 16.69 68.90
CA GLU F 181 -38.72 17.47 67.66
C GLU F 181 -37.31 17.66 67.09
N GLY F 182 -36.43 16.69 67.35
CA GLY F 182 -35.06 16.73 66.88
C GLY F 182 -34.12 17.52 67.77
N LEU F 183 -32.82 17.22 67.65
CA LEU F 183 -31.77 17.90 68.39
C LEU F 183 -30.85 18.59 67.39
N SER F 184 -30.30 19.74 67.75
CA SER F 184 -29.43 20.48 66.84
C SER F 184 -28.04 19.86 66.75
N ALA F 185 -27.30 20.22 65.70
CA ALA F 185 -25.95 19.72 65.48
C ALA F 185 -24.98 20.12 66.60
N ARG F 186 -25.03 21.38 67.00
CA ARG F 186 -24.24 21.87 68.15
C ARG F 186 -24.56 21.10 69.42
N GLU F 187 -25.85 21.00 69.74
CA GLU F 187 -26.33 20.30 70.94
C GLU F 187 -25.85 18.85 71.00
N ALA F 188 -26.03 18.13 69.89
CA ALA F 188 -25.68 16.72 69.79
C ALA F 188 -24.20 16.44 70.08
N VAL F 189 -23.32 17.33 69.61
CA VAL F 189 -21.89 17.24 69.86
C VAL F 189 -21.58 17.31 71.36
N LYS F 190 -22.11 18.35 72.02
CA LYS F 190 -21.97 18.53 73.46
C LYS F 190 -22.52 17.33 74.23
N GLN F 191 -23.70 16.89 73.81
CA GLN F 191 -24.37 15.75 74.44
C GLN F 191 -23.63 14.44 74.22
N ALA F 192 -22.93 14.32 73.10
CA ALA F 192 -22.11 13.15 72.80
C ALA F 192 -20.91 13.02 73.75
N ALA F 193 -20.37 14.15 74.18
CA ALA F 193 -19.28 14.19 75.14
C ALA F 193 -19.71 13.64 76.51
N LYS F 194 -20.92 13.98 76.92
CA LYS F 194 -21.46 13.52 78.20
C LYS F 194 -21.61 12.00 78.23
N ILE F 195 -22.18 11.44 77.17
CA ILE F 195 -22.44 10.00 77.09
C ILE F 195 -21.15 9.18 77.21
N ILE F 196 -20.10 9.65 76.55
CA ILE F 196 -18.79 8.98 76.57
C ILE F 196 -18.17 8.98 77.97
N TYR F 197 -18.28 10.10 78.68
CA TYR F 197 -17.80 10.21 80.06
C TYR F 197 -18.58 9.30 81.02
N LEU F 198 -19.90 9.22 80.81
CA LEU F 198 -20.79 8.39 81.62
C LEU F 198 -20.60 6.89 81.37
N ALA F 199 -20.20 6.54 80.15
CA ALA F 199 -19.90 5.16 79.80
C ALA F 199 -18.50 4.75 80.23
N HIS F 200 -17.68 5.74 80.62
CA HIS F 200 -16.31 5.49 81.06
C HIS F 200 -16.24 4.96 82.50
N GLU F 201 -17.37 5.03 83.21
CA GLU F 201 -17.49 4.42 84.55
C GLU F 201 -17.27 2.91 84.50
N ASP F 202 -17.61 2.30 83.36
CA ASP F 202 -17.39 0.87 83.10
C ASP F 202 -15.90 0.51 83.01
N ASN F 203 -15.08 1.49 82.66
CA ASN F 203 -13.64 1.31 82.51
C ASN F 203 -12.84 2.31 83.36
N LYS F 204 -13.38 2.62 84.53
CA LYS F 204 -12.95 3.78 85.35
C LYS F 204 -11.54 3.70 85.97
N GLU F 205 -10.83 2.59 85.77
CA GLU F 205 -9.50 2.41 86.35
C GLU F 205 -8.40 3.14 85.55
N LYS F 206 -8.68 3.43 84.27
CA LYS F 206 -7.71 4.06 83.38
C LYS F 206 -8.15 5.46 82.93
N ASP F 207 -7.18 6.30 82.61
CA ASP F 207 -7.44 7.63 82.04
C ASP F 207 -7.81 7.48 80.57
N PHE F 208 -8.56 8.43 80.03
CA PHE F 208 -9.02 8.34 78.64
C PHE F 208 -8.95 9.66 77.86
N GLU F 209 -9.10 9.56 76.55
CA GLU F 209 -9.06 10.71 75.65
C GLU F 209 -10.31 10.74 74.76
N LEU F 210 -10.89 11.93 74.60
CA LEU F 210 -12.13 12.08 73.85
C LEU F 210 -11.88 12.44 72.39
N GLU F 211 -12.57 11.74 71.50
CA GLU F 211 -12.51 12.02 70.07
C GLU F 211 -13.93 12.08 69.49
N ILE F 212 -14.24 13.20 68.83
CA ILE F 212 -15.57 13.45 68.28
C ILE F 212 -15.48 13.91 66.83
N SER F 213 -16.48 13.54 66.03
CA SER F 213 -16.63 14.04 64.67
C SER F 213 -18.11 14.25 64.35
N TRP F 214 -18.38 15.07 63.34
CA TRP F 214 -19.76 15.36 62.93
C TRP F 214 -19.91 15.59 61.43
N CYS F 215 -21.13 15.38 60.94
CA CYS F 215 -21.50 15.61 59.56
C CYS F 215 -22.86 16.27 59.61
N SER F 216 -22.95 17.50 59.11
CA SER F 216 -24.16 18.30 59.22
C SER F 216 -24.38 19.17 57.99
N LEU F 217 -25.63 19.27 57.56
CA LEU F 217 -26.01 20.04 56.38
C LEU F 217 -25.73 21.53 56.53
N SER F 218 -25.90 22.06 57.74
CA SER F 218 -25.78 23.51 57.98
C SER F 218 -24.47 23.92 58.64
N GLU F 219 -23.90 23.03 59.45
CA GLU F 219 -22.68 23.35 60.20
C GLU F 219 -21.40 22.91 59.49
N THR F 220 -21.48 21.90 58.62
CA THR F 220 -20.30 21.38 57.93
C THR F 220 -20.48 21.22 56.41
N ASN F 221 -21.59 21.76 55.87
CA ASN F 221 -21.94 21.63 54.45
C ASN F 221 -22.15 20.18 53.97
N GLY F 222 -22.55 19.30 54.89
CA GLY F 222 -22.85 17.91 54.56
C GLY F 222 -21.61 17.04 54.34
N LEU F 223 -20.47 17.52 54.82
CA LEU F 223 -19.22 16.79 54.73
C LEU F 223 -18.77 16.35 56.11
N HIS F 224 -18.05 15.22 56.16
CA HIS F 224 -17.49 14.73 57.41
C HIS F 224 -16.33 15.61 57.88
N LYS F 225 -16.37 15.99 59.15
CA LYS F 225 -15.35 16.87 59.74
C LYS F 225 -15.13 16.55 61.21
N PHE F 226 -13.86 16.54 61.62
CA PHE F 226 -13.50 16.28 63.01
C PHE F 226 -13.72 17.52 63.88
N VAL F 227 -13.93 17.29 65.17
CA VAL F 227 -14.13 18.38 66.14
C VAL F 227 -12.79 18.74 66.79
N LYS F 228 -12.40 20.00 66.71
CA LYS F 228 -11.09 20.45 67.15
C LYS F 228 -11.13 21.69 68.05
N GLY F 229 -10.04 21.90 68.80
CA GLY F 229 -9.81 23.13 69.56
C GLY F 229 -10.94 23.63 70.42
N ASP F 230 -11.45 24.81 70.07
CA ASP F 230 -12.46 25.52 70.87
C ASP F 230 -13.81 24.82 70.97
N LEU F 231 -14.22 24.13 69.92
CA LEU F 231 -15.48 23.39 69.92
C LEU F 231 -15.37 22.12 70.77
N LEU F 232 -14.22 21.46 70.70
CA LEU F 232 -13.96 20.24 71.46
C LEU F 232 -13.80 20.54 72.96
N GLN F 233 -13.10 21.63 73.27
CA GLN F 233 -12.94 22.09 74.65
C GLN F 233 -14.29 22.44 75.29
N GLU F 234 -15.17 23.04 74.48
CA GLU F 234 -16.53 23.39 74.88
C GLU F 234 -17.33 22.14 75.25
N ALA F 235 -17.16 21.07 74.47
CA ALA F 235 -17.83 19.80 74.73
C ALA F 235 -17.25 19.07 75.94
N ILE F 236 -15.94 19.15 76.11
CA ILE F 236 -15.24 18.57 77.28
C ILE F 236 -15.67 19.24 78.59
N ASP F 237 -15.76 20.56 78.57
CA ASP F 237 -16.19 21.33 79.74
C ASP F 237 -17.65 21.06 80.10
N PHE F 238 -18.49 20.88 79.09
CA PHE F 238 -19.92 20.58 79.28
C PHE F 238 -20.12 19.22 79.95
N ALA F 239 -19.32 18.23 79.56
CA ALA F 239 -19.37 16.89 80.14
C ALA F 239 -18.89 16.91 81.58
N GLN F 240 -17.87 17.73 81.86
CA GLN F 240 -17.34 17.91 83.21
C GLN F 240 -18.35 18.65 84.09
N LYS F 241 -19.12 19.56 83.49
CA LYS F 241 -20.11 20.35 84.22
C LYS F 241 -21.29 19.50 84.67
N GLU F 242 -21.56 18.42 83.94
CA GLU F 242 -22.63 17.49 84.28
C GLU F 242 -22.06 16.13 84.70
N ILE F 243 -21.38 16.14 85.85
CA ILE F 243 -20.75 14.95 86.41
C ILE F 243 -20.68 15.07 87.94
N ASN F 244 -20.89 16.30 88.43
CA ASN F 244 -20.75 16.61 89.85
C ASN F 244 -22.10 16.79 90.55
N ALA G 1 -19.18 -40.56 62.26
CA ALA G 1 -19.53 -40.71 63.70
C ALA G 1 -19.56 -39.36 64.45
N GLY G 2 -19.81 -38.28 63.71
CA GLY G 2 -19.90 -36.94 64.29
C GLY G 2 -20.00 -35.80 63.28
N TYR G 3 -19.07 -35.76 62.32
CA TYR G 3 -18.95 -34.63 61.39
C TYR G 3 -20.01 -34.57 60.29
N ASP G 4 -20.84 -35.60 60.20
CA ASP G 4 -21.94 -35.62 59.20
C ASP G 4 -23.09 -34.68 59.58
N ARG G 5 -22.92 -33.94 60.67
CA ARG G 5 -23.90 -32.95 61.11
C ARG G 5 -23.39 -31.52 60.95
N HIS G 6 -22.15 -31.38 60.48
CA HIS G 6 -21.50 -30.07 60.37
C HIS G 6 -21.48 -29.54 58.93
N ILE G 7 -21.39 -30.45 57.97
CA ILE G 7 -21.44 -30.08 56.55
C ILE G 7 -22.57 -30.82 55.85
N THR G 8 -22.88 -30.43 54.61
CA THR G 8 -24.04 -30.97 53.90
C THR G 8 -23.78 -32.33 53.23
N ILE G 9 -23.60 -33.36 54.04
CA ILE G 9 -23.53 -34.75 53.59
C ILE G 9 -24.55 -35.62 54.33
N PHE G 10 -24.93 -36.73 53.73
CA PHE G 10 -25.97 -37.61 54.27
C PHE G 10 -25.58 -38.22 55.61
N SER G 11 -26.57 -38.35 56.49
CA SER G 11 -26.45 -39.16 57.70
C SER G 11 -26.88 -40.58 57.36
N PRO G 12 -26.53 -41.57 58.22
CA PRO G 12 -26.98 -42.95 58.01
C PRO G 12 -28.48 -43.07 57.67
N GLU G 13 -29.29 -42.17 58.22
CA GLU G 13 -30.74 -42.17 58.01
C GLU G 13 -31.15 -41.58 56.65
N GLY G 14 -30.22 -40.84 56.03
CA GLY G 14 -30.47 -40.20 54.73
C GLY G 14 -30.83 -38.74 54.88
N ARG G 15 -30.51 -38.18 56.04
CA ARG G 15 -30.89 -36.81 56.38
C ARG G 15 -29.73 -35.82 56.28
N LEU G 16 -30.04 -34.58 55.89
CA LEU G 16 -29.05 -33.51 55.87
C LEU G 16 -29.30 -32.55 57.02
N TYR G 17 -28.61 -32.80 58.13
CA TYR G 17 -28.86 -32.05 59.37
C TYR G 17 -28.66 -30.54 59.26
N GLN G 18 -27.72 -30.13 58.42
CA GLN G 18 -27.47 -28.71 58.19
C GLN G 18 -28.65 -28.01 57.53
N VAL G 19 -29.38 -28.74 56.69
CA VAL G 19 -30.62 -28.23 56.10
C VAL G 19 -31.71 -28.13 57.16
N GLU G 20 -31.84 -29.17 57.98
CA GLU G 20 -32.80 -29.20 59.07
C GLU G 20 -32.55 -28.07 60.07
N TYR G 21 -31.28 -27.80 60.36
CA TYR G 21 -30.91 -26.76 61.32
C TYR G 21 -31.05 -25.35 60.74
N ALA G 22 -31.10 -25.26 59.42
CA ALA G 22 -31.33 -24.00 58.73
C ALA G 22 -32.80 -23.61 58.82
N PHE G 23 -33.70 -24.60 58.75
CA PHE G 23 -35.13 -24.38 58.95
C PHE G 23 -35.42 -23.78 60.32
N LYS G 24 -34.66 -24.23 61.32
CA LYS G 24 -34.77 -23.73 62.68
C LYS G 24 -34.42 -22.24 62.74
N ALA G 25 -33.42 -21.84 61.96
CA ALA G 25 -32.97 -20.45 61.90
C ALA G 25 -34.03 -19.48 61.36
N THR G 26 -34.93 -19.98 60.51
CA THR G 26 -35.98 -19.17 59.89
C THR G 26 -36.98 -18.60 60.90
N ASN G 27 -37.09 -19.24 62.07
CA ASN G 27 -38.02 -18.81 63.11
C ASN G 27 -37.37 -17.96 64.20
N GLN G 28 -36.09 -17.66 64.03
CA GLN G 28 -35.31 -16.90 65.03
C GLN G 28 -35.90 -15.54 65.36
N THR G 29 -36.49 -14.88 64.37
CA THR G 29 -36.97 -13.52 64.52
C THR G 29 -38.41 -13.39 65.06
N ASN G 30 -39.05 -14.52 65.29
CA ASN G 30 -40.42 -14.59 65.87
C ASN G 30 -41.44 -13.68 65.18
N ILE G 31 -41.44 -13.74 63.85
CA ILE G 31 -42.33 -12.91 63.02
C ILE G 31 -43.16 -13.81 62.13
N ASN G 32 -44.48 -13.57 62.12
CA ASN G 32 -45.39 -14.31 61.26
C ASN G 32 -45.83 -13.51 60.03
N SER G 33 -45.87 -14.18 58.89
CA SER G 33 -46.31 -13.55 57.64
C SER G 33 -47.34 -14.44 56.93
N LEU G 34 -48.22 -13.79 56.16
CA LEU G 34 -49.20 -14.50 55.34
C LEU G 34 -49.38 -13.84 53.97
N ALA G 35 -49.73 -14.67 52.98
CA ALA G 35 -49.98 -14.18 51.62
C ALA G 35 -51.27 -14.76 51.06
N VAL G 36 -52.08 -13.90 50.45
CA VAL G 36 -53.34 -14.30 49.83
C VAL G 36 -53.53 -13.69 48.45
N ARG G 37 -54.31 -14.37 47.60
CA ARG G 37 -54.61 -13.90 46.25
C ARG G 37 -56.02 -13.32 46.16
N GLY G 38 -56.14 -12.19 45.48
CA GLY G 38 -57.44 -11.60 45.16
C GLY G 38 -57.84 -11.94 43.74
N LYS G 39 -58.78 -11.17 43.18
CA LYS G 39 -59.25 -11.38 41.83
C LYS G 39 -58.19 -10.94 40.82
N ASP G 40 -57.54 -9.81 41.10
CA ASP G 40 -56.44 -9.31 40.27
C ASP G 40 -55.37 -8.60 41.10
N CYS G 41 -55.06 -9.18 42.26
CA CYS G 41 -54.01 -8.65 43.12
C CYS G 41 -53.44 -9.74 44.02
N THR G 42 -52.34 -9.43 44.71
CA THR G 42 -51.74 -10.33 45.68
C THR G 42 -51.18 -9.51 46.84
N VAL G 43 -51.53 -9.92 48.06
CA VAL G 43 -51.19 -9.17 49.28
C VAL G 43 -50.32 -9.99 50.23
N VAL G 44 -49.23 -9.39 50.70
CA VAL G 44 -48.41 -9.95 51.77
C VAL G 44 -48.53 -9.11 53.04
N ILE G 45 -48.72 -9.80 54.17
CA ILE G 45 -48.77 -9.19 55.49
C ILE G 45 -47.67 -9.81 56.34
N SER G 46 -46.87 -8.98 56.99
CA SER G 46 -45.83 -9.45 57.90
C SER G 46 -45.84 -8.63 59.19
N GLN G 47 -45.69 -9.31 60.32
CA GLN G 47 -45.64 -8.65 61.63
C GLN G 47 -44.41 -7.76 61.77
N LYS G 48 -44.62 -6.55 62.27
CA LYS G 48 -43.55 -5.59 62.45
C LYS G 48 -43.29 -5.40 63.94
N LYS G 49 -42.15 -5.89 64.40
CA LYS G 49 -41.77 -5.75 65.81
C LYS G 49 -40.51 -4.91 65.96
N VAL G 50 -40.67 -3.75 66.59
CA VAL G 50 -39.56 -2.84 66.85
C VAL G 50 -39.40 -2.71 68.37
N PRO G 51 -38.62 -3.63 68.97
CA PRO G 51 -38.50 -3.69 70.43
C PRO G 51 -37.63 -2.58 71.03
N ASP G 52 -36.70 -2.06 70.23
CA ASP G 52 -35.79 -1.00 70.67
C ASP G 52 -36.29 0.37 70.22
N LYS G 53 -36.40 1.29 71.17
CA LYS G 53 -36.85 2.65 70.88
C LYS G 53 -35.75 3.54 70.30
N LEU G 54 -34.55 2.98 70.12
CA LEU G 54 -33.46 3.68 69.48
C LEU G 54 -33.39 3.41 67.97
N LEU G 55 -34.14 2.42 67.52
CA LEU G 55 -34.21 2.06 66.10
C LEU G 55 -35.01 3.09 65.31
N ASP G 56 -34.76 3.12 64.00
CA ASP G 56 -35.58 3.87 63.07
C ASP G 56 -36.53 2.87 62.40
N PRO G 57 -37.80 2.84 62.85
CA PRO G 57 -38.81 1.87 62.41
C PRO G 57 -38.96 1.72 60.89
N THR G 58 -38.76 2.81 60.15
CA THR G 58 -38.89 2.81 58.69
C THR G 58 -37.89 1.90 57.99
N THR G 59 -36.77 1.62 58.67
CA THR G 59 -35.71 0.77 58.12
C THR G 59 -35.88 -0.71 58.51
N VAL G 60 -36.76 -0.99 59.48
CA VAL G 60 -37.06 -2.35 59.91
C VAL G 60 -38.10 -2.96 58.97
N SER G 61 -37.64 -3.82 58.07
CA SER G 61 -38.49 -4.41 57.05
C SER G 61 -37.99 -5.77 56.57
N TYR G 62 -38.92 -6.70 56.38
CA TYR G 62 -38.60 -8.01 55.79
C TYR G 62 -39.31 -8.21 54.45
N ILE G 63 -39.89 -7.13 53.93
CA ILE G 63 -40.51 -7.13 52.61
C ILE G 63 -39.63 -6.35 51.64
N PHE G 64 -39.29 -6.99 50.51
CA PHE G 64 -38.40 -6.39 49.51
C PHE G 64 -39.05 -6.25 48.15
N CYS G 65 -38.78 -5.13 47.49
CA CYS G 65 -39.20 -4.93 46.11
C CYS G 65 -38.11 -5.44 45.19
N ILE G 66 -38.30 -6.66 44.70
CA ILE G 66 -37.31 -7.34 43.87
C ILE G 66 -37.26 -6.71 42.46
N SER G 67 -38.43 -6.60 41.84
CA SER G 67 -38.55 -5.93 40.55
C SER G 67 -39.86 -5.15 40.51
N ARG G 68 -40.07 -4.40 39.42
CA ARG G 68 -41.27 -3.59 39.23
C ARG G 68 -42.56 -4.38 39.49
N THR G 69 -42.54 -5.68 39.22
CA THR G 69 -43.73 -6.52 39.40
C THR G 69 -43.62 -7.51 40.57
N ILE G 70 -42.41 -7.94 40.90
CA ILE G 70 -42.22 -8.96 41.94
C ILE G 70 -41.81 -8.38 43.30
N GLY G 71 -42.46 -8.88 44.35
CA GLY G 71 -42.10 -8.57 45.73
C GLY G 71 -41.84 -9.83 46.54
N MET G 72 -41.00 -9.69 47.57
CA MET G 72 -40.57 -10.84 48.38
C MET G 72 -40.65 -10.55 49.88
N VAL G 73 -41.26 -11.46 50.63
CA VAL G 73 -41.23 -11.41 52.09
C VAL G 73 -40.34 -12.53 52.62
N VAL G 74 -39.52 -12.21 53.61
CA VAL G 74 -38.56 -13.18 54.18
C VAL G 74 -38.85 -13.49 55.64
N ASN G 75 -38.93 -14.79 55.96
CA ASN G 75 -38.90 -15.25 57.34
C ASN G 75 -37.52 -15.81 57.69
N GLY G 76 -36.75 -15.03 58.46
CA GLY G 76 -35.40 -15.42 58.87
C GLY G 76 -34.54 -14.23 59.26
N PRO G 77 -33.28 -14.48 59.66
CA PRO G 77 -32.39 -13.39 60.05
C PRO G 77 -32.13 -12.43 58.88
N ILE G 78 -31.96 -11.15 59.19
CA ILE G 78 -31.87 -10.11 58.16
C ILE G 78 -30.62 -10.19 57.27
N PRO G 79 -29.44 -10.57 57.82
CA PRO G 79 -28.28 -10.58 56.92
C PRO G 79 -28.44 -11.62 55.80
N ASP G 80 -28.97 -12.79 56.12
CA ASP G 80 -29.30 -13.81 55.11
C ASP G 80 -30.44 -13.37 54.20
N ALA G 81 -31.41 -12.67 54.79
CA ALA G 81 -32.56 -12.15 54.05
C ALA G 81 -32.14 -11.13 53.00
N ARG G 82 -31.22 -10.23 53.37
CA ARG G 82 -30.71 -9.20 52.46
C ARG G 82 -29.79 -9.78 51.39
N ASN G 83 -29.04 -10.82 51.75
CA ASN G 83 -28.27 -11.62 50.81
C ASN G 83 -29.18 -12.15 49.71
N ALA G 84 -30.25 -12.82 50.11
CA ALA G 84 -31.23 -13.40 49.18
C ALA G 84 -31.90 -12.34 48.30
N ALA G 85 -32.16 -11.19 48.90
CA ALA G 85 -32.77 -10.06 48.20
C ALA G 85 -31.88 -9.56 47.06
N LEU G 86 -30.65 -9.19 47.41
CA LEU G 86 -29.69 -8.66 46.43
C LEU G 86 -29.51 -9.61 45.24
N ARG G 87 -29.47 -10.92 45.51
CA ARG G 87 -29.35 -11.91 44.46
C ARG G 87 -30.58 -11.91 43.57
N ALA G 88 -31.76 -11.93 44.19
CA ALA G 88 -33.03 -11.94 43.46
C ALA G 88 -33.16 -10.72 42.54
N LYS G 89 -32.83 -9.56 43.07
CA LYS G 89 -32.81 -8.32 42.29
C LYS G 89 -31.88 -8.43 41.08
N ALA G 90 -30.67 -8.94 41.30
CA ALA G 90 -29.68 -9.13 40.24
C ALA G 90 -30.16 -10.15 39.20
N GLU G 91 -30.73 -11.25 39.68
CA GLU G 91 -31.23 -12.30 38.82
C GLU G 91 -32.42 -11.84 37.98
N ALA G 92 -33.25 -10.97 38.56
CA ALA G 92 -34.42 -10.42 37.88
C ALA G 92 -34.05 -9.46 36.76
N ALA G 93 -33.03 -8.66 36.99
CA ALA G 93 -32.53 -7.71 36.00
C ALA G 93 -31.82 -8.43 34.85
N GLU G 94 -31.00 -9.43 35.20
CA GLU G 94 -30.28 -10.22 34.18
C GLU G 94 -31.24 -10.96 33.27
N PHE G 95 -32.32 -11.48 33.83
CA PHE G 95 -33.36 -12.18 33.05
C PHE G 95 -34.00 -11.24 32.03
N ARG G 96 -34.35 -10.04 32.48
CA ARG G 96 -34.97 -9.03 31.63
C ARG G 96 -34.06 -8.64 30.47
N TYR G 97 -32.76 -8.52 30.76
CA TYR G 97 -31.78 -8.15 29.75
C TYR G 97 -31.57 -9.27 28.72
N LYS G 98 -31.40 -10.49 29.20
CA LYS G 98 -31.12 -11.62 28.33
C LYS G 98 -32.29 -12.06 27.46
N TYR G 99 -33.49 -12.06 28.04
CA TYR G 99 -34.67 -12.64 27.39
C TYR G 99 -35.74 -11.66 26.94
N GLY G 100 -35.57 -10.38 27.27
CA GLY G 100 -36.43 -9.32 26.73
C GLY G 100 -37.79 -9.14 27.37
N TYR G 101 -38.11 -9.97 28.36
CA TYR G 101 -39.35 -9.82 29.11
C TYR G 101 -39.12 -10.01 30.60
N ASP G 102 -40.04 -9.48 31.41
CA ASP G 102 -39.90 -9.49 32.85
C ASP G 102 -39.97 -10.90 33.42
N MET G 103 -39.06 -11.21 34.34
CA MET G 103 -39.02 -12.53 34.97
C MET G 103 -40.32 -12.80 35.72
N PRO G 104 -40.98 -13.93 35.40
CA PRO G 104 -42.16 -14.36 36.14
C PRO G 104 -41.82 -14.77 37.57
N CYS G 105 -42.85 -14.72 38.42
CA CYS G 105 -42.74 -15.07 39.83
C CYS G 105 -42.28 -16.51 40.05
N ASP G 106 -42.96 -17.45 39.39
CA ASP G 106 -42.65 -18.88 39.50
C ASP G 106 -41.26 -19.23 38.97
N VAL G 107 -40.78 -18.44 38.01
CA VAL G 107 -39.47 -18.65 37.41
C VAL G 107 -38.35 -18.15 38.34
N LEU G 108 -38.54 -16.98 38.94
CA LEU G 108 -37.60 -16.46 39.94
C LEU G 108 -37.49 -17.42 41.13
N ALA G 109 -38.63 -17.95 41.57
CA ALA G 109 -38.67 -18.90 42.66
C ALA G 109 -37.84 -20.15 42.34
N LYS G 110 -38.13 -20.76 41.18
CA LYS G 110 -37.39 -21.93 40.71
C LYS G 110 -35.88 -21.66 40.69
N ARG G 111 -35.50 -20.48 40.21
CA ARG G 111 -34.09 -20.06 40.17
C ARG G 111 -33.47 -20.02 41.55
N MET G 112 -34.11 -19.29 42.47
CA MET G 112 -33.61 -19.13 43.84
C MET G 112 -33.60 -20.46 44.60
N ALA G 113 -34.58 -21.31 44.30
CA ALA G 113 -34.65 -22.65 44.88
C ALA G 113 -33.58 -23.59 44.32
N ASN G 114 -33.09 -23.29 43.12
CA ASN G 114 -31.99 -24.05 42.52
C ASN G 114 -30.66 -23.70 43.19
N LEU G 115 -30.48 -22.41 43.44
CA LEU G 115 -29.31 -21.90 44.16
C LEU G 115 -29.28 -22.44 45.59
N SER G 116 -30.45 -22.53 46.21
CA SER G 116 -30.59 -23.11 47.55
C SER G 116 -30.23 -24.59 47.57
N GLN G 117 -30.57 -25.29 46.50
CA GLN G 117 -30.27 -26.71 46.36
C GLN G 117 -28.76 -26.94 46.20
N ILE G 118 -28.06 -26.01 45.55
CA ILE G 118 -26.61 -26.11 45.39
C ILE G 118 -25.91 -26.15 46.76
N TYR G 119 -26.23 -25.19 47.63
CA TYR G 119 -25.64 -25.14 48.98
C TYR G 119 -25.92 -26.41 49.77
N THR G 120 -27.04 -27.05 49.39
CA THR G 120 -27.50 -28.31 49.94
C THR G 120 -26.63 -29.50 49.51
N GLN G 121 -25.93 -29.35 48.39
CA GLN G 121 -25.13 -30.45 47.81
C GLN G 121 -23.63 -30.19 47.96
N ARG G 122 -23.19 -28.97 47.67
CA ARG G 122 -21.79 -28.57 47.83
C ARG G 122 -21.49 -28.20 49.27
N ALA G 123 -20.30 -28.55 49.73
CA ALA G 123 -19.97 -28.49 51.16
C ALA G 123 -19.46 -27.12 51.65
N TYR G 124 -18.84 -26.34 50.78
CA TYR G 124 -18.23 -25.08 51.20
C TYR G 124 -19.24 -23.96 51.39
N MET G 125 -20.42 -24.10 50.79
CA MET G 125 -21.52 -23.16 50.97
C MET G 125 -22.49 -23.67 52.06
N ARG G 126 -22.74 -22.83 53.07
CA ARG G 126 -23.80 -23.11 54.03
C ARG G 126 -25.15 -22.71 53.43
N PRO G 127 -26.23 -23.45 53.79
CA PRO G 127 -27.56 -23.00 53.37
C PRO G 127 -27.88 -21.65 53.99
N LEU G 128 -28.77 -20.90 53.35
CA LEU G 128 -29.28 -19.68 53.95
C LEU G 128 -30.48 -20.03 54.84
N GLY G 129 -30.46 -19.53 56.07
CA GLY G 129 -31.52 -19.84 57.03
C GLY G 129 -32.73 -18.94 56.84
N VAL G 130 -33.32 -18.99 55.65
CA VAL G 130 -34.45 -18.14 55.32
C VAL G 130 -35.49 -18.86 54.47
N ILE G 131 -36.75 -18.45 54.62
CA ILE G 131 -37.82 -18.92 53.74
C ILE G 131 -38.31 -17.72 52.93
N LEU G 132 -38.28 -17.85 51.61
CA LEU G 132 -38.60 -16.75 50.71
C LEU G 132 -39.98 -16.92 50.10
N THR G 133 -40.80 -15.88 50.21
CA THR G 133 -42.15 -15.89 49.63
C THR G 133 -42.25 -14.81 48.56
N PHE G 134 -42.48 -15.24 47.32
CA PHE G 134 -42.54 -14.33 46.18
C PHE G 134 -43.97 -14.08 45.74
N VAL G 135 -44.29 -12.83 45.41
CA VAL G 135 -45.63 -12.45 44.99
C VAL G 135 -45.64 -11.52 43.79
N SER G 136 -46.66 -11.68 42.94
CA SER G 136 -46.88 -10.83 41.77
C SER G 136 -48.22 -11.13 41.14
N VAL G 137 -48.58 -10.33 40.14
CA VAL G 137 -49.67 -10.66 39.24
C VAL G 137 -49.04 -10.92 37.88
N ASP G 138 -48.77 -12.20 37.62
CA ASP G 138 -48.13 -12.64 36.39
C ASP G 138 -49.01 -12.36 35.19
N GLU G 139 -48.39 -11.96 34.08
CA GLU G 139 -49.13 -11.61 32.86
C GLU G 139 -49.71 -12.83 32.13
N GLU G 140 -49.36 -14.02 32.60
CA GLU G 140 -49.93 -15.27 32.07
C GLU G 140 -50.74 -16.03 33.11
N LEU G 141 -50.21 -16.12 34.33
CA LEU G 141 -50.81 -16.96 35.37
C LEU G 141 -51.76 -16.21 36.31
N GLY G 142 -51.73 -14.88 36.23
CA GLY G 142 -52.50 -14.05 37.15
C GLY G 142 -51.81 -13.97 38.50
N PRO G 143 -52.57 -13.60 39.56
CA PRO G 143 -52.03 -13.48 40.91
C PRO G 143 -51.33 -14.75 41.38
N SER G 144 -50.11 -14.60 41.91
CA SER G 144 -49.24 -15.74 42.21
C SER G 144 -48.55 -15.64 43.56
N ILE G 145 -48.40 -16.78 44.23
CA ILE G 145 -47.59 -16.90 45.44
C ILE G 145 -46.72 -18.15 45.35
N TYR G 146 -45.41 -17.96 45.45
CA TYR G 146 -44.43 -19.05 45.37
C TYR G 146 -43.43 -18.95 46.53
N LYS G 147 -43.18 -20.07 47.18
CA LYS G 147 -42.38 -20.10 48.40
C LYS G 147 -41.22 -21.08 48.33
N THR G 148 -40.01 -20.59 48.65
CA THR G 148 -38.80 -21.42 48.64
C THR G 148 -38.20 -21.54 50.04
N ASP G 149 -37.61 -22.70 50.33
CA ASP G 149 -37.04 -22.99 51.64
C ASP G 149 -35.55 -23.35 51.56
N PRO G 150 -34.88 -23.59 52.71
CA PRO G 150 -33.45 -23.95 52.67
C PRO G 150 -33.17 -25.34 52.09
N ALA G 151 -34.22 -26.14 51.90
CA ALA G 151 -34.08 -27.46 51.28
C ALA G 151 -33.98 -27.34 49.76
N GLY G 152 -34.43 -26.21 49.23
CA GLY G 152 -34.45 -25.99 47.78
C GLY G 152 -35.79 -26.35 47.19
N TYR G 153 -36.73 -26.70 48.07
CA TYR G 153 -38.10 -27.02 47.68
C TYR G 153 -38.84 -25.73 47.35
N TYR G 154 -39.68 -25.78 46.31
CA TYR G 154 -40.57 -24.66 45.99
C TYR G 154 -41.89 -25.17 45.39
N VAL G 155 -42.97 -24.45 45.68
CA VAL G 155 -44.30 -24.80 45.17
C VAL G 155 -45.20 -23.55 45.09
N GLY G 156 -46.25 -23.62 44.26
CA GLY G 156 -47.27 -22.58 44.19
C GLY G 156 -48.34 -22.71 45.26
N TYR G 157 -48.96 -21.59 45.61
CA TYR G 157 -49.95 -21.56 46.67
C TYR G 157 -51.22 -20.81 46.27
N LYS G 158 -52.35 -21.24 46.83
CA LYS G 158 -53.58 -20.45 46.82
C LYS G 158 -53.41 -19.33 47.85
N ALA G 159 -52.81 -19.71 48.98
CA ALA G 159 -52.49 -18.81 50.08
C ALA G 159 -51.45 -19.53 50.94
N THR G 160 -50.66 -18.77 51.71
CA THR G 160 -49.64 -19.37 52.55
C THR G 160 -49.33 -18.53 53.78
N ALA G 161 -48.69 -19.18 54.76
CA ALA G 161 -48.29 -18.53 55.99
C ALA G 161 -46.93 -19.07 56.42
N THR G 162 -46.15 -18.22 57.08
CA THR G 162 -44.79 -18.59 57.48
C THR G 162 -44.44 -17.97 58.83
N GLY G 163 -43.70 -18.72 59.64
CA GLY G 163 -43.27 -18.24 60.96
C GLY G 163 -43.57 -19.22 62.08
N PRO G 164 -43.26 -18.82 63.34
CA PRO G 164 -43.46 -19.70 64.49
C PRO G 164 -44.91 -20.14 64.66
N LYS G 165 -45.84 -19.20 64.47
CA LYS G 165 -47.27 -19.47 64.66
C LYS G 165 -47.96 -19.67 63.31
N GLN G 166 -47.30 -20.40 62.42
CA GLN G 166 -47.75 -20.66 61.04
C GLN G 166 -49.04 -21.48 60.98
N GLN G 167 -49.13 -22.53 61.78
CA GLN G 167 -50.25 -23.48 61.70
C GLN G 167 -51.62 -22.87 62.06
N GLU G 168 -51.64 -21.96 63.02
CA GLU G 168 -52.87 -21.23 63.37
C GLU G 168 -53.44 -20.56 62.12
N ILE G 169 -52.57 -19.84 61.42
CA ILE G 169 -52.92 -19.09 60.22
C ILE G 169 -53.28 -20.02 59.07
N THR G 170 -52.51 -21.10 58.93
CA THR G 170 -52.71 -22.09 57.88
C THR G 170 -54.09 -22.76 57.97
N THR G 171 -54.42 -23.32 59.14
CA THR G 171 -55.72 -23.96 59.35
C THR G 171 -56.88 -22.97 59.19
N ASN G 172 -56.69 -21.75 59.70
CA ASN G 172 -57.67 -20.68 59.57
C ASN G 172 -58.05 -20.42 58.11
N LEU G 173 -57.04 -20.33 57.25
CA LEU G 173 -57.26 -20.14 55.83
C LEU G 173 -57.88 -21.37 55.15
N GLU G 174 -57.33 -22.55 55.47
CA GLU G 174 -57.86 -23.83 54.96
C GLU G 174 -59.37 -23.94 55.16
N ASN G 175 -59.82 -23.56 56.36
CA ASN G 175 -61.24 -23.59 56.70
C ASN G 175 -62.08 -22.62 55.87
N HIS G 176 -61.49 -21.49 55.50
CA HIS G 176 -62.16 -20.49 54.68
C HIS G 176 -62.36 -20.97 53.24
N PHE G 177 -61.36 -21.65 52.68
CA PHE G 177 -61.43 -22.13 51.31
C PHE G 177 -62.27 -23.41 51.13
N LYS G 178 -62.67 -24.02 52.23
CA LYS G 178 -63.66 -25.11 52.22
C LYS G 178 -65.06 -24.51 52.29
N LYS G 179 -65.14 -23.34 52.91
CA LYS G 179 -66.38 -22.61 53.09
C LYS G 179 -66.74 -21.79 51.83
N SER G 180 -65.73 -21.16 51.22
CA SER G 180 -65.93 -20.33 50.04
C SER G 180 -65.86 -21.11 48.71
N LYS G 181 -65.25 -22.29 48.76
CA LYS G 181 -65.13 -23.21 47.61
C LYS G 181 -64.12 -22.76 46.54
N ILE G 182 -64.16 -21.48 46.17
CA ILE G 182 -63.15 -20.90 45.26
C ILE G 182 -61.80 -20.75 45.96
N ASP G 183 -60.73 -20.67 45.17
CA ASP G 183 -59.36 -20.70 45.71
C ASP G 183 -58.65 -19.33 45.72
N HIS G 184 -59.43 -18.27 45.92
CA HIS G 184 -58.90 -16.90 46.03
C HIS G 184 -59.90 -16.03 46.79
N ILE G 185 -59.54 -14.77 47.04
CA ILE G 185 -60.44 -13.83 47.69
C ILE G 185 -61.30 -13.14 46.64
N ASN G 186 -62.60 -13.37 46.70
CA ASN G 186 -63.53 -12.83 45.70
C ASN G 186 -63.83 -11.36 45.93
N GLU G 187 -62.83 -10.52 45.67
CA GLU G 187 -62.95 -9.08 45.87
C GLU G 187 -62.31 -8.33 44.70
N GLU G 188 -62.94 -7.21 44.32
CA GLU G 188 -62.51 -6.42 43.15
C GLU G 188 -61.27 -5.57 43.44
N SER G 189 -61.31 -4.83 44.55
CA SER G 189 -60.23 -3.91 44.91
C SER G 189 -59.26 -4.55 45.89
N TRP G 190 -57.97 -4.20 45.75
CA TRP G 190 -56.92 -4.69 46.63
C TRP G 190 -57.08 -4.18 48.07
N GLU G 191 -57.68 -2.99 48.22
CA GLU G 191 -57.91 -2.40 49.54
C GLU G 191 -58.74 -3.31 50.44
N LYS G 192 -59.79 -3.92 49.88
CA LYS G 192 -60.62 -4.88 50.61
C LYS G 192 -59.94 -6.23 50.77
N VAL G 193 -58.96 -6.52 49.91
CA VAL G 193 -58.17 -7.75 50.02
C VAL G 193 -57.12 -7.64 51.13
N VAL G 194 -56.55 -6.44 51.29
CA VAL G 194 -55.63 -6.15 52.40
C VAL G 194 -56.36 -6.28 53.74
N GLU G 195 -57.60 -5.77 53.79
CA GLU G 195 -58.45 -5.84 54.96
C GLU G 195 -58.74 -7.29 55.37
N PHE G 196 -59.02 -8.14 54.39
CA PHE G 196 -59.25 -9.58 54.60
C PHE G 196 -58.04 -10.23 55.28
N ALA G 197 -56.86 -9.94 54.75
CA ALA G 197 -55.62 -10.53 55.25
C ALA G 197 -55.30 -10.10 56.68
N ILE G 198 -55.58 -8.84 57.00
CA ILE G 198 -55.38 -8.31 58.35
C ILE G 198 -56.40 -8.92 59.31
N THR G 199 -57.66 -8.98 58.89
CA THR G 199 -58.74 -9.60 59.67
C THR G 199 -58.40 -11.04 60.02
N HIS G 200 -57.91 -11.79 59.03
CA HIS G 200 -57.62 -13.21 59.21
C HIS G 200 -56.31 -13.50 59.98
N MET G 201 -55.42 -12.52 60.04
CA MET G 201 -54.24 -12.62 60.89
C MET G 201 -54.60 -12.36 62.36
N ILE G 202 -55.53 -11.43 62.58
CA ILE G 202 -56.03 -11.13 63.92
C ILE G 202 -56.74 -12.34 64.54
N ASP G 203 -57.67 -12.93 63.79
CA ASP G 203 -58.47 -14.07 64.27
C ASP G 203 -57.66 -15.35 64.46
N ALA G 204 -56.55 -15.47 63.74
CA ALA G 204 -55.68 -16.63 63.84
C ALA G 204 -54.65 -16.48 64.97
N LEU G 205 -54.14 -15.27 65.16
CA LEU G 205 -53.14 -15.00 66.21
C LEU G 205 -53.78 -14.49 67.50
N GLY G 206 -55.07 -14.16 67.45
CA GLY G 206 -55.80 -13.67 68.62
C GLY G 206 -55.30 -12.35 69.19
N THR G 207 -54.77 -11.50 68.32
CA THR G 207 -54.14 -10.24 68.74
C THR G 207 -54.52 -9.07 67.83
N GLU G 208 -54.88 -7.95 68.46
CA GLU G 208 -55.17 -6.71 67.75
C GLU G 208 -53.86 -6.08 67.25
N PHE G 209 -53.94 -5.31 66.17
CA PHE G 209 -52.77 -4.64 65.61
C PHE G 209 -52.94 -3.13 65.48
N SER G 210 -51.86 -2.39 65.67
CA SER G 210 -51.82 -0.96 65.39
C SER G 210 -51.10 -0.75 64.05
N LYS G 211 -51.04 0.50 63.59
CA LYS G 211 -50.39 0.82 62.31
C LYS G 211 -48.89 0.48 62.27
N ASN G 212 -48.25 0.43 63.43
CA ASN G 212 -46.81 0.13 63.53
C ASN G 212 -46.50 -1.34 63.79
N ASP G 213 -47.53 -2.14 64.00
CA ASP G 213 -47.38 -3.57 64.26
C ASP G 213 -47.41 -4.38 62.96
N LEU G 214 -47.79 -3.73 61.87
CA LEU G 214 -47.95 -4.40 60.58
C LEU G 214 -47.08 -3.84 59.47
N GLU G 215 -46.84 -4.68 58.48
CA GLU G 215 -46.08 -4.34 57.29
C GLU G 215 -46.87 -4.96 56.14
N VAL G 216 -47.17 -4.16 55.12
CA VAL G 216 -48.02 -4.63 54.02
C VAL G 216 -47.37 -4.36 52.67
N GLY G 217 -47.45 -5.37 51.79
CA GLY G 217 -47.01 -5.24 50.41
C GLY G 217 -48.12 -5.69 49.47
N VAL G 218 -48.38 -4.91 48.44
CA VAL G 218 -49.43 -5.20 47.47
C VAL G 218 -48.88 -5.33 46.06
N ALA G 219 -49.33 -6.35 45.34
CA ALA G 219 -48.97 -6.55 43.95
C ALA G 219 -50.21 -6.43 43.05
N THR G 220 -50.18 -5.49 42.12
CA THR G 220 -51.25 -5.35 41.12
C THR G 220 -50.68 -5.50 39.71
N LYS G 221 -51.55 -5.41 38.71
CA LYS G 221 -51.15 -5.47 37.30
C LYS G 221 -50.00 -4.48 37.04
N ASP G 222 -48.83 -5.03 36.73
CA ASP G 222 -47.62 -4.27 36.36
C ASP G 222 -47.00 -3.43 37.49
N LYS G 223 -47.33 -3.76 38.75
CA LYS G 223 -46.79 -3.00 39.88
C LYS G 223 -46.81 -3.77 41.20
N PHE G 224 -45.71 -3.69 41.95
CA PHE G 224 -45.68 -4.14 43.34
C PHE G 224 -45.23 -3.00 44.24
N PHE G 225 -45.99 -2.74 45.30
CA PHE G 225 -45.70 -1.64 46.22
C PHE G 225 -45.96 -2.02 47.68
N THR G 226 -45.25 -1.37 48.59
CA THR G 226 -45.47 -1.56 50.03
C THR G 226 -46.21 -0.36 50.62
N LEU G 227 -47.17 -0.65 51.50
CA LEU G 227 -48.01 0.40 52.11
C LEU G 227 -47.28 1.13 53.23
N SER G 228 -47.52 2.43 53.31
CA SER G 228 -46.99 3.25 54.39
C SER G 228 -47.78 3.00 55.67
N ALA G 229 -47.25 3.47 56.79
CA ALA G 229 -47.94 3.33 58.08
C ALA G 229 -49.36 3.87 58.01
N GLU G 230 -49.55 4.95 57.26
CA GLU G 230 -50.85 5.62 57.17
C GLU G 230 -51.85 4.90 56.26
N ASN G 231 -51.35 4.27 55.19
CA ASN G 231 -52.19 3.43 54.34
C ASN G 231 -52.78 2.26 55.12
N ILE G 232 -51.96 1.66 55.97
CA ILE G 232 -52.40 0.61 56.90
C ILE G 232 -53.38 1.20 57.92
N GLU G 233 -53.06 2.38 58.44
CA GLU G 233 -53.91 3.06 59.42
C GLU G 233 -55.31 3.34 58.86
N GLU G 234 -55.37 3.73 57.59
CA GLU G 234 -56.64 3.92 56.89
C GLU G 234 -57.38 2.59 56.75
N ARG G 235 -56.63 1.54 56.47
CA ARG G 235 -57.15 0.19 56.30
C ARG G 235 -57.65 -0.40 57.62
N LEU G 236 -57.04 0.02 58.72
CA LEU G 236 -57.41 -0.41 60.07
C LEU G 236 -58.71 0.23 60.56
N VAL G 237 -59.03 1.40 60.02
CA VAL G 237 -60.28 2.10 60.34
C VAL G 237 -61.47 1.34 59.72
N ALA G 238 -61.24 0.78 58.53
CA ALA G 238 -62.27 0.03 57.80
C ALA G 238 -62.73 -1.24 58.53
N ILE G 239 -61.79 -1.98 59.13
CA ILE G 239 -62.13 -3.20 59.88
C ILE G 239 -62.82 -2.90 61.22
N ALA G 240 -62.53 -1.73 61.80
CA ALA G 240 -63.13 -1.32 63.06
C ALA G 240 -64.61 -0.94 62.89
N GLU G 241 -64.96 -0.46 61.70
CA GLU G 241 -66.34 -0.09 61.38
C GLU G 241 -67.19 -1.29 60.94
N GLN G 242 -66.52 -2.31 60.39
CA GLN G 242 -67.18 -3.54 59.96
C GLN G 242 -67.67 -4.38 61.14
N ASP G 243 -66.81 -4.55 62.15
CA ASP G 243 -67.15 -5.27 63.38
C ASP G 243 -68.25 -4.56 64.18
N THR H 1 -30.46 -14.17 -1.81
N THR H 1 -30.50 -14.22 -1.81
CA THR H 1 -31.79 -14.40 -1.32
CA THR H 1 -31.81 -14.44 -1.30
C THR H 1 -32.75 -13.25 -1.54
C THR H 1 -32.75 -13.27 -1.52
N THR H 2 -34.05 -13.55 -1.63
CA THR H 2 -35.12 -12.69 -1.14
C THR H 2 -35.93 -13.31 0.01
N ILE H 3 -36.12 -12.54 1.09
CA ILE H 3 -37.02 -12.94 2.19
C ILE H 3 -37.97 -11.79 2.58
N VAL H 4 -39.23 -12.11 2.85
CA VAL H 4 -40.22 -11.11 3.29
C VAL H 4 -41.03 -11.56 4.51
N GLY H 5 -41.72 -10.60 5.14
CA GLY H 5 -42.60 -10.85 6.27
C GLY H 5 -43.70 -9.82 6.34
N VAL H 6 -44.94 -10.28 6.40
CA VAL H 6 -46.12 -9.40 6.43
C VAL H 6 -47.06 -9.74 7.58
N LYS H 7 -47.44 -8.73 8.35
CA LYS H 7 -48.44 -8.87 9.41
C LYS H 7 -49.85 -8.81 8.83
N PHE H 8 -50.75 -9.61 9.39
CA PHE H 8 -52.17 -9.49 9.09
C PHE H 8 -53.01 -9.43 10.36
N ASN H 9 -54.30 -9.20 10.21
CA ASN H 9 -55.19 -8.91 11.36
C ASN H 9 -55.09 -9.87 12.54
N ASN H 10 -54.90 -11.16 12.27
CA ASN H 10 -54.86 -12.18 13.31
C ASN H 10 -53.57 -13.01 13.35
N GLY H 11 -52.52 -12.51 12.71
CA GLY H 11 -51.24 -13.22 12.70
C GLY H 11 -50.15 -12.59 11.86
N VAL H 12 -49.19 -13.41 11.44
CA VAL H 12 -48.04 -12.95 10.66
C VAL H 12 -47.59 -14.04 9.68
N VAL H 13 -47.16 -13.61 8.50
CA VAL H 13 -46.68 -14.52 7.47
C VAL H 13 -45.28 -14.13 7.02
N ILE H 14 -44.41 -15.12 6.82
CA ILE H 14 -43.09 -14.91 6.25
C ILE H 14 -42.86 -15.82 5.03
N ALA H 15 -42.04 -15.35 4.09
CA ALA H 15 -41.80 -16.08 2.85
C ALA H 15 -40.38 -15.91 2.33
N ALA H 16 -39.95 -16.84 1.49
CA ALA H 16 -38.59 -16.83 0.93
C ALA H 16 -38.56 -17.50 -0.44
N ASP H 17 -37.54 -17.16 -1.21
CA ASP H 17 -37.22 -17.90 -2.43
C ASP H 17 -36.41 -19.14 -2.04
N THR H 18 -36.00 -19.93 -3.02
CA THR H 18 -35.27 -21.17 -2.74
C THR H 18 -33.98 -21.32 -3.54
N ARG H 19 -33.33 -20.19 -3.85
CA ARG H 19 -32.06 -20.21 -4.55
C ARG H 19 -30.87 -20.07 -3.61
N SER H 20 -29.83 -20.85 -3.87
CA SER H 20 -28.58 -20.79 -3.15
C SER H 20 -27.46 -20.67 -4.18
N THR H 21 -26.52 -19.75 -3.96
CA THR H 21 -25.47 -19.50 -4.97
C THR H 21 -24.04 -19.63 -4.43
N GLN H 22 -23.14 -19.99 -5.35
CA GLN H 22 -21.69 -19.95 -5.15
C GLN H 22 -21.12 -19.05 -6.25
N GLY H 23 -20.93 -17.77 -5.94
CA GLY H 23 -20.59 -16.79 -6.95
C GLY H 23 -21.69 -16.67 -7.99
N PRO H 24 -21.34 -16.81 -9.29
CA PRO H 24 -22.36 -16.75 -10.34
C PRO H 24 -23.15 -18.07 -10.48
N ILE H 25 -22.70 -19.11 -9.79
CA ILE H 25 -23.23 -20.46 -9.98
C ILE H 25 -24.29 -20.84 -8.94
N VAL H 26 -25.42 -21.36 -9.40
CA VAL H 26 -26.48 -21.83 -8.52
C VAL H 26 -26.04 -23.11 -7.80
N ALA H 27 -25.89 -23.01 -6.48
CA ALA H 27 -25.48 -24.13 -5.65
C ALA H 27 -26.64 -25.06 -5.31
N ASP H 28 -27.80 -24.48 -5.00
CA ASP H 28 -29.02 -25.26 -4.71
C ASP H 28 -30.25 -24.60 -5.34
N LYS H 29 -31.01 -25.39 -6.08
CA LYS H 29 -32.20 -24.90 -6.78
C LYS H 29 -33.45 -24.94 -5.93
N ASN H 30 -33.36 -25.61 -4.77
CA ASN H 30 -34.51 -25.74 -3.86
C ASN H 30 -34.09 -25.94 -2.39
N CYS H 31 -33.55 -24.90 -1.76
CA CYS H 31 -33.18 -24.97 -0.35
C CYS H 31 -34.17 -24.23 0.56
N ALA H 32 -34.27 -24.67 1.81
CA ALA H 32 -35.22 -24.10 2.76
C ALA H 32 -34.61 -22.98 3.60
N LYS H 33 -35.10 -21.77 3.39
CA LYS H 33 -34.60 -20.60 4.11
C LYS H 33 -35.49 -20.24 5.30
N LEU H 34 -36.59 -20.95 5.44
CA LEU H 34 -37.49 -20.81 6.57
C LEU H 34 -37.09 -21.79 7.68
N HIS H 35 -36.79 -21.25 8.85
CA HIS H 35 -36.28 -22.06 9.96
C HIS H 35 -37.18 -22.01 11.18
N ARG H 36 -37.43 -23.17 11.77
CA ARG H 36 -38.23 -23.28 12.98
C ARG H 36 -37.35 -23.02 14.20
N ILE H 37 -37.65 -21.95 14.93
CA ILE H 37 -37.02 -21.67 16.22
C ILE H 37 -37.75 -22.47 17.29
N SER H 38 -39.07 -22.31 17.32
CA SER H 38 -39.98 -23.10 18.14
C SER H 38 -41.28 -23.32 17.33
N PRO H 39 -42.21 -24.16 17.82
CA PRO H 39 -43.42 -24.48 17.05
C PRO H 39 -44.12 -23.28 16.39
N LYS H 40 -44.16 -22.14 17.07
CA LYS H 40 -44.89 -20.98 16.58
C LYS H 40 -44.03 -19.75 16.34
N ILE H 41 -42.71 -19.95 16.38
CA ILE H 41 -41.76 -18.91 15.99
C ILE H 41 -40.91 -19.44 14.84
N TRP H 42 -41.04 -18.80 13.68
CA TRP H 42 -40.26 -19.17 12.51
C TRP H 42 -39.39 -18.01 12.07
N CYS H 43 -38.37 -18.32 11.26
CA CYS H 43 -37.32 -17.37 10.94
C CYS H 43 -36.83 -17.49 9.50
N ALA H 44 -36.88 -16.38 8.77
CA ALA H 44 -36.37 -16.33 7.41
C ALA H 44 -34.90 -15.92 7.42
N GLY H 45 -34.07 -16.65 6.66
CA GLY H 45 -32.63 -16.43 6.66
C GLY H 45 -32.04 -15.96 5.34
N ALA H 46 -31.24 -14.90 5.41
CA ALA H 46 -30.50 -14.37 4.27
C ALA H 46 -29.06 -14.09 4.68
N GLY H 47 -28.13 -14.19 3.72
CA GLY H 47 -26.71 -13.97 3.99
C GLY H 47 -25.89 -15.25 3.79
N THR H 48 -25.01 -15.54 4.74
CA THR H 48 -24.17 -16.73 4.67
C THR H 48 -24.97 -17.95 5.11
N ALA H 49 -25.13 -18.90 4.20
CA ALA H 49 -26.02 -20.05 4.40
C ALA H 49 -25.75 -20.84 5.68
N ALA H 50 -24.50 -21.20 5.92
CA ALA H 50 -24.11 -21.91 7.12
C ALA H 50 -24.37 -21.07 8.36
N ASP H 51 -24.16 -19.75 8.25
CA ASP H 51 -24.37 -18.84 9.37
C ASP H 51 -25.83 -18.74 9.81
N THR H 52 -26.74 -18.56 8.85
CA THR H 52 -28.17 -18.47 9.15
C THR H 52 -28.70 -19.75 9.76
N GLU H 53 -28.25 -20.89 9.24
CA GLU H 53 -28.65 -22.21 9.73
C GLU H 53 -28.10 -22.51 11.13
N ALA H 54 -26.88 -22.04 11.40
CA ALA H 54 -26.22 -22.30 12.68
C ALA H 54 -26.75 -21.42 13.80
N VAL H 55 -26.89 -20.12 13.52
CA VAL H 55 -27.40 -19.17 14.52
C VAL H 55 -28.87 -19.46 14.85
N THR H 56 -29.58 -20.01 13.87
CA THR H 56 -30.97 -20.43 14.01
C THR H 56 -31.12 -21.62 14.94
N GLN H 57 -30.30 -22.65 14.72
CA GLN H 57 -30.35 -23.88 15.50
C GLN H 57 -29.89 -23.66 16.94
N LEU H 58 -28.87 -22.82 17.12
CA LEU H 58 -28.33 -22.51 18.44
C LEU H 58 -29.38 -21.82 19.31
N ILE H 59 -29.97 -20.75 18.78
CA ILE H 59 -31.00 -20.01 19.50
C ILE H 59 -32.26 -20.84 19.71
N GLY H 60 -32.67 -21.58 18.68
CA GLY H 60 -33.82 -22.49 18.76
C GLY H 60 -33.66 -23.53 19.85
N SER H 61 -32.45 -24.08 19.94
CA SER H 61 -32.07 -25.00 21.01
C SER H 61 -32.20 -24.35 22.39
N ASN H 62 -31.69 -23.13 22.53
CA ASN H 62 -31.74 -22.41 23.80
C ASN H 62 -33.14 -21.92 24.16
N ILE H 63 -33.95 -21.66 23.13
CA ILE H 63 -35.36 -21.31 23.31
C ILE H 63 -36.14 -22.51 23.84
N GLU H 64 -35.81 -23.70 23.34
CA GLU H 64 -36.44 -24.94 23.80
C GLU H 64 -36.12 -25.22 25.27
N LEU H 65 -34.87 -25.00 25.66
CA LEU H 65 -34.44 -25.22 27.04
C LEU H 65 -35.05 -24.20 28.00
N HIS H 66 -35.24 -22.97 27.52
CA HIS H 66 -35.88 -21.91 28.26
C HIS H 66 -37.37 -22.22 28.48
N SER H 67 -38.04 -22.63 27.40
CA SER H 67 -39.45 -22.99 27.40
C SER H 67 -39.77 -24.09 28.43
N LEU H 68 -38.90 -25.10 28.50
CA LEU H 68 -39.04 -26.20 29.46
C LEU H 68 -38.75 -25.73 30.89
N TYR H 69 -37.73 -24.91 31.06
CA TYR H 69 -37.34 -24.37 32.36
C TYR H 69 -38.46 -23.51 32.96
N THR H 70 -39.10 -22.70 32.12
CA THR H 70 -40.10 -21.73 32.55
C THR H 70 -41.53 -22.26 32.48
N SER H 71 -41.71 -23.40 31.82
CA SER H 71 -43.02 -24.01 31.61
C SER H 71 -43.96 -23.07 30.83
N ARG H 72 -43.37 -22.33 29.91
CA ARG H 72 -44.07 -21.29 29.15
C ARG H 72 -43.79 -21.38 27.66
N GLU H 73 -44.77 -20.96 26.86
CA GLU H 73 -44.60 -20.79 25.43
C GLU H 73 -43.55 -19.70 25.17
N PRO H 74 -42.60 -19.96 24.26
CA PRO H 74 -41.54 -19.00 23.94
C PRO H 74 -42.08 -17.72 23.32
N ARG H 75 -41.46 -16.60 23.66
CA ARG H 75 -41.84 -15.30 23.12
C ARG H 75 -40.95 -14.93 21.94
N VAL H 76 -41.50 -14.18 20.99
CA VAL H 76 -40.73 -13.76 19.81
C VAL H 76 -39.61 -12.80 20.21
N VAL H 77 -39.89 -11.94 21.20
CA VAL H 77 -38.88 -11.01 21.73
C VAL H 77 -37.68 -11.71 22.39
N SER H 78 -37.89 -12.93 22.89
CA SER H 78 -36.81 -13.72 23.48
C SER H 78 -35.84 -14.21 22.42
N ALA H 79 -36.39 -14.81 21.36
CA ALA H 79 -35.62 -15.23 20.20
C ALA H 79 -34.91 -14.03 19.57
N LEU H 80 -35.60 -12.90 19.53
CA LEU H 80 -35.05 -11.64 19.01
C LEU H 80 -33.85 -11.13 19.82
N GLN H 81 -34.01 -11.11 21.15
CA GLN H 81 -32.97 -10.59 22.05
C GLN H 81 -31.73 -11.48 22.07
N MET H 82 -31.96 -12.79 21.98
CA MET H 82 -30.87 -13.77 21.99
C MET H 82 -30.07 -13.71 20.70
N LEU H 83 -30.77 -13.68 19.57
CA LEU H 83 -30.14 -13.64 18.25
C LEU H 83 -29.31 -12.39 18.10
N LYS H 84 -29.87 -11.24 18.50
CA LYS H 84 -29.20 -9.97 18.32
C LYS H 84 -27.95 -9.83 19.20
N GLN H 85 -28.02 -10.32 20.43
CA GLN H 85 -26.89 -10.23 21.35
C GLN H 85 -25.73 -11.12 20.91
N HIS H 86 -26.08 -12.25 20.29
CA HIS H 86 -25.11 -13.17 19.69
C HIS H 86 -24.44 -12.58 18.46
N LEU H 87 -25.24 -12.05 17.53
CA LEU H 87 -24.71 -11.49 16.29
C LEU H 87 -23.87 -10.25 16.55
N PHE H 88 -24.35 -9.37 17.44
CA PHE H 88 -23.61 -8.17 17.83
C PHE H 88 -22.21 -8.52 18.34
N LYS H 89 -22.13 -9.56 19.15
CA LYS H 89 -20.87 -9.98 19.76
C LYS H 89 -19.81 -10.26 18.70
N TYR H 90 -20.23 -10.82 17.56
CA TYR H 90 -19.31 -11.19 16.49
C TYR H 90 -19.11 -10.09 15.44
N GLN H 91 -19.56 -8.89 15.76
CA GLN H 91 -19.28 -7.67 14.97
C GLN H 91 -19.58 -7.78 13.47
N GLY H 92 -20.55 -8.63 13.11
CA GLY H 92 -20.94 -8.80 11.72
C GLY H 92 -20.21 -9.90 10.98
N HIS H 93 -19.28 -10.58 11.67
CA HIS H 93 -18.54 -11.70 11.07
C HIS H 93 -19.42 -12.92 10.84
N ILE H 94 -20.44 -13.08 11.66
CA ILE H 94 -21.50 -14.05 11.37
C ILE H 94 -22.54 -13.34 10.50
N GLY H 95 -22.45 -13.57 9.21
CA GLY H 95 -23.22 -12.82 8.23
C GLY H 95 -24.64 -13.31 8.07
N ALA H 96 -25.42 -13.21 9.14
CA ALA H 96 -26.82 -13.63 9.13
C ALA H 96 -27.76 -12.44 9.16
N TYR H 97 -28.62 -12.34 8.14
CA TYR H 97 -29.69 -11.37 8.11
C TYR H 97 -31.00 -12.14 8.25
N LEU H 98 -31.76 -11.83 9.29
CA LEU H 98 -32.94 -12.63 9.63
C LEU H 98 -34.22 -11.82 9.78
N ILE H 99 -35.32 -12.40 9.33
CA ILE H 99 -36.66 -11.91 9.65
C ILE H 99 -37.27 -12.92 10.62
N VAL H 100 -37.52 -12.47 11.85
CA VAL H 100 -38.08 -13.35 12.87
C VAL H 100 -39.54 -12.98 13.17
N ALA H 101 -40.42 -13.96 12.97
CA ALA H 101 -41.85 -13.76 13.17
C ALA H 101 -42.45 -14.87 14.03
N GLY H 102 -43.67 -14.65 14.50
CA GLY H 102 -44.39 -15.68 15.24
C GLY H 102 -45.48 -15.18 16.16
N VAL H 103 -46.25 -16.12 16.69
CA VAL H 103 -47.30 -15.83 17.67
C VAL H 103 -46.91 -16.39 19.03
N ASP H 104 -47.24 -15.66 20.08
CA ASP H 104 -47.01 -16.10 21.46
C ASP H 104 -48.13 -15.57 22.38
N PRO H 105 -48.09 -15.92 23.68
CA PRO H 105 -49.15 -15.47 24.60
C PRO H 105 -49.43 -13.97 24.63
N THR H 106 -48.53 -13.16 24.09
CA THR H 106 -48.70 -11.70 24.06
C THR H 106 -49.06 -11.16 22.67
N GLY H 107 -49.53 -12.03 21.78
CA GLY H 107 -49.92 -11.64 20.43
C GLY H 107 -48.95 -12.03 19.33
N SER H 108 -49.08 -11.41 18.16
CA SER H 108 -48.23 -11.72 17.01
C SER H 108 -47.17 -10.63 16.77
N HIS H 109 -45.98 -11.04 16.36
CA HIS H 109 -44.84 -10.13 16.23
C HIS H 109 -44.10 -10.31 14.92
N LEU H 110 -43.51 -9.22 14.44
CA LEU H 110 -42.67 -9.22 13.24
C LEU H 110 -41.45 -8.34 13.43
N PHE H 111 -40.27 -8.94 13.31
CA PHE H 111 -39.00 -8.24 13.46
C PHE H 111 -38.01 -8.59 12.34
N SER H 112 -36.97 -7.78 12.22
CA SER H 112 -35.83 -8.09 11.37
C SER H 112 -34.54 -7.89 12.16
N ILE H 113 -33.53 -8.70 11.85
CA ILE H 113 -32.21 -8.59 12.48
C ILE H 113 -31.12 -8.53 11.42
N HIS H 114 -30.19 -7.61 11.60
CA HIS H 114 -29.04 -7.49 10.71
C HIS H 114 -27.82 -8.18 11.33
N ALA H 115 -26.85 -8.51 10.48
CA ALA H 115 -25.64 -9.24 10.90
C ALA H 115 -24.83 -8.54 11.98
N HIS H 116 -24.83 -7.21 11.98
CA HIS H 116 -24.10 -6.44 12.99
C HIS H 116 -24.82 -6.39 14.35
N GLY H 117 -26.11 -6.73 14.37
CA GLY H 117 -26.84 -6.88 15.63
C GLY H 117 -28.06 -5.99 15.84
N SER H 118 -28.30 -5.07 14.90
CA SER H 118 -29.43 -4.15 15.01
C SER H 118 -30.74 -4.82 14.63
N THR H 119 -31.82 -4.40 15.29
CA THR H 119 -33.15 -4.95 15.03
C THR H 119 -34.15 -3.86 14.68
N ASP H 120 -35.08 -4.21 13.79
CA ASP H 120 -36.15 -3.30 13.40
C ASP H 120 -37.51 -3.97 13.63
N VAL H 121 -38.55 -3.15 13.73
CA VAL H 121 -39.92 -3.65 13.87
C VAL H 121 -40.82 -2.98 12.83
N GLY H 122 -41.80 -3.71 12.32
CA GLY H 122 -42.69 -3.18 11.30
C GLY H 122 -43.77 -4.16 10.89
N TYR H 123 -44.70 -3.69 10.06
CA TYR H 123 -45.78 -4.52 9.55
C TYR H 123 -45.39 -5.25 8.28
N TYR H 124 -44.35 -4.73 7.61
CA TYR H 124 -43.81 -5.36 6.40
C TYR H 124 -42.30 -5.13 6.31
N LEU H 125 -41.56 -6.21 6.05
CA LEU H 125 -40.09 -6.17 6.01
C LEU H 125 -39.55 -7.09 4.93
N SER H 126 -38.37 -6.75 4.39
CA SER H 126 -37.67 -7.60 3.44
C SER H 126 -36.17 -7.43 3.57
N LEU H 127 -35.43 -8.53 3.36
CA LEU H 127 -33.97 -8.51 3.39
C LEU H 127 -33.40 -9.40 2.27
N GLY H 128 -32.11 -9.23 1.99
CA GLY H 128 -31.44 -10.01 0.95
C GLY H 128 -31.14 -9.17 -0.28
N SER H 129 -30.54 -9.79 -1.29
CA SER H 129 -30.21 -9.09 -2.54
C SER H 129 -31.47 -8.67 -3.30
N GLY H 130 -32.54 -9.47 -3.16
CA GLY H 130 -33.83 -9.16 -3.80
C GLY H 130 -34.73 -8.28 -2.96
N SER H 131 -34.16 -7.72 -1.88
CA SER H 131 -34.86 -6.88 -0.91
C SER H 131 -35.55 -5.66 -1.54
N LEU H 132 -34.85 -5.00 -2.46
CA LEU H 132 -35.37 -3.81 -3.10
C LEU H 132 -36.50 -4.10 -4.08
N ALA H 133 -36.41 -5.20 -4.82
CA ALA H 133 -37.49 -5.63 -5.71
C ALA H 133 -38.76 -5.92 -4.92
N ALA H 134 -38.60 -6.63 -3.80
CA ALA H 134 -39.69 -6.99 -2.91
C ALA H 134 -40.31 -5.76 -2.24
N MET H 135 -39.45 -4.91 -1.65
CA MET H 135 -39.92 -3.70 -0.96
C MET H 135 -40.76 -2.81 -1.86
N ALA H 136 -40.38 -2.73 -3.13
CA ALA H 136 -41.12 -1.97 -4.13
C ALA H 136 -42.56 -2.48 -4.27
N VAL H 137 -42.74 -3.80 -4.26
CA VAL H 137 -44.06 -4.41 -4.31
C VAL H 137 -44.82 -4.13 -3.00
N LEU H 138 -44.12 -4.29 -1.88
CA LEU H 138 -44.70 -4.06 -0.56
C LEU H 138 -45.13 -2.61 -0.35
N GLU H 139 -44.32 -1.67 -0.79
CA GLU H 139 -44.63 -0.24 -0.64
C GLU H 139 -45.78 0.22 -1.54
N SER H 140 -46.12 -0.62 -2.53
CA SER H 140 -47.15 -0.30 -3.51
C SER H 140 -48.51 -0.91 -3.17
N HIS H 141 -48.52 -2.09 -2.56
CA HIS H 141 -49.75 -2.84 -2.37
C HIS H 141 -50.17 -3.06 -0.91
N TRP H 142 -49.29 -2.77 0.03
CA TRP H 142 -49.61 -2.94 1.45
C TRP H 142 -50.65 -1.93 1.91
N LYS H 143 -51.62 -2.41 2.68
CA LYS H 143 -52.59 -1.57 3.36
C LYS H 143 -52.72 -2.04 4.81
N GLN H 144 -53.36 -1.24 5.64
CA GLN H 144 -53.62 -1.64 7.01
C GLN H 144 -54.87 -2.51 7.08
N ASP H 145 -54.92 -3.39 8.09
CA ASP H 145 -56.01 -4.37 8.27
C ASP H 145 -56.09 -5.35 7.09
N LEU H 146 -55.11 -6.25 7.01
CA LEU H 146 -55.06 -7.27 5.97
C LEU H 146 -55.65 -8.57 6.46
N THR H 147 -56.35 -9.27 5.58
CA THR H 147 -56.84 -10.61 5.88
C THR H 147 -55.69 -11.61 5.75
N LYS H 148 -55.93 -12.86 6.13
CA LYS H 148 -54.92 -13.90 5.99
C LYS H 148 -54.56 -14.12 4.52
N GLU H 149 -55.59 -14.31 3.68
CA GLU H 149 -55.42 -14.61 2.26
C GLU H 149 -54.74 -13.49 1.48
N GLU H 150 -54.99 -12.24 1.89
CA GLU H 150 -54.34 -11.08 1.29
C GLU H 150 -52.88 -10.98 1.71
N ALA H 151 -52.58 -11.39 2.94
CA ALA H 151 -51.20 -11.40 3.43
C ALA H 151 -50.33 -12.42 2.68
N ILE H 152 -50.84 -13.64 2.53
CA ILE H 152 -50.17 -14.67 1.73
C ILE H 152 -49.87 -14.13 0.32
N LYS H 153 -50.91 -13.55 -0.31
CA LYS H 153 -50.80 -13.02 -1.66
C LYS H 153 -49.70 -11.97 -1.77
N LEU H 154 -49.75 -10.97 -0.90
CA LEU H 154 -48.77 -9.88 -0.91
C LEU H 154 -47.34 -10.38 -0.71
N ALA H 155 -47.14 -11.21 0.31
CA ALA H 155 -45.83 -11.78 0.62
C ALA H 155 -45.29 -12.62 -0.53
N SER H 156 -46.16 -13.44 -1.11
CA SER H 156 -45.80 -14.28 -2.25
C SER H 156 -45.44 -13.45 -3.49
N ASP H 157 -46.18 -12.38 -3.72
CA ASP H 157 -45.91 -11.45 -4.83
C ASP H 157 -44.60 -10.68 -4.62
N ALA H 158 -44.27 -10.40 -3.36
CA ALA H 158 -43.03 -9.72 -3.03
C ALA H 158 -41.82 -10.60 -3.33
N ILE H 159 -41.95 -11.90 -3.06
CA ILE H 159 -40.90 -12.86 -3.37
C ILE H 159 -40.74 -13.04 -4.88
N GLN H 160 -41.86 -13.12 -5.60
CA GLN H 160 -41.83 -13.27 -7.06
C GLN H 160 -41.08 -12.12 -7.73
N ALA H 161 -41.28 -10.91 -7.22
CA ALA H 161 -40.54 -9.74 -7.67
C ALA H 161 -39.04 -10.00 -7.56
N GLY H 162 -38.63 -10.61 -6.46
CA GLY H 162 -37.24 -10.96 -6.24
C GLY H 162 -36.78 -12.03 -7.20
N ILE H 163 -37.60 -13.07 -7.36
CA ILE H 163 -37.29 -14.20 -8.21
C ILE H 163 -37.05 -13.76 -9.67
N TRP H 164 -37.95 -12.95 -10.20
CA TRP H 164 -37.87 -12.51 -11.59
C TRP H 164 -36.82 -11.43 -11.83
N ASN H 165 -36.72 -10.47 -10.91
CA ASN H 165 -35.90 -9.27 -11.14
C ASN H 165 -34.48 -9.29 -10.55
N ASP H 166 -34.24 -10.14 -9.55
CA ASP H 166 -32.92 -10.26 -8.93
C ASP H 166 -32.25 -11.57 -9.31
N LEU H 167 -30.98 -11.47 -9.70
CA LEU H 167 -30.20 -12.63 -10.15
C LEU H 167 -29.80 -13.55 -9.00
N GLY H 168 -29.75 -13.01 -7.79
CA GLY H 168 -29.44 -13.80 -6.60
C GLY H 168 -30.67 -14.42 -5.97
N SER H 169 -31.74 -14.51 -6.76
CA SER H 169 -33.00 -15.09 -6.30
C SER H 169 -33.64 -15.83 -7.46
N GLY H 170 -34.31 -16.94 -7.14
CA GLY H 170 -34.96 -17.76 -8.16
C GLY H 170 -35.67 -18.98 -7.63
N SER H 171 -36.07 -19.84 -8.56
CA SER H 171 -36.78 -21.09 -8.28
C SER H 171 -38.17 -20.90 -7.68
N ASN H 172 -38.35 -21.33 -6.42
CA ASN H 172 -39.68 -21.47 -5.83
C ASN H 172 -39.96 -20.50 -4.69
N VAL H 173 -41.19 -20.54 -4.17
CA VAL H 173 -41.60 -19.69 -3.04
C VAL H 173 -42.05 -20.53 -1.85
N ASP H 174 -41.31 -20.41 -0.75
CA ASP H 174 -41.67 -21.05 0.52
C ASP H 174 -42.40 -20.07 1.42
N VAL H 175 -43.49 -20.54 2.03
CA VAL H 175 -44.33 -19.69 2.88
C VAL H 175 -44.54 -20.36 4.25
N CYS H 176 -44.63 -19.55 5.30
CA CYS H 176 -45.06 -20.05 6.61
C CYS H 176 -46.08 -19.12 7.25
N VAL H 177 -47.22 -19.69 7.64
CA VAL H 177 -48.33 -18.91 8.18
C VAL H 177 -48.49 -19.16 9.68
N MET H 178 -48.37 -18.09 10.46
CA MET H 178 -48.53 -18.16 11.91
C MET H 178 -49.73 -17.32 12.34
N GLU H 179 -50.74 -18.00 12.88
CA GLU H 179 -51.98 -17.36 13.31
C GLU H 179 -52.19 -17.59 14.81
N ILE H 180 -52.81 -16.61 15.49
CA ILE H 180 -52.91 -16.57 16.96
C ILE H 180 -53.42 -17.85 17.61
N GLY H 181 -54.61 -18.31 17.21
CA GLY H 181 -55.24 -19.45 17.88
C GLY H 181 -55.10 -20.77 17.16
N LYS H 182 -54.08 -20.89 16.32
CA LYS H 182 -53.91 -22.11 15.51
C LYS H 182 -52.46 -22.58 15.43
N ASP H 183 -52.27 -23.79 14.89
CA ASP H 183 -50.94 -24.32 14.61
C ASP H 183 -50.36 -23.62 13.39
N ALA H 184 -49.05 -23.30 13.47
CA ALA H 184 -48.33 -22.70 12.36
C ALA H 184 -48.29 -23.67 11.17
N GLU H 185 -48.63 -23.17 9.98
CA GLU H 185 -48.57 -24.02 8.79
C GLU H 185 -47.42 -23.64 7.85
N TYR H 186 -46.49 -24.58 7.73
CA TYR H 186 -45.34 -24.44 6.86
C TYR H 186 -45.70 -24.95 5.47
N LEU H 187 -45.64 -24.07 4.48
CA LEU H 187 -45.99 -24.40 3.11
C LEU H 187 -44.74 -24.48 2.23
N ARG H 188 -44.14 -25.67 2.20
CA ARG H 188 -42.94 -25.92 1.40
C ARG H 188 -43.31 -26.00 -0.08
N ASN H 189 -42.60 -25.23 -0.90
CA ASN H 189 -42.92 -25.06 -2.32
C ASN H 189 -44.38 -24.66 -2.55
N TYR H 190 -44.79 -23.57 -1.90
CA TYR H 190 -46.13 -23.02 -2.05
C TYR H 190 -46.44 -22.68 -3.51
N LEU H 191 -45.45 -22.12 -4.19
CA LEU H 191 -45.51 -21.92 -5.64
C LEU H 191 -44.24 -22.42 -6.31
N THR H 192 -44.42 -23.12 -7.43
CA THR H 192 -43.30 -23.63 -8.22
C THR H 192 -43.39 -23.09 -9.66
N PRO H 193 -43.00 -21.81 -9.86
CA PRO H 193 -43.18 -21.15 -11.15
C PRO H 193 -42.00 -21.34 -12.10
N ASN H 194 -41.04 -22.17 -11.72
CA ASN H 194 -39.80 -22.35 -12.49
C ASN H 194 -39.44 -23.81 -12.74
N VAL H 195 -40.45 -24.61 -13.08
CA VAL H 195 -40.25 -26.01 -13.46
C VAL H 195 -39.47 -26.06 -14.78
N ARG H 196 -38.45 -26.92 -14.82
CA ARG H 196 -37.64 -27.11 -16.02
C ARG H 196 -38.45 -27.79 -17.11
N GLU H 197 -38.29 -27.31 -18.35
CA GLU H 197 -38.99 -27.90 -19.48
C GLU H 197 -38.36 -29.24 -19.89
N GLU H 198 -39.22 -30.14 -20.39
CA GLU H 198 -38.82 -31.43 -20.92
C GLU H 198 -37.61 -31.29 -21.85
N LYS H 199 -36.64 -32.19 -21.70
CA LYS H 199 -35.43 -32.14 -22.51
C LYS H 199 -35.66 -32.60 -23.94
N GLN H 200 -34.84 -32.07 -24.85
CA GLN H 200 -34.96 -32.33 -26.28
C GLN H 200 -34.56 -33.76 -26.64
N LYS H 201 -33.63 -34.32 -25.87
CA LYS H 201 -33.02 -35.60 -26.20
C LYS H 201 -32.75 -36.44 -24.94
N SER H 202 -32.69 -37.76 -25.12
CA SER H 202 -32.24 -38.66 -24.08
C SER H 202 -30.75 -38.93 -24.27
N TYR H 203 -29.94 -38.60 -23.26
CA TYR H 203 -28.48 -38.76 -23.35
C TYR H 203 -27.98 -40.05 -22.71
N LYS H 204 -28.90 -40.98 -22.48
CA LYS H 204 -28.60 -42.33 -22.00
C LYS H 204 -27.63 -43.02 -22.95
N PHE H 205 -26.44 -43.35 -22.45
CA PHE H 205 -25.39 -43.98 -23.25
C PHE H 205 -25.64 -45.47 -23.44
N PRO H 206 -25.27 -46.02 -24.62
CA PRO H 206 -25.25 -47.47 -24.81
C PRO H 206 -24.22 -48.13 -23.89
N ARG H 207 -24.63 -49.23 -23.24
CA ARG H 207 -23.80 -49.88 -22.22
C ARG H 207 -22.50 -50.41 -22.80
N GLY H 208 -21.39 -50.01 -22.18
CA GLY H 208 -20.05 -50.37 -22.66
C GLY H 208 -19.32 -49.19 -23.27
N THR H 209 -19.97 -48.03 -23.29
CA THR H 209 -19.40 -46.79 -23.81
C THR H 209 -18.11 -46.38 -23.06
N THR H 210 -18.09 -46.64 -21.76
CA THR H 210 -16.96 -46.23 -20.91
C THR H 210 -15.93 -47.34 -20.75
N ALA H 211 -14.67 -46.98 -21.00
CA ALA H 211 -13.54 -47.89 -20.86
C ALA H 211 -13.15 -48.09 -19.39
N VAL H 212 -13.13 -49.35 -18.98
CA VAL H 212 -12.81 -49.74 -17.60
C VAL H 212 -11.46 -50.43 -17.56
N LEU H 213 -10.68 -50.16 -16.53
CA LEU H 213 -9.35 -50.78 -16.36
C LEU H 213 -9.35 -51.94 -15.36
N LYS H 214 -10.13 -51.78 -14.28
CA LYS H 214 -10.15 -52.75 -13.18
C LYS H 214 -11.50 -52.70 -12.47
N GLU H 215 -11.91 -53.83 -11.89
CA GLU H 215 -13.20 -53.94 -11.23
C GLU H 215 -13.15 -54.94 -10.07
N SER H 216 -13.70 -54.53 -8.92
CA SER H 216 -13.72 -55.38 -7.73
C SER H 216 -14.93 -55.09 -6.82
N ILE H 217 -15.20 -56.00 -5.90
CA ILE H 217 -16.27 -55.84 -4.90
C ILE H 217 -15.75 -55.16 -3.64
N VAL H 218 -16.57 -54.32 -3.02
CA VAL H 218 -16.19 -53.61 -1.79
C VAL H 218 -16.85 -54.26 -0.57
N ASN H 219 -16.03 -54.66 0.39
CA ASN H 219 -16.49 -55.27 1.64
C ASN H 219 -16.96 -54.24 2.68
N ILE H 220 -17.98 -54.59 3.45
CA ILE H 220 -18.51 -53.74 4.52
C ILE H 220 -18.62 -54.49 5.86
N CYS H 221 -19.20 -55.69 5.82
CA CYS H 221 -19.47 -56.51 7.01
C CYS H 221 -18.22 -56.86 7.82
N ASP H 222 -18.41 -57.12 9.12
CA ASP H 222 -17.33 -57.58 9.99
C ASP H 222 -17.85 -58.44 11.14
N SER I 1 -1.85 -19.66 -3.84
CA SER I 1 -2.31 -19.22 -2.49
C SER I 1 -3.69 -19.75 -2.12
N ASP I 2 -4.60 -19.80 -3.09
CA ASP I 2 -5.93 -20.36 -2.88
C ASP I 2 -5.83 -21.85 -2.53
N PRO I 3 -6.16 -22.20 -1.26
CA PRO I 3 -5.97 -23.57 -0.76
C PRO I 3 -6.85 -24.62 -1.46
N SER I 4 -7.99 -24.20 -2.00
CA SER I 4 -8.84 -25.12 -2.76
C SER I 4 -8.30 -25.41 -4.17
N SER I 5 -7.24 -24.71 -4.55
CA SER I 5 -6.68 -24.81 -5.90
C SER I 5 -5.19 -25.10 -5.94
N ILE I 6 -4.69 -25.90 -4.99
CA ILE I 6 -3.27 -26.26 -4.96
C ILE I 6 -3.07 -27.70 -5.44
N ASN I 7 -3.86 -28.61 -4.89
CA ASN I 7 -3.72 -30.03 -5.16
C ASN I 7 -4.59 -30.51 -6.32
N GLY I 8 -5.75 -29.88 -6.50
CA GLY I 8 -6.69 -30.24 -7.56
C GLY I 8 -7.55 -31.42 -7.15
N GLY I 9 -8.46 -31.83 -8.03
CA GLY I 9 -9.31 -32.99 -7.77
C GLY I 9 -10.79 -32.68 -7.77
N ILE I 10 -11.59 -33.67 -8.19
CA ILE I 10 -13.05 -33.54 -8.25
C ILE I 10 -13.79 -34.76 -7.76
N VAL I 11 -14.98 -34.54 -7.22
CA VAL I 11 -15.88 -35.58 -6.76
C VAL I 11 -17.30 -35.29 -7.28
N VAL I 12 -17.99 -36.34 -7.71
CA VAL I 12 -19.38 -36.23 -8.16
C VAL I 12 -20.22 -37.40 -7.65
N ALA I 13 -21.43 -37.09 -7.18
CA ALA I 13 -22.35 -38.11 -6.70
C ALA I 13 -23.68 -38.01 -7.44
N MET I 14 -24.35 -39.15 -7.61
CA MET I 14 -25.53 -39.21 -8.46
C MET I 14 -26.45 -40.36 -8.05
N THR I 15 -27.77 -40.12 -8.10
CA THR I 15 -28.76 -41.13 -7.70
C THR I 15 -29.44 -41.76 -8.90
N GLY I 16 -29.92 -42.98 -8.71
CA GLY I 16 -30.71 -43.72 -9.71
C GLY I 16 -31.81 -44.53 -9.05
N LYS I 17 -32.31 -45.52 -9.78
CA LYS I 17 -33.38 -46.38 -9.27
C LYS I 17 -32.86 -47.34 -8.20
N ASP I 18 -33.17 -47.04 -6.93
CA ASP I 18 -32.74 -47.82 -5.77
C ASP I 18 -31.22 -47.98 -5.70
N CYS I 19 -30.51 -46.94 -6.13
CA CYS I 19 -29.04 -46.95 -6.17
C CYS I 19 -28.43 -45.55 -6.12
N VAL I 20 -27.21 -45.45 -5.60
CA VAL I 20 -26.42 -44.21 -5.66
C VAL I 20 -25.04 -44.46 -6.23
N ALA I 21 -24.45 -43.43 -6.83
CA ALA I 21 -23.12 -43.52 -7.39
C ALA I 21 -22.27 -42.37 -6.91
N ILE I 22 -21.05 -42.66 -6.51
CA ILE I 22 -20.08 -41.63 -6.15
C ILE I 22 -18.78 -41.90 -6.90
N ALA I 23 -18.10 -40.84 -7.32
CA ALA I 23 -16.94 -40.97 -8.20
C ALA I 23 -15.93 -39.86 -7.99
N CYS I 24 -14.65 -40.19 -8.12
CA CYS I 24 -13.59 -39.19 -8.01
C CYS I 24 -12.45 -39.42 -8.99
N ASP I 25 -11.64 -38.37 -9.19
CA ASP I 25 -10.41 -38.48 -9.96
C ASP I 25 -9.27 -38.89 -9.02
N LEU I 26 -8.08 -39.10 -9.58
CA LEU I 26 -6.96 -39.63 -8.80
C LEU I 26 -5.74 -38.73 -8.71
N ARG I 27 -5.86 -37.48 -9.17
CA ARG I 27 -4.70 -36.58 -9.19
C ARG I 27 -4.38 -35.99 -7.83
N LEU I 28 -3.10 -36.00 -7.49
CA LEU I 28 -2.58 -35.20 -6.39
C LEU I 28 -1.38 -34.44 -6.92
N GLY I 29 -1.47 -33.11 -6.88
CA GLY I 29 -0.42 -32.28 -7.41
C GLY I 29 -0.07 -31.11 -6.52
N SER I 30 0.99 -30.40 -6.90
CA SER I 30 1.34 -29.13 -6.30
C SER I 30 1.50 -28.15 -7.46
N GLN I 31 0.52 -27.26 -7.60
CA GLN I 31 0.40 -26.36 -8.75
C GLN I 31 0.39 -27.18 -10.04
N SER I 32 1.30 -26.87 -10.96
CA SER I 32 1.38 -27.54 -12.25
C SER I 32 2.02 -28.93 -12.17
N LEU I 33 2.81 -29.17 -11.12
CA LEU I 33 3.49 -30.45 -10.93
C LEU I 33 2.53 -31.53 -10.43
N GLY I 34 2.36 -32.58 -11.22
CA GLY I 34 1.60 -33.75 -10.80
C GLY I 34 2.50 -34.66 -10.00
N VAL I 35 2.04 -35.07 -8.82
CA VAL I 35 2.86 -35.83 -7.87
C VAL I 35 2.41 -37.28 -7.77
N SER I 36 1.14 -37.48 -7.42
CA SER I 36 0.59 -38.83 -7.28
C SER I 36 -0.60 -39.09 -8.20
N ASN I 37 -0.67 -40.31 -8.71
CA ASN I 37 -1.75 -40.75 -9.60
C ASN I 37 -2.59 -41.85 -8.96
N LYS I 38 -2.49 -41.95 -7.64
CA LYS I 38 -3.16 -42.99 -6.87
C LYS I 38 -3.98 -42.39 -5.72
N PHE I 39 -4.06 -41.07 -5.67
CA PHE I 39 -4.71 -40.36 -4.55
C PHE I 39 -6.23 -40.41 -4.62
N GLU I 40 -6.81 -41.35 -3.88
CA GLU I 40 -8.26 -41.52 -3.84
C GLU I 40 -8.90 -40.48 -2.92
N LYS I 41 -10.13 -40.11 -3.22
CA LYS I 41 -10.82 -39.04 -2.52
C LYS I 41 -12.15 -39.51 -1.93
N ILE I 42 -12.50 -40.77 -2.20
CA ILE I 42 -13.69 -41.40 -1.64
C ILE I 42 -13.29 -42.29 -0.46
N PHE I 43 -14.08 -42.24 0.61
CA PHE I 43 -13.86 -43.09 1.77
C PHE I 43 -15.21 -43.64 2.23
N HIS I 44 -15.20 -44.70 3.04
CA HIS I 44 -16.45 -45.19 3.60
C HIS I 44 -16.37 -45.53 5.08
N TYR I 45 -17.46 -45.23 5.78
CA TYR I 45 -17.61 -45.57 7.19
C TYR I 45 -18.89 -46.39 7.29
N GLY I 46 -18.71 -47.70 7.43
CA GLY I 46 -19.82 -48.63 7.26
C GLY I 46 -20.29 -48.56 5.81
N HIS I 47 -21.59 -48.37 5.63
CA HIS I 47 -22.19 -48.29 4.29
C HIS I 47 -22.32 -46.86 3.79
N VAL I 48 -21.84 -45.90 4.60
CA VAL I 48 -21.91 -44.49 4.27
C VAL I 48 -20.62 -44.03 3.60
N PHE I 49 -20.75 -43.47 2.39
CA PHE I 49 -19.59 -43.05 1.61
C PHE I 49 -19.38 -41.54 1.66
N LEU I 50 -18.13 -41.13 1.82
CA LEU I 50 -17.75 -39.73 1.86
C LEU I 50 -16.65 -39.44 0.85
N GLY I 51 -16.86 -38.41 0.02
CA GLY I 51 -15.84 -37.94 -0.91
C GLY I 51 -15.42 -36.54 -0.49
N ILE I 52 -14.11 -36.29 -0.50
CA ILE I 52 -13.58 -34.99 -0.12
C ILE I 52 -12.63 -34.43 -1.18
N THR I 53 -12.93 -33.22 -1.65
CA THR I 53 -12.04 -32.49 -2.54
C THR I 53 -11.57 -31.21 -1.85
N GLY I 54 -10.41 -30.72 -2.27
CA GLY I 54 -9.84 -29.50 -1.70
C GLY I 54 -8.38 -29.66 -1.36
N LEU I 55 -7.96 -29.02 -0.27
CA LEU I 55 -6.59 -29.13 0.22
C LEU I 55 -6.38 -30.53 0.78
N ALA I 56 -5.35 -31.21 0.26
CA ALA I 56 -5.13 -32.64 0.50
C ALA I 56 -4.80 -33.02 1.94
N THR I 57 -4.12 -32.13 2.67
CA THR I 57 -3.83 -32.35 4.09
C THR I 57 -5.12 -32.42 4.90
N ASP I 58 -6.09 -31.59 4.52
CA ASP I 58 -7.38 -31.53 5.19
C ASP I 58 -8.29 -32.68 4.79
N VAL I 59 -8.15 -33.14 3.55
CA VAL I 59 -8.81 -34.36 3.08
C VAL I 59 -8.40 -35.52 3.99
N THR I 60 -7.09 -35.68 4.18
CA THR I 60 -6.54 -36.73 5.03
C THR I 60 -7.00 -36.59 6.48
N THR I 61 -6.94 -35.36 7.00
CA THR I 61 -7.30 -35.09 8.38
C THR I 61 -8.76 -35.42 8.65
N LEU I 62 -9.65 -34.93 7.79
CA LEU I 62 -11.08 -35.13 7.95
C LEU I 62 -11.50 -36.58 7.81
N ASN I 63 -10.81 -37.32 6.94
CA ASN I 63 -11.02 -38.76 6.87
C ASN I 63 -10.70 -39.42 8.21
N GLU I 64 -9.53 -39.09 8.75
CA GLU I 64 -9.09 -39.65 10.02
C GLU I 64 -9.99 -39.22 11.17
N MET I 65 -10.57 -38.02 11.05
CA MET I 65 -11.50 -37.51 12.04
C MET I 65 -12.84 -38.27 12.01
N PHE I 66 -13.44 -38.38 10.82
CA PHE I 66 -14.73 -39.06 10.70
C PHE I 66 -14.65 -40.56 10.94
N ARG I 67 -13.50 -41.18 10.66
CA ARG I 67 -13.27 -42.56 11.05
C ARG I 67 -13.22 -42.67 12.58
N TYR I 68 -12.55 -41.71 13.21
CA TYR I 68 -12.49 -41.57 14.66
C TYR I 68 -13.89 -41.43 15.27
N LYS I 69 -14.70 -40.56 14.67
CA LYS I 69 -16.02 -40.22 15.24
C LYS I 69 -17.09 -41.27 14.97
N THR I 70 -17.03 -41.94 13.82
CA THR I 70 -17.99 -43.00 13.52
C THR I 70 -17.64 -44.33 14.18
N ASN I 71 -16.37 -44.48 14.59
CA ASN I 71 -15.98 -45.63 15.40
C ASN I 71 -16.56 -45.51 16.81
N LEU I 72 -16.46 -44.32 17.39
CA LEU I 72 -17.02 -44.04 18.71
C LEU I 72 -18.54 -44.07 18.68
N TYR I 73 -19.13 -43.55 17.61
CA TYR I 73 -20.58 -43.61 17.40
C TYR I 73 -21.08 -45.05 17.44
N LYS I 74 -20.47 -45.91 16.62
CA LYS I 74 -20.87 -47.32 16.50
C LYS I 74 -20.75 -48.09 17.81
N LEU I 75 -19.75 -47.75 18.63
CA LEU I 75 -19.54 -48.40 19.91
C LEU I 75 -20.60 -48.00 20.95
N LYS I 76 -21.06 -46.75 20.87
CA LYS I 76 -22.06 -46.21 21.80
C LYS I 76 -23.48 -46.59 21.40
N GLU I 77 -23.79 -46.46 20.11
CA GLU I 77 -25.14 -46.71 19.58
C GLU I 77 -25.40 -48.19 19.35
N GLU I 78 -24.33 -48.93 19.08
CA GLU I 78 -24.39 -50.37 18.74
C GLU I 78 -25.07 -50.59 17.38
N ARG I 79 -24.84 -49.65 16.47
CA ARG I 79 -25.33 -49.71 15.09
C ARG I 79 -24.53 -48.75 14.21
N ALA I 80 -24.47 -49.05 12.91
CA ALA I 80 -23.71 -48.24 11.97
C ALA I 80 -24.39 -46.89 11.73
N ILE I 81 -23.56 -45.87 11.47
CA ILE I 81 -24.03 -44.53 11.16
C ILE I 81 -24.87 -44.54 9.87
N GLU I 82 -25.95 -43.75 9.85
CA GLU I 82 -26.80 -43.62 8.66
C GLU I 82 -26.49 -42.33 7.90
N PRO I 83 -26.73 -42.31 6.56
CA PRO I 83 -26.35 -41.17 5.74
C PRO I 83 -26.91 -39.83 6.22
N GLU I 84 -28.20 -39.79 6.56
CA GLU I 84 -28.86 -38.58 7.06
C GLU I 84 -28.20 -38.05 8.32
N THR I 85 -27.88 -38.95 9.25
CA THR I 85 -27.24 -38.58 10.50
C THR I 85 -25.79 -38.17 10.29
N PHE I 86 -25.09 -38.91 9.42
CA PHE I 86 -23.69 -38.62 9.12
C PHE I 86 -23.51 -37.24 8.49
N THR I 87 -24.47 -36.86 7.64
CA THR I 87 -24.52 -35.54 7.02
C THR I 87 -24.52 -34.42 8.07
N GLN I 88 -25.30 -34.64 9.14
CA GLN I 88 -25.38 -33.69 10.24
C GLN I 88 -24.06 -33.64 11.02
N LEU I 89 -23.41 -34.79 11.18
CA LEU I 89 -22.13 -34.87 11.88
C LEU I 89 -21.04 -34.09 11.14
N VAL I 90 -21.03 -34.19 9.82
CA VAL I 90 -20.06 -33.46 8.99
C VAL I 90 -20.26 -31.95 9.09
N SER I 91 -21.53 -31.53 9.04
CA SER I 91 -21.92 -30.12 9.08
C SER I 91 -21.46 -29.41 10.36
N SER I 92 -21.81 -30.00 11.51
CA SER I 92 -21.45 -29.41 12.79
C SER I 92 -19.95 -29.48 13.05
N SER I 93 -19.29 -30.47 12.45
CA SER I 93 -17.84 -30.64 12.57
C SER I 93 -17.08 -29.58 11.78
N LEU I 94 -17.61 -29.21 10.60
CA LEU I 94 -17.02 -28.16 9.78
C LEU I 94 -17.27 -26.78 10.37
N TYR I 95 -18.50 -26.55 10.82
CA TYR I 95 -18.86 -25.26 11.41
C TYR I 95 -18.13 -24.99 12.71
N GLU I 96 -17.56 -26.03 13.31
CA GLU I 96 -16.80 -25.86 14.55
C GLU I 96 -15.52 -25.08 14.28
N ARG I 97 -15.05 -25.15 13.04
CA ARG I 97 -13.90 -24.36 12.59
C ARG I 97 -14.37 -23.21 11.68
N ARG I 98 -15.45 -22.54 12.07
CA ARG I 98 -16.05 -21.45 11.28
C ARG I 98 -15.05 -20.37 10.84
N PHE I 99 -14.25 -19.86 11.77
CA PHE I 99 -13.33 -18.75 11.48
C PHE I 99 -11.88 -19.19 11.30
N GLY I 100 -11.70 -20.47 10.97
CA GLY I 100 -10.39 -21.04 10.64
C GLY I 100 -10.61 -22.39 10.00
N PRO I 101 -11.28 -22.42 8.84
CA PRO I 101 -11.92 -23.62 8.32
C PRO I 101 -11.01 -24.62 7.63
N TYR I 102 -11.49 -25.85 7.51
CA TYR I 102 -10.89 -26.85 6.65
C TYR I 102 -11.23 -26.48 5.20
N PHE I 103 -10.22 -26.52 4.32
CA PHE I 103 -10.42 -26.10 2.94
C PHE I 103 -10.83 -27.27 2.06
N VAL I 104 -12.07 -27.70 2.27
CA VAL I 104 -12.61 -28.90 1.67
C VAL I 104 -13.99 -28.68 1.04
N GLY I 105 -14.43 -29.64 0.23
CA GLY I 105 -15.79 -29.65 -0.31
C GLY I 105 -16.34 -31.06 -0.24
N PRO I 106 -16.85 -31.47 0.93
CA PRO I 106 -17.30 -32.84 1.16
C PRO I 106 -18.57 -33.19 0.38
N VAL I 107 -18.69 -34.47 0.03
CA VAL I 107 -19.86 -35.00 -0.66
C VAL I 107 -20.22 -36.32 0.02
N VAL I 108 -21.49 -36.46 0.40
CA VAL I 108 -21.95 -37.67 1.09
C VAL I 108 -22.90 -38.49 0.20
N ALA I 109 -22.65 -39.79 0.13
CA ALA I 109 -23.50 -40.70 -0.63
C ALA I 109 -23.72 -42.00 0.11
N GLY I 110 -24.91 -42.59 -0.05
CA GLY I 110 -25.23 -43.84 0.59
C GLY I 110 -26.71 -44.15 0.55
N ILE I 111 -27.07 -45.33 1.03
CA ILE I 111 -28.47 -45.77 1.06
C ILE I 111 -28.87 -46.09 2.49
N ASN I 112 -29.93 -45.43 2.97
CA ASN I 112 -30.45 -45.65 4.32
C ASN I 112 -30.82 -47.12 4.49
N SER I 113 -30.10 -47.80 5.36
CA SER I 113 -30.23 -49.24 5.56
C SER I 113 -31.61 -49.68 6.04
N LYS I 114 -32.34 -48.76 6.67
CA LYS I 114 -33.67 -49.05 7.20
C LYS I 114 -34.79 -48.84 6.16
N SER I 115 -34.78 -47.67 5.52
CA SER I 115 -35.84 -47.31 4.58
C SER I 115 -35.54 -47.73 3.15
N GLY I 116 -34.26 -47.84 2.79
CA GLY I 116 -33.85 -48.19 1.44
C GLY I 116 -33.73 -46.98 0.52
N LYS I 117 -34.06 -45.81 1.06
CA LYS I 117 -34.06 -44.56 0.30
C LYS I 117 -32.65 -44.06 -0.05
N PRO I 118 -32.39 -43.81 -1.35
CA PRO I 118 -31.11 -43.26 -1.81
C PRO I 118 -30.87 -41.85 -1.30
N PHE I 119 -29.65 -41.58 -0.84
CA PHE I 119 -29.32 -40.31 -0.24
C PHE I 119 -27.96 -39.77 -0.67
N ILE I 120 -27.95 -38.52 -1.12
CA ILE I 120 -26.71 -37.79 -1.40
C ILE I 120 -26.77 -36.39 -0.80
N ALA I 121 -25.60 -35.84 -0.47
CA ALA I 121 -25.51 -34.48 0.10
C ALA I 121 -24.19 -33.79 -0.27
N GLY I 122 -24.22 -32.46 -0.26
CA GLY I 122 -23.04 -31.64 -0.50
C GLY I 122 -22.86 -30.57 0.56
N PHE I 123 -21.61 -30.16 0.76
CA PHE I 123 -21.28 -29.17 1.80
C PHE I 123 -20.31 -28.12 1.26
N ASP I 124 -20.42 -26.89 1.78
CA ASP I 124 -19.35 -25.91 1.60
C ASP I 124 -18.33 -26.11 2.72
N LEU I 125 -17.21 -25.40 2.66
CA LEU I 125 -16.12 -25.56 3.64
C LEU I 125 -16.52 -25.32 5.11
N ILE I 126 -17.58 -24.56 5.34
CA ILE I 126 -18.04 -24.27 6.71
C ILE I 126 -19.34 -25.00 7.13
N GLY I 127 -19.72 -26.01 6.35
CA GLY I 127 -20.74 -26.96 6.79
C GLY I 127 -22.16 -26.78 6.31
N CYS I 128 -22.42 -25.74 5.51
CA CYS I 128 -23.75 -25.57 4.94
C CYS I 128 -24.18 -26.81 4.14
N ILE I 129 -25.28 -27.41 4.57
CA ILE I 129 -25.79 -28.64 3.94
C ILE I 129 -26.57 -28.30 2.68
N ASP I 130 -26.09 -28.84 1.57
CA ASP I 130 -26.75 -28.75 0.27
C ASP I 130 -27.25 -30.14 -0.11
N GLU I 131 -28.57 -30.35 0.02
CA GLU I 131 -29.17 -31.63 -0.29
C GLU I 131 -29.86 -31.59 -1.65
N ALA I 132 -29.67 -32.65 -2.44
CA ALA I 132 -30.30 -32.77 -3.74
C ALA I 132 -30.83 -34.18 -3.95
N LYS I 133 -31.85 -34.30 -4.78
CA LYS I 133 -32.37 -35.60 -5.17
C LYS I 133 -31.56 -36.18 -6.34
N ASP I 134 -31.06 -35.31 -7.21
CA ASP I 134 -30.39 -35.75 -8.45
C ASP I 134 -28.88 -35.95 -8.34
N PHE I 135 -28.12 -34.85 -8.22
CA PHE I 135 -26.65 -34.91 -8.26
C PHE I 135 -25.94 -33.85 -7.42
N ILE I 136 -24.72 -34.17 -6.99
CA ILE I 136 -23.85 -33.25 -6.27
C ILE I 136 -22.48 -33.21 -6.92
N VAL I 137 -21.91 -32.01 -7.04
CA VAL I 137 -20.57 -31.85 -7.61
C VAL I 137 -19.66 -31.07 -6.64
N SER I 138 -18.35 -31.28 -6.77
CA SER I 138 -17.36 -30.66 -5.89
C SER I 138 -15.97 -30.67 -6.54
N GLY I 139 -15.15 -29.67 -6.19
CA GLY I 139 -13.76 -29.64 -6.63
C GLY I 139 -13.41 -28.50 -7.56
N THR I 140 -12.26 -28.60 -8.23
CA THR I 140 -11.78 -27.55 -9.11
C THR I 140 -12.52 -27.46 -10.45
N ALA I 141 -13.13 -28.56 -10.88
CA ALA I 141 -13.92 -28.59 -12.10
C ALA I 141 -15.42 -28.72 -11.80
N SER I 142 -15.87 -28.00 -10.78
CA SER I 142 -17.27 -28.04 -10.38
C SER I 142 -18.19 -27.37 -11.41
N ASP I 143 -17.71 -26.27 -12.01
CA ASP I 143 -18.39 -25.61 -13.13
C ASP I 143 -18.63 -26.61 -14.26
N GLN I 144 -17.57 -27.32 -14.63
CA GLN I 144 -17.62 -28.32 -15.69
C GLN I 144 -18.55 -29.49 -15.35
N LEU I 145 -18.49 -29.94 -14.09
CA LEU I 145 -19.35 -31.02 -13.61
C LEU I 145 -20.83 -30.62 -13.55
N PHE I 146 -21.10 -29.38 -13.15
CA PHE I 146 -22.47 -28.87 -13.14
C PHE I 146 -23.11 -28.92 -14.52
N GLY I 147 -22.36 -28.51 -15.54
CA GLY I 147 -22.84 -28.52 -16.92
C GLY I 147 -23.04 -29.92 -17.47
N MET I 148 -22.14 -30.83 -17.10
CA MET I 148 -22.23 -32.23 -17.52
C MET I 148 -23.45 -32.92 -16.90
N CYS I 149 -23.63 -32.76 -15.59
CA CYS I 149 -24.74 -33.39 -14.88
C CYS I 149 -26.10 -32.86 -15.33
N GLU I 150 -26.22 -31.54 -15.36
CA GLU I 150 -27.48 -30.87 -15.72
C GLU I 150 -28.00 -31.32 -17.09
N SER I 151 -27.12 -31.82 -17.95
CA SER I 151 -27.49 -32.26 -19.28
C SER I 151 -27.66 -33.78 -19.38
N LEU I 152 -26.67 -34.52 -18.90
CA LEU I 152 -26.65 -35.98 -19.03
C LEU I 152 -27.63 -36.70 -18.11
N TYR I 153 -27.98 -36.07 -16.99
CA TYR I 153 -28.80 -36.73 -15.98
C TYR I 153 -30.27 -36.85 -16.37
N GLU I 154 -30.82 -38.04 -16.11
CA GLU I 154 -32.27 -38.26 -16.08
C GLU I 154 -32.61 -39.16 -14.89
N PRO I 155 -33.81 -38.97 -14.31
CA PRO I 155 -34.19 -39.71 -13.10
C PRO I 155 -34.43 -41.21 -13.34
N ASN I 156 -34.25 -42.00 -12.28
CA ASN I 156 -34.54 -43.45 -12.26
C ASN I 156 -33.69 -44.28 -13.24
N LEU I 157 -32.41 -43.97 -13.31
CA LEU I 157 -31.46 -44.75 -14.10
C LEU I 157 -31.12 -46.05 -13.37
N GLU I 158 -31.06 -47.13 -14.13
CA GLU I 158 -30.64 -48.43 -13.60
C GLU I 158 -29.14 -48.42 -13.30
N PRO I 159 -28.70 -49.21 -12.29
CA PRO I 159 -27.29 -49.28 -11.86
C PRO I 159 -26.26 -49.28 -12.99
N GLU I 160 -26.48 -50.12 -14.01
CA GLU I 160 -25.59 -50.22 -15.17
C GLU I 160 -25.59 -48.95 -16.02
N ASP I 161 -26.74 -48.29 -16.08
CA ASP I 161 -26.90 -47.05 -16.85
C ASP I 161 -26.37 -45.84 -16.08
N LEU I 162 -26.65 -45.80 -14.78
CA LEU I 162 -26.15 -44.72 -13.91
C LEU I 162 -24.63 -44.71 -13.87
N PHE I 163 -24.01 -45.87 -14.12
CA PHE I 163 -22.56 -45.95 -14.22
C PHE I 163 -22.05 -45.19 -15.43
N GLU I 164 -22.68 -45.41 -16.58
CA GLU I 164 -22.27 -44.75 -17.82
C GLU I 164 -22.43 -43.24 -17.74
N THR I 165 -23.53 -42.79 -17.12
CA THR I 165 -23.82 -41.36 -16.99
C THR I 165 -22.82 -40.63 -16.09
N ILE I 166 -22.56 -41.18 -14.90
CA ILE I 166 -21.63 -40.55 -13.95
C ILE I 166 -20.19 -40.53 -14.49
N SER I 167 -19.80 -41.62 -15.16
CA SER I 167 -18.46 -41.74 -15.75
C SER I 167 -18.20 -40.66 -16.80
N GLN I 168 -19.13 -40.55 -17.74
CA GLN I 168 -19.02 -39.58 -18.83
C GLN I 168 -19.18 -38.15 -18.33
N ALA I 169 -19.85 -37.98 -17.19
CA ALA I 169 -19.93 -36.68 -16.55
C ALA I 169 -18.56 -36.27 -16.02
N LEU I 170 -17.95 -37.17 -15.25
CA LEU I 170 -16.62 -36.96 -14.67
C LEU I 170 -15.51 -36.84 -15.70
N LEU I 171 -15.47 -37.78 -16.65
CA LEU I 171 -14.40 -37.84 -17.65
C LEU I 171 -14.26 -36.58 -18.50
N ASN I 172 -15.39 -36.08 -19.02
CA ASN I 172 -15.38 -34.91 -19.88
C ASN I 172 -15.19 -33.60 -19.13
N ALA I 173 -15.52 -33.60 -17.84
CA ALA I 173 -15.32 -32.44 -16.99
C ALA I 173 -13.86 -32.31 -16.57
N ALA I 174 -13.22 -33.46 -16.33
CA ALA I 174 -11.83 -33.51 -15.89
C ALA I 174 -10.83 -33.14 -16.99
N ASP I 175 -11.27 -33.27 -18.24
CA ASP I 175 -10.42 -32.97 -19.37
C ASP I 175 -10.41 -31.49 -19.72
N ARG I 176 -11.35 -30.75 -19.14
CA ARG I 176 -11.40 -29.30 -19.30
C ARG I 176 -10.79 -28.60 -18.08
N ASP I 177 -10.36 -29.41 -17.11
CA ASP I 177 -9.67 -28.91 -15.92
C ASP I 177 -8.22 -29.36 -15.93
N ALA I 178 -7.32 -28.39 -15.80
CA ALA I 178 -5.89 -28.67 -15.80
C ALA I 178 -5.45 -29.46 -14.56
N LEU I 179 -6.14 -29.24 -13.45
CA LEU I 179 -5.73 -29.81 -12.16
C LEU I 179 -6.48 -31.08 -11.76
N SER I 180 -7.37 -31.56 -12.63
CA SER I 180 -8.08 -32.82 -12.37
C SER I 180 -7.87 -33.85 -13.46
N GLY I 181 -7.98 -35.13 -13.08
CA GLY I 181 -7.85 -36.24 -14.01
C GLY I 181 -6.87 -37.29 -13.50
N TRP I 182 -5.96 -37.71 -14.37
CA TRP I 182 -4.90 -38.67 -14.03
C TRP I 182 -5.41 -40.01 -13.51
N GLY I 183 -6.58 -40.41 -14.01
CA GLY I 183 -7.24 -41.62 -13.54
C GLY I 183 -8.50 -41.28 -12.78
N ALA I 184 -9.42 -42.23 -12.69
CA ALA I 184 -10.70 -42.00 -12.04
C ALA I 184 -11.25 -43.29 -11.45
N VAL I 185 -12.13 -43.17 -10.46
CA VAL I 185 -12.76 -44.31 -9.81
C VAL I 185 -14.25 -44.06 -9.60
N VAL I 186 -15.07 -45.09 -9.84
CA VAL I 186 -16.53 -44.96 -9.73
C VAL I 186 -17.10 -46.06 -8.83
N TYR I 187 -17.88 -45.64 -7.83
CA TYR I 187 -18.55 -46.55 -6.91
C TYR I 187 -20.04 -46.64 -7.23
N ILE I 188 -20.49 -47.83 -7.61
CA ILE I 188 -21.92 -48.09 -7.72
C ILE I 188 -22.39 -48.71 -6.41
N ILE I 189 -23.35 -48.06 -5.76
CA ILE I 189 -23.83 -48.48 -4.45
C ILE I 189 -25.26 -49.02 -4.56
N LYS I 190 -25.48 -50.19 -3.98
CA LYS I 190 -26.83 -50.76 -3.85
C LYS I 190 -27.09 -51.08 -2.38
N LYS I 191 -28.29 -51.59 -2.09
CA LYS I 191 -28.64 -52.05 -0.75
C LYS I 191 -27.70 -53.14 -0.27
N ASP I 192 -27.55 -54.19 -1.09
CA ASP I 192 -26.64 -55.29 -0.78
C ASP I 192 -25.19 -55.00 -1.20
N GLU I 193 -24.90 -55.14 -2.49
CA GLU I 193 -23.52 -55.04 -3.00
C GLU I 193 -23.07 -53.61 -3.36
N VAL I 194 -21.76 -53.40 -3.30
CA VAL I 194 -21.13 -52.18 -3.78
C VAL I 194 -20.02 -52.56 -4.78
N VAL I 195 -20.11 -52.00 -5.98
CA VAL I 195 -19.14 -52.30 -7.04
C VAL I 195 -18.22 -51.11 -7.28
N LYS I 196 -16.92 -51.37 -7.36
CA LYS I 196 -15.91 -50.34 -7.57
C LYS I 196 -15.19 -50.57 -8.90
N ARG I 197 -15.17 -49.54 -9.75
CA ARG I 197 -14.51 -49.62 -11.06
C ARG I 197 -13.50 -48.50 -11.27
N TYR I 198 -12.37 -48.85 -11.88
CA TYR I 198 -11.36 -47.88 -12.30
C TYR I 198 -11.52 -47.55 -13.78
N LEU I 199 -11.58 -46.26 -14.09
CA LEU I 199 -11.83 -45.81 -15.46
C LEU I 199 -10.53 -45.55 -16.22
N LYS I 200 -10.56 -45.83 -17.52
CA LYS I 200 -9.46 -45.49 -18.43
C LYS I 200 -9.69 -44.10 -18.98
N MET I 201 -8.79 -43.19 -18.65
CA MET I 201 -8.90 -41.80 -19.09
C MET I 201 -7.55 -41.23 -19.52
N ARG I 202 -7.59 -40.05 -20.15
CA ARG I 202 -6.40 -39.30 -20.56
C ARG I 202 -5.43 -39.09 -19.39
N GLN I 203 -4.14 -39.16 -19.68
CA GLN I 203 -3.10 -39.01 -18.65
C GLN I 203 -2.27 -37.73 -18.79
N ASP I 204 -2.85 -36.70 -19.41
CA ASP I 204 -2.17 -35.43 -19.63
C ASP I 204 -2.67 -34.29 -18.72
N MET J 1 16.02 -24.57 -4.00
CA MET J 1 16.09 -25.22 -2.65
C MET J 1 17.17 -26.31 -2.63
N ASP J 2 17.21 -27.09 -1.55
CA ASP J 2 18.06 -28.27 -1.45
C ASP J 2 17.47 -29.43 -2.27
N ILE J 3 18.32 -30.36 -2.69
CA ILE J 3 17.88 -31.54 -3.43
C ILE J 3 17.55 -32.67 -2.46
N ILE J 4 16.33 -33.18 -2.56
CA ILE J 4 15.86 -34.29 -1.72
C ILE J 4 15.17 -35.31 -2.62
N LEU J 5 15.81 -36.45 -2.82
CA LEU J 5 15.32 -37.49 -3.74
C LEU J 5 15.20 -38.84 -3.05
N GLY J 6 14.21 -39.62 -3.47
CA GLY J 6 14.02 -40.99 -2.99
C GLY J 6 13.54 -41.92 -4.08
N ILE J 7 13.94 -43.19 -4.01
CA ILE J 7 13.48 -44.20 -4.96
C ILE J 7 13.37 -45.60 -4.33
N ARG J 8 12.16 -46.16 -4.38
CA ARG J 8 11.92 -47.52 -3.93
C ARG J 8 12.08 -48.50 -5.10
N VAL J 9 13.01 -49.44 -4.94
CA VAL J 9 13.21 -50.52 -5.91
C VAL J 9 12.62 -51.84 -5.38
N GLN J 10 13.15 -52.97 -5.82
CA GLN J 10 12.66 -54.28 -5.42
C GLN J 10 12.72 -54.48 -3.89
N ASP J 11 13.91 -54.41 -3.32
CA ASP J 11 14.09 -54.72 -1.90
C ASP J 11 14.83 -53.67 -1.08
N SER J 12 14.71 -52.39 -1.48
CA SER J 12 15.34 -51.29 -0.76
C SER J 12 14.80 -49.92 -1.17
N VAL J 13 14.92 -48.95 -0.27
CA VAL J 13 14.63 -47.54 -0.55
C VAL J 13 15.94 -46.79 -0.59
N ILE J 14 16.16 -46.03 -1.65
CA ILE J 14 17.38 -45.25 -1.77
C ILE J 14 17.08 -43.76 -1.61
N LEU J 15 17.80 -43.10 -0.71
CA LEU J 15 17.67 -41.66 -0.50
C LEU J 15 18.94 -40.89 -0.88
N ALA J 16 18.78 -39.89 -1.74
CA ALA J 16 19.87 -39.00 -2.12
C ALA J 16 19.56 -37.56 -1.69
N SER J 17 20.51 -36.95 -0.99
CA SER J 17 20.30 -35.61 -0.42
C SER J 17 21.45 -34.66 -0.72
N SER J 18 21.09 -33.42 -1.06
CA SER J 18 22.02 -32.34 -1.38
C SER J 18 23.02 -32.09 -0.25
N LYS J 19 24.28 -31.82 -0.63
CA LYS J 19 25.36 -31.64 0.34
C LYS J 19 25.65 -30.19 0.74
N ALA J 20 25.18 -29.22 -0.05
CA ALA J 20 25.49 -27.81 0.18
C ALA J 20 24.59 -27.14 1.22
N VAL J 21 25.17 -26.20 1.97
CA VAL J 21 24.43 -25.28 2.83
C VAL J 21 24.84 -23.85 2.48
N THR J 22 23.95 -23.17 1.79
CA THR J 22 24.22 -21.84 1.26
C THR J 22 23.38 -20.80 1.99
N ARG J 23 24.03 -19.75 2.48
CA ARG J 23 23.32 -18.62 3.06
C ARG J 23 23.85 -17.34 2.44
N GLY J 24 22.98 -16.64 1.72
CA GLY J 24 23.36 -15.41 1.03
C GLY J 24 24.17 -15.70 -0.21
N ILE J 25 25.39 -15.14 -0.25
CA ILE J 25 26.25 -15.28 -1.40
C ILE J 25 27.41 -16.28 -1.17
N SER J 26 27.43 -16.88 0.02
CA SER J 26 28.49 -17.81 0.42
C SER J 26 27.98 -19.24 0.61
N VAL J 27 28.71 -20.21 0.06
CA VAL J 27 28.43 -21.63 0.31
C VAL J 27 29.20 -22.04 1.57
N LEU J 28 28.49 -22.12 2.69
CA LEU J 28 29.10 -22.29 4.01
C LEU J 28 29.61 -23.70 4.29
N LYS J 29 29.03 -24.70 3.63
CA LYS J 29 29.40 -26.09 3.85
C LYS J 29 29.05 -26.94 2.63
N ASP J 30 29.93 -27.89 2.31
CA ASP J 30 29.73 -28.78 1.17
C ASP J 30 29.69 -30.27 1.55
N SER J 31 29.38 -30.55 2.82
CA SER J 31 29.33 -31.92 3.33
C SER J 31 28.23 -32.12 4.38
N ASP J 32 27.06 -31.58 4.10
CA ASP J 32 25.95 -31.60 5.05
C ASP J 32 25.06 -32.84 4.88
N ASP J 33 24.84 -33.53 5.99
CA ASP J 33 24.01 -34.73 5.99
C ASP J 33 22.57 -34.36 6.31
N LYS J 34 21.77 -34.18 5.26
CA LYS J 34 20.37 -33.75 5.39
C LYS J 34 19.43 -34.91 5.68
N THR J 35 19.81 -35.75 6.65
CA THR J 35 19.01 -36.90 7.04
C THR J 35 19.13 -37.21 8.54
N ARG J 36 18.11 -37.86 9.08
CA ARG J 36 18.17 -38.44 10.42
C ARG J 36 17.70 -39.87 10.35
N GLN J 37 18.31 -40.73 11.16
CA GLN J 37 17.82 -42.08 11.36
C GLN J 37 16.76 -42.07 12.46
N LEU J 38 15.55 -42.51 12.11
CA LEU J 38 14.43 -42.54 13.05
C LEU J 38 14.37 -43.85 13.82
N SER J 39 14.71 -44.94 13.14
CA SER J 39 14.83 -46.26 13.75
C SER J 39 15.78 -47.12 12.90
N PRO J 40 16.23 -48.27 13.41
CA PRO J 40 17.16 -49.12 12.65
C PRO J 40 16.80 -49.36 11.17
N HIS J 41 15.51 -49.32 10.84
CA HIS J 41 15.05 -49.56 9.47
C HIS J 41 14.22 -48.43 8.87
N THR J 42 14.28 -47.25 9.48
CA THR J 42 13.57 -46.08 8.95
C THR J 42 14.44 -44.83 8.98
N LEU J 43 14.54 -44.19 7.81
CA LEU J 43 15.40 -43.03 7.61
C LEU J 43 14.59 -41.88 7.01
N MET J 44 14.83 -40.67 7.52
CA MET J 44 14.14 -39.48 7.05
C MET J 44 15.10 -38.41 6.55
N SER J 45 14.86 -37.93 5.33
CA SER J 45 15.57 -36.77 4.79
C SER J 45 14.67 -35.55 4.88
N PHE J 46 15.25 -34.34 4.80
CA PHE J 46 14.50 -33.11 5.03
C PHE J 46 15.08 -31.88 4.30
N ALA J 47 14.19 -30.98 3.91
CA ALA J 47 14.57 -29.70 3.27
C ALA J 47 13.53 -28.62 3.54
N GLY J 48 14.00 -27.38 3.69
CA GLY J 48 13.11 -26.23 3.91
C GLY J 48 13.78 -25.05 4.58
N GLU J 49 13.03 -24.39 5.45
CA GLU J 49 13.50 -23.18 6.16
C GLU J 49 14.70 -23.50 7.07
N ALA J 50 15.62 -22.53 7.16
CA ALA J 50 16.93 -22.68 7.81
C ALA J 50 16.95 -23.41 9.16
N GLY J 51 16.17 -22.93 10.13
CA GLY J 51 16.21 -23.51 11.47
C GLY J 51 15.28 -24.70 11.61
N ASP J 52 14.03 -24.50 11.18
CA ASP J 52 12.95 -25.48 11.25
C ASP J 52 13.38 -26.87 10.82
N THR J 53 14.26 -26.93 9.83
CA THR J 53 14.64 -28.17 9.17
C THR J 53 15.28 -29.20 10.11
N VAL J 54 16.30 -28.80 10.86
CA VAL J 54 17.00 -29.70 11.78
C VAL J 54 16.20 -29.92 13.08
N GLN J 55 15.57 -28.85 13.57
CA GLN J 55 14.75 -28.90 14.79
C GLN J 55 13.60 -29.89 14.67
N PHE J 56 12.92 -29.89 13.53
CA PHE J 56 11.82 -30.83 13.29
C PHE J 56 12.32 -32.28 13.19
N ALA J 57 13.42 -32.48 12.48
CA ALA J 57 13.99 -33.80 12.30
C ALA J 57 14.40 -34.43 13.63
N GLU J 58 15.10 -33.65 14.44
CA GLU J 58 15.61 -34.12 15.72
C GLU J 58 14.48 -34.33 16.73
N TYR J 59 13.44 -33.51 16.63
CA TYR J 59 12.25 -33.67 17.46
C TYR J 59 11.50 -34.96 17.13
N ILE J 60 11.33 -35.24 15.84
CA ILE J 60 10.69 -36.49 15.39
C ILE J 60 11.53 -37.69 15.82
N GLN J 61 12.85 -37.54 15.73
CA GLN J 61 13.79 -38.60 16.08
C GLN J 61 13.71 -38.99 17.55
N ALA J 62 13.59 -37.99 18.43
CA ALA J 62 13.50 -38.21 19.87
C ALA J 62 12.22 -38.97 20.23
N ASN J 63 11.12 -38.65 19.55
CA ASN J 63 9.83 -39.30 19.77
C ASN J 63 9.76 -40.75 19.32
N ILE J 64 10.35 -41.05 18.16
CA ILE J 64 10.37 -42.42 17.65
C ILE J 64 11.31 -43.30 18.50
N GLN J 65 12.42 -42.71 18.95
CA GLN J 65 13.36 -43.40 19.83
C GLN J 65 12.74 -43.67 21.20
N LEU J 66 11.92 -42.73 21.67
CA LEU J 66 11.20 -42.87 22.93
C LEU J 66 10.17 -43.99 22.85
N TYR J 67 9.47 -44.06 21.72
CA TYR J 67 8.52 -45.13 21.46
C TYR J 67 9.22 -46.50 21.48
N SER J 68 10.37 -46.59 20.81
CA SER J 68 11.12 -47.84 20.73
C SER J 68 11.56 -48.37 22.10
N ILE J 69 12.02 -47.48 22.97
CA ILE J 69 12.45 -47.84 24.31
C ILE J 69 11.27 -48.31 25.17
N ARG J 70 10.14 -47.58 25.10
CA ARG J 70 8.96 -47.89 25.89
C ARG J 70 8.37 -49.25 25.51
N GLU J 71 8.26 -49.48 24.21
CA GLU J 71 7.57 -50.65 23.66
C GLU J 71 8.49 -51.83 23.38
N ASP J 72 9.80 -51.60 23.42
CA ASP J 72 10.82 -52.57 22.98
C ASP J 72 10.47 -53.14 21.61
N TYR J 73 10.14 -52.22 20.69
CA TYR J 73 9.59 -52.57 19.39
C TYR J 73 9.81 -51.43 18.41
N GLU J 74 9.92 -51.76 17.13
CA GLU J 74 10.12 -50.77 16.08
C GLU J 74 8.84 -50.56 15.26
N LEU J 75 8.39 -49.31 15.20
CA LEU J 75 7.23 -48.94 14.40
C LEU J 75 7.47 -49.19 12.92
N SER J 76 6.43 -49.66 12.24
CA SER J 76 6.47 -49.83 10.79
C SER J 76 6.60 -48.47 10.13
N PRO J 77 7.27 -48.42 8.95
CA PRO J 77 7.39 -47.16 8.21
C PRO J 77 6.05 -46.45 7.99
N GLN J 78 4.96 -47.21 7.82
CA GLN J 78 3.63 -46.64 7.67
C GLN J 78 3.21 -45.89 8.94
N ALA J 79 3.54 -46.45 10.10
CA ALA J 79 3.16 -45.84 11.37
C ALA J 79 3.97 -44.59 11.66
N VAL J 80 5.26 -44.63 11.31
CA VAL J 80 6.16 -43.50 11.51
C VAL J 80 5.75 -42.32 10.65
N SER J 81 5.38 -42.59 9.39
CA SER J 81 5.01 -41.55 8.43
C SER J 81 3.63 -40.95 8.71
N SER J 82 2.82 -41.65 9.49
CA SER J 82 1.53 -41.11 9.91
C SER J 82 1.74 -40.16 11.08
N PHE J 83 2.68 -40.51 11.95
CA PHE J 83 3.04 -39.67 13.08
C PHE J 83 3.66 -38.36 12.59
N VAL J 84 4.52 -38.46 11.58
CA VAL J 84 5.16 -37.26 11.03
C VAL J 84 4.11 -36.35 10.38
N ARG J 85 3.23 -36.92 9.56
CA ARG J 85 2.18 -36.15 8.89
C ARG J 85 1.35 -35.32 9.87
N GLN J 86 0.91 -35.97 10.95
CA GLN J 86 0.01 -35.35 11.92
C GLN J 86 0.68 -34.22 12.70
N GLU J 87 1.98 -34.32 12.89
CA GLU J 87 2.76 -33.25 13.53
C GLU J 87 2.81 -32.02 12.62
N LEU J 88 3.00 -32.25 11.32
CA LEU J 88 2.99 -31.16 10.34
C LEU J 88 1.57 -30.61 10.15
N ALA J 89 0.60 -31.52 10.02
CA ALA J 89 -0.81 -31.13 9.93
C ALA J 89 -1.25 -30.30 11.14
N LYS J 90 -0.72 -30.64 12.33
CA LYS J 90 -0.86 -29.82 13.53
C LYS J 90 -0.18 -28.46 13.40
N SER J 91 1.06 -28.46 12.90
CA SER J 91 1.92 -27.27 12.95
C SER J 91 1.52 -26.20 11.94
N ILE J 92 0.92 -26.61 10.83
CA ILE J 92 0.52 -25.68 9.77
C ILE J 92 -0.60 -24.71 10.22
N ARG J 93 -1.34 -25.10 11.26
CA ARG J 93 -2.41 -24.28 11.79
C ARG J 93 -2.05 -23.66 13.15
N SER J 94 -0.75 -23.62 13.44
CA SER J 94 -0.25 -23.00 14.67
C SER J 94 0.32 -21.60 14.39
N ARG J 95 0.86 -20.96 15.44
CA ARG J 95 1.36 -19.58 15.34
C ARG J 95 2.50 -19.45 14.34
N ARG J 96 3.49 -20.32 14.45
CA ARG J 96 4.61 -20.36 13.50
C ARG J 96 4.84 -21.80 13.04
N PRO J 97 4.40 -22.11 11.81
CA PRO J 97 4.45 -23.47 11.27
C PRO J 97 5.85 -23.91 10.86
N TYR J 98 6.18 -25.17 11.15
CA TYR J 98 7.38 -25.80 10.60
C TYR J 98 7.29 -25.76 9.08
N GLN J 99 8.30 -25.16 8.46
CA GLN J 99 8.40 -25.13 7.00
C GLN J 99 9.41 -26.18 6.53
N VAL J 100 9.03 -27.44 6.68
CA VAL J 100 9.91 -28.58 6.36
C VAL J 100 9.22 -29.59 5.46
N ASN J 101 9.88 -29.96 4.38
CA ASN J 101 9.43 -31.04 3.51
C ASN J 101 10.31 -32.26 3.71
N VAL J 102 9.70 -33.43 3.86
CA VAL J 102 10.46 -34.65 4.19
C VAL J 102 10.20 -35.84 3.27
N LEU J 103 11.14 -36.78 3.28
CA LEU J 103 10.94 -38.10 2.70
C LEU J 103 11.21 -39.18 3.74
N ILE J 104 10.29 -40.13 3.88
CA ILE J 104 10.48 -41.26 4.76
C ILE J 104 10.85 -42.48 3.94
N GLY J 105 12.05 -43.01 4.18
CA GLY J 105 12.48 -44.24 3.53
C GLY J 105 12.60 -45.34 4.58
N GLY J 106 11.81 -46.40 4.40
CA GLY J 106 11.80 -47.47 5.38
C GLY J 106 11.64 -48.86 4.79
N TYR J 107 12.17 -49.86 5.50
CA TYR J 107 11.95 -51.26 5.15
C TYR J 107 11.13 -51.91 6.25
N ASP J 108 9.92 -52.33 5.91
CA ASP J 108 9.03 -53.00 6.84
C ASP J 108 9.48 -54.44 7.04
N LYS J 109 10.01 -54.74 8.22
CA LYS J 109 10.52 -56.09 8.55
C LYS J 109 9.40 -57.14 8.62
N LYS J 110 8.20 -56.70 8.95
CA LYS J 110 7.03 -57.56 9.02
C LYS J 110 6.51 -57.94 7.63
N LYS J 111 6.37 -56.95 6.76
CA LYS J 111 5.82 -57.16 5.41
C LYS J 111 6.86 -57.58 4.38
N ASN J 112 8.15 -57.44 4.73
CA ASN J 112 9.28 -57.67 3.83
C ASN J 112 9.23 -56.83 2.56
N LYS J 113 8.92 -55.54 2.73
CA LYS J 113 8.82 -54.61 1.60
C LYS J 113 9.38 -53.23 1.91
N PRO J 114 10.10 -52.64 0.95
CA PRO J 114 10.57 -51.26 1.08
C PRO J 114 9.42 -50.29 0.88
N GLU J 115 9.49 -49.14 1.54
CA GLU J 115 8.44 -48.12 1.45
C GLU J 115 9.00 -46.71 1.43
N LEU J 116 8.43 -45.87 0.57
CA LEU J 116 8.84 -44.48 0.44
C LEU J 116 7.62 -43.57 0.58
N TYR J 117 7.74 -42.55 1.42
CA TYR J 117 6.66 -41.61 1.65
C TYR J 117 7.11 -40.18 1.44
N GLN J 118 6.36 -39.44 0.62
CA GLN J 118 6.60 -38.02 0.43
C GLN J 118 5.59 -37.22 1.27
N ILE J 119 6.10 -36.36 2.15
CA ILE J 119 5.26 -35.52 3.00
C ILE J 119 5.75 -34.08 2.98
N ASP J 120 4.87 -33.14 2.63
CA ASP J 120 5.24 -31.74 2.61
C ASP J 120 4.82 -30.98 3.88
N TYR J 121 5.29 -29.74 4.03
CA TYR J 121 5.07 -28.95 5.25
C TYR J 121 3.59 -28.76 5.63
N LEU J 122 2.69 -28.96 4.68
CA LEU J 122 1.24 -28.87 4.94
C LEU J 122 0.70 -30.13 5.62
N GLY J 123 1.45 -31.22 5.53
CA GLY J 123 1.00 -32.51 6.02
C GLY J 123 0.28 -33.29 4.93
N THR J 124 0.86 -33.28 3.74
CA THR J 124 0.31 -34.00 2.58
C THR J 124 1.15 -35.25 2.34
N LYS J 125 0.68 -36.39 2.84
CA LYS J 125 1.41 -37.65 2.65
C LYS J 125 0.94 -38.39 1.41
N VAL J 126 1.87 -39.08 0.77
CA VAL J 126 1.56 -40.04 -0.27
C VAL J 126 2.69 -41.07 -0.45
N GLU J 127 2.32 -42.34 -0.65
CA GLU J 127 3.31 -43.42 -0.86
C GLU J 127 3.62 -43.52 -2.35
N LEU J 128 4.91 -43.66 -2.67
CA LEU J 128 5.37 -43.57 -4.06
C LEU J 128 6.51 -44.54 -4.41
N PRO J 129 6.62 -44.91 -5.70
CA PRO J 129 7.82 -45.62 -6.16
C PRO J 129 9.03 -44.70 -6.13
N TYR J 130 8.81 -43.43 -6.45
CA TYR J 130 9.86 -42.43 -6.42
C TYR J 130 9.29 -41.07 -6.07
N GLY J 131 10.09 -40.26 -5.37
CA GLY J 131 9.64 -38.95 -4.91
C GLY J 131 10.75 -37.90 -4.89
N ALA J 132 10.33 -36.64 -4.84
CA ALA J 132 11.25 -35.51 -4.82
C ALA J 132 10.57 -34.26 -4.23
N HIS J 133 11.33 -33.48 -3.48
CA HIS J 133 10.84 -32.19 -2.98
C HIS J 133 11.54 -31.03 -3.67
N GLY J 134 10.89 -29.88 -3.68
CA GLY J 134 11.45 -28.67 -4.27
C GLY J 134 11.42 -28.69 -5.79
N TYR J 135 12.34 -27.95 -6.40
CA TYR J 135 12.43 -27.85 -7.86
C TYR J 135 12.97 -29.12 -8.49
N SER J 136 13.71 -29.91 -7.70
CA SER J 136 14.31 -31.17 -8.15
C SER J 136 13.31 -32.03 -8.92
N GLY J 137 12.09 -32.13 -8.40
CA GLY J 137 11.04 -32.94 -9.00
C GLY J 137 10.71 -32.62 -10.44
N PHE J 138 10.79 -31.34 -10.79
CA PHE J 138 10.49 -30.87 -12.14
C PHE J 138 11.37 -31.52 -13.22
N TYR J 139 12.52 -32.08 -12.80
CA TYR J 139 13.40 -32.80 -13.72
C TYR J 139 13.33 -34.32 -13.54
N THR J 140 13.33 -34.77 -12.29
CA THR J 140 13.50 -36.19 -11.98
C THR J 140 12.23 -37.02 -12.16
N PHE J 141 11.06 -36.41 -11.92
CA PHE J 141 9.79 -37.13 -12.05
C PHE J 141 9.56 -37.73 -13.44
N SER J 142 9.77 -36.94 -14.48
CA SER J 142 9.59 -37.39 -15.85
C SER J 142 10.69 -38.35 -16.31
N LEU J 143 11.90 -38.13 -15.80
CA LEU J 143 13.04 -38.99 -16.08
C LEU J 143 12.78 -40.41 -15.58
N LEU J 144 12.30 -40.50 -14.34
CA LEU J 144 12.00 -41.78 -13.69
C LEU J 144 10.75 -42.45 -14.27
N ASP J 145 9.76 -41.65 -14.65
CA ASP J 145 8.60 -42.15 -15.39
C ASP J 145 9.05 -43.03 -16.57
N HIS J 146 10.13 -42.60 -17.22
CA HIS J 146 10.67 -43.28 -18.40
C HIS J 146 11.55 -44.48 -18.03
N HIS J 147 12.53 -44.26 -17.16
CA HIS J 147 13.57 -45.26 -16.88
C HIS J 147 13.22 -46.30 -15.82
N TYR J 148 12.41 -45.92 -14.85
CA TYR J 148 12.12 -46.78 -13.70
C TYR J 148 11.35 -48.06 -14.04
N ARG J 149 11.80 -49.17 -13.47
CA ARG J 149 11.05 -50.43 -13.44
C ARG J 149 10.84 -50.82 -11.98
N PRO J 150 9.70 -51.45 -11.66
CA PRO J 150 9.38 -51.74 -10.24
C PRO J 150 10.15 -52.91 -9.61
N ASP J 151 10.84 -53.71 -10.44
CA ASP J 151 11.59 -54.88 -9.95
C ASP J 151 13.12 -54.71 -10.02
N MET J 152 13.58 -53.47 -10.14
CA MET J 152 15.02 -53.17 -10.23
C MET J 152 15.78 -53.57 -8.97
N THR J 153 17.03 -54.03 -9.16
CA THR J 153 17.92 -54.33 -8.04
C THR J 153 18.44 -53.04 -7.45
N THR J 154 19.00 -53.12 -6.25
CA THR J 154 19.59 -51.96 -5.58
C THR J 154 20.72 -51.36 -6.41
N GLU J 155 21.43 -52.23 -7.13
CA GLU J 155 22.49 -51.80 -8.04
C GLU J 155 21.92 -51.00 -9.22
N GLU J 156 20.79 -51.46 -9.77
CA GLU J 156 20.09 -50.74 -10.83
C GLU J 156 19.52 -49.42 -10.34
N GLY J 157 19.08 -49.41 -9.09
CA GLY J 157 18.52 -48.21 -8.47
C GLY J 157 19.54 -47.11 -8.26
N LEU J 158 20.79 -47.49 -8.01
CA LEU J 158 21.88 -46.53 -7.85
C LEU J 158 22.29 -45.92 -9.19
N ASP J 159 22.35 -46.75 -10.23
CA ASP J 159 22.58 -46.28 -11.59
C ASP J 159 21.52 -45.26 -12.00
N LEU J 160 20.29 -45.51 -11.56
CA LEU J 160 19.13 -44.70 -11.92
C LEU J 160 19.16 -43.34 -11.23
N LEU J 161 19.71 -43.31 -10.02
CA LEU J 161 19.93 -42.06 -9.29
C LEU J 161 21.04 -41.23 -9.91
N LYS J 162 22.12 -41.90 -10.30
CA LYS J 162 23.24 -41.22 -10.95
C LYS J 162 22.75 -40.48 -12.19
N LEU J 163 21.78 -41.07 -12.89
CA LEU J 163 21.17 -40.46 -14.06
C LEU J 163 20.34 -39.24 -13.69
N CYS J 164 19.77 -39.25 -12.48
CA CYS J 164 19.01 -38.11 -11.96
C CYS J 164 19.93 -36.99 -11.53
N VAL J 165 21.04 -37.35 -10.89
CA VAL J 165 22.02 -36.37 -10.38
C VAL J 165 22.78 -35.72 -11.52
N GLN J 166 23.05 -36.47 -12.58
CA GLN J 166 23.71 -35.93 -13.77
C GLN J 166 22.83 -34.88 -14.45
N GLU J 167 21.53 -35.14 -14.49
CA GLU J 167 20.56 -34.23 -15.08
C GLU J 167 20.39 -32.93 -14.28
N LEU J 168 20.34 -33.06 -12.96
CA LEU J 168 20.24 -31.91 -12.07
C LEU J 168 21.49 -31.04 -12.12
N GLU J 169 22.65 -31.66 -12.23
CA GLU J 169 23.93 -30.94 -12.34
C GLU J 169 24.05 -30.18 -13.67
N LYS J 170 23.46 -30.73 -14.73
CA LYS J 170 23.50 -30.09 -16.04
C LYS J 170 22.54 -28.91 -16.15
N ARG J 171 21.33 -29.07 -15.61
CA ARG J 171 20.23 -28.14 -15.87
C ARG J 171 19.84 -27.19 -14.75
N MET J 172 20.06 -27.58 -13.49
CA MET J 172 19.68 -26.73 -12.37
C MET J 172 20.71 -25.64 -12.05
N PRO J 173 20.24 -24.43 -11.76
CA PRO J 173 21.06 -23.22 -11.67
C PRO J 173 22.04 -23.20 -10.50
N MET J 174 21.70 -23.92 -9.43
CA MET J 174 22.48 -23.89 -8.21
C MET J 174 23.51 -25.01 -8.15
N ASP J 175 24.67 -24.70 -7.58
CA ASP J 175 25.67 -25.71 -7.26
C ASP J 175 25.30 -26.28 -5.90
N PHE J 176 24.79 -27.51 -5.90
CA PHE J 176 24.35 -28.16 -4.66
C PHE J 176 25.41 -29.08 -4.06
N LYS J 177 26.61 -29.03 -4.65
CA LYS J 177 27.81 -29.73 -4.14
C LYS J 177 27.66 -31.25 -4.02
N GLY J 178 26.99 -31.88 -4.99
CA GLY J 178 26.85 -33.34 -4.98
C GLY J 178 25.86 -33.84 -3.95
N VAL J 179 25.77 -35.16 -3.81
CA VAL J 179 24.79 -35.78 -2.90
C VAL J 179 25.39 -36.83 -1.96
N ILE J 180 24.77 -37.00 -0.80
CA ILE J 180 25.03 -38.13 0.08
C ILE J 180 23.91 -39.15 -0.13
N VAL J 181 24.28 -40.39 -0.40
CA VAL J 181 23.33 -41.44 -0.76
C VAL J 181 23.27 -42.52 0.32
N LYS J 182 22.06 -42.89 0.71
CA LYS J 182 21.88 -43.94 1.72
C LYS J 182 20.92 -45.04 1.25
N ILE J 183 21.23 -46.27 1.63
CA ILE J 183 20.38 -47.42 1.31
C ILE J 183 19.65 -47.91 2.57
N VAL J 184 18.35 -48.14 2.42
CA VAL J 184 17.53 -48.71 3.49
C VAL J 184 16.95 -50.04 2.99
N ASP J 185 17.40 -51.13 3.60
CA ASP J 185 16.88 -52.47 3.28
C ASP J 185 16.66 -53.32 4.54
N LYS J 186 16.63 -54.64 4.36
CA LYS J 186 16.40 -55.59 5.44
C LYS J 186 17.54 -55.64 6.48
N ASP J 187 18.72 -55.17 6.09
CA ASP J 187 19.89 -55.19 6.98
C ASP J 187 20.13 -53.84 7.66
N GLY J 188 19.19 -52.91 7.48
CA GLY J 188 19.28 -51.59 8.10
C GLY J 188 19.69 -50.49 7.15
N ILE J 189 20.32 -49.46 7.70
CA ILE J 189 20.71 -48.27 6.96
C ILE J 189 22.23 -48.21 6.79
N ARG J 190 22.68 -48.02 5.56
CA ARG J 190 24.10 -47.84 5.27
C ARG J 190 24.33 -46.71 4.27
N GLN J 191 25.54 -46.17 4.27
CA GLN J 191 25.89 -45.06 3.39
C GLN J 191 26.79 -45.54 2.26
N VAL J 192 26.50 -45.07 1.04
CA VAL J 192 27.34 -45.35 -0.11
C VAL J 192 28.51 -44.36 -0.09
N ASP J 193 29.67 -44.85 0.37
CA ASP J 193 30.84 -44.01 0.57
C ASP J 193 31.25 -43.24 -0.69
N ASP J 194 31.36 -43.97 -1.80
CA ASP J 194 31.72 -43.36 -3.08
C ASP J 194 30.50 -43.23 -4.00
N PHE J 195 29.95 -42.02 -4.07
CA PHE J 195 28.97 -41.68 -5.10
C PHE J 195 29.48 -40.52 -5.95
N GLN J 196 30.16 -39.58 -5.28
CA GLN J 196 30.77 -38.40 -5.92
C GLN J 196 31.57 -38.75 -7.18
N ALA J 197 32.21 -39.93 -7.17
CA ALA J 197 32.89 -40.47 -8.34
C ALA J 197 32.77 -42.01 -8.38
N GLN J 198 31.53 -42.50 -8.25
CA GLN J 198 31.25 -43.95 -8.26
C GLN J 198 31.42 -44.54 -9.66
N THR K 1 31.18 -6.05 10.63
CA THR K 1 32.07 -7.11 11.12
C THR K 1 32.70 -7.99 10.04
N THR K 2 33.95 -8.40 10.23
CA THR K 2 34.44 -9.69 9.76
C THR K 2 35.01 -10.57 10.87
N THR K 3 34.61 -11.84 10.89
CA THR K 3 35.13 -12.84 11.83
C THR K 3 35.47 -14.12 11.08
N LEU K 4 36.56 -14.78 11.46
CA LEU K 4 36.88 -16.10 10.95
C LEU K 4 37.44 -17.07 12.00
N ALA K 5 37.25 -18.37 11.75
CA ALA K 5 37.87 -19.41 12.55
C ALA K 5 38.13 -20.63 11.69
N PHE K 6 39.34 -21.17 11.77
CA PHE K 6 39.69 -22.38 11.03
C PHE K 6 40.49 -23.39 11.84
N ARG K 7 40.40 -24.64 11.42
CA ARG K 7 41.04 -25.76 12.09
C ARG K 7 42.24 -26.22 11.27
N PHE K 8 43.32 -26.57 11.95
CA PHE K 8 44.55 -27.01 11.28
C PHE K 8 45.38 -27.96 12.16
N GLN K 9 46.55 -28.34 11.64
CA GLN K 9 47.50 -29.24 12.32
C GLN K 9 47.67 -28.96 13.82
N GLY K 10 47.84 -27.69 14.18
CA GLY K 10 48.16 -27.30 15.55
C GLY K 10 47.03 -26.66 16.35
N GLY K 11 45.79 -26.94 15.96
CA GLY K 11 44.63 -26.46 16.72
C GLY K 11 43.64 -25.62 15.93
N ILE K 12 43.23 -24.49 16.53
CA ILE K 12 42.25 -23.57 15.95
C ILE K 12 42.80 -22.15 15.96
N ILE K 13 42.64 -21.44 14.84
CA ILE K 13 42.95 -20.01 14.78
C ILE K 13 41.65 -19.23 14.73
N VAL K 14 41.56 -18.17 15.53
CA VAL K 14 40.39 -17.30 15.55
C VAL K 14 40.84 -15.84 15.36
N ALA K 15 40.23 -15.16 14.39
CA ALA K 15 40.58 -13.77 14.08
C ALA K 15 39.34 -12.93 13.78
N VAL K 16 39.31 -11.71 14.32
CA VAL K 16 38.17 -10.81 14.18
C VAL K 16 38.62 -9.36 13.96
N ASP K 17 37.80 -8.57 13.29
CA ASP K 17 38.01 -7.12 13.25
C ASP K 17 37.43 -6.49 14.53
N SER K 18 37.27 -5.17 14.55
CA SER K 18 36.79 -4.51 15.76
C SER K 18 35.89 -3.30 15.51
N ARG K 19 35.26 -3.25 14.34
CA ARG K 19 34.45 -2.09 13.97
C ARG K 19 32.96 -2.28 14.26
N ALA K 20 32.35 -1.24 14.82
CA ALA K 20 30.90 -1.19 15.00
C ALA K 20 30.34 -0.05 14.18
N THR K 21 29.25 -0.31 13.47
CA THR K 21 28.64 0.68 12.58
C THR K 21 27.16 0.88 12.88
N ALA K 22 26.70 2.12 12.71
CA ALA K 22 25.27 2.42 12.68
C ALA K 22 24.96 3.07 11.33
N GLY K 23 24.73 2.23 10.33
CA GLY K 23 24.60 2.69 8.96
C GLY K 23 25.97 2.94 8.36
N ASN K 24 26.22 4.17 7.96
CA ASN K 24 27.54 4.55 7.45
C ASN K 24 28.39 5.25 8.50
N TRP K 25 27.80 5.47 9.67
CA TRP K 25 28.49 6.05 10.81
C TRP K 25 29.30 4.97 11.52
N VAL K 26 30.58 5.23 11.70
CA VAL K 26 31.45 4.34 12.46
C VAL K 26 31.26 4.64 13.96
N ALA K 27 30.59 3.74 14.65
CA ALA K 27 30.27 3.92 16.06
C ALA K 27 31.48 3.66 16.94
N SER K 28 32.27 2.65 16.57
CA SER K 28 33.46 2.26 17.33
C SER K 28 34.50 1.57 16.45
N GLN K 29 35.76 1.76 16.83
CA GLN K 29 36.90 1.10 16.18
C GLN K 29 37.60 0.14 17.15
N THR K 30 37.05 -0.02 18.36
CA THR K 30 37.69 -0.82 19.41
C THR K 30 36.74 -1.78 20.11
N VAL K 31 36.05 -2.62 19.34
CA VAL K 31 35.11 -3.58 19.90
C VAL K 31 35.76 -4.96 20.08
N LYS K 32 35.52 -5.57 21.24
CA LYS K 32 35.90 -6.96 21.47
C LYS K 32 34.81 -7.88 20.93
N LYS K 33 35.08 -8.49 19.78
CA LYS K 33 34.12 -9.38 19.15
C LYS K 33 34.35 -10.85 19.52
N VAL K 34 35.22 -11.07 20.49
CA VAL K 34 35.50 -12.42 21.01
C VAL K 34 35.13 -12.49 22.49
N ILE K 35 34.25 -13.44 22.83
CA ILE K 35 33.91 -13.70 24.22
C ILE K 35 34.68 -14.90 24.73
N GLU K 36 35.39 -14.71 25.84
CA GLU K 36 36.08 -15.79 26.53
C GLU K 36 35.10 -16.46 27.49
N ILE K 37 34.47 -17.55 27.03
CA ILE K 37 33.51 -18.31 27.84
C ILE K 37 34.22 -18.99 29.01
N ASN K 38 35.28 -19.72 28.71
CA ASN K 38 36.19 -20.30 29.72
C ASN K 38 37.59 -20.51 29.11
N PRO K 39 38.57 -20.99 29.92
CA PRO K 39 39.92 -21.23 29.38
C PRO K 39 39.98 -22.10 28.11
N PHE K 40 38.90 -22.82 27.80
CA PHE K 40 38.87 -23.74 26.66
C PHE K 40 37.74 -23.44 25.66
N LEU K 41 37.06 -22.32 25.84
CA LEU K 41 35.91 -21.95 25.00
C LEU K 41 35.89 -20.48 24.59
N LEU K 42 35.73 -20.26 23.29
CA LEU K 42 35.62 -18.92 22.74
C LEU K 42 34.34 -18.74 21.91
N GLY K 43 33.82 -17.51 21.91
CA GLY K 43 32.69 -17.15 21.08
C GLY K 43 33.04 -15.94 20.22
N THR K 44 32.59 -15.94 18.97
CA THR K 44 32.79 -14.80 18.08
C THR K 44 31.46 -14.10 17.84
N MET K 45 31.49 -12.81 17.51
CA MET K 45 30.27 -12.02 17.37
C MET K 45 30.19 -11.29 16.03
N ALA K 46 29.03 -11.37 15.40
CA ALA K 46 28.72 -10.64 14.16
C ALA K 46 27.21 -10.40 14.10
N GLY K 47 26.82 -9.25 13.54
CA GLY K 47 25.41 -8.85 13.50
C GLY K 47 25.10 -7.84 14.57
N GLY K 48 23.90 -7.93 15.14
CA GLY K 48 23.46 -6.99 16.19
C GLY K 48 24.39 -7.01 17.39
N ALA K 49 24.96 -5.86 17.71
CA ALA K 49 25.92 -5.73 18.81
C ALA K 49 25.37 -6.15 20.17
N ALA K 50 24.22 -5.59 20.56
CA ALA K 50 23.56 -5.98 21.78
C ALA K 50 23.15 -7.46 21.78
N ASP K 51 22.58 -7.93 20.68
CA ASP K 51 22.14 -9.33 20.53
C ASP K 51 23.26 -10.33 20.82
N CYS K 52 24.44 -10.06 20.28
CA CYS K 52 25.58 -10.95 20.43
C CYS K 52 26.15 -10.88 21.84
N GLN K 53 26.45 -9.66 22.28
CA GLN K 53 27.01 -9.40 23.60
C GLN K 53 26.16 -10.01 24.70
N PHE K 54 24.87 -9.64 24.72
CA PHE K 54 23.94 -10.12 25.73
C PHE K 54 23.83 -11.65 25.78
N TRP K 55 23.59 -12.26 24.63
CA TRP K 55 23.31 -13.70 24.60
C TRP K 55 24.54 -14.59 24.74
N GLU K 56 25.69 -14.09 24.32
CA GLU K 56 26.94 -14.84 24.49
C GLU K 56 27.47 -14.72 25.91
N THR K 57 27.25 -13.57 26.55
CA THR K 57 27.53 -13.42 27.98
C THR K 57 26.60 -14.35 28.76
N TRP K 58 25.34 -14.43 28.32
CA TRP K 58 24.36 -15.34 28.90
C TRP K 58 24.80 -16.79 28.72
N LEU K 59 25.33 -17.10 27.53
CA LEU K 59 25.88 -18.43 27.25
C LEU K 59 26.99 -18.79 28.24
N GLY K 60 27.87 -17.84 28.53
CA GLY K 60 28.96 -18.02 29.48
C GLY K 60 28.46 -18.50 30.83
N SER K 61 27.34 -17.92 31.28
CA SER K 61 26.69 -18.30 32.52
C SER K 61 26.11 -19.70 32.47
N GLN K 62 25.50 -20.04 31.32
CA GLN K 62 24.89 -21.36 31.13
C GLN K 62 25.95 -22.47 31.17
N CYS K 63 27.12 -22.15 30.64
CA CYS K 63 28.27 -23.06 30.65
C CYS K 63 28.85 -23.24 32.04
N ARG K 64 28.98 -22.14 32.79
CA ARG K 64 29.46 -22.18 34.16
C ARG K 64 28.53 -23.02 35.04
N LEU K 65 27.22 -22.84 34.85
CA LEU K 65 26.20 -23.65 35.50
C LEU K 65 26.33 -25.14 35.19
N HIS K 66 26.70 -25.47 33.96
CA HIS K 66 26.94 -26.86 33.56
C HIS K 66 28.11 -27.45 34.34
N GLU K 67 29.16 -26.64 34.53
CA GLU K 67 30.35 -27.04 35.30
C GLU K 67 30.01 -27.42 36.74
N LEU K 68 29.22 -26.57 37.39
CA LEU K 68 28.82 -26.78 38.78
C LEU K 68 27.86 -27.96 38.90
N ARG K 69 27.01 -28.12 37.89
CA ARG K 69 25.99 -29.16 37.88
C ARG K 69 26.60 -30.52 37.57
N GLU K 70 27.46 -30.57 36.56
CA GLU K 70 27.97 -31.85 36.05
C GLU K 70 29.42 -32.19 36.46
N LYS K 71 30.10 -31.26 37.12
CA LYS K 71 31.48 -31.45 37.59
C LYS K 71 32.43 -31.79 36.44
N GLU K 72 32.23 -31.12 35.32
CA GLU K 72 32.95 -31.35 34.06
C GLU K 72 32.71 -30.17 33.13
N ARG K 73 33.73 -29.80 32.36
CA ARG K 73 33.62 -28.72 31.38
C ARG K 73 32.70 -29.08 30.21
N ILE K 74 31.87 -28.12 29.80
CA ILE K 74 30.90 -28.30 28.73
C ILE K 74 31.57 -28.58 27.38
N SER K 75 31.01 -29.53 26.62
CA SER K 75 31.50 -29.83 25.28
C SER K 75 31.12 -28.71 24.32
N VAL K 76 31.88 -28.58 23.23
CA VAL K 76 31.64 -27.54 22.23
C VAL K 76 30.27 -27.72 21.57
N ALA K 77 29.92 -28.96 21.27
CA ALA K 77 28.63 -29.29 20.67
C ALA K 77 27.47 -28.86 21.57
N ALA K 78 27.60 -29.10 22.88
CA ALA K 78 26.57 -28.73 23.84
C ALA K 78 26.45 -27.23 24.03
N ALA K 79 27.58 -26.55 24.20
CA ALA K 79 27.59 -25.10 24.38
C ALA K 79 26.88 -24.41 23.21
N SER K 80 27.27 -24.78 21.99
CA SER K 80 26.69 -24.23 20.79
C SER K 80 25.18 -24.45 20.72
N LYS K 81 24.73 -25.60 21.20
CA LYS K 81 23.31 -25.96 21.14
C LYS K 81 22.47 -25.18 22.14
N ILE K 82 23.05 -24.84 23.30
CA ILE K 82 22.37 -23.95 24.25
C ILE K 82 21.98 -22.66 23.50
N LEU K 83 22.95 -22.09 22.79
CA LEU K 83 22.73 -20.84 22.04
C LEU K 83 21.81 -21.06 20.84
N SER K 84 22.04 -22.16 20.13
CA SER K 84 21.23 -22.53 18.99
C SER K 84 19.74 -22.65 19.33
N ASN K 85 19.45 -23.33 20.44
CA ASN K 85 18.06 -23.53 20.87
C ASN K 85 17.39 -22.27 21.42
N LEU K 86 18.15 -21.46 22.14
CA LEU K 86 17.67 -20.17 22.65
C LEU K 86 17.31 -19.26 21.46
N VAL K 87 18.24 -19.17 20.52
CA VAL K 87 18.06 -18.41 19.30
C VAL K 87 16.82 -18.86 18.50
N TYR K 88 16.56 -20.16 18.50
CA TYR K 88 15.41 -20.70 17.79
C TYR K 88 14.08 -20.35 18.46
N GLN K 89 14.09 -20.16 19.79
CA GLN K 89 12.89 -19.74 20.51
C GLN K 89 12.43 -18.35 20.05
N TYR K 90 13.39 -17.53 19.63
CA TYR K 90 13.14 -16.16 19.20
C TYR K 90 13.04 -16.02 17.66
N LYS K 91 12.92 -17.14 16.95
CA LYS K 91 12.91 -17.09 15.49
C LYS K 91 11.73 -16.26 15.00
N GLY K 92 12.01 -15.32 14.09
CA GLY K 92 11.00 -14.42 13.55
C GLY K 92 10.83 -13.13 14.32
N ALA K 93 11.50 -13.02 15.47
CA ALA K 93 11.39 -11.84 16.34
C ALA K 93 12.38 -10.74 15.95
N GLY K 94 13.35 -11.08 15.12
CA GLY K 94 14.28 -10.09 14.58
C GLY K 94 15.66 -10.02 15.24
N LEU K 95 16.03 -11.04 16.01
CA LEU K 95 17.41 -11.14 16.51
C LEU K 95 18.35 -11.27 15.32
N SER K 96 19.50 -10.61 15.40
CA SER K 96 20.47 -10.63 14.32
C SER K 96 21.84 -10.99 14.88
N MET K 97 22.25 -12.23 14.66
CA MET K 97 23.55 -12.71 15.14
C MET K 97 24.12 -13.86 14.32
N GLY K 98 25.37 -13.70 13.92
CA GLY K 98 26.15 -14.74 13.25
C GLY K 98 27.32 -15.00 14.18
N THR K 99 27.41 -16.22 14.68
CA THR K 99 28.30 -16.51 15.78
C THR K 99 29.12 -17.78 15.48
N MET K 100 30.30 -17.88 16.08
CA MET K 100 31.07 -19.13 16.07
C MET K 100 31.52 -19.47 17.47
N ILE K 101 31.37 -20.75 17.81
CA ILE K 101 31.74 -21.24 19.13
C ILE K 101 32.86 -22.26 18.98
N CYS K 102 34.05 -21.86 19.42
CA CYS K 102 35.28 -22.62 19.20
C CYS K 102 35.87 -23.08 20.52
N GLY K 103 36.36 -24.31 20.55
CA GLY K 103 36.96 -24.84 21.77
C GLY K 103 37.66 -26.19 21.65
N TYR K 104 38.22 -26.63 22.76
CA TYR K 104 38.84 -27.93 22.86
C TYR K 104 38.28 -28.72 24.04
N THR K 105 37.86 -29.94 23.78
CA THR K 105 37.53 -30.92 24.82
C THR K 105 38.15 -32.25 24.44
N ARG K 106 38.54 -33.04 25.45
CA ARG K 106 39.18 -34.33 25.22
C ARG K 106 38.35 -35.24 24.30
N LYS K 107 37.03 -35.24 24.51
CA LYS K 107 36.09 -36.06 23.73
C LYS K 107 36.09 -35.70 22.25
N GLU K 108 36.12 -34.39 21.97
CA GLU K 108 35.88 -33.86 20.62
C GLU K 108 37.15 -33.47 19.87
N GLY K 109 38.20 -33.15 20.61
CA GLY K 109 39.38 -32.51 20.03
C GLY K 109 39.06 -31.06 19.71
N PRO K 110 39.78 -30.46 18.74
CA PRO K 110 39.45 -29.11 18.29
C PRO K 110 38.15 -29.12 17.49
N THR K 111 37.23 -28.22 17.82
CA THR K 111 35.91 -28.19 17.19
C THR K 111 35.40 -26.77 16.99
N ILE K 112 34.84 -26.49 15.82
CA ILE K 112 34.18 -25.21 15.54
C ILE K 112 32.71 -25.41 15.17
N TYR K 113 31.84 -24.63 15.80
CA TYR K 113 30.41 -24.61 15.47
C TYR K 113 29.96 -23.23 15.06
N TYR K 114 29.29 -23.15 13.91
CA TYR K 114 28.67 -21.93 13.44
C TYR K 114 27.19 -21.92 13.85
N VAL K 115 26.78 -20.88 14.56
CA VAL K 115 25.37 -20.68 14.95
C VAL K 115 24.91 -19.29 14.50
N ASP K 116 23.76 -19.21 13.84
CA ASP K 116 23.17 -17.92 13.46
C ASP K 116 21.75 -17.74 14.01
N SER K 117 21.21 -16.53 13.87
CA SER K 117 19.89 -16.23 14.42
C SER K 117 18.73 -16.88 13.67
N ASP K 118 18.99 -17.41 12.48
CA ASP K 118 18.00 -18.19 11.72
C ASP K 118 17.71 -19.54 12.37
N GLY K 119 18.64 -20.01 13.20
CA GLY K 119 18.53 -21.31 13.85
C GLY K 119 19.49 -22.34 13.29
N THR K 120 20.25 -21.94 12.26
CA THR K 120 21.27 -22.78 11.64
C THR K 120 22.44 -23.04 12.60
N ARG K 121 22.83 -24.30 12.72
CA ARG K 121 23.98 -24.70 13.54
C ARG K 121 24.78 -25.75 12.78
N LEU K 122 26.03 -25.40 12.45
CA LEU K 122 26.88 -26.25 11.61
C LEU K 122 28.26 -26.48 12.20
N LYS K 123 28.71 -27.73 12.17
CA LYS K 123 30.08 -28.08 12.52
C LYS K 123 30.95 -28.07 11.26
N GLY K 124 32.14 -27.49 11.36
CA GLY K 124 33.06 -27.45 10.23
C GLY K 124 34.47 -27.07 10.60
N ASP K 125 35.35 -27.08 9.59
CA ASP K 125 36.76 -26.78 9.77
C ASP K 125 37.10 -25.31 9.47
N ILE K 126 36.32 -24.68 8.59
CA ILE K 126 36.56 -23.30 8.18
C ILE K 126 35.25 -22.49 8.11
N PHE K 127 35.21 -21.36 8.80
CA PHE K 127 34.07 -20.44 8.69
C PHE K 127 34.49 -18.98 8.69
N CYS K 128 33.85 -18.19 7.84
CA CYS K 128 33.95 -16.74 7.85
C CYS K 128 32.54 -16.18 7.96
N VAL K 129 32.36 -15.23 8.88
CA VAL K 129 31.03 -14.70 9.18
C VAL K 129 31.04 -13.18 9.21
N GLY K 130 29.99 -12.59 8.65
CA GLY K 130 29.79 -11.15 8.71
C GLY K 130 29.76 -10.51 7.34
N SER K 131 29.46 -9.22 7.31
CA SER K 131 29.41 -8.40 6.09
C SER K 131 30.65 -8.56 5.18
N GLY K 132 31.79 -8.90 5.77
CA GLY K 132 33.04 -9.05 5.02
C GLY K 132 33.56 -10.47 4.92
N GLN K 133 32.67 -11.45 5.05
CA GLN K 133 33.07 -12.86 5.02
C GLN K 133 33.72 -13.29 3.72
N THR K 134 33.17 -12.84 2.60
CA THR K 134 33.66 -13.18 1.26
C THR K 134 35.09 -12.70 1.01
N PHE K 135 35.42 -11.52 1.55
CA PHE K 135 36.75 -10.94 1.42
C PHE K 135 37.79 -11.75 2.17
N ALA K 136 37.40 -12.32 3.30
CA ALA K 136 38.24 -13.23 4.06
C ALA K 136 38.35 -14.57 3.32
N TYR K 137 37.22 -15.12 2.89
CA TYR K 137 37.17 -16.40 2.18
C TYR K 137 38.13 -16.49 1.00
N GLY K 138 38.21 -15.40 0.23
CA GLY K 138 39.09 -15.33 -0.94
C GLY K 138 40.56 -15.52 -0.61
N VAL K 139 41.02 -14.91 0.48
CA VAL K 139 42.41 -15.01 0.91
C VAL K 139 42.65 -16.31 1.68
N LEU K 140 41.68 -16.67 2.53
CA LEU K 140 41.80 -17.86 3.38
C LEU K 140 41.81 -19.16 2.59
N ASP K 141 40.82 -19.36 1.71
CA ASP K 141 40.75 -20.56 0.88
C ASP K 141 41.95 -20.73 -0.05
N SER K 142 42.45 -19.62 -0.57
CA SER K 142 43.56 -19.65 -1.54
C SER K 142 44.94 -19.80 -0.90
N ASN K 143 44.99 -19.95 0.43
CA ASN K 143 46.26 -20.17 1.13
C ASN K 143 46.20 -21.28 2.18
N TYR K 144 45.00 -21.84 2.39
CA TYR K 144 44.80 -22.84 3.45
C TYR K 144 45.39 -24.20 3.13
N LYS K 145 46.19 -24.71 4.05
CA LYS K 145 46.62 -26.10 4.08
C LYS K 145 46.49 -26.59 5.52
N TRP K 146 46.15 -27.86 5.69
CA TRP K 146 46.05 -28.44 7.03
C TRP K 146 47.39 -28.33 7.75
N ASP K 147 48.46 -28.71 7.05
CA ASP K 147 49.81 -28.78 7.62
C ASP K 147 50.54 -27.44 7.69
N LEU K 148 49.81 -26.38 7.98
CA LEU K 148 50.39 -25.06 8.26
C LEU K 148 50.98 -25.02 9.66
N SER K 149 52.08 -24.31 9.81
CA SER K 149 52.68 -24.08 11.13
C SER K 149 51.82 -23.11 11.93
N VAL K 150 51.90 -23.18 13.25
CA VAL K 150 51.19 -22.27 14.15
C VAL K 150 51.46 -20.80 13.79
N GLU K 151 52.72 -20.50 13.46
CA GLU K 151 53.15 -19.18 13.00
C GLU K 151 52.43 -18.75 11.72
N ASP K 152 52.51 -19.60 10.68
CA ASP K 152 51.88 -19.32 9.39
C ASP K 152 50.36 -19.25 9.50
N ALA K 153 49.78 -20.11 10.33
CA ALA K 153 48.34 -20.15 10.56
C ALA K 153 47.86 -18.87 11.23
N LEU K 154 48.61 -18.40 12.22
CA LEU K 154 48.34 -17.12 12.87
C LEU K 154 48.38 -15.96 11.88
N TYR K 155 49.37 -15.98 10.99
CA TYR K 155 49.51 -14.93 9.99
C TYR K 155 48.34 -14.93 9.01
N LEU K 156 48.03 -16.10 8.46
CA LEU K 156 46.95 -16.25 7.49
C LEU K 156 45.61 -15.73 8.02
N GLY K 157 45.33 -16.01 9.30
CA GLY K 157 44.14 -15.48 9.96
C GLY K 157 44.17 -13.96 10.03
N LYS K 158 45.30 -13.41 10.47
CA LYS K 158 45.51 -11.96 10.56
C LYS K 158 45.39 -11.28 9.20
N ARG K 159 46.03 -11.88 8.20
CA ARG K 159 46.01 -11.39 6.82
C ARG K 159 44.62 -11.47 6.18
N SER K 160 43.83 -12.46 6.58
CA SER K 160 42.47 -12.63 6.05
C SER K 160 41.52 -11.52 6.53
N ILE K 161 41.60 -11.17 7.81
CA ILE K 161 40.84 -10.04 8.34
C ILE K 161 41.29 -8.74 7.68
N LEU K 162 42.60 -8.57 7.50
CA LEU K 162 43.14 -7.39 6.84
C LEU K 162 42.55 -7.22 5.43
N ALA K 163 42.55 -8.31 4.66
CA ALA K 163 41.95 -8.33 3.33
C ALA K 163 40.51 -7.80 3.36
N ALA K 164 39.75 -8.26 4.35
CA ALA K 164 38.37 -7.83 4.56
C ALA K 164 38.27 -6.40 5.06
N ALA K 165 39.11 -6.06 6.03
CA ALA K 165 39.18 -4.71 6.59
C ALA K 165 39.36 -3.67 5.48
N HIS K 166 40.23 -4.01 4.53
CA HIS K 166 40.53 -3.17 3.38
C HIS K 166 39.32 -2.92 2.46
N ARG K 167 38.77 -4.00 1.89
CA ARG K 167 37.72 -3.88 0.87
C ARG K 167 36.35 -3.55 1.46
N ASP K 168 35.96 -4.26 2.52
CA ASP K 168 34.68 -4.03 3.18
C ASP K 168 34.68 -2.70 3.92
N ALA K 169 33.67 -1.90 3.65
CA ALA K 169 33.53 -0.58 4.28
C ALA K 169 33.12 -0.71 5.74
N TYR K 170 32.45 -1.82 6.07
CA TYR K 170 31.92 -2.05 7.42
C TYR K 170 32.83 -2.98 8.25
N SER K 171 34.06 -3.13 7.80
CA SER K 171 35.08 -3.85 8.55
C SER K 171 36.33 -3.00 8.68
N GLY K 172 37.02 -3.16 9.80
CA GLY K 172 38.27 -2.45 10.05
C GLY K 172 38.57 -2.33 11.53
N GLY K 173 39.33 -1.29 11.87
CA GLY K 173 39.73 -1.03 13.24
C GLY K 173 41.04 -1.73 13.55
N SER K 174 40.93 -2.87 14.23
CA SER K 174 42.09 -3.67 14.59
C SER K 174 41.77 -5.15 14.48
N VAL K 175 42.80 -5.98 14.50
CA VAL K 175 42.66 -7.43 14.42
C VAL K 175 42.99 -8.06 15.75
N ASN K 176 42.04 -8.80 16.31
CA ASN K 176 42.28 -9.59 17.52
C ASN K 176 42.48 -11.06 17.18
N LEU K 177 43.61 -11.62 17.63
CA LEU K 177 44.02 -13.00 17.31
C LEU K 177 44.00 -13.94 18.50
N TYR K 178 43.57 -15.18 18.24
CA TYR K 178 43.54 -16.23 19.24
C TYR K 178 43.99 -17.55 18.63
N HIS K 179 44.63 -18.38 19.45
CA HIS K 179 45.04 -19.73 19.07
C HIS K 179 44.53 -20.69 20.15
N VAL K 180 43.78 -21.71 19.72
CA VAL K 180 43.21 -22.69 20.65
C VAL K 180 43.90 -24.04 20.55
N THR K 181 44.39 -24.54 21.69
CA THR K 181 45.13 -25.80 21.76
C THR K 181 44.57 -26.73 22.84
N GLU K 182 45.29 -27.83 23.08
CA GLU K 182 44.97 -28.79 24.14
C GLU K 182 44.94 -28.11 25.51
N ASP K 183 45.81 -27.11 25.67
CA ASP K 183 45.94 -26.38 26.93
C ASP K 183 44.96 -25.20 27.03
N GLY K 184 44.24 -24.93 25.96
CA GLY K 184 43.25 -23.86 25.94
C GLY K 184 43.61 -22.74 24.98
N TRP K 185 42.89 -21.63 25.06
CA TRP K 185 43.15 -20.50 24.15
C TRP K 185 44.34 -19.66 24.57
N ILE K 186 45.04 -19.12 23.58
CA ILE K 186 46.16 -18.21 23.78
C ILE K 186 45.89 -16.94 23.00
N TYR K 187 45.89 -15.80 23.69
CA TYR K 187 45.71 -14.50 23.06
C TYR K 187 47.00 -14.09 22.33
N HIS K 188 46.86 -13.69 21.09
CA HIS K 188 48.02 -13.30 20.27
C HIS K 188 47.97 -11.85 19.80
N GLY K 189 47.25 -11.00 20.55
CA GLY K 189 47.38 -9.56 20.41
C GLY K 189 46.31 -8.81 19.63
N ASN K 190 46.40 -7.48 19.72
CA ASN K 190 45.52 -6.55 19.04
C ASN K 190 46.33 -5.74 18.04
N HIS K 191 46.04 -5.90 16.75
CA HIS K 191 46.84 -5.28 15.70
C HIS K 191 46.05 -4.23 14.90
N ASP K 192 46.37 -2.97 15.13
CA ASP K 192 45.72 -1.84 14.48
C ASP K 192 45.99 -1.85 12.98
N VAL K 193 44.91 -1.84 12.19
CA VAL K 193 44.99 -1.83 10.72
C VAL K 193 45.73 -0.58 10.20
N GLY K 194 45.60 0.51 10.94
CA GLY K 194 46.32 1.75 10.64
C GLY K 194 47.81 1.60 10.42
N GLU K 195 48.42 0.67 11.16
CA GLU K 195 49.86 0.41 11.06
C GLU K 195 50.15 -0.92 10.40
N LEU K 196 49.24 -1.89 10.60
CA LEU K 196 49.42 -3.24 10.06
C LEU K 196 49.45 -3.26 8.54
N PHE K 197 48.47 -2.60 7.92
CA PHE K 197 48.35 -2.55 6.47
C PHE K 197 49.65 -2.14 5.79
N TRP K 198 50.27 -1.06 6.27
CA TRP K 198 51.50 -0.51 5.68
C TRP K 198 52.70 -1.42 5.91
N LYS K 199 52.72 -2.09 7.06
CA LYS K 199 53.76 -3.07 7.38
C LYS K 199 53.63 -4.30 6.47
N VAL K 200 52.41 -4.80 6.29
CA VAL K 200 52.14 -5.93 5.41
C VAL K 200 52.44 -5.60 3.94
N LYS K 201 52.05 -4.41 3.50
CA LYS K 201 52.31 -3.95 2.14
C LYS K 201 53.80 -4.01 1.80
N GLU K 202 54.63 -3.41 2.66
CA GLU K 202 56.07 -3.34 2.46
C GLU K 202 56.72 -4.73 2.50
N GLU K 203 56.40 -5.49 3.55
CA GLU K 203 57.05 -6.79 3.79
C GLU K 203 56.61 -7.90 2.83
N GLU K 204 55.36 -7.85 2.41
CA GLU K 204 54.78 -8.91 1.58
C GLU K 204 54.79 -8.56 0.09
N GLY K 205 54.72 -7.26 -0.22
CA GLY K 205 54.70 -6.79 -1.61
C GLY K 205 53.30 -6.73 -2.20
N SER K 206 52.30 -7.07 -1.39
CA SER K 206 50.90 -7.05 -1.79
C SER K 206 50.29 -5.66 -1.70
N PHE K 207 49.00 -5.54 -2.06
CA PHE K 207 48.26 -4.26 -2.06
C PHE K 207 48.87 -3.21 -2.98
N ASN K 208 48.96 -3.55 -4.27
CA ASN K 208 49.51 -2.63 -5.26
C ASN K 208 48.49 -1.63 -5.79
N ASN K 209 47.22 -1.92 -5.55
CA ASN K 209 46.11 -1.00 -5.84
C ASN K 209 46.20 0.31 -5.07
N VAL K 210 46.96 0.30 -3.97
CA VAL K 210 47.08 1.46 -3.09
C VAL K 210 48.31 2.32 -3.41
N ILE K 211 48.09 3.62 -3.56
CA ILE K 211 49.17 4.60 -3.68
C ILE K 211 49.85 4.77 -2.33
N GLY K 212 51.15 4.50 -2.27
CA GLY K 212 51.91 4.66 -1.03
C GLY K 212 53.32 4.10 -1.05
N GLN L 1 -1.56 7.57 12.79
CA GLN L 1 -1.34 6.50 13.79
C GLN L 1 -0.43 6.98 14.91
N PHE L 2 -0.69 6.53 16.13
CA PHE L 2 0.09 6.94 17.30
C PHE L 2 1.54 6.48 17.22
N ASN L 3 2.44 7.46 17.29
CA ASN L 3 3.87 7.21 17.37
C ASN L 3 4.29 7.35 18.82
N PRO L 4 4.78 6.26 19.43
CA PRO L 4 5.20 6.29 20.84
C PRO L 4 6.51 7.04 21.10
N TYR L 5 7.26 7.33 20.03
CA TYR L 5 8.54 8.02 20.17
C TYR L 5 8.51 9.47 19.69
N GLY L 6 9.38 10.29 20.28
CA GLY L 6 9.64 11.65 19.82
C GLY L 6 11.12 11.94 19.93
N ASP L 7 11.54 13.13 19.48
CA ASP L 7 12.95 13.51 19.54
C ASP L 7 13.13 14.85 20.25
N ASN L 8 13.87 14.85 21.35
CA ASN L 8 14.07 16.05 22.18
C ASN L 8 15.43 16.70 22.01
N GLY L 9 16.18 16.25 21.00
CA GLY L 9 17.47 16.83 20.66
C GLY L 9 18.50 16.68 21.77
N GLY L 10 19.28 17.73 21.98
CA GLY L 10 20.35 17.69 22.97
C GLY L 10 21.60 16.97 22.47
N THR L 11 22.67 17.08 23.26
CA THR L 11 23.94 16.40 22.97
C THR L 11 24.75 16.29 24.27
N ILE L 12 25.42 15.15 24.43
CA ILE L 12 26.18 14.87 25.65
C ILE L 12 27.60 14.40 25.35
N LEU L 13 28.48 14.56 26.34
CA LEU L 13 29.89 14.31 26.17
C LEU L 13 30.47 13.70 27.44
N GLY L 14 31.44 12.79 27.26
CA GLY L 14 32.07 12.12 28.39
C GLY L 14 33.53 11.84 28.12
N ILE L 15 34.40 12.46 28.92
CA ILE L 15 35.85 12.25 28.83
C ILE L 15 36.39 11.81 30.20
N ALA L 16 37.34 10.88 30.18
CA ALA L 16 37.97 10.39 31.40
C ALA L 16 39.47 10.66 31.39
N GLY L 17 39.97 11.27 32.47
CA GLY L 17 41.40 11.47 32.68
C GLY L 17 42.02 10.35 33.49
N GLU L 18 43.11 10.66 34.20
CA GLU L 18 43.80 9.67 35.03
C GLU L 18 43.04 9.42 36.32
N ASP L 19 42.79 10.48 37.09
CA ASP L 19 42.11 10.36 38.38
C ASP L 19 40.72 11.01 38.41
N PHE L 20 40.20 11.36 37.24
CA PHE L 20 38.89 12.01 37.14
C PHE L 20 38.14 11.59 35.87
N ALA L 21 36.85 11.91 35.84
CA ALA L 21 36.04 11.82 34.64
C ALA L 21 35.06 12.99 34.64
N VAL L 22 34.65 13.41 33.43
CA VAL L 22 33.62 14.43 33.30
C VAL L 22 32.50 13.98 32.37
N LEU L 23 31.30 14.48 32.63
CA LEU L 23 30.16 14.23 31.77
C LEU L 23 29.39 15.55 31.58
N ALA L 24 29.29 15.97 30.33
CA ALA L 24 28.66 17.25 30.00
C ALA L 24 27.44 17.07 29.12
N GLY L 25 26.59 18.09 29.06
CA GLY L 25 25.42 18.09 28.20
C GLY L 25 24.75 19.45 28.12
N ASP L 26 24.26 19.80 26.93
CA ASP L 26 23.48 21.03 26.75
C ASP L 26 22.18 20.97 27.56
N THR L 27 21.67 22.14 27.93
CA THR L 27 20.49 22.19 28.79
C THR L 27 19.20 22.48 28.00
N ARG L 28 19.36 22.66 26.69
CA ARG L 28 18.22 22.91 25.80
C ARG L 28 17.44 21.63 25.50
N ASN L 29 16.12 21.70 25.68
CA ASN L 29 15.18 20.63 25.33
C ASN L 29 14.24 21.14 24.24
N ILE L 30 14.14 20.38 23.14
CA ILE L 30 13.37 20.81 21.96
C ILE L 30 12.32 19.80 21.48
N THR L 31 11.28 20.32 20.82
CA THR L 31 10.34 19.48 20.05
C THR L 31 10.15 20.11 18.68
N ASP L 32 10.51 19.36 17.64
CA ASP L 32 10.53 19.85 16.25
C ASP L 32 11.41 21.09 16.11
N TYR L 33 10.78 22.23 15.85
CA TYR L 33 11.48 23.50 15.66
C TYR L 33 11.24 24.46 16.83
N SER L 34 10.56 23.98 17.86
CA SER L 34 10.27 24.76 19.04
C SER L 34 11.20 24.41 20.18
N ILE L 35 11.51 25.40 21.01
CA ILE L 35 12.27 25.19 22.23
C ILE L 35 11.30 25.00 23.39
N ASN L 36 11.38 23.82 24.01
CA ASN L 36 10.59 23.50 25.19
C ASN L 36 11.14 24.22 26.43
N SER L 37 12.44 24.05 26.65
CA SER L 37 13.11 24.61 27.81
C SER L 37 14.53 25.00 27.45
N ARG L 38 14.99 26.12 28.00
CA ARG L 38 16.36 26.58 27.80
C ARG L 38 17.29 26.02 28.88
N TYR L 39 16.71 25.61 30.01
CA TYR L 39 17.47 24.97 31.09
C TYR L 39 16.75 23.74 31.63
N GLU L 40 17.09 22.58 31.07
CA GLU L 40 16.52 21.30 31.51
C GLU L 40 17.66 20.29 31.70
N PRO L 41 18.13 20.13 32.95
CA PRO L 41 19.30 19.29 33.26
C PRO L 41 19.12 17.87 32.79
N LYS L 42 20.20 17.30 32.25
CA LYS L 42 20.15 16.04 31.54
C LYS L 42 21.23 15.08 32.03
N VAL L 43 22.17 15.61 32.81
CA VAL L 43 23.23 14.83 33.43
C VAL L 43 22.94 14.75 34.93
N PHE L 44 22.91 13.53 35.47
CA PHE L 44 22.54 13.33 36.88
C PHE L 44 23.58 12.57 37.69
N ASP L 45 23.79 13.03 38.92
CA ASP L 45 24.53 12.28 39.94
C ASP L 45 23.62 11.15 40.45
N CYS L 46 24.01 9.91 40.19
CA CYS L 46 23.21 8.76 40.59
C CYS L 46 23.62 8.16 41.94
N GLY L 47 24.67 8.72 42.54
CA GLY L 47 25.22 8.21 43.80
C GLY L 47 26.32 7.22 43.54
N ASP L 48 27.10 6.91 44.58
CA ASP L 48 28.29 6.04 44.49
C ASP L 48 29.33 6.56 43.50
N ASN L 49 29.34 7.88 43.32
CA ASN L 49 30.24 8.57 42.39
C ASN L 49 30.10 8.18 40.92
N ILE L 50 28.85 7.99 40.51
CA ILE L 50 28.51 7.72 39.12
C ILE L 50 27.65 8.86 38.59
N VAL L 51 28.07 9.45 37.47
CA VAL L 51 27.23 10.38 36.72
C VAL L 51 26.65 9.68 35.48
N MET L 52 25.40 9.99 35.16
CA MET L 52 24.69 9.31 34.07
C MET L 52 23.93 10.30 33.19
N SER L 53 23.84 9.95 31.90
CA SER L 53 23.02 10.68 30.96
C SER L 53 22.48 9.76 29.88
N ALA L 54 21.19 9.93 29.57
CA ALA L 54 20.55 9.26 28.46
C ALA L 54 19.95 10.32 27.56
N ASN L 55 20.33 10.30 26.28
CA ASN L 55 19.93 11.34 25.35
C ASN L 55 19.18 10.83 24.11
N GLY L 56 18.11 11.53 23.74
CA GLY L 56 17.34 11.21 22.55
C GLY L 56 15.87 11.52 22.75
N PHE L 57 15.11 10.51 23.15
CA PHE L 57 13.72 10.70 23.53
C PHE L 57 13.68 10.90 25.04
N ALA L 58 13.33 12.11 25.46
CA ALA L 58 13.45 12.53 26.87
C ALA L 58 12.63 11.72 27.87
N ALA L 59 11.48 11.20 27.43
CA ALA L 59 10.63 10.40 28.29
C ALA L 59 11.21 9.02 28.55
N ASP L 60 11.94 8.48 27.58
CA ASP L 60 12.65 7.23 27.76
C ASP L 60 13.94 7.41 28.54
N GLY L 61 14.57 8.57 28.37
CA GLY L 61 15.77 8.91 29.12
C GLY L 61 15.49 9.05 30.61
N ASP L 62 14.48 9.84 30.94
CA ASP L 62 14.07 10.06 32.33
C ASP L 62 13.65 8.77 33.03
N ALA L 63 12.94 7.91 32.28
CA ALA L 63 12.54 6.60 32.78
C ALA L 63 13.75 5.73 33.11
N LEU L 64 14.72 5.70 32.20
CA LEU L 64 15.91 4.89 32.35
C LEU L 64 16.72 5.33 33.57
N VAL L 65 17.02 6.62 33.64
CA VAL L 65 17.72 7.22 34.76
C VAL L 65 17.02 6.83 36.06
N LYS L 66 15.72 7.12 36.12
CA LYS L 66 14.89 6.82 37.28
C LYS L 66 14.97 5.37 37.70
N ARG L 67 15.00 4.47 36.71
CA ARG L 67 15.04 3.03 36.96
C ARG L 67 16.40 2.60 37.46
N PHE L 68 17.46 3.19 36.90
CA PHE L 68 18.83 2.93 37.36
C PHE L 68 19.12 3.49 38.75
N LYS L 69 18.62 4.69 39.04
CA LYS L 69 18.76 5.28 40.38
C LYS L 69 18.13 4.38 41.43
N ASN L 70 16.97 3.81 41.10
CA ASN L 70 16.25 2.88 41.97
C ASN L 70 17.02 1.58 42.12
N SER L 71 17.71 1.20 41.06
CA SER L 71 18.58 0.03 41.04
C SER L 71 19.76 0.18 42.02
N VAL L 72 20.40 1.36 42.01
CA VAL L 72 21.45 1.70 42.99
C VAL L 72 20.90 1.58 44.42
N LYS L 73 19.71 2.15 44.64
CA LYS L 73 19.06 2.15 45.94
C LYS L 73 18.86 0.74 46.48
N TRP L 74 18.35 -0.16 45.64
CA TRP L 74 18.08 -1.53 46.06
C TRP L 74 19.33 -2.38 46.23
N TYR L 75 20.36 -2.08 45.46
CA TYR L 75 21.66 -2.73 45.57
C TYR L 75 22.26 -2.54 46.98
N HIS L 76 22.11 -1.33 47.52
CA HIS L 76 22.54 -1.03 48.89
C HIS L 76 21.77 -1.84 49.93
N PHE L 77 20.45 -1.96 49.72
CA PHE L 77 19.58 -2.74 50.60
C PHE L 77 19.88 -4.23 50.58
N ASP L 78 20.27 -4.73 49.40
CA ASP L 78 20.48 -6.16 49.20
C ASP L 78 21.88 -6.64 49.55
N HIS L 79 22.88 -5.78 49.32
CA HIS L 79 24.27 -6.20 49.47
C HIS L 79 25.05 -5.41 50.54
N ASN L 80 24.39 -5.18 51.67
CA ASN L 80 25.02 -4.58 52.84
C ASN L 80 25.72 -3.25 52.56
N ASP L 81 24.99 -2.33 51.93
CA ASP L 81 25.48 -0.98 51.58
C ASP L 81 26.76 -0.97 50.73
N LYS L 82 26.98 -2.04 49.96
CA LYS L 82 28.16 -2.13 49.12
C LYS L 82 28.14 -1.07 48.02
N LYS L 83 29.28 -0.42 47.81
CA LYS L 83 29.44 0.54 46.73
C LYS L 83 29.29 -0.19 45.40
N LEU L 84 28.55 0.44 44.49
CA LEU L 84 28.36 -0.08 43.15
C LEU L 84 29.47 0.43 42.23
N SER L 85 30.41 -0.44 41.91
CA SER L 85 31.51 -0.13 41.00
C SER L 85 30.99 0.15 39.60
N ILE L 86 31.67 1.05 38.89
CA ILE L 86 31.24 1.54 37.59
C ILE L 86 31.03 0.43 36.53
N ASN L 87 31.86 -0.61 36.58
CA ASN L 87 31.73 -1.74 35.66
C ASN L 87 30.46 -2.55 35.95
N SER L 88 30.11 -2.63 37.23
CA SER L 88 28.89 -3.31 37.65
C SER L 88 27.67 -2.54 37.19
N ALA L 89 27.70 -1.22 37.41
CA ALA L 89 26.65 -0.32 36.91
C ALA L 89 26.42 -0.50 35.41
N ALA L 90 27.51 -0.62 34.66
CA ALA L 90 27.47 -0.75 33.20
C ALA L 90 26.74 -2.02 32.77
N ARG L 91 27.08 -3.15 33.40
CA ARG L 91 26.42 -4.41 33.11
C ARG L 91 24.95 -4.35 33.53
N ASN L 92 24.68 -3.67 34.63
CA ASN L 92 23.31 -3.49 35.12
C ASN L 92 22.46 -2.67 34.15
N ILE L 93 23.06 -1.62 33.58
CA ILE L 93 22.38 -0.81 32.57
C ILE L 93 22.11 -1.62 31.29
N GLN L 94 23.04 -2.49 30.91
CA GLN L 94 22.84 -3.35 29.73
C GLN L 94 21.56 -4.17 29.86
N HIS L 95 21.35 -4.72 31.05
CA HIS L 95 20.16 -5.54 31.32
C HIS L 95 18.87 -4.73 31.36
N LEU L 96 18.96 -3.47 31.81
CA LEU L 96 17.82 -2.56 31.77
C LEU L 96 17.42 -2.29 30.32
N LEU L 97 18.40 -1.90 29.50
CA LEU L 97 18.19 -1.58 28.09
C LEU L 97 17.72 -2.80 27.28
N TYR L 98 18.42 -3.92 27.41
CA TYR L 98 18.08 -5.12 26.66
C TYR L 98 16.76 -5.74 27.09
N GLY L 99 16.34 -5.47 28.33
CA GLY L 99 15.06 -5.95 28.85
C GLY L 99 13.89 -5.33 28.10
N LYS L 100 14.18 -4.29 27.33
CA LYS L 100 13.20 -3.69 26.43
C LYS L 100 13.70 -3.72 24.99
N ARG L 101 14.33 -4.83 24.63
CA ARG L 101 14.89 -5.05 23.29
C ARG L 101 13.83 -4.95 22.17
N PHE L 102 12.59 -5.30 22.49
CA PHE L 102 11.52 -5.31 21.48
C PHE L 102 10.54 -4.14 21.59
N PHE L 103 10.88 -3.17 22.45
CA PHE L 103 10.22 -1.87 22.52
C PHE L 103 11.23 -0.91 23.13
N PRO L 104 12.32 -0.62 22.39
CA PRO L 104 13.54 -0.02 22.94
C PRO L 104 13.37 1.36 23.54
N TYR L 105 14.30 1.72 24.43
CA TYR L 105 14.48 3.11 24.85
C TYR L 105 15.27 3.84 23.76
N TYR L 106 14.66 4.86 23.15
CA TYR L 106 15.36 5.63 22.11
C TYR L 106 16.32 6.63 22.74
N VAL L 107 17.37 6.10 23.36
CA VAL L 107 18.41 6.92 23.98
C VAL L 107 19.82 6.44 23.64
N HIS L 108 20.75 7.39 23.60
CA HIS L 108 22.18 7.08 23.65
C HIS L 108 22.59 7.42 25.07
N THR L 109 23.09 6.43 25.78
CA THR L 109 23.39 6.59 27.20
C THR L 109 24.88 6.47 27.53
N ILE L 110 25.34 7.34 28.42
CA ILE L 110 26.73 7.40 28.83
C ILE L 110 26.82 7.51 30.35
N ILE L 111 27.71 6.72 30.96
CA ILE L 111 28.04 6.88 32.37
C ILE L 111 29.54 7.15 32.57
N ALA L 112 29.85 7.83 33.66
CA ALA L 112 31.22 8.16 34.00
C ALA L 112 31.45 8.13 35.52
N GLY L 113 32.69 7.82 35.90
CA GLY L 113 33.07 7.78 37.30
C GLY L 113 34.49 7.29 37.44
N LEU L 114 34.75 6.56 38.52
CA LEU L 114 36.06 5.97 38.73
C LEU L 114 35.93 4.45 38.80
N ASP L 115 36.90 3.75 38.23
CA ASP L 115 36.97 2.30 38.41
C ASP L 115 37.56 1.98 39.79
N GLU L 116 37.68 0.69 40.10
CA GLU L 116 38.15 0.25 41.41
C GLU L 116 39.64 0.54 41.68
N ASP L 117 40.34 1.03 40.67
CA ASP L 117 41.75 1.43 40.80
C ASP L 117 41.92 2.94 41.01
N GLY L 118 40.84 3.68 40.76
CA GLY L 118 40.87 5.13 40.89
C GLY L 118 41.05 5.85 39.56
N LYS L 119 41.17 5.08 38.49
CA LYS L 119 41.34 5.63 37.15
C LYS L 119 40.02 6.13 36.59
N GLY L 120 40.09 7.08 35.67
CA GLY L 120 38.89 7.63 35.02
C GLY L 120 38.20 6.59 34.14
N ALA L 121 36.88 6.51 34.25
CA ALA L 121 36.11 5.53 33.51
C ALA L 121 34.94 6.15 32.78
N VAL L 122 34.80 5.81 31.50
CA VAL L 122 33.64 6.19 30.70
C VAL L 122 33.09 4.96 30.00
N TYR L 123 31.78 4.74 30.16
CA TYR L 123 31.07 3.66 29.48
C TYR L 123 29.94 4.23 28.62
N SER L 124 29.74 3.65 27.44
CA SER L 124 28.69 4.12 26.53
C SER L 124 27.87 2.99 25.90
N PHE L 125 26.59 3.27 25.70
CA PHE L 125 25.60 2.25 25.32
C PHE L 125 24.86 2.63 24.06
N ASP L 126 24.54 1.64 23.23
CA ASP L 126 23.58 1.83 22.17
C ASP L 126 22.17 1.65 22.78
N PRO L 127 21.10 2.08 22.07
CA PRO L 127 19.74 1.99 22.60
C PRO L 127 19.33 0.64 23.20
N VAL L 128 19.87 -0.46 22.65
CA VAL L 128 19.44 -1.79 23.11
C VAL L 128 20.42 -2.56 24.02
N GLY L 129 21.46 -1.87 24.49
CA GLY L 129 22.28 -2.41 25.59
C GLY L 129 23.71 -2.84 25.31
N SER L 130 24.18 -2.64 24.08
CA SER L 130 25.56 -2.93 23.72
C SER L 130 26.49 -1.87 24.31
N TYR L 131 27.50 -2.28 25.05
CA TYR L 131 28.38 -1.33 25.71
C TYR L 131 29.87 -1.68 25.67
N GLU L 132 30.69 -0.66 25.91
CA GLU L 132 32.14 -0.79 26.00
C GLU L 132 32.73 0.40 26.75
N ARG L 133 33.90 0.18 27.35
CA ARG L 133 34.65 1.26 27.99
C ARG L 133 35.58 1.91 26.97
N GLU L 134 35.67 3.24 27.04
CA GLU L 134 36.56 4.00 26.18
C GLU L 134 37.01 5.29 26.85
N GLN L 135 37.98 5.98 26.25
CA GLN L 135 38.57 7.18 26.85
C GLN L 135 37.63 8.38 26.75
N CYS L 136 36.90 8.45 25.64
CA CYS L 136 35.94 9.52 25.42
C CYS L 136 34.82 9.07 24.50
N ARG L 137 33.66 9.73 24.62
CA ARG L 137 32.49 9.45 23.79
C ARG L 137 31.53 10.63 23.80
N ALA L 138 31.07 11.01 22.61
CA ALA L 138 29.95 11.95 22.47
C ALA L 138 28.70 11.19 22.01
N GLY L 139 27.55 11.56 22.56
CA GLY L 139 26.28 10.94 22.20
C GLY L 139 25.20 11.96 21.96
N GLY L 140 24.21 11.59 21.15
CA GLY L 140 23.10 12.49 20.85
C GLY L 140 23.17 13.11 19.47
N ALA L 141 22.48 14.24 19.30
CA ALA L 141 22.25 14.84 17.98
C ALA L 141 23.51 15.31 17.26
N ALA L 142 24.43 15.95 18.00
CA ALA L 142 25.65 16.47 17.42
C ALA L 142 26.86 15.57 17.69
N ALA L 143 26.59 14.29 17.93
CA ALA L 143 27.64 13.31 18.20
C ALA L 143 28.53 13.13 16.99
N SER L 144 27.94 13.19 15.80
CA SER L 144 28.67 13.00 14.55
C SER L 144 29.60 14.17 14.24
N LEU L 145 29.29 15.34 14.82
CA LEU L 145 30.16 16.51 14.72
C LEU L 145 31.32 16.46 15.70
N ILE L 146 31.00 16.11 16.96
CA ILE L 146 31.96 16.18 18.06
C ILE L 146 32.95 15.00 18.13
N MET L 147 32.49 13.79 17.86
CA MET L 147 33.34 12.59 18.02
C MET L 147 34.68 12.60 17.26
N PRO L 148 34.68 13.00 15.96
CA PRO L 148 35.96 13.03 15.24
C PRO L 148 36.97 13.95 15.91
N PHE L 149 36.50 15.08 16.43
CA PHE L 149 37.32 16.05 17.15
C PHE L 149 37.94 15.46 18.43
N LEU L 150 37.17 14.62 19.11
CA LEU L 150 37.64 13.89 20.28
C LEU L 150 38.68 12.84 19.92
N ASP L 151 38.41 12.08 18.86
CA ASP L 151 39.37 11.11 18.32
C ASP L 151 40.72 11.78 18.09
N ASN L 152 40.67 12.99 17.53
CA ASN L 152 41.86 13.77 17.22
C ASN L 152 42.56 14.36 18.46
N GLN L 153 41.78 14.85 19.42
CA GLN L 153 42.34 15.62 20.54
C GLN L 153 42.50 14.85 21.87
N VAL L 154 41.79 13.74 22.02
CA VAL L 154 41.91 12.91 23.23
C VAL L 154 42.79 11.69 22.96
N ASN L 155 42.56 11.02 21.85
CA ASN L 155 43.34 9.83 21.47
C ASN L 155 44.48 10.12 20.49
N PHE L 156 44.64 11.39 20.13
CA PHE L 156 45.72 11.86 19.25
C PHE L 156 45.78 11.15 17.89
N LYS L 157 44.62 10.80 17.33
CA LYS L 157 44.54 10.07 16.07
C LYS L 157 45.01 10.91 14.87
N ASN L 158 45.66 10.25 13.92
CA ASN L 158 46.20 10.87 12.69
C ASN L 158 47.39 11.80 12.92
N GLN L 159 47.74 12.01 14.19
CA GLN L 159 48.86 12.86 14.56
C GLN L 159 50.15 12.05 14.71
N TYR L 160 51.20 12.52 14.04
CA TYR L 160 52.50 11.89 14.11
C TYR L 160 53.54 12.82 14.71
N GLU L 161 54.69 12.26 15.07
CA GLU L 161 55.81 13.06 15.55
C GLU L 161 56.47 13.78 14.39
N PRO L 162 56.57 15.12 14.48
CA PRO L 162 57.21 15.90 13.42
C PRO L 162 58.60 15.37 13.09
N GLY L 163 58.88 15.17 11.80
CA GLY L 163 60.20 14.77 11.34
C GLY L 163 60.52 13.29 11.44
N THR L 164 59.52 12.46 11.72
CA THR L 164 59.71 11.00 11.80
C THR L 164 59.27 10.27 10.53
N ASN L 165 58.97 11.06 9.49
CA ASN L 165 58.46 10.52 8.22
C ASN L 165 57.17 9.70 8.38
N GLY L 166 56.34 10.12 9.33
CA GLY L 166 55.07 9.44 9.64
C GLY L 166 55.25 8.02 10.12
N LYS L 167 56.30 7.77 10.90
CA LYS L 167 56.61 6.43 11.42
C LYS L 167 56.34 6.30 12.92
N VAL L 168 56.62 7.36 13.66
CA VAL L 168 56.41 7.38 15.10
C VAL L 168 55.13 8.18 15.41
N LYS L 169 54.15 7.49 16.01
CA LYS L 169 52.89 8.11 16.39
C LYS L 169 53.07 9.02 17.61
N LYS L 170 52.22 10.03 17.71
CA LYS L 170 52.19 10.89 18.89
C LYS L 170 51.85 10.05 20.12
N PRO L 171 52.72 10.07 21.14
CA PRO L 171 52.51 9.27 22.34
C PRO L 171 51.19 9.58 23.02
N LEU L 172 50.44 8.55 23.37
CA LEU L 172 49.18 8.70 24.09
C LEU L 172 49.47 9.22 25.50
N LYS L 173 48.61 10.12 25.98
CA LYS L 173 48.83 10.82 27.24
C LYS L 173 47.49 11.12 27.92
N TYR L 174 47.48 11.07 29.26
CA TYR L 174 46.32 11.53 30.02
C TYR L 174 46.26 13.06 29.96
N LEU L 175 45.05 13.60 30.02
CA LEU L 175 44.85 15.04 30.00
C LEU L 175 44.46 15.54 31.39
N SER L 176 44.92 16.75 31.72
CA SER L 176 44.55 17.38 32.99
C SER L 176 43.10 17.83 32.97
N VAL L 177 42.52 18.06 34.15
CA VAL L 177 41.13 18.50 34.26
C VAL L 177 40.89 19.85 33.58
N GLU L 178 41.84 20.78 33.77
CA GLU L 178 41.81 22.09 33.12
C GLU L 178 41.79 21.95 31.60
N GLU L 179 42.63 21.07 31.07
CA GLU L 179 42.74 20.82 29.63
C GLU L 179 41.47 20.16 29.07
N VAL L 180 40.88 19.25 29.83
CA VAL L 180 39.67 18.55 29.42
C VAL L 180 38.47 19.51 29.30
N ILE L 181 38.28 20.35 30.32
CA ILE L 181 37.23 21.37 30.32
C ILE L 181 37.28 22.22 29.04
N LYS L 182 38.49 22.62 28.63
CA LYS L 182 38.69 23.43 27.43
C LYS L 182 38.14 22.76 26.17
N LEU L 183 38.40 21.46 26.03
CA LEU L 183 37.87 20.68 24.92
C LEU L 183 36.34 20.60 24.97
N VAL L 184 35.81 20.30 26.15
CA VAL L 184 34.36 20.24 26.38
C VAL L 184 33.66 21.53 25.93
N ARG L 185 34.20 22.66 26.36
CA ARG L 185 33.64 23.97 26.05
C ARG L 185 33.74 24.32 24.57
N ASP L 186 34.85 23.94 23.95
CA ASP L 186 35.05 24.20 22.52
C ASP L 186 34.26 23.23 21.64
N SER L 187 34.04 22.03 22.13
CA SER L 187 33.20 21.04 21.43
C SER L 187 31.76 21.51 21.36
N PHE L 188 31.25 22.05 22.47
CA PHE L 188 29.86 22.44 22.58
C PHE L 188 29.53 23.76 21.90
N THR L 189 30.54 24.63 21.76
CA THR L 189 30.34 25.87 21.01
C THR L 189 30.40 25.59 19.51
N SER L 190 31.19 24.60 19.11
CA SER L 190 31.24 24.17 17.72
C SER L 190 29.94 23.52 17.27
N ALA L 191 29.35 22.71 18.14
CA ALA L 191 28.07 22.07 17.85
C ALA L 191 26.94 23.11 17.78
N THR L 192 26.98 24.09 18.68
CA THR L 192 25.96 25.14 18.74
C THR L 192 25.89 25.95 17.45
N GLU L 193 27.05 26.13 16.81
CA GLU L 193 27.17 26.84 15.54
C GLU L 193 26.48 26.11 14.38
N ARG L 194 26.65 24.78 14.32
CA ARG L 194 26.24 24.00 13.16
C ARG L 194 25.02 23.11 13.38
N HIS L 195 24.62 22.91 14.64
CA HIS L 195 23.45 22.10 14.93
C HIS L 195 22.35 22.94 15.58
N ILE L 196 21.15 22.83 15.04
CA ILE L 196 20.00 23.64 15.48
C ILE L 196 19.40 23.15 16.80
N GLN L 197 19.63 21.89 17.13
CA GLN L 197 19.08 21.29 18.35
C GLN L 197 20.02 21.49 19.57
N VAL L 198 21.18 22.12 19.33
CA VAL L 198 22.17 22.35 20.38
C VAL L 198 22.35 23.85 20.65
N GLY L 199 22.24 24.23 21.92
CA GLY L 199 22.49 25.61 22.33
C GLY L 199 22.12 25.92 23.77
N ASP L 200 21.82 27.20 24.03
CA ASP L 200 21.33 27.69 25.32
C ASP L 200 22.32 27.64 26.49
N GLY L 201 22.63 26.44 26.98
CA GLY L 201 23.54 26.31 28.11
C GLY L 201 24.32 25.01 28.13
N LEU L 202 25.43 25.02 28.86
CA LEU L 202 26.26 23.83 29.04
C LEU L 202 26.43 23.50 30.51
N GLU L 203 26.16 22.25 30.88
CA GLU L 203 26.35 21.79 32.26
C GLU L 203 27.31 20.61 32.31
N ILE L 204 28.39 20.78 33.08
CA ILE L 204 29.42 19.74 33.23
C ILE L 204 29.45 19.22 34.66
N LEU L 205 29.53 17.90 34.80
CA LEU L 205 29.67 17.24 36.10
C LEU L 205 31.02 16.53 36.20
N ILE L 206 31.87 17.04 37.08
CA ILE L 206 33.22 16.52 37.30
C ILE L 206 33.19 15.48 38.41
N VAL L 207 33.84 14.33 38.18
CA VAL L 207 33.89 13.25 39.17
C VAL L 207 35.33 13.00 39.61
N THR L 208 35.59 13.23 40.90
CA THR L 208 36.87 12.92 41.52
C THR L 208 36.58 12.08 42.76
N LYS L 209 37.63 11.54 43.38
CA LYS L 209 37.47 10.79 44.62
C LYS L 209 36.88 11.63 45.76
N ASP L 210 36.80 12.94 45.54
CA ASP L 210 36.17 13.87 46.49
C ASP L 210 34.64 13.84 46.38
N GLY L 211 34.13 13.45 45.21
CA GLY L 211 32.70 13.46 44.96
C GLY L 211 32.37 14.05 43.60
N VAL L 212 31.25 14.77 43.53
CA VAL L 212 30.77 15.33 42.27
C VAL L 212 30.67 16.86 42.32
N ARG L 213 31.34 17.52 41.36
CA ARG L 213 31.34 18.97 41.22
C ARG L 213 30.62 19.37 39.93
N LYS L 214 30.02 20.56 39.90
CA LYS L 214 29.29 21.01 38.72
C LYS L 214 29.74 22.37 38.20
N GLU L 215 29.72 22.53 36.87
CA GLU L 215 30.05 23.80 36.22
C GLU L 215 29.03 24.13 35.13
N PHE L 216 28.62 25.39 35.06
CA PHE L 216 27.64 25.85 34.06
C PHE L 216 28.20 26.95 33.18
N TYR L 217 28.02 26.81 31.87
CA TYR L 217 28.47 27.80 30.91
C TYR L 217 27.39 28.13 29.88
N GLU L 218 27.18 29.43 29.66
CA GLU L 218 26.22 29.91 28.67
C GLU L 218 26.62 29.49 27.27
N LEU L 219 25.60 29.23 26.44
CA LEU L 219 25.80 28.99 25.01
C LEU L 219 24.90 29.92 24.21
N LYS L 220 25.16 30.03 22.91
CA LYS L 220 24.33 30.86 22.03
C LYS L 220 22.88 30.38 22.00
N ARG L 221 21.95 31.32 22.08
CA ARG L 221 20.55 31.01 22.30
C ARG L 221 19.68 30.94 21.05
N ASP L 222 20.31 31.05 19.87
CA ASP L 222 19.56 31.05 18.60
C ASP L 222 19.28 29.65 18.03
N THR M 1 -4.01 3.35 20.97
CA THR M 1 -4.08 3.72 19.54
C THR M 1 -5.46 4.32 19.25
N GLN M 2 -5.47 5.63 19.03
CA GLN M 2 -6.71 6.40 18.99
C GLN M 2 -6.51 7.73 18.30
N GLN M 3 -7.61 8.47 18.16
CA GLN M 3 -7.59 9.83 17.64
C GLN M 3 -8.43 10.73 18.54
N PRO M 4 -7.97 11.98 18.76
CA PRO M 4 -8.74 12.93 19.57
C PRO M 4 -9.98 13.44 18.83
N ILE M 5 -11.12 13.47 19.51
CA ILE M 5 -12.38 13.87 18.87
C ILE M 5 -12.81 15.28 19.28
N VAL M 6 -13.24 15.46 20.53
CA VAL M 6 -13.54 16.78 21.05
C VAL M 6 -12.24 17.32 21.64
N THR M 7 -11.75 18.45 21.12
CA THR M 7 -10.43 18.95 21.49
C THR M 7 -10.43 20.35 22.10
N GLY M 8 -9.49 20.58 23.00
CA GLY M 8 -9.25 21.90 23.56
C GLY M 8 -7.90 22.42 23.10
N THR M 9 -7.85 23.72 22.77
CA THR M 9 -6.65 24.31 22.22
C THR M 9 -5.66 24.79 23.31
N SER M 10 -4.76 25.70 22.95
CA SER M 10 -3.67 26.19 23.79
C SER M 10 -3.96 26.36 25.29
N VAL M 11 -2.98 25.97 26.11
CA VAL M 11 -2.89 26.35 27.51
C VAL M 11 -1.60 27.14 27.68
N ILE M 12 -1.69 28.34 28.26
CA ILE M 12 -0.52 29.19 28.46
C ILE M 12 -0.30 29.57 29.92
N SER M 13 0.98 29.74 30.29
CA SER M 13 1.37 29.98 31.68
C SER M 13 2.79 30.54 31.80
N MET M 14 3.01 31.27 32.89
CA MET M 14 4.33 31.80 33.24
C MET M 14 4.42 32.06 34.73
N LYS M 15 5.64 32.18 35.24
CA LYS M 15 5.84 32.54 36.65
C LYS M 15 6.32 33.98 36.81
N TYR M 16 5.99 34.57 37.96
CA TYR M 16 6.42 35.91 38.31
C TYR M 16 7.06 35.88 39.70
N ASP M 17 7.26 37.05 40.31
CA ASP M 17 8.03 37.15 41.57
C ASP M 17 7.51 36.30 42.74
N ASN M 18 6.20 36.23 42.90
CA ASN M 18 5.59 35.56 44.05
C ASN M 18 4.88 34.23 43.74
N GLY M 19 4.31 34.12 42.55
CA GLY M 19 3.57 32.92 42.17
C GLY M 19 3.59 32.59 40.69
N VAL M 20 2.49 31.99 40.23
CA VAL M 20 2.34 31.58 38.82
C VAL M 20 0.98 31.99 38.24
N ILE M 21 0.96 32.24 36.93
CA ILE M 21 -0.29 32.53 36.22
C ILE M 21 -0.54 31.47 35.15
N ILE M 22 -1.80 31.14 34.93
CA ILE M 22 -2.18 30.13 33.95
C ILE M 22 -3.54 30.47 33.30
N ALA M 23 -3.67 30.21 32.00
CA ALA M 23 -4.89 30.54 31.27
C ALA M 23 -5.21 29.55 30.15
N ALA M 24 -6.52 29.40 29.86
CA ALA M 24 -7.01 28.58 28.74
C ALA M 24 -8.41 29.02 28.33
N ASP M 25 -8.69 29.00 27.03
CA ASP M 25 -10.00 29.40 26.53
C ASP M 25 -11.08 28.38 26.85
N ASN M 26 -12.34 28.77 26.70
CA ASN M 26 -13.47 27.95 27.14
C ASN M 26 -14.09 27.08 26.05
N LEU M 27 -13.26 26.64 25.09
CA LEU M 27 -13.78 26.01 23.89
C LEU M 27 -13.50 24.50 23.81
N GLY M 28 -14.45 23.79 23.21
CA GLY M 28 -14.30 22.37 22.88
C GLY M 28 -14.68 22.16 21.43
N SER M 29 -13.65 21.99 20.60
CA SER M 29 -13.84 21.86 19.15
C SER M 29 -14.04 20.41 18.72
N TYR M 30 -14.84 20.22 17.69
CA TYR M 30 -15.11 18.91 17.08
C TYR M 30 -14.65 19.03 15.63
N GLY M 31 -13.35 18.85 15.41
CA GLY M 31 -12.75 19.15 14.13
C GLY M 31 -12.74 20.66 13.91
N SER M 32 -13.39 21.11 12.84
CA SER M 32 -13.44 22.54 12.52
C SER M 32 -14.66 23.21 13.14
N LEU M 33 -15.60 22.40 13.62
CA LEU M 33 -16.79 22.91 14.31
C LEU M 33 -16.45 23.31 15.75
N LEU M 34 -16.71 24.56 16.10
CA LEU M 34 -16.49 25.07 17.45
C LEU M 34 -17.73 24.71 18.30
N ARG M 35 -17.77 23.46 18.76
CA ARG M 35 -19.00 22.85 19.25
C ARG M 35 -19.47 23.30 20.64
N PHE M 36 -18.56 23.33 21.61
CA PHE M 36 -18.92 23.67 22.99
C PHE M 36 -18.17 24.88 23.49
N ASN M 37 -18.88 25.78 24.17
CA ASN M 37 -18.31 27.04 24.64
C ASN M 37 -18.30 27.22 26.15
N GLY M 38 -18.92 26.28 26.87
CA GLY M 38 -18.96 26.35 28.32
C GLY M 38 -18.01 25.37 28.96
N VAL M 39 -16.80 25.28 28.40
CA VAL M 39 -15.83 24.26 28.81
C VAL M 39 -14.71 24.83 29.67
N GLU M 40 -14.67 24.42 30.94
CA GLU M 40 -13.58 24.79 31.82
C GLU M 40 -12.43 23.81 31.63
N ARG M 41 -11.26 24.35 31.30
CA ARG M 41 -10.08 23.53 31.03
C ARG M 41 -9.00 23.73 32.07
N LEU M 42 -9.29 24.57 33.06
CA LEU M 42 -8.40 24.79 34.20
C LEU M 42 -8.97 24.07 35.43
N ILE M 43 -8.18 23.20 36.02
CA ILE M 43 -8.63 22.37 37.14
C ILE M 43 -7.91 22.73 38.43
N PRO M 44 -8.63 23.35 39.38
CA PRO M 44 -8.04 23.63 40.68
C PRO M 44 -7.99 22.37 41.53
N VAL M 45 -6.82 22.06 42.06
CA VAL M 45 -6.66 20.97 43.02
C VAL M 45 -6.17 21.56 44.34
N GLY M 46 -6.99 21.47 45.38
CA GLY M 46 -6.70 22.13 46.64
C GLY M 46 -6.68 23.63 46.45
N ASP M 47 -5.86 24.32 47.26
CA ASP M 47 -5.76 25.78 47.21
C ASP M 47 -4.41 26.30 46.72
N ASN M 48 -3.59 25.41 46.17
CA ASN M 48 -2.22 25.77 45.78
C ASN M 48 -1.77 25.27 44.40
N THR M 49 -2.69 24.63 43.68
CA THR M 49 -2.39 24.02 42.38
C THR M 49 -3.54 24.22 41.40
N VAL M 50 -3.18 24.55 40.16
CA VAL M 50 -4.13 24.53 39.04
C VAL M 50 -3.51 23.73 37.90
N VAL M 51 -4.29 22.81 37.36
CA VAL M 51 -3.88 21.94 36.26
C VAL M 51 -4.58 22.39 34.98
N GLY M 52 -3.78 22.72 33.96
CA GLY M 52 -4.34 23.12 32.66
C GLY M 52 -4.18 22.01 31.63
N ILE M 53 -5.28 21.62 31.00
CA ILE M 53 -5.27 20.51 30.05
C ILE M 53 -5.76 20.93 28.65
N SER M 54 -4.99 20.55 27.63
CA SER M 54 -5.39 20.69 26.25
C SER M 54 -5.37 19.31 25.56
N GLY M 55 -6.10 19.19 24.47
CA GLY M 55 -6.23 17.92 23.77
C GLY M 55 -7.62 17.34 23.93
N ASP M 56 -7.72 16.02 23.88
CA ASP M 56 -9.00 15.31 23.95
C ASP M 56 -9.76 15.58 25.26
N ILE M 57 -10.99 16.05 25.11
CA ILE M 57 -11.82 16.51 26.24
C ILE M 57 -12.33 15.34 27.08
N SER M 58 -12.63 14.21 26.42
CA SER M 58 -13.07 13.02 27.13
C SER M 58 -11.96 12.48 28.03
N ASP M 59 -10.72 12.59 27.56
CA ASP M 59 -9.55 12.23 28.36
C ASP M 59 -9.29 13.26 29.47
N MET M 60 -9.61 14.53 29.19
CA MET M 60 -9.51 15.60 30.18
C MET M 60 -10.47 15.35 31.35
N GLN M 61 -11.70 14.95 31.01
CA GLN M 61 -12.74 14.69 32.00
C GLN M 61 -12.39 13.48 32.85
N HIS M 62 -11.55 12.61 32.30
CA HIS M 62 -11.04 11.44 33.01
C HIS M 62 -9.96 11.86 34.00
N ILE M 63 -9.08 12.76 33.59
CA ILE M 63 -8.05 13.31 34.48
C ILE M 63 -8.67 14.14 35.61
N GLU M 64 -9.76 14.86 35.30
CA GLU M 64 -10.57 15.52 36.32
C GLU M 64 -10.97 14.55 37.42
N ARG M 65 -11.47 13.38 37.00
CA ARG M 65 -11.96 12.36 37.92
C ARG M 65 -10.83 11.76 38.75
N LEU M 66 -9.65 11.64 38.16
CA LEU M 66 -8.48 11.10 38.86
C LEU M 66 -8.00 12.06 39.96
N LEU M 67 -8.02 13.35 39.66
CA LEU M 67 -7.56 14.35 40.61
C LEU M 67 -8.51 14.50 41.80
N LYS M 68 -9.81 14.38 41.53
CA LYS M 68 -10.82 14.36 42.60
C LYS M 68 -10.67 13.14 43.50
N ASP M 69 -10.24 12.02 42.91
CA ASP M 69 -9.92 10.81 43.66
C ASP M 69 -8.62 10.94 44.43
N LEU M 70 -7.70 11.76 43.91
CA LEU M 70 -6.45 12.02 44.60
C LEU M 70 -6.68 12.84 45.87
N VAL M 71 -7.62 13.80 45.80
CA VAL M 71 -7.99 14.62 46.96
C VAL M 71 -8.62 13.76 48.06
N THR M 72 -9.63 12.97 47.67
CA THR M 72 -10.35 12.08 48.58
C THR M 72 -9.40 11.10 49.28
N GLU M 73 -8.53 10.47 48.49
CA GLU M 73 -7.59 9.46 48.99
C GLU M 73 -6.56 10.04 49.96
N ASN M 74 -6.14 11.28 49.69
CA ASN M 74 -5.18 11.96 50.55
C ASN M 74 -5.78 12.33 51.90
N ALA M 75 -7.09 12.56 51.90
CA ALA M 75 -7.83 12.87 53.13
C ALA M 75 -7.96 11.67 54.05
N TYR M 76 -7.99 10.46 53.46
CA TYR M 76 -8.13 9.21 54.22
C TYR M 76 -7.03 9.02 55.26
N ASP M 77 -7.44 8.87 56.52
CA ASP M 77 -6.54 8.63 57.66
C ASP M 77 -5.40 9.65 57.73
N ASN M 78 -5.77 10.91 57.55
CA ASN M 78 -4.82 12.01 57.46
C ASN M 78 -5.34 13.25 58.17
N PRO M 79 -5.01 13.41 59.46
CA PRO M 79 -5.44 14.58 60.23
C PRO M 79 -4.79 15.89 59.76
N LEU M 80 -3.74 15.76 58.95
CA LEU M 80 -2.99 16.92 58.46
C LEU M 80 -3.19 17.15 56.96
N ALA M 81 -4.37 16.76 56.46
CA ALA M 81 -4.69 16.86 55.03
C ALA M 81 -4.92 18.30 54.57
N ASP M 82 -5.11 19.21 55.52
CA ASP M 82 -5.24 20.63 55.23
C ASP M 82 -4.02 21.45 55.68
N ALA M 83 -3.13 20.82 56.44
CA ALA M 83 -1.90 21.46 56.90
C ALA M 83 -0.65 20.91 56.21
N GLU M 84 0.24 20.26 56.97
CA GLU M 84 1.51 19.75 56.45
C GLU M 84 1.38 18.72 55.33
N GLU M 85 0.40 17.83 55.44
CA GLU M 85 0.23 16.73 54.49
C GLU M 85 -0.84 17.01 53.43
N ALA M 86 -1.02 18.28 53.10
CA ALA M 86 -1.86 18.68 51.98
C ALA M 86 -1.14 18.34 50.68
N LEU M 87 -1.89 18.24 49.59
CA LEU M 87 -1.29 17.95 48.29
C LEU M 87 -0.44 19.11 47.79
N GLU M 88 0.76 18.78 47.32
CA GLU M 88 1.67 19.74 46.70
C GLU M 88 1.55 19.64 45.17
N PRO M 89 1.87 20.74 44.46
CA PRO M 89 1.90 20.71 42.99
C PRO M 89 2.82 19.62 42.42
N SER M 90 3.97 19.42 43.06
CA SER M 90 4.93 18.40 42.63
C SER M 90 4.40 16.97 42.78
N TYR M 91 3.55 16.75 43.79
CA TYR M 91 2.93 15.44 44.00
C TYR M 91 1.92 15.16 42.89
N ILE M 92 1.06 16.14 42.64
CA ILE M 92 0.05 16.07 41.57
C ILE M 92 0.70 15.89 40.21
N PHE M 93 1.76 16.65 39.93
CA PHE M 93 2.46 16.52 38.66
C PHE M 93 3.03 15.13 38.46
N GLU M 94 3.81 14.67 39.44
CA GLU M 94 4.51 13.39 39.34
C GLU M 94 3.54 12.23 39.10
N TYR M 95 2.37 12.30 39.73
CA TYR M 95 1.31 11.31 39.54
C TYR M 95 0.79 11.32 38.10
N LEU M 96 0.53 12.52 37.58
CA LEU M 96 0.09 12.66 36.21
C LEU M 96 1.17 12.21 35.22
N ALA M 97 2.42 12.60 35.50
CA ALA M 97 3.57 12.25 34.66
C ALA M 97 3.78 10.73 34.56
N THR M 98 3.52 10.03 35.65
CA THR M 98 3.62 8.57 35.70
C THR M 98 2.51 7.94 34.87
N VAL M 99 1.29 8.45 35.04
CA VAL M 99 0.12 7.95 34.32
C VAL M 99 0.28 8.20 32.82
N MET M 100 0.74 9.40 32.46
CA MET M 100 0.93 9.74 31.04
C MET M 100 1.94 8.82 30.36
N TYR M 101 3.09 8.60 31.00
CA TYR M 101 4.13 7.73 30.45
C TYR M 101 3.69 6.26 30.31
N GLN M 102 2.93 5.76 31.28
CA GLN M 102 2.50 4.37 31.30
C GLN M 102 1.46 4.06 30.22
N ARG M 103 0.63 5.04 29.92
CA ARG M 103 -0.38 4.92 28.89
C ARG M 103 0.23 4.93 27.49
N ARG M 104 1.29 5.72 27.29
CA ARG M 104 2.01 5.71 26.01
C ARG M 104 2.77 4.40 25.82
N SER M 105 3.21 3.82 26.94
CA SER M 105 3.94 2.56 26.92
C SER M 105 3.02 1.35 26.71
N LYS M 106 1.74 1.53 27.00
CA LYS M 106 0.72 0.52 26.74
C LYS M 106 0.09 0.74 25.36
N MET M 107 0.61 1.75 24.64
CA MET M 107 0.16 2.11 23.30
C MET M 107 -1.29 2.65 23.24
N ASN M 108 -1.82 3.00 24.40
CA ASN M 108 -3.15 3.56 24.53
C ASN M 108 -3.07 4.89 25.31
N PRO M 109 -2.63 5.97 24.62
CA PRO M 109 -2.29 7.22 25.30
C PRO M 109 -3.49 8.07 25.69
N LEU M 110 -3.31 8.90 26.71
CA LEU M 110 -4.25 9.99 27.02
C LEU M 110 -3.84 11.18 26.16
N TRP M 111 -4.70 11.55 25.21
CA TRP M 111 -4.35 12.50 24.17
C TRP M 111 -4.39 13.95 24.66
N ASN M 112 -3.43 14.30 25.51
CA ASN M 112 -3.41 15.61 26.15
C ASN M 112 -2.02 16.25 26.24
N ALA M 113 -2.04 17.54 26.57
CA ALA M 113 -0.85 18.27 26.98
C ALA M 113 -1.25 19.01 28.23
N ILE M 114 -0.47 18.83 29.29
CA ILE M 114 -0.84 19.30 30.62
C ILE M 114 0.24 20.19 31.24
N ILE M 115 -0.18 21.32 31.78
CA ILE M 115 0.69 22.19 32.57
C ILE M 115 0.17 22.26 34.00
N VAL M 116 1.04 21.89 34.95
CA VAL M 116 0.72 21.98 36.37
C VAL M 116 1.34 23.26 36.94
N ALA M 117 0.49 24.23 37.27
CA ALA M 117 0.93 25.49 37.88
C ALA M 117 0.59 25.50 39.36
N GLY M 118 1.58 25.78 40.19
CA GLY M 118 1.34 25.87 41.62
C GLY M 118 2.42 26.56 42.42
N VAL M 119 2.22 26.55 43.75
CA VAL M 119 3.19 27.07 44.69
C VAL M 119 3.37 26.05 45.81
N GLN M 120 4.60 25.54 45.94
CA GLN M 120 4.94 24.56 46.96
C GLN M 120 4.76 25.16 48.36
N SER M 121 4.74 24.30 49.38
CA SER M 121 4.52 24.75 50.76
C SER M 121 5.59 25.71 51.28
N ASN M 122 6.79 25.65 50.68
CA ASN M 122 7.90 26.52 51.07
C ASN M 122 7.90 27.89 50.36
N GLY M 123 7.04 28.03 49.35
CA GLY M 123 6.90 29.29 48.62
C GLY M 123 7.42 29.26 47.20
N ASP M 124 8.12 28.20 46.85
CA ASP M 124 8.67 28.02 45.50
C ASP M 124 7.58 27.93 44.43
N GLN M 125 7.85 28.52 43.28
CA GLN M 125 6.95 28.46 42.13
C GLN M 125 7.07 27.10 41.46
N PHE M 126 5.94 26.49 41.11
CA PHE M 126 5.96 25.23 40.35
C PHE M 126 5.29 25.37 38.99
N LEU M 127 6.07 25.11 37.94
CA LEU M 127 5.56 25.11 36.58
C LEU M 127 6.23 24.01 35.76
N ARG M 128 5.45 22.98 35.42
CA ARG M 128 5.99 21.86 34.65
C ARG M 128 4.98 21.31 33.65
N TYR M 129 5.48 20.77 32.54
CA TYR M 129 4.68 20.31 31.42
C TYR M 129 4.77 18.79 31.29
N VAL M 130 3.67 18.17 30.87
CA VAL M 130 3.67 16.74 30.50
C VAL M 130 2.66 16.48 29.36
N ASN M 131 2.97 15.54 28.48
CA ASN M 131 2.08 15.23 27.35
C ASN M 131 1.89 13.74 27.05
N LEU M 132 1.09 13.45 26.02
CA LEU M 132 0.71 12.10 25.63
C LEU M 132 1.89 11.13 25.48
N LEU M 133 3.08 11.67 25.24
CA LEU M 133 4.29 10.85 25.09
C LEU M 133 4.98 10.57 26.42
N GLY M 134 4.54 11.26 27.47
CA GLY M 134 5.18 11.17 28.78
C GLY M 134 6.33 12.15 28.93
N VAL M 135 6.56 12.94 27.88
CA VAL M 135 7.63 13.94 27.86
C VAL M 135 7.36 15.06 28.87
N THR M 136 8.34 15.32 29.73
CA THR M 136 8.22 16.39 30.72
C THR M 136 9.32 17.43 30.55
N TYR M 137 9.00 18.69 30.86
CA TYR M 137 9.98 19.77 30.98
C TYR M 137 9.45 20.94 31.79
N SER M 138 10.37 21.73 32.33
CA SER M 138 10.07 22.99 33.01
C SER M 138 10.78 24.16 32.34
N SER M 139 10.14 25.33 32.41
CA SER M 139 10.71 26.58 31.90
C SER M 139 10.03 27.71 32.69
N PRO M 140 10.66 28.91 32.72
CA PRO M 140 9.95 30.07 33.30
C PRO M 140 8.60 30.38 32.63
N THR M 141 8.49 30.10 31.34
CA THR M 141 7.22 30.18 30.61
C THR M 141 6.92 28.86 29.91
N LEU M 142 5.67 28.43 29.95
CA LEU M 142 5.25 27.18 29.32
C LEU M 142 3.93 27.32 28.57
N ALA M 143 3.83 26.65 27.41
CA ALA M 143 2.63 26.69 26.59
C ALA M 143 2.41 25.42 25.76
N THR M 144 1.14 25.12 25.49
CA THR M 144 0.77 23.96 24.69
C THR M 144 0.16 24.42 23.37
N GLY M 145 0.27 23.59 22.34
CA GLY M 145 -0.37 23.85 21.05
C GLY M 145 0.18 25.06 20.31
N PHE M 146 -0.72 25.92 19.83
CA PHE M 146 -0.30 27.16 19.16
C PHE M 146 0.37 28.12 20.12
N GLY M 147 -0.03 28.05 21.39
CA GLY M 147 0.56 28.86 22.45
C GLY M 147 2.06 28.68 22.51
N ALA M 148 2.53 27.49 22.17
CA ALA M 148 3.96 27.18 22.15
C ALA M 148 4.70 27.99 21.09
N HIS M 149 4.05 28.22 19.96
CA HIS M 149 4.66 28.95 18.84
C HIS M 149 4.47 30.46 18.93
N MET M 150 3.40 30.90 19.58
CA MET M 150 3.01 32.31 19.54
C MET M 150 3.01 33.03 20.89
N ALA M 151 2.65 32.32 21.95
CA ALA M 151 2.60 32.91 23.29
C ALA M 151 3.97 32.89 23.96
N ASN M 152 4.68 31.77 23.87
CA ASN M 152 6.03 31.66 24.42
C ASN M 152 6.99 32.78 23.99
N PRO M 153 7.06 33.07 22.67
CA PRO M 153 7.92 34.18 22.22
C PRO M 153 7.58 35.55 22.85
N LEU M 154 6.30 35.76 23.15
CA LEU M 154 5.85 37.02 23.75
C LEU M 154 6.11 37.05 25.25
N LEU M 155 5.90 35.91 25.90
CA LEU M 155 6.10 35.78 27.34
C LEU M 155 7.57 35.69 27.71
N ARG M 156 8.41 35.27 26.77
CA ARG M 156 9.85 35.18 27.01
C ARG M 156 10.53 36.54 26.91
N LYS M 157 9.85 37.50 26.31
CA LYS M 157 10.34 38.88 26.29
C LYS M 157 10.29 39.49 27.70
N VAL M 158 9.34 39.02 28.50
CA VAL M 158 9.20 39.47 29.89
C VAL M 158 10.14 38.68 30.82
N VAL M 159 9.97 37.36 30.88
CA VAL M 159 10.87 36.50 31.66
C VAL M 159 11.75 35.63 30.77
N ASP M 160 12.94 36.13 30.46
CA ASP M 160 13.86 35.44 29.54
C ASP M 160 14.60 34.30 30.24
N ARG M 161 15.16 34.58 31.41
CA ARG M 161 15.77 33.54 32.24
C ARG M 161 15.27 33.59 33.70
N GLU M 162 15.90 32.79 34.56
CA GLU M 162 15.54 32.69 35.98
C GLU M 162 15.77 34.01 36.72
N SER M 163 16.81 34.74 36.34
CA SER M 163 17.16 36.00 36.99
C SER M 163 16.15 37.13 36.70
N ASP M 164 15.18 36.82 35.85
CA ASP M 164 14.11 37.77 35.51
C ASP M 164 12.80 37.50 36.26
N ILE M 165 12.78 36.43 37.07
CA ILE M 165 11.58 36.06 37.82
C ILE M 165 11.24 37.05 38.95
N PRO M 166 12.19 37.28 39.91
CA PRO M 166 11.87 38.20 41.01
C PRO M 166 11.72 39.66 40.57
N LYS M 167 11.85 39.92 39.27
CA LYS M 167 11.70 41.26 38.72
C LYS M 167 10.31 41.52 38.14
N THR M 168 9.68 40.45 37.63
CA THR M 168 8.34 40.51 37.06
C THR M 168 7.27 40.55 38.16
N THR M 169 6.41 41.56 38.12
CA THR M 169 5.31 41.67 39.07
C THR M 169 4.05 40.99 38.54
N VAL M 170 3.08 40.78 39.43
CA VAL M 170 1.81 40.14 39.07
C VAL M 170 1.09 40.92 37.97
N GLN M 171 1.07 42.24 38.11
CA GLN M 171 0.41 43.14 37.17
C GLN M 171 1.03 43.04 35.77
N VAL M 172 2.35 43.02 35.71
CA VAL M 172 3.10 42.87 34.46
C VAL M 172 2.87 41.49 33.86
N ALA M 173 2.91 40.46 34.72
CA ALA M 173 2.74 39.08 34.30
C ALA M 173 1.35 38.80 33.75
N GLU M 174 0.32 39.34 34.41
CA GLU M 174 -1.07 39.16 33.98
C GLU M 174 -1.33 39.88 32.65
N GLU M 175 -0.76 41.07 32.51
CA GLU M 175 -0.81 41.84 31.28
C GLU M 175 -0.30 41.04 30.09
N ALA M 176 0.83 40.36 30.28
CA ALA M 176 1.50 39.60 29.23
C ALA M 176 0.72 38.35 28.80
N ILE M 177 0.01 37.75 29.75
CA ILE M 177 -0.81 36.56 29.48
C ILE M 177 -2.07 36.92 28.70
N VAL M 178 -2.75 37.98 29.13
CA VAL M 178 -3.97 38.48 28.49
C VAL M 178 -3.68 39.02 27.07
N ASN M 179 -2.48 39.55 26.87
CA ASN M 179 -2.04 39.99 25.53
C ASN M 179 -1.81 38.79 24.62
N ALA M 180 -1.19 37.76 25.17
CA ALA M 180 -0.94 36.51 24.45
C ALA M 180 -2.25 35.82 24.10
N MET M 181 -3.24 35.93 25.00
CA MET M 181 -4.56 35.35 24.78
C MET M 181 -5.28 35.99 23.60
N ARG M 182 -5.08 37.30 23.42
CA ARG M 182 -5.60 38.03 22.27
C ARG M 182 -4.94 37.58 20.96
N VAL M 183 -3.61 37.40 21.01
CA VAL M 183 -2.84 37.01 19.83
C VAL M 183 -3.25 35.63 19.33
N LEU M 184 -3.49 34.70 20.25
CA LEU M 184 -3.97 33.37 19.90
C LEU M 184 -5.35 33.45 19.27
N TYR M 185 -6.17 34.38 19.75
CA TYR M 185 -7.50 34.59 19.18
C TYR M 185 -7.43 35.15 17.76
N TYR M 186 -6.40 35.97 17.49
CA TYR M 186 -6.13 36.47 16.15
C TYR M 186 -5.80 35.35 15.15
N ARG M 187 -4.95 34.41 15.58
CA ARG M 187 -4.28 33.50 14.62
C ARG M 187 -4.58 32.00 14.73
N ASP M 188 -5.13 31.56 15.87
CA ASP M 188 -5.49 30.16 16.08
C ASP M 188 -6.94 29.94 15.64
N ALA M 189 -7.13 29.13 14.60
CA ALA M 189 -8.47 28.92 14.03
C ALA M 189 -9.36 28.04 14.89
N ARG M 190 -8.83 27.56 16.02
CA ARG M 190 -9.59 26.75 16.96
C ARG M 190 -9.60 27.39 18.35
N SER M 191 -9.60 28.72 18.39
CA SER M 191 -9.60 29.43 19.68
C SER M 191 -10.87 30.25 19.89
N SER M 192 -11.12 30.57 21.16
CA SER M 192 -12.32 31.29 21.57
C SER M 192 -11.95 32.63 22.21
N ARG M 193 -12.88 33.59 22.13
CA ARG M 193 -12.71 34.90 22.74
C ARG M 193 -12.83 34.83 24.27
N ASN M 194 -13.64 33.90 24.74
CA ASN M 194 -13.88 33.70 26.17
C ASN M 194 -12.90 32.71 26.79
N PHE M 195 -12.31 33.08 27.92
CA PHE M 195 -11.30 32.26 28.59
C PHE M 195 -11.29 32.41 30.11
N SER M 196 -10.73 31.41 30.79
CA SER M 196 -10.51 31.45 32.23
C SER M 196 -9.04 31.67 32.53
N LEU M 197 -8.76 32.37 33.62
CA LEU M 197 -7.40 32.66 34.04
C LEU M 197 -7.25 32.47 35.54
N ALA M 198 -6.14 31.86 35.97
CA ALA M 198 -5.92 31.58 37.37
C ALA M 198 -4.55 32.04 37.85
N ILE M 199 -4.55 32.78 38.96
CA ILE M 199 -3.32 33.25 39.61
C ILE M 199 -3.15 32.53 40.94
N ILE M 200 -2.00 31.86 41.10
CA ILE M 200 -1.66 31.23 42.37
C ILE M 200 -0.48 32.02 42.93
N ASP M 201 -0.74 32.75 44.00
CA ASP M 201 0.24 33.63 44.64
C ASP M 201 0.52 33.13 46.05
N LYS M 202 1.78 33.12 46.44
CA LYS M 202 2.21 32.61 47.74
C LYS M 202 1.75 33.46 48.95
N ASN M 203 1.13 34.62 48.68
CA ASN M 203 0.64 35.49 49.75
C ASN M 203 -0.88 35.67 49.74
N THR M 204 -1.49 35.55 48.56
CA THR M 204 -2.94 35.73 48.41
C THR M 204 -3.66 34.45 48.01
N GLY M 205 -2.91 33.36 47.83
CA GLY M 205 -3.50 32.05 47.51
C GLY M 205 -3.99 31.92 46.09
N LEU M 206 -5.06 31.15 45.91
CA LEU M 206 -5.60 30.86 44.59
C LEU M 206 -6.67 31.88 44.18
N THR M 207 -6.48 32.48 43.01
CA THR M 207 -7.42 33.43 42.44
C THR M 207 -7.89 32.96 41.06
N PHE M 208 -9.12 32.47 41.00
CA PHE M 208 -9.69 31.95 39.76
C PHE M 208 -10.62 32.98 39.14
N LYS M 209 -10.32 33.35 37.89
CA LYS M 209 -11.14 34.31 37.16
C LYS M 209 -11.86 33.63 36.00
N LYS M 210 -13.18 33.69 36.00
CA LYS M 210 -14.00 33.06 34.97
C LYS M 210 -14.62 34.09 34.03
N ASN M 211 -15.08 33.61 32.87
CA ASN M 211 -15.81 34.43 31.88
C ASN M 211 -15.11 35.70 31.40
N LEU M 212 -13.78 35.63 31.29
CA LEU M 212 -12.98 36.73 30.76
C LEU M 212 -13.10 36.77 29.24
N GLN M 213 -12.91 37.96 28.67
CA GLN M 213 -13.01 38.14 27.22
C GLN M 213 -11.83 38.92 26.65
N VAL M 214 -11.53 38.64 25.39
CA VAL M 214 -10.55 39.41 24.64
C VAL M 214 -11.17 40.76 24.28
N GLU M 215 -10.52 41.83 24.72
CA GLU M 215 -10.97 43.19 24.44
C GLU M 215 -9.85 43.97 23.73
N ASN M 216 -10.15 45.19 23.32
CA ASN M 216 -9.15 46.10 22.72
C ASN M 216 -8.40 45.52 21.52
N MET M 217 -9.15 44.96 20.58
CA MET M 217 -8.59 44.36 19.37
C MET M 217 -8.43 45.39 18.24
N LYS M 218 -7.46 45.13 17.36
CA LYS M 218 -7.22 45.99 16.21
C LYS M 218 -7.77 45.36 14.94
N TRP M 219 -8.80 45.99 14.38
CA TRP M 219 -9.44 45.51 13.16
C TRP M 219 -9.69 46.66 12.17
N ASP M 220 -9.49 47.90 12.63
CA ASP M 220 -9.79 49.08 11.83
C ASP M 220 -9.10 49.13 10.46
N PHE M 221 -7.85 48.69 10.42
CA PHE M 221 -7.06 48.69 9.17
C PHE M 221 -7.65 47.83 8.04
N ALA M 222 -8.52 46.89 8.40
CA ALA M 222 -9.12 45.96 7.44
C ALA M 222 -9.94 46.65 6.34
N LYS M 223 -10.55 47.79 6.67
CA LYS M 223 -11.35 48.54 5.70
C LYS M 223 -10.48 49.16 4.59
N ASP M 224 -9.18 49.28 4.86
CA ASP M 224 -8.23 49.85 3.92
C ASP M 224 -7.66 48.81 2.97
N ILE M 225 -7.94 47.54 3.26
CA ILE M 225 -7.41 46.44 2.45
C ILE M 225 -8.46 45.90 1.49
N LYS M 226 -8.19 46.05 0.20
CA LYS M 226 -9.06 45.53 -0.85
C LYS M 226 -8.27 44.77 -1.90
N GLY M 227 -8.81 43.64 -2.33
CA GLY M 227 -8.16 42.80 -3.34
C GLY M 227 -7.00 41.97 -2.82
N TYR M 228 -6.21 41.44 -3.75
CA TYR M 228 -5.02 40.66 -3.41
C TYR M 228 -3.80 41.10 -4.22
N GLY M 229 -3.88 42.29 -4.81
CA GLY M 229 -2.77 42.83 -5.59
C GLY M 229 -3.04 44.10 -6.36
N THR M 230 -3.82 43.98 -7.44
CA THR M 230 -3.99 45.08 -8.39
C THR M 230 -5.33 45.83 -8.26
N GLN M 231 -6.30 45.20 -7.63
CA GLN M 231 -7.65 45.75 -7.48
C GLN M 231 -7.67 47.01 -6.59
N LYS M 232 -8.27 48.08 -7.11
CA LYS M 232 -8.22 49.40 -6.47
C LYS M 232 -9.44 49.74 -5.60
N ILE M 233 -10.58 49.11 -5.89
CA ILE M 233 -11.81 49.34 -5.11
C ILE M 233 -12.26 48.11 -4.33
N THR N 1 -29.10 10.17 10.40
CA THR N 1 -29.91 10.71 11.49
C THR N 1 -29.94 12.23 11.52
N SER N 2 -31.07 12.76 12.01
CA SER N 2 -31.14 14.06 12.71
C SER N 2 -31.92 14.05 14.07
N ILE N 3 -31.34 14.41 15.37
CA ILE N 3 -31.85 14.28 16.73
C ILE N 3 -31.63 15.55 17.56
N MET N 4 -32.54 15.80 18.50
CA MET N 4 -32.39 16.90 19.45
C MET N 4 -33.19 16.68 20.73
N ALA N 5 -32.72 17.30 21.81
CA ALA N 5 -33.50 17.36 23.05
C ALA N 5 -33.46 18.79 23.61
N VAL N 6 -34.64 19.32 23.96
CA VAL N 6 -34.76 20.69 24.45
C VAL N 6 -35.46 20.75 25.81
N THR N 7 -34.84 21.44 26.76
CA THR N 7 -35.44 21.71 28.06
C THR N 7 -36.35 22.93 27.99
N PHE N 8 -37.48 22.88 28.69
CA PHE N 8 -38.37 24.04 28.78
C PHE N 8 -38.96 24.20 30.17
N LYS N 9 -39.91 25.13 30.31
CA LYS N 9 -40.54 25.45 31.60
C LYS N 9 -41.01 24.21 32.38
N ASP N 10 -41.80 23.36 31.73
CA ASP N 10 -42.44 22.22 32.40
C ASP N 10 -41.60 20.94 32.42
N GLY N 11 -40.56 20.86 31.59
CA GLY N 11 -39.71 19.69 31.54
C GLY N 11 -38.74 19.66 30.37
N VAL N 12 -38.84 18.59 29.56
CA VAL N 12 -37.93 18.39 28.44
C VAL N 12 -38.62 17.62 27.29
N ILE N 13 -38.26 17.96 26.05
CA ILE N 13 -38.77 17.25 24.88
C ILE N 13 -37.63 16.69 24.01
N LEU N 14 -37.73 15.41 23.68
CA LEU N 14 -36.79 14.78 22.77
C LEU N 14 -37.42 14.68 21.38
N GLY N 15 -36.61 14.93 20.36
CA GLY N 15 -37.07 14.86 18.97
C GLY N 15 -36.11 14.12 18.06
N ALA N 16 -36.64 13.47 17.03
CA ALA N 16 -35.83 12.72 16.07
C ALA N 16 -36.57 12.52 14.75
N ASP N 17 -35.82 12.26 13.69
CA ASP N 17 -36.40 11.78 12.42
C ASP N 17 -36.58 10.26 12.52
N SER N 18 -36.86 9.59 11.40
CA SER N 18 -37.16 8.15 11.43
C SER N 18 -36.46 7.31 10.35
N ARG N 19 -35.31 7.79 9.88
CA ARG N 19 -34.61 7.17 8.76
C ARG N 19 -33.37 6.39 9.20
N THR N 20 -33.25 5.14 8.73
CA THR N 20 -31.99 4.41 8.83
C THR N 20 -31.52 4.03 7.42
N THR N 21 -30.21 4.12 7.19
CA THR N 21 -29.67 3.91 5.84
C THR N 21 -28.42 3.02 5.78
N THR N 22 -28.25 2.37 4.63
CA THR N 22 -26.98 1.82 4.19
C THR N 22 -26.62 2.55 2.91
N GLY N 23 -25.74 3.55 3.04
CA GLY N 23 -25.41 4.40 1.91
C GLY N 23 -26.60 5.26 1.56
N ALA N 24 -27.17 5.02 0.38
CA ALA N 24 -28.28 5.82 -0.11
C ALA N 24 -29.61 5.08 -0.14
N TYR N 25 -29.63 3.86 0.40
CA TYR N 25 -30.87 3.10 0.50
C TYR N 25 -31.46 3.21 1.89
N ILE N 26 -32.73 3.57 1.97
CA ILE N 26 -33.41 3.71 3.25
C ILE N 26 -33.88 2.35 3.74
N ALA N 27 -33.13 1.79 4.68
CA ALA N 27 -33.41 0.46 5.25
C ALA N 27 -34.70 0.43 6.06
N ASN N 28 -34.99 1.53 6.75
CA ASN N 28 -36.20 1.69 7.54
C ASN N 28 -36.61 3.16 7.55
N ARG N 29 -37.87 3.44 7.22
CA ARG N 29 -38.34 4.82 7.09
C ARG N 29 -39.24 5.26 8.24
N VAL N 30 -39.46 4.38 9.20
CA VAL N 30 -40.37 4.65 10.32
C VAL N 30 -39.72 4.34 11.68
N THR N 31 -38.38 4.37 11.70
CA THR N 31 -37.59 4.03 12.89
C THR N 31 -37.92 4.88 14.11
N ASP N 32 -37.90 4.25 15.28
CA ASP N 32 -38.02 4.98 16.53
C ASP N 32 -36.64 5.13 17.18
N LYS N 33 -36.06 6.32 17.02
CA LYS N 33 -34.72 6.62 17.54
C LYS N 33 -34.77 7.15 18.97
N LEU N 34 -35.98 7.34 19.49
CA LEU N 34 -36.19 7.82 20.86
C LEU N 34 -36.43 6.62 21.76
N THR N 35 -35.45 6.32 22.61
CA THR N 35 -35.42 5.07 23.37
C THR N 35 -35.48 5.28 24.88
N ARG N 36 -36.42 4.59 25.53
CA ARG N 36 -36.58 4.64 26.97
C ARG N 36 -35.52 3.81 27.68
N VAL N 37 -34.84 4.43 28.66
CA VAL N 37 -33.93 3.70 29.55
C VAL N 37 -34.47 3.68 30.98
N HIS N 38 -35.42 4.57 31.26
CA HIS N 38 -36.17 4.60 32.51
C HIS N 38 -37.48 5.38 32.33
N ASP N 39 -38.43 5.16 33.24
CA ASP N 39 -39.76 5.79 33.19
C ASP N 39 -39.73 7.18 32.60
N LYS N 40 -38.87 8.04 33.15
CA LYS N 40 -38.75 9.42 32.70
C LYS N 40 -37.30 9.80 32.38
N ILE N 41 -36.51 8.83 31.92
CA ILE N 41 -35.20 9.10 31.34
C ILE N 41 -35.11 8.42 29.98
N TRP N 42 -35.01 9.23 28.94
CA TRP N 42 -35.00 8.72 27.56
C TRP N 42 -33.73 9.18 26.87
N CYS N 43 -33.44 8.60 25.71
CA CYS N 43 -32.28 9.02 24.93
C CYS N 43 -32.57 9.11 23.44
N CYS N 44 -31.77 9.94 22.76
CA CYS N 44 -31.79 10.02 21.31
C CYS N 44 -30.57 9.29 20.76
N ARG N 45 -30.78 8.47 19.74
CA ARG N 45 -29.71 7.64 19.20
C ARG N 45 -29.30 8.05 17.78
N SER N 46 -28.00 8.21 17.59
CA SER N 46 -27.42 8.48 16.27
C SER N 46 -26.10 7.73 16.13
N GLY N 47 -25.74 7.41 14.89
CA GLY N 47 -24.54 6.64 14.60
C GLY N 47 -24.88 5.23 14.13
N SER N 48 -24.16 4.25 14.65
CA SER N 48 -24.42 2.86 14.33
C SER N 48 -25.67 2.38 15.06
N ALA N 49 -26.62 1.81 14.31
CA ALA N 49 -27.87 1.31 14.86
C ALA N 49 -27.60 0.19 15.87
N ALA N 50 -26.81 -0.80 15.47
CA ALA N 50 -26.44 -1.91 16.34
C ALA N 50 -25.73 -1.45 17.62
N ASP N 51 -24.78 -0.53 17.47
CA ASP N 51 -24.02 -0.01 18.61
C ASP N 51 -24.90 0.72 19.62
N THR N 52 -25.80 1.56 19.12
CA THR N 52 -26.68 2.37 19.97
C THR N 52 -27.81 1.56 20.60
N GLN N 53 -28.27 0.51 19.90
CA GLN N 53 -29.23 -0.43 20.45
C GLN N 53 -28.60 -1.26 21.57
N ALA N 54 -27.37 -1.73 21.33
CA ALA N 54 -26.64 -2.54 22.30
C ALA N 54 -26.29 -1.76 23.57
N ILE N 55 -25.93 -0.49 23.41
CA ILE N 55 -25.64 0.39 24.55
C ILE N 55 -26.92 0.66 25.35
N ALA N 56 -27.97 1.06 24.65
CA ALA N 56 -29.24 1.42 25.30
C ALA N 56 -29.83 0.25 26.07
N ASP N 57 -29.67 -0.96 25.55
CA ASP N 57 -30.09 -2.17 26.26
C ASP N 57 -29.31 -2.35 27.58
N ILE N 58 -28.01 -2.14 27.53
CA ILE N 58 -27.15 -2.26 28.73
C ILE N 58 -27.46 -1.19 29.77
N VAL N 59 -27.76 0.03 29.30
CA VAL N 59 -28.11 1.14 30.20
C VAL N 59 -29.45 0.88 30.88
N GLN N 60 -30.45 0.46 30.10
CA GLN N 60 -31.76 0.13 30.65
C GLN N 60 -31.64 -0.96 31.70
N TYR N 61 -30.65 -1.82 31.52
CA TYR N 61 -30.34 -2.87 32.49
C TYR N 61 -29.74 -2.28 33.78
N HIS N 62 -28.78 -1.38 33.64
CA HIS N 62 -28.08 -0.81 34.79
C HIS N 62 -28.99 0.06 35.66
N LEU N 63 -29.91 0.78 35.03
CA LEU N 63 -30.83 1.64 35.75
C LEU N 63 -31.99 0.86 36.38
N GLU N 64 -32.32 -0.29 35.79
CA GLU N 64 -33.29 -1.20 36.40
C GLU N 64 -32.69 -1.85 37.64
N LEU N 65 -31.40 -2.17 37.58
CA LEU N 65 -30.67 -2.71 38.73
C LEU N 65 -30.48 -1.63 39.80
N TYR N 66 -30.27 -0.39 39.36
CA TYR N 66 -30.15 0.76 40.25
C TYR N 66 -31.45 0.99 41.02
N THR N 67 -32.58 0.90 40.32
CA THR N 67 -33.90 1.19 40.87
C THR N 67 -34.32 0.20 41.96
N SER N 68 -33.96 -1.07 41.78
CA SER N 68 -34.26 -2.12 42.74
C SER N 68 -33.59 -1.87 44.08
N GLN N 69 -32.41 -1.24 44.04
CA GLN N 69 -31.58 -1.08 45.22
C GLN N 69 -31.61 0.32 45.84
N TYR N 70 -31.59 1.34 45.00
CA TYR N 70 -31.38 2.71 45.47
C TYR N 70 -32.52 3.67 45.13
N GLY N 71 -33.49 3.20 44.35
CA GLY N 71 -34.63 4.01 43.95
C GLY N 71 -34.49 4.59 42.55
N THR N 72 -35.14 5.72 42.31
CA THR N 72 -35.10 6.36 41.00
C THR N 72 -33.77 7.09 40.78
N PRO N 73 -33.06 6.74 39.69
CA PRO N 73 -31.81 7.42 39.37
C PRO N 73 -32.04 8.81 38.78
N SER N 74 -31.08 9.70 39.00
CA SER N 74 -31.09 11.01 38.37
C SER N 74 -30.70 10.89 36.90
N THR N 75 -30.98 11.93 36.12
CA THR N 75 -30.57 11.98 34.73
C THR N 75 -29.05 11.98 34.62
N GLU N 76 -28.39 12.74 35.50
CA GLU N 76 -26.93 12.77 35.59
C GLU N 76 -26.34 11.37 35.77
N THR N 77 -27.00 10.55 36.60
CA THR N 77 -26.60 9.15 36.81
C THR N 77 -26.68 8.37 35.49
N ALA N 78 -27.80 8.48 34.80
CA ALA N 78 -28.00 7.82 33.51
C ALA N 78 -26.96 8.26 32.48
N ALA N 79 -26.58 9.54 32.55
CA ALA N 79 -25.54 10.08 31.68
C ALA N 79 -24.17 9.45 31.96
N SER N 80 -23.89 9.14 33.23
CA SER N 80 -22.65 8.47 33.61
C SER N 80 -22.52 7.06 33.03
N VAL N 81 -23.62 6.31 33.07
CA VAL N 81 -23.61 4.93 32.59
C VAL N 81 -23.36 4.88 31.07
N PHE N 82 -23.99 5.78 30.32
CA PHE N 82 -23.69 5.96 28.90
C PHE N 82 -22.22 6.34 28.70
N LYS N 83 -21.78 7.39 29.42
CA LYS N 83 -20.39 7.87 29.36
C LYS N 83 -19.40 6.73 29.56
N GLU N 84 -19.58 5.98 30.64
CA GLU N 84 -18.70 4.89 31.01
C GLU N 84 -18.60 3.81 29.92
N LEU N 85 -19.71 3.55 29.24
CA LEU N 85 -19.72 2.59 28.14
C LEU N 85 -19.04 3.16 26.90
N CYS N 86 -19.46 4.36 26.50
CA CYS N 86 -18.97 5.00 25.28
C CYS N 86 -17.48 5.33 25.35
N TYR N 87 -17.04 5.83 26.50
CA TYR N 87 -15.65 6.21 26.70
C TYR N 87 -14.73 4.99 26.73
N GLU N 88 -15.11 3.99 27.51
CA GLU N 88 -14.25 2.83 27.74
C GLU N 88 -14.14 1.92 26.51
N ASN N 89 -15.12 1.99 25.62
CA ASN N 89 -15.10 1.20 24.39
C ASN N 89 -15.05 2.09 23.15
N LYS N 90 -14.45 3.27 23.29
CA LYS N 90 -14.42 4.27 22.19
C LYS N 90 -13.80 3.78 20.88
N ASP N 91 -12.86 2.84 20.97
CA ASP N 91 -12.21 2.27 19.79
C ASP N 91 -13.17 1.44 18.93
N ASN N 92 -14.25 0.95 19.54
CA ASN N 92 -15.14 -0.01 18.88
C ASN N 92 -16.58 0.44 18.70
N LEU N 93 -16.86 1.70 19.03
CA LEU N 93 -18.22 2.22 18.95
C LEU N 93 -18.31 3.46 18.09
N THR N 94 -19.35 3.50 17.27
CA THR N 94 -19.75 4.72 16.57
C THR N 94 -21.14 5.09 17.10
N ALA N 95 -21.17 5.83 18.19
CA ALA N 95 -22.41 6.18 18.86
C ALA N 95 -22.42 7.64 19.32
N GLY N 96 -23.46 8.36 18.92
CA GLY N 96 -23.69 9.72 19.38
C GLY N 96 -25.05 9.78 20.05
N ILE N 97 -25.04 9.97 21.37
CA ILE N 97 -26.26 9.83 22.17
C ILE N 97 -26.59 11.10 22.94
N ILE N 98 -27.85 11.51 22.88
CA ILE N 98 -28.37 12.60 23.70
C ILE N 98 -29.25 12.01 24.80
N VAL N 99 -28.93 12.32 26.06
CA VAL N 99 -29.69 11.82 27.21
C VAL N 99 -30.54 12.95 27.78
N ALA N 100 -31.84 12.71 27.90
CA ALA N 100 -32.76 13.70 28.46
C ALA N 100 -33.74 13.03 29.39
N GLY N 101 -33.90 13.60 30.58
CA GLY N 101 -34.79 13.05 31.59
C GLY N 101 -35.51 14.11 32.39
N TYR N 102 -36.63 13.72 32.99
CA TYR N 102 -37.35 14.61 33.90
C TYR N 102 -37.25 14.15 35.34
N ASP N 103 -36.84 15.08 36.20
CA ASP N 103 -36.75 14.85 37.62
C ASP N 103 -37.64 15.85 38.31
N ASP N 104 -38.20 15.48 39.46
CA ASP N 104 -39.09 16.36 40.19
C ASP N 104 -38.33 17.51 40.88
N LYS N 105 -37.09 17.24 41.26
CA LYS N 105 -36.21 18.24 41.87
C LYS N 105 -35.49 19.05 40.79
N ASN N 106 -34.79 18.36 39.90
CA ASN N 106 -33.94 18.99 38.87
C ASN N 106 -34.69 19.51 37.65
N LYS N 107 -36.00 19.27 37.61
CA LYS N 107 -36.86 19.60 36.47
C LYS N 107 -36.41 18.85 35.20
N GLY N 108 -36.08 19.57 34.13
CA GLY N 108 -35.65 18.96 32.88
C GLY N 108 -34.18 19.17 32.61
N GLU N 109 -33.49 18.08 32.25
CA GLU N 109 -32.04 18.13 31.99
C GLU N 109 -31.68 17.42 30.70
N VAL N 110 -30.65 17.93 30.01
CA VAL N 110 -30.16 17.35 28.76
C VAL N 110 -28.65 17.19 28.80
N TYR N 111 -28.19 15.98 28.51
CA TYR N 111 -26.76 15.67 28.45
C TYR N 111 -26.42 15.11 27.08
N THR N 112 -25.36 15.63 26.47
CA THR N 112 -24.90 15.13 25.17
C THR N 112 -23.59 14.35 25.28
N ILE N 113 -23.55 13.22 24.58
CA ILE N 113 -22.41 12.31 24.61
C ILE N 113 -21.98 11.99 23.17
N PRO N 114 -21.03 12.78 22.63
CA PRO N 114 -20.55 12.55 21.27
C PRO N 114 -19.51 11.43 21.22
N LEU N 115 -18.99 11.16 20.03
CA LEU N 115 -17.88 10.22 19.84
C LEU N 115 -16.75 10.56 20.80
N GLY N 116 -16.10 9.53 21.32
CA GLY N 116 -15.03 9.70 22.31
C GLY N 116 -15.55 9.43 23.71
N GLY N 117 -16.74 9.96 24.02
CA GLY N 117 -17.39 9.70 25.29
C GLY N 117 -17.28 10.79 26.35
N SER N 118 -17.18 12.05 25.92
CA SER N 118 -17.24 13.17 26.84
C SER N 118 -18.70 13.50 27.16
N VAL N 119 -18.94 14.11 28.33
CA VAL N 119 -20.31 14.47 28.73
C VAL N 119 -20.44 15.99 28.80
N HIS N 120 -21.56 16.49 28.33
CA HIS N 120 -21.84 17.92 28.35
C HIS N 120 -23.29 18.17 28.73
N LYS N 121 -23.49 18.86 29.85
CA LYS N 121 -24.82 19.29 30.27
C LYS N 121 -25.15 20.57 29.50
N LEU N 122 -26.31 20.60 28.88
CA LEU N 122 -26.71 21.72 28.03
C LEU N 122 -28.19 22.06 28.18
N PRO N 123 -28.55 23.34 27.93
CA PRO N 123 -29.95 23.76 27.91
C PRO N 123 -30.72 23.06 26.78
N TYR N 124 -30.04 22.84 25.67
CA TYR N 124 -30.55 22.02 24.57
C TYR N 124 -29.36 21.42 23.82
N ALA N 125 -29.61 20.31 23.13
CA ALA N 125 -28.56 19.65 22.35
C ALA N 125 -29.10 19.14 21.04
N ILE N 126 -28.30 19.29 19.99
CA ILE N 126 -28.59 18.73 18.68
C ILE N 126 -27.45 17.81 18.26
N ALA N 127 -27.78 16.74 17.56
CA ALA N 127 -26.78 15.80 17.03
C ALA N 127 -27.32 15.04 15.80
N GLY N 128 -26.48 14.19 15.22
CA GLY N 128 -26.82 13.50 13.98
C GLY N 128 -26.24 14.20 12.79
N SER N 129 -26.13 13.49 11.68
CA SER N 129 -25.56 14.03 10.44
C SER N 129 -26.31 15.26 9.95
N GLY N 130 -27.61 15.33 10.23
CA GLY N 130 -28.45 16.42 9.75
C GLY N 130 -28.44 17.67 10.62
N SER N 131 -27.79 17.58 11.78
CA SER N 131 -27.78 18.69 12.73
C SER N 131 -26.92 19.85 12.26
N THR N 132 -25.86 19.57 11.50
CA THR N 132 -24.94 20.60 11.02
C THR N 132 -25.69 21.79 10.40
N PHE N 133 -26.76 21.48 9.68
CA PHE N 133 -27.51 22.48 8.90
C PHE N 133 -28.39 23.39 9.75
N ILE N 134 -28.67 22.98 10.98
CA ILE N 134 -29.56 23.74 11.85
C ILE N 134 -28.86 24.40 13.05
N TYR N 135 -27.53 24.38 13.05
CA TYR N 135 -26.76 25.07 14.10
C TYR N 135 -27.08 26.55 14.15
N GLY N 136 -27.08 27.20 12.99
CA GLY N 136 -27.43 28.62 12.87
C GLY N 136 -28.85 28.92 13.30
N TYR N 137 -29.79 28.09 12.81
CA TYR N 137 -31.22 28.26 13.12
C TYR N 137 -31.53 28.09 14.59
N CYS N 138 -30.97 27.06 15.21
CA CYS N 138 -31.24 26.75 16.61
C CYS N 138 -30.62 27.76 17.58
N ASP N 139 -29.45 28.28 17.24
CA ASP N 139 -28.78 29.26 18.07
C ASP N 139 -29.53 30.59 18.12
N LYS N 140 -30.24 30.91 17.02
CA LYS N 140 -30.95 32.18 16.89
C LYS N 140 -32.40 32.13 17.37
N ASN N 141 -32.93 30.92 17.52
CA ASN N 141 -34.33 30.74 17.89
C ASN N 141 -34.60 30.21 19.29
N PHE N 142 -33.65 29.46 19.84
CA PHE N 142 -33.81 28.88 21.18
C PHE N 142 -33.84 29.95 22.28
N ARG N 143 -34.85 29.83 23.14
CA ARG N 143 -34.94 30.63 24.37
C ARG N 143 -35.15 29.69 25.56
N GLU N 144 -34.79 30.14 26.75
CA GLU N 144 -35.00 29.35 27.96
C GLU N 144 -36.39 29.55 28.54
N ASN N 145 -36.92 28.48 29.14
CA ASN N 145 -38.24 28.48 29.78
C ASN N 145 -39.41 28.73 28.83
N MET N 146 -39.34 28.12 27.65
CA MET N 146 -40.43 28.18 26.66
C MET N 146 -41.61 27.35 27.15
N SER N 147 -42.79 27.61 26.57
CA SER N 147 -43.96 26.79 26.85
C SER N 147 -43.86 25.47 26.08
N LYS N 148 -44.74 24.53 26.39
CA LYS N 148 -44.76 23.23 25.70
C LYS N 148 -44.97 23.40 24.20
N GLU N 149 -45.97 24.21 23.84
CA GLU N 149 -46.34 24.44 22.44
C GLU N 149 -45.22 25.10 21.65
N GLU N 150 -44.55 26.08 22.27
CA GLU N 150 -43.40 26.77 21.68
C GLU N 150 -42.23 25.83 21.38
N THR N 151 -41.97 24.90 22.30
CA THR N 151 -40.85 23.98 22.17
C THR N 151 -41.13 22.91 21.11
N VAL N 152 -42.37 22.43 21.07
CA VAL N 152 -42.82 21.52 20.01
C VAL N 152 -42.61 22.19 18.66
N ASP N 153 -43.03 23.45 18.54
CA ASP N 153 -42.83 24.24 17.33
C ASP N 153 -41.35 24.43 16.98
N PHE N 154 -40.53 24.72 17.99
CA PHE N 154 -39.09 24.89 17.81
C PHE N 154 -38.42 23.62 17.27
N ILE N 155 -38.73 22.47 17.88
CA ILE N 155 -38.22 21.17 17.42
C ILE N 155 -38.76 20.82 16.03
N LYS N 156 -40.05 21.05 15.83
CA LYS N 156 -40.70 20.74 14.54
C LYS N 156 -40.08 21.54 13.39
N HIS N 157 -39.85 22.84 13.61
CA HIS N 157 -39.21 23.70 12.62
C HIS N 157 -37.76 23.34 12.35
N SER N 158 -37.04 23.01 13.43
CA SER N 158 -35.61 22.66 13.33
C SER N 158 -35.39 21.37 12.55
N LEU N 159 -36.03 20.29 12.98
CA LEU N 159 -35.85 18.98 12.34
C LEU N 159 -36.35 18.94 10.90
N SER N 160 -37.34 19.77 10.57
CA SER N 160 -37.85 19.86 9.20
C SER N 160 -36.78 20.43 8.27
N GLN N 161 -36.03 21.42 8.75
CA GLN N 161 -34.91 21.98 8.02
C GLN N 161 -33.77 20.99 7.87
N ALA N 162 -33.46 20.29 8.97
CA ALA N 162 -32.46 19.22 8.96
C ALA N 162 -32.82 18.13 7.96
N ILE N 163 -34.08 17.68 7.99
CA ILE N 163 -34.61 16.71 7.03
C ILE N 163 -34.53 17.22 5.58
N LYS N 164 -34.87 18.50 5.40
CA LYS N 164 -34.91 19.13 4.08
C LYS N 164 -33.55 19.10 3.39
N TRP N 165 -32.48 19.35 4.15
CA TRP N 165 -31.15 19.50 3.59
C TRP N 165 -30.31 18.23 3.61
N ASP N 166 -30.43 17.46 4.68
CA ASP N 166 -29.67 16.23 4.85
C ASP N 166 -30.42 15.04 4.27
N GLY N 167 -29.74 14.31 3.38
CA GLY N 167 -30.30 13.13 2.74
C GLY N 167 -30.36 11.93 3.65
N SER N 168 -29.63 11.98 4.77
CA SER N 168 -29.59 10.89 5.73
C SER N 168 -30.68 11.01 6.80
N SER N 169 -31.55 12.00 6.62
CA SER N 169 -32.64 12.26 7.54
C SER N 169 -33.94 12.30 6.76
N GLY N 170 -35.05 11.98 7.44
CA GLY N 170 -36.35 12.01 6.80
C GLY N 170 -37.38 11.11 7.47
N GLY N 171 -38.51 10.94 6.79
CA GLY N 171 -39.61 10.15 7.32
C GLY N 171 -40.56 11.00 8.13
N VAL N 172 -40.87 10.52 9.33
CA VAL N 172 -41.70 11.27 10.28
C VAL N 172 -40.83 11.92 11.36
N ILE N 173 -41.35 12.97 11.99
CA ILE N 173 -40.69 13.57 13.13
C ILE N 173 -41.34 13.02 14.40
N ARG N 174 -40.57 12.27 15.18
CA ARG N 174 -41.05 11.76 16.45
C ARG N 174 -40.63 12.68 17.59
N MET N 175 -41.54 12.87 18.54
CA MET N 175 -41.25 13.63 19.76
C MET N 175 -41.73 12.90 21.00
N VAL N 176 -40.96 13.02 22.08
CA VAL N 176 -41.35 12.48 23.36
C VAL N 176 -41.26 13.61 24.39
N VAL N 177 -42.38 13.83 25.10
CA VAL N 177 -42.48 14.92 26.07
C VAL N 177 -42.38 14.40 27.50
N LEU N 178 -41.43 14.92 28.26
CA LEU N 178 -41.17 14.48 29.62
C LEU N 178 -41.48 15.57 30.65
N THR N 179 -42.56 15.38 31.39
CA THR N 179 -43.00 16.31 32.43
C THR N 179 -43.55 15.55 33.65
N ALA N 180 -43.94 16.30 34.68
CA ALA N 180 -44.55 15.73 35.88
C ALA N 180 -45.90 15.06 35.58
N ALA N 181 -46.52 15.47 34.48
CA ALA N 181 -47.78 14.90 34.02
C ALA N 181 -47.61 13.46 33.56
N GLY N 182 -46.47 13.18 32.92
CA GLY N 182 -46.17 11.84 32.43
C GLY N 182 -45.38 11.85 31.13
N VAL N 183 -45.63 10.83 30.30
CA VAL N 183 -44.93 10.66 29.04
C VAL N 183 -45.93 10.82 27.89
N GLU N 184 -45.55 11.61 26.89
CA GLU N 184 -46.40 11.86 25.74
C GLU N 184 -45.65 11.61 24.43
N ARG N 185 -46.25 10.80 23.57
CA ARG N 185 -45.72 10.50 22.24
C ARG N 185 -46.33 11.41 21.19
N LEU N 186 -45.48 12.06 20.40
CA LEU N 186 -45.94 12.91 19.32
C LEU N 186 -45.35 12.49 17.98
N ILE N 187 -46.13 12.63 16.93
CA ILE N 187 -45.70 12.29 15.58
C ILE N 187 -46.18 13.35 14.58
N PHE N 188 -45.31 13.70 13.63
CA PHE N 188 -45.64 14.70 12.61
C PHE N 188 -45.20 14.20 11.24
N TYR N 189 -46.16 14.20 10.30
CA TYR N 189 -45.97 13.60 8.98
C TYR N 189 -45.45 14.61 7.95
N PRO N 190 -44.80 14.11 6.87
CA PRO N 190 -44.27 14.94 5.79
C PRO N 190 -45.21 16.05 5.30
N ASP N 191 -46.46 15.69 4.97
CA ASP N 191 -47.44 16.63 4.41
C ASP N 191 -47.68 17.85 5.29
N GLU N 192 -47.26 17.76 6.55
CA GLU N 192 -47.39 18.86 7.51
C GLU N 192 -46.10 19.67 7.66
N TYR N 193 -45.00 18.99 8.01
CA TYR N 193 -43.75 19.69 8.35
C TYR N 193 -42.95 20.26 7.16
N GLU N 194 -43.11 19.66 5.99
CA GLU N 194 -42.46 20.16 4.77
C GLU N 194 -42.99 21.53 4.39
N GLN N 195 -44.27 21.76 4.67
CA GLN N 195 -44.97 23.00 4.34
C GLN N 195 -44.51 24.19 5.19
N LEU N 196 -43.86 23.91 6.32
CA LEU N 196 -43.40 24.95 7.24
C LEU N 196 -42.34 25.85 6.61
N MET O 1 -2.93 30.40 -45.32
CA MET O 1 -1.65 31.14 -45.07
C MET O 1 -0.50 30.20 -44.76
N THR O 2 0.59 30.33 -45.51
CA THR O 2 1.85 29.65 -45.19
C THR O 2 3.01 30.54 -45.59
N ASP O 3 3.98 30.70 -44.69
CA ASP O 3 5.22 31.42 -45.01
C ASP O 3 6.04 30.56 -45.97
N ARG O 4 5.82 30.77 -47.26
CA ARG O 4 6.52 30.01 -48.30
C ARG O 4 7.84 30.64 -48.70
N TYR O 5 8.28 31.63 -47.92
CA TYR O 5 9.57 32.28 -48.15
C TYR O 5 10.65 31.65 -47.28
N SER O 6 10.94 30.38 -47.54
CA SER O 6 11.97 29.66 -46.79
C SER O 6 13.31 29.66 -47.53
N PHE O 7 13.43 30.53 -48.53
CA PHE O 7 14.66 30.67 -49.33
C PHE O 7 15.30 32.03 -49.10
N SER O 8 16.59 32.15 -49.44
CA SER O 8 17.33 33.39 -49.24
C SER O 8 16.87 34.48 -50.20
N LEU O 9 16.73 35.70 -49.66
CA LEU O 9 16.41 36.87 -50.47
C LEU O 9 17.67 37.67 -50.76
N THR O 10 18.76 37.27 -50.11
CA THR O 10 20.09 37.80 -50.40
C THR O 10 20.93 36.70 -51.03
N THR O 11 21.36 36.92 -52.27
CA THR O 11 22.13 35.92 -53.01
C THR O 11 23.32 36.57 -53.73
N PHE O 12 24.35 35.76 -53.98
CA PHE O 12 25.52 36.21 -54.73
C PHE O 12 25.18 36.49 -56.19
N SER O 13 25.54 37.68 -56.66
CA SER O 13 25.44 38.02 -58.07
C SER O 13 26.71 37.54 -58.79
N PRO O 14 26.68 37.46 -60.14
CA PRO O 14 27.83 37.00 -60.91
C PRO O 14 29.16 37.70 -60.57
N SER O 15 29.09 38.97 -60.22
CA SER O 15 30.28 39.75 -59.85
C SER O 15 30.73 39.48 -58.42
N GLY O 16 29.96 38.65 -57.69
CA GLY O 16 30.31 38.27 -56.33
C GLY O 16 29.72 39.16 -55.27
N LYS O 17 29.03 40.21 -55.69
CA LYS O 17 28.38 41.14 -54.76
C LYS O 17 27.17 40.48 -54.10
N LEU O 18 26.96 40.78 -52.82
CA LEU O 18 25.71 40.44 -52.16
C LEU O 18 24.82 41.68 -52.20
N GLY O 19 24.01 41.75 -53.25
CA GLY O 19 23.21 42.92 -53.58
C GLY O 19 22.48 43.59 -52.43
N GLN O 20 21.77 42.79 -51.64
CA GLN O 20 20.94 43.31 -50.55
C GLN O 20 21.75 43.94 -49.41
N ILE O 21 22.97 43.47 -49.21
CA ILE O 21 23.89 44.04 -48.22
C ILE O 21 24.44 45.38 -48.70
N ASP O 22 24.70 45.48 -50.01
CA ASP O 22 25.15 46.73 -50.62
C ASP O 22 24.08 47.79 -50.53
N TYR O 23 22.84 47.42 -50.82
CA TYR O 23 21.71 48.34 -50.81
C TYR O 23 21.37 48.83 -49.39
N ALA O 24 21.63 47.97 -48.40
CA ALA O 24 21.47 48.33 -46.99
C ALA O 24 22.47 49.39 -46.56
N LEU O 25 23.71 49.29 -47.07
CA LEU O 25 24.75 50.28 -46.82
C LEU O 25 24.43 51.62 -47.47
N THR O 26 23.75 51.56 -48.61
CA THR O 26 23.28 52.76 -49.31
C THR O 26 22.25 53.49 -48.44
N ALA O 27 21.39 52.73 -47.77
CA ALA O 27 20.40 53.29 -46.87
C ALA O 27 21.05 53.98 -45.67
N VAL O 28 22.15 53.39 -45.18
CA VAL O 28 22.91 53.94 -44.07
C VAL O 28 23.57 55.27 -44.46
N LYS O 29 23.99 55.36 -45.72
CA LYS O 29 24.60 56.58 -46.26
C LYS O 29 23.63 57.77 -46.24
N GLN O 30 22.35 57.51 -46.51
CA GLN O 30 21.31 58.54 -46.49
C GLN O 30 20.99 58.98 -45.06
N GLY O 31 21.26 58.09 -44.10
CA GLY O 31 20.98 58.36 -42.69
C GLY O 31 21.73 59.54 -42.12
N VAL O 32 21.19 60.11 -41.04
CA VAL O 32 21.80 61.23 -40.33
C VAL O 32 23.14 60.81 -39.68
N THR O 33 24.11 61.72 -39.70
CA THR O 33 25.45 61.44 -39.20
C THR O 33 25.49 61.16 -37.69
N SER O 34 26.18 60.08 -37.33
CA SER O 34 26.48 59.77 -35.93
C SER O 34 27.94 59.38 -35.79
N LEU O 35 28.52 59.66 -34.63
CA LEU O 35 29.95 59.45 -34.42
C LEU O 35 30.30 58.77 -33.08
N GLY O 36 31.57 58.44 -32.92
CA GLY O 36 32.09 57.83 -31.69
C GLY O 36 33.55 58.16 -31.49
N ILE O 37 33.91 58.56 -30.27
CA ILE O 37 35.30 58.87 -29.95
C ILE O 37 35.70 58.24 -28.61
N LYS O 38 36.82 57.53 -28.62
CA LYS O 38 37.36 56.89 -27.42
C LYS O 38 38.45 57.74 -26.79
N ALA O 39 38.30 58.01 -25.49
CA ALA O 39 39.31 58.74 -24.72
C ALA O 39 40.03 57.77 -23.77
N THR O 40 41.02 58.27 -23.05
CA THR O 40 41.77 57.45 -22.09
C THR O 40 40.89 57.02 -20.91
N ASN O 41 40.00 57.91 -20.47
CA ASN O 41 39.16 57.64 -19.30
C ASN O 41 37.66 57.53 -19.59
N GLY O 42 37.31 57.33 -20.87
CA GLY O 42 35.91 57.20 -21.27
C GLY O 42 35.68 57.12 -22.77
N VAL O 43 34.40 57.05 -23.16
CA VAL O 43 34.00 57.03 -24.57
C VAL O 43 32.74 57.88 -24.77
N VAL O 44 32.64 58.53 -25.93
CA VAL O 44 31.48 59.36 -26.26
C VAL O 44 30.85 58.97 -27.61
N ILE O 45 29.54 58.76 -27.60
CA ILE O 45 28.76 58.58 -28.84
C ILE O 45 27.75 59.71 -29.00
N ALA O 46 27.67 60.23 -30.23
CA ALA O 46 26.87 61.42 -30.51
C ALA O 46 26.19 61.35 -31.87
N THR O 47 25.06 62.03 -31.98
CA THR O 47 24.26 62.09 -33.21
C THR O 47 23.35 63.32 -33.21
N GLU O 48 22.70 63.56 -34.35
CA GLU O 48 21.75 64.66 -34.50
C GLU O 48 20.32 64.12 -34.41
N LYS O 49 19.47 64.84 -33.67
CA LYS O 49 18.04 64.52 -33.61
C LYS O 49 17.28 65.27 -34.71
N LYS O 50 17.24 64.68 -35.90
CA LYS O 50 16.50 65.25 -37.02
C LYS O 50 15.00 65.10 -36.76
N SER O 51 14.32 66.23 -36.60
CA SER O 51 12.90 66.25 -36.29
C SER O 51 12.06 66.26 -37.57
N SER O 52 11.00 65.44 -37.58
CA SER O 52 10.08 65.34 -38.72
C SER O 52 8.96 66.36 -38.65
N SER O 53 8.88 67.10 -37.55
CA SER O 53 7.90 68.17 -37.35
C SER O 53 8.25 68.97 -36.09
N PRO O 54 8.01 70.29 -36.09
CA PRO O 54 8.17 71.07 -34.86
C PRO O 54 7.08 70.77 -33.82
N LEU O 55 6.03 70.07 -34.25
CA LEU O 55 4.99 69.60 -33.33
C LEU O 55 5.41 68.32 -32.61
N ALA O 56 6.28 67.55 -33.26
CA ALA O 56 6.77 66.29 -32.71
C ALA O 56 7.72 66.52 -31.53
N MET O 57 7.56 65.70 -30.49
CA MET O 57 8.42 65.77 -29.31
C MET O 57 9.59 64.83 -29.50
N SER O 58 10.77 65.41 -29.78
CA SER O 58 11.97 64.62 -30.04
C SER O 58 12.57 64.02 -28.78
N GLU O 59 12.07 64.44 -27.62
CA GLU O 59 12.48 63.89 -26.33
C GLU O 59 11.98 62.46 -26.15
N THR O 60 10.82 62.16 -26.73
CA THR O 60 10.23 60.83 -26.69
C THR O 60 10.99 59.82 -27.56
N LEU O 61 11.68 60.33 -28.58
CA LEU O 61 12.44 59.49 -29.48
C LEU O 61 13.94 59.57 -29.17
N SER O 62 14.50 58.46 -28.70
CA SER O 62 15.93 58.37 -28.42
C SER O 62 16.69 57.70 -29.57
N LYS O 63 17.76 58.36 -30.00
CA LYS O 63 18.68 57.76 -30.96
C LYS O 63 19.85 57.12 -30.22
N VAL O 64 20.02 57.50 -28.96
CA VAL O 64 21.01 56.88 -28.08
C VAL O 64 20.29 56.00 -27.05
N SER O 65 20.75 54.77 -26.91
CA SER O 65 20.07 53.80 -26.05
C SER O 65 21.05 53.02 -25.18
N LEU O 66 20.67 52.84 -23.91
CA LEU O 66 21.42 52.00 -22.98
C LEU O 66 21.11 50.54 -23.30
N LEU O 67 22.15 49.74 -23.45
CA LEU O 67 21.98 48.29 -23.65
C LEU O 67 22.18 47.57 -22.33
N THR O 68 23.36 47.77 -21.72
CA THR O 68 23.61 47.36 -20.34
C THR O 68 24.11 48.60 -19.58
N PRO O 69 24.16 48.55 -18.24
CA PRO O 69 24.59 49.73 -17.46
C PRO O 69 25.97 50.30 -17.81
N ASP O 70 26.74 49.59 -18.63
CA ASP O 70 28.06 50.05 -19.06
C ASP O 70 28.19 50.13 -20.58
N ILE O 71 27.13 49.78 -21.29
CA ILE O 71 27.17 49.72 -22.76
C ILE O 71 26.04 50.54 -23.39
N GLY O 72 26.40 51.45 -24.29
CA GLY O 72 25.43 52.27 -25.01
C GLY O 72 25.54 52.09 -26.52
N ALA O 73 24.48 52.47 -27.22
CA ALA O 73 24.43 52.32 -28.68
C ALA O 73 23.86 53.56 -29.38
N VAL O 74 24.34 53.77 -30.62
CA VAL O 74 23.82 54.80 -31.49
C VAL O 74 23.88 54.28 -32.92
N TYR O 75 23.24 54.96 -33.86
CA TYR O 75 23.07 54.44 -35.21
C TYR O 75 22.98 55.48 -36.32
N SER O 76 23.06 54.99 -37.56
CA SER O 76 22.68 55.72 -38.75
C SER O 76 21.94 54.77 -39.68
N GLY O 77 20.87 55.27 -40.31
CA GLY O 77 20.08 54.46 -41.23
C GLY O 77 18.60 54.46 -40.88
N MET O 78 18.01 53.27 -40.90
CA MET O 78 16.56 53.12 -40.69
C MET O 78 16.19 53.04 -39.21
N GLY O 79 15.58 54.11 -38.71
CA GLY O 79 15.16 54.21 -37.31
C GLY O 79 14.44 53.01 -36.73
N PRO O 80 13.36 52.53 -37.39
CA PRO O 80 12.62 51.37 -36.90
C PRO O 80 13.48 50.10 -36.73
N ASP O 81 14.37 49.84 -37.68
CA ASP O 81 15.28 48.69 -37.59
C ASP O 81 16.14 48.76 -36.32
N TYR O 82 16.65 49.95 -36.03
CA TYR O 82 17.47 50.19 -34.86
C TYR O 82 16.70 49.86 -33.58
N ARG O 83 15.49 50.37 -33.47
CA ARG O 83 14.68 50.21 -32.26
C ARG O 83 14.49 48.74 -31.87
N VAL O 84 14.16 47.89 -32.85
CA VAL O 84 13.93 46.48 -32.59
C VAL O 84 15.23 45.71 -32.31
N LEU O 85 16.34 46.20 -32.88
CA LEU O 85 17.66 45.65 -32.61
C LEU O 85 18.09 45.93 -31.17
N VAL O 86 17.77 47.13 -30.68
CA VAL O 86 18.03 47.49 -29.29
C VAL O 86 17.27 46.55 -28.33
N ASP O 87 15.99 46.29 -28.64
CA ASP O 87 15.19 45.36 -27.85
C ASP O 87 15.76 43.94 -27.85
N LYS O 88 16.17 43.47 -29.03
CA LYS O 88 16.75 42.13 -29.18
C LYS O 88 18.11 42.05 -28.48
N SER O 89 18.89 43.12 -28.59
CA SER O 89 20.22 43.19 -28.00
C SER O 89 20.17 43.25 -26.47
N ARG O 90 19.18 43.96 -25.94
CA ARG O 90 18.99 44.04 -24.50
C ARG O 90 18.64 42.68 -23.92
N LYS O 91 17.82 41.93 -24.65
CA LYS O 91 17.37 40.62 -24.21
C LYS O 91 18.50 39.57 -24.27
N VAL O 92 19.27 39.60 -25.37
CA VAL O 92 20.32 38.60 -25.59
C VAL O 92 21.48 38.76 -24.59
N ALA O 93 21.67 39.98 -24.10
CA ALA O 93 22.65 40.27 -23.05
C ALA O 93 22.24 39.59 -21.74
N HIS O 94 20.93 39.46 -21.54
CA HIS O 94 20.40 38.77 -20.38
C HIS O 94 20.40 37.25 -20.59
N THR O 95 19.76 36.79 -21.66
CA THR O 95 19.58 35.36 -21.91
C THR O 95 20.87 34.59 -22.20
N SER O 96 21.81 35.24 -22.88
CA SER O 96 23.06 34.60 -23.27
C SER O 96 24.23 34.81 -22.30
N TYR O 97 24.09 35.78 -21.40
CA TYR O 97 25.19 36.10 -20.50
C TYR O 97 24.82 36.28 -19.02
N LYS O 98 23.97 37.26 -18.72
CA LYS O 98 23.64 37.60 -17.34
C LYS O 98 22.92 36.47 -16.57
N ARG O 99 22.17 35.65 -17.29
CA ARG O 99 21.47 34.53 -16.68
C ARG O 99 22.34 33.28 -16.56
N ILE O 100 23.51 33.32 -17.21
CA ILE O 100 24.48 32.23 -17.11
C ILE O 100 25.61 32.57 -16.14
N TYR O 101 26.15 33.78 -16.25
CA TYR O 101 27.36 34.17 -15.50
C TYR O 101 27.12 35.14 -14.35
N GLY O 102 25.90 35.67 -14.26
CA GLY O 102 25.53 36.57 -13.16
C GLY O 102 26.18 37.94 -13.24
N GLU O 103 26.63 38.30 -14.43
CA GLU O 103 27.22 39.60 -14.70
C GLU O 103 26.93 39.98 -16.14
N TYR O 104 27.04 41.27 -16.47
CA TYR O 104 26.76 41.75 -17.82
C TYR O 104 27.89 41.40 -18.80
N PRO O 105 27.56 41.22 -20.09
CA PRO O 105 28.58 40.84 -21.08
C PRO O 105 29.59 41.95 -21.34
N PRO O 106 30.86 41.57 -21.58
CA PRO O 106 31.83 42.56 -22.03
C PRO O 106 31.44 43.07 -23.41
N THR O 107 31.80 44.30 -23.71
CA THR O 107 31.42 44.97 -24.96
C THR O 107 31.61 44.10 -26.20
N LYS O 108 32.80 43.52 -26.35
CA LYS O 108 33.13 42.69 -27.53
C LYS O 108 32.18 41.52 -27.76
N LEU O 109 31.68 40.93 -26.68
CA LEU O 109 30.78 39.77 -26.78
C LEU O 109 29.35 40.15 -27.10
N LEU O 110 28.85 41.22 -26.48
CA LEU O 110 27.52 41.73 -26.81
C LEU O 110 27.48 42.19 -28.26
N VAL O 111 28.51 42.93 -28.67
CA VAL O 111 28.68 43.33 -30.07
C VAL O 111 28.64 42.10 -30.97
N SER O 112 29.36 41.05 -30.56
CA SER O 112 29.39 39.78 -31.27
C SER O 112 28.00 39.17 -31.43
N GLU O 113 27.18 39.29 -30.38
CA GLU O 113 25.81 38.78 -30.39
C GLU O 113 24.89 39.61 -31.29
N VAL O 114 25.07 40.92 -31.26
CA VAL O 114 24.34 41.84 -32.15
C VAL O 114 24.69 41.54 -33.60
N ALA O 115 25.98 41.41 -33.88
CA ALA O 115 26.48 41.06 -35.20
C ALA O 115 25.92 39.74 -35.71
N LYS O 116 25.71 38.79 -34.81
CA LYS O 116 25.14 37.48 -35.17
C LYS O 116 23.69 37.63 -35.66
N ILE O 117 22.93 38.51 -35.01
CA ILE O 117 21.53 38.75 -35.36
C ILE O 117 21.42 39.34 -36.77
N MET O 118 22.29 40.29 -37.07
CA MET O 118 22.28 40.95 -38.38
C MET O 118 22.77 40.05 -39.52
N GLN O 119 23.74 39.19 -39.22
CA GLN O 119 24.19 38.18 -40.18
C GLN O 119 23.05 37.25 -40.56
N GLU O 120 22.28 36.82 -39.56
CA GLU O 120 21.16 35.90 -39.79
C GLU O 120 20.14 36.46 -40.77
N ALA O 121 19.85 37.76 -40.66
CA ALA O 121 18.95 38.46 -41.58
C ALA O 121 19.60 38.70 -42.95
N THR O 122 20.78 38.12 -43.12
CA THR O 122 21.53 38.19 -44.37
C THR O 122 21.41 36.85 -45.10
N GLN O 123 21.08 35.80 -44.35
CA GLN O 123 21.06 34.44 -44.88
C GLN O 123 19.74 33.71 -44.70
N SER O 124 19.04 33.98 -43.59
CA SER O 124 17.76 33.32 -43.29
C SER O 124 16.72 33.49 -44.39
N GLY O 125 15.78 32.55 -44.46
CA GLY O 125 14.70 32.60 -45.43
C GLY O 125 13.75 33.75 -45.19
N GLY O 126 13.26 34.34 -46.27
CA GLY O 126 12.20 35.36 -46.23
C GLY O 126 12.46 36.68 -45.50
N VAL O 127 13.72 37.08 -45.37
CA VAL O 127 14.04 38.36 -44.72
C VAL O 127 15.01 39.22 -45.51
N ARG O 128 14.96 40.53 -45.27
CA ARG O 128 15.93 41.48 -45.79
C ARG O 128 16.90 41.87 -44.68
N PRO O 129 18.15 42.26 -45.04
CA PRO O 129 19.09 42.73 -44.02
C PRO O 129 18.59 43.98 -43.32
N PHE O 130 19.13 44.24 -42.12
CA PHE O 130 18.84 45.48 -41.41
C PHE O 130 19.52 46.65 -42.12
N GLY O 131 18.78 47.74 -42.29
CA GLY O 131 19.29 48.94 -42.93
C GLY O 131 19.87 49.94 -41.95
N VAL O 132 20.73 49.46 -41.06
CA VAL O 132 21.38 50.29 -40.04
C VAL O 132 22.83 49.89 -39.82
N SER O 133 23.67 50.88 -39.53
CA SER O 133 24.98 50.64 -38.95
C SER O 133 24.97 51.13 -37.51
N LEU O 134 25.66 50.41 -36.64
CA LEU O 134 25.65 50.72 -35.22
C LEU O 134 27.00 51.19 -34.73
N LEU O 135 26.99 52.07 -33.73
CA LEU O 135 28.18 52.40 -32.97
C LEU O 135 27.92 52.11 -31.50
N ILE O 136 28.67 51.15 -30.96
CA ILE O 136 28.49 50.68 -29.60
C ILE O 136 29.70 51.03 -28.74
N ALA O 137 29.46 51.83 -27.70
CA ALA O 137 30.48 52.24 -26.75
C ALA O 137 30.24 51.55 -25.41
N GLY O 138 31.30 51.02 -24.81
CA GLY O 138 31.18 50.29 -23.56
C GLY O 138 32.45 50.13 -22.75
N HIS O 139 32.28 49.68 -21.51
CA HIS O 139 33.38 49.40 -20.60
C HIS O 139 33.19 48.06 -19.91
N ASP O 140 34.28 47.32 -19.75
CA ASP O 140 34.30 46.13 -18.90
C ASP O 140 35.65 46.01 -18.20
N GLU O 141 35.64 45.40 -17.03
CA GLU O 141 36.79 45.37 -16.12
C GLU O 141 38.11 44.91 -16.75
N PHE O 142 38.04 43.93 -17.65
CA PHE O 142 39.24 43.28 -18.21
C PHE O 142 39.66 43.81 -19.58
N ASN O 143 38.82 44.67 -20.18
CA ASN O 143 39.12 45.23 -21.49
C ASN O 143 39.21 46.76 -21.50
N GLY O 144 38.69 47.37 -20.44
CA GLY O 144 38.65 48.83 -20.32
C GLY O 144 37.58 49.42 -21.21
N PHE O 145 37.91 50.51 -21.89
CA PHE O 145 36.97 51.19 -22.78
C PHE O 145 37.16 50.75 -24.22
N SER O 146 36.05 50.55 -24.93
CA SER O 146 36.10 50.14 -26.33
C SER O 146 34.97 50.77 -27.18
N LEU O 147 35.16 50.72 -28.50
CA LEU O 147 34.21 51.30 -29.46
C LEU O 147 34.19 50.46 -30.73
N TYR O 148 33.00 49.97 -31.10
CA TYR O 148 32.84 49.09 -32.26
C TYR O 148 31.79 49.62 -33.24
N GLN O 149 32.04 49.38 -34.53
CA GLN O 149 31.04 49.63 -35.58
C GLN O 149 30.47 48.29 -36.03
N VAL O 150 29.16 48.22 -36.20
CA VAL O 150 28.50 47.01 -36.69
C VAL O 150 27.73 47.31 -37.98
N ASP O 151 28.09 46.61 -39.05
CA ASP O 151 27.48 46.83 -40.36
C ASP O 151 26.35 45.84 -40.66
N PRO O 152 25.46 46.18 -41.61
CA PRO O 152 24.36 45.31 -42.08
C PRO O 152 24.78 43.88 -42.42
N SER O 153 26.04 43.67 -42.77
CA SER O 153 26.55 42.35 -43.13
C SER O 153 26.73 41.46 -41.90
N GLY O 154 26.87 42.11 -40.73
CA GLY O 154 27.16 41.43 -39.48
C GLY O 154 28.61 41.62 -39.07
N SER O 155 29.38 42.33 -39.89
CA SER O 155 30.78 42.58 -39.62
C SER O 155 30.94 43.63 -38.54
N TYR O 156 32.02 43.53 -37.77
CA TYR O 156 32.33 44.54 -36.76
C TYR O 156 33.83 44.82 -36.65
N PHE O 157 34.15 46.09 -36.45
CA PHE O 157 35.54 46.55 -36.35
C PHE O 157 35.69 47.47 -35.15
N PRO O 158 36.75 47.29 -34.35
CA PRO O 158 37.02 48.22 -33.27
C PRO O 158 37.62 49.54 -33.79
N TRP O 159 37.12 50.66 -33.28
CA TRP O 159 37.57 51.98 -33.69
C TRP O 159 38.12 52.80 -32.52
N LYS O 160 39.12 53.62 -32.81
CA LYS O 160 39.59 54.62 -31.86
C LYS O 160 38.64 55.82 -31.94
N ALA O 161 38.19 56.12 -33.16
CA ALA O 161 37.17 57.12 -33.43
C ALA O 161 36.67 56.94 -34.85
N THR O 162 35.37 57.12 -35.05
CA THR O 162 34.77 57.04 -36.39
C THR O 162 33.41 57.74 -36.47
N ALA O 163 32.90 57.84 -37.70
CA ALA O 163 31.55 58.34 -37.94
C ALA O 163 30.88 57.53 -39.06
N ILE O 164 29.55 57.48 -39.02
CA ILE O 164 28.76 56.84 -40.08
C ILE O 164 27.66 57.77 -40.57
N GLY O 165 27.16 57.51 -41.78
CA GLY O 165 26.02 58.24 -42.32
C GLY O 165 26.33 59.35 -43.32
N LYS O 166 25.45 60.35 -43.35
CA LYS O 166 25.50 61.47 -44.29
C LYS O 166 26.90 62.05 -44.52
N GLY O 167 27.49 62.61 -43.46
CA GLY O 167 28.76 63.30 -43.57
C GLY O 167 29.90 62.57 -42.89
N SER O 168 29.91 61.24 -43.04
CA SER O 168 30.94 60.41 -42.42
C SER O 168 32.34 60.68 -42.99
N VAL O 169 32.45 60.70 -44.32
CA VAL O 169 33.73 60.91 -45.01
C VAL O 169 34.44 62.19 -44.52
N ALA O 170 33.70 63.29 -44.48
CA ALA O 170 34.23 64.57 -43.98
C ALA O 170 34.49 64.56 -42.48
N ALA O 171 33.71 63.76 -41.75
CA ALA O 171 33.85 63.66 -40.29
C ALA O 171 35.05 62.80 -39.89
N LYS O 172 35.26 61.69 -40.60
CA LYS O 172 36.42 60.82 -40.37
C LYS O 172 37.74 61.56 -40.62
N THR O 173 37.74 62.47 -41.60
CA THR O 173 38.90 63.31 -41.87
C THR O 173 39.12 64.33 -40.74
N PHE O 174 38.03 64.85 -40.20
CA PHE O 174 38.09 65.80 -39.08
C PHE O 174 38.62 65.12 -37.82
N LEU O 175 38.27 63.84 -37.65
CA LEU O 175 38.70 63.07 -36.48
C LEU O 175 40.16 62.64 -36.53
N GLU O 176 40.65 62.31 -37.73
CA GLU O 176 42.04 61.92 -37.92
C GLU O 176 43.01 63.06 -37.60
N LYS O 177 42.56 64.29 -37.82
CA LYS O 177 43.36 65.47 -37.53
C LYS O 177 43.42 65.79 -36.03
N ARG O 178 42.42 65.32 -35.28
CA ARG O 178 42.25 65.76 -33.89
C ARG O 178 42.44 64.68 -32.82
N TRP O 179 42.47 63.42 -33.22
CA TRP O 179 42.59 62.32 -32.26
C TRP O 179 44.04 62.01 -31.88
N ASN O 180 44.26 61.85 -30.58
CA ASN O 180 45.52 61.33 -30.04
C ASN O 180 45.21 60.42 -28.85
N ASP O 181 46.11 59.47 -28.57
CA ASP O 181 45.88 58.49 -27.50
C ASP O 181 46.12 59.02 -26.09
N GLU O 182 46.04 60.34 -25.92
CA GLU O 182 46.21 60.99 -24.61
C GLU O 182 45.00 61.83 -24.21
N LEU O 183 43.93 61.80 -25.02
CA LEU O 183 42.74 62.61 -24.78
C LEU O 183 42.01 62.23 -23.51
N GLU O 184 41.70 63.25 -22.70
CA GLU O 184 40.87 63.09 -21.51
C GLU O 184 39.41 63.20 -21.98
N LEU O 185 38.48 62.61 -21.22
CA LEU O 185 37.08 62.51 -21.66
C LEU O 185 36.44 63.86 -22.02
N GLU O 186 36.68 64.87 -21.18
CA GLU O 186 36.17 66.22 -21.41
C GLU O 186 36.67 66.81 -22.73
N ASP O 187 37.88 66.43 -23.12
CA ASP O 187 38.45 66.84 -24.41
C ASP O 187 37.74 66.13 -25.56
N ALA O 188 37.39 64.87 -25.36
CA ALA O 188 36.71 64.07 -26.39
C ALA O 188 35.29 64.53 -26.67
N ILE O 189 34.61 65.04 -25.63
CA ILE O 189 33.28 65.62 -25.78
C ILE O 189 33.35 66.90 -26.62
N HIS O 190 34.40 67.67 -26.40
CA HIS O 190 34.65 68.91 -27.14
C HIS O 190 34.80 68.66 -28.64
N ILE O 191 35.62 67.67 -29.01
CA ILE O 191 35.80 67.31 -30.43
C ILE O 191 34.49 66.79 -31.02
N ALA O 192 33.79 65.96 -30.25
CA ALA O 192 32.51 65.39 -30.68
C ALA O 192 31.50 66.46 -31.10
N LEU O 193 31.45 67.55 -30.34
CA LEU O 193 30.54 68.66 -30.64
C LEU O 193 31.02 69.48 -31.83
N LEU O 194 32.33 69.54 -32.04
CA LEU O 194 32.92 70.25 -33.17
C LEU O 194 32.69 69.52 -34.49
N THR O 195 32.77 68.20 -34.45
CA THR O 195 32.58 67.34 -35.61
C THR O 195 31.15 67.41 -36.12
N LEU O 196 30.21 67.42 -35.18
CA LEU O 196 28.79 67.36 -35.48
C LEU O 196 28.26 68.67 -36.09
N LYS O 197 28.93 69.78 -35.77
CA LYS O 197 28.56 71.10 -36.28
C LYS O 197 28.69 71.19 -37.81
N GLU O 198 29.54 70.34 -38.39
CA GLU O 198 29.73 70.30 -39.83
C GLU O 198 28.61 69.54 -40.55
N SER O 199 27.94 68.63 -39.83
CA SER O 199 26.83 67.85 -40.39
C SER O 199 25.51 68.59 -40.32
N VAL O 200 25.22 69.19 -39.17
CA VAL O 200 23.93 69.84 -38.90
C VAL O 200 23.72 71.09 -39.76
N GLU O 201 22.61 71.10 -40.49
CA GLU O 201 22.20 72.27 -41.28
C GLU O 201 21.41 73.28 -40.44
N GLY O 202 20.45 72.77 -39.66
CA GLY O 202 19.56 73.61 -38.88
C GLY O 202 20.12 74.07 -37.55
N GLU O 203 19.22 74.26 -36.58
CA GLU O 203 19.58 74.70 -35.23
C GLU O 203 20.59 73.76 -34.58
N PHE O 204 21.54 74.34 -33.87
CA PHE O 204 22.58 73.56 -33.19
C PHE O 204 22.60 73.86 -31.69
N ASN O 205 21.88 73.03 -30.93
CA ASN O 205 21.78 73.18 -29.47
C ASN O 205 21.46 71.86 -28.77
N GLY O 206 21.25 71.92 -27.45
CA GLY O 206 20.99 70.73 -26.64
C GLY O 206 19.67 70.02 -26.90
N ASP O 207 18.82 70.62 -27.74
CA ASP O 207 17.51 70.06 -28.06
C ASP O 207 17.51 69.32 -29.40
N THR O 208 18.44 69.69 -30.29
CA THR O 208 18.59 69.05 -31.59
C THR O 208 19.73 68.03 -31.62
N ILE O 209 20.48 67.97 -30.50
CA ILE O 209 21.63 67.08 -30.38
C ILE O 209 21.42 66.07 -29.24
N GLU O 210 21.70 64.79 -29.53
CA GLU O 210 21.67 63.75 -28.52
C GLU O 210 23.09 63.20 -28.31
N LEU O 211 23.55 63.20 -27.06
CA LEU O 211 24.92 62.82 -26.74
C LEU O 211 25.01 62.13 -25.39
N ALA O 212 25.64 60.96 -25.37
CA ALA O 212 25.83 60.17 -24.15
C ALA O 212 27.27 59.68 -24.03
N ILE O 213 27.67 59.34 -22.81
CA ILE O 213 29.04 58.91 -22.54
C ILE O 213 29.13 57.56 -21.81
N ILE O 214 30.30 56.94 -21.91
CA ILE O 214 30.67 55.80 -21.07
C ILE O 214 31.90 56.24 -20.29
N GLY O 215 31.74 56.43 -18.98
CA GLY O 215 32.82 56.95 -18.15
C GLY O 215 32.92 56.32 -16.78
N ASP O 216 32.89 57.15 -15.76
CA ASP O 216 32.96 56.68 -14.38
C ASP O 216 31.63 56.13 -13.91
N GLU O 217 31.68 55.31 -12.86
CA GLU O 217 30.49 54.76 -12.23
C GLU O 217 29.72 55.84 -11.49
N ASN O 218 28.41 55.88 -11.70
CA ASN O 218 27.53 56.89 -11.10
C ASN O 218 26.72 56.32 -9.93
N PRO O 219 27.21 56.50 -8.69
CA PRO O 219 26.50 55.98 -7.51
C PRO O 219 25.16 56.67 -7.26
N ASP O 220 25.06 57.92 -7.73
CA ASP O 220 23.83 58.71 -7.61
C ASP O 220 22.70 58.16 -8.50
N LEU O 221 23.05 57.59 -9.64
CA LEU O 221 22.06 57.07 -10.59
C LEU O 221 21.78 55.58 -10.43
N LEU O 222 22.28 54.99 -9.35
CA LEU O 222 22.13 53.57 -9.08
C LEU O 222 20.70 53.25 -8.62
N GLY O 223 20.20 54.04 -7.69
CA GLY O 223 18.83 53.88 -7.17
C GLY O 223 18.78 53.30 -5.78
N TYR O 224 19.92 52.79 -5.30
CA TYR O 224 20.00 52.15 -3.99
C TYR O 224 21.41 52.18 -3.41
N THR O 225 21.48 52.23 -2.08
CA THR O 225 22.73 52.11 -1.34
C THR O 225 22.74 50.78 -0.59
N GLY O 226 23.93 50.28 -0.26
CA GLY O 226 24.04 49.07 0.55
C GLY O 226 25.06 48.04 0.12
N ILE O 227 25.24 47.87 -1.19
CA ILE O 227 26.22 46.92 -1.70
C ILE O 227 27.49 47.67 -2.16
N PRO O 228 28.63 47.38 -1.51
CA PRO O 228 29.90 48.04 -1.83
C PRO O 228 30.38 47.76 -3.25
N THR O 229 30.15 46.55 -3.74
CA THR O 229 30.60 46.13 -5.07
C THR O 229 29.68 46.62 -6.21
N ASP O 230 28.51 47.14 -5.86
CA ASP O 230 27.62 47.79 -6.82
C ASP O 230 27.80 49.31 -6.74
N LYS O 231 28.44 49.87 -7.76
CA LYS O 231 28.87 51.27 -7.71
C LYS O 231 28.13 52.22 -8.65
N GLY O 232 27.34 51.68 -9.58
CA GLY O 232 26.52 52.51 -10.46
C GLY O 232 26.88 52.40 -11.94
N PRO O 233 25.95 52.85 -12.81
CA PRO O 233 26.12 52.74 -14.26
C PRO O 233 27.21 53.66 -14.82
N ARG O 234 27.94 53.16 -15.80
CA ARG O 234 28.96 53.95 -16.48
C ARG O 234 28.37 54.72 -17.66
N PHE O 235 27.20 54.28 -18.13
CA PHE O 235 26.47 54.95 -19.19
C PHE O 235 25.69 56.12 -18.61
N ARG O 236 26.05 57.33 -19.03
CA ARG O 236 25.32 58.53 -18.65
C ARG O 236 24.92 59.29 -19.91
N LYS O 237 23.64 59.63 -20.00
CA LYS O 237 23.14 60.46 -21.09
C LYS O 237 23.23 61.92 -20.64
N LEU O 238 23.83 62.77 -21.47
CA LEU O 238 23.92 64.19 -21.15
C LEU O 238 22.59 64.89 -21.38
N THR O 239 22.19 65.73 -20.43
CA THR O 239 20.95 66.48 -20.53
C THR O 239 21.11 67.67 -21.48
N SER O 240 19.98 68.15 -22.01
CA SER O 240 19.93 69.32 -22.88
C SER O 240 20.70 70.51 -22.30
N GLN O 241 20.61 70.67 -20.97
CA GLN O 241 21.29 71.74 -20.25
C GLN O 241 22.82 71.56 -20.24
N GLU O 242 23.27 70.33 -19.99
CA GLU O 242 24.71 70.01 -19.95
C GLU O 242 25.40 70.23 -21.30
N ILE O 243 24.70 69.93 -22.39
CA ILE O 243 25.22 70.13 -23.75
C ILE O 243 25.38 71.63 -24.04
N ASN O 244 24.33 72.41 -23.76
CA ASN O 244 24.35 73.86 -23.97
C ASN O 244 25.46 74.59 -23.23
N ASP O 245 25.77 74.12 -22.01
CA ASP O 245 26.84 74.69 -21.19
C ASP O 245 28.22 74.58 -21.86
N ARG O 246 28.44 73.47 -22.54
CA ARG O 246 29.68 73.24 -23.27
C ARG O 246 29.66 73.94 -24.62
N LEU O 247 28.47 74.29 -25.10
CA LEU O 247 28.31 74.98 -26.38
C LEU O 247 28.48 76.50 -26.28
N GLU O 248 28.28 77.04 -25.07
CA GLU O 248 28.47 78.48 -24.82
C GLU O 248 29.95 78.86 -24.85
N ALA O 249 30.78 78.01 -24.25
CA ALA O 249 32.23 78.13 -24.37
C ALA O 249 32.72 77.00 -25.29
N LEU O 250 32.44 77.15 -26.59
CA LEU O 250 32.75 76.15 -27.59
C LEU O 250 33.87 76.65 -28.51
N GLY P 1 2.38 32.40 -55.82
CA GLY P 1 2.95 32.45 -54.45
C GLY P 1 4.37 32.99 -54.42
N SER P 2 5.25 32.26 -53.73
CA SER P 2 6.66 32.67 -53.55
C SER P 2 7.55 32.32 -54.72
N ARG P 3 7.15 31.29 -55.49
CA ARG P 3 7.87 30.80 -56.67
C ARG P 3 8.61 31.89 -57.46
N ARG P 4 7.92 33.00 -57.72
CA ARG P 4 8.39 34.10 -58.55
C ARG P 4 9.70 34.72 -58.07
N TYR P 5 9.93 34.69 -56.76
CA TYR P 5 11.05 35.39 -56.13
C TYR P 5 12.22 34.46 -55.77
N ASP P 6 12.01 33.15 -55.96
CA ASP P 6 13.01 32.14 -55.60
C ASP P 6 14.18 32.13 -56.58
N SER P 7 15.35 32.54 -56.09
CA SER P 7 16.60 32.53 -56.87
C SER P 7 17.04 31.13 -57.26
N ARG P 8 16.60 30.14 -56.47
CA ARG P 8 17.01 28.74 -56.62
C ARG P 8 18.53 28.61 -56.47
N THR P 9 19.00 28.81 -55.24
CA THR P 9 20.44 28.88 -54.96
C THR P 9 21.16 27.56 -55.23
N THR P 10 20.48 26.45 -54.97
CA THR P 10 21.09 25.12 -55.03
C THR P 10 20.78 24.34 -56.31
N ILE P 11 20.99 24.97 -57.46
CA ILE P 11 20.79 24.26 -58.74
C ILE P 11 22.03 24.27 -59.63
N PHE P 12 22.02 23.41 -60.64
CA PHE P 12 23.10 23.30 -61.62
C PHE P 12 22.87 24.21 -62.82
N SER P 13 23.96 24.78 -63.33
CA SER P 13 23.95 25.44 -64.64
C SER P 13 24.01 24.35 -65.71
N PRO P 14 23.68 24.69 -66.98
CA PRO P 14 23.80 23.68 -68.04
C PRO P 14 25.21 23.06 -68.15
N GLU P 15 26.20 23.75 -67.58
CA GLU P 15 27.60 23.30 -67.63
C GLU P 15 27.93 22.28 -66.54
N GLY P 16 27.16 22.29 -65.47
CA GLY P 16 27.38 21.38 -64.34
C GLY P 16 28.01 22.05 -63.15
N ARG P 17 28.14 23.38 -63.21
CA ARG P 17 28.64 24.18 -62.10
C ARG P 17 27.49 24.63 -61.23
N LEU P 18 27.80 24.98 -59.99
CA LEU P 18 26.81 25.52 -59.06
C LEU P 18 26.91 27.03 -59.03
N TYR P 19 25.95 27.69 -59.67
CA TYR P 19 25.90 29.15 -59.78
C TYR P 19 26.40 29.85 -58.52
N GLN P 20 25.65 29.71 -57.43
CA GLN P 20 25.92 30.43 -56.19
C GLN P 20 27.32 30.18 -55.63
N VAL P 21 27.82 28.95 -55.76
CA VAL P 21 29.17 28.61 -55.32
C VAL P 21 30.21 29.40 -56.11
N GLU P 22 30.07 29.38 -57.43
CA GLU P 22 30.99 30.09 -58.33
C GLU P 22 31.03 31.58 -58.03
N TYR P 23 29.88 32.15 -57.70
CA TYR P 23 29.79 33.57 -57.42
C TYR P 23 30.33 33.90 -56.03
N ALA P 24 30.28 32.93 -55.13
CA ALA P 24 30.85 33.07 -53.79
C ALA P 24 32.38 33.08 -53.88
N LEU P 25 32.92 32.22 -54.73
CA LEU P 25 34.36 32.17 -54.99
C LEU P 25 34.83 33.49 -55.60
N GLU P 26 33.96 34.07 -56.43
CA GLU P 26 34.24 35.36 -57.06
C GLU P 26 34.34 36.47 -56.00
N SER P 27 33.53 36.35 -54.95
CA SER P 27 33.53 37.30 -53.84
C SER P 27 34.81 37.19 -53.01
N ILE P 28 35.28 35.96 -52.83
CA ILE P 28 36.45 35.66 -52.01
C ILE P 28 37.74 36.19 -52.63
N SER P 29 37.81 36.19 -53.96
CA SER P 29 38.97 36.71 -54.69
C SER P 29 39.15 38.22 -54.47
N HIS P 30 38.21 38.84 -53.77
CA HIS P 30 38.31 40.27 -53.44
C HIS P 30 38.71 40.48 -51.98
N ALA P 31 38.66 39.42 -51.17
CA ALA P 31 39.05 39.48 -49.77
C ALA P 31 40.58 39.49 -49.63
N GLY P 32 41.06 40.14 -48.58
CA GLY P 32 42.50 40.20 -48.28
C GLY P 32 43.15 38.83 -48.31
N THR P 33 44.36 38.78 -48.83
CA THR P 33 45.10 37.53 -49.02
C THR P 33 45.49 36.89 -47.68
N ALA P 34 45.38 35.57 -47.61
CA ALA P 34 45.86 34.80 -46.46
C ALA P 34 46.75 33.65 -46.93
N ILE P 35 47.87 33.45 -46.24
CA ILE P 35 48.85 32.43 -46.61
C ILE P 35 49.13 31.49 -45.45
N GLY P 36 49.15 30.19 -45.74
CA GLY P 36 49.63 29.18 -44.79
C GLY P 36 50.84 28.44 -45.34
N ILE P 37 51.88 28.30 -44.52
CA ILE P 37 53.06 27.52 -44.92
C ILE P 37 53.44 26.51 -43.82
N MET P 38 53.63 25.26 -44.23
CA MET P 38 54.02 24.19 -43.34
C MET P 38 55.53 23.93 -43.42
N ALA P 39 56.17 23.90 -42.26
CA ALA P 39 57.58 23.54 -42.17
C ALA P 39 57.72 22.16 -41.53
N SER P 40 58.96 21.71 -41.35
CA SER P 40 59.23 20.44 -40.68
C SER P 40 58.95 20.54 -39.18
N ASP P 41 59.16 21.72 -38.62
CA ASP P 41 59.02 21.94 -37.17
C ASP P 41 57.86 22.87 -36.77
N GLY P 42 56.93 23.12 -37.69
CA GLY P 42 55.77 23.97 -37.39
C GLY P 42 55.03 24.55 -38.59
N ILE P 43 54.05 25.41 -38.30
CA ILE P 43 53.22 26.04 -39.33
C ILE P 43 53.14 27.55 -39.12
N VAL P 44 53.02 28.28 -40.23
CA VAL P 44 52.91 29.73 -40.23
C VAL P 44 51.57 30.18 -40.84
N LEU P 45 50.94 31.17 -40.22
CA LEU P 45 49.75 31.80 -40.79
C LEU P 45 49.93 33.31 -40.89
N ALA P 46 49.69 33.84 -42.10
CA ALA P 46 49.84 35.27 -42.37
C ALA P 46 48.64 35.76 -43.18
N ALA P 47 48.06 36.89 -42.75
CA ALA P 47 46.88 37.44 -43.40
C ALA P 47 46.98 38.94 -43.65
N GLU P 48 46.33 39.38 -44.72
CA GLU P 48 46.33 40.79 -45.13
C GLU P 48 44.99 41.40 -44.78
N ARG P 49 45.01 42.43 -43.92
CA ARG P 49 43.79 43.02 -43.37
C ARG P 49 42.85 43.69 -44.37
N LYS P 50 43.43 44.16 -45.49
CA LYS P 50 42.69 44.85 -46.55
C LYS P 50 42.24 46.26 -46.14
N VAL P 51 41.00 46.41 -45.65
CA VAL P 51 40.48 47.74 -45.31
C VAL P 51 40.96 48.18 -43.90
N THR P 52 41.79 49.21 -43.88
CA THR P 52 42.31 49.77 -42.63
C THR P 52 42.34 51.30 -42.65
N SER P 53 42.07 51.89 -41.50
CA SER P 53 42.19 53.34 -41.31
C SER P 53 43.26 53.62 -40.27
N THR P 54 43.62 54.90 -40.10
CA THR P 54 44.55 55.30 -39.05
C THR P 54 43.92 55.07 -37.69
N LEU P 55 42.59 55.26 -37.63
CA LEU P 55 41.83 55.19 -36.39
C LEU P 55 41.23 53.82 -36.11
N LEU P 56 41.59 52.84 -36.94
CA LEU P 56 41.19 51.46 -36.69
C LEU P 56 42.06 50.86 -35.59
N GLU P 57 41.43 50.47 -34.49
CA GLU P 57 42.12 49.82 -33.39
C GLU P 57 42.64 48.45 -33.84
N GLN P 58 43.89 48.16 -33.50
CA GLN P 58 44.51 46.88 -33.90
C GLN P 58 44.74 45.94 -32.71
N ASP P 59 45.01 46.52 -31.54
CA ASP P 59 45.18 45.76 -30.29
C ASP P 59 43.98 44.88 -29.96
N THR P 60 42.78 45.42 -30.17
CA THR P 60 41.53 44.72 -29.89
C THR P 60 41.11 43.87 -31.09
N SER P 61 41.60 44.22 -32.27
CA SER P 61 41.10 43.66 -33.52
C SER P 61 41.46 42.20 -33.76
N THR P 62 40.48 41.45 -34.29
CA THR P 62 40.65 40.07 -34.70
C THR P 62 39.65 39.83 -35.83
N GLU P 63 40.12 39.91 -37.07
CA GLU P 63 39.23 39.81 -38.23
C GLU P 63 39.58 38.68 -39.22
N LYS P 64 40.82 38.19 -39.19
CA LYS P 64 41.25 37.15 -40.14
C LYS P 64 41.86 35.89 -39.52
N LEU P 65 42.43 36.01 -38.32
CA LEU P 65 43.03 34.87 -37.63
C LEU P 65 42.30 34.50 -36.34
N TYR P 66 41.71 33.31 -36.32
CA TYR P 66 40.88 32.87 -35.19
C TYR P 66 41.37 31.55 -34.60
N LYS P 67 41.19 31.42 -33.29
CA LYS P 67 41.54 30.21 -32.56
C LYS P 67 40.32 29.29 -32.45
N LEU P 68 40.47 28.05 -32.90
CA LEU P 68 39.39 27.07 -32.83
C LEU P 68 39.57 26.13 -31.64
N ASN P 69 40.83 25.93 -31.27
CA ASN P 69 41.27 24.91 -30.35
C ASN P 69 42.56 25.41 -29.72
N ASP P 70 43.14 24.66 -28.80
CA ASP P 70 44.49 24.98 -28.33
C ASP P 70 45.54 24.51 -29.34
N LYS P 71 45.13 23.59 -30.22
CA LYS P 71 46.04 22.97 -31.19
C LYS P 71 45.71 23.32 -32.66
N ILE P 72 44.55 23.94 -32.89
CA ILE P 72 44.10 24.27 -34.25
C ILE P 72 43.67 25.74 -34.38
N ALA P 73 44.09 26.39 -35.47
CA ALA P 73 43.68 27.76 -35.78
C ALA P 73 43.25 27.89 -37.25
N VAL P 74 42.62 29.01 -37.59
CA VAL P 74 42.19 29.28 -38.97
C VAL P 74 42.51 30.68 -39.49
N ALA P 75 42.80 30.76 -40.78
CA ALA P 75 42.87 32.01 -41.51
C ALA P 75 41.62 32.14 -42.38
N VAL P 76 40.96 33.30 -42.29
CA VAL P 76 39.69 33.54 -42.98
C VAL P 76 39.86 34.46 -44.19
N ALA P 77 39.28 34.06 -45.32
CA ALA P 77 39.15 34.94 -46.48
C ALA P 77 37.70 34.97 -46.98
N GLY P 78 37.04 36.11 -46.80
CA GLY P 78 35.65 36.29 -47.26
C GLY P 78 34.82 37.11 -46.29
N LEU P 79 33.56 36.70 -46.10
CA LEU P 79 32.64 37.39 -45.21
C LEU P 79 32.94 37.03 -43.75
N THR P 80 33.46 38.00 -43.00
CA THR P 80 33.83 37.81 -41.60
C THR P 80 32.66 37.36 -40.73
N ALA P 81 31.49 37.96 -40.96
CA ALA P 81 30.28 37.63 -40.23
C ALA P 81 29.85 36.19 -40.47
N ASP P 82 29.86 35.77 -41.73
CA ASP P 82 29.58 34.38 -42.12
C ASP P 82 30.57 33.45 -41.44
N ALA P 83 31.83 33.87 -41.42
CA ALA P 83 32.93 33.07 -40.88
C ALA P 83 32.78 32.80 -39.39
N GLU P 84 32.35 33.80 -38.63
CA GLU P 84 32.19 33.66 -37.18
C GLU P 84 31.10 32.65 -36.81
N ILE P 85 30.08 32.54 -37.65
CA ILE P 85 29.04 31.51 -37.51
C ILE P 85 29.68 30.13 -37.60
N LEU P 86 30.54 29.94 -38.59
CA LEU P 86 31.20 28.66 -38.83
C LEU P 86 32.31 28.35 -37.82
N ILE P 87 33.00 29.38 -37.36
CA ILE P 87 34.07 29.27 -36.36
C ILE P 87 33.48 28.80 -35.03
N ASN P 88 32.33 29.33 -34.67
CA ASN P 88 31.68 28.95 -33.42
C ASN P 88 31.13 27.52 -33.42
N THR P 89 30.64 27.02 -34.56
CA THR P 89 30.15 25.64 -34.62
C THR P 89 31.31 24.65 -34.65
N ALA P 90 32.45 25.11 -35.17
CA ALA P 90 33.67 24.31 -35.18
C ALA P 90 34.32 24.26 -33.80
N ARG P 91 34.21 25.36 -33.04
CA ARG P 91 34.66 25.41 -31.65
C ARG P 91 33.82 24.47 -30.78
N ILE P 92 32.54 24.37 -31.09
CA ILE P 92 31.62 23.46 -30.38
C ILE P 92 31.89 21.98 -30.73
N HIS P 93 32.11 21.69 -32.01
CA HIS P 93 32.40 20.32 -32.45
C HIS P 93 33.66 19.75 -31.80
N ALA P 94 34.66 20.61 -31.63
CA ALA P 94 35.94 20.24 -31.01
C ALA P 94 35.76 19.89 -29.54
N GLN P 95 34.84 20.58 -28.88
CA GLN P 95 34.56 20.33 -27.47
C GLN P 95 33.68 19.10 -27.28
N ASN P 96 32.83 18.81 -28.27
CA ASN P 96 32.03 17.58 -28.28
C ASN P 96 32.92 16.35 -28.41
N TYR P 97 33.89 16.43 -29.32
CA TYR P 97 34.84 15.34 -29.52
C TYR P 97 35.67 15.07 -28.27
N LEU P 98 36.08 16.13 -27.58
CA LEU P 98 36.85 16.02 -26.34
C LEU P 98 36.00 15.50 -25.19
N LYS P 99 34.71 15.80 -25.21
CA LYS P 99 33.79 15.30 -24.19
C LYS P 99 33.51 13.81 -24.37
N THR P 100 33.37 13.39 -25.63
CA THR P 100 33.02 12.02 -25.97
C THR P 100 34.20 11.05 -25.78
N TYR P 101 35.39 11.45 -26.21
CA TYR P 101 36.54 10.55 -26.28
C TYR P 101 37.69 10.85 -25.31
N ASN P 102 37.60 11.97 -24.59
CA ASN P 102 38.69 12.47 -23.72
C ASN P 102 40.02 12.71 -24.45
N GLU P 103 39.92 12.97 -25.76
CA GLU P 103 41.08 13.28 -26.58
C GLU P 103 40.75 14.46 -27.48
N ASP P 104 41.73 15.32 -27.72
CA ASP P 104 41.57 16.44 -28.65
C ASP P 104 41.31 15.93 -30.06
N ILE P 105 40.40 16.61 -30.75
CA ILE P 105 39.98 16.20 -32.10
C ILE P 105 41.12 16.22 -33.12
N PRO P 106 41.29 15.12 -33.89
CA PRO P 106 42.20 15.13 -35.03
C PRO P 106 41.79 16.22 -36.01
N VAL P 107 42.77 16.88 -36.59
CA VAL P 107 42.54 18.07 -37.43
C VAL P 107 41.59 17.77 -38.60
N GLU P 108 41.80 16.66 -39.29
CA GLU P 108 40.98 16.32 -40.46
C GLU P 108 39.49 16.16 -40.12
N ILE P 109 39.19 15.52 -38.99
CA ILE P 109 37.80 15.30 -38.57
C ILE P 109 37.05 16.62 -38.39
N LEU P 110 37.70 17.61 -37.77
CA LEU P 110 37.13 18.95 -37.61
C LEU P 110 36.96 19.65 -38.95
N VAL P 111 37.94 19.47 -39.84
CA VAL P 111 37.91 20.04 -41.19
C VAL P 111 36.78 19.43 -42.01
N ARG P 112 36.64 18.10 -41.95
CA ARG P 112 35.58 17.39 -42.66
C ARG P 112 34.18 17.87 -42.24
N ARG P 113 34.00 18.08 -40.93
CA ARG P 113 32.73 18.55 -40.39
C ARG P 113 32.32 19.91 -40.94
N LEU P 114 33.25 20.87 -40.94
CA LEU P 114 32.96 22.19 -41.51
C LEU P 114 32.71 22.12 -43.00
N SER P 115 33.50 21.31 -43.69
CA SER P 115 33.32 21.09 -45.12
C SER P 115 31.97 20.43 -45.43
N ASP P 116 31.49 19.59 -44.50
CA ASP P 116 30.19 18.93 -44.66
C ASP P 116 29.02 19.90 -44.45
N ILE P 117 29.17 20.83 -43.51
CA ILE P 117 28.16 21.86 -43.23
C ILE P 117 28.01 22.78 -44.44
N LYS P 118 29.13 23.23 -44.98
CA LYS P 118 29.15 24.05 -46.20
C LYS P 118 28.48 23.35 -47.37
N GLN P 119 28.73 22.05 -47.51
CA GLN P 119 28.15 21.23 -48.56
C GLN P 119 26.62 21.21 -48.49
N GLY P 120 26.07 21.25 -47.28
CA GLY P 120 24.63 21.20 -47.09
C GLY P 120 23.91 22.37 -47.75
N TYR P 121 24.44 23.57 -47.53
CA TYR P 121 23.89 24.79 -48.10
C TYR P 121 24.04 24.80 -49.62
N THR P 122 24.80 23.85 -50.12
CA THR P 122 25.03 23.67 -51.56
C THR P 122 23.98 22.77 -52.24
N GLN P 123 23.42 21.84 -51.48
CA GLN P 123 22.53 20.81 -52.05
C GLN P 123 21.06 20.93 -51.64
N HIS P 124 20.81 21.46 -50.44
CA HIS P 124 19.44 21.58 -49.95
C HIS P 124 19.22 22.84 -49.11
N GLY P 125 17.98 23.26 -49.00
CA GLY P 125 17.60 24.36 -48.13
C GLY P 125 17.15 25.64 -48.81
N GLY P 126 17.66 25.88 -50.03
CA GLY P 126 17.34 27.10 -50.78
C GLY P 126 17.97 28.37 -50.24
N LEU P 127 18.96 28.21 -49.36
CA LEU P 127 19.68 29.35 -48.79
C LEU P 127 21.03 29.54 -49.48
N ARG P 128 21.54 30.78 -49.43
CA ARG P 128 22.84 31.10 -50.01
C ARG P 128 23.97 30.41 -49.25
N PRO P 129 25.06 30.02 -49.95
CA PRO P 129 26.22 29.42 -49.28
C PRO P 129 26.97 30.43 -48.42
N PHE P 130 27.93 29.95 -47.64
CA PHE P 130 28.79 30.83 -46.84
C PHE P 130 29.91 31.38 -47.73
N GLY P 131 29.99 32.70 -47.83
CA GLY P 131 31.01 33.35 -48.64
C GLY P 131 32.35 33.40 -47.91
N VAL P 132 32.88 32.23 -47.58
CA VAL P 132 34.09 32.11 -46.76
C VAL P 132 34.97 30.98 -47.25
N SER P 133 36.28 31.21 -47.22
CA SER P 133 37.28 30.15 -47.39
C SER P 133 38.24 30.11 -46.21
N PHE P 134 38.55 28.91 -45.75
CA PHE P 134 39.41 28.72 -44.58
C PHE P 134 40.76 28.10 -44.93
N ILE P 135 41.79 28.54 -44.21
CA ILE P 135 43.05 27.82 -44.13
C ILE P 135 43.17 27.31 -42.70
N TYR P 136 43.24 25.99 -42.54
CA TYR P 136 43.35 25.39 -41.22
C TYR P 136 44.82 25.04 -40.94
N ALA P 137 45.30 25.46 -39.77
CA ALA P 137 46.62 25.04 -39.28
C ALA P 137 46.43 24.31 -37.96
N GLY P 138 46.97 23.09 -37.87
CA GLY P 138 46.79 22.28 -36.67
C GLY P 138 47.79 21.15 -36.48
N TYR P 139 47.79 20.60 -35.27
CA TYR P 139 48.66 19.49 -34.90
C TYR P 139 47.87 18.38 -34.22
N ASP P 140 48.14 17.14 -34.61
CA ASP P 140 47.66 15.97 -33.87
C ASP P 140 48.71 14.85 -33.90
N ASP P 141 48.57 13.88 -33.00
CA ASP P 141 49.57 12.82 -32.85
C ASP P 141 49.55 11.77 -33.96
N ARG P 142 48.65 11.93 -34.94
CA ARG P 142 48.58 11.00 -36.06
C ARG P 142 49.41 11.47 -37.26
N TYR P 143 49.19 12.70 -37.70
CA TYR P 143 49.87 13.23 -38.88
C TYR P 143 50.84 14.37 -38.58
N GLY P 144 50.91 14.77 -37.31
CA GLY P 144 51.75 15.90 -36.91
C GLY P 144 51.17 17.21 -37.39
N TYR P 145 52.01 18.05 -37.99
CA TYR P 145 51.59 19.33 -38.54
C TYR P 145 50.81 19.15 -39.83
N GLN P 146 49.61 19.74 -39.89
CA GLN P 146 48.75 19.65 -41.06
C GLN P 146 48.28 21.02 -41.50
N LEU P 147 48.08 21.16 -42.81
CA LEU P 147 47.55 22.39 -43.40
C LEU P 147 46.45 22.04 -44.40
N TYR P 148 45.25 22.55 -44.17
CA TYR P 148 44.10 22.29 -45.04
C TYR P 148 43.48 23.57 -45.60
N THR P 149 42.65 23.41 -46.64
CA THR P 149 41.87 24.51 -47.19
C THR P 149 40.42 24.06 -47.40
N SER P 150 39.48 24.98 -47.19
CA SER P 150 38.07 24.70 -47.49
C SER P 150 37.39 25.93 -48.07
N ASN P 151 36.45 25.70 -49.00
CA ASN P 151 35.76 26.77 -49.71
C ASN P 151 34.24 26.57 -49.71
N PRO P 152 33.47 27.54 -50.25
CA PRO P 152 32.00 27.48 -50.22
C PRO P 152 31.36 26.20 -50.78
N SER P 153 32.06 25.48 -51.66
CA SER P 153 31.52 24.25 -52.26
C SER P 153 31.48 23.09 -51.28
N GLY P 154 32.24 23.21 -50.19
CA GLY P 154 32.34 22.18 -49.18
C GLY P 154 33.46 21.20 -49.46
N ASN P 155 34.35 21.58 -50.38
CA ASN P 155 35.49 20.75 -50.74
C ASN P 155 36.73 21.15 -49.92
N TYR P 156 37.53 20.16 -49.54
CA TYR P 156 38.77 20.42 -48.81
C TYR P 156 39.96 19.60 -49.31
N THR P 157 41.15 20.19 -49.25
CA THR P 157 42.39 19.51 -49.65
C THR P 157 43.53 19.92 -48.71
N GLY P 158 44.58 19.08 -48.67
CA GLY P 158 45.74 19.30 -47.81
C GLY P 158 46.94 19.87 -48.54
N TRP P 159 47.66 20.77 -47.88
CA TRP P 159 48.72 21.53 -48.53
C TRP P 159 50.01 21.61 -47.73
N LYS P 160 51.11 21.85 -48.45
CA LYS P 160 52.39 22.20 -47.85
C LYS P 160 52.45 23.72 -47.71
N ALA P 161 51.98 24.41 -48.74
CA ALA P 161 51.83 25.86 -48.74
C ALA P 161 50.67 26.24 -49.65
N ILE P 162 49.84 27.18 -49.18
CA ILE P 162 48.63 27.57 -49.91
C ILE P 162 48.19 29.00 -49.60
N SER P 163 47.48 29.61 -50.54
CA SER P 163 46.91 30.94 -50.37
C SER P 163 45.43 30.97 -50.77
N VAL P 164 44.65 31.76 -50.03
CA VAL P 164 43.25 32.03 -50.37
C VAL P 164 43.00 33.53 -50.42
N GLY P 165 41.96 33.93 -51.15
CA GLY P 165 41.59 35.33 -51.25
C GLY P 165 42.06 35.98 -52.54
N ALA P 166 42.57 37.20 -52.42
CA ALA P 166 43.01 37.97 -53.57
C ALA P 166 44.40 37.52 -54.04
N ASN P 167 44.58 37.54 -55.36
CA ASN P 167 45.87 37.26 -56.00
C ASN P 167 46.48 35.91 -55.65
N THR P 168 45.65 34.88 -55.60
CA THR P 168 46.13 33.53 -55.25
C THR P 168 46.97 32.94 -56.38
N SER P 169 46.56 33.20 -57.62
CA SER P 169 47.27 32.74 -58.80
C SER P 169 48.71 33.28 -58.80
N ALA P 170 48.87 34.55 -58.45
CA ALA P 170 50.18 35.19 -58.36
C ALA P 170 50.99 34.70 -57.15
N ALA P 171 50.30 34.50 -56.02
CA ALA P 171 50.94 34.09 -54.77
C ALA P 171 51.37 32.62 -54.77
N GLN P 172 50.57 31.77 -55.43
CA GLN P 172 50.86 30.34 -55.54
C GLN P 172 52.11 30.05 -56.37
N THR P 173 52.31 30.85 -57.42
CA THR P 173 53.50 30.75 -58.26
C THR P 173 54.77 31.10 -57.48
N LEU P 174 54.67 32.12 -56.64
CA LEU P 174 55.80 32.58 -55.81
C LEU P 174 56.16 31.60 -54.69
N LEU P 175 55.15 30.90 -54.17
CA LEU P 175 55.37 29.89 -53.14
C LEU P 175 55.95 28.62 -53.74
N GLN P 176 55.42 28.20 -54.88
CA GLN P 176 55.93 27.04 -55.61
C GLN P 176 57.38 27.27 -56.02
N MET P 177 57.76 28.54 -56.12
CA MET P 177 59.10 28.95 -56.52
C MET P 177 60.13 28.71 -55.42
N ASP P 178 59.78 29.10 -54.19
CA ASP P 178 60.76 29.18 -53.09
C ASP P 178 60.60 28.14 -51.98
N TYR P 179 59.54 27.34 -52.03
CA TYR P 179 59.30 26.32 -51.01
C TYR P 179 60.15 25.07 -51.23
N LYS P 180 60.73 24.57 -50.15
CA LYS P 180 61.37 23.25 -50.14
C LYS P 180 60.96 22.46 -48.90
N ASP P 181 61.00 21.13 -49.00
CA ASP P 181 60.45 20.24 -47.98
C ASP P 181 61.16 20.31 -46.62
N ASP P 182 62.47 20.58 -46.64
CA ASP P 182 63.26 20.66 -45.41
C ASP P 182 63.28 22.06 -44.78
N MET P 183 62.19 22.82 -44.97
CA MET P 183 62.09 24.18 -44.43
C MET P 183 61.94 24.22 -42.92
N LYS P 184 62.50 25.26 -42.31
CA LYS P 184 62.38 25.51 -40.89
C LYS P 184 61.39 26.66 -40.71
N VAL P 185 60.72 26.70 -39.55
CA VAL P 185 59.65 27.68 -39.27
C VAL P 185 60.06 29.13 -39.56
N ASP P 186 61.26 29.51 -39.11
CA ASP P 186 61.76 30.88 -39.29
C ASP P 186 61.95 31.23 -40.76
N ASP P 187 62.26 30.23 -41.58
CA ASP P 187 62.37 30.41 -43.02
C ASP P 187 61.01 30.51 -43.68
N ALA P 188 60.02 29.82 -43.12
CA ALA P 188 58.65 29.88 -43.61
C ALA P 188 57.99 31.22 -43.29
N ILE P 189 58.31 31.77 -42.12
CA ILE P 189 57.86 33.12 -41.71
C ILE P 189 58.31 34.16 -42.74
N GLU P 190 59.58 34.05 -43.15
CA GLU P 190 60.16 34.94 -44.14
C GLU P 190 59.46 34.80 -45.49
N LEU P 191 59.24 33.56 -45.92
CA LEU P 191 58.56 33.28 -47.18
C LEU P 191 57.16 33.89 -47.20
N ALA P 192 56.45 33.74 -46.07
CA ALA P 192 55.09 34.26 -45.90
C ALA P 192 55.00 35.77 -46.11
N LEU P 193 55.96 36.51 -45.56
CA LEU P 193 55.96 37.97 -45.64
C LEU P 193 56.45 38.47 -46.99
N LYS P 194 57.42 37.76 -47.57
CA LYS P 194 57.96 38.11 -48.89
C LYS P 194 56.92 37.92 -49.99
N THR P 195 56.06 36.90 -49.83
CA THR P 195 55.01 36.62 -50.80
C THR P 195 53.91 37.68 -50.74
N LEU P 196 53.41 37.96 -49.54
CA LEU P 196 52.38 38.97 -49.33
C LEU P 196 52.80 40.34 -49.84
N SER P 197 54.07 40.67 -49.65
CA SER P 197 54.61 41.99 -50.00
C SER P 197 54.62 42.25 -51.51
N LYS P 198 54.70 41.18 -52.30
CA LYS P 198 54.77 41.28 -53.75
C LYS P 198 53.39 41.19 -54.41
N THR P 199 52.39 40.77 -53.64
CA THR P 199 51.03 40.62 -54.14
C THR P 199 50.02 41.58 -53.50
N THR P 200 50.50 42.47 -52.63
CA THR P 200 49.67 43.49 -52.00
C THR P 200 49.13 44.47 -53.04
N ASP P 201 47.93 44.98 -52.80
CA ASP P 201 47.37 46.06 -53.61
C ASP P 201 47.72 47.43 -53.00
N SER P 202 48.63 47.43 -52.05
CA SER P 202 49.04 48.64 -51.33
C SER P 202 50.48 49.03 -51.65
N SER P 203 50.87 50.24 -51.23
CA SER P 203 52.22 50.78 -51.45
C SER P 203 53.30 49.90 -50.82
N ALA P 204 53.23 49.76 -49.49
CA ALA P 204 54.20 48.98 -48.74
C ALA P 204 53.52 48.26 -47.58
N LEU P 205 53.94 47.02 -47.34
CA LEU P 205 53.38 46.18 -46.29
C LEU P 205 53.82 46.67 -44.91
N THR P 206 52.87 47.23 -44.16
CA THR P 206 53.12 47.73 -42.80
C THR P 206 52.57 46.79 -41.73
N TYR P 207 52.84 47.09 -40.46
CA TYR P 207 52.44 46.22 -39.36
C TYR P 207 50.93 46.25 -39.08
N ASP P 208 50.32 47.43 -39.23
CA ASP P 208 48.90 47.62 -38.95
C ASP P 208 47.96 46.96 -39.96
N ARG P 209 48.55 46.45 -41.05
CA ARG P 209 47.77 45.81 -42.11
C ARG P 209 47.93 44.30 -42.12
N LEU P 210 48.56 43.76 -41.08
CA LEU P 210 48.87 42.33 -41.03
C LEU P 210 48.34 41.62 -39.80
N GLU P 211 48.00 40.34 -39.98
CA GLU P 211 47.76 39.43 -38.87
C GLU P 211 48.69 38.24 -39.04
N PHE P 212 49.27 37.79 -37.93
CA PHE P 212 50.28 36.74 -37.99
C PHE P 212 50.13 35.76 -36.83
N ALA P 213 50.28 34.47 -37.13
CA ALA P 213 50.21 33.41 -36.12
C ALA P 213 51.10 32.22 -36.47
N THR P 214 51.70 31.61 -35.46
CA THR P 214 52.52 30.41 -35.64
C THR P 214 52.05 29.29 -34.73
N ILE P 215 52.18 28.06 -35.21
CA ILE P 215 51.97 26.87 -34.38
C ILE P 215 53.29 26.12 -34.26
N ARG P 216 53.89 26.21 -33.08
CA ARG P 216 55.17 25.57 -32.81
C ARG P 216 55.08 24.61 -31.62
N LYS P 217 56.10 23.79 -31.46
CA LYS P 217 56.20 22.90 -30.31
C LYS P 217 57.18 23.50 -29.32
N GLY P 218 56.66 23.87 -28.14
CA GLY P 218 57.41 24.52 -27.06
C GLY P 218 58.92 24.34 -27.11
N ALA P 219 59.62 25.45 -27.37
CA ALA P 219 61.08 25.47 -27.55
C ALA P 219 61.83 24.79 -26.40
N ASN P 220 61.21 24.76 -25.22
CA ASN P 220 61.76 24.07 -24.05
C ASN P 220 60.73 23.15 -23.38
N ASP P 221 59.46 23.37 -23.74
CA ASP P 221 58.34 22.62 -23.18
C ASP P 221 58.27 21.18 -23.72
N GLY P 222 58.22 21.05 -25.04
CA GLY P 222 58.05 19.74 -25.69
C GLY P 222 56.60 19.45 -26.05
N GLU P 223 55.74 20.45 -25.89
CA GLU P 223 54.32 20.35 -26.21
C GLU P 223 53.91 21.51 -27.13
N VAL P 224 52.75 21.41 -27.76
CA VAL P 224 52.34 22.35 -28.82
C VAL P 224 51.84 23.69 -28.30
N TYR P 225 52.26 24.77 -28.98
CA TYR P 225 51.93 26.14 -28.57
C TYR P 225 51.56 27.02 -29.77
N GLN P 226 50.46 27.75 -29.64
CA GLN P 226 50.03 28.74 -30.62
C GLN P 226 50.44 30.14 -30.18
N LYS P 227 50.65 31.03 -31.15
CA LYS P 227 51.11 32.38 -30.85
C LYS P 227 50.54 33.38 -31.85
N ILE P 228 49.36 33.92 -31.54
CA ILE P 228 48.80 35.01 -32.35
C ILE P 228 49.59 36.29 -32.06
N PHE P 229 50.48 36.64 -33.00
CA PHE P 229 51.39 37.77 -32.89
C PHE P 229 50.66 39.08 -32.58
N LYS P 230 51.18 39.80 -31.58
CA LYS P 230 50.68 41.12 -31.22
C LYS P 230 51.21 42.18 -32.21
N PRO P 231 50.52 43.34 -32.32
CA PRO P 231 50.95 44.44 -33.18
C PRO P 231 52.46 44.76 -33.11
N GLN P 232 52.99 44.91 -31.90
CA GLN P 232 54.40 45.22 -31.69
C GLN P 232 55.33 44.09 -32.17
N GLU P 233 54.85 42.85 -32.03
CA GLU P 233 55.62 41.67 -32.43
C GLU P 233 55.74 41.52 -33.95
N ILE P 234 54.68 41.92 -34.67
CA ILE P 234 54.70 41.92 -36.14
C ILE P 234 55.63 43.02 -36.64
N LYS P 235 55.60 44.17 -35.96
CA LYS P 235 56.47 45.30 -36.28
C LYS P 235 57.95 44.88 -36.21
N ASP P 236 58.28 44.07 -35.19
CA ASP P 236 59.66 43.56 -35.03
C ASP P 236 60.04 42.57 -36.12
N ILE P 237 59.21 41.53 -36.28
CA ILE P 237 59.47 40.46 -37.24
C ILE P 237 59.49 40.95 -38.69
N LEU P 238 59.01 42.17 -38.90
CA LEU P 238 58.97 42.80 -40.21
C LEU P 238 60.29 43.52 -40.52
N VAL P 239 60.95 43.99 -39.46
CA VAL P 239 62.26 44.65 -39.58
C VAL P 239 63.39 43.63 -39.80
N LYS P 240 63.20 42.42 -39.26
CA LYS P 240 64.18 41.34 -39.38
C LYS P 240 64.36 40.88 -40.83
N THR P 241 63.25 40.73 -41.54
CA THR P 241 63.27 40.28 -42.93
C THR P 241 63.71 41.38 -43.91
N GLY P 242 63.83 42.61 -43.41
CA GLY P 242 64.33 43.73 -44.20
C GLY P 242 63.26 44.48 -44.98
N ILE P 243 62.10 44.65 -44.36
CA ILE P 243 61.00 45.40 -44.98
C ILE P 243 60.76 46.73 -44.25
N THR P 244 61.05 46.76 -42.95
CA THR P 244 60.83 47.93 -42.07
C THR P 244 59.39 48.46 -42.15
N GLY Q 1 9.42 24.42 -44.29
CA GLY Q 1 10.64 23.89 -44.96
C GLY Q 1 10.66 24.16 -46.45
N TYR Q 2 11.86 24.23 -47.01
CA TYR Q 2 12.04 24.46 -48.44
C TYR Q 2 11.70 23.19 -49.21
N ASP Q 3 10.60 23.26 -49.99
CA ASP Q 3 10.05 22.10 -50.69
C ASP Q 3 9.97 22.25 -52.21
N ARG Q 4 10.49 23.37 -52.72
CA ARG Q 4 10.44 23.70 -54.15
C ARG Q 4 10.89 22.52 -55.02
N ALA Q 5 10.11 22.23 -56.05
CA ALA Q 5 10.44 21.14 -56.97
C ALA Q 5 11.50 21.59 -57.97
N LEU Q 6 12.75 21.18 -57.70
CA LEU Q 6 13.88 21.56 -58.54
C LEU Q 6 14.10 20.57 -59.69
N SER Q 7 13.82 19.29 -59.43
CA SER Q 7 13.94 18.26 -60.45
C SER Q 7 12.58 17.97 -61.06
N ILE Q 8 12.32 18.58 -62.21
CA ILE Q 8 11.04 18.45 -62.90
C ILE Q 8 11.23 18.06 -64.36
N PHE Q 9 10.15 17.62 -65.00
CA PHE Q 9 10.18 17.26 -66.41
C PHE Q 9 10.14 18.49 -67.30
N SER Q 10 10.76 18.37 -68.48
CA SER Q 10 10.68 19.40 -69.51
C SER Q 10 9.91 18.81 -70.70
N PRO Q 11 9.34 19.69 -71.56
CA PRO Q 11 8.48 19.25 -72.67
C PRO Q 11 8.95 18.02 -73.47
N ASP Q 12 10.26 17.84 -73.63
CA ASP Q 12 10.79 16.71 -74.40
C ASP Q 12 11.02 15.44 -73.57
N GLY Q 13 10.75 15.52 -72.27
CA GLY Q 13 10.80 14.37 -71.38
C GLY Q 13 12.07 14.21 -70.56
N HIS Q 14 12.85 15.27 -70.45
CA HIS Q 14 14.11 15.22 -69.70
C HIS Q 14 13.99 15.91 -68.34
N ILE Q 15 14.65 15.34 -67.34
CA ILE Q 15 14.86 16.03 -66.07
C ILE Q 15 16.19 16.76 -66.19
N PHE Q 16 16.12 18.05 -66.52
CA PHE Q 16 17.32 18.84 -66.80
C PHE Q 16 18.33 18.91 -65.64
N GLN Q 17 17.83 18.90 -64.40
CA GLN Q 17 18.73 18.93 -63.23
C GLN Q 17 19.53 17.64 -63.07
N VAL Q 18 18.92 16.50 -63.44
CA VAL Q 18 19.62 15.22 -63.49
C VAL Q 18 20.59 15.21 -64.66
N GLU Q 19 20.16 15.80 -65.78
CA GLU Q 19 20.96 15.92 -66.99
C GLU Q 19 22.23 16.71 -66.71
N TYR Q 20 22.08 17.84 -66.01
CA TYR Q 20 23.19 18.72 -65.69
C TYR Q 20 24.12 18.14 -64.64
N ALA Q 21 23.60 17.19 -63.85
CA ALA Q 21 24.40 16.50 -62.84
C ALA Q 21 25.43 15.59 -63.50
N LEU Q 22 25.10 15.08 -64.68
CA LEU Q 22 26.04 14.30 -65.49
C LEU Q 22 27.15 15.17 -66.07
N GLU Q 23 26.83 16.43 -66.35
CA GLU Q 23 27.81 17.39 -66.86
C GLU Q 23 28.91 17.67 -65.84
N ALA Q 24 28.53 17.64 -64.57
CA ALA Q 24 29.48 17.77 -63.46
C ALA Q 24 30.37 16.53 -63.36
N VAL Q 25 29.79 15.35 -63.65
CA VAL Q 25 30.54 14.09 -63.67
C VAL Q 25 31.55 14.10 -64.82
N LYS Q 26 31.12 14.61 -65.98
CA LYS Q 26 32.00 14.79 -67.14
C LYS Q 26 33.17 15.71 -66.84
N ARG Q 27 32.95 16.68 -65.96
CA ARG Q 27 33.98 17.62 -65.51
C ARG Q 27 34.98 16.96 -64.57
N GLY Q 28 34.49 16.03 -63.74
CA GLY Q 28 35.32 15.36 -62.74
C GLY Q 28 36.46 14.55 -63.31
N THR Q 29 37.51 14.38 -62.51
CA THR Q 29 38.69 13.59 -62.89
C THR Q 29 38.31 12.14 -63.18
N CYS Q 30 39.02 11.53 -64.13
CA CYS Q 30 38.68 10.20 -64.63
C CYS Q 30 38.92 9.07 -63.63
N ALA Q 31 37.98 8.13 -63.58
CA ALA Q 31 38.09 6.95 -62.75
C ALA Q 31 37.80 5.69 -63.58
N VAL Q 32 38.54 4.62 -63.32
CA VAL Q 32 38.41 3.38 -64.08
C VAL Q 32 38.43 2.14 -63.18
N GLY Q 33 37.73 1.09 -63.62
CA GLY Q 33 37.71 -0.18 -62.92
C GLY Q 33 37.65 -1.36 -63.85
N VAL Q 34 38.54 -2.33 -63.64
CA VAL Q 34 38.57 -3.57 -64.42
C VAL Q 34 38.61 -4.79 -63.49
N LYS Q 35 37.85 -5.82 -63.84
CA LYS Q 35 37.82 -7.05 -63.03
C LYS Q 35 38.55 -8.21 -63.71
N GLY Q 36 39.44 -8.85 -62.96
CA GLY Q 36 40.18 -10.01 -63.43
C GLY Q 36 39.45 -11.31 -63.10
N LYS Q 37 40.20 -12.40 -63.06
CA LYS Q 37 39.63 -13.71 -62.74
C LYS Q 37 39.44 -13.84 -61.23
N ASN Q 38 40.36 -13.23 -60.47
CA ASN Q 38 40.36 -13.32 -59.02
C ASN Q 38 40.66 -11.98 -58.34
N CYS Q 39 40.41 -10.88 -59.05
CA CYS Q 39 40.66 -9.53 -58.53
C CYS Q 39 39.84 -8.44 -59.23
N VAL Q 40 39.79 -7.27 -58.61
CA VAL Q 40 39.25 -6.07 -59.24
C VAL Q 40 40.24 -4.94 -58.98
N VAL Q 41 40.47 -4.09 -59.98
CA VAL Q 41 41.43 -3.00 -59.87
C VAL Q 41 40.78 -1.64 -60.18
N LEU Q 42 40.88 -0.72 -59.23
CA LEU Q 42 40.36 0.64 -59.39
C LEU Q 42 41.48 1.65 -59.59
N GLY Q 43 41.43 2.37 -60.72
CA GLY Q 43 42.42 3.39 -61.04
C GLY Q 43 41.81 4.78 -61.14
N CYS Q 44 42.53 5.77 -60.60
CA CYS Q 44 42.05 7.15 -60.60
C CYS Q 44 43.15 8.11 -61.05
N GLU Q 45 42.74 9.27 -61.57
CA GLU Q 45 43.71 10.29 -61.97
C GLU Q 45 43.76 11.46 -60.99
N ARG Q 46 44.94 12.06 -60.84
CA ARG Q 46 45.13 13.24 -60.02
C ARG Q 46 45.36 14.46 -60.90
N ARG Q 47 44.77 15.58 -60.49
CA ARG Q 47 44.96 16.85 -61.17
C ARG Q 47 46.36 17.38 -60.87
N SER Q 48 46.96 18.05 -61.85
CA SER Q 48 48.31 18.59 -61.69
C SER Q 48 48.38 20.11 -61.96
N THR Q 49 47.25 20.78 -61.77
CA THR Q 49 47.19 22.25 -61.83
C THR Q 49 48.00 22.86 -60.68
N LEU Q 50 47.91 22.24 -59.50
CA LEU Q 50 48.66 22.66 -58.32
C LEU Q 50 49.72 21.63 -57.95
N LYS Q 51 50.98 22.06 -57.96
CA LYS Q 51 52.14 21.18 -57.83
C LYS Q 51 52.71 21.26 -56.41
N LEU Q 52 51.83 21.41 -55.43
CA LEU Q 52 52.27 21.64 -54.05
C LEU Q 52 51.30 21.06 -53.00
N GLN Q 53 50.67 19.95 -53.33
CA GLN Q 53 49.74 19.27 -52.43
C GLN Q 53 50.46 18.44 -51.37
N ASP Q 54 49.74 18.15 -50.29
CA ASP Q 54 50.21 17.23 -49.26
C ASP Q 54 49.44 15.92 -49.40
N THR Q 55 50.10 14.92 -49.99
CA THR Q 55 49.45 13.64 -50.32
C THR Q 55 49.15 12.74 -49.12
N ARG Q 56 49.83 12.99 -48.00
CA ARG Q 56 49.57 12.24 -46.77
C ARG Q 56 48.17 12.51 -46.24
N ILE Q 57 47.72 13.76 -46.32
CA ILE Q 57 46.47 14.20 -45.68
C ILE Q 57 45.30 14.47 -46.63
N THR Q 58 45.60 14.60 -47.93
CA THR Q 58 44.56 14.77 -48.94
C THR Q 58 43.74 13.48 -49.08
N PRO Q 59 42.40 13.59 -48.99
CA PRO Q 59 41.52 12.41 -49.13
C PRO Q 59 41.65 11.75 -50.50
N SER Q 60 42.20 10.54 -50.53
CA SER Q 60 42.39 9.79 -51.78
C SER Q 60 41.05 9.40 -52.40
N LYS Q 61 41.04 9.25 -53.73
CA LYS Q 61 39.81 9.11 -54.50
C LYS Q 61 39.13 7.74 -54.33
N VAL Q 62 39.82 6.80 -53.70
CA VAL Q 62 39.23 5.48 -53.42
C VAL Q 62 38.96 5.35 -51.93
N SER Q 63 37.68 5.20 -51.59
CA SER Q 63 37.26 5.07 -50.20
C SER Q 63 36.85 3.63 -49.88
N LYS Q 64 37.17 3.19 -48.67
CA LYS Q 64 36.68 1.92 -48.14
C LYS Q 64 35.30 2.14 -47.52
N ILE Q 65 34.34 1.30 -47.88
CA ILE Q 65 33.00 1.35 -47.30
C ILE Q 65 32.90 0.34 -46.14
N ASP Q 66 33.32 -0.89 -46.40
CA ASP Q 66 33.60 -1.88 -45.37
C ASP Q 66 34.97 -2.45 -45.73
N SER Q 67 35.42 -3.48 -45.00
CA SER Q 67 36.74 -4.06 -45.26
C SER Q 67 36.81 -4.85 -46.58
N HIS Q 68 35.67 -5.10 -47.20
CA HIS Q 68 35.60 -5.95 -48.39
C HIS Q 68 35.01 -5.26 -49.63
N VAL Q 69 34.58 -4.01 -49.49
CA VAL Q 69 34.04 -3.24 -50.61
C VAL Q 69 34.68 -1.85 -50.67
N VAL Q 70 35.04 -1.42 -51.87
CA VAL Q 70 35.60 -0.09 -52.10
C VAL Q 70 34.78 0.73 -53.11
N LEU Q 71 34.82 2.05 -52.96
CA LEU Q 71 34.06 2.96 -53.82
C LEU Q 71 34.94 4.12 -54.31
N SER Q 72 34.99 4.27 -55.63
CA SER Q 72 35.62 5.44 -56.25
C SER Q 72 34.54 6.23 -57.00
N PHE Q 73 34.85 7.47 -57.37
CA PHE Q 73 33.85 8.36 -57.96
C PHE Q 73 34.40 9.34 -58.98
N SER Q 74 33.49 9.94 -59.75
CA SER Q 74 33.81 11.08 -60.60
C SER Q 74 32.73 12.14 -60.40
N GLY Q 75 33.16 13.39 -60.24
CA GLY Q 75 32.22 14.49 -60.05
C GLY Q 75 32.63 15.41 -58.91
N LEU Q 76 31.63 15.96 -58.22
CA LEU Q 76 31.87 16.87 -57.11
C LEU Q 76 32.35 16.12 -55.88
N ASN Q 77 33.52 16.51 -55.37
CA ASN Q 77 34.14 15.83 -54.24
C ASN Q 77 33.28 15.89 -52.98
N ALA Q 78 32.70 17.06 -52.73
CA ALA Q 78 31.88 17.29 -51.54
C ALA Q 78 30.65 16.38 -51.51
N ASP Q 79 30.01 16.21 -52.67
CA ASP Q 79 28.83 15.35 -52.79
C ASP Q 79 29.16 13.88 -52.51
N SER Q 80 30.33 13.43 -52.96
CA SER Q 80 30.73 12.04 -52.83
C SER Q 80 30.88 11.60 -51.37
N ARG Q 81 31.38 12.50 -50.52
CA ARG Q 81 31.54 12.23 -49.09
C ARG Q 81 30.20 11.84 -48.44
N ILE Q 82 29.15 12.57 -48.83
CA ILE Q 82 27.80 12.34 -48.33
C ILE Q 82 27.32 10.93 -48.70
N LEU Q 83 27.53 10.53 -49.95
CA LEU Q 83 27.17 9.19 -50.39
C LEU Q 83 28.01 8.11 -49.70
N ILE Q 84 29.29 8.39 -49.49
CA ILE Q 84 30.20 7.46 -48.83
C ILE Q 84 29.82 7.25 -47.36
N GLU Q 85 29.59 8.35 -46.64
CA GLU Q 85 29.15 8.30 -45.25
C GLU Q 85 27.86 7.50 -45.07
N LYS Q 86 26.89 7.72 -45.96
CA LYS Q 86 25.62 6.99 -45.91
C LYS Q 86 25.80 5.51 -46.20
N ALA Q 87 26.69 5.19 -47.14
CA ALA Q 87 27.03 3.79 -47.47
C ALA Q 87 27.73 3.08 -46.32
N ARG Q 88 28.61 3.80 -45.61
CA ARG Q 88 29.36 3.25 -44.49
C ARG Q 88 28.48 2.93 -43.28
N VAL Q 89 27.49 3.79 -43.04
CA VAL Q 89 26.52 3.60 -41.96
C VAL Q 89 25.63 2.41 -42.29
N GLU Q 90 25.17 2.34 -43.53
CA GLU Q 90 24.34 1.24 -43.99
C GLU Q 90 25.07 -0.10 -43.91
N ALA Q 91 26.37 -0.08 -44.18
CA ALA Q 91 27.18 -1.30 -44.14
C ALA Q 91 27.25 -1.86 -42.73
N GLN Q 92 27.43 -0.97 -41.75
CA GLN Q 92 27.45 -1.36 -40.35
C GLN Q 92 26.08 -1.82 -39.86
N SER Q 93 25.03 -1.19 -40.35
CA SER Q 93 23.65 -1.54 -40.00
C SER Q 93 23.25 -2.90 -40.55
N HIS Q 94 23.72 -3.21 -41.76
CA HIS Q 94 23.46 -4.50 -42.38
C HIS Q 94 24.16 -5.63 -41.62
N ARG Q 95 25.37 -5.36 -41.12
CA ARG Q 95 26.11 -6.33 -40.29
C ARG Q 95 25.42 -6.54 -38.94
N LEU Q 96 24.66 -5.55 -38.52
CA LEU Q 96 24.01 -5.56 -37.21
C LEU Q 96 22.71 -6.36 -37.21
N THR Q 97 21.93 -6.23 -38.27
CA THR Q 97 20.62 -6.88 -38.37
C THR Q 97 20.66 -8.23 -39.09
N LEU Q 98 21.48 -8.33 -40.14
CA LEU Q 98 21.58 -9.56 -40.94
C LEU Q 98 22.72 -10.48 -40.49
N GLU Q 99 23.60 -9.97 -39.63
CA GLU Q 99 24.78 -10.70 -39.12
C GLU Q 99 25.68 -11.21 -40.25
N ASP Q 100 25.85 -10.38 -41.28
CA ASP Q 100 26.62 -10.69 -42.47
C ASP Q 100 26.98 -9.37 -43.16
N PRO Q 101 28.21 -9.23 -43.66
CA PRO Q 101 28.54 -8.02 -44.44
C PRO Q 101 27.72 -7.92 -45.73
N VAL Q 102 27.61 -6.69 -46.27
CA VAL Q 102 26.84 -6.44 -47.49
C VAL Q 102 27.41 -7.14 -48.72
N THR Q 103 26.54 -7.56 -49.63
CA THR Q 103 27.00 -7.98 -50.94
C THR Q 103 27.22 -6.70 -51.74
N VAL Q 104 28.15 -6.73 -52.68
CA VAL Q 104 28.45 -5.56 -53.50
C VAL Q 104 27.18 -5.08 -54.21
N GLU Q 105 26.41 -6.04 -54.75
CA GLU Q 105 25.12 -5.76 -55.39
C GLU Q 105 24.18 -4.99 -54.47
N TYR Q 106 24.17 -5.34 -53.17
CA TYR Q 106 23.29 -4.70 -52.20
C TYR Q 106 23.72 -3.27 -51.90
N LEU Q 107 25.01 -3.10 -51.63
CA LEU Q 107 25.58 -1.80 -51.31
C LEU Q 107 25.41 -0.82 -52.47
N THR Q 108 25.56 -1.34 -53.68
CA THR Q 108 25.31 -0.58 -54.90
C THR Q 108 23.85 -0.16 -54.98
N ARG Q 109 22.96 -1.12 -54.75
CA ARG Q 109 21.51 -0.89 -54.77
C ARG Q 109 21.11 0.21 -53.79
N TYR Q 110 21.77 0.25 -52.64
CA TYR Q 110 21.50 1.28 -51.64
C TYR Q 110 21.95 2.66 -52.09
N VAL Q 111 23.19 2.78 -52.56
CA VAL Q 111 23.75 4.05 -52.99
C VAL Q 111 22.97 4.61 -54.17
N ALA Q 112 22.57 3.73 -55.09
CA ALA Q 112 21.73 4.09 -56.23
C ALA Q 112 20.36 4.59 -55.79
N GLY Q 113 19.83 4.00 -54.72
CA GLY Q 113 18.55 4.39 -54.16
C GLY Q 113 18.57 5.78 -53.55
N VAL Q 114 19.66 6.11 -52.86
CA VAL Q 114 19.86 7.43 -52.28
C VAL Q 114 19.90 8.48 -53.40
N GLN Q 115 20.67 8.19 -54.44
CA GLN Q 115 20.80 9.09 -55.59
C GLN Q 115 19.46 9.31 -56.29
N GLN Q 116 18.70 8.24 -56.46
CA GLN Q 116 17.38 8.29 -57.09
C GLN Q 116 16.42 9.14 -56.26
N ARG Q 117 16.46 8.95 -54.94
CA ARG Q 117 15.62 9.71 -54.00
C ARG Q 117 15.85 11.22 -54.13
N TYR Q 118 17.09 11.62 -54.37
CA TYR Q 118 17.44 13.02 -54.52
C TYR Q 118 17.04 13.62 -55.88
N THR Q 119 16.37 12.83 -56.71
CA THR Q 119 15.88 13.29 -58.01
C THR Q 119 14.38 13.52 -58.03
N GLN Q 120 13.67 13.09 -56.98
CA GLN Q 120 12.24 13.41 -56.85
C GLN Q 120 11.78 13.85 -55.45
N SER Q 121 12.70 14.46 -54.70
CA SER Q 121 12.36 15.10 -53.44
C SER Q 121 12.43 16.60 -53.60
N GLY Q 122 11.50 17.32 -52.97
CA GLY Q 122 11.48 18.77 -52.99
C GLY Q 122 12.63 19.39 -52.21
N GLY Q 123 13.17 20.49 -52.73
CA GLY Q 123 14.22 21.23 -52.03
C GLY Q 123 15.63 20.67 -52.13
N VAL Q 124 15.83 19.64 -52.96
CA VAL Q 124 17.17 19.09 -53.18
C VAL Q 124 17.52 19.03 -54.66
N ARG Q 125 18.81 19.18 -54.95
CA ARG Q 125 19.35 18.89 -56.26
C ARG Q 125 19.98 17.50 -56.21
N PRO Q 126 20.08 16.81 -57.37
CA PRO Q 126 20.70 15.48 -57.39
C PRO Q 126 22.20 15.56 -57.11
N PHE Q 127 22.80 14.42 -56.76
CA PHE Q 127 24.25 14.33 -56.58
C PHE Q 127 24.95 14.45 -57.94
N GLY Q 128 25.99 15.26 -57.99
CA GLY Q 128 26.81 15.39 -59.19
C GLY Q 128 27.93 14.38 -59.16
N VAL Q 129 27.56 13.11 -58.97
CA VAL Q 129 28.51 12.04 -58.71
C VAL Q 129 28.06 10.73 -59.36
N SER Q 130 28.98 10.11 -60.10
CA SER Q 130 28.83 8.72 -60.49
C SER Q 130 29.86 7.91 -59.72
N THR Q 131 29.47 6.72 -59.28
CA THR Q 131 30.36 5.89 -58.48
C THR Q 131 30.75 4.60 -59.19
N LEU Q 132 31.98 4.14 -58.92
CA LEU Q 132 32.39 2.78 -59.21
C LEU Q 132 32.49 2.04 -57.89
N ILE Q 133 31.74 0.95 -57.77
CA ILE Q 133 31.72 0.14 -56.54
C ILE Q 133 32.25 -1.24 -56.86
N ALA Q 134 33.31 -1.64 -56.17
CA ALA Q 134 34.00 -2.90 -56.43
C ALA Q 134 34.33 -3.66 -55.15
N GLY Q 135 34.41 -4.98 -55.25
CA GLY Q 135 34.75 -5.83 -54.11
C GLY Q 135 34.36 -7.27 -54.28
N PHE Q 136 34.31 -8.00 -53.16
CA PHE Q 136 33.96 -9.41 -53.15
C PHE Q 136 32.90 -9.70 -52.08
N ASP Q 137 31.87 -10.45 -52.48
CA ASP Q 137 30.82 -10.89 -51.55
C ASP Q 137 31.41 -11.83 -50.50
N PRO Q 138 30.88 -11.79 -49.25
CA PRO Q 138 31.41 -12.64 -48.18
C PRO Q 138 31.43 -14.11 -48.55
N ARG Q 139 32.54 -14.79 -48.21
CA ARG Q 139 32.76 -16.20 -48.53
C ARG Q 139 32.94 -16.48 -50.03
N ASP Q 140 32.66 -15.47 -50.87
CA ASP Q 140 32.72 -15.61 -52.33
C ASP Q 140 34.07 -15.13 -52.88
N ASP Q 141 34.51 -15.76 -53.97
CA ASP Q 141 35.78 -15.42 -54.62
C ASP Q 141 35.62 -14.86 -56.04
N GLU Q 142 34.37 -14.61 -56.43
CA GLU Q 142 34.04 -14.03 -57.73
C GLU Q 142 34.06 -12.50 -57.67
N PRO Q 143 34.78 -11.86 -58.60
CA PRO Q 143 34.90 -10.39 -58.63
C PRO Q 143 33.59 -9.70 -59.00
N LYS Q 144 33.32 -8.56 -58.35
CA LYS Q 144 32.11 -7.79 -58.60
C LYS Q 144 32.48 -6.33 -58.88
N LEU Q 145 31.91 -5.78 -59.95
CA LEU Q 145 32.09 -4.36 -60.28
C LEU Q 145 30.78 -3.73 -60.72
N TYR Q 146 30.45 -2.60 -60.11
CA TYR Q 146 29.19 -1.90 -60.37
C TYR Q 146 29.40 -0.41 -60.57
N GLN Q 147 28.48 0.22 -61.30
CA GLN Q 147 28.48 1.65 -61.52
C GLN Q 147 27.12 2.24 -61.20
N THR Q 148 27.08 3.33 -60.45
CA THR Q 148 25.87 4.11 -60.28
C THR Q 148 26.03 5.49 -60.93
N GLU Q 149 24.91 6.11 -61.27
CA GLU Q 149 24.92 7.46 -61.85
C GLU Q 149 23.82 8.34 -61.23
N PRO Q 150 23.95 9.68 -61.34
CA PRO Q 150 23.03 10.64 -60.70
C PRO Q 150 21.53 10.33 -60.84
N SER Q 151 21.14 9.66 -61.91
CA SER Q 151 19.74 9.31 -62.15
C SER Q 151 19.22 8.27 -61.16
N GLY Q 152 20.13 7.45 -60.64
CA GLY Q 152 19.77 6.39 -59.71
C GLY Q 152 19.84 5.01 -60.34
N ILE Q 153 20.15 4.96 -61.63
CA ILE Q 153 20.33 3.70 -62.36
C ILE Q 153 21.68 3.07 -62.00
N TYR Q 154 21.66 1.77 -61.70
CA TYR Q 154 22.89 1.02 -61.42
C TYR Q 154 22.97 -0.23 -62.29
N SER Q 155 24.19 -0.67 -62.59
CA SER Q 155 24.44 -1.87 -63.37
C SER Q 155 25.87 -2.36 -63.20
N SER Q 156 26.09 -3.66 -63.45
CA SER Q 156 27.43 -4.24 -63.32
C SER Q 156 28.20 -4.19 -64.63
N TRP Q 157 29.52 -4.16 -64.52
CA TRP Q 157 30.41 -4.02 -65.67
C TRP Q 157 31.62 -4.94 -65.57
N SER Q 158 32.05 -5.49 -66.71
CA SER Q 158 33.32 -6.21 -66.80
C SER Q 158 34.44 -5.19 -66.65
N ALA Q 159 34.25 -4.03 -67.27
CA ALA Q 159 35.18 -2.91 -67.17
C ALA Q 159 34.41 -1.63 -67.43
N GLN Q 160 34.74 -0.57 -66.69
CA GLN Q 160 34.07 0.71 -66.85
C GLN Q 160 34.92 1.90 -66.43
N THR Q 161 34.64 3.04 -67.05
CA THR Q 161 35.29 4.31 -66.73
C THR Q 161 34.25 5.43 -66.63
N ILE Q 162 34.53 6.40 -65.75
CA ILE Q 162 33.67 7.57 -65.59
C ILE Q 162 34.53 8.82 -65.46
N GLY Q 163 33.97 9.98 -65.82
CA GLY Q 163 34.67 11.25 -65.68
C GLY Q 163 35.10 11.85 -67.00
N ARG Q 164 36.09 12.74 -66.95
CA ARG Q 164 36.60 13.42 -68.14
C ARG Q 164 37.36 12.47 -69.05
N ASN Q 165 37.13 12.63 -70.35
CA ASN Q 165 37.70 11.77 -71.39
C ASN Q 165 37.43 10.28 -71.17
N SER Q 166 36.32 9.97 -70.51
CA SER Q 166 35.93 8.58 -70.29
C SER Q 166 35.47 7.93 -71.58
N LYS Q 167 35.09 8.74 -72.56
CA LYS Q 167 34.70 8.25 -73.87
C LYS Q 167 35.90 7.64 -74.60
N THR Q 168 37.07 8.26 -74.41
CA THR Q 168 38.33 7.81 -75.02
C THR Q 168 38.84 6.51 -74.40
N VAL Q 169 38.77 6.41 -73.07
CA VAL Q 169 39.24 5.22 -72.36
C VAL Q 169 38.26 4.04 -72.44
N ARG Q 170 36.97 4.33 -72.53
CA ARG Q 170 35.97 3.28 -72.76
C ARG Q 170 36.16 2.67 -74.15
N GLU Q 171 36.48 3.52 -75.12
CA GLU Q 171 36.81 3.10 -76.48
C GLU Q 171 38.00 2.15 -76.48
N PHE Q 172 38.98 2.45 -75.62
CA PHE Q 172 40.17 1.61 -75.45
C PHE Q 172 39.81 0.25 -74.83
N LEU Q 173 39.03 0.28 -73.75
CA LEU Q 173 38.65 -0.94 -73.03
C LEU Q 173 37.73 -1.86 -73.83
N GLU Q 174 36.97 -1.29 -74.75
CA GLU Q 174 36.05 -2.05 -75.59
C GLU Q 174 36.76 -2.98 -76.58
N LYS Q 175 37.99 -2.62 -76.96
CA LYS Q 175 38.77 -3.43 -77.89
C LYS Q 175 39.91 -4.22 -77.21
N ASN Q 176 40.26 -3.84 -75.99
CA ASN Q 176 41.37 -4.47 -75.26
C ASN Q 176 40.98 -5.47 -74.18
N TYR Q 177 39.71 -5.47 -73.79
CA TYR Q 177 39.22 -6.42 -72.78
C TYR Q 177 38.52 -7.60 -73.44
N ASP Q 178 39.09 -8.79 -73.27
CA ASP Q 178 38.50 -10.01 -73.78
C ASP Q 178 37.68 -10.68 -72.68
N ARG Q 179 36.36 -10.76 -72.91
CA ARG Q 179 35.43 -11.37 -71.96
C ARG Q 179 35.68 -12.88 -71.81
N LYS Q 180 36.06 -13.52 -72.91
CA LYS Q 180 36.39 -14.96 -72.90
C LYS Q 180 37.47 -15.23 -71.87
N GLU Q 181 38.61 -14.54 -71.99
CA GLU Q 181 39.71 -14.68 -71.04
C GLU Q 181 40.06 -13.34 -70.37
N PRO Q 182 39.50 -13.10 -69.18
CA PRO Q 182 39.87 -11.95 -68.36
C PRO Q 182 41.32 -12.06 -67.89
N PRO Q 183 41.94 -10.93 -67.49
CA PRO Q 183 43.30 -10.98 -66.92
C PRO Q 183 43.40 -12.00 -65.79
N ALA Q 184 44.20 -13.05 -66.02
CA ALA Q 184 44.32 -14.16 -65.07
C ALA Q 184 45.07 -13.78 -63.80
N THR Q 185 46.04 -12.87 -63.93
CA THR Q 185 46.86 -12.45 -62.80
C THR Q 185 46.46 -11.07 -62.32
N VAL Q 186 46.80 -10.79 -61.05
CA VAL Q 186 46.72 -9.46 -60.48
C VAL Q 186 47.63 -8.50 -61.27
N GLU Q 187 48.81 -9.00 -61.61
CA GLU Q 187 49.83 -8.24 -62.34
C GLU Q 187 49.31 -7.71 -63.69
N GLU Q 188 48.77 -8.61 -64.51
CA GLU Q 188 48.30 -8.24 -65.85
C GLU Q 188 47.00 -7.43 -65.83
N CYS Q 189 46.27 -7.49 -64.71
CA CYS Q 189 45.06 -6.70 -64.52
C CYS Q 189 45.41 -5.25 -64.19
N VAL Q 190 46.47 -5.05 -63.41
CA VAL Q 190 46.98 -3.71 -63.11
C VAL Q 190 47.61 -3.08 -64.35
N LYS Q 191 48.24 -3.93 -65.18
CA LYS Q 191 48.85 -3.49 -66.44
C LYS Q 191 47.83 -2.87 -67.38
N LEU Q 192 46.65 -3.49 -67.49
CA LEU Q 192 45.57 -3.00 -68.35
C LEU Q 192 44.94 -1.70 -67.85
N THR Q 193 44.93 -1.53 -66.52
CA THR Q 193 44.35 -0.35 -65.88
C THR Q 193 45.20 0.90 -66.13
N VAL Q 194 46.52 0.75 -66.05
CA VAL Q 194 47.45 1.85 -66.27
C VAL Q 194 47.48 2.25 -67.76
N ARG Q 195 47.49 1.24 -68.63
CA ARG Q 195 47.46 1.46 -70.09
C ARG Q 195 46.29 2.34 -70.54
N SER Q 196 45.12 2.09 -69.96
CA SER Q 196 43.91 2.81 -70.31
C SER Q 196 43.89 4.25 -69.77
N LEU Q 197 44.49 4.45 -68.60
CA LEU Q 197 44.60 5.79 -68.01
C LEU Q 197 45.64 6.66 -68.72
N LEU Q 198 46.70 6.02 -69.21
CA LEU Q 198 47.79 6.72 -69.91
C LEU Q 198 47.34 7.31 -71.25
N GLU Q 199 46.13 6.95 -71.69
CA GLU Q 199 45.51 7.54 -72.88
C GLU Q 199 45.02 8.96 -72.58
N VAL Q 200 44.71 9.22 -71.31
CA VAL Q 200 44.10 10.47 -70.87
C VAL Q 200 45.06 11.32 -70.02
N VAL Q 201 45.85 10.66 -69.18
CA VAL Q 201 46.59 11.32 -68.09
C VAL Q 201 47.85 12.11 -68.50
N GLN Q 202 48.70 11.51 -69.32
CA GLN Q 202 50.03 12.05 -69.67
C GLN Q 202 51.14 11.41 -68.82
N THR Q 203 52.39 11.60 -69.25
CA THR Q 203 53.56 11.03 -68.55
C THR Q 203 53.62 11.49 -67.09
N GLY Q 204 53.15 10.63 -66.19
CA GLY Q 204 53.11 10.97 -64.77
C GLY Q 204 53.10 9.77 -63.84
N ALA Q 205 54.12 9.70 -62.98
CA ALA Q 205 54.16 8.71 -61.89
C ALA Q 205 53.02 8.98 -60.91
N LYS Q 206 53.03 10.18 -60.32
CA LYS Q 206 51.85 10.73 -59.67
C LYS Q 206 50.97 11.26 -60.80
N ASN Q 207 49.66 11.34 -60.57
CA ASN Q 207 48.64 11.55 -61.61
C ASN Q 207 47.86 10.27 -61.84
N ILE Q 208 48.44 9.14 -61.44
CA ILE Q 208 47.77 7.84 -61.48
C ILE Q 208 47.94 7.13 -60.14
N GLU Q 209 46.81 6.82 -59.51
CA GLU Q 209 46.80 5.99 -58.29
C GLU Q 209 46.01 4.70 -58.52
N ILE Q 210 46.51 3.60 -57.96
CA ILE Q 210 45.90 2.29 -58.14
C ILE Q 210 45.56 1.67 -56.78
N THR Q 211 44.42 0.95 -56.73
CA THR Q 211 44.01 0.21 -55.55
C THR Q 211 43.52 -1.18 -55.97
N VAL Q 212 44.11 -2.21 -55.38
CA VAL Q 212 43.79 -3.60 -55.73
C VAL Q 212 43.03 -4.31 -54.61
N VAL Q 213 41.81 -4.73 -54.91
CA VAL Q 213 40.99 -5.49 -53.97
C VAL Q 213 40.98 -6.98 -54.35
N LYS Q 214 41.36 -7.82 -53.39
CA LYS Q 214 41.37 -9.28 -53.54
C LYS Q 214 40.34 -9.87 -52.56
N PRO Q 215 39.93 -11.15 -52.76
CA PRO Q 215 38.93 -11.77 -51.90
C PRO Q 215 39.30 -11.78 -50.41
N ASP Q 216 38.30 -11.93 -49.55
CA ASP Q 216 38.48 -11.97 -48.09
C ASP Q 216 39.20 -10.73 -47.53
N SER Q 217 38.70 -9.56 -47.92
CA SER Q 217 39.13 -8.26 -47.37
C SER Q 217 40.62 -7.96 -47.54
N ASP Q 218 41.18 -8.31 -48.70
CA ASP Q 218 42.59 -8.05 -48.99
C ASP Q 218 42.75 -6.86 -49.95
N ILE Q 219 42.74 -5.65 -49.40
CA ILE Q 219 42.82 -4.42 -50.18
C ILE Q 219 44.12 -3.67 -49.92
N VAL Q 220 44.85 -3.39 -51.00
CA VAL Q 220 46.15 -2.71 -50.91
C VAL Q 220 46.28 -1.57 -51.93
N ALA Q 221 46.72 -0.41 -51.45
CA ALA Q 221 46.97 0.75 -52.31
C ALA Q 221 48.44 0.80 -52.70
N LEU Q 222 48.70 0.84 -54.00
CA LEU Q 222 50.07 0.81 -54.55
C LEU Q 222 50.81 2.13 -54.33
N SER Q 223 52.12 2.02 -54.08
CA SER Q 223 52.98 3.18 -53.91
C SER Q 223 53.30 3.82 -55.26
N SER Q 224 53.89 5.02 -55.23
CA SER Q 224 54.30 5.72 -56.44
C SER Q 224 55.26 4.89 -57.29
N GLU Q 225 56.24 4.27 -56.65
CA GLU Q 225 57.28 3.47 -57.32
C GLU Q 225 56.73 2.24 -58.04
N GLU Q 226 55.78 1.56 -57.40
CA GLU Q 226 55.15 0.37 -57.98
C GLU Q 226 54.38 0.70 -59.26
N ILE Q 227 53.58 1.77 -59.20
CA ILE Q 227 52.83 2.26 -60.36
C ILE Q 227 53.81 2.75 -61.43
N ASN Q 228 54.89 3.41 -60.99
CA ASN Q 228 55.92 3.93 -61.89
C ASN Q 228 56.66 2.83 -62.67
N GLN Q 229 56.74 1.64 -62.08
CA GLN Q 229 57.35 0.49 -62.75
C GLN Q 229 56.49 -0.01 -63.91
N TYR Q 230 55.17 0.06 -63.75
CA TYR Q 230 54.24 -0.27 -64.83
C TYR Q 230 54.34 0.75 -65.96
N VAL Q 231 54.41 2.04 -65.59
CA VAL Q 231 54.55 3.14 -66.55
C VAL Q 231 55.84 3.01 -67.36
N THR Q 232 56.95 2.68 -66.70
CA THR Q 232 58.25 2.52 -67.34
C THR Q 232 58.27 1.31 -68.28
N GLN Q 233 57.51 0.27 -67.95
CA GLN Q 233 57.46 -0.96 -68.75
C GLN Q 233 56.53 -0.83 -69.95
N ILE Q 234 55.40 -0.13 -69.77
CA ILE Q 234 54.41 0.07 -70.83
C ILE Q 234 54.94 0.96 -71.96
N GLU Q 235 55.66 2.03 -71.58
CA GLU Q 235 56.22 2.99 -72.53
C GLU Q 235 57.31 2.39 -73.44
N GLN Q 236 57.97 1.36 -72.93
CA GLN Q 236 59.02 0.67 -73.69
C GLN Q 236 58.47 -0.33 -74.70
N GLU Q 237 57.18 -0.65 -74.59
CA GLU Q 237 56.50 -1.54 -75.51
C GLU Q 237 56.18 -0.88 -76.85
N LYS Q 238 55.84 0.41 -76.80
CA LYS Q 238 55.50 1.20 -78.00
C LYS Q 238 56.69 1.35 -78.94
N GLN Q 239 57.87 1.54 -78.35
CA GLN Q 239 59.10 1.85 -79.08
C GLN Q 239 59.61 0.69 -79.95
N GLU Q 240 59.10 -0.53 -79.68
CA GLU Q 240 59.51 -1.72 -80.43
C GLU Q 240 59.08 -1.68 -81.89
N GLN Q 241 57.87 -1.15 -82.13
CA GLN Q 241 57.30 -1.06 -83.48
C GLN Q 241 57.94 0.05 -84.29
N ASP R 1 8.31 30.94 -63.36
CA ASP R 1 8.08 29.55 -63.84
C ASP R 1 6.56 29.25 -63.88
N ARG R 2 6.16 28.10 -63.32
CA ARG R 2 4.79 27.61 -63.38
C ARG R 2 4.65 26.37 -62.50
N GLY R 3 3.59 26.32 -61.71
CA GLY R 3 3.34 25.23 -60.75
C GLY R 3 3.48 23.82 -61.32
N VAL R 4 3.87 22.88 -60.47
CA VAL R 4 4.03 21.48 -60.88
C VAL R 4 2.72 20.86 -61.36
N SER R 5 1.80 20.61 -60.42
CA SER R 5 0.48 20.11 -60.76
C SER R 5 -0.37 21.25 -61.30
N THR R 6 -0.29 21.45 -62.61
CA THR R 6 -0.94 22.58 -63.30
C THR R 6 -1.61 22.10 -64.58
N PHE R 7 -2.78 22.66 -64.89
CA PHE R 7 -3.52 22.33 -66.10
C PHE R 7 -3.14 23.21 -67.29
N SER R 8 -2.96 22.57 -68.44
CA SER R 8 -2.80 23.26 -69.72
C SER R 8 -4.16 23.75 -70.20
N PRO R 9 -4.18 24.76 -71.10
CA PRO R 9 -5.46 25.23 -71.65
C PRO R 9 -6.29 24.12 -72.32
N GLU R 10 -5.64 23.01 -72.67
CA GLU R 10 -6.29 21.87 -73.30
C GLU R 10 -6.87 20.89 -72.28
N GLY R 11 -6.62 21.17 -71.01
CA GLY R 11 -7.16 20.36 -69.91
C GLY R 11 -6.33 19.15 -69.52
N ARG R 12 -5.01 19.28 -69.64
CA ARG R 12 -4.08 18.23 -69.25
C ARG R 12 -3.00 18.75 -68.32
N LEU R 13 -2.51 17.86 -67.45
CA LEU R 13 -1.44 18.21 -66.52
C LEU R 13 -0.09 18.14 -67.21
N PHE R 14 0.57 19.30 -67.32
CA PHE R 14 1.86 19.43 -67.99
C PHE R 14 2.84 18.31 -67.62
N GLN R 15 3.13 18.19 -66.32
CA GLN R 15 4.13 17.25 -65.81
C GLN R 15 3.83 15.80 -66.18
N VAL R 16 2.56 15.42 -66.13
CA VAL R 16 2.14 14.06 -66.50
C VAL R 16 2.38 13.79 -67.99
N GLU R 17 2.02 14.75 -68.84
CA GLU R 17 2.20 14.63 -70.29
C GLU R 17 3.68 14.68 -70.68
N TYR R 18 4.46 15.50 -69.97
CA TYR R 18 5.91 15.58 -70.18
C TYR R 18 6.60 14.29 -69.73
N SER R 19 6.03 13.66 -68.70
CA SER R 19 6.51 12.38 -68.21
C SER R 19 6.24 11.25 -69.19
N LEU R 20 5.12 11.35 -69.91
CA LEU R 20 4.76 10.40 -70.98
C LEU R 20 5.79 10.39 -72.11
N GLU R 21 6.46 11.53 -72.29
CA GLU R 21 7.49 11.67 -73.31
C GLU R 21 8.79 10.99 -72.90
N ALA R 22 9.02 10.92 -71.59
CA ALA R 22 10.19 10.23 -71.04
C ALA R 22 10.06 8.72 -71.21
N ILE R 23 8.82 8.23 -71.13
CA ILE R 23 8.53 6.82 -71.28
C ILE R 23 8.77 6.36 -72.72
N LYS R 24 8.38 7.19 -73.68
CA LYS R 24 8.57 6.88 -75.10
C LYS R 24 10.04 6.73 -75.48
N LEU R 25 10.93 7.24 -74.63
CA LEU R 25 12.37 7.12 -74.85
C LEU R 25 12.96 5.86 -74.23
N GLY R 26 12.16 5.16 -73.43
CA GLY R 26 12.61 3.95 -72.74
C GLY R 26 12.71 2.73 -73.65
N SER R 27 13.15 1.62 -73.07
CA SER R 27 13.22 0.35 -73.79
C SER R 27 11.86 -0.32 -73.87
N THR R 28 11.61 -1.00 -74.97
CA THR R 28 10.30 -1.60 -75.24
C THR R 28 9.97 -2.76 -74.30
N ALA R 29 8.71 -2.81 -73.88
CA ALA R 29 8.17 -3.89 -73.05
C ALA R 29 6.81 -4.33 -73.59
N ILE R 30 6.64 -5.64 -73.75
CA ILE R 30 5.43 -6.21 -74.36
C ILE R 30 4.76 -7.24 -73.45
N GLY R 31 3.44 -7.19 -73.38
CA GLY R 31 2.65 -8.20 -72.67
C GLY R 31 1.58 -8.83 -73.53
N ILE R 32 1.29 -10.10 -73.28
CA ILE R 32 0.17 -10.80 -73.93
C ILE R 32 -0.56 -11.68 -72.91
N ALA R 33 -1.88 -11.55 -72.86
CA ALA R 33 -2.72 -12.40 -72.00
C ALA R 33 -3.39 -13.51 -72.79
N THR R 34 -3.30 -14.73 -72.26
CA THR R 34 -4.00 -15.89 -72.81
C THR R 34 -4.69 -16.64 -71.67
N LYS R 35 -5.42 -17.71 -72.01
CA LYS R 35 -6.09 -18.53 -71.01
C LYS R 35 -5.16 -19.56 -70.39
N GLU R 36 -3.94 -19.65 -70.93
CA GLU R 36 -2.91 -20.55 -70.40
C GLU R 36 -1.83 -19.81 -69.60
N GLY R 37 -1.95 -18.48 -69.51
CA GLY R 37 -1.00 -17.64 -68.78
C GLY R 37 -0.73 -16.29 -69.44
N VAL R 38 -0.06 -15.40 -68.71
CA VAL R 38 0.34 -14.10 -69.25
C VAL R 38 1.86 -14.10 -69.50
N VAL R 39 2.28 -13.47 -70.60
CA VAL R 39 3.69 -13.43 -70.97
C VAL R 39 4.21 -12.00 -70.98
N LEU R 40 5.37 -11.80 -70.35
CA LEU R 40 6.07 -10.52 -70.35
C LEU R 40 7.41 -10.64 -71.07
N GLY R 41 7.73 -9.64 -71.88
CA GLY R 41 9.02 -9.58 -72.59
C GLY R 41 9.59 -8.17 -72.59
N VAL R 42 10.91 -8.07 -72.44
CA VAL R 42 11.59 -6.77 -72.46
C VAL R 42 12.87 -6.76 -73.31
N GLU R 43 13.24 -5.56 -73.77
CA GLU R 43 14.50 -5.32 -74.44
C GLU R 43 15.52 -4.82 -73.43
N LYS R 44 16.68 -5.48 -73.36
CA LYS R 44 17.74 -5.09 -72.43
C LYS R 44 18.33 -3.71 -72.76
N ARG R 45 18.74 -3.51 -74.01
CA ARG R 45 19.35 -2.27 -74.49
C ARG R 45 20.50 -1.76 -73.60
N ALA R 46 21.65 -2.42 -73.70
CA ALA R 46 22.85 -2.03 -72.97
C ALA R 46 23.60 -0.92 -73.69
N THR R 47 24.08 0.07 -72.93
CA THR R 47 24.76 1.24 -73.50
C THR R 47 26.13 0.90 -74.10
N SER R 48 26.80 -0.11 -73.53
CA SER R 48 28.12 -0.54 -73.99
C SER R 48 28.23 -2.07 -73.93
N PRO R 49 29.00 -2.69 -74.85
CA PRO R 49 29.23 -4.14 -74.82
C PRO R 49 29.88 -4.66 -73.53
N LEU R 50 30.56 -3.78 -72.79
CA LEU R 50 31.22 -4.15 -71.53
C LEU R 50 30.23 -4.30 -70.36
N LEU R 51 28.99 -3.87 -70.58
CA LEU R 51 27.91 -4.02 -69.61
C LEU R 51 27.49 -5.49 -69.52
N GLU R 52 27.50 -6.04 -68.32
CA GLU R 52 27.05 -7.41 -68.09
C GLU R 52 25.53 -7.49 -68.19
N SER R 53 25.06 -8.09 -69.28
CA SER R 53 23.66 -8.05 -69.68
C SER R 53 22.66 -8.52 -68.61
N ASP R 54 22.97 -9.64 -67.96
CA ASP R 54 22.04 -10.24 -66.99
C ASP R 54 21.96 -9.50 -65.65
N SER R 55 22.56 -8.32 -65.57
CA SER R 55 22.37 -7.43 -64.43
C SER R 55 21.22 -6.46 -64.69
N ILE R 56 20.82 -6.33 -65.95
CA ILE R 56 19.67 -5.52 -66.31
C ILE R 56 18.38 -6.23 -65.87
N GLU R 57 17.84 -5.76 -64.75
CA GLU R 57 16.64 -6.34 -64.17
C GLU R 57 15.43 -5.45 -64.48
N LYS R 58 14.76 -5.75 -65.59
CA LYS R 58 13.59 -4.97 -66.01
C LYS R 58 12.30 -5.79 -65.93
N ILE R 59 12.43 -7.04 -65.50
CA ILE R 59 11.29 -7.87 -65.11
C ILE R 59 11.46 -8.22 -63.63
N VAL R 60 10.47 -7.87 -62.81
CA VAL R 60 10.56 -8.16 -61.37
C VAL R 60 9.33 -8.87 -60.82
N GLU R 61 9.56 -9.78 -59.87
CA GLU R 61 8.48 -10.47 -59.16
C GLU R 61 7.87 -9.57 -58.11
N ILE R 62 6.54 -9.50 -58.10
CA ILE R 62 5.81 -8.77 -57.06
C ILE R 62 5.38 -9.77 -55.97
N ASP R 63 4.57 -10.74 -56.35
CA ASP R 63 4.27 -11.90 -55.50
C ASP R 63 4.32 -13.14 -56.41
N ARG R 64 4.10 -14.33 -55.83
CA ARG R 64 4.18 -15.57 -56.59
C ARG R 64 3.19 -15.60 -57.77
N HIS R 65 2.15 -14.77 -57.70
CA HIS R 65 1.11 -14.74 -58.71
C HIS R 65 1.07 -13.44 -59.52
N ILE R 66 1.98 -12.50 -59.21
CA ILE R 66 2.04 -11.20 -59.90
C ILE R 66 3.46 -10.83 -60.34
N GLY R 67 3.60 -10.49 -61.62
CA GLY R 67 4.87 -10.04 -62.19
C GLY R 67 4.77 -8.64 -62.77
N CYS R 68 5.92 -8.05 -63.09
CA CYS R 68 5.98 -6.64 -63.52
C CYS R 68 7.05 -6.38 -64.57
N ALA R 69 6.68 -5.60 -65.59
CA ALA R 69 7.63 -5.11 -66.60
C ALA R 69 7.66 -3.58 -66.62
N MET R 70 8.83 -3.01 -66.84
CA MET R 70 9.02 -1.56 -66.77
C MET R 70 9.62 -0.95 -68.04
N SER R 71 9.34 0.32 -68.26
CA SER R 71 9.83 1.04 -69.43
C SER R 71 9.92 2.55 -69.15
N GLY R 72 11.07 3.13 -69.43
CA GLY R 72 11.32 4.55 -69.20
C GLY R 72 12.46 4.74 -68.22
N LEU R 73 12.29 5.69 -67.30
CA LEU R 73 13.25 5.88 -66.21
C LEU R 73 13.09 4.76 -65.18
N THR R 74 13.84 3.68 -65.39
CA THR R 74 13.70 2.44 -64.61
C THR R 74 14.08 2.59 -63.13
N ALA R 75 14.89 3.60 -62.80
CA ALA R 75 15.27 3.89 -61.42
C ALA R 75 14.07 4.32 -60.57
N ASP R 76 13.10 5.00 -61.21
CA ASP R 76 11.88 5.43 -60.55
C ASP R 76 10.96 4.27 -60.17
N ALA R 77 11.20 3.11 -60.77
CA ALA R 77 10.36 1.94 -60.54
C ALA R 77 10.64 1.25 -59.19
N ARG R 78 11.82 1.50 -58.62
CA ARG R 78 12.24 0.83 -57.39
C ARG R 78 11.29 1.04 -56.22
N SER R 79 10.84 2.28 -56.02
CA SER R 79 9.90 2.57 -54.93
C SER R 79 8.47 2.14 -55.28
N MET R 80 8.18 2.05 -56.57
CA MET R 80 6.90 1.50 -57.03
C MET R 80 6.83 0.00 -56.77
N ILE R 81 7.93 -0.71 -57.08
CA ILE R 81 8.02 -2.15 -56.86
C ILE R 81 8.03 -2.48 -55.37
N GLU R 82 8.69 -1.62 -54.59
CA GLU R 82 8.72 -1.75 -53.13
C GLU R 82 7.31 -1.61 -52.54
N HIS R 83 6.57 -0.62 -53.01
CA HIS R 83 5.18 -0.44 -52.57
C HIS R 83 4.28 -1.58 -53.04
N ALA R 84 4.49 -2.06 -54.26
CA ALA R 84 3.71 -3.20 -54.79
C ALA R 84 3.92 -4.45 -53.95
N ARG R 85 5.17 -4.71 -53.59
CA ARG R 85 5.54 -5.89 -52.80
C ARG R 85 4.98 -5.83 -51.37
N THR R 86 5.15 -4.67 -50.73
CA THR R 86 4.63 -4.45 -49.38
C THR R 86 3.10 -4.59 -49.35
N ALA R 87 2.43 -4.05 -50.36
CA ALA R 87 0.97 -4.11 -50.47
C ALA R 87 0.47 -5.54 -50.59
N ALA R 88 1.12 -6.32 -51.47
CA ALA R 88 0.76 -7.71 -51.71
C ALA R 88 0.92 -8.57 -50.47
N VAL R 89 2.05 -8.41 -49.77
CA VAL R 89 2.37 -9.19 -48.58
C VAL R 89 1.46 -8.81 -47.42
N THR R 90 1.21 -7.51 -47.27
CA THR R 90 0.33 -6.99 -46.21
C THR R 90 -1.09 -7.53 -46.36
N HIS R 91 -1.56 -7.60 -47.60
CA HIS R 91 -2.88 -8.17 -47.86
C HIS R 91 -2.95 -9.61 -47.35
N ASN R 92 -1.94 -10.40 -47.69
CA ASN R 92 -1.84 -11.77 -47.19
C ASN R 92 -1.76 -11.88 -45.67
N LEU R 93 -1.03 -10.97 -45.04
CA LEU R 93 -0.96 -10.94 -43.57
C LEU R 93 -2.31 -10.58 -42.95
N TYR R 94 -3.01 -9.64 -43.58
CA TYR R 94 -4.27 -9.12 -43.07
C TYR R 94 -5.47 -10.02 -43.38
N TYR R 95 -5.39 -10.77 -44.48
CA TYR R 95 -6.55 -11.52 -44.98
C TYR R 95 -6.29 -13.01 -45.30
N ASP R 96 -5.09 -13.49 -45.03
CA ASP R 96 -4.75 -14.92 -45.25
C ASP R 96 -5.12 -15.40 -46.66
N GLU R 97 -4.81 -14.58 -47.67
CA GLU R 97 -5.13 -14.89 -49.06
C GLU R 97 -4.24 -14.09 -50.02
N ASP R 98 -4.35 -14.38 -51.31
CA ASP R 98 -3.64 -13.64 -52.35
C ASP R 98 -4.37 -12.35 -52.68
N ILE R 99 -3.60 -11.27 -52.80
CA ILE R 99 -4.12 -9.99 -53.29
C ILE R 99 -4.58 -10.14 -54.75
N ASN R 100 -5.75 -9.57 -55.05
CA ASN R 100 -6.24 -9.53 -56.42
C ASN R 100 -5.42 -8.57 -57.28
N VAL R 101 -4.96 -9.05 -58.43
CA VAL R 101 -4.16 -8.24 -59.38
C VAL R 101 -4.74 -6.84 -59.60
N GLU R 102 -6.06 -6.77 -59.77
CA GLU R 102 -6.77 -5.52 -60.01
C GLU R 102 -6.70 -4.56 -58.82
N SER R 103 -6.62 -5.13 -57.61
CA SER R 103 -6.49 -4.36 -56.38
C SER R 103 -5.04 -3.97 -56.10
N LEU R 104 -4.10 -4.77 -56.61
CA LEU R 104 -2.68 -4.47 -56.48
C LEU R 104 -2.29 -3.29 -57.39
N THR R 105 -2.76 -3.33 -58.64
CA THR R 105 -2.51 -2.26 -59.60
C THR R 105 -3.09 -0.93 -59.12
N GLN R 106 -4.33 -0.98 -58.65
CA GLN R 106 -5.02 0.19 -58.08
C GLN R 106 -4.22 0.85 -56.95
N SER R 107 -3.54 0.03 -56.15
CA SER R 107 -2.72 0.50 -55.03
C SER R 107 -1.45 1.21 -55.51
N VAL R 108 -0.83 0.65 -56.55
CA VAL R 108 0.36 1.24 -57.19
C VAL R 108 0.02 2.60 -57.82
N CYS R 109 -1.15 2.68 -58.46
CA CYS R 109 -1.60 3.89 -59.15
C CYS R 109 -1.98 5.05 -58.22
N ASP R 110 -2.27 4.71 -56.97
CA ASP R 110 -2.55 5.72 -55.95
C ASP R 110 -1.33 6.59 -55.64
N LEU R 111 -0.14 6.03 -55.87
CA LEU R 111 1.12 6.75 -55.70
C LEU R 111 1.35 7.79 -56.78
N ALA R 112 0.87 7.50 -57.99
CA ALA R 112 1.19 8.26 -59.19
C ALA R 112 0.88 9.76 -59.15
N LEU R 113 -0.19 10.14 -58.45
CA LEU R 113 -0.56 11.56 -58.37
C LEU R 113 -0.12 12.25 -57.07
N ARG R 114 0.61 11.53 -56.23
CA ARG R 114 1.10 12.09 -54.96
C ARG R 114 2.29 13.04 -55.12
N PHE R 115 2.31 13.79 -56.23
CA PHE R 115 3.32 14.81 -56.45
C PHE R 115 2.72 16.22 -56.29
N GLY R 116 3.57 17.19 -55.98
CA GLY R 116 3.14 18.57 -55.79
C GLY R 116 4.12 19.43 -55.02
N GLU R 117 3.65 20.58 -54.53
CA GLU R 117 4.49 21.55 -53.84
C GLU R 117 3.74 22.22 -52.68
N GLY R 118 2.52 21.77 -52.42
CA GLY R 118 1.68 22.34 -51.37
C GLY R 118 0.83 21.32 -50.63
N ALA R 119 0.26 21.76 -49.50
CA ALA R 119 -0.56 20.89 -48.65
C ALA R 119 -2.03 21.33 -48.55
N SER R 120 -2.86 20.72 -49.40
CA SER R 120 -4.33 20.89 -49.35
C SER R 120 -5.04 19.60 -49.77
N GLY R 121 -5.60 18.90 -48.79
CA GLY R 121 -6.22 17.58 -48.99
C GLY R 121 -5.67 16.55 -48.00
N GLU R 122 -4.76 15.71 -48.49
CA GLU R 122 -4.05 14.75 -47.64
C GLU R 122 -2.62 15.27 -47.36
N GLU R 123 -1.61 14.56 -47.87
CA GLU R 123 -0.21 15.02 -47.85
C GLU R 123 0.58 14.30 -48.93
N ARG R 124 1.02 15.06 -49.94
CA ARG R 124 1.69 14.49 -51.12
C ARG R 124 3.15 14.97 -51.26
N LEU R 125 4.05 14.21 -50.65
CA LEU R 125 5.47 14.57 -50.65
C LEU R 125 6.22 13.88 -51.81
N MET R 126 6.31 14.60 -52.94
CA MET R 126 7.01 14.13 -54.13
C MET R 126 7.12 15.31 -55.11
N SER R 127 8.28 15.50 -55.72
CA SER R 127 8.53 16.68 -56.53
C SER R 127 8.02 16.57 -57.98
N ARG R 128 7.88 15.33 -58.45
CA ARG R 128 7.50 15.07 -59.85
C ARG R 128 6.82 13.70 -59.98
N PRO R 129 6.06 13.49 -61.08
CA PRO R 129 5.52 12.16 -61.37
C PRO R 129 6.63 11.15 -61.68
N PHE R 130 6.31 9.86 -61.65
CA PHE R 130 7.25 8.82 -62.04
C PHE R 130 7.50 8.89 -63.54
N GLY R 131 8.73 8.60 -63.97
CA GLY R 131 9.09 8.63 -65.38
C GLY R 131 9.11 7.24 -65.99
N VAL R 132 8.17 6.39 -65.56
CA VAL R 132 8.16 4.99 -65.94
C VAL R 132 6.74 4.45 -65.95
N ALA R 133 6.42 3.68 -66.99
CA ALA R 133 5.16 2.96 -67.05
C ALA R 133 5.41 1.51 -66.65
N LEU R 134 4.37 0.82 -66.18
CA LEU R 134 4.50 -0.58 -65.79
C LEU R 134 3.45 -1.46 -66.45
N LEU R 135 3.89 -2.62 -66.92
CA LEU R 135 2.99 -3.69 -67.32
C LEU R 135 2.91 -4.67 -66.17
N ILE R 136 1.72 -4.79 -65.57
CA ILE R 136 1.50 -5.67 -64.44
C ILE R 136 0.68 -6.89 -64.87
N ALA R 137 1.22 -8.08 -64.66
CA ALA R 137 0.61 -9.32 -65.11
C ALA R 137 0.47 -10.32 -63.97
N GLY R 138 -0.69 -10.97 -63.90
CA GLY R 138 -0.94 -11.93 -62.83
C GLY R 138 -2.15 -12.82 -63.01
N HIS R 139 -2.49 -13.54 -61.94
CA HIS R 139 -3.66 -14.41 -61.92
C HIS R 139 -4.30 -14.42 -60.53
N ASP R 140 -5.63 -14.37 -60.52
CA ASP R 140 -6.40 -14.63 -59.30
C ASP R 140 -7.65 -15.43 -59.64
N ALA R 141 -8.23 -16.08 -58.63
CA ALA R 141 -9.38 -16.96 -58.81
C ALA R 141 -10.60 -16.27 -59.44
N ASP R 142 -10.78 -14.99 -59.12
CA ASP R 142 -11.97 -14.22 -59.52
C ASP R 142 -12.00 -13.86 -61.00
N ASP R 143 -10.93 -13.24 -61.50
CA ASP R 143 -10.91 -12.71 -62.86
C ASP R 143 -9.87 -13.35 -63.80
N GLY R 144 -9.19 -14.39 -63.30
CA GLY R 144 -8.25 -15.17 -64.12
C GLY R 144 -6.96 -14.44 -64.46
N TYR R 145 -6.42 -14.74 -65.64
CA TYR R 145 -5.19 -14.10 -66.12
C TYR R 145 -5.46 -12.67 -66.60
N GLN R 146 -4.67 -11.72 -66.09
CA GLN R 146 -4.89 -10.29 -66.38
C GLN R 146 -3.60 -9.54 -66.69
N LEU R 147 -3.72 -8.55 -67.56
CA LEU R 147 -2.60 -7.68 -67.92
C LEU R 147 -3.00 -6.21 -67.79
N PHE R 148 -2.22 -5.46 -67.04
CA PHE R 148 -2.51 -4.05 -66.77
C PHE R 148 -1.38 -3.14 -67.22
N HIS R 149 -1.75 -1.94 -67.67
CA HIS R 149 -0.78 -0.91 -67.98
C HIS R 149 -1.01 0.25 -67.01
N ALA R 150 0.00 0.56 -66.21
CA ALA R 150 -0.11 1.58 -65.18
C ALA R 150 0.72 2.84 -65.49
N GLU R 151 0.02 3.90 -65.85
CA GLU R 151 0.65 5.16 -66.25
C GLU R 151 0.86 6.09 -65.05
N PRO R 152 1.83 7.02 -65.15
CA PRO R 152 2.09 8.01 -64.10
C PRO R 152 0.94 9.02 -63.91
N SER R 153 -0.07 8.94 -64.78
CA SER R 153 -1.27 9.76 -64.65
C SER R 153 -2.17 9.29 -63.50
N GLY R 154 -2.02 8.01 -63.13
CA GLY R 154 -2.82 7.42 -62.07
C GLY R 154 -3.89 6.49 -62.61
N THR R 155 -4.11 6.54 -63.91
CA THR R 155 -5.07 5.66 -64.57
C THR R 155 -4.41 4.37 -65.02
N PHE R 156 -5.15 3.27 -64.94
CA PHE R 156 -4.68 1.98 -65.42
C PHE R 156 -5.75 1.31 -66.28
N TYR R 157 -5.32 0.76 -67.40
CA TYR R 157 -6.21 0.04 -68.31
C TYR R 157 -5.82 -1.43 -68.30
N ARG R 158 -6.81 -2.31 -68.34
CA ARG R 158 -6.56 -3.73 -68.55
C ARG R 158 -6.43 -3.99 -70.05
N TYR R 159 -5.41 -4.75 -70.43
CA TYR R 159 -5.20 -5.10 -71.84
C TYR R 159 -5.20 -6.60 -72.06
N ASN R 160 -5.64 -7.00 -73.25
CA ASN R 160 -5.40 -8.36 -73.75
C ASN R 160 -3.96 -8.44 -74.23
N ALA R 161 -3.49 -7.36 -74.83
CA ALA R 161 -2.09 -7.21 -75.21
C ALA R 161 -1.71 -5.73 -75.23
N LYS R 162 -0.50 -5.43 -74.76
CA LYS R 162 -0.01 -4.06 -74.72
C LYS R 162 1.51 -4.01 -74.85
N ALA R 163 1.98 -2.98 -75.56
CA ALA R 163 3.40 -2.72 -75.71
C ALA R 163 3.71 -1.29 -75.31
N ILE R 164 4.81 -1.12 -74.57
CA ILE R 164 5.21 0.20 -74.07
C ILE R 164 6.69 0.49 -74.33
N GLY R 165 7.01 1.75 -74.58
CA GLY R 165 8.38 2.16 -74.86
C GLY R 165 8.60 2.74 -76.24
N SER R 166 9.84 2.74 -76.70
CA SER R 166 10.22 3.39 -77.95
C SER R 166 9.50 2.85 -79.19
N GLY R 167 9.37 1.53 -79.27
CA GLY R 167 8.74 0.91 -80.43
C GLY R 167 7.30 0.48 -80.19
N SER R 168 6.60 1.20 -79.31
CA SER R 168 5.26 0.79 -78.86
C SER R 168 4.14 0.97 -79.88
N GLU R 169 4.15 2.08 -80.63
CA GLU R 169 3.12 2.33 -81.65
C GLU R 169 3.20 1.34 -82.80
N GLY R 170 4.42 0.93 -83.15
CA GLY R 170 4.64 -0.12 -84.14
C GLY R 170 4.29 -1.49 -83.58
N ALA R 171 4.60 -1.68 -82.29
CA ALA R 171 4.33 -2.94 -81.61
C ALA R 171 2.83 -3.19 -81.36
N GLN R 172 2.10 -2.12 -81.03
CA GLN R 172 0.66 -2.23 -80.79
C GLN R 172 -0.12 -2.48 -82.08
N ALA R 173 0.37 -1.93 -83.19
CA ALA R 173 -0.21 -2.17 -84.50
C ALA R 173 -0.12 -3.63 -84.89
N GLU R 174 0.99 -4.27 -84.53
CA GLU R 174 1.22 -5.68 -84.85
C GLU R 174 0.46 -6.61 -83.90
N LEU R 175 0.33 -6.19 -82.64
CA LEU R 175 -0.41 -6.98 -81.65
C LEU R 175 -1.92 -7.03 -81.92
N LEU R 176 -2.42 -6.03 -82.66
CA LEU R 176 -3.83 -5.94 -83.02
C LEU R 176 -4.23 -7.04 -84.01
N ASN R 177 -3.37 -7.27 -85.02
CA ASN R 177 -3.63 -8.28 -86.04
C ASN R 177 -3.43 -9.72 -85.54
N GLU R 178 -2.50 -9.88 -84.59
CA GLU R 178 -2.02 -11.20 -84.17
C GLU R 178 -2.82 -11.84 -83.03
N TRP R 179 -3.33 -11.03 -82.11
CA TRP R 179 -4.01 -11.54 -80.92
C TRP R 179 -5.41 -12.09 -81.20
N HIS R 180 -5.70 -13.26 -80.64
CA HIS R 180 -7.05 -13.83 -80.62
C HIS R 180 -7.33 -14.54 -79.30
N SER R 181 -8.59 -14.90 -79.07
CA SER R 181 -9.05 -15.43 -77.78
C SER R 181 -8.51 -16.81 -77.38
N SER R 182 -8.09 -17.60 -78.37
CA SER R 182 -7.63 -18.97 -78.10
C SER R 182 -6.16 -19.22 -78.45
N LEU R 183 -5.31 -18.24 -78.13
CA LEU R 183 -3.86 -18.38 -78.25
C LEU R 183 -3.32 -19.27 -77.15
N THR R 184 -2.37 -20.14 -77.51
CA THR R 184 -1.68 -20.97 -76.53
C THR R 184 -0.51 -20.17 -75.96
N LEU R 185 0.03 -20.64 -74.83
CA LEU R 185 1.14 -19.96 -74.16
C LEU R 185 2.41 -19.93 -75.01
N LYS R 186 2.68 -21.03 -75.72
CA LYS R 186 3.85 -21.13 -76.60
C LYS R 186 3.79 -20.13 -77.75
N GLU R 187 2.60 -19.92 -78.30
CA GLU R 187 2.40 -18.96 -79.38
C GLU R 187 2.65 -17.53 -78.90
N ALA R 188 2.19 -17.24 -77.69
CA ALA R 188 2.38 -15.92 -77.07
C ALA R 188 3.87 -15.62 -76.82
N GLU R 189 4.64 -16.66 -76.50
CA GLU R 189 6.09 -16.55 -76.33
C GLU R 189 6.77 -16.16 -77.64
N LEU R 190 6.47 -16.91 -78.70
CA LEU R 190 7.04 -16.67 -80.03
C LEU R 190 6.60 -15.34 -80.61
N LEU R 191 5.38 -14.93 -80.29
CA LEU R 191 4.83 -13.66 -80.73
C LEU R 191 5.60 -12.49 -80.09
N VAL R 192 5.80 -12.57 -78.77
CA VAL R 192 6.58 -11.55 -78.04
C VAL R 192 7.97 -11.38 -78.66
N LEU R 193 8.63 -12.51 -78.93
CA LEU R 193 9.95 -12.51 -79.57
C LEU R 193 9.94 -11.91 -80.97
N LYS R 194 8.85 -12.14 -81.70
CA LYS R 194 8.71 -11.63 -83.07
C LYS R 194 8.59 -10.11 -83.10
N ILE R 195 7.75 -9.57 -82.22
CA ILE R 195 7.53 -8.11 -82.17
C ILE R 195 8.74 -7.37 -81.58
N LEU R 196 9.36 -7.94 -80.56
CA LEU R 196 10.59 -7.38 -80.00
C LEU R 196 11.70 -7.26 -81.04
N LYS R 197 11.89 -8.34 -81.83
CA LYS R 197 12.88 -8.38 -82.89
C LYS R 197 12.67 -7.26 -83.93
N GLN R 198 11.41 -7.03 -84.27
CA GLN R 198 11.02 -5.98 -85.22
C GLN R 198 11.34 -4.57 -84.76
N VAL R 199 10.95 -4.24 -83.53
CA VAL R 199 11.05 -2.86 -83.02
C VAL R 199 12.37 -2.51 -82.33
N MET R 200 13.20 -3.53 -82.06
CA MET R 200 14.52 -3.31 -81.47
C MET R 200 15.51 -2.73 -82.48
N GLU R 201 16.50 -1.99 -81.97
CA GLU R 201 17.58 -1.47 -82.79
C GLU R 201 18.63 -2.56 -83.07
N GLU R 202 18.81 -3.45 -82.09
CA GLU R 202 19.77 -4.54 -82.19
C GLU R 202 19.14 -5.82 -82.72
N LYS R 203 19.98 -6.72 -83.23
CA LYS R 203 19.52 -8.05 -83.63
C LYS R 203 19.25 -8.87 -82.38
N LEU R 204 17.99 -9.27 -82.20
CA LEU R 204 17.54 -9.95 -80.98
C LEU R 204 18.24 -11.29 -80.73
N ASP R 205 18.73 -11.46 -79.51
CA ASP R 205 19.30 -12.73 -79.04
C ASP R 205 19.03 -12.92 -77.54
N GLU R 206 19.54 -14.02 -76.98
CA GLU R 206 19.28 -14.39 -75.59
C GLU R 206 19.88 -13.44 -74.55
N ASN R 207 20.78 -12.56 -74.99
CA ASN R 207 21.48 -11.64 -74.08
C ASN R 207 20.82 -10.26 -73.97
N ASN R 208 20.29 -9.75 -75.08
CA ASN R 208 19.64 -8.44 -75.08
C ASN R 208 18.12 -8.50 -75.02
N ALA R 209 17.59 -9.66 -74.66
CA ALA R 209 16.15 -9.88 -74.57
C ALA R 209 15.81 -10.88 -73.47
N GLN R 210 14.81 -10.55 -72.66
CA GLN R 210 14.42 -11.37 -71.53
C GLN R 210 12.94 -11.70 -71.57
N LEU R 211 12.61 -12.97 -71.30
CA LEU R 211 11.23 -13.42 -71.25
C LEU R 211 10.84 -13.87 -69.84
N SER R 212 9.54 -13.84 -69.56
CA SER R 212 8.98 -14.30 -68.30
C SER R 212 7.49 -14.55 -68.48
N CYS R 213 6.95 -15.47 -67.69
CA CYS R 213 5.51 -15.75 -67.71
C CYS R 213 4.96 -15.95 -66.32
N ILE R 214 3.63 -15.98 -66.23
CA ILE R 214 2.93 -16.28 -64.98
C ILE R 214 1.77 -17.22 -65.25
N THR R 215 1.78 -18.36 -64.55
CA THR R 215 0.74 -19.37 -64.66
C THR R 215 0.17 -19.71 -63.28
N LYS R 216 -1.04 -20.28 -63.28
CA LYS R 216 -1.70 -20.72 -62.05
C LYS R 216 -0.87 -21.79 -61.32
N GLN R 217 -0.32 -22.72 -62.09
CA GLN R 217 0.44 -23.85 -61.54
C GLN R 217 1.80 -23.43 -60.97
N ASP R 218 2.62 -22.77 -61.79
CA ASP R 218 4.02 -22.53 -61.45
C ASP R 218 4.32 -21.12 -60.95
N GLY R 219 3.31 -20.25 -61.02
CA GLY R 219 3.47 -18.86 -60.61
C GLY R 219 4.27 -18.05 -61.61
N PHE R 220 5.01 -17.07 -61.09
CA PHE R 220 5.80 -16.17 -61.92
C PHE R 220 7.26 -16.61 -62.00
N LYS R 221 7.72 -16.93 -63.21
CA LYS R 221 9.10 -17.37 -63.45
C LYS R 221 9.76 -16.59 -64.58
N ILE R 222 10.96 -16.09 -64.33
CA ILE R 222 11.78 -15.48 -65.38
C ILE R 222 12.56 -16.56 -66.12
N TYR R 223 12.42 -16.57 -67.44
CA TYR R 223 13.08 -17.54 -68.31
C TYR R 223 14.58 -17.29 -68.33
N ASP R 224 15.36 -18.37 -68.19
CA ASP R 224 16.82 -18.27 -68.25
C ASP R 224 17.30 -18.14 -69.69
N ASN R 225 18.56 -17.73 -69.85
CA ASN R 225 19.11 -17.43 -71.18
C ASN R 225 19.32 -18.63 -72.10
N GLU R 226 19.12 -19.83 -71.57
CA GLU R 226 19.15 -21.05 -72.39
C GLU R 226 17.76 -21.36 -72.96
N LYS R 227 16.73 -21.15 -72.15
CA LYS R 227 15.35 -21.42 -72.54
C LYS R 227 14.85 -20.43 -73.60
N THR R 228 15.31 -19.19 -73.50
CA THR R 228 14.95 -18.13 -74.46
C THR R 228 15.66 -18.36 -75.81
N ALA R 229 16.93 -18.74 -75.74
CA ALA R 229 17.75 -19.00 -76.93
C ALA R 229 17.12 -20.07 -77.83
N GLU R 230 16.46 -21.04 -77.22
CA GLU R 230 15.78 -22.12 -77.94
C GLU R 230 14.53 -21.62 -78.67
N LEU R 231 13.82 -20.70 -78.02
CA LEU R 231 12.60 -20.13 -78.59
C LEU R 231 12.91 -19.20 -79.77
N ILE R 232 14.04 -18.50 -79.69
CA ILE R 232 14.54 -17.66 -80.79
C ILE R 232 14.95 -18.54 -81.97
N LYS R 233 15.59 -19.67 -81.66
CA LYS R 233 15.97 -20.68 -82.64
C LYS R 233 14.74 -21.32 -83.25
N GLU R 234 13.67 -21.42 -82.46
CA GLU R 234 12.39 -21.99 -82.92
C GLU R 234 11.61 -21.01 -83.79
N LEU R 235 11.71 -19.72 -83.45
CA LEU R 235 11.03 -18.66 -84.17
C LEU R 235 11.66 -18.40 -85.54
N LYS R 236 12.99 -18.45 -85.59
CA LYS R 236 13.73 -18.28 -86.85
C LYS R 236 13.35 -19.35 -87.87
N GLU R 237 13.18 -20.58 -87.40
CA GLU R 237 12.88 -21.74 -88.25
C GLU R 237 11.46 -21.74 -88.79
N LYS R 238 10.53 -21.16 -88.02
CA LYS R 238 9.14 -21.06 -88.45
C LYS R 238 8.91 -19.92 -89.44
N GLU R 239 9.62 -18.81 -89.25
CA GLU R 239 9.54 -17.68 -90.18
C GLU R 239 10.27 -17.94 -91.50
N ALA R 240 11.29 -18.78 -91.46
CA ALA R 240 11.99 -19.23 -92.66
C ALA R 240 11.05 -20.03 -93.57
N ALA R 241 10.12 -20.75 -92.95
CA ALA R 241 9.09 -21.48 -93.69
C ALA R 241 7.95 -20.53 -94.08
N GLU R 242 7.48 -20.68 -95.31
CA GLU R 242 6.47 -19.80 -95.91
C GLU R 242 6.80 -18.32 -95.78
N PHE S 1 -2.83 38.41 -73.95
CA PHE S 1 -3.80 37.86 -72.95
C PHE S 1 -3.45 36.41 -72.56
N ARG S 2 -4.21 35.86 -71.62
CA ARG S 2 -4.07 34.48 -71.11
C ARG S 2 -2.78 34.26 -70.32
N ASN S 3 -1.65 34.42 -71.01
CA ASN S 3 -0.30 34.18 -70.48
C ASN S 3 -0.14 34.28 -68.97
N ASN S 4 -0.30 35.50 -68.47
CA ASN S 4 -0.07 35.80 -67.08
C ASN S 4 -0.97 35.26 -66.00
N TYR S 5 -2.26 35.22 -66.24
CA TYR S 5 -3.18 34.87 -65.17
C TYR S 5 -3.50 33.40 -65.15
N ASP S 6 -2.90 32.72 -66.09
CA ASP S 6 -2.92 31.30 -66.28
C ASP S 6 -2.28 30.48 -65.18
N GLY S 7 -1.32 31.05 -64.49
CA GLY S 7 -0.35 30.28 -63.75
C GLY S 7 -0.74 29.39 -62.61
N ASP S 8 -1.65 29.83 -61.77
CA ASP S 8 -2.09 29.01 -60.69
C ASP S 8 -3.47 29.40 -60.27
N THR S 9 -4.08 28.55 -59.48
CA THR S 9 -5.48 28.76 -59.09
C THR S 9 -5.67 29.95 -58.17
N VAL S 10 -4.62 30.34 -57.48
CA VAL S 10 -4.67 31.45 -56.52
C VAL S 10 -4.78 32.83 -57.20
N THR S 11 -4.66 32.86 -58.53
CA THR S 11 -4.61 34.11 -59.28
C THR S 11 -5.90 34.45 -60.02
N PHE S 12 -6.44 35.63 -59.73
CA PHE S 12 -7.58 36.19 -60.47
C PHE S 12 -7.12 36.89 -61.74
N SER S 13 -7.96 36.85 -62.77
CA SER S 13 -7.73 37.61 -64.00
C SER S 13 -8.39 38.98 -63.90
N PRO S 14 -8.01 39.93 -64.78
CA PRO S 14 -8.61 41.28 -64.73
C PRO S 14 -10.14 41.28 -64.88
N THR S 15 -10.68 40.34 -65.64
CA THR S 15 -12.12 40.24 -65.85
C THR S 15 -12.83 39.56 -64.67
N GLY S 16 -12.07 38.86 -63.85
CA GLY S 16 -12.61 38.19 -62.66
C GLY S 16 -12.72 36.68 -62.82
N ARG S 17 -11.99 36.14 -63.78
CA ARG S 17 -12.04 34.72 -64.10
C ARG S 17 -10.91 33.94 -63.44
N LEU S 18 -11.17 32.66 -63.16
CA LEU S 18 -10.17 31.75 -62.63
C LEU S 18 -9.82 30.71 -63.68
N PHE S 19 -8.72 30.96 -64.38
CA PHE S 19 -8.36 30.16 -65.57
C PHE S 19 -8.01 28.70 -65.28
N GLN S 20 -7.32 28.44 -64.19
CA GLN S 20 -6.99 27.06 -63.82
C GLN S 20 -8.23 26.23 -63.54
N VAL S 21 -9.25 26.87 -62.97
CA VAL S 21 -10.56 26.23 -62.77
C VAL S 21 -11.24 25.98 -64.12
N GLU S 22 -11.09 26.93 -65.04
CA GLU S 22 -11.66 26.79 -66.38
C GLU S 22 -11.00 25.66 -67.19
N TYR S 23 -9.68 25.55 -67.09
CA TYR S 23 -8.94 24.50 -67.79
C TYR S 23 -9.28 23.11 -67.24
N ALA S 24 -9.61 23.05 -65.96
CA ALA S 24 -10.09 21.82 -65.33
C ALA S 24 -11.45 21.42 -65.90
N LEU S 25 -12.35 22.40 -66.02
CA LEU S 25 -13.67 22.21 -66.64
C LEU S 25 -13.56 21.67 -68.06
N GLU S 26 -12.46 22.02 -68.73
CA GLU S 26 -12.20 21.59 -70.10
C GLU S 26 -11.89 20.09 -70.18
N ALA S 27 -11.27 19.54 -69.14
CA ALA S 27 -10.97 18.11 -69.07
C ALA S 27 -12.24 17.25 -68.98
N ILE S 28 -13.32 17.86 -68.47
CA ILE S 28 -14.62 17.18 -68.38
C ILE S 28 -15.27 17.09 -69.75
N LYS S 29 -15.34 18.22 -70.45
CA LYS S 29 -15.93 18.30 -71.79
C LYS S 29 -15.20 17.41 -72.80
N GLN S 30 -13.95 17.08 -72.49
CA GLN S 30 -13.15 16.18 -73.32
C GLN S 30 -13.24 14.73 -72.84
N GLY S 31 -13.87 14.53 -71.68
CA GLY S 31 -14.16 13.19 -71.17
C GLY S 31 -15.36 12.57 -71.86
N SER S 32 -15.55 11.28 -71.68
CA SER S 32 -16.66 10.55 -72.31
C SER S 32 -18.02 10.96 -71.72
N VAL S 33 -19.06 10.83 -72.52
CA VAL S 33 -20.41 11.26 -72.12
C VAL S 33 -21.04 10.35 -71.06
N THR S 34 -21.81 10.97 -70.16
CA THR S 34 -22.62 10.25 -69.17
C THR S 34 -23.91 11.02 -68.87
N VAL S 35 -25.00 10.27 -68.66
CA VAL S 35 -26.34 10.85 -68.49
C VAL S 35 -26.94 10.50 -67.14
N GLY S 36 -27.70 11.44 -66.57
CA GLY S 36 -28.47 11.22 -65.36
C GLY S 36 -29.90 11.69 -65.50
N LEU S 37 -30.83 10.92 -64.96
CA LEU S 37 -32.26 11.25 -64.97
C LEU S 37 -33.00 10.57 -63.81
N ARG S 38 -34.03 11.23 -63.29
CA ARG S 38 -34.80 10.70 -62.17
C ARG S 38 -36.30 10.95 -62.31
N SER S 39 -37.08 10.01 -61.77
CA SER S 39 -38.51 10.22 -61.60
C SER S 39 -38.79 10.55 -60.13
N ASN S 40 -39.95 10.15 -59.63
CA ASN S 40 -40.27 10.32 -58.22
C ASN S 40 -39.96 9.07 -57.40
N THR S 41 -39.73 7.95 -58.07
CA THR S 41 -39.47 6.67 -57.39
C THR S 41 -38.06 6.14 -57.60
N HIS S 42 -37.47 6.44 -58.77
CA HIS S 42 -36.13 5.95 -59.11
C HIS S 42 -35.21 7.02 -59.70
N ALA S 43 -33.91 6.79 -59.57
CA ALA S 43 -32.89 7.64 -60.19
C ALA S 43 -31.91 6.77 -60.97
N VAL S 44 -31.58 7.20 -62.19
CA VAL S 44 -30.82 6.38 -63.13
C VAL S 44 -29.57 7.07 -63.67
N LEU S 45 -28.45 6.35 -63.67
CA LEU S 45 -27.23 6.80 -64.32
C LEU S 45 -26.94 5.95 -65.55
N VAL S 46 -26.62 6.62 -66.66
CA VAL S 46 -26.26 5.95 -67.91
C VAL S 46 -24.93 6.49 -68.39
N ALA S 47 -23.95 5.60 -68.55
CA ALA S 47 -22.59 5.99 -68.93
C ALA S 47 -22.11 5.29 -70.20
N LEU S 48 -21.48 6.07 -71.09
CA LEU S 48 -20.74 5.53 -72.22
C LEU S 48 -19.27 5.47 -71.83
N LYS S 49 -18.68 4.29 -71.94
CA LYS S 49 -17.27 4.09 -71.56
C LYS S 49 -16.33 4.23 -72.76
N ARG S 50 -15.09 4.61 -72.47
CA ARG S 50 -14.10 4.86 -73.50
C ARG S 50 -12.92 3.89 -73.38
N ASN S 51 -12.50 3.35 -74.52
CA ASN S 51 -11.33 2.46 -74.56
C ASN S 51 -10.13 3.11 -75.26
N ALA S 52 -8.92 2.75 -74.83
CA ALA S 52 -7.68 3.25 -75.44
C ALA S 52 -7.34 2.49 -76.73
N ASP S 53 -7.70 1.20 -76.75
CA ASP S 53 -7.51 0.32 -77.90
C ASP S 53 -8.68 -0.66 -77.94
N GLU S 54 -8.79 -1.42 -79.03
CA GLU S 54 -9.74 -2.54 -79.10
C GLU S 54 -9.23 -3.71 -78.27
N LEU S 55 -7.98 -3.61 -77.83
CA LEU S 55 -7.35 -4.61 -76.98
C LEU S 55 -7.44 -4.26 -75.50
N SER S 56 -7.99 -3.08 -75.19
CA SER S 56 -8.10 -2.62 -73.81
C SER S 56 -9.53 -2.72 -73.25
N SER S 57 -9.62 -2.68 -71.93
CA SER S 57 -10.90 -2.64 -71.23
C SER S 57 -11.53 -1.25 -71.36
N TYR S 58 -12.84 -1.19 -71.12
CA TYR S 58 -13.55 0.09 -71.09
C TYR S 58 -13.58 0.58 -69.64
N GLN S 59 -12.73 1.57 -69.35
CA GLN S 59 -12.48 2.00 -67.97
C GLN S 59 -13.75 2.50 -67.29
N LYS S 60 -14.02 1.96 -66.09
CA LYS S 60 -15.32 2.13 -65.42
C LYS S 60 -15.65 3.58 -65.05
N LYS S 61 -16.92 3.93 -65.23
CA LYS S 61 -17.38 5.31 -65.07
C LYS S 61 -18.25 5.49 -63.82
N ILE S 62 -18.82 4.39 -63.33
CA ILE S 62 -19.75 4.44 -62.20
C ILE S 62 -19.15 3.84 -60.92
N ILE S 63 -19.26 4.59 -59.83
CA ILE S 63 -18.74 4.18 -58.53
C ILE S 63 -19.87 4.16 -57.50
N LYS S 64 -19.91 3.10 -56.69
CA LYS S 64 -20.87 2.97 -55.59
C LYS S 64 -20.35 3.72 -54.35
N CYS S 65 -21.23 4.47 -53.69
CA CYS S 65 -20.87 5.23 -52.49
C CYS S 65 -21.45 4.68 -51.20
N ASP S 66 -22.73 4.32 -51.24
CA ASP S 66 -23.39 3.59 -50.16
C ASP S 66 -24.48 2.71 -50.76
N GLU S 67 -25.31 2.12 -49.91
CA GLU S 67 -26.42 1.28 -50.35
C GLU S 67 -27.55 2.09 -50.97
N HIS S 68 -27.47 3.42 -50.83
CA HIS S 68 -28.54 4.31 -51.27
C HIS S 68 -28.01 5.43 -52.19
N MET S 69 -26.71 5.42 -52.45
CA MET S 69 -26.07 6.50 -53.20
C MET S 69 -24.95 6.00 -54.11
N GLY S 70 -24.73 6.73 -55.19
CA GLY S 70 -23.64 6.44 -56.14
C GLY S 70 -23.48 7.55 -57.16
N LEU S 71 -22.43 7.47 -57.96
CA LEU S 71 -22.09 8.54 -58.89
C LEU S 71 -21.43 8.07 -60.19
N SER S 72 -21.56 8.89 -61.24
CA SER S 72 -20.85 8.67 -62.50
C SER S 72 -19.81 9.77 -62.72
N LEU S 73 -18.73 9.44 -63.43
CA LEU S 73 -17.61 10.38 -63.63
C LEU S 73 -17.35 10.71 -65.11
N ALA S 74 -16.73 11.87 -65.34
CA ALA S 74 -16.26 12.27 -66.66
C ALA S 74 -15.07 13.23 -66.51
N GLY S 75 -13.91 12.80 -67.01
CA GLY S 75 -12.66 13.54 -66.83
C GLY S 75 -11.57 12.65 -66.25
N LEU S 76 -10.76 13.21 -65.34
CA LEU S 76 -9.69 12.46 -64.69
C LEU S 76 -10.23 11.44 -63.70
N ALA S 77 -10.04 10.15 -64.03
CA ALA S 77 -10.51 9.04 -63.19
C ALA S 77 -9.88 8.99 -61.78
N PRO S 78 -8.57 9.29 -61.65
CA PRO S 78 -7.98 9.31 -60.31
C PRO S 78 -8.60 10.35 -59.39
N ASP S 79 -8.99 11.50 -59.95
CA ASP S 79 -9.64 12.57 -59.18
C ASP S 79 -11.04 12.19 -58.71
N ALA S 80 -11.71 11.35 -59.49
CA ALA S 80 -13.01 10.84 -59.10
C ALA S 80 -12.87 9.77 -58.02
N ARG S 81 -11.73 9.08 -58.02
CA ARG S 81 -11.41 8.11 -56.98
C ARG S 81 -11.24 8.80 -55.62
N VAL S 82 -10.48 9.90 -55.61
CA VAL S 82 -10.28 10.71 -54.40
C VAL S 82 -11.61 11.23 -53.85
N LEU S 83 -12.46 11.75 -54.73
CA LEU S 83 -13.73 12.36 -54.34
C LEU S 83 -14.82 11.36 -53.92
N SER S 84 -14.90 10.22 -54.62
CA SER S 84 -15.86 9.19 -54.25
C SER S 84 -15.48 8.55 -52.92
N ASN S 85 -14.18 8.33 -52.73
CA ASN S 85 -13.66 7.76 -51.48
C ASN S 85 -13.91 8.69 -50.29
N TYR S 86 -13.84 10.00 -50.54
CA TYR S 86 -14.19 10.98 -49.53
C TYR S 86 -15.68 10.91 -49.21
N LEU S 87 -16.50 10.78 -50.26
CA LEU S 87 -17.94 10.68 -50.10
C LEU S 87 -18.35 9.38 -49.41
N ARG S 88 -17.58 8.31 -49.64
CA ARG S 88 -17.77 7.03 -48.95
C ARG S 88 -17.57 7.18 -47.45
N GLN S 89 -16.52 7.90 -47.07
CA GLN S 89 -16.21 8.18 -45.68
C GLN S 89 -17.27 9.05 -44.99
N GLN S 90 -17.83 9.99 -45.74
CA GLN S 90 -18.90 10.85 -45.21
C GLN S 90 -20.23 10.11 -45.03
N CYS S 91 -20.54 9.19 -45.94
CA CYS S 91 -21.70 8.33 -45.83
C CYS S 91 -21.53 7.38 -44.65
N ASN S 92 -20.30 6.88 -44.50
CA ASN S 92 -19.95 5.93 -43.46
C ASN S 92 -20.00 6.54 -42.06
N TYR S 93 -19.50 7.77 -41.94
CA TYR S 93 -19.54 8.53 -40.69
C TYR S 93 -20.98 8.75 -40.23
N SER S 94 -21.83 9.17 -41.16
CA SER S 94 -23.24 9.43 -40.88
C SER S 94 -23.98 8.18 -40.40
N SER S 95 -23.63 7.03 -41.00
CA SER S 95 -24.18 5.76 -40.58
C SER S 95 -23.65 5.33 -39.21
N LEU S 96 -22.35 5.46 -38.99
CA LEU S 96 -21.72 5.00 -37.75
C LEU S 96 -22.11 5.85 -36.54
N VAL S 97 -21.98 7.17 -36.68
CA VAL S 97 -22.18 8.09 -35.55
C VAL S 97 -23.66 8.40 -35.29
N PHE S 98 -24.42 8.63 -36.35
CA PHE S 98 -25.81 9.07 -36.22
C PHE S 98 -26.85 8.02 -36.63
N ASN S 99 -26.40 6.85 -37.08
CA ASN S 99 -27.29 5.80 -37.57
C ASN S 99 -28.27 6.33 -38.62
N ARG S 100 -27.74 7.15 -39.53
CA ARG S 100 -28.51 7.97 -40.44
C ARG S 100 -27.92 7.88 -41.83
N LYS S 101 -28.73 7.47 -42.81
CA LYS S 101 -28.32 7.52 -44.21
C LYS S 101 -28.10 8.98 -44.59
N LEU S 102 -26.96 9.27 -45.21
CA LEU S 102 -26.60 10.64 -45.57
C LEU S 102 -27.49 11.18 -46.70
N ALA S 103 -28.10 12.35 -46.45
CA ALA S 103 -28.96 12.99 -47.44
C ALA S 103 -28.16 13.38 -48.67
N VAL S 104 -28.74 13.13 -49.84
CA VAL S 104 -28.07 13.35 -51.13
C VAL S 104 -27.68 14.81 -51.32
N GLU S 105 -28.55 15.72 -50.90
CA GLU S 105 -28.29 17.16 -50.98
C GLU S 105 -27.07 17.54 -50.13
N ARG S 106 -26.96 16.92 -48.96
CA ARG S 106 -25.87 17.20 -48.02
C ARG S 106 -24.54 16.66 -48.53
N ALA S 107 -24.60 15.55 -49.27
CA ALA S 107 -23.44 14.97 -49.93
C ALA S 107 -22.87 15.94 -50.96
N GLY S 108 -23.76 16.58 -51.72
CA GLY S 108 -23.37 17.63 -52.66
C GLY S 108 -22.67 18.80 -52.00
N HIS S 109 -23.22 19.24 -50.86
CA HIS S 109 -22.64 20.35 -50.09
C HIS S 109 -21.20 20.07 -49.65
N LEU S 110 -20.91 18.82 -49.32
CA LEU S 110 -19.59 18.40 -48.86
C LEU S 110 -18.57 18.32 -50.00
N LEU S 111 -19.03 17.93 -51.18
CA LEU S 111 -18.17 17.91 -52.38
C LEU S 111 -17.87 19.33 -52.85
N CYS S 112 -18.87 20.20 -52.76
CA CYS S 112 -18.71 21.61 -53.04
C CYS S 112 -17.60 22.22 -52.19
N ASP S 113 -17.65 21.96 -50.88
CA ASP S 113 -16.71 22.55 -49.93
C ASP S 113 -15.29 22.00 -50.05
N LYS S 114 -15.17 20.75 -50.51
CA LYS S 114 -13.86 20.13 -50.69
C LYS S 114 -13.17 20.65 -51.96
N ALA S 115 -13.96 20.84 -53.02
CA ALA S 115 -13.45 21.36 -54.29
C ALA S 115 -13.07 22.83 -54.18
N GLN S 116 -13.79 23.58 -53.35
CA GLN S 116 -13.57 25.00 -53.16
C GLN S 116 -12.18 25.29 -52.57
N LYS S 117 -11.77 24.48 -51.60
CA LYS S 117 -10.48 24.65 -50.93
C LYS S 117 -9.32 24.56 -51.92
N ASN S 118 -9.47 23.71 -52.93
CA ASN S 118 -8.47 23.55 -53.98
C ASN S 118 -8.45 24.70 -55.00
N THR S 119 -9.30 25.71 -54.78
CA THR S 119 -9.39 26.86 -55.68
C THR S 119 -8.96 28.19 -55.04
N GLN S 120 -8.59 28.15 -53.76
CA GLN S 120 -8.26 29.35 -53.01
C GLN S 120 -6.86 29.32 -52.38
N SER S 121 -6.20 28.17 -52.45
CA SER S 121 -4.87 28.02 -51.85
C SER S 121 -3.80 27.66 -52.86
N TYR S 122 -2.59 28.18 -52.63
CA TYR S 122 -1.43 27.92 -53.47
C TYR S 122 -1.01 26.45 -53.41
N GLY S 123 -0.49 25.95 -54.53
CA GLY S 123 0.02 24.58 -54.62
C GLY S 123 -1.01 23.59 -55.14
N GLY S 124 -2.21 23.65 -54.56
CA GLY S 124 -3.28 22.73 -54.92
C GLY S 124 -3.96 23.10 -56.24
N ARG S 125 -3.91 22.17 -57.19
CA ARG S 125 -4.68 22.28 -58.42
C ARG S 125 -6.15 21.94 -58.17
N PRO S 126 -7.06 22.44 -59.04
CA PRO S 126 -8.46 22.05 -58.92
C PRO S 126 -8.66 20.61 -59.38
N TYR S 127 -9.76 20.00 -58.98
CA TYR S 127 -10.12 18.67 -59.44
C TYR S 127 -10.48 18.72 -60.92
N GLY S 128 -10.14 17.67 -61.66
CA GLY S 128 -10.37 17.64 -63.09
C GLY S 128 -11.43 16.65 -63.51
N VAL S 129 -12.50 16.56 -62.72
CA VAL S 129 -13.56 15.60 -62.98
C VAL S 129 -14.94 16.16 -62.63
N GLY S 130 -15.93 15.91 -63.48
CA GLY S 130 -17.31 16.25 -63.22
C GLY S 130 -18.07 15.02 -62.76
N LEU S 131 -19.00 15.21 -61.83
CA LEU S 131 -19.71 14.08 -61.23
C LEU S 131 -21.23 14.24 -61.27
N LEU S 132 -21.92 13.14 -61.57
CA LEU S 132 -23.37 13.07 -61.47
C LEU S 132 -23.74 12.11 -60.35
N ILE S 133 -24.47 12.61 -59.35
CA ILE S 133 -24.77 11.84 -58.15
C ILE S 133 -26.26 11.53 -58.04
N ILE S 134 -26.60 10.25 -58.11
CA ILE S 134 -27.98 9.81 -57.86
C ILE S 134 -28.12 9.20 -56.46
N GLY S 135 -29.33 9.31 -55.90
CA GLY S 135 -29.62 8.78 -54.57
C GLY S 135 -31.08 8.73 -54.22
N TYR S 136 -31.42 7.86 -53.28
CA TYR S 136 -32.77 7.78 -52.72
C TYR S 136 -32.71 7.82 -51.19
N ASP S 137 -32.92 9.02 -50.64
CA ASP S 137 -32.90 9.23 -49.19
C ASP S 137 -34.32 9.31 -48.61
N LYS S 138 -34.47 10.04 -47.50
CA LYS S 138 -35.76 10.17 -46.83
C LYS S 138 -36.72 11.16 -47.51
N SER S 139 -36.30 11.75 -48.62
CA SER S 139 -37.15 12.68 -49.37
C SER S 139 -37.29 12.31 -50.85
N GLY S 140 -37.09 11.04 -51.15
CA GLY S 140 -37.30 10.51 -52.51
C GLY S 140 -36.05 10.46 -53.35
N ALA S 141 -36.24 10.48 -54.67
CA ALA S 141 -35.15 10.40 -55.63
C ALA S 141 -34.46 11.75 -55.83
N HIS S 142 -33.17 11.71 -56.10
CA HIS S 142 -32.37 12.93 -56.30
C HIS S 142 -31.29 12.74 -57.37
N LEU S 143 -31.04 13.80 -58.14
CA LEU S 143 -29.91 13.84 -59.05
C LEU S 143 -29.17 15.17 -58.92
N LEU S 144 -27.87 15.09 -58.67
CA LEU S 144 -27.03 16.27 -58.49
C LEU S 144 -25.91 16.32 -59.52
N GLU S 145 -25.53 17.54 -59.93
CA GLU S 145 -24.40 17.72 -60.84
C GLU S 145 -23.26 18.45 -60.14
N PHE S 146 -22.07 17.83 -60.16
CA PHE S 146 -20.89 18.41 -59.55
C PHE S 146 -19.93 18.98 -60.59
N GLN S 147 -19.54 20.23 -60.40
CA GLN S 147 -18.50 20.86 -61.20
C GLN S 147 -17.34 21.26 -60.28
N PRO S 148 -16.08 21.02 -60.73
CA PRO S 148 -14.84 21.23 -59.96
C PRO S 148 -14.66 22.64 -59.41
N SER S 149 -15.40 23.59 -59.98
CA SER S 149 -15.46 24.96 -59.45
C SER S 149 -16.07 24.96 -58.04
N GLY S 150 -16.81 23.90 -57.74
CA GLY S 150 -17.52 23.77 -56.47
C GLY S 150 -19.02 23.81 -56.64
N ASN S 151 -19.47 24.31 -57.79
CA ASN S 151 -20.89 24.47 -58.07
C ASN S 151 -21.65 23.14 -58.18
N VAL S 152 -22.62 22.96 -57.28
CA VAL S 152 -23.50 21.79 -57.30
C VAL S 152 -24.93 22.23 -57.56
N THR S 153 -25.63 21.48 -58.39
CA THR S 153 -27.01 21.79 -58.77
C THR S 153 -27.87 20.53 -58.75
N GLU S 154 -29.01 20.60 -58.07
CA GLU S 154 -29.97 19.51 -58.09
C GLU S 154 -30.87 19.64 -59.32
N LEU S 155 -31.03 18.54 -60.03
CA LEU S 155 -31.73 18.52 -61.32
C LEU S 155 -32.64 17.31 -61.47
N TYR S 156 -33.59 17.39 -62.42
CA TYR S 156 -34.38 16.23 -62.83
C TYR S 156 -33.54 15.33 -63.72
N GLY S 157 -32.87 15.94 -64.68
CA GLY S 157 -31.99 15.24 -65.62
C GLY S 157 -30.81 16.11 -65.99
N THR S 158 -29.77 15.48 -66.54
CA THR S 158 -28.59 16.19 -67.04
C THR S 158 -27.59 15.26 -67.73
N ALA S 159 -26.62 15.85 -68.42
CA ALA S 159 -25.54 15.11 -69.07
C ALA S 159 -24.24 15.91 -69.07
N ILE S 160 -23.12 15.21 -68.88
CA ILE S 160 -21.78 15.81 -68.95
C ILE S 160 -20.85 14.95 -69.80
N GLY S 161 -19.81 15.58 -70.35
CA GLY S 161 -18.85 14.89 -71.20
C GLY S 161 -18.87 15.38 -72.63
N ALA S 162 -18.29 14.59 -73.54
CA ALA S 162 -18.23 14.94 -74.95
C ALA S 162 -19.60 14.85 -75.61
N ARG S 163 -19.96 15.92 -76.33
CA ARG S 163 -21.21 16.01 -77.09
C ARG S 163 -22.47 15.91 -76.22
N SER S 164 -22.32 16.20 -74.93
CA SER S 164 -23.39 16.04 -73.95
C SER S 164 -24.63 16.91 -74.21
N GLN S 165 -24.46 17.92 -75.08
CA GLN S 165 -25.51 18.90 -75.35
C GLN S 165 -26.73 18.32 -76.06
N GLY S 166 -26.52 17.26 -76.84
CA GLY S 166 -27.62 16.55 -77.50
C GLY S 166 -28.53 15.85 -76.49
N ALA S 167 -27.91 15.22 -75.51
CA ALA S 167 -28.62 14.51 -74.44
C ALA S 167 -29.41 15.47 -73.56
N LYS S 168 -28.80 16.61 -73.24
CA LYS S 168 -29.45 17.65 -72.43
C LYS S 168 -30.61 18.32 -73.16
N THR S 169 -30.48 18.45 -74.49
CA THR S 169 -31.56 18.97 -75.34
C THR S 169 -32.72 17.96 -75.37
N TYR S 170 -32.38 16.69 -75.52
CA TYR S 170 -33.37 15.60 -75.55
C TYR S 170 -34.15 15.50 -74.24
N LEU S 171 -33.42 15.51 -73.11
CA LEU S 171 -34.03 15.42 -71.79
C LEU S 171 -34.93 16.61 -71.48
N GLU S 172 -34.51 17.79 -71.91
CA GLU S 172 -35.27 19.03 -71.70
C GLU S 172 -36.61 18.99 -72.42
N ARG S 173 -36.63 18.33 -73.58
CA ARG S 173 -37.83 18.17 -74.39
C ARG S 173 -38.75 17.08 -73.81
N THR S 174 -38.16 16.09 -73.15
CA THR S 174 -38.88 14.92 -72.66
C THR S 174 -39.15 14.96 -71.15
N LEU S 175 -38.98 16.15 -70.55
CA LEU S 175 -39.09 16.33 -69.10
C LEU S 175 -40.37 15.77 -68.47
N ASP S 176 -41.51 16.06 -69.10
CA ASP S 176 -42.81 15.68 -68.55
C ASP S 176 -43.12 14.18 -68.68
N THR S 177 -42.35 13.48 -69.51
CA THR S 177 -42.56 12.05 -69.74
C THR S 177 -41.85 11.16 -68.71
N PHE S 178 -40.53 11.34 -68.57
CA PHE S 178 -39.74 10.45 -67.72
C PHE S 178 -39.93 10.68 -66.22
N ILE S 179 -40.30 11.89 -65.83
CA ILE S 179 -40.56 12.23 -64.43
C ILE S 179 -41.74 11.42 -63.86
N LYS S 180 -42.64 11.01 -64.74
CA LYS S 180 -43.84 10.27 -64.37
C LYS S 180 -43.63 8.75 -64.37
N ILE S 181 -42.43 8.30 -64.75
CA ILE S 181 -42.12 6.87 -64.77
C ILE S 181 -41.93 6.36 -63.33
N ASP S 182 -43.06 6.06 -62.69
CA ASP S 182 -43.07 5.67 -61.27
C ASP S 182 -43.46 4.21 -61.10
N GLY S 183 -42.55 3.43 -60.49
CA GLY S 183 -42.76 2.00 -60.28
C GLY S 183 -42.40 1.15 -61.48
N ASN S 184 -41.66 1.73 -62.43
CA ASN S 184 -41.19 1.02 -63.60
C ASN S 184 -39.73 1.35 -63.88
N PRO S 185 -38.80 0.54 -63.32
CA PRO S 185 -37.36 0.76 -63.47
C PRO S 185 -36.88 0.66 -64.92
N ASP S 186 -37.39 -0.32 -65.66
CA ASP S 186 -36.95 -0.60 -67.03
C ASP S 186 -37.30 0.50 -68.01
N GLU S 187 -38.39 1.23 -67.75
CA GLU S 187 -38.80 2.35 -68.60
C GLU S 187 -38.04 3.63 -68.31
N LEU S 188 -37.38 3.70 -67.16
CA LEU S 188 -36.44 4.79 -66.87
C LEU S 188 -35.10 4.55 -67.54
N ILE S 189 -34.63 3.31 -67.48
CA ILE S 189 -33.41 2.90 -68.18
C ILE S 189 -33.58 3.11 -69.68
N LYS S 190 -34.71 2.67 -70.22
CA LYS S 190 -35.06 2.85 -71.63
C LYS S 190 -34.96 4.31 -72.08
N ALA S 191 -35.45 5.22 -71.22
CA ALA S 191 -35.39 6.66 -71.48
C ALA S 191 -33.94 7.16 -71.43
N GLY S 192 -33.17 6.62 -70.48
CA GLY S 192 -31.76 6.97 -70.31
C GLY S 192 -30.88 6.57 -71.49
N VAL S 193 -31.13 5.37 -72.04
CA VAL S 193 -30.40 4.88 -73.20
C VAL S 193 -30.75 5.67 -74.46
N GLU S 194 -32.00 6.15 -74.53
CA GLU S 194 -32.42 7.00 -75.64
C GLU S 194 -31.84 8.40 -75.51
N ALA S 195 -31.55 8.80 -74.27
CA ALA S 195 -30.93 10.10 -73.98
C ALA S 195 -29.45 10.12 -74.34
N ILE S 196 -28.75 9.01 -74.05
CA ILE S 196 -27.32 8.90 -74.34
C ILE S 196 -27.05 8.78 -75.86
N SER S 197 -28.03 8.28 -76.59
CA SER S 197 -27.93 8.08 -78.03
C SER S 197 -27.95 9.41 -78.80
N GLN S 198 -28.41 10.46 -78.14
CA GLN S 198 -28.46 11.80 -78.72
C GLN S 198 -27.08 12.47 -78.65
N SER S 199 -26.10 11.75 -78.12
CA SER S 199 -24.73 12.26 -77.96
C SER S 199 -23.69 11.31 -78.56
N LEU S 200 -24.15 10.28 -79.28
CA LEU S 200 -23.26 9.27 -79.84
C LEU S 200 -22.39 9.80 -80.98
N ARG S 201 -23.04 10.23 -82.06
CA ARG S 201 -22.39 10.86 -83.23
C ARG S 201 -21.42 9.94 -84.00
N ASP S 202 -20.58 9.22 -83.28
CA ASP S 202 -19.49 8.45 -83.87
C ASP S 202 -19.80 6.96 -84.03
N GLU S 203 -20.04 6.28 -82.91
CA GLU S 203 -20.12 4.83 -82.88
C GLU S 203 -21.47 4.29 -82.38
N SER S 204 -21.67 2.99 -82.57
CA SER S 204 -22.81 2.27 -82.04
C SER S 204 -22.45 1.66 -80.68
N LEU S 205 -23.33 1.86 -79.69
CA LEU S 205 -23.08 1.38 -78.33
C LEU S 205 -23.28 -0.13 -78.19
N THR S 206 -22.27 -0.81 -77.65
CA THR S 206 -22.26 -2.27 -77.56
C THR S 206 -22.42 -2.77 -76.12
N VAL S 207 -22.31 -4.08 -75.95
CA VAL S 207 -22.58 -4.76 -74.69
C VAL S 207 -21.52 -4.51 -73.61
N ASP S 208 -20.26 -4.37 -74.04
CA ASP S 208 -19.15 -4.10 -73.13
C ASP S 208 -18.78 -2.60 -73.13
N ASN S 209 -19.68 -1.80 -73.70
CA ASN S 209 -19.49 -0.36 -73.88
C ASN S 209 -20.32 0.47 -72.90
N LEU S 210 -21.51 0.00 -72.58
CA LEU S 210 -22.50 0.75 -71.81
C LEU S 210 -22.52 0.36 -70.33
N SER S 211 -22.60 1.38 -69.47
CA SER S 211 -22.76 1.19 -68.03
C SER S 211 -24.05 1.85 -67.55
N ILE S 212 -24.76 1.16 -66.66
CA ILE S 212 -26.04 1.64 -66.13
C ILE S 212 -26.06 1.47 -64.61
N ALA S 213 -26.70 2.42 -63.93
CA ALA S 213 -26.88 2.37 -62.48
C ALA S 213 -28.31 2.75 -62.10
N ILE S 214 -28.81 2.17 -61.02
CA ILE S 214 -30.16 2.46 -60.54
C ILE S 214 -30.26 2.41 -59.01
N VAL S 215 -31.08 3.31 -58.46
CA VAL S 215 -31.40 3.34 -57.04
C VAL S 215 -32.85 3.83 -56.90
N GLY S 216 -33.57 3.31 -55.91
CA GLY S 216 -34.97 3.70 -55.73
C GLY S 216 -35.66 3.20 -54.49
N LYS S 217 -37.00 3.20 -54.54
CA LYS S 217 -37.87 2.86 -53.41
C LYS S 217 -37.47 1.56 -52.71
N ASP S 218 -37.32 0.49 -53.48
CA ASP S 218 -36.90 -0.80 -52.92
C ASP S 218 -35.62 -1.32 -53.57
N THR S 219 -34.99 -0.49 -54.39
CA THR S 219 -33.79 -0.87 -55.13
C THR S 219 -32.54 -0.20 -54.55
N PRO S 220 -31.62 -1.01 -53.98
CA PRO S 220 -30.31 -0.49 -53.59
C PRO S 220 -29.43 -0.23 -54.80
N PHE S 221 -28.48 0.70 -54.67
CA PHE S 221 -27.59 1.10 -55.77
C PHE S 221 -26.86 -0.11 -56.38
N THR S 222 -27.11 -0.35 -57.66
CA THR S 222 -26.52 -1.49 -58.38
C THR S 222 -26.06 -1.14 -59.79
N ILE S 223 -24.89 -1.64 -60.16
CA ILE S 223 -24.27 -1.35 -61.46
C ILE S 223 -24.40 -2.54 -62.41
N TYR S 224 -24.80 -2.27 -63.64
CA TYR S 224 -25.02 -3.31 -64.65
C TYR S 224 -24.02 -3.24 -65.82
N ASP S 225 -23.33 -4.35 -66.05
CA ASP S 225 -22.31 -4.45 -67.10
C ASP S 225 -22.48 -5.74 -67.89
N GLY S 226 -21.87 -5.80 -69.08
CA GLY S 226 -21.89 -7.00 -69.91
C GLY S 226 -23.29 -7.40 -70.32
N GLU S 227 -23.57 -8.71 -70.27
CA GLU S 227 -24.86 -9.26 -70.69
C GLU S 227 -26.07 -8.72 -69.92
N ALA S 228 -25.81 -8.05 -68.79
CA ALA S 228 -26.88 -7.44 -68.00
C ALA S 228 -27.56 -6.26 -68.71
N VAL S 229 -26.87 -5.64 -69.66
CA VAL S 229 -27.42 -4.51 -70.42
C VAL S 229 -27.79 -4.87 -71.86
N ALA S 230 -27.58 -6.14 -72.23
CA ALA S 230 -27.85 -6.64 -73.58
C ALA S 230 -29.27 -6.37 -74.06
N LYS S 231 -30.22 -6.31 -73.12
CA LYS S 231 -31.63 -6.08 -73.45
C LYS S 231 -31.94 -4.60 -73.77
N TYR S 232 -31.12 -3.69 -73.25
CA TYR S 232 -31.30 -2.26 -73.48
C TYR S 232 -30.55 -1.77 -74.73
N ILE S 233 -29.77 -2.67 -75.33
CA ILE S 233 -29.07 -2.40 -76.58
C ILE S 233 -30.04 -2.51 -77.76
N GLY T 1 8.27 49.40 -64.95
CA GLY T 1 8.01 48.12 -64.22
C GLY T 1 6.60 48.02 -63.66
N THR T 2 5.86 47.00 -64.10
CA THR T 2 4.50 46.73 -63.63
C THR T 2 4.36 45.29 -63.12
N GLY T 3 3.19 44.70 -63.32
CA GLY T 3 2.91 43.33 -62.88
C GLY T 3 2.48 43.26 -61.42
N TYR T 4 2.05 44.40 -60.89
CA TYR T 4 1.59 44.51 -59.51
C TYR T 4 0.25 43.80 -59.26
N ASP T 5 -0.41 43.41 -60.36
CA ASP T 5 -1.71 42.76 -60.29
C ASP T 5 -1.62 41.23 -60.29
N LEU T 6 -0.40 40.71 -60.32
CA LEU T 6 -0.17 39.26 -60.46
C LEU T 6 -0.11 38.49 -59.13
N SER T 7 0.08 39.21 -58.02
CA SER T 7 0.18 38.59 -56.70
C SER T 7 -0.73 39.30 -55.68
N ASN T 8 -1.25 38.54 -54.73
CA ASN T 8 -2.30 39.03 -53.83
C ASN T 8 -1.91 40.15 -52.84
N SER T 9 -0.83 39.98 -52.09
CA SER T 9 -0.51 40.96 -51.04
C SER T 9 0.29 42.20 -51.53
N VAL T 10 0.36 42.37 -52.84
CA VAL T 10 1.20 43.43 -53.44
C VAL T 10 0.46 44.76 -53.59
N PHE T 11 1.05 45.82 -53.04
CA PHE T 11 0.58 47.18 -53.28
C PHE T 11 1.06 47.67 -54.63
N SER T 12 0.16 48.28 -55.38
CA SER T 12 0.50 48.96 -56.62
C SER T 12 0.93 50.39 -56.28
N PRO T 13 1.63 51.08 -57.20
CA PRO T 13 2.15 52.42 -56.92
C PRO T 13 1.12 53.45 -56.42
N ASP T 14 -0.16 53.22 -56.68
CA ASP T 14 -1.22 54.11 -56.21
C ASP T 14 -1.82 53.67 -54.87
N GLY T 15 -1.32 52.56 -54.33
CA GLY T 15 -1.71 52.09 -53.00
C GLY T 15 -2.80 51.04 -52.98
N ARG T 16 -3.16 50.51 -54.14
CA ARG T 16 -4.25 49.56 -54.26
C ARG T 16 -3.77 48.11 -54.28
N ASN T 17 -4.67 47.21 -53.89
CA ASN T 17 -4.48 45.78 -54.07
C ASN T 17 -5.32 45.28 -55.22
N PHE T 18 -4.71 45.21 -56.40
CA PHE T 18 -5.41 44.91 -57.66
C PHE T 18 -6.12 43.55 -57.71
N GLN T 19 -5.61 42.58 -56.97
CA GLN T 19 -6.22 41.25 -56.91
C GLN T 19 -7.59 41.27 -56.24
N VAL T 20 -7.73 42.10 -55.22
CA VAL T 20 -9.01 42.30 -54.54
C VAL T 20 -10.02 42.89 -55.51
N GLU T 21 -9.59 43.86 -56.30
CA GLU T 21 -10.46 44.53 -57.27
C GLU T 21 -10.87 43.60 -58.41
N TYR T 22 -10.04 42.61 -58.69
CA TYR T 22 -10.35 41.58 -59.68
C TYR T 22 -11.39 40.61 -59.14
N ALA T 23 -11.38 40.41 -57.83
CA ALA T 23 -12.40 39.60 -57.14
C ALA T 23 -13.75 40.31 -57.20
N VAL T 24 -13.73 41.63 -57.04
CA VAL T 24 -14.91 42.49 -57.16
C VAL T 24 -15.55 42.33 -58.54
N LYS T 25 -14.72 42.13 -59.56
CA LYS T 25 -15.22 41.88 -60.91
C LYS T 25 -16.00 40.58 -61.01
N ALA T 26 -15.55 39.56 -60.28
CA ALA T 26 -16.27 38.28 -60.21
C ALA T 26 -17.60 38.45 -59.47
N VAL T 27 -17.63 39.36 -58.50
CA VAL T 27 -18.84 39.66 -57.75
C VAL T 27 -19.86 40.34 -58.66
N GLU T 28 -19.39 41.37 -59.39
CA GLU T 28 -20.23 42.13 -60.32
C GLU T 28 -20.80 41.24 -61.41
N ASN T 29 -20.09 40.15 -61.71
CA ASN T 29 -20.50 39.16 -62.69
C ASN T 29 -21.67 38.30 -62.20
N GLY T 30 -21.91 38.31 -60.89
CA GLY T 30 -22.87 37.41 -60.27
C GLY T 30 -24.31 37.88 -60.20
N THR T 31 -25.17 36.95 -59.80
CA THR T 31 -26.60 37.16 -59.55
C THR T 31 -26.86 38.25 -58.51
N THR T 32 -27.91 39.04 -58.72
CA THR T 32 -28.26 40.12 -57.80
C THR T 32 -28.93 39.64 -56.50
N SER T 33 -28.49 40.19 -55.38
CA SER T 33 -29.06 39.88 -54.06
C SER T 33 -29.13 41.15 -53.19
N ILE T 34 -30.15 41.20 -52.33
CA ILE T 34 -30.43 42.41 -51.55
C ILE T 34 -30.75 42.13 -50.08
N GLY T 35 -30.84 43.21 -49.28
CA GLY T 35 -31.30 43.15 -47.90
C GLY T 35 -32.01 44.42 -47.49
N ILE T 36 -33.15 44.29 -46.80
CA ILE T 36 -33.86 45.44 -46.24
C ILE T 36 -33.93 45.34 -44.71
N LYS T 37 -33.53 46.41 -44.04
CA LYS T 37 -33.71 46.53 -42.60
C LYS T 37 -35.08 47.15 -42.34
N CYS T 38 -35.84 46.52 -41.44
CA CYS T 38 -37.16 47.04 -41.06
C CYS T 38 -37.20 47.36 -39.56
N ASN T 39 -38.34 47.88 -39.09
CA ASN T 39 -38.44 48.41 -37.72
C ASN T 39 -38.21 47.42 -36.57
N ASP T 40 -38.13 46.14 -36.87
CA ASP T 40 -37.83 45.12 -35.86
C ASP T 40 -37.01 43.93 -36.37
N GLY T 41 -36.61 43.95 -37.63
CA GLY T 41 -35.88 42.84 -38.23
C GLY T 41 -35.22 43.12 -39.56
N VAL T 42 -34.90 42.05 -40.28
CA VAL T 42 -34.26 42.12 -41.60
C VAL T 42 -34.86 41.14 -42.60
N VAL T 43 -34.80 41.49 -43.88
CA VAL T 43 -35.30 40.65 -44.96
C VAL T 43 -34.21 40.45 -46.01
N PHE T 44 -34.08 39.21 -46.49
CA PHE T 44 -33.09 38.86 -47.52
C PHE T 44 -33.77 38.26 -48.73
N ALA T 45 -33.22 38.54 -49.91
CA ALA T 45 -33.78 38.04 -51.18
C ALA T 45 -32.69 37.86 -52.24
N VAL T 46 -32.90 36.88 -53.12
CA VAL T 46 -31.93 36.57 -54.18
C VAL T 46 -32.57 36.09 -55.49
N GLU T 47 -31.97 36.50 -56.62
CA GLU T 47 -32.31 36.00 -57.95
C GLU T 47 -31.69 34.61 -58.14
N LYS T 48 -32.42 33.70 -58.76
CA LYS T 48 -31.88 32.37 -59.08
C LYS T 48 -32.14 32.08 -60.55
N LEU T 49 -31.08 32.14 -61.35
CA LEU T 49 -31.22 31.95 -62.80
C LEU T 49 -31.59 30.51 -63.17
N ILE T 50 -32.72 30.38 -63.86
CA ILE T 50 -33.21 29.09 -64.34
C ILE T 50 -32.56 28.81 -65.70
N THR T 51 -31.41 28.14 -65.67
CA THR T 51 -30.63 27.85 -66.88
C THR T 51 -31.33 26.81 -67.75
N SER T 52 -31.97 25.84 -67.09
CA SER T 52 -32.68 24.77 -67.77
C SER T 52 -34.01 24.49 -67.08
N LYS T 53 -34.94 23.91 -67.83
CA LYS T 53 -36.20 23.42 -67.26
C LYS T 53 -35.92 22.28 -66.27
N LEU T 54 -34.73 21.70 -66.39
CA LEU T 54 -34.33 20.52 -65.62
C LEU T 54 -33.99 20.81 -64.15
N LEU T 55 -33.78 22.08 -63.81
CA LEU T 55 -33.58 22.48 -62.41
C LEU T 55 -34.87 22.27 -61.62
N VAL T 56 -34.75 21.57 -60.49
CA VAL T 56 -35.90 21.33 -59.62
C VAL T 56 -36.23 22.61 -58.84
N PRO T 57 -37.47 23.11 -58.98
CA PRO T 57 -37.89 24.32 -58.29
C PRO T 57 -37.87 24.18 -56.77
N GLN T 58 -37.54 25.27 -56.08
CA GLN T 58 -37.49 25.35 -54.61
C GLN T 58 -36.44 24.41 -53.98
N LYS T 59 -35.34 24.17 -54.69
CA LYS T 59 -34.39 23.15 -54.29
C LYS T 59 -32.94 23.61 -54.13
N ASN T 60 -32.45 24.38 -55.09
CA ASN T 60 -31.07 24.86 -55.05
C ASN T 60 -30.96 26.12 -54.20
N VAL T 61 -31.11 25.94 -52.88
CA VAL T 61 -31.22 27.06 -51.94
C VAL T 61 -29.88 27.80 -51.79
N LYS T 62 -29.92 29.12 -51.97
CA LYS T 62 -28.73 29.96 -51.91
C LYS T 62 -28.60 30.71 -50.58
N ILE T 63 -29.74 31.03 -49.97
CA ILE T 63 -29.75 31.71 -48.67
C ILE T 63 -29.39 30.73 -47.55
N GLN T 64 -28.45 31.14 -46.70
CA GLN T 64 -27.96 30.29 -45.62
C GLN T 64 -28.19 30.88 -44.25
N VAL T 65 -28.43 30.01 -43.27
CA VAL T 65 -28.59 30.42 -41.88
C VAL T 65 -27.27 30.22 -41.12
N VAL T 66 -26.97 31.17 -40.24
CA VAL T 66 -25.87 31.03 -39.28
C VAL T 66 -26.48 31.03 -37.88
N ASP T 67 -26.13 30.02 -37.09
CA ASP T 67 -26.73 29.80 -35.77
C ASP T 67 -28.24 29.56 -35.92
N ARG T 68 -29.05 30.43 -35.34
CA ARG T 68 -30.51 30.33 -35.44
C ARG T 68 -31.14 31.69 -35.72
N HIS T 69 -30.31 32.74 -35.75
CA HIS T 69 -30.79 34.11 -35.86
C HIS T 69 -30.17 34.96 -36.98
N ILE T 70 -29.10 34.47 -37.60
CA ILE T 70 -28.42 35.20 -38.66
C ILE T 70 -28.66 34.56 -40.03
N GLY T 71 -29.04 35.38 -41.00
CA GLY T 71 -29.20 34.94 -42.39
C GLY T 71 -28.14 35.55 -43.27
N CYS T 72 -27.60 34.75 -44.19
CA CYS T 72 -26.56 35.19 -45.11
C CYS T 72 -26.93 34.96 -46.56
N VAL T 73 -26.73 36.00 -47.38
CA VAL T 73 -26.91 35.88 -48.81
C VAL T 73 -25.71 36.53 -49.52
N TYR T 74 -25.33 36.00 -50.67
CA TYR T 74 -24.17 36.50 -51.39
C TYR T 74 -24.32 36.51 -52.92
N SER T 75 -23.43 37.28 -53.56
CA SER T 75 -23.35 37.36 -55.00
C SER T 75 -21.92 37.06 -55.43
N GLY T 76 -21.77 36.33 -56.53
CA GLY T 76 -20.46 36.02 -57.08
C GLY T 76 -20.20 34.54 -57.17
N LEU T 77 -19.05 34.11 -56.66
CA LEU T 77 -18.65 32.71 -56.65
C LEU T 77 -19.31 31.99 -55.47
N ILE T 78 -20.37 31.23 -55.78
CA ILE T 78 -21.17 30.53 -54.76
C ILE T 78 -20.35 29.70 -53.76
N PRO T 79 -19.41 28.86 -54.24
CA PRO T 79 -18.60 28.06 -53.32
C PRO T 79 -17.81 28.90 -52.29
N ASP T 80 -17.29 30.05 -52.72
CA ASP T 80 -16.58 30.96 -51.83
C ASP T 80 -17.49 31.48 -50.71
N GLY T 81 -18.75 31.76 -51.06
CA GLY T 81 -19.77 32.20 -50.12
C GLY T 81 -20.06 31.14 -49.08
N ARG T 82 -20.22 29.90 -49.54
CA ARG T 82 -20.42 28.75 -48.65
C ARG T 82 -19.27 28.56 -47.68
N HIS T 83 -18.03 28.73 -48.19
CA HIS T 83 -16.82 28.64 -47.37
C HIS T 83 -16.84 29.68 -46.25
N LEU T 84 -17.27 30.89 -46.58
CA LEU T 84 -17.33 32.00 -45.63
C LEU T 84 -18.37 31.75 -44.53
N VAL T 85 -19.50 31.15 -44.93
CA VAL T 85 -20.57 30.80 -44.01
C VAL T 85 -20.15 29.63 -43.10
N ASN T 86 -19.35 28.71 -43.63
CA ASN T 86 -18.79 27.61 -42.84
C ASN T 86 -17.89 28.13 -41.72
N ARG T 87 -17.08 29.14 -42.04
CA ARG T 87 -16.27 29.84 -41.04
C ARG T 87 -17.17 30.65 -40.09
N GLY T 88 -18.19 31.29 -40.66
CA GLY T 88 -19.17 32.04 -39.88
C GLY T 88 -19.84 31.19 -38.81
N ARG T 89 -20.22 29.97 -39.18
CA ARG T 89 -20.90 29.06 -38.27
C ARG T 89 -19.98 28.54 -37.18
N GLU T 90 -18.73 28.25 -37.53
CA GLU T 90 -17.69 27.86 -36.58
C GLU T 90 -17.44 28.98 -35.58
N GLU T 91 -17.32 30.19 -36.12
CA GLU T 91 -17.05 31.38 -35.32
C GLU T 91 -18.22 31.69 -34.38
N ALA T 92 -19.44 31.45 -34.85
CA ALA T 92 -20.65 31.65 -34.04
C ALA T 92 -20.77 30.61 -32.93
N ALA T 93 -20.44 29.35 -33.25
CA ALA T 93 -20.45 28.27 -32.26
C ALA T 93 -19.41 28.54 -31.19
N SER T 94 -18.26 29.07 -31.61
CA SER T 94 -17.16 29.44 -30.74
C SER T 94 -17.60 30.51 -29.72
N PHE T 95 -18.34 31.51 -30.21
CA PHE T 95 -18.83 32.60 -29.36
C PHE T 95 -19.81 32.09 -28.31
N LYS T 96 -20.81 31.34 -28.76
CA LYS T 96 -21.85 30.81 -27.88
C LYS T 96 -21.27 29.88 -26.81
N LYS T 97 -20.27 29.09 -27.19
CA LYS T 97 -19.60 28.16 -26.28
C LYS T 97 -19.00 28.87 -25.08
N LEU T 98 -18.34 30.00 -25.33
CA LEU T 98 -17.63 30.73 -24.29
C LEU T 98 -18.54 31.66 -23.49
N TYR T 99 -19.43 32.38 -24.18
CA TYR T 99 -20.23 33.44 -23.56
C TYR T 99 -21.72 33.13 -23.35
N LYS T 100 -22.13 31.91 -23.70
CA LYS T 100 -23.53 31.43 -23.56
C LYS T 100 -24.54 32.15 -24.47
N THR T 101 -24.44 33.48 -24.52
CA THR T 101 -25.32 34.29 -25.35
C THR T 101 -25.02 34.09 -26.84
N PRO T 102 -26.06 33.99 -27.68
CA PRO T 102 -25.87 33.93 -29.14
C PRO T 102 -25.19 35.18 -29.65
N ILE T 103 -24.26 35.01 -30.60
CA ILE T 103 -23.41 36.09 -31.09
C ILE T 103 -24.18 37.33 -31.59
N PRO T 104 -23.86 38.53 -31.05
CA PRO T 104 -24.41 39.78 -31.55
C PRO T 104 -24.01 40.03 -33.00
N ILE T 105 -24.89 40.67 -33.76
CA ILE T 105 -24.67 40.84 -35.20
C ILE T 105 -23.44 41.71 -35.53
N PRO T 106 -23.24 42.86 -34.82
CA PRO T 106 -21.99 43.59 -35.06
C PRO T 106 -20.75 42.74 -34.76
N ALA T 107 -20.83 41.91 -33.73
CA ALA T 107 -19.76 40.98 -33.37
C ALA T 107 -19.50 39.99 -34.49
N PHE T 108 -20.58 39.45 -35.06
CA PHE T 108 -20.48 38.48 -36.14
C PHE T 108 -19.87 39.10 -37.40
N ALA T 109 -20.22 40.35 -37.66
CA ALA T 109 -19.72 41.08 -38.83
C ALA T 109 -18.19 41.18 -38.82
N ASP T 110 -17.62 41.53 -37.67
CA ASP T 110 -16.17 41.70 -37.55
C ASP T 110 -15.44 40.37 -37.70
N ARG T 111 -16.06 39.30 -37.22
CA ARG T 111 -15.49 37.96 -37.34
C ARG T 111 -15.29 37.60 -38.81
N LEU T 112 -16.29 37.92 -39.64
CA LEU T 112 -16.18 37.71 -41.08
C LEU T 112 -15.24 38.74 -41.70
N GLY T 113 -15.37 39.99 -41.25
CA GLY T 113 -14.50 41.08 -41.70
C GLY T 113 -13.03 40.76 -41.57
N GLN T 114 -12.64 40.25 -40.39
CA GLN T 114 -11.25 39.91 -40.11
C GLN T 114 -10.78 38.71 -40.93
N TYR T 115 -11.67 37.74 -41.14
CA TYR T 115 -11.34 36.52 -41.87
C TYR T 115 -11.13 36.79 -43.36
N VAL T 116 -11.99 37.62 -43.93
CA VAL T 116 -11.87 38.02 -45.34
C VAL T 116 -10.63 38.89 -45.53
N GLN T 117 -10.41 39.81 -44.60
CA GLN T 117 -9.27 40.72 -44.64
C GLN T 117 -7.96 39.94 -44.61
N ALA T 118 -7.94 38.85 -43.84
CA ALA T 118 -6.78 37.96 -43.74
C ALA T 118 -6.37 37.40 -45.10
N HIS T 119 -7.34 37.21 -45.98
CA HIS T 119 -7.10 36.69 -47.33
C HIS T 119 -6.64 37.77 -48.32
N THR T 120 -6.21 38.91 -47.78
CA THR T 120 -5.61 39.98 -48.59
C THR T 120 -4.22 40.34 -48.05
N LEU T 121 -3.75 39.57 -47.06
CA LEU T 121 -2.47 39.82 -46.40
C LEU T 121 -1.31 38.99 -46.94
N TYR T 122 -1.64 37.92 -47.65
CA TYR T 122 -0.64 36.96 -48.10
C TYR T 122 -0.79 36.66 -49.58
N ASN T 123 0.33 36.37 -50.24
CA ASN T 123 0.31 36.02 -51.66
C ASN T 123 -0.02 34.55 -51.93
N SER T 124 -0.07 33.76 -50.86
CA SER T 124 -0.31 32.32 -50.94
C SER T 124 -1.80 31.97 -50.93
N VAL T 125 -2.65 32.97 -50.70
CA VAL T 125 -4.10 32.79 -50.76
C VAL T 125 -4.75 33.76 -51.75
N ARG T 126 -5.97 33.42 -52.16
CA ARG T 126 -6.77 34.23 -53.07
C ARG T 126 -7.83 34.96 -52.25
N PRO T 127 -8.17 36.20 -52.63
CA PRO T 127 -9.28 36.88 -51.96
C PRO T 127 -10.62 36.21 -52.27
N PHE T 128 -11.64 36.51 -51.48
CA PHE T 128 -12.98 35.98 -51.71
C PHE T 128 -13.66 36.65 -52.90
N GLY T 129 -14.26 35.84 -53.75
CA GLY T 129 -15.00 36.35 -54.91
C GLY T 129 -16.48 36.50 -54.62
N VAL T 130 -16.80 37.04 -53.45
CA VAL T 130 -18.19 37.25 -53.03
C VAL T 130 -18.40 38.55 -52.26
N SER T 131 -19.58 39.15 -52.43
CA SER T 131 -20.08 40.18 -51.52
C SER T 131 -21.25 39.61 -50.73
N THR T 132 -21.17 39.71 -49.41
CA THR T 132 -22.14 39.05 -48.53
C THR T 132 -23.05 40.07 -47.85
N ILE T 133 -24.36 39.81 -47.91
CA ILE T 133 -25.34 40.56 -47.14
C ILE T 133 -25.89 39.64 -46.07
N PHE T 134 -25.84 40.10 -44.81
CA PHE T 134 -26.22 39.29 -43.67
C PHE T 134 -26.72 40.15 -42.52
N GLY T 135 -27.43 39.54 -41.58
CA GLY T 135 -27.96 40.25 -40.43
C GLY T 135 -28.97 39.46 -39.62
N GLY T 136 -29.53 40.10 -38.60
CA GLY T 136 -30.52 39.46 -37.73
C GLY T 136 -30.95 40.35 -36.58
N VAL T 137 -31.48 39.74 -35.53
CA VAL T 137 -31.97 40.46 -34.36
C VAL T 137 -31.19 40.03 -33.11
N ASP T 138 -30.71 41.00 -32.34
CA ASP T 138 -30.00 40.72 -31.10
C ASP T 138 -30.55 41.51 -29.90
N LYS T 139 -29.80 41.50 -28.80
CA LYS T 139 -30.16 42.19 -27.54
C LYS T 139 -30.70 43.60 -27.77
N ASN T 140 -30.13 44.32 -28.74
CA ASN T 140 -30.54 45.70 -28.99
C ASN T 140 -30.90 46.02 -30.45
N GLY T 141 -31.80 45.24 -31.02
CA GLY T 141 -32.42 45.57 -32.30
C GLY T 141 -31.98 44.77 -33.52
N ALA T 142 -32.42 45.25 -34.68
CA ALA T 142 -32.09 44.64 -35.96
C ALA T 142 -30.83 45.27 -36.55
N HIS T 143 -30.07 44.47 -37.28
CA HIS T 143 -28.83 44.92 -37.91
C HIS T 143 -28.70 44.35 -39.31
N LEU T 144 -28.30 45.21 -40.25
CA LEU T 144 -28.01 44.78 -41.61
C LEU T 144 -26.60 45.19 -42.01
N TYR T 145 -25.86 44.25 -42.57
CA TYR T 145 -24.47 44.46 -42.98
C TYR T 145 -24.23 43.97 -44.41
N MET T 146 -23.27 44.58 -45.09
CA MET T 146 -22.77 44.10 -46.38
C MET T 146 -21.25 44.09 -46.38
N LEU T 147 -20.66 42.97 -46.81
CA LEU T 147 -19.22 42.75 -46.70
C LEU T 147 -18.55 42.60 -48.06
N GLU T 148 -17.58 43.48 -48.32
CA GLU T 148 -16.82 43.50 -49.58
C GLU T 148 -15.66 42.51 -49.57
N PRO T 149 -15.20 42.04 -50.76
CA PRO T 149 -14.05 41.13 -50.86
C PRO T 149 -12.76 41.64 -50.20
N SER T 150 -12.67 42.94 -49.98
CA SER T 150 -11.51 43.52 -49.30
C SER T 150 -11.55 43.35 -47.78
N GLY T 151 -12.72 42.95 -47.27
CA GLY T 151 -12.93 42.84 -45.83
C GLY T 151 -13.66 44.06 -45.28
N SER T 152 -13.97 45.00 -46.17
CA SER T 152 -14.74 46.18 -45.83
C SER T 152 -16.21 45.82 -45.60
N TYR T 153 -16.78 46.36 -44.53
CA TYR T 153 -18.20 46.23 -44.26
C TYR T 153 -18.72 47.45 -43.51
N TRP T 154 -20.00 47.73 -43.69
CA TRP T 154 -20.67 48.80 -42.96
C TRP T 154 -22.08 48.37 -42.56
N GLY T 155 -22.69 49.13 -41.66
CA GLY T 155 -24.10 48.95 -41.33
C GLY T 155 -24.96 49.58 -42.41
N TYR T 156 -26.08 48.94 -42.73
CA TYR T 156 -26.95 49.41 -43.80
C TYR T 156 -28.41 49.49 -43.41
N LYS T 157 -29.11 50.47 -43.97
CA LYS T 157 -30.57 50.54 -43.94
C LYS T 157 -31.11 49.63 -45.05
N GLY T 158 -30.38 49.60 -46.16
CA GLY T 158 -30.68 48.72 -47.28
C GLY T 158 -29.39 48.41 -48.02
N ALA T 159 -29.24 47.16 -48.48
CA ALA T 159 -28.02 46.73 -49.15
C ALA T 159 -28.33 46.01 -50.45
N ALA T 160 -27.42 46.10 -51.41
CA ALA T 160 -27.58 45.47 -52.73
C ALA T 160 -26.23 45.19 -53.37
N THR T 161 -26.12 44.02 -54.00
CA THR T 161 -24.91 43.61 -54.71
C THR T 161 -25.23 42.69 -55.90
N GLY T 162 -24.32 42.64 -56.87
CA GLY T 162 -24.49 41.79 -58.04
C GLY T 162 -24.83 42.52 -59.34
N LYS T 163 -25.27 41.75 -60.33
CA LYS T 163 -25.56 42.23 -61.68
C LYS T 163 -26.50 43.44 -61.73
N GLY T 164 -27.51 43.44 -60.87
CA GLY T 164 -28.52 44.49 -60.86
C GLY T 164 -28.51 45.34 -59.61
N ARG T 165 -27.31 45.65 -59.11
CA ARG T 165 -27.18 46.42 -57.88
C ARG T 165 -27.62 47.88 -58.04
N GLN T 166 -27.39 48.44 -59.22
CA GLN T 166 -27.76 49.83 -59.54
C GLN T 166 -29.26 50.05 -59.33
N SER T 167 -30.07 49.29 -60.08
CA SER T 167 -31.53 49.38 -60.05
C SER T 167 -32.07 49.17 -58.65
N ALA T 168 -31.45 48.23 -57.93
CA ALA T 168 -31.81 47.93 -56.55
C ALA T 168 -31.51 49.11 -55.63
N LYS T 169 -30.30 49.64 -55.72
CA LYS T 169 -29.85 50.76 -54.88
C LYS T 169 -30.67 52.03 -55.05
N ALA T 170 -31.17 52.25 -56.26
CA ALA T 170 -32.07 53.39 -56.52
C ALA T 170 -33.41 53.14 -55.85
N GLU T 171 -33.94 51.93 -56.03
CA GLU T 171 -35.22 51.53 -55.46
C GLU T 171 -35.21 51.55 -53.93
N LEU T 172 -34.10 51.12 -53.34
CA LEU T 172 -33.92 51.16 -51.88
C LEU T 172 -33.95 52.59 -51.33
N GLU T 173 -33.30 53.51 -52.05
CA GLU T 173 -33.19 54.92 -51.64
C GLU T 173 -34.52 55.65 -51.66
N LYS T 174 -35.46 55.15 -52.47
CA LYS T 174 -36.82 55.67 -52.52
C LYS T 174 -37.56 55.33 -51.22
N LEU T 175 -37.35 54.11 -50.75
CA LEU T 175 -37.98 53.61 -49.51
C LEU T 175 -37.45 54.32 -48.26
N VAL T 176 -36.16 54.62 -48.25
CA VAL T 176 -35.52 55.30 -47.12
C VAL T 176 -36.09 56.72 -46.95
N ASP T 177 -36.30 57.40 -48.07
CA ASP T 177 -36.87 58.75 -48.07
C ASP T 177 -38.37 58.73 -47.79
N HIS T 178 -39.08 57.79 -48.41
CA HIS T 178 -40.53 57.70 -48.29
C HIS T 178 -41.02 57.07 -46.99
N HIS T 179 -40.17 56.27 -46.35
CA HIS T 179 -40.51 55.65 -45.07
C HIS T 179 -39.40 55.91 -44.04
N PRO T 180 -39.38 57.14 -43.45
CA PRO T 180 -38.31 57.50 -42.52
C PRO T 180 -38.45 56.84 -41.13
N GLU T 181 -39.69 56.74 -40.66
CA GLU T 181 -40.01 56.18 -39.35
C GLU T 181 -40.03 54.64 -39.32
N GLY T 182 -39.40 54.03 -40.32
CA GLY T 182 -39.32 52.56 -40.41
C GLY T 182 -40.34 51.92 -41.33
N LEU T 183 -40.04 50.67 -41.72
CA LEU T 183 -40.93 49.86 -42.54
C LEU T 183 -41.26 48.59 -41.75
N SER T 184 -42.48 48.07 -41.90
CA SER T 184 -42.88 46.86 -41.20
C SER T 184 -42.36 45.60 -41.91
N ALA T 185 -42.10 44.55 -41.12
CA ALA T 185 -41.52 43.30 -41.64
C ALA T 185 -42.35 42.68 -42.77
N ARG T 186 -43.67 42.67 -42.57
CA ARG T 186 -44.62 42.12 -43.54
C ARG T 186 -44.53 42.87 -44.86
N GLU T 187 -44.44 44.20 -44.78
CA GLU T 187 -44.29 45.08 -45.93
C GLU T 187 -42.96 44.88 -46.65
N ALA T 188 -41.89 44.75 -45.87
CA ALA T 188 -40.52 44.59 -46.39
C ALA T 188 -40.33 43.31 -47.20
N VAL T 189 -41.10 42.27 -46.87
CA VAL T 189 -41.11 41.00 -47.61
C VAL T 189 -41.60 41.22 -49.03
N LYS T 190 -42.79 41.80 -49.16
CA LYS T 190 -43.40 42.12 -50.45
C LYS T 190 -42.54 43.09 -51.24
N GLN T 191 -42.01 44.09 -50.54
CA GLN T 191 -41.18 45.13 -51.14
C GLN T 191 -39.88 44.57 -51.71
N ALA T 192 -39.29 43.62 -50.99
CA ALA T 192 -38.08 42.92 -51.44
C ALA T 192 -38.30 42.20 -52.76
N ALA T 193 -39.48 41.59 -52.90
CA ALA T 193 -39.86 40.88 -54.11
C ALA T 193 -39.90 41.81 -55.33
N LYS T 194 -40.36 43.04 -55.11
CA LYS T 194 -40.41 44.04 -56.17
C LYS T 194 -39.02 44.44 -56.65
N ILE T 195 -38.08 44.55 -55.71
CA ILE T 195 -36.70 44.95 -56.02
C ILE T 195 -36.01 43.91 -56.90
N ILE T 196 -36.19 42.63 -56.58
CA ILE T 196 -35.58 41.53 -57.33
C ILE T 196 -36.13 41.46 -58.77
N TYR T 197 -37.43 41.68 -58.92
CA TYR T 197 -38.08 41.67 -60.23
C TYR T 197 -37.61 42.84 -61.10
N LEU T 198 -37.38 44.00 -60.47
CA LEU T 198 -36.90 45.18 -61.16
C LEU T 198 -35.41 45.11 -61.48
N ALA T 199 -34.63 44.49 -60.58
CA ALA T 199 -33.20 44.31 -60.78
C ALA T 199 -32.91 43.19 -61.78
N HIS T 200 -33.92 42.41 -62.12
CA HIS T 200 -33.81 41.33 -63.09
C HIS T 200 -33.66 41.87 -64.51
N GLU T 201 -33.93 43.16 -64.70
CA GLU T 201 -33.85 43.83 -66.00
C GLU T 201 -32.44 43.77 -66.61
N ASP T 202 -31.43 43.73 -65.76
CA ASP T 202 -30.03 43.63 -66.19
C ASP T 202 -29.71 42.23 -66.71
N ASN T 203 -30.24 41.22 -66.01
CA ASN T 203 -30.02 39.82 -66.35
C ASN T 203 -31.28 39.19 -66.94
N LYS T 204 -31.96 39.95 -67.81
CA LYS T 204 -33.32 39.62 -68.25
C LYS T 204 -33.44 38.56 -69.35
N GLU T 205 -32.31 37.95 -69.72
CA GLU T 205 -32.31 36.96 -70.80
C GLU T 205 -32.89 35.61 -70.38
N LYS T 206 -32.61 35.21 -69.14
CA LYS T 206 -33.09 33.95 -68.60
C LYS T 206 -34.20 34.17 -67.57
N ASP T 207 -35.08 33.18 -67.43
CA ASP T 207 -36.12 33.20 -66.41
C ASP T 207 -35.50 32.92 -65.04
N PHE T 208 -36.15 33.40 -63.98
CA PHE T 208 -35.56 33.34 -62.64
C PHE T 208 -36.54 32.86 -61.57
N GLU T 209 -35.99 32.37 -60.46
CA GLU T 209 -36.78 31.94 -59.32
C GLU T 209 -36.48 32.81 -58.09
N LEU T 210 -37.54 33.42 -57.55
CA LEU T 210 -37.42 34.28 -56.39
C LEU T 210 -37.25 33.50 -55.09
N GLU T 211 -36.40 34.00 -54.20
CA GLU T 211 -36.14 33.36 -52.93
C GLU T 211 -35.97 34.41 -51.83
N ILE T 212 -36.89 34.40 -50.86
CA ILE T 212 -36.91 35.39 -49.77
C ILE T 212 -36.82 34.71 -48.41
N SER T 213 -36.13 35.37 -47.47
CA SER T 213 -36.07 34.94 -46.08
C SER T 213 -36.13 36.16 -45.16
N TRP T 214 -36.51 35.96 -43.90
CA TRP T 214 -36.71 37.07 -42.98
C TRP T 214 -36.37 36.74 -41.52
N CYS T 215 -36.05 37.78 -40.77
CA CYS T 215 -35.73 37.67 -39.35
C CYS T 215 -36.36 38.85 -38.61
N SER T 216 -37.50 38.60 -37.97
CA SER T 216 -38.28 39.65 -37.32
C SER T 216 -38.64 39.30 -35.88
N LEU T 217 -38.50 40.28 -34.99
CA LEU T 217 -38.76 40.11 -33.56
C LEU T 217 -40.21 39.76 -33.24
N SER T 218 -41.14 40.30 -34.03
CA SER T 218 -42.57 40.11 -33.78
C SER T 218 -43.23 39.12 -34.75
N GLU T 219 -42.55 38.80 -35.83
CA GLU T 219 -43.12 37.91 -36.85
C GLU T 219 -42.50 36.51 -36.84
N THR T 220 -41.26 36.39 -36.35
CA THR T 220 -40.55 35.11 -36.32
C THR T 220 -39.89 34.81 -34.97
N ASN T 221 -40.22 35.60 -33.95
CA ASN T 221 -39.61 35.49 -32.61
C ASN T 221 -38.10 35.73 -32.58
N GLY T 222 -37.61 36.51 -33.54
CA GLY T 222 -36.19 36.85 -33.61
C GLY T 222 -35.32 35.76 -34.19
N LEU T 223 -35.96 34.74 -34.77
CA LEU T 223 -35.22 33.64 -35.40
C LEU T 223 -35.27 33.78 -36.91
N HIS T 224 -34.23 33.31 -37.59
CA HIS T 224 -34.20 33.32 -39.04
C HIS T 224 -35.10 32.23 -39.61
N LYS T 225 -35.97 32.63 -40.55
CA LYS T 225 -36.88 31.73 -41.23
C LYS T 225 -36.98 32.07 -42.71
N PHE T 226 -37.24 31.06 -43.54
CA PHE T 226 -37.51 31.26 -44.95
C PHE T 226 -38.99 31.60 -45.16
N VAL T 227 -39.29 32.22 -46.30
CA VAL T 227 -40.66 32.57 -46.66
C VAL T 227 -41.22 31.49 -47.58
N LYS T 228 -42.33 30.88 -47.17
CA LYS T 228 -42.92 29.76 -47.89
C LYS T 228 -44.39 29.96 -48.22
N GLY T 229 -44.90 29.12 -49.12
CA GLY T 229 -46.34 29.00 -49.38
C GLY T 229 -47.09 30.26 -49.72
N ASP T 230 -48.12 30.54 -48.94
CA ASP T 230 -49.04 31.67 -49.18
C ASP T 230 -48.39 33.05 -49.10
N LEU T 231 -47.46 33.21 -48.16
CA LEU T 231 -46.77 34.49 -47.98
C LEU T 231 -45.77 34.77 -49.11
N LEU T 232 -45.16 33.70 -49.63
CA LEU T 232 -44.25 33.79 -50.77
C LEU T 232 -45.00 34.14 -52.06
N GLN T 233 -46.16 33.50 -52.25
CA GLN T 233 -47.01 33.74 -53.41
C GLN T 233 -47.58 35.17 -53.41
N GLU T 234 -47.93 35.65 -52.22
CA GLU T 234 -48.43 37.00 -52.01
C GLU T 234 -47.41 38.05 -52.45
N ALA T 235 -46.12 37.77 -52.20
CA ALA T 235 -45.03 38.64 -52.60
C ALA T 235 -44.77 38.62 -54.11
N ILE T 236 -44.88 37.43 -54.71
CA ILE T 236 -44.77 37.28 -56.17
C ILE T 236 -45.94 37.99 -56.86
N ASP T 237 -47.14 37.86 -56.29
CA ASP T 237 -48.33 38.53 -56.80
C ASP T 237 -48.23 40.06 -56.70
N PHE T 238 -47.64 40.53 -55.60
CA PHE T 238 -47.44 41.96 -55.38
C PHE T 238 -46.43 42.56 -56.36
N ALA T 239 -45.34 41.83 -56.59
CA ALA T 239 -44.29 42.26 -57.52
C ALA T 239 -44.79 42.31 -58.95
N GLN T 240 -45.62 41.33 -59.32
CA GLN T 240 -46.21 41.24 -60.66
C GLN T 240 -47.22 42.35 -60.94
N LYS T 241 -47.87 42.86 -59.88
CA LYS T 241 -48.87 43.92 -60.01
C LYS T 241 -48.21 45.28 -60.26
N GLU T 242 -46.96 45.41 -59.84
CA GLU T 242 -46.19 46.66 -60.07
C GLU T 242 -45.01 46.43 -61.02
N ILE T 243 -45.20 45.53 -61.98
CA ILE T 243 -44.24 45.32 -63.07
C ILE T 243 -44.90 45.68 -64.41
N ASN T 244 -46.20 45.95 -64.37
CA ASN T 244 -46.96 46.35 -65.56
C ASN T 244 -47.05 47.87 -65.68
N ALA U 1 16.17 42.46 -60.77
CA ALA U 1 16.01 43.58 -61.73
C ALA U 1 14.55 43.72 -62.21
N GLY U 2 13.61 43.38 -61.34
CA GLY U 2 12.18 43.44 -61.66
C GLY U 2 11.22 43.35 -60.49
N TYR U 3 11.51 42.44 -59.55
CA TYR U 3 10.58 42.15 -58.46
C TYR U 3 10.95 42.78 -57.11
N ASP U 4 11.90 43.71 -57.12
CA ASP U 4 12.31 44.40 -55.89
C ASP U 4 11.29 45.45 -55.42
N ARG U 5 10.20 45.60 -56.18
CA ARG U 5 9.13 46.54 -55.84
C ARG U 5 7.82 45.82 -55.46
N HIS U 6 7.87 44.50 -55.44
CA HIS U 6 6.69 43.67 -55.13
C HIS U 6 6.72 43.14 -53.70
N ILE U 7 7.92 42.81 -53.22
CA ILE U 7 8.10 42.38 -51.84
C ILE U 7 8.96 43.39 -51.07
N THR U 8 8.97 43.28 -49.75
CA THR U 8 9.72 44.20 -48.89
C THR U 8 11.22 43.89 -48.82
N ILE U 9 11.90 44.16 -49.93
CA ILE U 9 13.37 44.11 -50.00
C ILE U 9 13.91 45.43 -50.55
N PHE U 10 15.19 45.70 -50.28
CA PHE U 10 15.82 46.95 -50.69
C PHE U 10 15.97 47.10 -52.20
N SER U 11 15.71 48.30 -52.69
CA SER U 11 16.05 48.68 -54.06
C SER U 11 17.48 49.23 -54.07
N PRO U 12 18.11 49.35 -55.26
CA PRO U 12 19.47 49.92 -55.36
C PRO U 12 19.67 51.25 -54.61
N GLU U 13 18.61 52.02 -54.42
CA GLU U 13 18.68 53.31 -53.70
C GLU U 13 18.54 53.14 -52.19
N GLY U 14 18.31 51.91 -51.74
CA GLY U 14 18.13 51.63 -50.31
C GLY U 14 16.72 51.93 -49.84
N ARG U 15 15.74 51.71 -50.71
CA ARG U 15 14.35 52.02 -50.43
C ARG U 15 13.45 50.79 -50.48
N LEU U 16 12.33 50.88 -49.78
CA LEU U 16 11.33 49.83 -49.77
C LEU U 16 10.03 50.37 -50.35
N TYR U 17 9.80 50.10 -51.63
CA TYR U 17 8.65 50.66 -52.34
C TYR U 17 7.29 50.19 -51.82
N GLN U 18 7.22 48.94 -51.35
CA GLN U 18 5.99 48.41 -50.76
C GLN U 18 5.57 49.22 -49.55
N VAL U 19 6.54 49.68 -48.78
CA VAL U 19 6.30 50.52 -47.61
C VAL U 19 5.87 51.91 -48.06
N GLU U 20 6.48 52.40 -49.14
CA GLU U 20 6.14 53.70 -49.71
C GLU U 20 4.72 53.70 -50.29
N TYR U 21 4.34 52.61 -50.94
CA TYR U 21 3.01 52.46 -51.52
C TYR U 21 1.94 52.22 -50.45
N ALA U 22 2.37 51.77 -49.28
CA ALA U 22 1.48 51.64 -48.13
C ALA U 22 1.09 53.01 -47.57
N PHE U 23 2.03 53.95 -47.61
CA PHE U 23 1.74 55.34 -47.24
C PHE U 23 0.72 55.95 -48.18
N LYS U 24 0.86 55.67 -49.46
CA LYS U 24 -0.07 56.11 -50.49
C LYS U 24 -1.49 55.60 -50.21
N ALA U 25 -1.58 54.39 -49.65
CA ALA U 25 -2.86 53.76 -49.32
C ALA U 25 -3.60 54.43 -48.16
N THR U 26 -2.86 55.09 -47.27
CA THR U 26 -3.44 55.74 -46.09
C THR U 26 -4.36 56.91 -46.46
N ASN U 27 -4.13 57.49 -47.64
CA ASN U 27 -4.90 58.62 -48.13
C ASN U 27 -6.12 58.24 -48.96
N GLN U 28 -6.35 56.93 -49.12
CA GLN U 28 -7.40 56.40 -50.01
C GLN U 28 -8.81 56.86 -49.62
N THR U 29 -9.07 56.92 -48.32
CA THR U 29 -10.40 57.27 -47.80
C THR U 29 -10.67 58.77 -47.81
N ASN U 30 -9.68 59.55 -48.27
CA ASN U 30 -9.80 61.01 -48.43
C ASN U 30 -10.31 61.74 -47.18
N ILE U 31 -9.79 61.34 -46.02
CA ILE U 31 -10.23 61.86 -44.74
C ILE U 31 -9.08 62.48 -43.94
N ASN U 32 -9.36 63.61 -43.30
CA ASN U 32 -8.37 64.29 -42.46
C ASN U 32 -8.66 64.17 -40.98
N SER U 33 -7.61 63.89 -40.21
CA SER U 33 -7.71 63.83 -38.75
C SER U 33 -6.71 64.76 -38.09
N LEU U 34 -7.01 65.17 -36.86
CA LEU U 34 -6.07 65.91 -36.04
C LEU U 34 -6.24 65.57 -34.56
N ALA U 35 -5.18 65.76 -33.78
CA ALA U 35 -5.22 65.49 -32.35
C ALA U 35 -4.53 66.61 -31.57
N VAL U 36 -5.16 67.02 -30.47
CA VAL U 36 -4.62 68.10 -29.62
C VAL U 36 -4.71 67.79 -28.13
N ARG U 37 -3.79 68.37 -27.36
CA ARG U 37 -3.77 68.18 -25.91
C ARG U 37 -4.35 69.39 -25.19
N GLY U 38 -5.17 69.13 -24.19
CA GLY U 38 -5.69 70.15 -23.30
C GLY U 38 -4.85 70.24 -22.05
N LYS U 39 -5.43 70.78 -20.98
CA LYS U 39 -4.76 70.88 -19.69
C LYS U 39 -4.73 69.50 -19.02
N ASP U 40 -5.84 68.77 -19.16
CA ASP U 40 -5.97 67.42 -18.61
C ASP U 40 -6.88 66.54 -19.48
N CYS U 41 -6.76 66.69 -20.79
CA CYS U 41 -7.52 65.90 -21.76
C CYS U 41 -6.81 65.84 -23.10
N THR U 42 -7.25 64.92 -23.95
CA THR U 42 -6.73 64.82 -25.31
C THR U 42 -7.89 64.55 -26.26
N VAL U 43 -7.98 65.38 -27.31
CA VAL U 43 -9.10 65.35 -28.24
C VAL U 43 -8.65 64.94 -29.64
N VAL U 44 -9.42 64.06 -30.27
CA VAL U 44 -9.21 63.71 -31.68
C VAL U 44 -10.42 64.10 -32.53
N ILE U 45 -10.13 64.64 -33.71
CA ILE U 45 -11.14 65.02 -34.69
C ILE U 45 -10.87 64.27 -35.98
N SER U 46 -11.92 63.76 -36.61
CA SER U 46 -11.79 63.10 -37.89
C SER U 46 -12.99 63.45 -38.76
N GLN U 47 -12.75 63.61 -40.05
CA GLN U 47 -13.82 63.84 -41.01
C GLN U 47 -14.65 62.57 -41.14
N LYS U 48 -15.96 62.76 -41.29
CA LYS U 48 -16.88 61.66 -41.47
C LYS U 48 -17.65 61.89 -42.76
N LYS U 49 -17.30 61.13 -43.79
CA LYS U 49 -17.96 61.23 -45.08
C LYS U 49 -18.82 60.01 -45.34
N VAL U 50 -20.13 60.24 -45.38
CA VAL U 50 -21.10 59.19 -45.68
C VAL U 50 -21.71 59.51 -47.05
N PRO U 51 -21.13 58.94 -48.12
CA PRO U 51 -21.56 59.27 -49.48
C PRO U 51 -22.89 58.60 -49.85
N ASP U 52 -23.21 57.49 -49.20
CA ASP U 52 -24.40 56.72 -49.52
C ASP U 52 -25.50 56.95 -48.47
N LYS U 53 -26.71 57.14 -48.96
CA LYS U 53 -27.87 57.36 -48.10
C LYS U 53 -28.47 56.03 -47.63
N LEU U 54 -27.88 54.94 -48.09
CA LEU U 54 -28.27 53.58 -47.69
C LEU U 54 -27.52 53.10 -46.46
N LEU U 55 -26.37 53.70 -46.19
CA LEU U 55 -25.53 53.34 -45.05
C LEU U 55 -26.18 53.75 -43.73
N ASP U 56 -25.89 52.96 -42.69
CA ASP U 56 -26.22 53.34 -41.33
C ASP U 56 -25.05 54.16 -40.78
N PRO U 57 -25.25 55.49 -40.65
CA PRO U 57 -24.21 56.45 -40.26
C PRO U 57 -23.49 56.13 -38.95
N THR U 58 -24.23 55.58 -37.98
CA THR U 58 -23.68 55.25 -36.66
C THR U 58 -22.57 54.20 -36.69
N THR U 59 -22.50 53.43 -37.78
CA THR U 59 -21.50 52.38 -37.94
C THR U 59 -20.25 52.85 -38.68
N VAL U 60 -20.37 53.94 -39.43
CA VAL U 60 -19.24 54.53 -40.16
C VAL U 60 -18.37 55.32 -39.21
N SER U 61 -17.24 54.73 -38.84
CA SER U 61 -16.35 55.31 -37.84
C SER U 61 -14.91 54.87 -38.08
N TYR U 62 -13.96 55.76 -37.79
CA TYR U 62 -12.53 55.43 -37.85
C TYR U 62 -11.85 55.70 -36.51
N ILE U 63 -12.67 55.94 -35.48
CA ILE U 63 -12.18 56.07 -34.11
C ILE U 63 -12.56 54.80 -33.35
N PHE U 64 -11.62 54.26 -32.59
CA PHE U 64 -11.81 53.01 -31.87
C PHE U 64 -11.48 53.17 -30.39
N CYS U 65 -12.26 52.55 -29.53
CA CYS U 65 -11.96 52.50 -28.10
C CYS U 65 -11.13 51.25 -27.80
N ILE U 66 -9.81 51.42 -27.69
CA ILE U 66 -8.87 50.30 -27.52
C ILE U 66 -8.98 49.69 -26.12
N SER U 67 -8.80 50.51 -25.10
CA SER U 67 -9.05 50.11 -23.72
C SER U 67 -9.93 51.18 -23.06
N ARG U 68 -10.13 51.05 -21.75
CA ARG U 68 -10.85 52.07 -20.98
C ARG U 68 -10.20 53.45 -21.13
N THR U 69 -8.87 53.49 -21.23
CA THR U 69 -8.11 54.74 -21.22
C THR U 69 -7.56 55.16 -22.59
N ILE U 70 -7.27 54.19 -23.45
CA ILE U 70 -6.66 54.47 -24.74
C ILE U 70 -7.69 54.51 -25.88
N GLY U 71 -7.58 55.54 -26.71
CA GLY U 71 -8.38 55.66 -27.93
C GLY U 71 -7.49 55.75 -29.15
N MET U 72 -8.03 55.39 -30.31
CA MET U 72 -7.24 55.34 -31.54
C MET U 72 -8.03 55.79 -32.76
N VAL U 73 -7.46 56.71 -33.53
CA VAL U 73 -8.02 57.11 -34.81
C VAL U 73 -7.11 56.65 -35.96
N VAL U 74 -7.72 56.13 -37.01
CA VAL U 74 -6.98 55.51 -38.12
C VAL U 74 -7.23 56.25 -39.43
N ASN U 75 -6.14 56.55 -40.15
CA ASN U 75 -6.22 57.01 -41.52
C ASN U 75 -5.78 55.89 -42.45
N GLY U 76 -6.71 55.41 -43.27
CA GLY U 76 -6.46 54.30 -44.19
C GLY U 76 -7.72 53.50 -44.41
N PRO U 77 -7.68 52.49 -45.30
CA PRO U 77 -8.84 51.66 -45.57
C PRO U 77 -9.31 50.94 -44.31
N ILE U 78 -10.63 50.74 -44.19
CA ILE U 78 -11.22 50.19 -42.97
C ILE U 78 -10.86 48.72 -42.66
N PRO U 79 -10.74 47.85 -43.70
CA PRO U 79 -10.37 46.47 -43.34
C PRO U 79 -9.03 46.39 -42.61
N ASP U 80 -8.04 47.15 -43.10
CA ASP U 80 -6.74 47.24 -42.44
C ASP U 80 -6.84 47.93 -41.08
N ALA U 81 -7.70 48.96 -41.00
CA ALA U 81 -7.93 49.69 -39.75
C ALA U 81 -8.50 48.79 -38.65
N ARG U 82 -9.46 47.94 -39.01
CA ARG U 82 -10.07 47.01 -38.05
C ARG U 82 -9.11 45.91 -37.63
N ASN U 83 -8.25 45.50 -38.56
CA ASN U 83 -7.17 44.56 -38.29
C ASN U 83 -6.25 45.06 -37.19
N ALA U 84 -5.86 46.34 -37.28
CA ALA U 84 -5.00 46.98 -36.30
C ALA U 84 -5.71 47.16 -34.97
N ALA U 85 -6.96 47.62 -35.05
CA ALA U 85 -7.83 47.82 -33.89
C ALA U 85 -7.93 46.57 -33.02
N LEU U 86 -8.32 45.44 -33.64
CA LEU U 86 -8.46 44.19 -32.93
C LEU U 86 -7.14 43.74 -32.29
N ARG U 87 -6.03 43.97 -32.99
CA ARG U 87 -4.71 43.63 -32.48
C ARG U 87 -4.35 44.48 -31.26
N ALA U 88 -4.60 45.79 -31.36
CA ALA U 88 -4.31 46.72 -30.28
C ALA U 88 -5.15 46.42 -29.03
N LYS U 89 -6.42 46.08 -29.25
CA LYS U 89 -7.31 45.68 -28.15
C LYS U 89 -6.83 44.40 -27.47
N ALA U 90 -6.38 43.45 -28.27
CA ALA U 90 -5.83 42.18 -27.75
C ALA U 90 -4.59 42.43 -26.93
N GLU U 91 -3.66 43.21 -27.48
CA GLU U 91 -2.40 43.55 -26.80
C GLU U 91 -2.63 44.33 -25.50
N ALA U 92 -3.64 45.20 -25.50
CA ALA U 92 -3.96 46.02 -24.33
C ALA U 92 -4.52 45.17 -23.19
N ALA U 93 -5.29 44.15 -23.56
CA ALA U 93 -5.85 43.22 -22.59
C ALA U 93 -4.77 42.28 -22.07
N GLU U 94 -3.84 41.89 -22.94
CA GLU U 94 -2.74 41.00 -22.56
C GLU U 94 -1.74 41.68 -21.63
N PHE U 95 -1.41 42.94 -21.94
CA PHE U 95 -0.51 43.75 -21.09
C PHE U 95 -1.02 43.82 -19.65
N ARG U 96 -2.30 44.15 -19.49
CA ARG U 96 -2.93 44.30 -18.18
C ARG U 96 -2.86 43.02 -17.36
N TYR U 97 -3.18 41.89 -18.01
CA TYR U 97 -3.16 40.59 -17.36
C TYR U 97 -1.76 40.18 -16.90
N LYS U 98 -0.77 40.43 -17.76
CA LYS U 98 0.61 40.03 -17.51
C LYS U 98 1.36 40.93 -16.52
N TYR U 99 1.05 42.23 -16.53
CA TYR U 99 1.86 43.20 -15.78
C TYR U 99 1.12 43.95 -14.66
N GLY U 100 -0.18 43.72 -14.54
CA GLY U 100 -0.96 44.22 -13.40
C GLY U 100 -1.28 45.71 -13.41
N TYR U 101 -1.06 46.37 -14.53
CA TYR U 101 -1.45 47.76 -14.70
C TYR U 101 -1.78 48.06 -16.16
N ASP U 102 -2.59 49.09 -16.38
CA ASP U 102 -3.07 49.46 -17.70
C ASP U 102 -1.95 49.90 -18.63
N MET U 103 -1.96 49.37 -19.84
CA MET U 103 -0.94 49.71 -20.84
C MET U 103 -0.96 51.20 -21.14
N PRO U 104 0.20 51.87 -21.00
CA PRO U 104 0.33 53.27 -21.34
C PRO U 104 0.18 53.47 -22.84
N CYS U 105 -0.24 54.67 -23.24
CA CYS U 105 -0.43 55.01 -24.64
C CYS U 105 0.85 54.82 -25.48
N ASP U 106 1.97 55.33 -24.98
CA ASP U 106 3.24 55.30 -25.70
C ASP U 106 3.79 53.90 -25.90
N VAL U 107 3.48 53.00 -24.97
CA VAL U 107 3.93 51.61 -25.05
C VAL U 107 3.15 50.82 -26.11
N LEU U 108 1.83 51.02 -26.15
CA LEU U 108 0.99 50.42 -27.19
C LEU U 108 1.39 50.90 -28.58
N ALA U 109 1.80 52.15 -28.67
CA ALA U 109 2.34 52.70 -29.91
C ALA U 109 3.61 51.96 -30.30
N LYS U 110 4.55 51.85 -29.37
CA LYS U 110 5.80 51.12 -29.59
C LYS U 110 5.53 49.68 -30.04
N ARG U 111 4.63 49.00 -29.34
CA ARG U 111 4.28 47.62 -29.66
C ARG U 111 3.71 47.48 -31.08
N MET U 112 2.80 48.37 -31.45
CA MET U 112 2.20 48.34 -32.79
C MET U 112 3.20 48.74 -33.87
N ALA U 113 4.10 49.65 -33.52
CA ALA U 113 5.17 50.08 -34.43
C ALA U 113 6.20 48.98 -34.65
N ASN U 114 6.47 48.18 -33.62
CA ASN U 114 7.36 47.03 -33.72
C ASN U 114 6.78 45.94 -34.61
N LEU U 115 5.46 45.72 -34.48
CA LEU U 115 4.74 44.80 -35.35
C LEU U 115 4.74 45.28 -36.80
N SER U 116 4.62 46.60 -36.98
CA SER U 116 4.69 47.21 -38.29
C SER U 116 6.06 47.00 -38.91
N GLN U 117 7.11 47.16 -38.09
CA GLN U 117 8.48 46.98 -38.52
C GLN U 117 8.72 45.57 -39.05
N ILE U 118 8.07 44.58 -38.44
CA ILE U 118 8.21 43.18 -38.87
C ILE U 118 7.75 42.98 -40.31
N TYR U 119 6.60 43.55 -40.67
CA TYR U 119 6.05 43.40 -42.01
C TYR U 119 6.92 44.13 -43.02
N THR U 120 7.65 45.12 -42.51
CA THR U 120 8.67 45.87 -43.25
C THR U 120 9.88 44.99 -43.60
N GLN U 121 10.16 43.98 -42.78
CA GLN U 121 11.35 43.13 -42.95
C GLN U 121 11.07 41.73 -43.49
N ARG U 122 9.92 41.16 -43.13
CA ARG U 122 9.56 39.81 -43.59
C ARG U 122 8.69 39.85 -44.84
N ALA U 123 9.03 38.99 -45.81
CA ALA U 123 8.47 39.04 -47.15
C ALA U 123 7.02 38.58 -47.29
N TYR U 124 6.61 37.61 -46.46
CA TYR U 124 5.26 37.04 -46.58
C TYR U 124 4.17 37.91 -45.98
N MET U 125 4.55 38.77 -45.03
CA MET U 125 3.63 39.73 -44.43
C MET U 125 3.66 41.06 -45.19
N ARG U 126 2.52 41.48 -45.71
CA ARG U 126 2.41 42.80 -46.32
C ARG U 126 2.20 43.88 -45.26
N PRO U 127 2.70 45.10 -45.50
CA PRO U 127 2.44 46.19 -44.57
C PRO U 127 0.96 46.57 -44.58
N LEU U 128 0.47 47.10 -43.46
CA LEU U 128 -0.89 47.61 -43.42
C LEU U 128 -0.88 49.06 -43.88
N GLY U 129 -1.80 49.41 -44.78
CA GLY U 129 -1.86 50.75 -45.34
C GLY U 129 -2.59 51.73 -44.43
N VAL U 130 -2.11 51.85 -43.19
CA VAL U 130 -2.76 52.70 -42.19
C VAL U 130 -1.78 53.46 -41.32
N ILE U 131 -2.19 54.67 -40.92
CA ILE U 131 -1.47 55.44 -39.91
C ILE U 131 -2.34 55.48 -38.65
N LEU U 132 -1.76 55.05 -37.55
CA LEU U 132 -2.49 54.87 -36.30
C LEU U 132 -2.13 55.96 -35.29
N THR U 133 -3.15 56.67 -34.82
CA THR U 133 -2.95 57.73 -33.82
C THR U 133 -3.54 57.31 -32.48
N PHE U 134 -2.68 57.21 -31.48
CA PHE U 134 -3.10 56.79 -30.14
C PHE U 134 -3.14 57.98 -29.20
N VAL U 135 -4.22 58.06 -28.42
CA VAL U 135 -4.42 59.18 -27.49
C VAL U 135 -4.92 58.73 -26.13
N SER U 136 -4.49 59.44 -25.09
CA SER U 136 -4.93 59.18 -23.72
C SER U 136 -4.51 60.31 -22.78
N VAL U 137 -4.98 60.22 -21.53
CA VAL U 137 -4.37 60.94 -20.43
C VAL U 137 -3.68 59.86 -19.59
N ASP U 138 -2.37 59.71 -19.84
CA ASP U 138 -1.54 58.74 -19.13
C ASP U 138 -1.42 59.13 -17.66
N GLU U 139 -1.29 58.13 -16.79
CA GLU U 139 -1.21 58.39 -15.36
C GLU U 139 0.15 58.93 -14.91
N GLU U 140 1.17 58.72 -15.75
CA GLU U 140 2.50 59.23 -15.47
C GLU U 140 2.83 60.47 -16.30
N LEU U 141 2.60 60.36 -17.61
CA LEU U 141 3.01 61.39 -18.57
C LEU U 141 2.01 62.54 -18.75
N GLY U 142 0.75 62.28 -18.43
CA GLY U 142 -0.34 63.23 -18.68
C GLY U 142 -0.90 63.06 -20.07
N PRO U 143 -1.58 64.10 -20.61
CA PRO U 143 -2.17 64.05 -21.95
C PRO U 143 -1.13 63.69 -23.00
N SER U 144 -1.43 62.69 -23.83
CA SER U 144 -0.43 62.11 -24.73
C SER U 144 -0.98 61.77 -26.11
N ILE U 145 -0.19 62.08 -27.14
CA ILE U 145 -0.50 61.67 -28.51
C ILE U 145 0.71 60.95 -29.10
N TYR U 146 0.49 59.75 -29.60
CA TYR U 146 1.55 58.94 -30.23
C TYR U 146 1.04 58.35 -31.54
N LYS U 147 1.88 58.41 -32.58
CA LYS U 147 1.43 58.06 -33.93
C LYS U 147 2.41 57.14 -34.64
N THR U 148 1.88 56.06 -35.22
CA THR U 148 2.68 55.05 -35.93
C THR U 148 2.26 54.90 -37.39
N ASP U 149 3.22 54.57 -38.25
CA ASP U 149 2.96 54.40 -39.69
C ASP U 149 3.48 53.05 -40.24
N PRO U 150 3.27 52.77 -41.55
CA PRO U 150 3.67 51.49 -42.14
C PRO U 150 5.19 51.23 -42.20
N ALA U 151 5.99 52.25 -41.87
CA ALA U 151 7.45 52.11 -41.85
C ALA U 151 7.94 51.50 -40.55
N GLY U 152 7.07 51.51 -39.54
CA GLY U 152 7.42 51.09 -38.19
C GLY U 152 7.88 52.27 -37.34
N TYR U 153 7.73 53.47 -37.90
CA TYR U 153 8.12 54.69 -37.20
C TYR U 153 7.04 55.09 -36.20
N TYR U 154 7.47 55.68 -35.08
CA TYR U 154 6.55 56.21 -34.07
C TYR U 154 7.22 57.32 -33.26
N VAL U 155 6.43 58.32 -32.88
CA VAL U 155 6.92 59.41 -32.04
C VAL U 155 5.76 60.11 -31.31
N GLY U 156 6.09 60.80 -30.22
CA GLY U 156 5.13 61.62 -29.50
C GLY U 156 4.93 62.98 -30.15
N TYR U 157 3.76 63.57 -29.92
CA TYR U 157 3.41 64.87 -30.49
C TYR U 157 2.80 65.80 -29.46
N LYS U 158 3.01 67.11 -29.65
CA LYS U 158 2.28 68.14 -28.91
C LYS U 158 0.87 68.19 -29.49
N ALA U 159 0.80 68.21 -30.82
CA ALA U 159 -0.41 68.04 -31.60
C ALA U 159 -0.03 67.37 -32.92
N THR U 160 -1.00 66.78 -33.60
CA THR U 160 -0.71 66.13 -34.89
C THR U 160 -1.87 66.19 -35.87
N ALA U 161 -1.55 65.98 -37.15
CA ALA U 161 -2.54 65.94 -38.22
C ALA U 161 -2.20 64.85 -39.23
N THR U 162 -3.23 64.30 -39.87
CA THR U 162 -3.06 63.18 -40.81
C THR U 162 -4.12 63.22 -41.89
N GLY U 163 -3.74 62.89 -43.11
CA GLY U 163 -4.67 62.84 -44.24
C GLY U 163 -4.14 63.54 -45.48
N PRO U 164 -4.98 63.67 -46.52
CA PRO U 164 -4.59 64.32 -47.78
C PRO U 164 -4.12 65.76 -47.58
N LYS U 165 -4.76 66.50 -46.68
CA LYS U 165 -4.41 67.90 -46.44
C LYS U 165 -3.65 68.09 -45.13
N GLN U 166 -2.88 67.07 -44.76
CA GLN U 166 -2.08 67.04 -43.52
C GLN U 166 -1.26 68.32 -43.30
N GLN U 167 -0.47 68.71 -44.30
CA GLN U 167 0.46 69.82 -44.17
C GLN U 167 -0.19 71.17 -43.85
N GLU U 168 -1.40 71.39 -44.39
CA GLU U 168 -2.15 72.62 -44.11
C GLU U 168 -2.63 72.71 -42.67
N ILE U 169 -3.03 71.57 -42.10
CA ILE U 169 -3.46 71.49 -40.70
C ILE U 169 -2.28 71.66 -39.76
N THR U 170 -1.16 71.05 -40.12
CA THR U 170 0.06 71.06 -39.32
C THR U 170 0.64 72.48 -39.16
N THR U 171 0.87 73.17 -40.29
CA THR U 171 1.39 74.55 -40.26
C THR U 171 0.43 75.50 -39.54
N ASN U 172 -0.87 75.21 -39.61
CA ASN U 172 -1.86 75.99 -38.89
C ASN U 172 -1.72 75.86 -37.38
N LEU U 173 -1.50 74.63 -36.93
CA LEU U 173 -1.29 74.35 -35.51
C LEU U 173 0.07 74.84 -35.01
N GLU U 174 1.09 74.71 -35.86
CA GLU U 174 2.42 75.26 -35.59
C GLU U 174 2.35 76.75 -35.28
N ASN U 175 1.57 77.47 -36.09
CA ASN U 175 1.41 78.92 -35.95
C ASN U 175 0.70 79.34 -34.67
N HIS U 176 -0.22 78.50 -34.20
CA HIS U 176 -0.91 78.75 -32.95
C HIS U 176 0.02 78.62 -31.73
N PHE U 177 0.88 77.61 -31.76
CA PHE U 177 1.77 77.34 -30.63
C PHE U 177 2.99 78.30 -30.58
N LYS U 178 3.28 78.96 -31.70
CA LYS U 178 4.26 80.04 -31.71
C LYS U 178 3.70 81.25 -30.99
N LYS U 179 2.43 81.54 -31.23
CA LYS U 179 1.75 82.69 -30.65
C LYS U 179 1.45 82.47 -29.16
N SER U 180 0.97 81.27 -28.82
CA SER U 180 0.63 80.92 -27.44
C SER U 180 1.87 80.64 -26.59
N LYS U 181 2.99 80.33 -27.25
CA LYS U 181 4.28 80.04 -26.61
C LYS U 181 4.31 78.82 -25.67
N ILE U 182 3.15 78.19 -25.48
CA ILE U 182 3.06 76.92 -24.76
C ILE U 182 2.65 75.77 -25.70
N ASP U 183 2.80 74.53 -25.23
CA ASP U 183 2.69 73.35 -26.09
C ASP U 183 1.38 72.56 -25.96
N HIS U 184 0.34 73.22 -25.44
CA HIS U 184 -0.98 72.59 -25.26
C HIS U 184 -2.09 73.64 -25.36
N ILE U 185 -3.33 73.21 -25.13
CA ILE U 185 -4.46 74.14 -25.11
C ILE U 185 -4.78 74.51 -23.66
N ASN U 186 -4.53 75.78 -23.33
CA ASN U 186 -4.74 76.28 -21.98
C ASN U 186 -6.23 76.41 -21.64
N GLU U 187 -6.89 75.27 -21.47
CA GLU U 187 -8.33 75.22 -21.21
C GLU U 187 -8.65 74.08 -20.25
N GLU U 188 -9.44 74.39 -19.22
CA GLU U 188 -9.73 73.45 -18.13
C GLU U 188 -10.77 72.39 -18.50
N SER U 189 -11.85 72.81 -19.15
CA SER U 189 -12.88 71.89 -19.60
C SER U 189 -12.53 71.34 -20.97
N TRP U 190 -12.84 70.06 -21.19
CA TRP U 190 -12.57 69.41 -22.47
C TRP U 190 -13.47 69.92 -23.59
N GLU U 191 -14.63 70.46 -23.22
CA GLU U 191 -15.60 70.98 -24.18
C GLU U 191 -15.01 72.06 -25.08
N LYS U 192 -14.33 73.03 -24.46
CA LYS U 192 -13.70 74.12 -25.18
C LYS U 192 -12.47 73.66 -25.98
N VAL U 193 -11.86 72.56 -25.55
CA VAL U 193 -10.74 71.97 -26.30
C VAL U 193 -11.24 71.30 -27.58
N VAL U 194 -12.42 70.70 -27.52
CA VAL U 194 -13.09 70.16 -28.70
C VAL U 194 -13.46 71.31 -29.64
N GLU U 195 -13.93 72.41 -29.07
CA GLU U 195 -14.30 73.60 -29.83
C GLU U 195 -13.10 74.21 -30.55
N PHE U 196 -11.94 74.19 -29.89
CA PHE U 196 -10.69 74.65 -30.49
C PHE U 196 -10.31 73.79 -31.70
N ALA U 197 -10.36 72.47 -31.50
CA ALA U 197 -9.99 71.50 -32.51
C ALA U 197 -10.80 71.65 -33.81
N ILE U 198 -12.11 71.86 -33.66
CA ILE U 198 -13.00 72.06 -34.80
C ILE U 198 -12.76 73.40 -35.49
N THR U 199 -12.63 74.46 -34.69
CA THR U 199 -12.36 75.80 -35.22
C THR U 199 -11.08 75.82 -36.06
N HIS U 200 -10.02 75.21 -35.55
CA HIS U 200 -8.73 75.21 -36.25
C HIS U 200 -8.65 74.21 -37.41
N MET U 201 -9.58 73.25 -37.40
CA MET U 201 -9.78 72.33 -38.52
C MET U 201 -10.44 73.07 -39.67
N ILE U 202 -11.53 73.78 -39.37
CA ILE U 202 -12.26 74.56 -40.35
C ILE U 202 -11.35 75.60 -41.04
N ASP U 203 -10.63 76.37 -40.24
CA ASP U 203 -9.75 77.43 -40.75
C ASP U 203 -8.63 76.93 -41.68
N ALA U 204 -8.25 75.67 -41.52
CA ALA U 204 -7.19 75.06 -42.33
C ALA U 204 -7.73 74.39 -43.60
N LEU U 205 -8.92 73.81 -43.50
CA LEU U 205 -9.55 73.12 -44.63
C LEU U 205 -10.42 74.04 -45.48
N GLY U 206 -10.86 75.15 -44.90
CA GLY U 206 -11.73 76.11 -45.59
C GLY U 206 -13.12 75.58 -45.89
N THR U 207 -13.63 74.72 -45.01
CA THR U 207 -14.96 74.13 -45.16
C THR U 207 -15.71 74.11 -43.84
N GLU U 208 -17.00 74.45 -43.90
CA GLU U 208 -17.86 74.45 -42.72
C GLU U 208 -18.41 73.05 -42.47
N PHE U 209 -18.69 72.74 -41.20
CA PHE U 209 -19.14 71.41 -40.80
C PHE U 209 -20.52 71.39 -40.17
N SER U 210 -21.21 70.26 -40.34
CA SER U 210 -22.44 69.98 -39.61
C SER U 210 -22.23 68.74 -38.73
N LYS U 211 -23.23 68.42 -37.90
CA LYS U 211 -23.11 67.33 -36.91
C LYS U 211 -22.78 65.96 -37.51
N ASN U 212 -23.17 65.74 -38.77
CA ASN U 212 -22.95 64.46 -39.45
C ASN U 212 -21.64 64.41 -40.26
N ASP U 213 -20.89 65.51 -40.23
CA ASP U 213 -19.65 65.62 -41.00
C ASP U 213 -18.40 65.32 -40.19
N LEU U 214 -18.52 65.30 -38.87
CA LEU U 214 -17.37 65.11 -37.99
C LEU U 214 -17.49 63.91 -37.08
N GLU U 215 -16.36 63.53 -36.51
CA GLU U 215 -16.25 62.42 -35.58
C GLU U 215 -15.29 62.88 -34.49
N VAL U 216 -15.72 62.82 -33.23
CA VAL U 216 -14.93 63.34 -32.12
C VAL U 216 -14.72 62.32 -31.01
N GLY U 217 -13.48 62.21 -30.56
CA GLY U 217 -13.12 61.35 -29.43
C GLY U 217 -12.35 62.14 -28.39
N VAL U 218 -12.71 61.94 -27.12
CA VAL U 218 -12.07 62.64 -26.03
C VAL U 218 -11.48 61.64 -25.04
N ALA U 219 -10.27 61.93 -24.56
CA ALA U 219 -9.63 61.13 -23.53
C ALA U 219 -9.41 61.98 -22.28
N THR U 220 -10.02 61.58 -21.17
CA THR U 220 -9.81 62.23 -19.87
C THR U 220 -9.14 61.28 -18.89
N LYS U 221 -8.99 61.73 -17.65
CA LYS U 221 -8.45 60.90 -16.58
C LYS U 221 -9.30 59.64 -16.39
N ASP U 222 -8.67 58.48 -16.56
CA ASP U 222 -9.31 57.17 -16.39
C ASP U 222 -10.44 56.81 -17.37
N LYS U 223 -10.61 57.59 -18.44
CA LYS U 223 -11.69 57.34 -19.42
C LYS U 223 -11.44 57.90 -20.83
N PHE U 224 -11.80 57.11 -21.85
CA PHE U 224 -11.86 57.58 -23.24
C PHE U 224 -13.24 57.31 -23.84
N PHE U 225 -13.82 58.34 -24.47
CA PHE U 225 -15.18 58.25 -25.01
C PHE U 225 -15.34 59.03 -26.31
N THR U 226 -16.25 58.58 -27.16
CA THR U 226 -16.57 59.27 -28.41
C THR U 226 -17.85 60.10 -28.25
N LEU U 227 -17.92 61.22 -28.98
CA LEU U 227 -19.07 62.10 -28.92
C LEU U 227 -20.16 61.66 -29.91
N SER U 228 -21.42 61.79 -29.49
CA SER U 228 -22.56 61.51 -30.36
C SER U 228 -22.77 62.67 -31.34
N ALA U 229 -23.64 62.46 -32.32
CA ALA U 229 -23.98 63.51 -33.28
C ALA U 229 -24.54 64.75 -32.58
N GLU U 230 -25.36 64.53 -31.55
CA GLU U 230 -25.96 65.62 -30.77
C GLU U 230 -24.96 66.30 -29.82
N ASN U 231 -23.96 65.54 -29.38
CA ASN U 231 -22.86 66.12 -28.59
C ASN U 231 -22.05 67.11 -29.42
N ILE U 232 -21.79 66.73 -30.67
CA ILE U 232 -21.08 67.57 -31.64
C ILE U 232 -21.95 68.77 -32.04
N GLU U 233 -23.25 68.53 -32.19
CA GLU U 233 -24.21 69.58 -32.51
C GLU U 233 -24.18 70.69 -31.45
N GLU U 234 -24.18 70.29 -30.19
CA GLU U 234 -24.09 71.23 -29.07
C GLU U 234 -22.78 72.03 -29.15
N ARG U 235 -21.71 71.35 -29.53
CA ARG U 235 -20.38 71.95 -29.64
C ARG U 235 -20.28 72.92 -30.81
N LEU U 236 -20.99 72.61 -31.89
CA LEU U 236 -21.02 73.45 -33.10
C LEU U 236 -21.83 74.74 -32.92
N VAL U 237 -22.81 74.70 -32.01
CA VAL U 237 -23.60 75.88 -31.66
C VAL U 237 -22.73 76.92 -30.95
N ALA U 238 -21.81 76.44 -30.11
CA ALA U 238 -20.94 77.30 -29.31
C ALA U 238 -19.92 78.09 -30.13
N ILE U 239 -19.39 77.47 -31.19
CA ILE U 239 -18.43 78.16 -32.07
C ILE U 239 -19.14 79.18 -32.98
N ALA U 240 -20.43 78.96 -33.22
CA ALA U 240 -21.26 79.85 -34.03
C ALA U 240 -21.55 81.16 -33.29
N GLU U 241 -21.60 81.08 -31.96
CA GLU U 241 -21.83 82.25 -31.11
C GLU U 241 -20.53 83.00 -30.81
N GLN U 242 -19.40 82.37 -31.11
CA GLN U 242 -18.07 82.97 -30.98
C GLN U 242 -17.81 84.01 -32.08
N ASP U 243 -18.14 83.65 -33.32
CA ASP U 243 -17.99 84.54 -34.48
C ASP U 243 -19.15 85.54 -34.59
N THR V 1 13.90 29.79 7.94
CA THR V 1 13.80 31.24 7.83
C THR V 1 12.83 31.92 8.80
N THR V 2 13.07 33.21 9.13
CA THR V 2 12.05 34.22 9.35
C THR V 2 12.22 35.43 8.44
N ILE V 3 11.12 35.87 7.81
CA ILE V 3 11.11 37.09 7.00
C ILE V 3 9.87 37.93 7.29
N VAL V 4 10.05 39.25 7.41
CA VAL V 4 8.94 40.16 7.66
C VAL V 4 8.94 41.38 6.74
N GLY V 5 7.79 42.07 6.71
CA GLY V 5 7.62 43.33 5.99
C GLY V 5 6.69 44.23 6.79
N VAL V 6 7.03 45.51 6.88
CA VAL V 6 6.25 46.49 7.63
C VAL V 6 6.16 47.82 6.87
N LYS V 7 4.94 48.29 6.64
CA LYS V 7 4.71 49.59 6.01
C LYS V 7 4.88 50.70 7.05
N PHE V 8 5.36 51.85 6.61
CA PHE V 8 5.35 53.05 7.45
C PHE V 8 4.73 54.26 6.72
N ASN V 9 4.80 55.43 7.34
CA ASN V 9 4.10 56.62 6.83
C ASN V 9 4.54 57.12 5.45
N ASN V 10 5.79 56.83 5.07
CA ASN V 10 6.35 57.31 3.81
C ASN V 10 7.01 56.22 2.96
N GLY V 11 6.64 54.97 3.20
CA GLY V 11 7.28 53.85 2.50
C GLY V 11 7.18 52.54 3.25
N VAL V 12 8.15 51.66 3.00
CA VAL V 12 8.08 50.27 3.46
C VAL V 12 9.46 49.70 3.85
N VAL V 13 9.47 48.81 4.84
CA VAL V 13 10.67 48.10 5.28
C VAL V 13 10.46 46.58 5.27
N ILE V 14 11.46 45.85 4.78
CA ILE V 14 11.49 44.38 4.91
C ILE V 14 12.73 43.92 5.67
N ALA V 15 12.62 42.77 6.33
CA ALA V 15 13.71 42.24 7.15
C ALA V 15 13.78 40.72 7.10
N ALA V 16 14.97 40.17 7.38
CA ALA V 16 15.16 38.71 7.41
C ALA V 16 16.28 38.29 8.36
N ASP V 17 16.24 37.01 8.76
CA ASP V 17 17.35 36.38 9.47
C ASP V 17 18.36 35.87 8.43
N THR V 18 19.46 35.28 8.89
CA THR V 18 20.54 34.90 7.98
C THR V 18 21.03 33.44 8.08
N ARG V 19 20.17 32.55 8.58
CA ARG V 19 20.51 31.12 8.66
C ARG V 19 19.92 30.34 7.48
N SER V 20 20.71 29.42 6.92
CA SER V 20 20.18 28.41 5.98
C SER V 20 20.50 27.01 6.51
N THR V 21 19.61 26.05 6.26
CA THR V 21 19.75 24.73 6.87
C THR V 21 19.73 23.56 5.87
N GLN V 22 20.31 22.45 6.30
CA GLN V 22 20.14 21.16 5.65
C GLN V 22 19.75 20.14 6.72
N GLY V 23 18.45 19.91 6.88
CA GLY V 23 17.94 19.15 8.00
C GLY V 23 18.30 19.87 9.30
N PRO V 24 18.88 19.14 10.25
CA PRO V 24 19.26 19.75 11.54
C PRO V 24 20.56 20.57 11.49
N ILE V 25 21.31 20.44 10.39
CA ILE V 25 22.61 21.08 10.27
C ILE V 25 22.52 22.43 9.55
N VAL V 26 23.14 23.45 10.15
CA VAL V 26 23.23 24.77 9.57
C VAL V 26 24.19 24.76 8.38
N ALA V 27 23.69 25.13 7.20
CA ALA V 27 24.51 25.14 5.99
C ALA V 27 25.29 26.44 5.84
N ASP V 28 24.58 27.57 5.83
CA ASP V 28 25.18 28.90 5.81
C ASP V 28 24.76 29.68 7.05
N LYS V 29 25.74 30.24 7.75
CA LYS V 29 25.49 30.99 8.98
C LYS V 29 25.19 32.46 8.74
N ASN V 30 25.42 32.94 7.51
CA ASN V 30 25.22 34.35 7.18
C ASN V 30 24.81 34.58 5.72
N CYS V 31 23.81 33.85 5.26
CA CYS V 31 23.33 33.99 3.88
C CYS V 31 22.36 35.17 3.75
N ALA V 32 22.31 35.76 2.56
CA ALA V 32 21.43 36.89 2.29
C ALA V 32 20.12 36.43 1.68
N LYS V 33 19.02 36.76 2.35
CA LYS V 33 17.69 36.37 1.90
C LYS V 33 16.92 37.55 1.31
N LEU V 34 17.50 38.75 1.42
CA LEU V 34 16.94 39.96 0.83
C LEU V 34 17.43 40.09 -0.61
N HIS V 35 16.51 40.32 -1.53
CA HIS V 35 16.85 40.33 -2.95
C HIS V 35 16.40 41.61 -3.65
N ARG V 36 17.20 42.03 -4.63
CA ARG V 36 16.87 43.20 -5.43
C ARG V 36 16.26 42.79 -6.76
N ILE V 37 14.96 43.06 -6.92
CA ILE V 37 14.28 42.89 -8.20
C ILE V 37 14.66 44.03 -9.12
N SER V 38 14.38 45.25 -8.67
CA SER V 38 14.84 46.47 -9.34
C SER V 38 15.36 47.43 -8.25
N PRO V 39 16.04 48.52 -8.64
CA PRO V 39 16.61 49.45 -7.64
C PRO V 39 15.71 49.74 -6.44
N LYS V 40 14.42 49.99 -6.70
CA LYS V 40 13.50 50.38 -5.63
C LYS V 40 12.42 49.34 -5.30
N ILE V 41 12.59 48.13 -5.84
CA ILE V 41 11.73 46.99 -5.51
C ILE V 41 12.58 45.86 -4.94
N TRP V 42 12.37 45.54 -3.66
CA TRP V 42 13.12 44.47 -3.00
C TRP V 42 12.20 43.35 -2.54
N CYS V 43 12.79 42.19 -2.28
CA CYS V 43 12.03 40.98 -2.05
C CYS V 43 12.73 40.00 -1.11
N ALA V 44 12.08 39.68 0.00
CA ALA V 44 12.60 38.72 0.98
C ALA V 44 12.09 37.32 0.71
N GLY V 45 12.95 36.31 0.85
CA GLY V 45 12.60 34.95 0.47
C GLY V 45 12.79 33.86 1.51
N ALA V 46 11.84 32.93 1.53
CA ALA V 46 11.88 31.75 2.40
C ALA V 46 11.43 30.52 1.61
N GLY V 47 11.85 29.35 2.05
CA GLY V 47 11.54 28.10 1.34
C GLY V 47 12.81 27.41 0.86
N THR V 48 12.78 26.90 -0.37
CA THR V 48 13.95 26.30 -0.99
C THR V 48 14.88 27.42 -1.45
N ALA V 49 16.12 27.39 -0.99
CA ALA V 49 17.05 28.50 -1.20
C ALA V 49 17.36 28.74 -2.68
N ALA V 50 17.64 27.65 -3.39
CA ALA V 50 17.91 27.71 -4.83
C ALA V 50 16.71 28.26 -5.60
N ASP V 51 15.51 27.89 -5.16
CA ASP V 51 14.26 28.31 -5.79
C ASP V 51 13.96 29.79 -5.64
N THR V 52 14.00 30.28 -4.41
CA THR V 52 13.77 31.71 -4.15
C THR V 52 14.76 32.55 -4.93
N GLU V 53 16.00 32.06 -5.03
CA GLU V 53 17.07 32.73 -5.75
C GLU V 53 16.82 32.80 -7.26
N ALA V 54 16.42 31.66 -7.84
CA ALA V 54 16.20 31.56 -9.27
C ALA V 54 15.00 32.36 -9.75
N VAL V 55 13.89 32.25 -9.01
CA VAL V 55 12.65 32.93 -9.36
C VAL V 55 12.75 34.45 -9.20
N THR V 56 13.54 34.88 -8.20
CA THR V 56 13.86 36.29 -7.98
C THR V 56 14.69 36.84 -9.15
N GLN V 57 15.76 36.14 -9.50
CA GLN V 57 16.64 36.56 -10.58
C GLN V 57 15.90 36.65 -11.92
N LEU V 58 15.12 35.62 -12.24
CA LEU V 58 14.39 35.55 -13.50
C LEU V 58 13.40 36.71 -13.65
N ILE V 59 12.60 36.94 -12.61
CA ILE V 59 11.64 38.03 -12.62
C ILE V 59 12.35 39.38 -12.61
N GLY V 60 13.44 39.48 -11.84
CA GLY V 60 14.27 40.68 -11.83
C GLY V 60 14.82 41.03 -13.21
N SER V 61 15.26 40.01 -13.93
CA SER V 61 15.75 40.15 -15.30
C SER V 61 14.67 40.67 -16.23
N ASN V 62 13.48 40.06 -16.16
CA ASN V 62 12.35 40.46 -16.99
C ASN V 62 11.82 41.85 -16.67
N ILE V 63 11.85 42.22 -15.38
CA ILE V 63 11.45 43.55 -14.93
C ILE V 63 12.40 44.62 -15.48
N GLU V 64 13.70 44.35 -15.46
CA GLU V 64 14.69 45.26 -16.02
C GLU V 64 14.47 45.46 -17.53
N LEU V 65 14.17 44.37 -18.24
CA LEU V 65 13.89 44.42 -19.67
C LEU V 65 12.60 45.18 -19.96
N HIS V 66 11.59 44.96 -19.12
CA HIS V 66 10.31 45.62 -19.26
C HIS V 66 10.46 47.12 -19.03
N SER V 67 11.18 47.48 -17.97
CA SER V 67 11.48 48.87 -17.63
C SER V 67 12.18 49.61 -18.78
N LEU V 68 13.18 48.96 -19.37
CA LEU V 68 13.90 49.51 -20.52
C LEU V 68 13.00 49.69 -21.74
N TYR V 69 12.09 48.74 -21.94
CA TYR V 69 11.14 48.78 -23.05
C TYR V 69 10.16 49.94 -22.89
N THR V 70 9.58 50.08 -21.70
CA THR V 70 8.52 51.07 -21.45
C THR V 70 9.03 52.46 -21.05
N SER V 71 10.32 52.58 -20.77
CA SER V 71 10.96 53.82 -20.31
C SER V 71 10.33 54.34 -19.02
N ARG V 72 9.99 53.42 -18.12
CA ARG V 72 9.35 53.75 -16.85
C ARG V 72 9.96 52.99 -15.69
N GLU V 73 9.88 53.59 -14.50
CA GLU V 73 10.20 52.89 -13.26
C GLU V 73 9.24 51.71 -13.11
N PRO V 74 9.77 50.54 -12.69
CA PRO V 74 8.92 49.35 -12.60
C PRO V 74 7.94 49.45 -11.44
N ARG V 75 6.88 48.67 -11.51
CA ARG V 75 5.85 48.67 -10.47
C ARG V 75 5.87 47.36 -9.69
N VAL V 76 5.68 47.46 -8.39
CA VAL V 76 5.64 46.31 -7.48
C VAL V 76 4.57 45.30 -7.91
N VAL V 77 3.44 45.82 -8.42
CA VAL V 77 2.35 44.97 -8.92
C VAL V 77 2.77 44.12 -10.13
N SER V 78 3.75 44.60 -10.89
CA SER V 78 4.28 43.87 -12.03
C SER V 78 5.19 42.73 -11.58
N ALA V 79 6.06 43.02 -10.62
CA ALA V 79 6.88 42.00 -9.99
C ALA V 79 5.96 40.92 -9.41
N LEU V 80 4.91 41.36 -8.73
CA LEU V 80 3.92 40.48 -8.11
C LEU V 80 3.18 39.61 -9.11
N GLN V 81 2.76 40.22 -10.22
CA GLN V 81 1.99 39.53 -11.23
C GLN V 81 2.82 38.46 -11.92
N MET V 82 4.09 38.77 -12.19
CA MET V 82 4.99 37.86 -12.89
C MET V 82 5.39 36.69 -12.01
N LEU V 83 5.72 37.00 -10.76
CA LEU V 83 6.11 35.99 -9.77
C LEU V 83 4.98 35.02 -9.48
N LYS V 84 3.76 35.54 -9.26
CA LYS V 84 2.63 34.67 -8.92
C LYS V 84 2.20 33.75 -10.08
N GLN V 85 2.36 34.23 -11.31
CA GLN V 85 1.96 33.45 -12.48
C GLN V 85 2.98 32.37 -12.82
N HIS V 86 4.22 32.62 -12.45
CA HIS V 86 5.30 31.65 -12.60
C HIS V 86 5.13 30.52 -11.59
N LEU V 87 4.92 30.90 -10.32
CA LEU V 87 4.76 29.94 -9.25
C LEU V 87 3.53 29.05 -9.40
N PHE V 88 2.40 29.65 -9.84
CA PHE V 88 1.16 28.91 -10.02
C PHE V 88 1.32 27.82 -11.07
N LYS V 89 1.91 28.20 -12.20
CA LYS V 89 2.22 27.32 -13.32
C LYS V 89 2.88 26.04 -12.84
N TYR V 90 3.74 26.17 -11.82
CA TYR V 90 4.51 25.07 -11.29
C TYR V 90 3.86 24.35 -10.10
N GLN V 91 2.60 24.70 -9.82
CA GLN V 91 1.75 23.99 -8.86
C GLN V 91 2.36 23.70 -7.48
N GLY V 92 3.19 24.63 -7.00
CA GLY V 92 3.82 24.51 -5.68
C GLY V 92 5.20 23.88 -5.66
N HIS V 93 5.59 23.21 -6.75
CA HIS V 93 6.88 22.50 -6.82
C HIS V 93 8.11 23.38 -6.67
N ILE V 94 8.01 24.63 -7.09
CA ILE V 94 9.06 25.61 -6.82
C ILE V 94 8.78 26.16 -5.44
N GLY V 95 9.52 25.67 -4.46
CA GLY V 95 9.30 26.01 -3.06
C GLY V 95 9.73 27.42 -2.71
N ALA V 96 8.99 28.42 -3.17
CA ALA V 96 9.33 29.81 -2.91
C ALA V 96 8.22 30.57 -2.19
N TYR V 97 8.56 31.13 -1.04
CA TYR V 97 7.64 31.96 -0.29
C TYR V 97 8.28 33.34 -0.15
N LEU V 98 7.65 34.34 -0.77
CA LEU V 98 8.26 35.66 -0.90
C LEU V 98 7.42 36.78 -0.30
N ILE V 99 8.10 37.74 0.32
CA ILE V 99 7.48 39.01 0.67
C ILE V 99 8.10 40.07 -0.24
N VAL V 100 7.31 40.57 -1.19
CA VAL V 100 7.78 41.58 -2.14
C VAL V 100 7.25 42.96 -1.78
N ALA V 101 8.15 43.95 -1.77
CA ALA V 101 7.81 45.32 -1.41
C ALA V 101 8.57 46.33 -2.27
N GLY V 102 8.25 47.61 -2.12
CA GLY V 102 8.96 48.66 -2.82
C GLY V 102 8.13 49.90 -3.10
N VAL V 103 8.82 50.98 -3.46
CA VAL V 103 8.18 52.22 -3.88
C VAL V 103 8.23 52.34 -5.41
N ASP V 104 7.13 52.81 -5.99
CA ASP V 104 7.04 53.09 -7.42
C ASP V 104 6.25 54.38 -7.69
N PRO V 105 6.11 54.79 -8.96
CA PRO V 105 5.36 56.02 -9.29
C PRO V 105 3.95 56.12 -8.70
N THR V 106 3.35 54.99 -8.32
CA THR V 106 2.00 54.98 -7.73
C THR V 106 2.03 54.93 -6.19
N GLY V 107 3.22 54.85 -5.61
CA GLY V 107 3.38 54.80 -4.16
C GLY V 107 4.17 53.61 -3.64
N SER V 108 4.02 53.34 -2.35
CA SER V 108 4.71 52.23 -1.69
C SER V 108 3.76 51.07 -1.49
N HIS V 109 4.29 49.86 -1.61
CA HIS V 109 3.46 48.66 -1.56
C HIS V 109 4.10 47.55 -0.73
N LEU V 110 3.28 46.60 -0.30
CA LEU V 110 3.72 45.43 0.44
C LEU V 110 2.84 44.23 0.10
N PHE V 111 3.47 43.17 -0.39
CA PHE V 111 2.76 41.94 -0.74
C PHE V 111 3.50 40.71 -0.26
N SER V 112 2.79 39.57 -0.25
CA SER V 112 3.41 38.27 -0.06
C SER V 112 2.94 37.29 -1.14
N ILE V 113 3.80 36.33 -1.45
CA ILE V 113 3.46 35.29 -2.42
C ILE V 113 3.82 33.93 -1.84
N HIS V 114 2.86 33.00 -1.92
CA HIS V 114 3.08 31.64 -1.48
C HIS V 114 3.57 30.81 -2.67
N ALA V 115 4.15 29.64 -2.38
CA ALA V 115 4.66 28.74 -3.42
C ALA V 115 3.63 28.34 -4.46
N HIS V 116 2.39 28.16 -4.04
CA HIS V 116 1.33 27.71 -4.95
C HIS V 116 0.79 28.83 -5.84
N GLY V 117 1.10 30.07 -5.47
CA GLY V 117 0.77 31.22 -6.31
C GLY V 117 -0.24 32.22 -5.77
N SER V 118 -0.78 31.98 -4.57
CA SER V 118 -1.70 32.94 -3.97
C SER V 118 -0.95 34.12 -3.40
N THR V 119 -1.57 35.30 -3.49
CA THR V 119 -0.97 36.54 -3.01
C THR V 119 -1.82 37.21 -1.93
N ASP V 120 -1.16 38.00 -1.08
CA ASP V 120 -1.79 38.71 0.02
C ASP V 120 -1.29 40.14 0.07
N VAL V 121 -2.17 41.06 0.48
CA VAL V 121 -1.77 42.44 0.75
C VAL V 121 -1.95 42.70 2.25
N GLY V 122 -1.18 43.63 2.80
CA GLY V 122 -1.29 43.99 4.21
C GLY V 122 -0.27 45.04 4.63
N TYR V 123 -0.43 45.57 5.84
CA TYR V 123 0.50 46.56 6.40
C TYR V 123 1.71 45.90 7.06
N TYR V 124 1.49 44.67 7.55
CA TYR V 124 2.56 43.86 8.13
C TYR V 124 2.34 42.40 7.76
N LEU V 125 3.43 41.73 7.37
CA LEU V 125 3.37 40.33 6.96
C LEU V 125 4.63 39.58 7.40
N SER V 126 4.49 38.28 7.66
CA SER V 126 5.64 37.42 7.95
C SER V 126 5.49 36.05 7.30
N LEU V 127 6.62 35.48 6.87
CA LEU V 127 6.65 34.13 6.31
C LEU V 127 7.82 33.32 6.85
N GLY V 128 7.82 32.02 6.56
CA GLY V 128 8.88 31.11 7.00
C GLY V 128 8.51 30.33 8.25
N SER V 129 9.44 29.51 8.74
CA SER V 129 9.17 28.70 9.93
C SER V 129 9.01 29.54 11.20
N GLY V 130 9.76 30.64 11.28
CA GLY V 130 9.66 31.56 12.41
C GLY V 130 8.51 32.54 12.31
N SER V 131 7.70 32.39 11.26
CA SER V 131 6.56 33.26 10.99
C SER V 131 5.65 33.52 12.20
N LEU V 132 5.36 32.47 12.95
CA LEU V 132 4.43 32.55 14.08
C LEU V 132 5.01 33.29 15.28
N ALA V 133 6.34 33.27 15.41
CA ALA V 133 7.00 34.00 16.47
C ALA V 133 7.01 35.50 16.15
N ALA V 134 7.36 35.83 14.91
CA ALA V 134 7.38 37.21 14.45
C ALA V 134 5.98 37.83 14.38
N MET V 135 5.03 37.08 13.81
CA MET V 135 3.64 37.54 13.70
C MET V 135 3.03 37.89 15.06
N ALA V 136 3.36 37.10 16.07
CA ALA V 136 2.91 37.37 17.43
C ALA V 136 3.40 38.74 17.92
N VAL V 137 4.64 39.08 17.58
CA VAL V 137 5.23 40.37 17.95
C VAL V 137 4.57 41.52 17.20
N LEU V 138 4.31 41.30 15.90
CA LEU V 138 3.65 42.29 15.06
C LEU V 138 2.22 42.57 15.53
N GLU V 139 1.51 41.51 15.94
CA GLU V 139 0.14 41.66 16.43
C GLU V 139 0.08 42.41 17.76
N SER V 140 1.14 42.28 18.55
CA SER V 140 1.22 42.94 19.84
C SER V 140 1.62 44.42 19.73
N HIS V 141 2.58 44.70 18.84
CA HIS V 141 3.24 46.01 18.81
C HIS V 141 2.88 46.91 17.62
N TRP V 142 2.26 46.36 16.57
CA TRP V 142 1.92 47.15 15.39
C TRP V 142 0.85 48.19 15.68
N LYS V 143 1.00 49.35 15.07
CA LYS V 143 0.01 50.42 15.14
C LYS V 143 -0.07 51.13 13.80
N GLN V 144 -1.14 51.87 13.58
CA GLN V 144 -1.28 52.69 12.39
C GLN V 144 -0.47 53.98 12.55
N ASP V 145 0.04 54.49 11.43
CA ASP V 145 0.90 55.69 11.40
C ASP V 145 2.25 55.47 12.08
N LEU V 146 3.02 54.51 11.57
CA LEU V 146 4.37 54.25 12.06
C LEU V 146 5.37 55.18 11.39
N THR V 147 6.35 55.65 12.17
CA THR V 147 7.47 56.40 11.61
C THR V 147 8.49 55.42 11.06
N LYS V 148 9.38 55.89 10.20
CA LYS V 148 10.41 55.04 9.60
C LYS V 148 11.23 54.32 10.69
N GLU V 149 11.66 55.04 11.71
CA GLU V 149 12.47 54.48 12.81
C GLU V 149 11.71 53.42 13.60
N GLU V 150 10.41 53.65 13.81
CA GLU V 150 9.53 52.72 14.52
C GLU V 150 9.28 51.47 13.70
N ALA V 151 9.38 51.60 12.38
CA ALA V 151 9.20 50.49 11.46
C ALA V 151 10.44 49.59 11.43
N ILE V 152 11.64 50.19 11.45
CA ILE V 152 12.90 49.45 11.57
C ILE V 152 12.83 48.58 12.82
N LYS V 153 12.50 49.21 13.94
CA LYS V 153 12.42 48.56 15.24
C LYS V 153 11.42 47.40 15.26
N LEU V 154 10.23 47.64 14.71
CA LEU V 154 9.17 46.65 14.69
C LEU V 154 9.56 45.42 13.85
N ALA V 155 10.19 45.67 12.71
CA ALA V 155 10.68 44.62 11.82
C ALA V 155 11.82 43.83 12.48
N SER V 156 12.73 44.56 13.11
CA SER V 156 13.89 43.98 13.80
C SER V 156 13.49 43.14 15.01
N ASP V 157 12.56 43.67 15.80
CA ASP V 157 12.05 42.98 16.98
C ASP V 157 11.26 41.74 16.61
N ALA V 158 10.58 41.79 15.46
CA ALA V 158 9.85 40.64 14.93
C ALA V 158 10.82 39.57 14.45
N ILE V 159 11.86 39.97 13.73
CA ILE V 159 12.89 39.03 13.25
C ILE V 159 13.65 38.37 14.41
N GLN V 160 13.99 39.16 15.43
CA GLN V 160 14.62 38.64 16.63
C GLN V 160 13.79 37.50 17.24
N ALA V 161 12.49 37.73 17.42
CA ALA V 161 11.57 36.70 17.91
C ALA V 161 11.73 35.38 17.15
N GLY V 162 12.01 35.47 15.85
CA GLY V 162 12.31 34.29 15.05
C GLY V 162 13.62 33.66 15.46
N ILE V 163 14.70 34.43 15.34
CA ILE V 163 16.05 34.00 15.74
C ILE V 163 16.07 33.19 17.05
N TRP V 164 15.56 33.79 18.13
CA TRP V 164 15.58 33.18 19.47
C TRP V 164 14.65 31.97 19.63
N ASN V 165 13.41 32.09 19.16
CA ASN V 165 12.38 31.09 19.43
C ASN V 165 12.18 30.01 18.36
N ASP V 166 12.73 30.24 17.17
CA ASP V 166 12.66 29.26 16.07
C ASP V 166 14.03 28.64 15.81
N LEU V 167 14.05 27.30 15.77
CA LEU V 167 15.29 26.58 15.50
C LEU V 167 15.70 26.70 14.03
N GLY V 168 14.75 27.06 13.17
CA GLY V 168 15.05 27.28 11.76
C GLY V 168 15.60 28.66 11.47
N SER V 169 15.73 29.47 12.51
CA SER V 169 16.18 30.85 12.37
C SER V 169 17.31 31.15 13.34
N GLY V 170 18.18 32.07 12.96
CA GLY V 170 19.29 32.48 13.81
C GLY V 170 20.26 33.43 13.15
N SER V 171 21.35 33.72 13.85
CA SER V 171 22.45 34.57 13.37
C SER V 171 22.11 36.06 13.36
N ASN V 172 21.98 36.64 12.16
CA ASN V 172 21.94 38.09 12.00
C ASN V 172 20.62 38.60 11.42
N VAL V 173 20.43 39.92 11.52
CA VAL V 173 19.24 40.58 10.97
C VAL V 173 19.62 41.47 9.80
N ASP V 174 19.08 41.15 8.62
CA ASP V 174 19.20 42.01 7.45
C ASP V 174 17.95 42.86 7.30
N VAL V 175 18.13 44.13 6.93
CA VAL V 175 17.00 45.04 6.73
C VAL V 175 17.15 45.84 5.43
N CYS V 176 16.06 46.00 4.70
CA CYS V 176 16.03 46.92 3.57
C CYS V 176 14.92 47.95 3.73
N VAL V 177 15.25 49.22 3.56
CA VAL V 177 14.30 50.31 3.73
C VAL V 177 14.04 51.01 2.41
N MET V 178 12.77 51.07 2.01
CA MET V 178 12.35 51.70 0.77
C MET V 178 11.41 52.87 1.07
N GLU V 179 11.89 54.09 0.83
CA GLU V 179 11.13 55.29 1.12
C GLU V 179 10.81 56.06 -0.17
N ILE V 180 9.61 56.65 -0.23
CA ILE V 180 9.07 57.27 -1.45
C ILE V 180 10.06 58.15 -2.23
N GLY V 181 10.67 59.12 -1.54
CA GLY V 181 11.51 60.11 -2.22
C GLY V 181 12.98 59.75 -2.37
N LYS V 182 13.47 58.81 -1.57
CA LYS V 182 14.89 58.50 -1.51
C LYS V 182 15.25 57.18 -2.18
N ASP V 183 16.56 56.89 -2.24
CA ASP V 183 17.06 55.60 -2.70
C ASP V 183 16.79 54.54 -1.63
N ALA V 184 16.56 53.31 -2.06
CA ALA V 184 16.42 52.18 -1.14
C ALA V 184 17.74 51.96 -0.42
N GLU V 185 17.69 51.75 0.89
CA GLU V 185 18.91 51.44 1.64
C GLU V 185 18.94 50.01 2.16
N TYR V 186 19.99 49.28 1.78
CA TYR V 186 20.13 47.88 2.12
C TYR V 186 21.16 47.70 3.24
N LEU V 187 20.66 47.33 4.41
CA LEU V 187 21.47 47.23 5.61
C LEU V 187 21.85 45.78 5.91
N ARG V 188 22.91 45.32 5.26
CA ARG V 188 23.45 43.99 5.50
C ARG V 188 23.97 43.88 6.92
N ASN V 189 23.50 42.86 7.63
CA ASN V 189 23.80 42.68 9.05
C ASN V 189 23.57 43.96 9.85
N TYR V 190 22.31 44.36 9.90
CA TYR V 190 21.88 45.52 10.69
C TYR V 190 22.07 45.25 12.17
N LEU V 191 21.82 44.01 12.57
CA LEU V 191 22.13 43.51 13.92
C LEU V 191 23.01 42.28 13.83
N THR V 192 23.96 42.16 14.76
CA THR V 192 24.79 40.97 14.87
C THR V 192 24.84 40.47 16.33
N PRO V 193 23.75 39.85 16.81
CA PRO V 193 23.64 39.44 18.22
C PRO V 193 24.01 37.96 18.47
N ASN V 194 24.70 37.34 17.52
CA ASN V 194 25.10 35.95 17.65
C ASN V 194 26.58 35.72 17.30
N VAL V 195 27.43 36.59 17.82
CA VAL V 195 28.87 36.52 17.59
C VAL V 195 29.46 35.38 18.44
N ARG V 196 30.08 34.42 17.78
CA ARG V 196 30.73 33.28 18.44
C ARG V 196 31.83 33.78 19.37
N GLU V 197 31.80 33.32 20.62
CA GLU V 197 32.76 33.74 21.63
C GLU V 197 34.19 33.28 21.32
N GLU V 198 35.17 33.90 21.98
CA GLU V 198 36.56 33.49 21.86
C GLU V 198 36.70 32.00 22.19
N LYS V 199 37.44 31.30 21.35
CA LYS V 199 37.72 29.88 21.59
C LYS V 199 38.63 29.68 22.79
N GLN V 200 38.46 28.55 23.46
CA GLN V 200 39.18 28.25 24.69
C GLN V 200 40.66 27.93 24.44
N LYS V 201 40.98 27.56 23.20
CA LYS V 201 42.29 27.04 22.83
C LYS V 201 42.54 27.28 21.33
N SER V 202 43.80 27.46 20.95
CA SER V 202 44.20 27.45 19.55
C SER V 202 44.61 26.03 19.17
N TYR V 203 44.03 25.53 18.07
CA TYR V 203 44.27 24.15 17.66
C TYR V 203 45.26 24.05 16.50
N LYS V 204 46.10 25.07 16.39
CA LYS V 204 47.18 25.13 15.42
C LYS V 204 48.17 24.00 15.70
N PHE V 205 48.30 23.08 14.75
CA PHE V 205 49.17 21.93 14.90
C PHE V 205 50.64 22.29 14.69
N PRO V 206 51.56 21.58 15.39
CA PRO V 206 52.98 21.67 15.04
C PRO V 206 53.21 21.12 13.64
N ARG V 207 54.12 21.74 12.89
CA ARG V 207 54.33 21.37 11.48
C ARG V 207 55.02 20.01 11.36
N GLY V 208 54.53 19.20 10.42
CA GLY V 208 55.01 17.83 10.23
C GLY V 208 54.18 16.80 10.97
N THR V 209 53.03 17.25 11.51
CA THR V 209 52.10 16.38 12.24
C THR V 209 51.38 15.40 11.30
N THR V 210 51.08 15.85 10.09
CA THR V 210 50.41 15.03 9.09
C THR V 210 51.44 14.30 8.22
N ALA V 211 51.28 12.98 8.10
CA ALA V 211 52.15 12.17 7.27
C ALA V 211 51.85 12.36 5.79
N VAL V 212 52.90 12.53 5.00
CA VAL V 212 52.81 12.79 3.56
C VAL V 212 53.46 11.65 2.79
N LEU V 213 52.74 11.11 1.81
CA LEU V 213 53.24 10.01 0.99
C LEU V 213 53.99 10.51 -0.26
N LYS V 214 53.49 11.58 -0.85
CA LYS V 214 53.92 12.02 -2.17
C LYS V 214 53.62 13.51 -2.36
N GLU V 215 54.45 14.19 -3.14
CA GLU V 215 54.36 15.63 -3.32
C GLU V 215 54.78 16.04 -4.74
N SER V 216 54.05 17.00 -5.31
CA SER V 216 54.33 17.51 -6.65
C SER V 216 53.76 18.92 -6.86
N ILE V 217 54.26 19.59 -7.90
CA ILE V 217 53.77 20.90 -8.31
C ILE V 217 52.76 20.74 -9.45
N VAL V 218 51.69 21.55 -9.42
CA VAL V 218 50.65 21.52 -10.45
C VAL V 218 50.87 22.63 -11.48
N ASN V 219 50.60 22.32 -12.75
CA ASN V 219 50.79 23.26 -13.85
C ASN V 219 49.50 24.01 -14.25
N ILE V 220 49.66 25.26 -14.66
CA ILE V 220 48.54 26.09 -15.15
C ILE V 220 48.90 26.78 -16.48
N CYS V 221 50.12 27.32 -16.55
CA CYS V 221 50.62 28.05 -17.73
C CYS V 221 50.54 27.24 -19.03
N ASP V 222 50.37 27.94 -20.16
CA ASP V 222 50.33 27.30 -21.47
C ASP V 222 50.83 28.22 -22.59
N SER W 1 19.41 3.24 -2.49
CA SER W 1 18.58 4.11 -3.37
C SER W 1 19.06 5.56 -3.38
N ASP W 2 19.56 6.03 -2.25
CA ASP W 2 20.07 7.40 -2.12
C ASP W 2 21.31 7.54 -3.00
N PRO W 3 21.19 8.31 -4.10
CA PRO W 3 22.32 8.42 -5.03
C PRO W 3 23.53 9.16 -4.45
N SER W 4 23.33 9.84 -3.32
CA SER W 4 24.43 10.53 -2.64
C SER W 4 25.27 9.57 -1.78
N SER W 5 24.73 8.39 -1.52
CA SER W 5 25.34 7.45 -0.58
C SER W 5 25.82 6.14 -1.21
N ILE W 6 25.84 6.07 -2.54
CA ILE W 6 26.26 4.84 -3.23
C ILE W 6 27.78 4.68 -3.27
N ASN W 7 28.47 5.73 -3.71
CA ASN W 7 29.91 5.68 -3.96
C ASN W 7 30.76 6.19 -2.81
N GLY W 8 30.19 7.12 -2.03
CA GLY W 8 30.89 7.72 -0.90
C GLY W 8 31.94 8.72 -1.36
N GLY W 9 32.48 9.47 -0.41
CA GLY W 9 33.53 10.46 -0.71
C GLY W 9 33.28 11.78 -0.03
N ILE W 10 34.35 12.55 0.17
CA ILE W 10 34.28 13.85 0.83
C ILE W 10 35.21 14.89 0.20
N VAL W 11 34.77 16.14 0.21
CA VAL W 11 35.60 17.26 -0.19
C VAL W 11 35.52 18.37 0.86
N VAL W 12 36.65 19.02 1.13
CA VAL W 12 36.70 20.15 2.06
C VAL W 12 37.59 21.27 1.50
N ALA W 13 37.09 22.50 1.56
CA ALA W 13 37.88 23.67 1.17
C ALA W 13 38.05 24.61 2.36
N MET W 14 39.13 25.39 2.35
CA MET W 14 39.49 26.25 3.48
C MET W 14 40.36 27.44 3.04
N THR W 15 40.11 28.61 3.61
CA THR W 15 40.91 29.80 3.30
C THR W 15 41.95 30.11 4.37
N GLY W 16 43.01 30.80 3.97
CA GLY W 16 44.05 31.25 4.88
C GLY W 16 44.55 32.63 4.51
N LYS W 17 45.78 32.94 4.91
CA LYS W 17 46.42 34.20 4.56
C LYS W 17 46.97 34.12 3.14
N ASP W 18 46.30 34.83 2.23
CA ASP W 18 46.67 34.87 0.80
C ASP W 18 46.76 33.49 0.15
N CYS W 19 45.91 32.56 0.60
CA CYS W 19 45.93 31.18 0.13
C CYS W 19 44.60 30.47 0.33
N VAL W 20 44.32 29.51 -0.54
CA VAL W 20 43.19 28.58 -0.35
C VAL W 20 43.67 27.14 -0.37
N ALA W 21 42.90 26.27 0.28
CA ALA W 21 43.20 24.85 0.32
C ALA W 21 41.95 24.05 0.00
N ILE W 22 42.10 23.03 -0.84
CA ILE W 22 41.01 22.10 -1.15
C ILE W 22 41.55 20.67 -1.11
N ALA W 23 40.78 19.77 -0.51
CA ALA W 23 41.20 18.38 -0.34
C ALA W 23 40.06 17.39 -0.56
N CYS W 24 40.40 16.15 -0.92
CA CYS W 24 39.42 15.08 -1.04
C CYS W 24 40.00 13.72 -0.65
N ASP W 25 39.12 12.73 -0.55
CA ASP W 25 39.55 11.33 -0.37
C ASP W 25 39.62 10.62 -1.73
N LEU W 26 40.02 9.36 -1.74
CA LEU W 26 40.26 8.65 -3.00
C LEU W 26 39.32 7.47 -3.23
N ARG W 27 38.45 7.19 -2.26
CA ARG W 27 37.55 6.04 -2.35
C ARG W 27 36.50 6.18 -3.45
N LEU W 28 36.29 5.10 -4.17
CA LEU W 28 35.12 4.91 -5.02
C LEU W 28 34.66 3.49 -4.77
N GLY W 29 33.48 3.36 -4.18
CA GLY W 29 32.93 2.06 -3.87
C GLY W 29 31.54 1.90 -4.41
N SER W 30 30.99 0.71 -4.22
CA SER W 30 29.58 0.44 -4.46
C SER W 30 29.03 -0.21 -3.20
N GLN W 31 28.37 0.61 -2.37
CA GLN W 31 27.94 0.20 -1.02
C GLN W 31 29.14 -0.20 -0.16
N SER W 32 29.11 -1.41 0.40
CA SER W 32 30.20 -1.90 1.24
C SER W 32 31.49 -2.16 0.45
N LEU W 33 31.33 -2.62 -0.79
CA LEU W 33 32.46 -3.00 -1.64
C LEU W 33 33.27 -1.79 -2.12
N GLY W 34 34.54 -1.74 -1.74
CA GLY W 34 35.47 -0.74 -2.27
C GLY W 34 35.97 -1.20 -3.62
N VAL W 35 35.95 -0.29 -4.60
CA VAL W 35 36.27 -0.65 -5.99
C VAL W 35 37.56 0.02 -6.47
N SER W 36 37.68 1.32 -6.19
CA SER W 36 38.85 2.08 -6.60
C SER W 36 39.40 2.94 -5.47
N ASN W 37 40.73 2.99 -5.41
CA ASN W 37 41.45 3.80 -4.42
C ASN W 37 42.30 4.88 -5.10
N LYS W 38 41.88 5.25 -6.31
CA LYS W 38 42.58 6.27 -7.11
C LYS W 38 41.61 7.30 -7.70
N PHE W 39 40.34 7.24 -7.30
CA PHE W 39 39.30 8.10 -7.84
C PHE W 39 39.36 9.50 -7.24
N GLU W 40 39.97 10.43 -7.97
CA GLU W 40 40.13 11.80 -7.51
C GLU W 40 38.89 12.63 -7.78
N LYS W 41 38.64 13.61 -6.91
CA LYS W 41 37.42 14.40 -6.95
C LYS W 41 37.68 15.91 -7.10
N ILE W 42 38.94 16.30 -7.19
CA ILE W 42 39.33 17.70 -7.40
C ILE W 42 39.82 17.88 -8.83
N PHE W 43 39.19 18.81 -9.55
CA PHE W 43 39.55 19.11 -10.93
C PHE W 43 39.88 20.59 -11.05
N HIS W 44 40.66 20.96 -12.06
CA HIS W 44 40.97 22.37 -12.29
C HIS W 44 40.75 22.81 -13.73
N TYR W 45 40.23 24.03 -13.87
CA TYR W 45 40.04 24.66 -15.17
C TYR W 45 40.71 26.02 -15.07
N GLY W 46 41.93 26.11 -15.57
CA GLY W 46 42.76 27.29 -15.35
C GLY W 46 43.26 27.28 -13.92
N HIS W 47 43.09 28.40 -13.22
CA HIS W 47 43.52 28.51 -11.82
C HIS W 47 42.37 28.24 -10.86
N VAL W 48 41.18 28.00 -11.40
CA VAL W 48 39.99 27.72 -10.59
C VAL W 48 39.84 26.21 -10.35
N PHE W 49 39.80 25.83 -9.08
CA PHE W 49 39.66 24.44 -8.68
C PHE W 49 38.24 24.10 -8.27
N LEU W 50 37.78 22.92 -8.70
CA LEU W 50 36.45 22.43 -8.35
C LEU W 50 36.53 21.00 -7.82
N GLY W 51 35.94 20.78 -6.65
CA GLY W 51 35.78 19.43 -6.10
C GLY W 51 34.31 19.01 -6.15
N ILE W 52 34.05 17.76 -6.46
CA ILE W 52 32.67 17.26 -6.55
C ILE W 52 32.46 15.90 -5.87
N THR W 53 31.52 15.87 -4.92
CA THR W 53 31.10 14.64 -4.25
C THR W 53 29.72 14.21 -4.74
N GLY W 54 29.26 13.04 -4.29
CA GLY W 54 27.97 12.52 -4.71
C GLY W 54 28.11 11.31 -5.61
N LEU W 55 27.13 11.14 -6.51
CA LEU W 55 27.12 10.03 -7.46
C LEU W 55 28.28 10.18 -8.44
N ALA W 56 29.08 9.13 -8.59
CA ALA W 56 30.34 9.20 -9.33
C ALA W 56 30.19 9.38 -10.85
N THR W 57 29.11 8.86 -11.41
CA THR W 57 28.82 9.04 -12.83
C THR W 57 28.56 10.51 -13.13
N ASP W 58 27.96 11.21 -12.17
CA ASP W 58 27.70 12.65 -12.27
C ASP W 58 28.95 13.48 -12.01
N VAL W 59 29.83 12.99 -11.13
CA VAL W 59 31.10 13.67 -10.86
C VAL W 59 31.92 13.76 -12.15
N THR W 60 31.99 12.64 -12.88
CA THR W 60 32.69 12.56 -14.16
C THR W 60 32.01 13.43 -15.23
N THR W 61 30.69 13.31 -15.34
CA THR W 61 29.90 14.07 -16.31
C THR W 61 30.07 15.58 -16.13
N LEU W 62 29.97 16.05 -14.89
CA LEU W 62 30.12 17.47 -14.59
C LEU W 62 31.52 17.98 -14.88
N ASN W 63 32.53 17.16 -14.56
CA ASN W 63 33.91 17.52 -14.86
C ASN W 63 34.08 17.78 -16.35
N GLU W 64 33.63 16.83 -17.16
CA GLU W 64 33.69 16.94 -18.61
C GLU W 64 32.86 18.11 -19.14
N MET W 65 31.71 18.37 -18.51
CA MET W 65 30.85 19.50 -18.87
C MET W 65 31.50 20.85 -18.57
N PHE W 66 32.10 21.00 -17.39
CA PHE W 66 32.70 22.27 -17.00
C PHE W 66 34.03 22.53 -17.72
N ARG W 67 34.70 21.47 -18.16
CA ARG W 67 35.86 21.61 -19.02
C ARG W 67 35.40 22.12 -20.37
N TYR W 68 34.32 21.54 -20.87
CA TYR W 68 33.66 21.95 -22.11
C TYR W 68 33.32 23.44 -22.09
N LYS W 69 32.71 23.90 -21.00
CA LYS W 69 32.24 25.28 -20.90
C LYS W 69 33.35 26.29 -20.66
N THR W 70 34.33 25.95 -19.83
CA THR W 70 35.45 26.86 -19.54
C THR W 70 36.40 27.01 -20.74
N ASN W 71 36.48 25.97 -21.57
CA ASN W 71 37.27 26.00 -22.80
C ASN W 71 36.70 26.99 -23.81
N LEU W 72 35.38 26.96 -23.97
CA LEU W 72 34.69 27.88 -24.85
C LEU W 72 34.71 29.29 -24.28
N TYR W 73 34.56 29.40 -22.96
CA TYR W 73 34.64 30.68 -22.28
C TYR W 73 35.98 31.36 -22.56
N LYS W 74 37.07 30.61 -22.43
CA LYS W 74 38.43 31.12 -22.66
C LYS W 74 38.65 31.56 -24.12
N LEU W 75 38.03 30.85 -25.05
CA LEU W 75 38.15 31.17 -26.48
C LEU W 75 37.38 32.44 -26.84
N LYS W 76 36.19 32.61 -26.24
CA LYS W 76 35.34 33.77 -26.49
C LYS W 76 35.84 35.03 -25.80
N GLU W 77 36.18 34.91 -24.52
CA GLU W 77 36.55 36.05 -23.67
C GLU W 77 38.03 36.42 -23.80
N GLU W 78 38.84 35.47 -24.24
CA GLU W 78 40.31 35.63 -24.35
C GLU W 78 40.97 35.87 -23.00
N ARG W 79 40.44 35.20 -21.98
CA ARG W 79 41.00 35.20 -20.63
C ARG W 79 40.46 34.01 -19.85
N ALA W 80 41.18 33.62 -18.79
CA ALA W 80 40.80 32.48 -17.98
C ALA W 80 39.60 32.80 -17.08
N ILE W 81 38.70 31.84 -16.94
CA ILE W 81 37.53 31.95 -16.05
C ILE W 81 37.97 32.23 -14.61
N GLU W 82 37.25 33.10 -13.91
CA GLU W 82 37.58 33.50 -12.53
C GLU W 82 36.64 32.83 -11.52
N PRO W 83 37.12 32.64 -10.26
CA PRO W 83 36.38 31.88 -9.24
C PRO W 83 34.93 32.35 -9.00
N GLU W 84 34.73 33.66 -8.85
CA GLU W 84 33.40 34.23 -8.64
C GLU W 84 32.47 33.93 -9.81
N THR W 85 32.99 34.12 -11.02
CA THR W 85 32.23 33.91 -12.25
C THR W 85 31.95 32.43 -12.49
N PHE W 86 32.94 31.57 -12.20
CA PHE W 86 32.78 30.14 -12.36
C PHE W 86 31.72 29.60 -11.41
N THR W 87 31.70 30.14 -10.19
CA THR W 87 30.69 29.82 -9.20
C THR W 87 29.29 30.04 -9.76
N GLN W 88 29.10 31.15 -10.47
CA GLN W 88 27.83 31.48 -11.09
C GLN W 88 27.47 30.53 -12.22
N LEU W 89 28.48 30.11 -12.98
CA LEU W 89 28.31 29.15 -14.07
C LEU W 89 27.87 27.79 -13.54
N VAL W 90 28.51 27.35 -12.45
CA VAL W 90 28.17 26.08 -11.81
C VAL W 90 26.75 26.13 -11.26
N SER W 91 26.39 27.26 -10.65
CA SER W 91 25.07 27.43 -10.06
C SER W 91 23.95 27.31 -11.09
N SER W 92 24.06 28.05 -12.19
CA SER W 92 23.01 28.07 -13.22
C SER W 92 22.93 26.77 -14.02
N SER W 93 24.07 26.08 -14.15
CA SER W 93 24.11 24.79 -14.83
C SER W 93 23.36 23.73 -14.03
N LEU W 94 23.51 23.78 -12.70
CA LEU W 94 22.83 22.84 -11.81
C LEU W 94 21.33 23.10 -11.75
N TYR W 95 20.93 24.37 -11.63
CA TYR W 95 19.51 24.73 -11.61
C TYR W 95 18.80 24.45 -12.93
N GLU W 96 19.56 24.38 -14.02
CA GLU W 96 19.02 24.02 -15.32
C GLU W 96 18.34 22.64 -15.25
N ARG W 97 18.86 21.79 -14.36
CA ARG W 97 18.29 20.46 -14.13
C ARG W 97 17.48 20.38 -12.83
N ARG W 98 16.76 21.46 -12.51
CA ARG W 98 16.01 21.57 -11.26
C ARG W 98 15.16 20.34 -10.90
N PHE W 99 14.42 19.84 -11.88
CA PHE W 99 13.50 18.72 -11.64
C PHE W 99 14.00 17.37 -12.17
N GLY W 100 15.33 17.22 -12.17
CA GLY W 100 15.98 15.96 -12.54
C GLY W 100 17.47 16.13 -12.31
N PRO W 101 17.88 16.39 -11.06
CA PRO W 101 19.20 16.96 -10.79
C PRO W 101 20.36 15.96 -10.86
N TYR W 102 21.56 16.50 -11.03
CA TYR W 102 22.78 15.74 -10.82
C TYR W 102 22.93 15.59 -9.32
N PHE W 103 23.17 14.37 -8.86
CA PHE W 103 23.31 14.12 -7.44
C PHE W 103 24.74 14.37 -6.98
N VAL W 104 25.03 15.66 -6.77
CA VAL W 104 26.40 16.11 -6.48
C VAL W 104 26.44 17.15 -5.37
N GLY W 105 27.64 17.39 -4.84
CA GLY W 105 27.90 18.45 -3.88
C GLY W 105 29.17 19.18 -4.27
N PRO W 106 29.06 20.15 -5.20
CA PRO W 106 30.22 20.86 -5.72
C PRO W 106 30.84 21.84 -4.72
N VAL W 107 32.16 21.98 -4.81
CA VAL W 107 32.92 22.92 -3.99
C VAL W 107 33.89 23.67 -4.88
N VAL W 108 33.83 25.00 -4.86
CA VAL W 108 34.74 25.82 -5.66
C VAL W 108 35.78 26.51 -4.78
N ALA W 109 37.03 26.46 -5.24
CA ALA W 109 38.15 27.07 -4.53
C ALA W 109 39.13 27.68 -5.53
N GLY W 110 39.65 28.86 -5.20
CA GLY W 110 40.61 29.54 -6.05
C GLY W 110 40.98 30.92 -5.55
N ILE W 111 41.89 31.57 -6.27
CA ILE W 111 42.27 32.95 -5.94
C ILE W 111 42.05 33.83 -7.17
N ASN W 112 41.26 34.89 -6.99
CA ASN W 112 41.00 35.87 -8.03
C ASN W 112 42.33 36.47 -8.50
N SER W 113 42.64 36.27 -9.78
CA SER W 113 43.95 36.65 -10.31
C SER W 113 44.10 38.16 -10.54
N LYS W 114 43.03 38.92 -10.32
CA LYS W 114 43.10 40.38 -10.45
C LYS W 114 43.16 41.10 -9.10
N SER W 115 42.42 40.59 -8.11
CA SER W 115 42.37 41.20 -6.78
C SER W 115 43.30 40.53 -5.77
N GLY W 116 43.58 39.24 -5.99
CA GLY W 116 44.43 38.46 -5.08
C GLY W 116 43.65 37.88 -3.91
N LYS W 117 42.35 38.16 -3.88
CA LYS W 117 41.47 37.72 -2.80
C LYS W 117 41.16 36.23 -2.90
N PRO W 118 41.35 35.49 -1.78
CA PRO W 118 41.01 34.06 -1.70
C PRO W 118 39.49 33.87 -1.75
N PHE W 119 39.04 32.77 -2.36
CA PHE W 119 37.62 32.54 -2.57
C PHE W 119 37.23 31.07 -2.53
N ILE W 120 36.25 30.77 -1.68
CA ILE W 120 35.67 29.42 -1.58
C ILE W 120 34.15 29.48 -1.56
N ALA W 121 33.52 28.50 -2.19
CA ALA W 121 32.05 28.41 -2.23
C ALA W 121 31.56 26.97 -2.34
N GLY W 122 30.41 26.71 -1.72
CA GLY W 122 29.77 25.40 -1.77
C GLY W 122 28.39 25.46 -2.38
N PHE W 123 27.91 24.30 -2.83
CA PHE W 123 26.61 24.20 -3.51
C PHE W 123 25.83 23.00 -3.00
N ASP W 124 24.51 23.14 -2.96
CA ASP W 124 23.63 21.96 -2.93
C ASP W 124 23.42 21.45 -4.38
N LEU W 125 22.67 20.37 -4.53
CA LEU W 125 22.55 19.67 -5.83
C LEU W 125 21.82 20.46 -6.92
N ILE W 126 21.03 21.46 -6.54
CA ILE W 126 20.32 22.29 -7.52
C ILE W 126 20.91 23.70 -7.68
N GLY W 127 22.13 23.89 -7.19
CA GLY W 127 22.91 25.09 -7.50
C GLY W 127 22.82 26.24 -6.52
N CYS W 128 22.29 25.99 -5.33
CA CYS W 128 22.24 27.02 -4.30
C CYS W 128 23.65 27.36 -3.81
N ILE W 129 24.06 28.61 -4.04
CA ILE W 129 25.40 29.06 -3.67
C ILE W 129 25.50 29.31 -2.15
N ASP W 130 26.59 28.79 -1.59
CA ASP W 130 26.93 28.99 -0.19
C ASP W 130 28.37 29.51 -0.16
N GLU W 131 28.52 30.81 0.01
CA GLU W 131 29.84 31.43 0.00
C GLU W 131 30.33 31.66 1.43
N ALA W 132 31.52 31.16 1.73
CA ALA W 132 32.06 31.25 3.09
C ALA W 132 33.37 32.00 3.16
N LYS W 133 33.61 32.62 4.31
CA LYS W 133 34.85 33.32 4.59
C LYS W 133 35.88 32.38 5.22
N ASP W 134 35.43 31.20 5.64
CA ASP W 134 36.28 30.25 6.35
C ASP W 134 36.39 28.86 5.67
N PHE W 135 35.32 28.07 5.71
CA PHE W 135 35.38 26.70 5.20
C PHE W 135 34.11 26.24 4.48
N ILE W 136 34.28 25.25 3.61
CA ILE W 136 33.17 24.60 2.91
C ILE W 136 33.36 23.10 2.98
N VAL W 137 32.30 22.39 3.35
CA VAL W 137 32.35 20.92 3.43
C VAL W 137 31.29 20.27 2.54
N SER W 138 31.61 19.07 2.06
CA SER W 138 30.71 18.31 1.20
C SER W 138 31.03 16.81 1.27
N GLY W 139 29.99 15.99 1.12
CA GLY W 139 30.17 14.54 1.02
C GLY W 139 29.40 13.72 2.03
N THR W 140 29.74 12.43 2.13
CA THR W 140 29.03 11.51 3.01
C THR W 140 29.36 11.75 4.48
N ALA W 141 30.56 12.26 4.75
CA ALA W 141 30.95 12.67 6.10
C ALA W 141 30.93 14.19 6.25
N SER W 142 29.85 14.82 5.82
CA SER W 142 29.71 16.27 5.92
C SER W 142 29.51 16.72 7.38
N ASP W 143 28.76 15.93 8.14
CA ASP W 143 28.55 16.19 9.56
C ASP W 143 29.88 16.20 10.30
N GLN W 144 30.66 15.15 10.07
CA GLN W 144 31.97 14.96 10.69
C GLN W 144 32.90 16.13 10.35
N LEU W 145 32.94 16.49 9.06
CA LEU W 145 33.76 17.60 8.58
C LEU W 145 33.36 18.94 9.20
N PHE W 146 32.05 19.19 9.31
CA PHE W 146 31.54 20.40 9.95
C PHE W 146 32.04 20.55 11.38
N GLY W 147 32.04 19.44 12.11
CA GLY W 147 32.52 19.41 13.49
C GLY W 147 34.03 19.56 13.61
N MET W 148 34.75 19.05 12.61
CA MET W 148 36.21 19.18 12.56
C MET W 148 36.63 20.63 12.25
N CYS W 149 36.00 21.22 11.24
CA CYS W 149 36.33 22.56 10.77
C CYS W 149 35.95 23.64 11.78
N GLU W 150 34.74 23.54 12.32
CA GLU W 150 34.22 24.54 13.27
C GLU W 150 35.02 24.61 14.57
N SER W 151 35.80 23.57 14.83
CA SER W 151 36.67 23.51 16.01
C SER W 151 38.11 23.89 15.70
N LEU W 152 38.68 23.26 14.67
CA LEU W 152 40.09 23.43 14.34
C LEU W 152 40.43 24.78 13.72
N TYR W 153 39.59 25.24 12.79
CA TYR W 153 39.88 26.44 11.99
C TYR W 153 40.09 27.71 12.81
N GLU W 154 41.08 28.50 12.38
CA GLU W 154 41.28 29.87 12.84
C GLU W 154 41.64 30.76 11.63
N PRO W 155 41.29 32.06 11.69
CA PRO W 155 41.54 32.95 10.54
C PRO W 155 43.01 33.30 10.34
N ASN W 156 43.36 33.74 9.12
CA ASN W 156 44.69 34.22 8.77
C ASN W 156 45.82 33.20 8.92
N LEU W 157 45.57 31.96 8.55
CA LEU W 157 46.58 30.91 8.65
C LEU W 157 47.57 30.95 7.49
N GLU W 158 48.83 30.65 7.80
CA GLU W 158 49.87 30.55 6.78
C GLU W 158 49.73 29.22 6.03
N PRO W 159 50.13 29.20 4.73
CA PRO W 159 49.94 28.03 3.86
C PRO W 159 50.39 26.70 4.48
N GLU W 160 51.55 26.72 5.14
CA GLU W 160 52.13 25.53 5.75
C GLU W 160 51.33 25.05 6.98
N ASP W 161 50.74 25.99 7.70
CA ASP W 161 49.88 25.66 8.84
C ASP W 161 48.48 25.26 8.37
N LEU W 162 47.95 26.00 7.40
CA LEU W 162 46.66 25.67 6.78
C LEU W 162 46.65 24.24 6.25
N PHE W 163 47.78 23.80 5.71
CA PHE W 163 47.94 22.42 5.28
C PHE W 163 47.64 21.42 6.40
N GLU W 164 48.17 21.70 7.60
CA GLU W 164 47.96 20.81 8.73
C GLU W 164 46.49 20.79 9.16
N THR W 165 45.86 21.96 9.19
CA THR W 165 44.49 22.10 9.66
C THR W 165 43.47 21.42 8.73
N ILE W 166 43.63 21.59 7.42
CA ILE W 166 42.73 20.97 6.46
C ILE W 166 42.93 19.44 6.40
N SER W 167 44.18 19.00 6.58
CA SER W 167 44.51 17.58 6.55
C SER W 167 43.95 16.82 7.75
N GLN W 168 44.08 17.41 8.93
CA GLN W 168 43.58 16.81 10.16
C GLN W 168 42.05 16.82 10.22
N ALA W 169 41.45 17.83 9.58
CA ALA W 169 40.00 17.92 9.47
C ALA W 169 39.46 16.80 8.58
N LEU W 170 40.10 16.61 7.42
CA LEU W 170 39.70 15.59 6.45
C LEU W 170 39.92 14.17 7.01
N LEU W 171 41.12 13.92 7.50
CA LEU W 171 41.53 12.60 7.99
C LEU W 171 40.66 12.07 9.12
N ASN W 172 40.41 12.89 10.13
CA ASN W 172 39.62 12.48 11.28
C ASN W 172 38.12 12.37 10.99
N ALA W 173 37.67 13.08 9.96
CA ALA W 173 36.28 13.00 9.51
C ALA W 173 36.03 11.70 8.73
N ALA W 174 36.99 11.33 7.89
CA ALA W 174 36.90 10.14 7.03
C ALA W 174 36.91 8.86 7.85
N ASP W 175 37.61 8.89 8.99
CA ASP W 175 37.76 7.72 9.84
C ASP W 175 36.49 7.39 10.62
N ARG W 176 35.53 8.32 10.60
CA ARG W 176 34.23 8.11 11.25
C ARG W 176 33.12 7.86 10.23
N ASP W 177 33.51 7.78 8.96
CA ASP W 177 32.58 7.48 7.87
C ASP W 177 33.02 6.22 7.15
N ALA W 178 32.14 5.22 7.13
CA ALA W 178 32.44 3.94 6.50
C ALA W 178 32.63 4.05 4.98
N LEU W 179 32.10 5.11 4.37
CA LEU W 179 32.12 5.26 2.92
C LEU W 179 33.19 6.22 2.42
N SER W 180 33.99 6.76 3.33
CA SER W 180 35.08 7.65 2.96
C SER W 180 36.43 7.12 3.43
N GLY W 181 37.49 7.64 2.82
CA GLY W 181 38.85 7.28 3.18
C GLY W 181 39.62 6.73 2.01
N TRP W 182 40.39 5.68 2.26
CA TRP W 182 41.15 4.98 1.22
C TRP W 182 42.16 5.88 0.50
N GLY W 183 42.80 6.76 1.26
CA GLY W 183 43.77 7.71 0.72
C GLY W 183 43.17 9.09 0.51
N ALA W 184 44.03 10.09 0.47
CA ALA W 184 43.59 11.48 0.37
C ALA W 184 44.62 12.34 -0.37
N VAL W 185 44.14 13.42 -0.96
CA VAL W 185 45.00 14.40 -1.65
C VAL W 185 44.62 15.83 -1.25
N VAL W 186 45.62 16.64 -0.88
CA VAL W 186 45.39 18.05 -0.51
C VAL W 186 46.07 18.99 -1.50
N TYR W 187 45.33 20.01 -1.92
CA TYR W 187 45.86 21.07 -2.78
C TYR W 187 46.05 22.36 -1.99
N ILE W 188 47.28 22.86 -1.95
CA ILE W 188 47.55 24.19 -1.42
C ILE W 188 47.67 25.19 -2.57
N ILE W 189 46.84 26.23 -2.55
CA ILE W 189 46.80 27.22 -3.62
C ILE W 189 47.33 28.58 -3.15
N LYS W 190 48.45 29.01 -3.73
CA LYS W 190 48.94 30.38 -3.58
C LYS W 190 48.78 31.11 -4.92
N LYS W 191 49.19 32.38 -4.97
CA LYS W 191 49.08 33.18 -6.20
C LYS W 191 49.90 32.62 -7.37
N ASP W 192 51.18 32.33 -7.11
CA ASP W 192 52.08 31.79 -8.14
C ASP W 192 52.08 30.26 -8.22
N GLU W 193 52.50 29.60 -7.13
CA GLU W 193 52.62 28.14 -7.11
C GLU W 193 51.40 27.43 -6.53
N VAL W 194 51.23 26.16 -6.91
CA VAL W 194 50.19 25.29 -6.37
C VAL W 194 50.80 23.94 -6.01
N VAL W 195 50.74 23.58 -4.73
CA VAL W 195 51.33 22.32 -4.25
C VAL W 195 50.25 21.25 -4.04
N LYS W 196 50.52 20.06 -4.56
CA LYS W 196 49.63 18.91 -4.38
C LYS W 196 50.32 17.86 -3.52
N ARG W 197 49.61 17.36 -2.51
CA ARG W 197 50.17 16.37 -1.59
C ARG W 197 49.23 15.20 -1.37
N TYR W 198 49.80 14.01 -1.22
CA TYR W 198 49.05 12.79 -0.91
C TYR W 198 49.24 12.43 0.56
N LEU W 199 48.15 12.27 1.28
CA LEU W 199 48.20 11.96 2.71
C LEU W 199 48.23 10.46 2.97
N LYS W 200 48.94 10.07 4.02
CA LYS W 200 48.93 8.70 4.50
C LYS W 200 47.83 8.53 5.55
N MET W 201 46.87 7.65 5.25
CA MET W 201 45.76 7.40 6.15
C MET W 201 45.37 5.92 6.21
N ARG W 202 44.50 5.59 7.17
CA ARG W 202 43.97 4.24 7.32
C ARG W 202 43.38 3.71 6.02
N GLN W 203 43.64 2.43 5.72
CA GLN W 203 43.13 1.83 4.49
C GLN W 203 42.02 0.80 4.76
N ASP W 204 41.18 1.07 5.76
CA ASP W 204 40.08 0.17 6.13
C ASP W 204 38.69 0.81 5.99
N MET X 1 24.08 -14.61 -10.51
CA MET X 1 24.25 -13.92 -11.83
C MET X 1 25.65 -14.14 -12.43
N ASP X 2 25.95 -13.46 -13.53
CA ASP X 2 27.13 -13.74 -14.37
C ASP X 2 28.47 -13.35 -13.74
N ILE X 3 29.51 -14.09 -14.11
CA ILE X 3 30.88 -13.78 -13.70
C ILE X 3 31.57 -13.01 -14.83
N ILE X 4 32.04 -11.81 -14.50
CA ILE X 4 32.77 -10.95 -15.44
C ILE X 4 34.04 -10.47 -14.75
N LEU X 5 35.17 -11.06 -15.12
CA LEU X 5 36.46 -10.75 -14.51
C LEU X 5 37.42 -10.14 -15.52
N GLY X 6 38.43 -9.44 -15.02
CA GLY X 6 39.46 -8.84 -15.86
C GLY X 6 40.72 -8.55 -15.08
N ILE X 7 41.88 -8.82 -15.69
CA ILE X 7 43.17 -8.59 -15.04
C ILE X 7 44.22 -8.07 -16.02
N ARG X 8 44.86 -6.97 -15.66
CA ARG X 8 45.93 -6.36 -16.45
C ARG X 8 47.31 -6.74 -15.91
N VAL X 9 48.08 -7.43 -16.72
CA VAL X 9 49.46 -7.79 -16.36
C VAL X 9 50.47 -6.91 -17.11
N GLN X 10 51.74 -7.35 -17.14
CA GLN X 10 52.83 -6.58 -17.75
C GLN X 10 52.52 -6.06 -19.15
N ASP X 11 52.15 -6.96 -20.05
CA ASP X 11 51.97 -6.61 -21.47
C ASP X 11 50.71 -7.16 -22.12
N SER X 12 49.67 -7.41 -21.30
CA SER X 12 48.37 -7.88 -21.81
C SER X 12 47.25 -7.70 -20.79
N VAL X 13 46.01 -7.68 -21.30
CA VAL X 13 44.82 -7.71 -20.47
C VAL X 13 44.12 -9.05 -20.68
N ILE X 14 43.70 -9.68 -19.58
CA ILE X 14 43.03 -10.97 -19.65
C ILE X 14 41.61 -10.86 -19.10
N LEU X 15 40.63 -11.26 -19.92
CA LEU X 15 39.22 -11.22 -19.53
C LEU X 15 38.61 -12.62 -19.45
N ALA X 16 38.00 -12.92 -18.31
CA ALA X 16 37.32 -14.20 -18.10
C ALA X 16 35.84 -13.95 -17.86
N SER X 17 34.99 -14.66 -18.61
CA SER X 17 33.55 -14.47 -18.56
C SER X 17 32.83 -15.81 -18.45
N SER X 18 31.79 -15.86 -17.62
CA SER X 18 31.06 -17.12 -17.40
C SER X 18 30.28 -17.59 -18.62
N LYS X 19 30.09 -18.90 -18.72
CA LYS X 19 29.51 -19.53 -19.91
C LYS X 19 28.02 -19.86 -19.78
N ALA X 20 27.45 -19.64 -18.60
CA ALA X 20 26.06 -19.99 -18.32
C ALA X 20 25.06 -18.92 -18.74
N VAL X 21 23.95 -19.37 -19.34
CA VAL X 21 22.76 -18.54 -19.52
C VAL X 21 21.59 -19.27 -18.89
N THR X 22 21.07 -18.68 -17.81
CA THR X 22 20.05 -19.31 -16.99
C THR X 22 18.79 -18.45 -16.95
N ARG X 23 17.64 -19.06 -17.17
CA ARG X 23 16.36 -18.38 -17.03
C ARG X 23 15.40 -19.25 -16.25
N GLY X 24 15.17 -18.87 -15.00
CA GLY X 24 14.30 -19.63 -14.10
C GLY X 24 15.01 -20.84 -13.53
N ILE X 25 14.41 -22.01 -13.73
CA ILE X 25 14.90 -23.27 -13.17
C ILE X 25 15.77 -24.04 -14.17
N SER X 26 16.02 -23.45 -15.34
CA SER X 26 16.77 -24.13 -16.38
C SER X 26 18.02 -23.39 -16.82
N VAL X 27 19.14 -24.11 -16.89
CA VAL X 27 20.35 -23.61 -17.55
C VAL X 27 20.20 -23.87 -19.05
N LEU X 28 19.92 -22.81 -19.80
CA LEU X 28 19.64 -22.91 -21.23
C LEU X 28 20.88 -23.16 -22.09
N LYS X 29 22.00 -22.55 -21.71
CA LYS X 29 23.24 -22.66 -22.48
C LYS X 29 24.46 -22.66 -21.56
N ASP X 30 25.45 -23.48 -21.88
CA ASP X 30 26.67 -23.60 -21.07
C ASP X 30 27.96 -23.25 -21.83
N SER X 31 27.82 -22.61 -22.98
CA SER X 31 28.96 -22.26 -23.82
C SER X 31 28.85 -20.83 -24.36
N ASP X 32 28.33 -19.92 -23.55
CA ASP X 32 28.06 -18.55 -23.97
C ASP X 32 29.30 -17.66 -23.95
N ASP X 33 29.51 -16.92 -25.03
CA ASP X 33 30.62 -15.97 -25.11
C ASP X 33 30.11 -14.57 -24.80
N LYS X 34 30.28 -14.14 -23.55
CA LYS X 34 29.78 -12.85 -23.08
C LYS X 34 30.73 -11.71 -23.41
N THR X 35 31.21 -11.68 -24.64
CA THR X 35 32.18 -10.69 -25.09
C THR X 35 31.97 -10.31 -26.58
N ARG X 36 32.36 -9.08 -26.92
CA ARG X 36 32.40 -8.62 -28.32
C ARG X 36 33.74 -7.96 -28.57
N GLN X 37 34.31 -8.20 -29.75
CA GLN X 37 35.51 -7.49 -30.18
C GLN X 37 35.14 -6.16 -30.81
N LEU X 38 35.60 -5.07 -30.22
CA LEU X 38 35.26 -3.72 -30.69
C LEU X 38 36.21 -3.27 -31.80
N SER X 39 37.49 -3.62 -31.66
CA SER X 39 38.50 -3.40 -32.70
C SER X 39 39.59 -4.46 -32.55
N PRO X 40 40.55 -4.52 -33.49
CA PRO X 40 41.60 -5.55 -33.42
C PRO X 40 42.31 -5.68 -32.05
N HIS X 41 42.39 -4.60 -31.29
CA HIS X 41 43.08 -4.60 -29.99
C HIS X 41 42.22 -4.14 -28.81
N THR X 42 40.89 -4.22 -28.96
CA THR X 42 39.97 -3.83 -27.89
C THR X 42 38.84 -4.84 -27.74
N LEU X 43 38.68 -5.36 -26.52
CA LEU X 43 37.65 -6.33 -26.21
C LEU X 43 36.74 -5.85 -25.08
N MET X 44 35.45 -6.15 -25.18
CA MET X 44 34.49 -5.79 -24.16
C MET X 44 33.68 -6.99 -23.70
N SER X 45 33.71 -7.25 -22.38
CA SER X 45 32.87 -8.27 -21.78
C SER X 45 31.69 -7.58 -21.09
N PHE X 46 30.56 -8.29 -20.99
CA PHE X 46 29.31 -7.69 -20.52
C PHE X 46 28.39 -8.62 -19.74
N ALA X 47 27.73 -8.08 -18.73
CA ALA X 47 26.73 -8.82 -17.95
C ALA X 47 25.62 -7.88 -17.48
N GLY X 48 24.42 -8.44 -17.26
CA GLY X 48 23.29 -7.69 -16.74
C GLY X 48 21.94 -8.22 -17.18
N GLU X 49 21.05 -7.30 -17.56
CA GLU X 49 19.67 -7.61 -17.94
C GLU X 49 19.60 -8.47 -19.21
N ALA X 50 18.64 -9.39 -19.24
CA ALA X 50 18.51 -10.40 -20.30
C ALA X 50 18.63 -9.89 -21.73
N GLY X 51 17.90 -8.83 -22.06
CA GLY X 51 17.91 -8.31 -23.43
C GLY X 51 18.97 -7.24 -23.65
N ASP X 52 19.04 -6.29 -22.72
CA ASP X 52 19.92 -5.12 -22.81
C ASP X 52 21.38 -5.48 -23.07
N THR X 53 21.78 -6.63 -22.54
CA THR X 53 23.18 -7.06 -22.55
C THR X 53 23.80 -7.14 -23.96
N VAL X 54 23.20 -7.92 -24.85
CA VAL X 54 23.74 -8.13 -26.21
C VAL X 54 23.44 -6.95 -27.14
N GLN X 55 22.26 -6.33 -26.96
CA GLN X 55 21.86 -5.17 -27.76
C GLN X 55 22.82 -4.00 -27.61
N PHE X 56 23.28 -3.76 -26.38
CA PHE X 56 24.21 -2.67 -26.09
C PHE X 56 25.60 -2.96 -26.65
N ALA X 57 26.07 -4.18 -26.48
CA ALA X 57 27.40 -4.56 -26.93
C ALA X 57 27.53 -4.42 -28.44
N GLU X 58 26.53 -4.91 -29.16
CA GLU X 58 26.52 -4.86 -30.62
C GLU X 58 26.34 -3.44 -31.15
N TYR X 59 25.66 -2.60 -30.37
CA TYR X 59 25.52 -1.19 -30.70
C TYR X 59 26.84 -0.45 -30.56
N ILE X 60 27.58 -0.74 -29.49
CA ILE X 60 28.92 -0.17 -29.30
C ILE X 60 29.88 -0.66 -30.38
N GLN X 61 29.85 -1.98 -30.63
CA GLN X 61 30.69 -2.60 -31.67
C GLN X 61 30.49 -1.94 -33.03
N ALA X 62 29.23 -1.72 -33.41
CA ALA X 62 28.91 -1.11 -34.70
C ALA X 62 29.48 0.30 -34.82
N ASN X 63 29.38 1.07 -33.73
CA ASN X 63 29.89 2.44 -33.68
C ASN X 63 31.40 2.57 -33.75
N ILE X 64 32.11 1.66 -33.07
CA ILE X 64 33.57 1.65 -33.09
C ILE X 64 34.08 1.21 -34.47
N GLN X 65 33.50 0.14 -35.00
CA GLN X 65 33.83 -0.35 -36.33
C GLN X 65 33.57 0.69 -37.41
N LEU X 66 32.45 1.41 -37.29
CA LEU X 66 32.13 2.53 -38.17
C LEU X 66 33.21 3.61 -38.12
N TYR X 67 33.67 3.94 -36.91
CA TYR X 67 34.76 4.90 -36.72
C TYR X 67 36.03 4.45 -37.42
N SER X 68 36.36 3.16 -37.30
CA SER X 68 37.57 2.58 -37.88
C SER X 68 37.61 2.65 -39.41
N ILE X 69 36.46 2.50 -40.05
CA ILE X 69 36.37 2.60 -41.51
C ILE X 69 36.46 4.07 -41.97
N ARG X 70 35.70 4.95 -41.32
CA ARG X 70 35.72 6.37 -41.64
C ARG X 70 37.11 6.99 -41.49
N GLU X 71 37.76 6.72 -40.36
CA GLU X 71 39.04 7.32 -40.03
C GLU X 71 40.25 6.49 -40.48
N ASP X 72 39.99 5.26 -40.91
CA ASP X 72 41.03 4.27 -41.24
C ASP X 72 42.09 4.22 -40.13
N TYR X 73 41.60 4.10 -38.90
CA TYR X 73 42.43 4.22 -37.70
C TYR X 73 41.76 3.48 -36.56
N GLU X 74 42.54 3.11 -35.55
CA GLU X 74 42.00 2.47 -34.37
C GLU X 74 42.07 3.40 -33.17
N LEU X 75 40.93 3.59 -32.51
CA LEU X 75 40.85 4.42 -31.30
C LEU X 75 41.56 3.77 -30.13
N SER X 76 42.18 4.59 -29.30
CA SER X 76 42.85 4.13 -28.09
C SER X 76 41.84 3.53 -27.12
N PRO X 77 42.26 2.56 -26.29
CA PRO X 77 41.35 1.97 -25.30
C PRO X 77 40.71 3.05 -24.42
N GLN X 78 41.46 4.10 -24.11
CA GLN X 78 40.96 5.23 -23.34
C GLN X 78 39.79 5.91 -24.06
N ALA X 79 39.95 6.15 -25.35
CA ALA X 79 38.92 6.79 -26.16
C ALA X 79 37.65 5.95 -26.24
N VAL X 80 37.82 4.65 -26.44
CA VAL X 80 36.70 3.71 -26.54
C VAL X 80 35.92 3.64 -25.23
N SER X 81 36.64 3.63 -24.12
CA SER X 81 36.01 3.55 -22.80
C SER X 81 35.24 4.81 -22.44
N SER X 82 35.74 5.97 -22.88
CA SER X 82 35.05 7.23 -22.68
C SER X 82 33.77 7.33 -23.52
N PHE X 83 33.78 6.71 -24.69
CA PHE X 83 32.60 6.65 -25.56
C PHE X 83 31.51 5.79 -24.93
N VAL X 84 31.91 4.61 -24.46
CA VAL X 84 30.99 3.69 -23.77
C VAL X 84 30.42 4.33 -22.52
N ARG X 85 31.27 4.99 -21.72
CA ARG X 85 30.82 5.64 -20.50
C ARG X 85 29.73 6.65 -20.79
N GLN X 86 29.98 7.52 -21.78
CA GLN X 86 29.05 8.59 -22.12
C GLN X 86 27.73 8.04 -22.65
N GLU X 87 27.79 6.92 -23.38
CA GLU X 87 26.59 6.23 -23.84
C GLU X 87 25.72 5.75 -22.68
N LEU X 88 26.37 5.14 -21.69
CA LEU X 88 25.68 4.67 -20.49
C LEU X 88 25.16 5.83 -19.64
N ALA X 89 25.99 6.86 -19.47
CA ALA X 89 25.64 8.05 -18.69
C ALA X 89 24.44 8.82 -19.29
N LYS X 90 24.26 8.70 -20.61
CA LYS X 90 23.10 9.25 -21.30
C LYS X 90 21.85 8.42 -21.02
N SER X 91 22.00 7.10 -21.09
CA SER X 91 20.85 6.19 -21.01
C SER X 91 20.28 6.10 -19.61
N ILE X 92 21.12 6.36 -18.60
CA ILE X 92 20.69 6.29 -17.20
C ILE X 92 19.59 7.31 -16.86
N ARG X 93 19.50 8.38 -17.64
CA ARG X 93 18.45 9.37 -17.45
C ARG X 93 17.42 9.37 -18.58
N SER X 94 17.35 8.25 -19.31
CA SER X 94 16.35 8.08 -20.37
C SER X 94 15.13 7.30 -19.84
N ARG X 95 14.14 7.09 -20.71
CA ARG X 95 12.91 6.38 -20.34
C ARG X 95 13.15 4.95 -19.87
N ARG X 96 14.02 4.22 -20.58
CA ARG X 96 14.40 2.87 -20.17
C ARG X 96 15.91 2.62 -20.32
N PRO X 97 16.68 2.82 -19.22
CA PRO X 97 18.13 2.68 -19.24
C PRO X 97 18.59 1.28 -19.60
N TYR X 98 19.78 1.19 -20.19
CA TYR X 98 20.45 -0.08 -20.38
C TYR X 98 20.94 -0.55 -19.02
N GLN X 99 20.57 -1.77 -18.63
CA GLN X 99 21.06 -2.37 -17.39
C GLN X 99 22.20 -3.34 -17.70
N VAL X 100 23.34 -2.78 -18.08
CA VAL X 100 24.52 -3.54 -18.49
C VAL X 100 25.79 -3.01 -17.83
N ASN X 101 26.59 -3.93 -17.26
CA ASN X 101 27.90 -3.59 -16.74
C ASN X 101 28.95 -4.17 -17.67
N VAL X 102 30.03 -3.41 -17.89
CA VAL X 102 31.05 -3.81 -18.85
C VAL X 102 32.48 -3.73 -18.31
N LEU X 103 33.36 -4.51 -18.93
CA LEU X 103 34.80 -4.35 -18.77
C LEU X 103 35.40 -4.10 -20.14
N ILE X 104 36.26 -3.08 -20.24
CA ILE X 104 36.97 -2.78 -21.49
C ILE X 104 38.42 -3.17 -21.33
N GLY X 105 38.85 -4.16 -22.09
CA GLY X 105 40.25 -4.59 -22.09
C GLY X 105 40.91 -4.33 -23.43
N GLY X 106 41.86 -3.41 -23.45
CA GLY X 106 42.54 -3.04 -24.69
C GLY X 106 44.05 -2.95 -24.56
N TYR X 107 44.73 -2.92 -25.71
CA TYR X 107 46.17 -2.70 -25.77
C TYR X 107 46.47 -1.47 -26.61
N ASP X 108 47.02 -0.44 -25.97
CA ASP X 108 47.34 0.81 -26.64
C ASP X 108 48.64 0.66 -27.43
N LYS X 109 48.51 0.54 -28.75
CA LYS X 109 49.66 0.37 -29.64
C LYS X 109 50.57 1.59 -29.65
N LYS X 110 50.00 2.73 -29.26
CA LYS X 110 50.74 4.00 -29.19
C LYS X 110 51.60 4.05 -27.93
N LYS X 111 50.98 3.76 -26.79
CA LYS X 111 51.68 3.79 -25.50
C LYS X 111 52.46 2.51 -25.20
N ASN X 112 52.25 1.48 -26.01
CA ASN X 112 52.78 0.12 -25.76
C ASN X 112 52.42 -0.39 -24.37
N LYS X 113 51.16 -0.23 -23.99
CA LYS X 113 50.67 -0.61 -22.66
C LYS X 113 49.25 -1.15 -22.67
N PRO X 114 49.01 -2.23 -21.90
CA PRO X 114 47.66 -2.79 -21.71
C PRO X 114 46.82 -1.93 -20.76
N GLU X 115 45.51 -1.88 -20.98
CA GLU X 115 44.60 -1.08 -20.18
C GLU X 115 43.27 -1.78 -19.91
N LEU X 116 42.82 -1.72 -18.66
CA LEU X 116 41.55 -2.33 -18.26
C LEU X 116 40.63 -1.31 -17.61
N TYR X 117 39.43 -1.16 -18.15
CA TYR X 117 38.44 -0.23 -17.61
C TYR X 117 37.19 -0.94 -17.11
N GLN X 118 36.78 -0.59 -15.89
CA GLN X 118 35.53 -1.08 -15.35
C GLN X 118 34.48 0.03 -15.39
N ILE X 119 33.35 -0.24 -16.04
CA ILE X 119 32.26 0.72 -16.18
C ILE X 119 30.93 0.03 -15.88
N ASP X 120 30.14 0.63 -15.00
CA ASP X 120 28.83 0.07 -14.66
C ASP X 120 27.69 0.78 -15.37
N TYR X 121 26.48 0.25 -15.22
CA TYR X 121 25.30 0.72 -15.95
C TYR X 121 24.96 2.20 -15.72
N LEU X 122 25.42 2.77 -14.61
CA LEU X 122 25.22 4.19 -14.33
C LEU X 122 26.16 5.07 -15.15
N GLY X 123 27.25 4.48 -15.62
CA GLY X 123 28.28 5.22 -16.33
C GLY X 123 29.42 5.63 -15.40
N THR X 124 29.74 4.76 -14.45
CA THR X 124 30.87 4.97 -13.55
C THR X 124 32.07 4.26 -14.13
N LYS X 125 33.00 5.03 -14.70
CA LYS X 125 34.22 4.48 -15.28
C LYS X 125 35.37 4.60 -14.30
N VAL X 126 36.24 3.60 -14.30
CA VAL X 126 37.47 3.61 -13.52
C VAL X 126 38.48 2.63 -14.12
N GLU X 127 39.75 3.05 -14.18
CA GLU X 127 40.82 2.16 -14.64
C GLU X 127 41.39 1.37 -13.48
N LEU X 128 41.63 0.09 -13.69
CA LEU X 128 42.05 -0.80 -12.61
C LEU X 128 43.09 -1.82 -13.08
N PRO X 129 43.98 -2.28 -12.17
CA PRO X 129 44.86 -3.41 -12.43
C PRO X 129 44.06 -4.72 -12.57
N TYR X 130 42.99 -4.82 -11.78
CA TYR X 130 42.07 -5.95 -11.83
C TYR X 130 40.66 -5.49 -11.46
N GLY X 131 39.67 -6.06 -12.13
CA GLY X 131 38.28 -5.68 -11.91
C GLY X 131 37.28 -6.80 -12.06
N ALA X 132 36.08 -6.58 -11.53
CA ALA X 132 34.98 -7.55 -11.57
C ALA X 132 33.62 -6.86 -11.47
N HIS X 133 32.60 -7.48 -12.04
CA HIS X 133 31.22 -7.00 -11.88
C HIS X 133 30.35 -8.05 -11.20
N GLY X 134 29.34 -7.58 -10.46
CA GLY X 134 28.42 -8.45 -9.75
C GLY X 134 28.96 -8.89 -8.40
N TYR X 135 28.56 -10.09 -7.99
CA TYR X 135 28.98 -10.63 -6.70
C TYR X 135 30.38 -11.23 -6.75
N SER X 136 30.93 -11.41 -7.95
CA SER X 136 32.28 -11.96 -8.15
C SER X 136 33.30 -11.14 -7.37
N GLY X 137 33.23 -9.82 -7.53
CA GLY X 137 34.15 -8.89 -6.88
C GLY X 137 34.31 -9.11 -5.40
N PHE X 138 33.23 -9.49 -4.74
CA PHE X 138 33.23 -9.75 -3.30
C PHE X 138 34.23 -10.83 -2.88
N TYR X 139 34.61 -11.70 -3.82
CA TYR X 139 35.61 -12.73 -3.56
C TYR X 139 36.97 -12.42 -4.17
N THR X 140 36.98 -11.99 -5.43
CA THR X 140 38.21 -11.85 -6.21
C THR X 140 39.08 -10.65 -5.84
N PHE X 141 38.46 -9.53 -5.48
CA PHE X 141 39.21 -8.31 -5.16
C PHE X 141 40.24 -8.48 -4.05
N SER X 142 39.85 -9.15 -2.97
CA SER X 142 40.74 -9.38 -1.84
C SER X 142 41.79 -10.44 -2.15
N LEU X 143 41.38 -11.43 -2.94
CA LEU X 143 42.27 -12.51 -3.40
C LEU X 143 43.39 -11.93 -4.25
N LEU X 144 43.03 -10.99 -5.13
CA LEU X 144 44.00 -10.32 -5.99
C LEU X 144 44.82 -9.28 -5.25
N ASP X 145 44.18 -8.57 -4.31
CA ASP X 145 44.89 -7.63 -3.42
C ASP X 145 46.10 -8.32 -2.78
N HIS X 146 46.00 -9.63 -2.64
CA HIS X 146 47.03 -10.45 -1.99
C HIS X 146 48.03 -11.05 -2.99
N HIS X 147 47.52 -11.68 -4.04
CA HIS X 147 48.35 -12.45 -4.97
C HIS X 147 48.87 -11.68 -6.19
N TYR X 148 48.25 -10.55 -6.51
CA TYR X 148 48.61 -9.79 -7.71
C TYR X 148 49.94 -9.05 -7.56
N ARG X 149 50.72 -9.07 -8.64
CA ARG X 149 51.90 -8.22 -8.78
C ARG X 149 51.81 -7.50 -10.13
N PRO X 150 52.26 -6.23 -10.19
CA PRO X 150 52.05 -5.41 -11.40
C PRO X 150 52.94 -5.76 -12.60
N ASP X 151 53.92 -6.65 -12.42
CA ASP X 151 54.88 -6.97 -13.47
C ASP X 151 54.86 -8.43 -13.92
N MET X 152 53.75 -9.13 -13.64
CA MET X 152 53.61 -10.55 -13.97
C MET X 152 53.54 -10.79 -15.48
N THR X 153 54.01 -11.95 -15.92
CA THR X 153 53.86 -12.35 -17.32
C THR X 153 52.43 -12.79 -17.59
N THR X 154 52.08 -12.94 -18.87
CA THR X 154 50.75 -13.39 -19.27
C THR X 154 50.44 -14.77 -18.69
N GLU X 155 51.45 -15.63 -18.64
CA GLU X 155 51.33 -16.96 -18.07
C GLU X 155 51.00 -16.93 -16.56
N GLU X 156 51.65 -16.01 -15.84
CA GLU X 156 51.39 -15.82 -14.42
C GLU X 156 49.99 -15.29 -14.18
N GLY X 157 49.51 -14.43 -15.09
CA GLY X 157 48.18 -13.86 -15.03
C GLY X 157 47.09 -14.90 -15.20
N LEU X 158 47.35 -15.90 -16.03
CA LEU X 158 46.43 -17.02 -16.24
C LEU X 158 46.32 -17.92 -15.00
N ASP X 159 47.44 -18.14 -14.33
CA ASP X 159 47.47 -18.90 -13.06
C ASP X 159 46.68 -18.17 -11.97
N LEU X 160 46.67 -16.84 -12.04
CA LEU X 160 45.99 -16.00 -11.07
C LEU X 160 44.48 -16.04 -11.26
N LEU X 161 44.05 -16.08 -12.53
CA LEU X 161 42.63 -16.25 -12.85
C LEU X 161 42.13 -17.62 -12.44
N LYS X 162 42.99 -18.63 -12.63
CA LYS X 162 42.66 -20.00 -12.25
C LYS X 162 42.31 -20.02 -10.76
N LEU X 163 43.08 -19.28 -9.97
CA LEU X 163 42.89 -19.19 -8.52
C LEU X 163 41.59 -18.46 -8.18
N CYS X 164 41.23 -17.46 -8.99
CA CYS X 164 39.97 -16.73 -8.86
C CYS X 164 38.77 -17.62 -9.17
N VAL X 165 38.83 -18.33 -10.29
CA VAL X 165 37.74 -19.19 -10.74
C VAL X 165 37.49 -20.32 -9.75
N GLN X 166 38.57 -20.92 -9.25
CA GLN X 166 38.48 -21.99 -8.25
C GLN X 166 37.83 -21.51 -6.96
N GLU X 167 38.11 -20.27 -6.57
CA GLU X 167 37.50 -19.66 -5.39
C GLU X 167 35.99 -19.48 -5.59
N LEU X 168 35.60 -19.04 -6.78
CA LEU X 168 34.20 -18.83 -7.12
C LEU X 168 33.45 -20.15 -7.29
N GLU X 169 34.15 -21.19 -7.75
CA GLU X 169 33.55 -22.51 -7.91
C GLU X 169 33.39 -23.23 -6.57
N LYS X 170 33.98 -22.66 -5.52
CA LYS X 170 33.90 -23.22 -4.18
C LYS X 170 32.81 -22.52 -3.37
N ARG X 171 32.82 -21.18 -3.40
CA ARG X 171 32.05 -20.38 -2.45
C ARG X 171 30.78 -19.72 -3.01
N MET X 172 30.63 -19.72 -4.32
CA MET X 172 29.44 -19.13 -4.94
C MET X 172 28.33 -20.17 -5.15
N PRO X 173 27.07 -19.75 -4.93
CA PRO X 173 25.92 -20.67 -4.95
C PRO X 173 25.53 -21.16 -6.33
N MET X 174 25.73 -20.34 -7.35
CA MET X 174 25.30 -20.65 -8.71
C MET X 174 26.37 -21.35 -9.53
N ASP X 175 25.96 -22.36 -10.29
CA ASP X 175 26.85 -23.05 -11.23
C ASP X 175 26.95 -22.23 -12.52
N PHE X 176 28.03 -21.48 -12.66
CA PHE X 176 28.23 -20.60 -13.81
C PHE X 176 28.88 -21.28 -15.02
N LYS X 177 29.04 -22.61 -14.94
CA LYS X 177 29.50 -23.44 -16.05
C LYS X 177 30.90 -23.11 -16.59
N GLY X 178 31.77 -22.59 -15.74
CA GLY X 178 33.14 -22.26 -16.14
C GLY X 178 33.26 -20.94 -16.87
N VAL X 179 34.46 -20.64 -17.37
CA VAL X 179 34.73 -19.35 -18.02
C VAL X 179 35.42 -19.47 -19.37
N ILE X 180 35.11 -18.53 -20.27
CA ILE X 180 35.86 -18.33 -21.49
C ILE X 180 36.89 -17.23 -21.23
N VAL X 181 38.16 -17.53 -21.49
CA VAL X 181 39.27 -16.63 -21.21
C VAL X 181 39.85 -16.08 -22.51
N LYS X 182 40.07 -14.77 -22.55
CA LYS X 182 40.61 -14.12 -23.76
C LYS X 182 41.76 -13.17 -23.44
N ILE X 183 42.81 -13.23 -24.25
CA ILE X 183 44.00 -12.40 -24.08
C ILE X 183 44.03 -11.25 -25.08
N VAL X 184 44.38 -10.05 -24.59
CA VAL X 184 44.50 -8.86 -25.42
C VAL X 184 45.92 -8.29 -25.26
N ASP X 185 46.77 -8.51 -26.26
CA ASP X 185 48.15 -7.97 -26.24
C ASP X 185 48.47 -7.17 -27.50
N LYS X 186 49.75 -7.04 -27.82
CA LYS X 186 50.18 -6.31 -29.01
C LYS X 186 49.88 -7.04 -30.33
N ASP X 187 49.59 -8.33 -30.23
CA ASP X 187 49.29 -9.15 -31.41
C ASP X 187 47.79 -9.31 -31.65
N GLY X 188 46.98 -8.61 -30.85
CA GLY X 188 45.53 -8.64 -31.00
C GLY X 188 44.81 -9.42 -29.92
N ILE X 189 43.75 -10.11 -30.33
CA ILE X 189 42.90 -10.86 -29.41
C ILE X 189 42.87 -12.33 -29.80
N ARG X 190 43.06 -13.19 -28.81
CA ARG X 190 42.96 -14.64 -29.01
C ARG X 190 42.28 -15.31 -27.82
N GLN X 191 41.75 -16.51 -28.04
CA GLN X 191 41.04 -17.26 -27.00
C GLN X 191 41.86 -18.46 -26.54
N VAL X 192 41.85 -18.70 -25.23
CA VAL X 192 42.56 -19.83 -24.62
C VAL X 192 41.66 -21.06 -24.64
N ASP X 193 41.89 -21.95 -25.60
CA ASP X 193 41.02 -23.12 -25.82
C ASP X 193 40.88 -24.05 -24.61
N ASP X 194 42.00 -24.32 -23.94
CA ASP X 194 42.00 -25.19 -22.76
C ASP X 194 42.12 -24.41 -21.44
N PHE X 195 40.97 -24.21 -20.79
CA PHE X 195 40.94 -23.61 -19.45
C PHE X 195 40.02 -24.41 -18.54
N GLN X 196 39.01 -25.04 -19.16
CA GLN X 196 38.04 -25.92 -18.50
C GLN X 196 38.74 -27.11 -17.80
N ALA X 197 39.85 -27.55 -18.39
CA ALA X 197 40.69 -28.60 -17.82
C ALA X 197 42.17 -28.30 -18.02
N GLN X 198 42.57 -27.06 -17.71
CA GLN X 198 43.96 -26.61 -17.84
C GLN X 198 44.86 -27.18 -16.74
N THR Y 1 2.10 -24.95 -22.45
CA THR Y 1 3.00 -25.41 -23.51
C THR Y 1 4.19 -26.21 -23.01
N THR Y 2 4.50 -27.30 -23.73
CA THR Y 2 5.88 -27.74 -23.94
C THR Y 2 6.27 -27.76 -25.43
N THR Y 3 7.45 -27.24 -25.73
CA THR Y 3 8.03 -27.30 -27.07
C THR Y 3 9.50 -27.68 -26.97
N LEU Y 4 9.98 -28.49 -27.91
CA LEU Y 4 11.42 -28.72 -28.04
C LEU Y 4 11.92 -28.75 -29.48
N ALA Y 5 13.23 -28.62 -29.62
CA ALA Y 5 13.94 -28.84 -30.88
C ALA Y 5 15.38 -29.18 -30.58
N PHE Y 6 15.90 -30.18 -31.29
CA PHE Y 6 17.29 -30.56 -31.13
C PHE Y 6 17.97 -30.90 -32.45
N ARG Y 7 19.29 -30.80 -32.45
CA ARG Y 7 20.11 -31.01 -33.63
C ARG Y 7 20.84 -32.34 -33.50
N PHE Y 8 20.88 -33.10 -34.61
CA PHE Y 8 21.53 -34.41 -34.61
C PHE Y 8 22.13 -34.73 -35.98
N GLN Y 9 22.72 -35.92 -36.10
CA GLN Y 9 23.34 -36.42 -37.33
C GLN Y 9 22.51 -36.18 -38.61
N GLY Y 10 21.19 -36.35 -38.51
CA GLY Y 10 20.30 -36.27 -39.67
C GLY Y 10 19.44 -35.03 -39.78
N GLY Y 11 19.79 -33.97 -39.04
CA GLY Y 11 19.11 -32.69 -39.15
C GLY Y 11 18.57 -32.13 -37.85
N ILE Y 12 17.28 -31.76 -37.86
CA ILE Y 12 16.60 -31.15 -36.71
C ILE Y 12 15.25 -31.83 -36.44
N ILE Y 13 15.00 -32.16 -35.17
CA ILE Y 13 13.69 -32.62 -34.73
C ILE Y 13 12.98 -31.51 -33.97
N VAL Y 14 11.73 -31.25 -34.34
CA VAL Y 14 10.90 -30.29 -33.60
C VAL Y 14 9.62 -30.99 -33.16
N ALA Y 15 9.32 -30.90 -31.87
CA ALA Y 15 8.10 -31.47 -31.31
C ALA Y 15 7.42 -30.50 -30.34
N VAL Y 16 6.10 -30.44 -30.41
CA VAL Y 16 5.29 -29.52 -29.60
C VAL Y 16 4.03 -30.18 -29.05
N ASP Y 17 3.48 -29.64 -27.96
CA ASP Y 17 2.15 -30.05 -27.50
C ASP Y 17 1.10 -29.18 -28.17
N SER Y 18 -0.16 -29.28 -27.71
CA SER Y 18 -1.25 -28.53 -28.35
C SER Y 18 -2.24 -27.93 -27.36
N ARG Y 19 -1.93 -28.02 -26.06
CA ARG Y 19 -2.80 -27.46 -25.02
C ARG Y 19 -2.72 -25.93 -24.93
N ALA Y 20 -3.88 -25.30 -24.78
CA ALA Y 20 -3.96 -23.88 -24.51
C ALA Y 20 -4.77 -23.69 -23.22
N THR Y 21 -4.21 -22.96 -22.27
CA THR Y 21 -4.86 -22.78 -20.98
C THR Y 21 -5.17 -21.32 -20.68
N ALA Y 22 -6.25 -21.11 -19.92
CA ALA Y 22 -6.54 -19.82 -19.31
C ALA Y 22 -6.71 -20.08 -17.83
N GLY Y 23 -5.62 -19.92 -17.08
CA GLY Y 23 -5.57 -20.33 -15.67
C GLY Y 23 -5.58 -21.84 -15.58
N ASN Y 24 -6.59 -22.38 -14.91
CA ASN Y 24 -6.77 -23.83 -14.81
C ASN Y 24 -7.79 -24.35 -15.81
N TRP Y 25 -8.42 -23.43 -16.53
CA TRP Y 25 -9.33 -23.77 -17.61
C TRP Y 25 -8.54 -24.16 -18.85
N VAL Y 26 -8.75 -25.40 -19.30
CA VAL Y 26 -8.16 -25.87 -20.55
C VAL Y 26 -8.97 -25.28 -21.70
N ALA Y 27 -8.40 -24.27 -22.35
CA ALA Y 27 -9.13 -23.49 -23.35
C ALA Y 27 -9.17 -24.21 -24.69
N SER Y 28 -8.15 -25.00 -24.97
CA SER Y 28 -8.05 -25.76 -26.22
C SER Y 28 -7.10 -26.93 -26.05
N GLN Y 29 -7.36 -28.01 -26.78
CA GLN Y 29 -6.48 -29.17 -26.80
C GLN Y 29 -5.84 -29.34 -28.18
N THR Y 30 -6.25 -28.50 -29.13
CA THR Y 30 -5.88 -28.67 -30.55
C THR Y 30 -5.22 -27.44 -31.19
N VAL Y 31 -4.25 -26.85 -30.50
CA VAL Y 31 -3.57 -25.66 -31.02
C VAL Y 31 -2.33 -26.01 -31.82
N LYS Y 32 -2.25 -25.48 -33.04
CA LYS Y 32 -1.05 -25.55 -33.85
C LYS Y 32 0.00 -24.63 -33.24
N LYS Y 33 1.06 -25.22 -32.68
CA LYS Y 33 2.13 -24.45 -32.04
C LYS Y 33 3.39 -24.34 -32.89
N VAL Y 34 3.32 -24.84 -34.12
CA VAL Y 34 4.39 -24.66 -35.09
C VAL Y 34 3.89 -23.83 -36.28
N ILE Y 35 4.62 -22.76 -36.59
CA ILE Y 35 4.36 -21.96 -37.78
C ILE Y 35 5.38 -22.33 -38.86
N GLU Y 36 4.87 -22.69 -40.03
CA GLU Y 36 5.71 -22.95 -41.19
C GLU Y 36 5.96 -21.62 -41.90
N ILE Y 37 7.16 -21.06 -41.68
CA ILE Y 37 7.56 -19.77 -42.26
C ILE Y 37 7.75 -19.91 -43.77
N ASN Y 38 8.50 -20.94 -44.17
CA ASN Y 38 8.68 -21.32 -45.57
C ASN Y 38 9.06 -22.82 -45.66
N PRO Y 39 9.30 -23.35 -46.88
CA PRO Y 39 9.68 -24.77 -46.97
C PRO Y 39 10.92 -25.20 -46.17
N PHE Y 40 11.70 -24.22 -45.69
CA PHE Y 40 12.95 -24.49 -44.98
C PHE Y 40 13.02 -23.89 -43.57
N LEU Y 41 12.02 -23.09 -43.19
CA LEU Y 41 11.98 -22.46 -41.87
C LEU Y 41 10.75 -22.81 -41.04
N LEU Y 42 10.96 -22.98 -39.74
CA LEU Y 42 9.88 -23.27 -38.78
C LEU Y 42 10.02 -22.41 -37.53
N GLY Y 43 8.88 -22.12 -36.90
CA GLY Y 43 8.85 -21.39 -35.63
C GLY Y 43 7.94 -22.08 -34.64
N THR Y 44 8.35 -22.10 -33.37
CA THR Y 44 7.56 -22.73 -32.30
C THR Y 44 7.00 -21.67 -31.37
N MET Y 45 5.84 -21.93 -30.78
CA MET Y 45 5.16 -20.93 -29.96
C MET Y 45 4.98 -21.38 -28.50
N ALA Y 46 5.40 -20.54 -27.56
CA ALA Y 46 5.18 -20.77 -26.13
C ALA Y 46 4.99 -19.46 -25.40
N GLY Y 47 4.11 -19.46 -24.40
CA GLY Y 47 3.75 -18.24 -23.67
C GLY Y 47 2.38 -17.77 -24.11
N GLY Y 48 2.22 -16.45 -24.21
CA GLY Y 48 0.96 -15.84 -24.66
C GLY Y 48 0.59 -16.29 -26.06
N ALA Y 49 -0.63 -16.80 -26.19
CA ALA Y 49 -1.10 -17.41 -27.45
C ALA Y 49 -1.16 -16.41 -28.60
N ALA Y 50 -1.84 -15.29 -28.35
CA ALA Y 50 -1.97 -14.22 -29.35
C ALA Y 50 -0.62 -13.58 -29.66
N ASP Y 51 0.15 -13.22 -28.62
CA ASP Y 51 1.49 -12.65 -28.78
C ASP Y 51 2.34 -13.45 -29.77
N CYS Y 52 2.38 -14.77 -29.58
CA CYS Y 52 3.14 -15.65 -30.45
C CYS Y 52 2.52 -15.73 -31.84
N GLN Y 53 1.21 -15.95 -31.90
CA GLN Y 53 0.49 -16.17 -33.15
C GLN Y 53 0.56 -14.96 -34.09
N PHE Y 54 0.46 -13.75 -33.52
CA PHE Y 54 0.52 -12.51 -34.28
C PHE Y 54 1.92 -12.25 -34.83
N TRP Y 55 2.91 -12.22 -33.94
CA TRP Y 55 4.27 -11.82 -34.31
C TRP Y 55 5.04 -12.83 -35.15
N GLU Y 56 4.70 -14.11 -35.01
CA GLU Y 56 5.32 -15.14 -35.86
C GLU Y 56 4.70 -15.18 -37.25
N THR Y 57 3.42 -14.78 -37.35
CA THR Y 57 2.78 -14.63 -38.66
C THR Y 57 3.37 -13.40 -39.35
N TRP Y 58 3.61 -12.36 -38.56
CA TRP Y 58 4.28 -11.14 -39.03
C TRP Y 58 5.70 -11.46 -39.50
N LEU Y 59 6.38 -12.33 -38.75
CA LEU Y 59 7.73 -12.74 -39.08
C LEU Y 59 7.76 -13.38 -40.46
N GLY Y 60 6.81 -14.29 -40.71
CA GLY Y 60 6.70 -14.99 -42.00
C GLY Y 60 6.52 -14.06 -43.18
N SER Y 61 5.86 -12.92 -42.94
CA SER Y 61 5.69 -11.87 -43.95
C SER Y 61 7.01 -11.16 -44.21
N GLN Y 62 7.76 -10.88 -43.15
CA GLN Y 62 9.05 -10.20 -43.26
C GLN Y 62 10.09 -11.06 -43.96
N CYS Y 63 9.99 -12.38 -43.78
CA CYS Y 63 10.86 -13.35 -44.43
C CYS Y 63 10.54 -13.49 -45.92
N ARG Y 64 9.26 -13.32 -46.26
CA ARG Y 64 8.81 -13.32 -47.65
C ARG Y 64 9.31 -12.06 -48.36
N LEU Y 65 9.30 -10.94 -47.64
CA LEU Y 65 9.81 -9.67 -48.14
C LEU Y 65 11.31 -9.73 -48.43
N HIS Y 66 12.04 -10.47 -47.62
CA HIS Y 66 13.48 -10.66 -47.82
C HIS Y 66 13.77 -11.45 -49.10
N GLU Y 67 12.93 -12.44 -49.39
CA GLU Y 67 13.06 -13.25 -50.60
C GLU Y 67 12.87 -12.42 -51.86
N LEU Y 68 11.85 -11.55 -51.84
CA LEU Y 68 11.54 -10.69 -52.97
C LEU Y 68 12.61 -9.61 -53.18
N ARG Y 69 13.14 -9.09 -52.08
CA ARG Y 69 14.11 -8.00 -52.12
C ARG Y 69 15.51 -8.48 -52.51
N GLU Y 70 15.91 -9.63 -51.98
CA GLU Y 70 17.29 -10.11 -52.14
C GLU Y 70 17.43 -11.28 -53.11
N LYS Y 71 16.29 -11.80 -53.58
CA LYS Y 71 16.24 -12.94 -54.52
C LYS Y 71 16.95 -14.18 -53.94
N GLU Y 72 16.83 -14.33 -52.62
CA GLU Y 72 17.55 -15.33 -51.86
C GLU Y 72 16.80 -15.61 -50.56
N ARG Y 73 16.70 -16.88 -50.19
CA ARG Y 73 16.00 -17.29 -48.96
C ARG Y 73 16.72 -16.76 -47.71
N ILE Y 74 15.94 -16.25 -46.76
CA ILE Y 74 16.48 -15.71 -45.51
C ILE Y 74 17.14 -16.79 -44.65
N SER Y 75 18.27 -16.43 -44.04
CA SER Y 75 18.98 -17.31 -43.11
C SER Y 75 18.25 -17.36 -41.77
N VAL Y 76 18.43 -18.46 -41.05
CA VAL Y 76 17.84 -18.62 -39.73
C VAL Y 76 18.28 -17.49 -38.80
N ALA Y 77 19.57 -17.17 -38.82
CA ALA Y 77 20.14 -16.11 -37.99
C ALA Y 77 19.42 -14.77 -38.18
N ALA Y 78 19.22 -14.37 -39.44
CA ALA Y 78 18.56 -13.12 -39.77
C ALA Y 78 17.07 -13.15 -39.45
N ALA Y 79 16.43 -14.30 -39.67
CA ALA Y 79 15.02 -14.48 -39.34
C ALA Y 79 14.78 -14.39 -37.84
N SER Y 80 15.67 -15.01 -37.07
CA SER Y 80 15.60 -14.97 -35.62
C SER Y 80 15.83 -13.55 -35.10
N LYS Y 81 16.68 -12.79 -35.79
CA LYS Y 81 17.02 -11.45 -35.36
C LYS Y 81 15.96 -10.41 -35.72
N ILE Y 82 15.14 -10.69 -36.72
CA ILE Y 82 14.00 -9.84 -37.04
C ILE Y 82 13.04 -9.88 -35.84
N LEU Y 83 12.66 -11.08 -35.45
CA LEU Y 83 11.77 -11.29 -34.31
C LEU Y 83 12.38 -10.76 -33.01
N SER Y 84 13.68 -10.98 -32.84
CA SER Y 84 14.41 -10.58 -31.65
C SER Y 84 14.45 -9.06 -31.47
N ASN Y 85 14.71 -8.33 -32.55
CA ASN Y 85 14.81 -6.87 -32.51
C ASN Y 85 13.46 -6.21 -32.31
N LEU Y 86 12.44 -6.80 -32.94
CA LEU Y 86 11.06 -6.34 -32.79
C LEU Y 86 10.63 -6.49 -31.32
N VAL Y 87 10.89 -7.67 -30.77
CA VAL Y 87 10.44 -8.01 -29.43
C VAL Y 87 11.19 -7.19 -28.37
N TYR Y 88 12.40 -6.75 -28.71
CA TYR Y 88 13.20 -5.88 -27.85
C TYR Y 88 12.70 -4.43 -27.85
N GLN Y 89 12.04 -4.03 -28.94
CA GLN Y 89 11.41 -2.71 -29.03
C GLN Y 89 10.26 -2.59 -28.03
N TYR Y 90 9.69 -3.73 -27.69
CA TYR Y 90 8.53 -3.81 -26.79
C TYR Y 90 8.92 -4.16 -25.35
N LYS Y 91 10.21 -4.44 -25.13
CA LYS Y 91 10.69 -4.84 -23.79
C LYS Y 91 10.12 -3.95 -22.69
N GLY Y 92 9.42 -4.57 -21.75
CA GLY Y 92 8.77 -3.87 -20.64
C GLY Y 92 7.26 -3.72 -20.79
N ALA Y 93 6.78 -3.81 -22.04
CA ALA Y 93 5.36 -3.58 -22.33
C ALA Y 93 4.46 -4.76 -21.97
N GLY Y 94 5.06 -5.91 -21.66
CA GLY Y 94 4.31 -7.05 -21.16
C GLY Y 94 4.11 -8.21 -22.12
N LEU Y 95 4.79 -8.17 -23.26
CA LEU Y 95 4.77 -9.30 -24.20
C LEU Y 95 5.31 -10.55 -23.54
N SER Y 96 4.66 -11.68 -23.79
CA SER Y 96 5.04 -12.94 -23.21
C SER Y 96 5.18 -14.01 -24.29
N MET Y 97 6.41 -14.31 -24.66
CA MET Y 97 6.69 -15.34 -25.65
C MET Y 97 8.07 -15.97 -25.48
N GLY Y 98 8.14 -17.28 -25.75
CA GLY Y 98 9.38 -18.05 -25.72
C GLY Y 98 9.37 -18.93 -26.94
N THR Y 99 10.21 -18.61 -27.91
CA THR Y 99 10.09 -19.20 -29.24
C THR Y 99 11.41 -19.70 -29.79
N MET Y 100 11.34 -20.79 -30.54
CA MET Y 100 12.50 -21.30 -31.26
C MET Y 100 12.29 -21.13 -32.75
N ILE Y 101 13.36 -20.78 -33.45
CA ILE Y 101 13.33 -20.65 -34.90
C ILE Y 101 14.34 -21.62 -35.50
N CYS Y 102 13.82 -22.60 -36.24
CA CYS Y 102 14.62 -23.70 -36.75
C CYS Y 102 14.54 -23.74 -38.26
N GLY Y 103 15.67 -23.96 -38.91
CA GLY Y 103 15.71 -24.05 -40.36
C GLY Y 103 16.96 -24.65 -40.95
N TYR Y 104 16.98 -24.73 -42.28
CA TYR Y 104 18.18 -25.13 -43.01
C TYR Y 104 18.49 -24.15 -44.13
N THR Y 105 19.74 -23.71 -44.16
CA THR Y 105 20.29 -22.99 -45.31
C THR Y 105 21.63 -23.63 -45.68
N ARG Y 106 22.01 -23.48 -46.95
CA ARG Y 106 23.30 -23.98 -47.43
C ARG Y 106 24.45 -23.29 -46.68
N LYS Y 107 24.25 -22.02 -46.33
CA LYS Y 107 25.24 -21.22 -45.60
C LYS Y 107 25.52 -21.74 -44.19
N GLU Y 108 24.45 -22.03 -43.44
CA GLU Y 108 24.54 -22.34 -42.02
C GLU Y 108 24.44 -23.83 -41.70
N GLY Y 109 23.68 -24.56 -42.51
CA GLY Y 109 23.31 -25.93 -42.20
C GLY Y 109 22.10 -25.94 -41.27
N PRO Y 110 21.94 -27.02 -40.48
CA PRO Y 110 20.86 -27.05 -39.50
C PRO Y 110 21.17 -26.13 -38.31
N THR Y 111 20.23 -25.25 -37.98
CA THR Y 111 20.44 -24.23 -36.95
C THR Y 111 19.17 -24.02 -36.11
N ILE Y 112 19.35 -23.94 -34.79
CA ILE Y 112 18.26 -23.63 -33.86
C ILE Y 112 18.55 -22.29 -33.19
N TYR Y 113 17.55 -21.41 -33.16
CA TYR Y 113 17.67 -20.14 -32.46
C TYR Y 113 16.57 -19.94 -31.43
N TYR Y 114 16.94 -19.83 -30.16
CA TYR Y 114 16.02 -19.51 -29.09
C TYR Y 114 15.85 -18.00 -29.00
N VAL Y 115 14.59 -17.54 -28.99
CA VAL Y 115 14.26 -16.12 -28.86
C VAL Y 115 13.10 -15.98 -27.87
N ASP Y 116 13.30 -15.21 -26.80
CA ASP Y 116 12.22 -14.92 -25.88
C ASP Y 116 11.90 -13.42 -25.82
N SER Y 117 10.82 -13.08 -25.14
CA SER Y 117 10.32 -11.71 -25.10
C SER Y 117 11.13 -10.79 -24.18
N ASP Y 118 12.09 -11.36 -23.44
CA ASP Y 118 13.05 -10.57 -22.67
C ASP Y 118 14.08 -9.92 -23.58
N GLY Y 119 14.24 -10.46 -24.79
CA GLY Y 119 15.23 -9.98 -25.74
C GLY Y 119 16.40 -10.94 -25.93
N THR Y 120 16.38 -12.04 -25.19
CA THR Y 120 17.41 -13.07 -25.27
C THR Y 120 17.30 -13.84 -26.59
N ARG Y 121 18.45 -13.99 -27.26
CA ARG Y 121 18.55 -14.72 -28.52
C ARG Y 121 19.78 -15.61 -28.51
N LEU Y 122 19.56 -16.93 -28.51
CA LEU Y 122 20.66 -17.89 -28.36
C LEU Y 122 20.70 -18.94 -29.46
N LYS Y 123 21.91 -19.21 -29.97
CA LYS Y 123 22.14 -20.34 -30.86
C LYS Y 123 22.51 -21.55 -30.03
N GLY Y 124 21.94 -22.71 -30.36
CA GLY Y 124 22.21 -23.93 -29.61
C GLY Y 124 21.79 -25.18 -30.34
N ASP Y 125 22.11 -26.33 -29.75
CA ASP Y 125 21.78 -27.62 -30.35
C ASP Y 125 20.52 -28.24 -29.74
N ILE Y 126 20.26 -27.92 -28.47
CA ILE Y 126 19.09 -28.45 -27.74
C ILE Y 126 18.39 -27.35 -26.94
N PHE Y 127 17.08 -27.21 -27.15
CA PHE Y 127 16.25 -26.28 -26.37
C PHE Y 127 14.90 -26.89 -26.03
N CYS Y 128 14.43 -26.62 -24.82
CA CYS Y 128 13.05 -26.89 -24.41
C CYS Y 128 12.46 -25.61 -23.83
N VAL Y 129 11.29 -25.22 -24.34
CA VAL Y 129 10.69 -23.94 -23.97
C VAL Y 129 9.23 -24.15 -23.58
N GLY Y 130 8.82 -23.46 -22.51
CA GLY Y 130 7.46 -23.54 -22.00
C GLY Y 130 7.42 -23.99 -20.56
N SER Y 131 6.21 -24.03 -19.99
CA SER Y 131 6.01 -24.41 -18.59
C SER Y 131 6.44 -25.84 -18.30
N GLY Y 132 6.38 -26.71 -19.31
CA GLY Y 132 6.77 -28.10 -19.15
C GLY Y 132 8.18 -28.44 -19.61
N GLN Y 133 8.99 -27.41 -19.85
CA GLN Y 133 10.34 -27.58 -20.40
C GLN Y 133 11.22 -28.54 -19.59
N THR Y 134 11.19 -28.39 -18.26
CA THR Y 134 12.01 -29.19 -17.35
C THR Y 134 11.65 -30.68 -17.42
N PHE Y 135 10.37 -30.97 -17.69
CA PHE Y 135 9.91 -32.34 -17.82
C PHE Y 135 10.42 -32.96 -19.13
N ALA Y 136 10.54 -32.13 -20.16
CA ALA Y 136 11.09 -32.55 -21.46
C ALA Y 136 12.60 -32.75 -21.42
N TYR Y 137 13.32 -31.79 -20.81
CA TYR Y 137 14.78 -31.88 -20.68
C TYR Y 137 15.24 -33.19 -20.06
N GLY Y 138 14.52 -33.64 -19.03
CA GLY Y 138 14.89 -34.84 -18.27
C GLY Y 138 14.96 -36.10 -19.12
N VAL Y 139 13.95 -36.30 -19.96
CA VAL Y 139 13.91 -37.43 -20.89
C VAL Y 139 14.88 -37.19 -22.05
N LEU Y 140 14.93 -35.95 -22.53
CA LEU Y 140 15.74 -35.60 -23.69
C LEU Y 140 17.24 -35.72 -23.43
N ASP Y 141 17.72 -35.07 -22.36
CA ASP Y 141 19.15 -35.09 -22.03
C ASP Y 141 19.69 -36.48 -21.71
N SER Y 142 18.84 -37.33 -21.12
CA SER Y 142 19.25 -38.65 -20.67
C SER Y 142 19.35 -39.69 -21.80
N ASN Y 143 18.71 -39.41 -22.92
CA ASN Y 143 18.70 -40.34 -24.06
C ASN Y 143 19.34 -39.79 -25.34
N TYR Y 144 19.64 -38.49 -25.35
CA TYR Y 144 20.22 -37.83 -26.52
C TYR Y 144 21.63 -38.30 -26.83
N LYS Y 145 21.83 -38.78 -28.05
CA LYS Y 145 23.15 -38.94 -28.64
C LYS Y 145 23.12 -38.25 -30.00
N TRP Y 146 24.29 -37.75 -30.43
CA TRP Y 146 24.41 -37.10 -31.74
C TRP Y 146 24.16 -38.09 -32.88
N ASP Y 147 24.61 -39.33 -32.69
CA ASP Y 147 24.51 -40.37 -33.71
C ASP Y 147 23.22 -41.20 -33.62
N LEU Y 148 22.09 -40.50 -33.46
CA LEU Y 148 20.77 -41.13 -33.46
C LEU Y 148 20.22 -41.27 -34.88
N SER Y 149 19.52 -42.37 -35.13
CA SER Y 149 18.83 -42.57 -36.40
C SER Y 149 17.59 -41.68 -36.47
N VAL Y 150 17.19 -41.32 -37.68
CA VAL Y 150 16.00 -40.49 -37.91
C VAL Y 150 14.77 -41.05 -37.19
N GLU Y 151 14.57 -42.36 -37.30
CA GLU Y 151 13.46 -43.07 -36.67
C GLU Y 151 13.47 -42.92 -35.14
N ASP Y 152 14.66 -43.07 -34.54
CA ASP Y 152 14.83 -42.94 -33.10
C ASP Y 152 14.77 -41.49 -32.62
N ALA Y 153 15.33 -40.58 -33.42
CA ALA Y 153 15.32 -39.15 -33.12
C ALA Y 153 13.91 -38.59 -33.11
N LEU Y 154 13.07 -39.10 -34.02
CA LEU Y 154 11.66 -38.76 -34.05
C LEU Y 154 10.95 -39.27 -32.79
N TYR Y 155 11.20 -40.53 -32.44
CA TYR Y 155 10.59 -41.13 -31.25
C TYR Y 155 10.98 -40.37 -29.98
N LEU Y 156 12.28 -40.14 -29.78
CA LEU Y 156 12.77 -39.44 -28.60
C LEU Y 156 12.10 -38.09 -28.43
N GLY Y 157 12.00 -37.34 -29.52
CA GLY Y 157 11.33 -36.03 -29.53
C GLY Y 157 9.87 -36.15 -29.11
N LYS Y 158 9.17 -37.12 -29.69
CA LYS Y 158 7.79 -37.42 -29.33
C LYS Y 158 7.67 -37.83 -27.87
N ARG Y 159 8.56 -38.73 -27.44
CA ARG Y 159 8.57 -39.29 -26.09
C ARG Y 159 8.79 -38.21 -25.03
N SER Y 160 9.55 -37.17 -25.39
CA SER Y 160 9.86 -36.07 -24.48
C SER Y 160 8.67 -35.15 -24.27
N ILE Y 161 7.84 -34.99 -25.29
CA ILE Y 161 6.60 -34.20 -25.18
C ILE Y 161 5.60 -34.96 -24.31
N LEU Y 162 5.43 -36.24 -24.60
CA LEU Y 162 4.59 -37.12 -23.79
C LEU Y 162 4.97 -37.03 -22.31
N ALA Y 163 6.27 -37.09 -22.03
CA ALA Y 163 6.81 -36.95 -20.68
C ALA Y 163 6.32 -35.70 -19.97
N ALA Y 164 6.36 -34.57 -20.67
CA ALA Y 164 5.89 -33.30 -20.13
C ALA Y 164 4.37 -33.22 -20.10
N ALA Y 165 3.72 -33.72 -21.14
CA ALA Y 165 2.26 -33.77 -21.21
C ALA Y 165 1.70 -34.45 -19.97
N HIS Y 166 2.33 -35.56 -19.58
CA HIS Y 166 1.91 -36.35 -18.42
C HIS Y 166 2.04 -35.63 -17.08
N ARG Y 167 3.23 -35.07 -16.80
CA ARG Y 167 3.50 -34.46 -15.49
C ARG Y 167 3.07 -33.00 -15.36
N ASP Y 168 3.18 -32.25 -16.45
CA ASP Y 168 2.81 -30.83 -16.46
C ASP Y 168 1.31 -30.69 -16.69
N ALA Y 169 0.66 -30.03 -15.74
CA ALA Y 169 -0.79 -29.83 -15.77
C ALA Y 169 -1.20 -28.93 -16.93
N TYR Y 170 -0.28 -28.06 -17.32
CA TYR Y 170 -0.52 -27.08 -18.37
C TYR Y 170 0.00 -27.53 -19.74
N SER Y 171 0.37 -28.81 -19.85
CA SER Y 171 0.75 -29.41 -21.11
C SER Y 171 -0.10 -30.62 -21.41
N GLY Y 172 -0.31 -30.89 -22.70
CA GLY Y 172 -1.06 -32.05 -23.15
C GLY Y 172 -1.77 -31.83 -24.47
N GLY Y 173 -2.77 -32.68 -24.72
CA GLY Y 173 -3.52 -32.64 -25.97
C GLY Y 173 -2.96 -33.65 -26.94
N SER Y 174 -2.08 -33.19 -27.82
CA SER Y 174 -1.45 -34.05 -28.82
C SER Y 174 -0.02 -33.61 -29.14
N VAL Y 175 0.73 -34.50 -29.79
CA VAL Y 175 2.12 -34.23 -30.18
C VAL Y 175 2.20 -34.00 -31.67
N ASN Y 176 2.80 -32.88 -32.07
CA ASN Y 176 3.08 -32.63 -33.48
C ASN Y 176 4.58 -32.72 -33.76
N LEU Y 177 4.95 -33.54 -34.73
CA LEU Y 177 6.36 -33.80 -35.05
C LEU Y 177 6.78 -33.21 -36.39
N TYR Y 178 8.00 -32.68 -36.41
CA TYR Y 178 8.61 -32.20 -37.64
C TYR Y 178 10.07 -32.65 -37.71
N HIS Y 179 10.51 -32.98 -38.91
CA HIS Y 179 11.90 -33.34 -39.17
C HIS Y 179 12.44 -32.43 -40.27
N VAL Y 180 13.55 -31.75 -39.97
CA VAL Y 180 14.13 -30.79 -40.90
C VAL Y 180 15.41 -31.34 -41.54
N THR Y 181 15.44 -31.35 -42.87
CA THR Y 181 16.59 -31.87 -43.61
C THR Y 181 17.16 -30.88 -44.61
N GLU Y 182 18.12 -31.36 -45.40
CA GLU Y 182 18.69 -30.64 -46.53
C GLU Y 182 17.59 -30.17 -47.48
N ASP Y 183 16.49 -30.93 -47.54
CA ASP Y 183 15.39 -30.68 -48.47
C ASP Y 183 14.22 -29.89 -47.88
N GLY Y 184 14.32 -29.54 -46.60
CA GLY Y 184 13.28 -28.80 -45.92
C GLY Y 184 12.60 -29.59 -44.81
N TRP Y 185 11.60 -28.99 -44.18
CA TRP Y 185 10.88 -29.63 -43.08
C TRP Y 185 9.91 -30.70 -43.59
N ILE Y 186 9.76 -31.76 -42.81
CA ILE Y 186 8.80 -32.82 -43.11
C ILE Y 186 7.91 -33.04 -41.89
N TYR Y 187 6.60 -32.90 -42.10
CA TYR Y 187 5.59 -33.14 -41.06
C TYR Y 187 5.46 -34.64 -40.77
N HIS Y 188 5.45 -34.99 -39.49
CA HIS Y 188 5.34 -36.40 -39.09
C HIS Y 188 4.13 -36.68 -38.20
N GLY Y 189 3.06 -35.91 -38.39
CA GLY Y 189 1.78 -36.24 -37.81
C GLY Y 189 1.40 -35.62 -36.48
N ASN Y 190 0.09 -35.60 -36.23
CA ASN Y 190 -0.49 -35.26 -34.95
C ASN Y 190 -0.70 -36.55 -34.16
N HIS Y 191 -0.32 -36.55 -32.90
CA HIS Y 191 -0.37 -37.76 -32.07
C HIS Y 191 -1.09 -37.53 -30.75
N ASP Y 192 -2.36 -37.95 -30.70
CA ASP Y 192 -3.22 -37.78 -29.53
C ASP Y 192 -2.65 -38.50 -28.30
N VAL Y 193 -2.34 -37.73 -27.27
CA VAL Y 193 -1.78 -38.26 -26.01
C VAL Y 193 -2.74 -39.26 -25.35
N GLY Y 194 -4.03 -39.10 -25.59
CA GLY Y 194 -5.06 -40.02 -25.09
C GLY Y 194 -4.89 -41.44 -25.60
N GLU Y 195 -4.36 -41.58 -26.81
CA GLU Y 195 -4.08 -42.90 -27.40
C GLU Y 195 -2.61 -43.25 -27.29
N LEU Y 196 -1.75 -42.23 -27.36
CA LEU Y 196 -0.30 -42.42 -27.41
C LEU Y 196 0.27 -42.96 -26.10
N PHE Y 197 -0.20 -42.41 -24.97
CA PHE Y 197 0.26 -42.80 -23.65
C PHE Y 197 0.16 -44.30 -23.40
N TRP Y 198 -1.01 -44.87 -23.68
CA TRP Y 198 -1.26 -46.30 -23.45
C TRP Y 198 -0.46 -47.19 -24.40
N LYS Y 199 -0.30 -46.71 -25.64
CA LYS Y 199 0.52 -47.38 -26.64
C LYS Y 199 1.97 -47.46 -26.18
N VAL Y 200 2.49 -46.36 -25.63
CA VAL Y 200 3.87 -46.28 -25.16
C VAL Y 200 4.06 -47.12 -23.89
N LYS Y 201 3.16 -46.95 -22.92
CA LYS Y 201 3.22 -47.71 -21.66
C LYS Y 201 3.28 -49.20 -21.93
N GLU Y 202 2.39 -49.69 -22.80
CA GLU Y 202 2.33 -51.09 -23.17
C GLU Y 202 3.63 -51.56 -23.83
N GLU Y 203 4.08 -50.82 -24.84
CA GLU Y 203 5.24 -51.22 -25.63
C GLU Y 203 6.58 -51.01 -24.92
N GLU Y 204 6.77 -49.83 -24.34
CA GLU Y 204 8.02 -49.44 -23.70
C GLU Y 204 8.18 -50.02 -22.29
N GLY Y 205 7.06 -50.32 -21.64
CA GLY Y 205 7.07 -50.86 -20.28
C GLY Y 205 7.31 -49.81 -19.21
N SER Y 206 7.29 -48.54 -19.62
CA SER Y 206 7.50 -47.42 -18.71
C SER Y 206 6.17 -46.97 -18.08
N PHE Y 207 6.19 -45.78 -17.47
CA PHE Y 207 5.02 -45.19 -16.77
C PHE Y 207 4.37 -46.13 -15.75
N ASN Y 208 5.19 -46.68 -14.86
CA ASN Y 208 4.73 -47.64 -13.85
C ASN Y 208 3.96 -46.99 -12.70
N ASN Y 209 4.15 -45.69 -12.55
CA ASN Y 209 3.39 -44.87 -11.59
C ASN Y 209 1.88 -44.90 -11.85
N VAL Y 210 1.49 -45.26 -13.08
CA VAL Y 210 0.08 -45.19 -13.51
C VAL Y 210 -0.59 -46.56 -13.45
N ILE Y 211 -1.78 -46.59 -12.84
CA ILE Y 211 -2.63 -47.78 -12.82
C ILE Y 211 -3.24 -48.00 -14.20
N GLY Y 212 -3.11 -49.23 -14.71
CA GLY Y 212 -3.69 -49.59 -16.00
C GLY Y 212 -2.99 -50.73 -16.70
N GLN Z 1 -11.64 4.90 -8.13
CA GLN Z 1 -11.00 5.15 -9.46
C GLN Z 1 -11.84 4.51 -10.58
N PHE Z 2 -11.91 5.18 -11.72
CA PHE Z 2 -12.72 4.75 -12.86
C PHE Z 2 -12.23 3.44 -13.48
N ASN Z 3 -13.09 2.43 -13.46
CA ASN Z 3 -12.80 1.16 -14.11
C ASN Z 3 -13.51 1.11 -15.45
N PRO Z 4 -12.74 1.10 -16.56
CA PRO Z 4 -13.31 1.19 -17.90
C PRO Z 4 -14.10 -0.05 -18.35
N TYR Z 5 -14.02 -1.12 -17.58
CA TYR Z 5 -14.65 -2.38 -17.95
C TYR Z 5 -15.87 -2.73 -17.11
N GLY Z 6 -16.76 -3.53 -17.68
CA GLY Z 6 -17.90 -4.09 -17.00
C GLY Z 6 -18.10 -5.51 -17.48
N ASP Z 7 -19.13 -6.17 -16.98
CA ASP Z 7 -19.40 -7.56 -17.35
C ASP Z 7 -20.91 -7.78 -17.52
N ASN Z 8 -21.34 -7.88 -18.77
CA ASN Z 8 -22.77 -7.95 -19.09
C ASN Z 8 -23.34 -9.37 -19.22
N GLY Z 9 -22.55 -10.36 -18.84
CA GLY Z 9 -23.01 -11.73 -18.74
C GLY Z 9 -23.26 -12.41 -20.08
N GLY Z 10 -24.32 -13.20 -20.13
CA GLY Z 10 -24.68 -13.94 -21.33
C GLY Z 10 -23.72 -15.06 -21.70
N THR Z 11 -24.09 -15.84 -22.70
CA THR Z 11 -23.29 -16.97 -23.16
C THR Z 11 -23.61 -17.26 -24.63
N ILE Z 12 -22.57 -17.50 -25.41
CA ILE Z 12 -22.70 -17.85 -26.83
C ILE Z 12 -22.15 -19.24 -27.12
N LEU Z 13 -22.64 -19.84 -28.21
CA LEU Z 13 -22.27 -21.20 -28.59
C LEU Z 13 -22.32 -21.38 -30.10
N GLY Z 14 -21.30 -22.03 -30.66
CA GLY Z 14 -21.24 -22.29 -32.10
C GLY Z 14 -20.91 -23.73 -32.44
N ILE Z 15 -21.68 -24.31 -33.35
CA ILE Z 15 -21.42 -25.66 -33.86
C ILE Z 15 -21.45 -25.67 -35.38
N ALA Z 16 -20.41 -26.25 -35.98
CA ALA Z 16 -20.32 -26.39 -37.44
C ALA Z 16 -20.75 -27.79 -37.87
N GLY Z 17 -21.63 -27.85 -38.88
CA GLY Z 17 -22.07 -29.12 -39.46
C GLY Z 17 -21.42 -29.37 -40.81
N GLU Z 18 -21.97 -30.30 -41.59
CA GLU Z 18 -21.38 -30.64 -42.89
C GLU Z 18 -21.57 -29.54 -43.93
N ASP Z 19 -22.81 -29.08 -44.10
CA ASP Z 19 -23.11 -28.01 -45.05
C ASP Z 19 -23.77 -26.79 -44.40
N PHE Z 20 -23.57 -26.66 -43.09
CA PHE Z 20 -24.16 -25.57 -42.31
C PHE Z 20 -23.33 -25.26 -41.07
N ALA Z 21 -23.69 -24.16 -40.40
CA ALA Z 21 -23.11 -23.81 -39.10
C ALA Z 21 -24.14 -23.01 -38.30
N VAL Z 22 -24.08 -23.15 -36.97
CA VAL Z 22 -24.98 -22.40 -36.09
C VAL Z 22 -24.20 -21.57 -35.07
N LEU Z 23 -24.70 -20.36 -34.80
CA LEU Z 23 -24.17 -19.51 -33.74
C LEU Z 23 -25.34 -19.01 -32.92
N ALA Z 24 -25.39 -19.46 -31.67
CA ALA Z 24 -26.48 -19.12 -30.76
C ALA Z 24 -25.98 -18.29 -29.58
N GLY Z 25 -26.92 -17.63 -28.93
CA GLY Z 25 -26.62 -16.85 -27.73
C GLY Z 25 -27.90 -16.55 -26.99
N ASP Z 26 -27.81 -16.39 -25.68
CA ASP Z 26 -28.95 -15.96 -24.90
C ASP Z 26 -29.20 -14.47 -25.14
N THR Z 27 -30.42 -14.04 -24.88
CA THR Z 27 -30.83 -12.68 -25.19
C THR Z 27 -30.75 -11.75 -23.97
N ARG Z 28 -30.44 -12.34 -22.81
CA ARG Z 28 -30.35 -11.60 -21.55
C ARG Z 28 -29.07 -10.78 -21.40
N ASN Z 29 -29.22 -9.55 -20.94
CA ASN Z 29 -28.10 -8.63 -20.70
C ASN Z 29 -28.16 -8.11 -19.26
N ILE Z 30 -27.04 -8.22 -18.53
CA ILE Z 30 -27.02 -7.93 -17.09
C ILE Z 30 -25.98 -6.92 -16.60
N THR Z 31 -26.16 -6.41 -15.38
CA THR Z 31 -25.15 -5.64 -14.66
C THR Z 31 -25.25 -6.01 -13.19
N ASP Z 32 -24.17 -6.56 -12.64
CA ASP Z 32 -24.15 -7.11 -11.29
C ASP Z 32 -25.30 -8.11 -11.10
N TYR Z 33 -26.31 -7.71 -10.33
CA TYR Z 33 -27.45 -8.59 -10.01
C TYR Z 33 -28.76 -8.10 -10.62
N SER Z 34 -28.68 -7.10 -11.49
CA SER Z 34 -29.85 -6.56 -12.18
C SER Z 34 -29.92 -7.07 -13.60
N ILE Z 35 -31.15 -7.20 -14.10
CA ILE Z 35 -31.36 -7.49 -15.52
C ILE Z 35 -31.59 -6.18 -16.25
N ASN Z 36 -30.75 -5.93 -17.25
CA ASN Z 36 -30.85 -4.73 -18.06
C ASN Z 36 -31.89 -4.92 -19.16
N SER Z 37 -31.83 -6.08 -19.81
CA SER Z 37 -32.75 -6.41 -20.89
C SER Z 37 -32.92 -7.92 -20.97
N ARG Z 38 -34.15 -8.35 -21.20
CA ARG Z 38 -34.47 -9.77 -21.41
C ARG Z 38 -34.32 -10.11 -22.89
N TYR Z 39 -34.41 -9.10 -23.75
CA TYR Z 39 -34.18 -9.27 -25.17
C TYR Z 39 -33.25 -8.19 -25.72
N GLU Z 40 -31.96 -8.48 -25.70
CA GLU Z 40 -30.95 -7.65 -26.35
C GLU Z 40 -30.04 -8.54 -27.18
N PRO Z 41 -30.35 -8.68 -28.49
CA PRO Z 41 -29.67 -9.58 -29.42
C PRO Z 41 -28.14 -9.40 -29.39
N LYS Z 42 -27.43 -10.51 -29.57
CA LYS Z 42 -25.99 -10.56 -29.36
C LYS Z 42 -25.25 -11.25 -30.51
N VAL Z 43 -26.01 -11.97 -31.35
CA VAL Z 43 -25.46 -12.62 -32.53
C VAL Z 43 -25.97 -11.91 -33.79
N PHE Z 44 -25.04 -11.46 -34.63
CA PHE Z 44 -25.36 -10.61 -35.77
C PHE Z 44 -24.97 -11.18 -37.12
N ASP Z 45 -25.82 -10.98 -38.12
CA ASP Z 45 -25.49 -11.24 -39.51
C ASP Z 45 -24.66 -10.06 -40.05
N CYS Z 46 -23.45 -10.36 -40.50
CA CYS Z 46 -22.51 -9.32 -40.95
C CYS Z 46 -22.36 -9.28 -42.47
N GLY Z 47 -23.25 -9.98 -43.18
CA GLY Z 47 -23.15 -10.11 -44.63
C GLY Z 47 -22.15 -11.17 -45.03
N ASP Z 48 -22.21 -11.59 -46.30
CA ASP Z 48 -21.33 -12.62 -46.86
C ASP Z 48 -21.48 -13.98 -46.17
N ASN Z 49 -22.65 -14.23 -45.60
CA ASN Z 49 -22.95 -15.46 -44.87
C ASN Z 49 -22.04 -15.69 -43.67
N ILE Z 50 -21.68 -14.60 -43.01
CA ILE Z 50 -20.87 -14.66 -41.80
C ILE Z 50 -21.71 -14.20 -40.62
N VAL Z 51 -21.75 -15.01 -39.57
CA VAL Z 51 -22.38 -14.62 -38.32
C VAL Z 51 -21.33 -14.46 -37.23
N MET Z 52 -21.51 -13.46 -36.38
CA MET Z 52 -20.51 -13.07 -35.39
C MET Z 52 -21.15 -12.76 -34.06
N SER Z 53 -20.48 -13.14 -32.97
CA SER Z 53 -20.88 -12.73 -31.64
C SER Z 53 -19.64 -12.39 -30.82
N ALA Z 54 -19.74 -11.34 -30.01
CA ALA Z 54 -18.64 -10.91 -29.16
C ALA Z 54 -19.11 -10.78 -27.71
N ASN Z 55 -18.87 -11.83 -26.92
CA ASN Z 55 -19.45 -11.90 -25.59
C ASN Z 55 -18.52 -11.56 -24.42
N GLY Z 56 -18.99 -10.68 -23.54
CA GLY Z 56 -18.25 -10.28 -22.35
C GLY Z 56 -18.72 -8.92 -21.88
N PHE Z 57 -17.86 -7.92 -22.10
CA PHE Z 57 -18.21 -6.52 -21.89
C PHE Z 57 -18.95 -6.06 -23.14
N ALA Z 58 -20.26 -5.81 -23.00
CA ALA Z 58 -21.12 -5.52 -24.15
C ALA Z 58 -20.65 -4.31 -24.97
N ALA Z 59 -20.16 -3.27 -24.27
CA ALA Z 59 -19.68 -2.06 -24.95
C ALA Z 59 -18.49 -2.34 -25.86
N ASP Z 60 -17.60 -3.23 -25.43
CA ASP Z 60 -16.48 -3.65 -26.26
C ASP Z 60 -16.94 -4.57 -27.40
N GLY Z 61 -17.98 -5.36 -27.13
CA GLY Z 61 -18.53 -6.27 -28.12
C GLY Z 61 -19.24 -5.55 -29.24
N ASP Z 62 -19.99 -4.50 -28.88
CA ASP Z 62 -20.70 -3.68 -29.85
C ASP Z 62 -19.75 -2.84 -30.69
N ALA Z 63 -18.58 -2.52 -30.13
CA ALA Z 63 -17.55 -1.79 -30.85
C ALA Z 63 -16.90 -2.70 -31.89
N LEU Z 64 -16.58 -3.93 -31.50
CA LEU Z 64 -15.91 -4.87 -32.38
C LEU Z 64 -16.79 -5.27 -33.56
N VAL Z 65 -18.04 -5.62 -33.27
CA VAL Z 65 -19.00 -6.03 -34.32
C VAL Z 65 -19.23 -4.88 -35.31
N LYS Z 66 -19.42 -3.69 -34.78
CA LYS Z 66 -19.54 -2.47 -35.59
C LYS Z 66 -18.33 -2.32 -36.52
N ARG Z 67 -17.13 -2.54 -35.97
CA ARG Z 67 -15.89 -2.36 -36.71
C ARG Z 67 -15.68 -3.42 -37.77
N PHE Z 68 -16.05 -4.66 -37.45
CA PHE Z 68 -15.96 -5.75 -38.42
C PHE Z 68 -16.97 -5.61 -39.55
N LYS Z 69 -18.20 -5.20 -39.22
CA LYS Z 69 -19.22 -4.92 -40.23
C LYS Z 69 -18.73 -3.87 -41.21
N ASN Z 70 -18.04 -2.87 -40.68
CA ASN Z 70 -17.45 -1.80 -41.47
C ASN Z 70 -16.27 -2.28 -42.29
N SER Z 71 -15.57 -3.30 -41.80
CA SER Z 71 -14.43 -3.88 -42.49
C SER Z 71 -14.89 -4.70 -43.70
N VAL Z 72 -16.06 -5.33 -43.58
CA VAL Z 72 -16.69 -6.06 -44.67
C VAL Z 72 -17.13 -5.08 -45.76
N LYS Z 73 -17.71 -3.96 -45.34
CA LYS Z 73 -18.17 -2.92 -46.26
C LYS Z 73 -17.02 -2.37 -47.10
N TRP Z 74 -15.88 -2.12 -46.47
CA TRP Z 74 -14.70 -1.60 -47.17
C TRP Z 74 -13.96 -2.65 -48.00
N TYR Z 75 -14.07 -3.91 -47.59
CA TYR Z 75 -13.52 -5.02 -48.38
C TYR Z 75 -14.21 -5.13 -49.74
N HIS Z 76 -15.51 -4.84 -49.78
CA HIS Z 76 -16.25 -4.82 -51.06
C HIS Z 76 -15.80 -3.64 -51.92
N PHE Z 77 -15.72 -2.46 -51.30
CA PHE Z 77 -15.31 -1.25 -51.99
C PHE Z 77 -13.91 -1.37 -52.60
N ASP Z 78 -12.96 -1.85 -51.79
CA ASP Z 78 -11.56 -1.90 -52.21
C ASP Z 78 -11.22 -3.06 -53.14
N HIS Z 79 -12.03 -4.11 -53.12
CA HIS Z 79 -11.71 -5.33 -53.87
C HIS Z 79 -12.82 -5.82 -54.79
N ASN Z 80 -13.45 -4.89 -55.51
CA ASN Z 80 -14.43 -5.20 -56.55
C ASN Z 80 -15.47 -6.25 -56.12
N ASP Z 81 -16.20 -5.92 -55.06
CA ASP Z 81 -17.32 -6.73 -54.54
C ASP Z 81 -17.01 -8.22 -54.27
N LYS Z 82 -15.73 -8.55 -54.10
CA LYS Z 82 -15.31 -9.92 -53.78
C LYS Z 82 -15.91 -10.38 -52.45
N LYS Z 83 -16.37 -11.64 -52.40
CA LYS Z 83 -16.87 -12.23 -51.18
C LYS Z 83 -15.73 -12.45 -50.19
N LEU Z 84 -15.93 -12.00 -48.95
CA LEU Z 84 -14.97 -12.23 -47.89
C LEU Z 84 -15.15 -13.64 -47.33
N SER Z 85 -14.20 -14.52 -47.62
CA SER Z 85 -14.22 -15.89 -47.12
C SER Z 85 -14.09 -15.90 -45.60
N ILE Z 86 -14.61 -16.94 -44.98
CA ILE Z 86 -14.63 -17.05 -43.51
C ILE Z 86 -13.23 -17.04 -42.88
N ASN Z 87 -12.26 -17.65 -43.56
CA ASN Z 87 -10.87 -17.68 -43.08
C ASN Z 87 -10.21 -16.30 -43.15
N SER Z 88 -10.62 -15.50 -44.13
CA SER Z 88 -10.12 -14.15 -44.31
C SER Z 88 -10.69 -13.21 -43.25
N ALA Z 89 -11.94 -13.46 -42.87
CA ALA Z 89 -12.60 -12.72 -41.80
C ALA Z 89 -11.92 -12.99 -40.47
N ALA Z 90 -11.64 -14.27 -40.21
CA ALA Z 90 -10.96 -14.67 -38.97
C ALA Z 90 -9.64 -13.94 -38.78
N ARG Z 91 -8.83 -13.88 -39.84
CA ARG Z 91 -7.54 -13.20 -39.79
C ARG Z 91 -7.73 -11.69 -39.63
N ASN Z 92 -8.76 -11.16 -40.27
CA ASN Z 92 -9.10 -9.75 -40.15
C ASN Z 92 -9.50 -9.37 -38.71
N ILE Z 93 -10.30 -10.23 -38.08
CA ILE Z 93 -10.71 -10.03 -36.68
C ILE Z 93 -9.51 -10.13 -35.72
N GLN Z 94 -8.58 -11.04 -36.00
CA GLN Z 94 -7.35 -11.13 -35.23
C GLN Z 94 -6.64 -9.77 -35.16
N HIS Z 95 -6.47 -9.14 -36.32
CA HIS Z 95 -5.84 -7.84 -36.41
C HIS Z 95 -6.64 -6.75 -35.71
N LEU Z 96 -7.97 -6.87 -35.77
CA LEU Z 96 -8.86 -5.95 -35.08
C LEU Z 96 -8.67 -6.03 -33.57
N LEU Z 97 -8.62 -7.26 -33.04
CA LEU Z 97 -8.45 -7.49 -31.61
C LEU Z 97 -7.04 -7.13 -31.13
N TYR Z 98 -6.02 -7.58 -31.85
CA TYR Z 98 -4.64 -7.36 -31.45
C TYR Z 98 -4.23 -5.88 -31.49
N GLY Z 99 -4.91 -5.10 -32.33
CA GLY Z 99 -4.68 -3.66 -32.40
C GLY Z 99 -4.84 -2.96 -31.07
N LYS Z 100 -5.65 -3.57 -30.20
CA LYS Z 100 -5.88 -3.08 -28.84
C LYS Z 100 -5.28 -4.06 -27.81
N ARG Z 101 -4.08 -4.55 -28.08
CA ARG Z 101 -3.40 -5.51 -27.21
C ARG Z 101 -3.01 -4.92 -25.85
N PHE Z 102 -2.82 -3.61 -25.80
CA PHE Z 102 -2.43 -2.93 -24.55
C PHE Z 102 -3.57 -2.13 -23.94
N PHE Z 103 -4.78 -2.41 -24.40
CA PHE Z 103 -6.03 -1.92 -23.81
C PHE Z 103 -7.18 -2.72 -24.44
N PRO Z 104 -7.28 -4.01 -24.09
CA PRO Z 104 -8.01 -5.01 -24.86
C PRO Z 104 -9.52 -4.84 -24.86
N TYR Z 105 -10.18 -5.47 -25.83
CA TYR Z 105 -11.61 -5.68 -25.77
C TYR Z 105 -11.82 -6.83 -24.81
N TYR Z 106 -12.67 -6.65 -23.79
CA TYR Z 106 -13.03 -7.77 -22.91
C TYR Z 106 -14.14 -8.61 -23.54
N VAL Z 107 -13.86 -9.23 -24.68
CA VAL Z 107 -14.83 -10.08 -25.36
C VAL Z 107 -14.28 -11.44 -25.74
N HIS Z 108 -15.19 -12.41 -25.75
CA HIS Z 108 -14.91 -13.74 -26.23
C HIS Z 108 -15.68 -13.85 -27.53
N THR Z 109 -14.97 -13.84 -28.66
CA THR Z 109 -15.64 -13.75 -29.96
C THR Z 109 -15.61 -15.04 -30.79
N ILE Z 110 -16.76 -15.33 -31.41
CA ILE Z 110 -16.93 -16.48 -32.28
C ILE Z 110 -17.55 -16.05 -33.61
N ILE Z 111 -17.05 -16.60 -34.71
CA ILE Z 111 -17.68 -16.48 -36.02
C ILE Z 111 -17.97 -17.84 -36.63
N ALA Z 112 -19.04 -17.91 -37.42
CA ALA Z 112 -19.44 -19.15 -38.08
C ALA Z 112 -19.87 -18.88 -39.52
N GLY Z 113 -19.82 -19.91 -40.35
CA GLY Z 113 -20.26 -19.82 -41.75
C GLY Z 113 -19.85 -21.03 -42.58
N LEU Z 114 -19.45 -20.77 -43.81
CA LEU Z 114 -19.02 -21.83 -44.71
C LEU Z 114 -17.68 -21.49 -45.36
N ASP Z 115 -16.74 -22.43 -45.34
CA ASP Z 115 -15.47 -22.25 -46.03
C ASP Z 115 -15.62 -22.38 -47.54
N GLU Z 116 -14.53 -22.19 -48.27
CA GLU Z 116 -14.55 -22.19 -49.74
C GLU Z 116 -14.76 -23.58 -50.36
N ASP Z 117 -15.21 -24.53 -49.53
CA ASP Z 117 -15.51 -25.89 -49.98
C ASP Z 117 -16.98 -26.26 -49.74
N GLY Z 118 -17.71 -25.40 -49.03
CA GLY Z 118 -19.11 -25.66 -48.67
C GLY Z 118 -19.27 -26.29 -47.30
N LYS Z 119 -18.15 -26.59 -46.65
CA LYS Z 119 -18.16 -27.18 -45.32
C LYS Z 119 -18.48 -26.13 -44.28
N GLY Z 120 -19.15 -26.53 -43.20
CA GLY Z 120 -19.41 -25.64 -42.07
C GLY Z 120 -18.13 -25.31 -41.33
N ALA Z 121 -18.04 -24.08 -40.82
CA ALA Z 121 -16.84 -23.61 -40.13
C ALA Z 121 -17.16 -22.75 -38.91
N VAL Z 122 -16.40 -22.96 -37.84
CA VAL Z 122 -16.47 -22.13 -36.64
C VAL Z 122 -15.05 -21.70 -36.26
N TYR Z 123 -14.85 -20.39 -36.16
CA TYR Z 123 -13.59 -19.84 -35.67
C TYR Z 123 -13.83 -19.16 -34.32
N SER Z 124 -12.91 -19.37 -33.39
CA SER Z 124 -13.04 -18.78 -32.04
C SER Z 124 -11.80 -18.00 -31.59
N PHE Z 125 -12.04 -16.92 -30.85
CA PHE Z 125 -10.99 -15.96 -30.48
C PHE Z 125 -10.91 -15.76 -28.98
N ASP Z 126 -9.69 -15.57 -28.46
CA ASP Z 126 -9.51 -15.05 -27.11
C ASP Z 126 -9.61 -13.52 -27.16
N PRO Z 127 -9.60 -12.83 -25.99
CA PRO Z 127 -9.76 -11.37 -26.00
C PRO Z 127 -8.74 -10.60 -26.82
N VAL Z 128 -7.50 -11.09 -26.92
CA VAL Z 128 -6.43 -10.33 -27.56
C VAL Z 128 -6.00 -10.78 -28.97
N GLY Z 129 -6.76 -11.68 -29.58
CA GLY Z 129 -6.60 -11.99 -30.99
C GLY Z 129 -6.27 -13.41 -31.38
N SER Z 130 -5.85 -14.22 -30.41
CA SER Z 130 -5.50 -15.61 -30.69
C SER Z 130 -6.73 -16.34 -31.22
N TYR Z 131 -6.55 -17.09 -32.30
CA TYR Z 131 -7.66 -17.80 -32.92
C TYR Z 131 -7.32 -19.17 -33.48
N GLU Z 132 -8.37 -19.96 -33.70
CA GLU Z 132 -8.26 -21.36 -34.05
C GLU Z 132 -9.61 -21.77 -34.65
N ARG Z 133 -9.57 -22.63 -35.66
CA ARG Z 133 -10.78 -23.20 -36.23
C ARG Z 133 -11.09 -24.54 -35.58
N GLU Z 134 -12.34 -24.71 -35.15
CA GLU Z 134 -12.80 -25.95 -34.52
C GLU Z 134 -14.25 -26.27 -34.86
N GLN Z 135 -14.64 -27.52 -34.67
CA GLN Z 135 -15.98 -28.01 -35.01
C GLN Z 135 -17.08 -27.39 -34.15
N CYS Z 136 -16.73 -27.05 -32.89
CA CYS Z 136 -17.68 -26.42 -31.96
C CYS Z 136 -16.98 -25.64 -30.87
N ARG Z 137 -17.68 -24.67 -30.28
CA ARG Z 137 -17.13 -23.80 -29.24
C ARG Z 137 -18.23 -23.08 -28.45
N ALA Z 138 -18.01 -22.95 -27.14
CA ALA Z 138 -18.85 -22.13 -26.27
C ALA Z 138 -18.05 -20.96 -25.74
N GLY Z 139 -18.68 -19.79 -25.67
CA GLY Z 139 -18.05 -18.59 -25.14
C GLY Z 139 -18.95 -17.86 -24.16
N GLY Z 140 -18.35 -17.07 -23.28
CA GLY Z 140 -19.11 -16.31 -22.31
C GLY Z 140 -19.15 -16.90 -20.92
N ALA Z 141 -20.05 -16.36 -20.09
CA ALA Z 141 -20.15 -16.69 -18.67
C ALA Z 141 -20.31 -18.19 -18.37
N ALA Z 142 -21.02 -18.92 -19.22
CA ALA Z 142 -21.29 -20.33 -18.96
C ALA Z 142 -20.55 -21.29 -19.90
N ALA Z 143 -19.48 -20.79 -20.52
CA ALA Z 143 -18.65 -21.61 -21.41
C ALA Z 143 -18.02 -22.80 -20.68
N SER Z 144 -17.67 -22.59 -19.41
CA SER Z 144 -17.12 -23.64 -18.56
C SER Z 144 -18.12 -24.77 -18.30
N LEU Z 145 -19.40 -24.45 -18.37
CA LEU Z 145 -20.46 -25.42 -18.17
C LEU Z 145 -20.80 -26.19 -19.45
N ILE Z 146 -20.73 -25.50 -20.59
CA ILE Z 146 -21.20 -26.07 -21.86
C ILE Z 146 -20.13 -26.84 -22.65
N MET Z 147 -18.90 -26.34 -22.68
CA MET Z 147 -17.81 -26.97 -23.46
C MET Z 147 -17.62 -28.47 -23.28
N PRO Z 148 -17.62 -28.97 -22.01
CA PRO Z 148 -17.40 -30.40 -21.84
C PRO Z 148 -18.53 -31.23 -22.47
N PHE Z 149 -19.76 -30.72 -22.36
CA PHE Z 149 -20.93 -31.35 -22.98
C PHE Z 149 -20.79 -31.39 -24.51
N LEU Z 150 -20.22 -30.34 -25.07
CA LEU Z 150 -19.97 -30.22 -26.50
C LEU Z 150 -18.82 -31.11 -26.98
N ASP Z 151 -17.87 -31.39 -26.08
CA ASP Z 151 -16.79 -32.33 -26.39
C ASP Z 151 -17.34 -33.74 -26.43
N ASN Z 152 -18.25 -34.04 -25.50
CA ASN Z 152 -18.88 -35.35 -25.40
C ASN Z 152 -19.85 -35.63 -26.54
N GLN Z 153 -20.62 -34.62 -26.93
CA GLN Z 153 -21.72 -34.83 -27.88
C GLN Z 153 -21.38 -34.53 -29.35
N VAL Z 154 -20.61 -33.47 -29.59
CA VAL Z 154 -20.23 -33.09 -30.94
C VAL Z 154 -18.98 -33.84 -31.41
N ASN Z 155 -18.04 -34.09 -30.49
CA ASN Z 155 -16.78 -34.76 -30.82
C ASN Z 155 -16.62 -36.18 -30.28
N PHE Z 156 -17.66 -36.70 -29.62
CA PHE Z 156 -17.73 -38.07 -29.10
C PHE Z 156 -16.55 -38.47 -28.19
N LYS Z 157 -16.04 -37.51 -27.43
CA LYS Z 157 -14.91 -37.73 -26.54
C LYS Z 157 -15.24 -38.70 -25.41
N ASN Z 158 -14.24 -39.48 -25.00
CA ASN Z 158 -14.37 -40.48 -23.93
C ASN Z 158 -15.36 -41.61 -24.24
N GLN Z 159 -15.85 -41.64 -25.47
CA GLN Z 159 -16.82 -42.64 -25.89
C GLN Z 159 -16.19 -43.71 -26.76
N TYR Z 160 -16.33 -44.95 -26.32
CA TYR Z 160 -15.77 -46.09 -27.02
C TYR Z 160 -16.88 -47.00 -27.53
N GLU Z 161 -16.59 -47.75 -28.59
CA GLU Z 161 -17.50 -48.77 -29.08
C GLU Z 161 -17.72 -49.83 -28.00
N PRO Z 162 -18.98 -50.16 -27.70
CA PRO Z 162 -19.28 -51.23 -26.75
C PRO Z 162 -18.73 -52.57 -27.25
N GLY Z 163 -18.14 -53.34 -26.34
CA GLY Z 163 -17.58 -54.64 -26.66
C GLY Z 163 -16.14 -54.62 -27.13
N THR Z 164 -15.61 -53.44 -27.44
CA THR Z 164 -14.26 -53.31 -28.01
C THR Z 164 -13.15 -53.08 -26.98
N ASN Z 165 -13.41 -53.48 -25.73
CA ASN Z 165 -12.39 -53.49 -24.66
C ASN Z 165 -11.73 -52.12 -24.38
N GLY Z 166 -12.32 -51.05 -24.91
CA GLY Z 166 -11.75 -49.71 -24.81
C GLY Z 166 -10.57 -49.52 -25.74
N LYS Z 167 -10.58 -50.23 -26.87
CA LYS Z 167 -9.49 -50.17 -27.84
C LYS Z 167 -9.92 -49.54 -29.18
N VAL Z 168 -11.22 -49.41 -29.39
CA VAL Z 168 -11.77 -48.77 -30.58
C VAL Z 168 -12.69 -47.64 -30.15
N LYS Z 169 -12.37 -46.43 -30.60
CA LYS Z 169 -13.11 -45.22 -30.24
C LYS Z 169 -14.43 -45.11 -31.01
N LYS Z 170 -15.26 -44.16 -30.64
CA LYS Z 170 -16.47 -43.88 -31.41
C LYS Z 170 -16.10 -43.09 -32.67
N PRO Z 171 -16.59 -43.54 -33.84
CA PRO Z 171 -16.32 -42.86 -35.11
C PRO Z 171 -16.85 -41.43 -35.15
N LEU Z 172 -16.06 -40.52 -35.72
CA LEU Z 172 -16.46 -39.13 -35.89
C LEU Z 172 -17.48 -39.01 -37.02
N LYS Z 173 -18.52 -38.20 -36.77
CA LYS Z 173 -19.57 -37.96 -37.76
C LYS Z 173 -20.09 -36.53 -37.69
N TYR Z 174 -20.42 -35.98 -38.85
CA TYR Z 174 -21.17 -34.72 -38.93
C TYR Z 174 -22.60 -34.97 -38.48
N LEU Z 175 -23.12 -34.03 -37.69
CA LEU Z 175 -24.49 -34.10 -37.19
C LEU Z 175 -25.43 -33.37 -38.12
N SER Z 176 -26.68 -33.84 -38.20
CA SER Z 176 -27.71 -33.17 -38.99
C SER Z 176 -28.19 -31.93 -38.25
N VAL Z 177 -28.71 -30.95 -39.00
CA VAL Z 177 -29.11 -29.67 -38.42
C VAL Z 177 -30.17 -29.79 -37.31
N GLU Z 178 -31.12 -30.69 -37.49
CA GLU Z 178 -32.15 -30.98 -36.49
C GLU Z 178 -31.51 -31.49 -35.20
N GLU Z 179 -30.50 -32.35 -35.35
CA GLU Z 179 -29.76 -32.91 -34.23
C GLU Z 179 -28.93 -31.86 -33.48
N VAL Z 180 -28.41 -30.88 -34.22
CA VAL Z 180 -27.60 -29.80 -33.65
C VAL Z 180 -28.43 -28.85 -32.78
N ILE Z 181 -29.59 -28.43 -33.30
CA ILE Z 181 -30.52 -27.57 -32.54
C ILE Z 181 -30.96 -28.22 -31.22
N LYS Z 182 -31.01 -29.55 -31.19
CA LYS Z 182 -31.32 -30.28 -29.97
C LYS Z 182 -30.23 -30.10 -28.93
N LEU Z 183 -28.97 -30.18 -29.36
CA LEU Z 183 -27.83 -29.96 -28.48
C LEU Z 183 -27.81 -28.54 -27.95
N VAL Z 184 -27.95 -27.58 -28.87
CA VAL Z 184 -27.95 -26.15 -28.55
C VAL Z 184 -28.97 -25.80 -27.47
N ARG Z 185 -30.20 -26.29 -27.64
CA ARG Z 185 -31.31 -26.00 -26.70
C ARG Z 185 -31.12 -26.64 -25.34
N ASP Z 186 -30.68 -27.90 -25.32
CA ASP Z 186 -30.39 -28.59 -24.06
C ASP Z 186 -29.18 -27.99 -23.35
N SER Z 187 -28.22 -27.48 -24.12
CA SER Z 187 -27.08 -26.78 -23.56
C SER Z 187 -27.51 -25.51 -22.84
N PHE Z 188 -28.37 -24.73 -23.48
CA PHE Z 188 -28.82 -23.46 -22.93
C PHE Z 188 -29.82 -23.60 -21.78
N THR Z 189 -30.60 -24.68 -21.78
CA THR Z 189 -31.49 -24.92 -20.64
C THR Z 189 -30.69 -25.36 -19.41
N SER Z 190 -29.61 -26.10 -19.64
CA SER Z 190 -28.70 -26.52 -18.57
C SER Z 190 -27.90 -25.36 -17.99
N ALA Z 191 -27.45 -24.46 -18.88
CA ALA Z 191 -26.72 -23.27 -18.48
C ALA Z 191 -27.60 -22.28 -17.72
N THR Z 192 -28.87 -22.23 -18.09
CA THR Z 192 -29.85 -21.35 -17.43
C THR Z 192 -30.14 -21.80 -16.00
N GLU Z 193 -30.18 -23.11 -15.78
CA GLU Z 193 -30.44 -23.70 -14.46
C GLU Z 193 -29.35 -23.35 -13.44
N ARG Z 194 -28.10 -23.34 -13.90
CA ARG Z 194 -26.95 -23.27 -12.98
C ARG Z 194 -26.17 -21.95 -12.98
N HIS Z 195 -26.35 -21.13 -14.01
CA HIS Z 195 -25.67 -19.84 -14.05
C HIS Z 195 -26.68 -18.70 -13.98
N ILE Z 196 -26.45 -17.78 -13.06
CA ILE Z 196 -27.40 -16.68 -12.81
C ILE Z 196 -27.42 -15.61 -13.89
N GLN Z 197 -26.44 -15.64 -14.80
CA GLN Z 197 -26.34 -14.66 -15.88
C GLN Z 197 -26.86 -15.19 -17.21
N VAL Z 198 -27.46 -16.39 -17.17
CA VAL Z 198 -28.02 -17.02 -18.36
C VAL Z 198 -29.52 -17.30 -18.19
N GLY Z 199 -30.31 -16.85 -19.15
CA GLY Z 199 -31.76 -17.05 -19.14
C GLY Z 199 -32.53 -16.16 -20.09
N ASP Z 200 -33.84 -16.06 -19.86
CA ASP Z 200 -34.78 -15.22 -20.63
C ASP Z 200 -35.13 -15.76 -22.03
N GLY Z 201 -34.15 -15.84 -22.92
CA GLY Z 201 -34.42 -16.26 -24.29
C GLY Z 201 -33.20 -16.72 -25.07
N LEU Z 202 -33.42 -17.57 -26.07
CA LEU Z 202 -32.36 -18.11 -26.90
C LEU Z 202 -32.59 -17.77 -28.37
N GLU Z 203 -31.56 -17.23 -29.02
CA GLU Z 203 -31.62 -16.90 -30.44
C GLU Z 203 -30.52 -17.64 -31.20
N ILE Z 204 -30.94 -18.48 -32.14
CA ILE Z 204 -30.02 -19.27 -32.95
C ILE Z 204 -30.01 -18.74 -34.38
N LEU Z 205 -28.81 -18.62 -34.95
CA LEU Z 205 -28.65 -18.22 -36.35
C LEU Z 205 -28.00 -19.35 -37.15
N ILE Z 206 -28.73 -19.87 -38.14
CA ILE Z 206 -28.26 -21.00 -38.94
C ILE Z 206 -27.82 -20.53 -40.32
N VAL Z 207 -26.59 -20.88 -40.70
CA VAL Z 207 -26.04 -20.48 -41.99
C VAL Z 207 -25.87 -21.68 -42.92
N THR Z 208 -26.64 -21.68 -44.00
CA THR Z 208 -26.52 -22.66 -45.07
C THR Z 208 -26.02 -21.94 -46.33
N LYS Z 209 -25.98 -22.64 -47.47
CA LYS Z 209 -25.65 -22.01 -48.74
C LYS Z 209 -26.73 -21.01 -49.19
N ASP Z 210 -27.93 -21.16 -48.62
CA ASP Z 210 -29.08 -20.33 -48.98
C ASP Z 210 -29.14 -19.00 -48.23
N GLY Z 211 -28.29 -18.83 -47.22
CA GLY Z 211 -28.24 -17.60 -46.43
C GLY Z 211 -28.36 -17.82 -44.94
N VAL Z 212 -28.92 -16.82 -44.24
CA VAL Z 212 -29.00 -16.83 -42.78
C VAL Z 212 -30.45 -16.86 -42.27
N ARG Z 213 -30.79 -17.94 -41.57
CA ARG Z 213 -32.12 -18.13 -40.98
C ARG Z 213 -32.05 -17.93 -39.46
N LYS Z 214 -33.19 -17.59 -38.85
CA LYS Z 214 -33.23 -17.31 -37.40
C LYS Z 214 -34.33 -18.09 -36.65
N GLU Z 215 -34.00 -18.57 -35.45
CA GLU Z 215 -34.94 -19.25 -34.58
C GLU Z 215 -34.89 -18.68 -33.17
N PHE Z 216 -36.06 -18.53 -32.54
CA PHE Z 216 -36.14 -18.02 -31.18
C PHE Z 216 -36.85 -19.00 -30.24
N TYR Z 217 -36.26 -19.22 -29.06
CA TYR Z 217 -36.84 -20.08 -28.04
C TYR Z 217 -36.81 -19.44 -26.67
N GLU Z 218 -37.91 -19.60 -25.93
CA GLU Z 218 -38.02 -19.12 -24.56
C GLU Z 218 -37.10 -19.89 -23.63
N LEU Z 219 -36.42 -19.16 -22.74
CA LEU Z 219 -35.66 -19.75 -21.64
C LEU Z 219 -36.20 -19.23 -20.31
N LYS Z 220 -35.96 -19.98 -19.24
CA LYS Z 220 -36.42 -19.57 -17.89
C LYS Z 220 -35.97 -18.16 -17.52
N ARG Z 221 -36.82 -17.44 -16.81
CA ARG Z 221 -36.66 -16.00 -16.61
C ARG Z 221 -36.17 -15.56 -15.22
N ASP Z 222 -35.87 -16.51 -14.34
CA ASP Z 222 -35.51 -16.19 -12.95
C ASP Z 222 -34.03 -15.81 -12.74
N THR AA 1 -10.14 10.20 -15.61
CA THR AA 1 -10.31 9.78 -14.19
C THR AA 1 -10.84 10.97 -13.41
N GLN AA 2 -11.94 10.73 -12.69
CA GLN AA 2 -12.70 11.79 -12.03
C GLN AA 2 -13.73 11.19 -11.08
N GLN AA 3 -14.25 12.03 -10.19
CA GLN AA 3 -15.33 11.65 -9.31
C GLN AA 3 -16.51 12.60 -9.54
N PRO AA 4 -17.75 12.06 -9.51
CA PRO AA 4 -18.92 12.92 -9.68
C PRO AA 4 -19.15 13.79 -8.44
N ILE AA 5 -19.43 15.07 -8.64
CA ILE AA 5 -19.66 15.99 -7.51
C ILE AA 5 -21.16 16.29 -7.28
N VAL AA 6 -21.77 17.10 -8.13
CA VAL AA 6 -23.20 17.40 -8.00
C VAL AA 6 -23.96 16.40 -8.86
N THR AA 7 -24.79 15.57 -8.22
CA THR AA 7 -25.38 14.43 -8.92
C THR AA 7 -26.91 14.42 -8.97
N GLY AA 8 -27.43 13.74 -9.98
CA GLY AA 8 -28.87 13.49 -10.14
C GLY AA 8 -29.15 12.01 -10.02
N THR AA 9 -30.26 11.68 -9.36
CA THR AA 9 -30.60 10.29 -9.06
C THR AA 9 -31.36 9.59 -10.21
N SER AA 10 -32.32 8.74 -9.90
CA SER AA 10 -32.97 7.85 -10.88
C SER AA 10 -33.71 8.57 -12.03
N VAL AA 11 -33.59 8.00 -13.22
CA VAL AA 11 -34.48 8.31 -14.34
C VAL AA 11 -35.24 7.02 -14.67
N ILE AA 12 -36.56 7.06 -14.64
CA ILE AA 12 -37.36 5.88 -14.99
C ILE AA 12 -38.23 6.12 -16.22
N SER AA 13 -38.47 5.06 -16.99
CA SER AA 13 -39.17 5.16 -18.27
C SER AA 13 -39.79 3.84 -18.73
N MET AA 14 -40.84 3.94 -19.54
CA MET AA 14 -41.51 2.77 -20.12
C MET AA 14 -42.26 3.13 -21.40
N LYS AA 15 -42.50 2.14 -22.24
CA LYS AA 15 -43.25 2.37 -23.47
C LYS AA 15 -44.63 1.73 -23.41
N TYR AA 16 -45.64 2.49 -23.84
CA TYR AA 16 -47.02 2.02 -23.88
C TYR AA 16 -47.50 1.86 -25.33
N ASP AA 17 -48.81 1.68 -25.54
CA ASP AA 17 -49.35 1.35 -26.88
C ASP AA 17 -49.05 2.36 -27.99
N ASN AA 18 -49.04 3.65 -27.65
CA ASN AA 18 -48.83 4.70 -28.65
C ASN AA 18 -47.45 5.35 -28.60
N GLY AA 19 -46.90 5.51 -27.40
CA GLY AA 19 -45.61 6.18 -27.24
C GLY AA 19 -44.79 5.74 -26.05
N VAL AA 20 -44.11 6.71 -25.42
CA VAL AA 20 -43.23 6.47 -24.30
C VAL AA 20 -43.45 7.49 -23.18
N ILE AA 21 -43.21 7.07 -21.94
CA ILE AA 21 -43.23 7.98 -20.80
C ILE AA 21 -41.86 7.93 -20.11
N ILE AA 22 -41.40 9.09 -19.64
CA ILE AA 22 -40.10 9.20 -18.97
C ILE AA 22 -40.19 10.24 -17.85
N ALA AA 23 -39.60 9.92 -16.70
CA ALA AA 23 -39.63 10.81 -15.53
C ALA AA 23 -38.32 10.84 -14.74
N ALA AA 24 -38.08 11.97 -14.07
CA ALA AA 24 -36.89 12.22 -13.28
C ALA AA 24 -37.17 13.31 -12.27
N ASP AA 25 -36.66 13.17 -11.04
CA ASP AA 25 -36.92 14.18 -10.01
C ASP AA 25 -36.02 15.40 -10.14
N ASN AA 26 -36.42 16.49 -9.48
CA ASN AA 26 -35.82 17.80 -9.70
C ASN AA 26 -34.71 18.14 -8.71
N LEU AA 27 -33.87 17.16 -8.40
CA LEU AA 27 -32.83 17.34 -7.39
C LEU AA 27 -31.42 17.28 -7.95
N GLY AA 28 -30.55 18.15 -7.40
CA GLY AA 28 -29.11 18.05 -7.61
C GLY AA 28 -28.42 17.91 -6.25
N SER AA 29 -28.04 16.69 -5.91
CA SER AA 29 -27.39 16.40 -4.63
C SER AA 29 -25.92 16.80 -4.64
N TYR AA 30 -25.35 16.92 -3.44
CA TYR AA 30 -23.94 17.23 -3.25
C TYR AA 30 -23.46 16.37 -2.10
N GLY AA 31 -22.99 15.17 -2.42
CA GLY AA 31 -22.75 14.16 -1.40
C GLY AA 31 -24.09 13.79 -0.81
N SER AA 32 -24.27 14.05 0.49
CA SER AA 32 -25.53 13.76 1.16
C SER AA 32 -26.40 15.02 1.34
N LEU AA 33 -25.86 16.18 0.99
CA LEU AA 33 -26.61 17.43 1.02
C LEU AA 33 -27.53 17.53 -0.20
N LEU AA 34 -28.82 17.76 0.04
CA LEU AA 34 -29.79 17.92 -1.04
C LEU AA 34 -29.79 19.37 -1.52
N ARG AA 35 -28.72 19.74 -2.21
CA ARG AA 35 -28.37 21.15 -2.44
C ARG AA 35 -29.33 21.92 -3.34
N PHE AA 36 -29.54 21.44 -4.57
CA PHE AA 36 -30.33 22.17 -5.55
C PHE AA 36 -31.68 21.50 -5.80
N ASN AA 37 -32.73 22.32 -5.88
CA ASN AA 37 -34.10 21.81 -6.06
C ASN AA 37 -34.77 22.21 -7.38
N GLY AA 38 -34.15 23.14 -8.11
CA GLY AA 38 -34.69 23.57 -9.40
C GLY AA 38 -33.98 22.98 -10.59
N VAL AA 39 -33.49 21.75 -10.44
CA VAL AA 39 -32.77 21.08 -11.53
C VAL AA 39 -33.72 20.30 -12.43
N GLU AA 40 -33.66 20.60 -13.73
CA GLU AA 40 -34.44 19.86 -14.72
C GLU AA 40 -33.52 18.84 -15.42
N ARG AA 41 -33.83 17.57 -15.27
CA ARG AA 41 -32.99 16.49 -15.80
C ARG AA 41 -33.60 15.81 -17.03
N LEU AA 42 -34.71 16.37 -17.53
CA LEU AA 42 -35.31 15.91 -18.78
C LEU AA 42 -35.07 16.96 -19.87
N ILE AA 43 -34.32 16.57 -20.90
CA ILE AA 43 -33.96 17.49 -21.98
C ILE AA 43 -34.78 17.15 -23.24
N PRO AA 44 -35.75 18.02 -23.59
CA PRO AA 44 -36.50 17.81 -24.82
C PRO AA 44 -35.70 18.22 -26.04
N VAL AA 45 -35.66 17.36 -27.05
CA VAL AA 45 -35.00 17.65 -28.32
C VAL AA 45 -36.00 17.47 -29.47
N GLY AA 46 -36.43 18.58 -30.06
CA GLY AA 46 -37.48 18.56 -31.07
C GLY AA 46 -38.82 18.25 -30.44
N ASP AA 47 -39.78 17.87 -31.27
CA ASP AA 47 -41.13 17.56 -30.80
C ASP AA 47 -41.37 16.05 -30.60
N ASN AA 48 -40.30 15.26 -30.68
CA ASN AA 48 -40.43 13.80 -30.68
C ASN AA 48 -39.44 13.02 -29.80
N THR AA 49 -38.59 13.73 -29.06
CA THR AA 49 -37.57 13.09 -28.25
C THR AA 49 -37.36 13.81 -26.91
N VAL AA 50 -37.24 13.02 -25.85
CA VAL AA 50 -36.77 13.52 -24.56
C VAL AA 50 -35.59 12.70 -24.10
N VAL AA 51 -34.51 13.38 -23.72
CA VAL AA 51 -33.31 12.74 -23.19
C VAL AA 51 -33.27 12.98 -21.68
N GLY AA 52 -33.34 11.90 -20.91
CA GLY AA 52 -33.28 11.99 -19.45
C GLY AA 52 -31.91 11.56 -18.94
N ILE AA 53 -31.34 12.34 -18.03
CA ILE AA 53 -29.96 12.14 -17.59
C ILE AA 53 -29.81 12.10 -16.06
N SER AA 54 -29.06 11.11 -15.58
CA SER AA 54 -28.70 10.99 -14.17
C SER AA 54 -27.18 10.96 -14.01
N GLY AA 55 -26.69 11.29 -12.82
CA GLY AA 55 -25.24 11.35 -12.57
C GLY AA 55 -24.73 12.77 -12.41
N ASP AA 56 -23.52 13.02 -12.90
CA ASP AA 56 -22.87 14.32 -12.72
C ASP AA 56 -23.59 15.42 -13.51
N ILE AA 57 -24.01 16.46 -12.78
CA ILE AA 57 -24.79 17.57 -13.32
C ILE AA 57 -23.94 18.46 -14.25
N SER AA 58 -22.66 18.62 -13.96
CA SER AA 58 -21.80 19.41 -14.85
C SER AA 58 -21.64 18.71 -16.21
N ASP AA 59 -21.53 17.39 -16.17
CA ASP AA 59 -21.51 16.56 -17.38
C ASP AA 59 -22.87 16.56 -18.09
N MET AA 60 -23.96 16.57 -17.32
CA MET AA 60 -25.31 16.70 -17.87
C MET AA 60 -25.46 17.99 -18.66
N GLN AA 61 -24.98 19.09 -18.09
CA GLN AA 61 -25.05 20.41 -18.69
C GLN AA 61 -24.19 20.50 -19.95
N HIS AA 62 -23.12 19.71 -20.01
CA HIS AA 62 -22.31 19.59 -21.22
C HIS AA 62 -23.09 18.88 -22.33
N ILE AA 63 -23.72 17.75 -21.99
CA ILE AA 63 -24.57 17.00 -22.92
C ILE AA 63 -25.75 17.84 -23.40
N GLU AA 64 -26.32 18.63 -22.49
CA GLU AA 64 -27.37 19.59 -22.81
C GLU AA 64 -26.92 20.53 -23.92
N ARG AA 65 -25.70 21.05 -23.78
CA ARG AA 65 -25.11 21.97 -24.74
C ARG AA 65 -24.83 21.28 -26.08
N LEU AA 66 -24.50 19.99 -26.04
CA LEU AA 66 -24.19 19.23 -27.25
C LEU AA 66 -25.43 18.98 -28.10
N LEU AA 67 -26.56 18.79 -27.42
CA LEU AA 67 -27.83 18.51 -28.09
C LEU AA 67 -28.42 19.74 -28.76
N LYS AA 68 -28.20 20.91 -28.17
CA LYS AA 68 -28.66 22.17 -28.74
C LYS AA 68 -27.85 22.54 -29.97
N ASP AA 69 -26.57 22.17 -29.97
CA ASP AA 69 -25.72 22.33 -31.15
C ASP AA 69 -26.07 21.33 -32.23
N LEU AA 70 -26.50 20.14 -31.83
CA LEU AA 70 -26.95 19.13 -32.77
C LEU AA 70 -28.18 19.63 -33.53
N VAL AA 71 -29.09 20.32 -32.83
CA VAL AA 71 -30.28 20.92 -33.45
C VAL AA 71 -29.87 22.04 -34.41
N THR AA 72 -28.99 22.93 -33.94
CA THR AA 72 -28.46 24.02 -34.74
C THR AA 72 -27.81 23.50 -36.03
N GLU AA 73 -26.90 22.53 -35.88
CA GLU AA 73 -26.18 21.93 -37.00
C GLU AA 73 -27.13 21.26 -38.00
N ASN AA 74 -28.12 20.54 -37.49
CA ASN AA 74 -29.09 19.84 -38.33
C ASN AA 74 -29.91 20.77 -39.23
N ALA AA 75 -30.18 21.96 -38.74
CA ALA AA 75 -30.96 22.96 -39.47
C ALA AA 75 -30.16 23.61 -40.60
N TYR AA 76 -28.83 23.57 -40.50
CA TYR AA 76 -27.95 24.15 -41.51
C TYR AA 76 -28.12 23.51 -42.88
N ASP AA 77 -28.35 24.34 -43.89
CA ASP AA 77 -28.48 23.92 -45.29
C ASP AA 77 -29.44 22.75 -45.47
N ASN AA 78 -30.50 22.75 -44.67
CA ASN AA 78 -31.46 21.67 -44.62
C ASN AA 78 -32.88 22.23 -44.59
N PRO AA 79 -33.48 22.45 -45.76
CA PRO AA 79 -34.83 23.03 -45.84
C PRO AA 79 -35.91 22.11 -45.27
N LEU AA 80 -35.53 20.87 -44.95
CA LEU AA 80 -36.44 19.88 -44.39
C LEU AA 80 -36.12 19.56 -42.94
N ALA AA 81 -35.58 20.54 -42.22
CA ALA AA 81 -35.18 20.37 -40.82
C ALA AA 81 -36.37 20.19 -39.88
N ASP AA 82 -37.54 20.67 -40.31
CA ASP AA 82 -38.77 20.54 -39.52
C ASP AA 82 -39.71 19.48 -40.11
N ALA AA 83 -39.27 18.82 -41.18
CA ALA AA 83 -40.07 17.77 -41.86
C ALA AA 83 -39.37 16.40 -41.84
N GLU AA 84 -39.07 15.86 -43.02
CA GLU AA 84 -38.44 14.53 -43.14
C GLU AA 84 -37.05 14.47 -42.55
N GLU AA 85 -36.27 15.54 -42.72
CA GLU AA 85 -34.89 15.55 -42.22
C GLU AA 85 -34.76 16.17 -40.83
N ALA AA 86 -35.79 16.01 -40.00
CA ALA AA 86 -35.74 16.37 -38.60
C ALA AA 86 -34.96 15.33 -37.81
N LEU AA 87 -34.50 15.69 -36.61
CA LEU AA 87 -33.79 14.73 -35.76
C LEU AA 87 -34.72 13.61 -35.28
N GLU AA 88 -34.22 12.38 -35.39
CA GLU AA 88 -34.93 11.20 -34.91
C GLU AA 88 -34.34 10.77 -33.57
N PRO AA 89 -35.17 10.14 -32.70
CA PRO AA 89 -34.67 9.62 -31.42
C PRO AA 89 -33.46 8.70 -31.61
N SER AA 90 -33.47 7.89 -32.66
CA SER AA 90 -32.37 6.99 -32.98
C SER AA 90 -31.09 7.75 -33.36
N TYR AA 91 -31.23 8.87 -34.07
CA TYR AA 91 -30.07 9.70 -34.43
C TYR AA 91 -29.43 10.32 -33.20
N ILE AA 92 -30.26 10.82 -32.29
CA ILE AA 92 -29.79 11.45 -31.06
C ILE AA 92 -29.08 10.44 -30.16
N PHE AA 93 -29.65 9.24 -30.02
CA PHE AA 93 -29.04 8.22 -29.19
C PHE AA 93 -27.67 7.79 -29.69
N GLU AA 94 -27.60 7.35 -30.95
CA GLU AA 94 -26.36 6.85 -31.53
C GLU AA 94 -25.21 7.85 -31.42
N TYR AA 95 -25.54 9.14 -31.45
CA TYR AA 95 -24.56 10.20 -31.25
C TYR AA 95 -24.03 10.19 -29.82
N LEU AA 96 -24.95 10.24 -28.85
CA LEU AA 96 -24.59 10.16 -27.43
C LEU AA 96 -23.85 8.87 -27.09
N ALA AA 97 -24.30 7.76 -27.68
CA ALA AA 97 -23.66 6.46 -27.51
C ALA AA 97 -22.20 6.47 -28.00
N THR AA 98 -21.97 7.10 -29.15
CA THR AA 98 -20.61 7.27 -29.68
C THR AA 98 -19.75 8.08 -28.71
N VAL AA 99 -20.27 9.21 -28.26
CA VAL AA 99 -19.54 10.11 -27.36
C VAL AA 99 -19.18 9.43 -26.05
N MET AA 100 -20.16 8.75 -25.44
CA MET AA 100 -19.94 8.02 -24.18
C MET AA 100 -18.79 7.02 -24.31
N TYR AA 101 -18.84 6.19 -25.34
CA TYR AA 101 -17.83 5.15 -25.53
C TYR AA 101 -16.43 5.72 -25.83
N GLN AA 102 -16.37 6.80 -26.59
CA GLN AA 102 -15.10 7.49 -26.89
C GLN AA 102 -14.45 8.04 -25.62
N ARG AA 103 -15.28 8.63 -24.75
CA ARG AA 103 -14.82 9.22 -23.50
C ARG AA 103 -14.36 8.17 -22.49
N ARG AA 104 -15.00 7.00 -22.46
CA ARG AA 104 -14.54 5.90 -21.61
C ARG AA 104 -13.22 5.33 -22.14
N SER AA 105 -13.05 5.34 -23.46
CA SER AA 105 -11.84 4.84 -24.09
C SER AA 105 -10.66 5.79 -23.92
N LYS AA 106 -10.97 7.07 -23.73
CA LYS AA 106 -9.95 8.08 -23.42
C LYS AA 106 -9.64 8.12 -21.93
N MET AA 107 -10.30 7.26 -21.16
CA MET AA 107 -10.15 7.19 -19.70
C MET AA 107 -10.61 8.48 -19.00
N ASN AA 108 -11.53 9.20 -19.64
CA ASN AA 108 -12.11 10.43 -19.09
C ASN AA 108 -13.61 10.44 -19.41
N PRO AA 109 -14.40 9.70 -18.62
CA PRO AA 109 -15.82 9.49 -18.94
C PRO AA 109 -16.73 10.66 -18.57
N LEU AA 110 -17.86 10.75 -19.26
CA LEU AA 110 -18.97 11.56 -18.79
C LEU AA 110 -19.73 10.69 -17.78
N TRP AA 111 -19.66 11.08 -16.51
CA TRP AA 111 -20.15 10.24 -15.42
C TRP AA 111 -21.69 10.28 -15.32
N ASN AA 112 -22.34 9.72 -16.33
CA ASN AA 112 -23.79 9.76 -16.46
C ASN AA 112 -24.41 8.42 -16.78
N ALA AA 113 -25.73 8.36 -16.61
CA ALA AA 113 -26.55 7.28 -17.15
C ALA AA 113 -27.70 7.98 -17.86
N ILE AA 114 -27.91 7.63 -19.13
CA ILE AA 114 -28.84 8.35 -20.01
C ILE AA 114 -29.90 7.41 -20.60
N ILE AA 115 -31.15 7.82 -20.54
CA ILE AA 115 -32.21 7.14 -21.28
C ILE AA 115 -32.78 8.08 -22.32
N VAL AA 116 -32.74 7.65 -23.58
CA VAL AA 116 -33.33 8.40 -24.67
C VAL AA 116 -34.69 7.80 -25.00
N ALA AA 117 -35.73 8.60 -24.78
CA ALA AA 117 -37.10 8.19 -25.06
C ALA AA 117 -37.64 9.05 -26.19
N GLY AA 118 -38.41 8.42 -27.08
CA GLY AA 118 -39.02 9.13 -28.20
C GLY AA 118 -39.84 8.25 -29.13
N VAL AA 119 -40.39 8.88 -30.16
CA VAL AA 119 -41.19 8.21 -31.19
C VAL AA 119 -40.57 8.46 -32.56
N GLN AA 120 -40.28 7.38 -33.30
CA GLN AA 120 -39.75 7.48 -34.66
C GLN AA 120 -40.80 8.06 -35.60
N SER AA 121 -40.34 8.68 -36.69
CA SER AA 121 -41.25 9.28 -37.68
C SER AA 121 -42.19 8.27 -38.36
N ASN AA 122 -41.85 6.99 -38.27
CA ASN AA 122 -42.69 5.92 -38.78
C ASN AA 122 -43.71 5.40 -37.76
N GLY AA 123 -43.61 5.91 -36.52
CA GLY AA 123 -44.56 5.58 -35.46
C GLY AA 123 -44.04 4.71 -34.33
N ASP AA 124 -42.92 4.03 -34.56
CA ASP AA 124 -42.34 3.11 -33.58
C ASP AA 124 -41.87 3.83 -32.32
N GLN AA 125 -42.12 3.21 -31.16
CA GLN AA 125 -41.56 3.70 -29.90
C GLN AA 125 -40.07 3.45 -29.91
N PHE AA 126 -39.32 4.41 -29.36
CA PHE AA 126 -37.89 4.25 -29.18
C PHE AA 126 -37.53 4.42 -27.71
N LEU AA 127 -36.83 3.43 -27.16
CA LEU AA 127 -36.36 3.51 -25.78
C LEU AA 127 -35.02 2.78 -25.62
N ARG AA 128 -33.96 3.54 -25.41
CA ARG AA 128 -32.62 2.95 -25.27
C ARG AA 128 -31.78 3.64 -24.19
N TYR AA 129 -30.93 2.87 -23.53
CA TYR AA 129 -30.10 3.33 -22.41
C TYR AA 129 -28.64 3.38 -22.82
N VAL AA 130 -27.91 4.38 -22.30
CA VAL AA 130 -26.46 4.44 -22.46
C VAL AA 130 -25.84 5.08 -21.21
N ASN AA 131 -24.69 4.55 -20.79
CA ASN AA 131 -24.02 5.06 -19.60
C ASN AA 131 -22.55 5.45 -19.81
N LEU AA 132 -21.85 5.72 -18.71
CA LEU AA 132 -20.46 6.17 -18.70
C LEU AA 132 -19.47 5.18 -19.33
N LEU AA 133 -19.80 3.89 -19.29
CA LEU AA 133 -18.95 2.86 -19.89
C LEU AA 133 -19.22 2.69 -21.38
N GLY AA 134 -20.31 3.28 -21.86
CA GLY AA 134 -20.72 3.13 -23.24
C GLY AA 134 -21.56 1.89 -23.48
N VAL AA 135 -22.04 1.28 -22.39
CA VAL AA 135 -22.96 0.15 -22.45
C VAL AA 135 -24.35 0.62 -22.87
N THR AA 136 -24.92 -0.03 -23.88
CA THR AA 136 -26.26 0.29 -24.37
C THR AA 136 -27.16 -0.93 -24.38
N TYR AA 137 -28.43 -0.73 -24.05
CA TYR AA 137 -29.46 -1.77 -24.16
C TYR AA 137 -30.86 -1.18 -24.29
N SER AA 138 -31.77 -1.97 -24.86
CA SER AA 138 -33.18 -1.62 -24.93
C SER AA 138 -34.04 -2.62 -24.20
N SER AA 139 -35.15 -2.14 -23.66
CA SER AA 139 -36.11 -2.94 -22.91
C SER AA 139 -37.47 -2.23 -22.98
N PRO AA 140 -38.58 -2.96 -22.79
CA PRO AA 140 -39.88 -2.29 -22.67
C PRO AA 140 -39.94 -1.29 -21.51
N THR AA 141 -39.10 -1.50 -20.49
CA THR AA 141 -38.93 -0.53 -19.40
C THR AA 141 -37.45 -0.38 -19.07
N LEU AA 142 -37.01 0.86 -18.90
CA LEU AA 142 -35.62 1.14 -18.53
C LEU AA 142 -35.57 2.05 -17.32
N ALA AA 143 -34.52 1.90 -16.52
CA ALA AA 143 -34.31 2.72 -15.33
C ALA AA 143 -32.85 2.78 -14.91
N THR AA 144 -32.45 3.92 -14.34
CA THR AA 144 -31.09 4.17 -13.90
C THR AA 144 -31.04 4.26 -12.38
N GLY AA 145 -29.87 4.01 -11.80
CA GLY AA 145 -29.66 4.16 -10.36
C GLY AA 145 -30.55 3.25 -9.54
N PHE AA 146 -31.17 3.81 -8.50
CA PHE AA 146 -32.13 3.09 -7.67
C PHE AA 146 -33.39 2.68 -8.43
N GLY AA 147 -33.68 3.39 -9.50
CA GLY AA 147 -34.80 3.05 -10.38
C GLY AA 147 -34.69 1.66 -10.96
N ALA AA 148 -33.48 1.26 -11.35
CA ALA AA 148 -33.23 -0.06 -11.91
C ALA AA 148 -33.61 -1.16 -10.92
N HIS AA 149 -33.46 -0.86 -9.63
CA HIS AA 149 -33.70 -1.84 -8.58
C HIS AA 149 -35.15 -1.88 -8.11
N MET AA 150 -35.80 -0.72 -8.11
CA MET AA 150 -37.15 -0.61 -7.55
C MET AA 150 -38.24 -0.32 -8.59
N ALA AA 151 -37.95 0.57 -9.52
CA ALA AA 151 -38.91 0.93 -10.56
C ALA AA 151 -39.12 -0.22 -11.55
N ASN AA 152 -38.04 -0.82 -12.03
CA ASN AA 152 -38.12 -1.91 -13.01
C ASN AA 152 -39.02 -3.08 -12.61
N PRO AA 153 -38.90 -3.59 -11.36
CA PRO AA 153 -39.81 -4.65 -10.92
C PRO AA 153 -41.30 -4.29 -11.00
N LEU AA 154 -41.62 -3.02 -10.74
CA LEU AA 154 -43.01 -2.55 -10.72
C LEU AA 154 -43.54 -2.26 -12.12
N LEU AA 155 -42.67 -1.75 -12.99
CA LEU AA 155 -43.06 -1.43 -14.35
C LEU AA 155 -43.18 -2.68 -15.21
N ARG AA 156 -42.39 -3.70 -14.88
CA ARG AA 156 -42.43 -4.99 -15.58
C ARG AA 156 -43.69 -5.78 -15.30
N LYS AA 157 -44.33 -5.51 -14.17
CA LYS AA 157 -45.63 -6.10 -13.83
C LYS AA 157 -46.72 -5.66 -14.81
N VAL AA 158 -46.53 -4.48 -15.41
CA VAL AA 158 -47.43 -3.96 -16.42
C VAL AA 158 -47.00 -4.43 -17.83
N VAL AA 159 -45.75 -4.17 -18.20
CA VAL AA 159 -45.19 -4.71 -19.46
C VAL AA 159 -44.05 -5.69 -19.20
N ASP AA 160 -44.37 -6.97 -19.23
CA ASP AA 160 -43.41 -8.05 -18.98
C ASP AA 160 -42.64 -8.42 -20.24
N ARG AA 161 -43.29 -8.28 -21.40
CA ARG AA 161 -42.63 -8.50 -22.70
C ARG AA 161 -43.19 -7.58 -23.79
N GLU AA 162 -42.75 -7.81 -25.03
CA GLU AA 162 -43.12 -6.96 -26.17
C GLU AA 162 -44.62 -7.02 -26.51
N SER AA 163 -45.21 -8.21 -26.37
CA SER AA 163 -46.64 -8.39 -26.69
C SER AA 163 -47.56 -7.66 -25.71
N ASP AA 164 -46.99 -7.22 -24.58
CA ASP AA 164 -47.72 -6.46 -23.57
C ASP AA 164 -47.88 -4.97 -23.93
N ILE AA 165 -47.06 -4.49 -24.89
CA ILE AA 165 -47.06 -3.08 -25.27
C ILE AA 165 -48.41 -2.58 -25.82
N PRO AA 166 -48.94 -3.22 -26.90
CA PRO AA 166 -50.22 -2.75 -27.45
C PRO AA 166 -51.44 -2.94 -26.52
N LYS AA 167 -51.19 -3.36 -25.28
CA LYS AA 167 -52.25 -3.55 -24.28
C LYS AA 167 -52.21 -2.49 -23.18
N THR AA 168 -51.12 -1.73 -23.13
CA THR AA 168 -50.91 -0.71 -22.10
C THR AA 168 -51.29 0.68 -22.60
N THR AA 169 -52.28 1.29 -21.94
CA THR AA 169 -52.72 2.64 -22.30
C THR AA 169 -51.92 3.70 -21.54
N VAL AA 170 -51.98 4.94 -22.03
CA VAL AA 170 -51.29 6.08 -21.42
C VAL AA 170 -51.68 6.25 -19.95
N GLN AA 171 -52.96 6.03 -19.67
CA GLN AA 171 -53.54 6.16 -18.33
C GLN AA 171 -52.90 5.16 -17.36
N VAL AA 172 -52.84 3.91 -17.79
CA VAL AA 172 -52.25 2.83 -17.00
C VAL AA 172 -50.74 3.01 -16.84
N ALA AA 173 -50.08 3.38 -17.94
CA ALA AA 173 -48.63 3.54 -17.95
C ALA AA 173 -48.17 4.71 -17.07
N GLU AA 174 -48.86 5.83 -17.14
CA GLU AA 174 -48.50 7.01 -16.33
C GLU AA 174 -48.73 6.75 -14.84
N GLU AA 175 -49.83 6.06 -14.55
CA GLU AA 175 -50.18 5.66 -13.19
C GLU AA 175 -49.05 4.85 -12.56
N ALA AA 176 -48.48 3.93 -13.34
CA ALA AA 176 -47.37 3.08 -12.89
C ALA AA 176 -46.08 3.87 -12.67
N ILE AA 177 -45.85 4.90 -13.50
CA ILE AA 177 -44.68 5.76 -13.38
C ILE AA 177 -44.77 6.62 -12.11
N VAL AA 178 -45.93 7.26 -11.93
CA VAL AA 178 -46.18 8.10 -10.75
C VAL AA 178 -46.11 7.29 -9.44
N ASN AA 179 -46.57 6.04 -9.49
CA ASN AA 179 -46.44 5.12 -8.35
C ASN AA 179 -44.98 4.76 -8.08
N ALA AA 180 -44.21 4.55 -9.15
CA ALA AA 180 -42.79 4.23 -9.02
C ALA AA 180 -42.01 5.38 -8.41
N MET AA 181 -42.33 6.61 -8.83
CA MET AA 181 -41.71 7.83 -8.29
C MET AA 181 -41.95 7.97 -6.79
N ARG AA 182 -43.10 7.49 -6.32
CA ARG AA 182 -43.45 7.53 -4.89
C ARG AA 182 -42.58 6.54 -4.11
N VAL AA 183 -42.51 5.30 -4.62
CA VAL AA 183 -41.68 4.25 -4.05
C VAL AA 183 -40.22 4.71 -3.91
N LEU AA 184 -39.69 5.35 -4.95
CA LEU AA 184 -38.33 5.88 -4.94
C LEU AA 184 -38.14 6.96 -3.88
N TYR AA 185 -39.18 7.74 -3.63
CA TYR AA 185 -39.14 8.78 -2.60
C TYR AA 185 -39.17 8.19 -1.19
N TYR AA 186 -39.75 7.01 -1.06
CA TYR AA 186 -39.78 6.29 0.21
C TYR AA 186 -38.40 5.76 0.61
N ARG AA 187 -37.65 5.24 -0.38
CA ARG AA 187 -36.46 4.42 -0.09
C ARG AA 187 -35.13 4.93 -0.68
N ASP AA 188 -35.18 5.84 -1.65
CA ASP AA 188 -33.96 6.48 -2.15
C ASP AA 188 -33.64 7.71 -1.30
N ALA AA 189 -32.52 7.64 -0.58
CA ALA AA 189 -32.10 8.74 0.29
C ALA AA 189 -31.58 9.96 -0.48
N ARG AA 190 -31.49 9.86 -1.80
CA ARG AA 190 -31.02 10.96 -2.63
C ARG AA 190 -32.11 11.46 -3.60
N SER AA 191 -33.38 11.20 -3.24
CA SER AA 191 -34.51 11.56 -4.09
C SER AA 191 -35.31 12.75 -3.56
N SER AA 192 -36.03 13.40 -4.47
CA SER AA 192 -36.86 14.54 -4.17
C SER AA 192 -38.33 14.23 -4.42
N ARG AA 193 -39.20 14.98 -3.76
CA ARG AA 193 -40.64 14.84 -3.94
C ARG AA 193 -41.11 15.41 -5.27
N ASN AA 194 -40.45 16.48 -5.72
CA ASN AA 194 -40.79 17.17 -6.96
C ASN AA 194 -40.11 16.55 -8.16
N PHE AA 195 -40.88 16.30 -9.22
CA PHE AA 195 -40.35 15.70 -10.43
C PHE AA 195 -41.01 16.19 -11.70
N SER AA 196 -40.34 15.98 -12.83
CA SER AA 196 -40.91 16.25 -14.14
C SER AA 196 -41.23 14.95 -14.86
N LEU AA 197 -42.24 14.98 -15.71
CA LEU AA 197 -42.68 13.81 -16.44
C LEU AA 197 -42.98 14.19 -17.89
N ALA AA 198 -42.46 13.40 -18.83
CA ALA AA 198 -42.69 13.66 -20.24
C ALA AA 198 -43.31 12.47 -20.96
N ILE AA 199 -44.35 12.75 -21.74
CA ILE AA 199 -45.03 11.76 -22.56
C ILE AA 199 -44.80 12.12 -24.03
N ILE AA 200 -44.23 11.18 -24.79
CA ILE AA 200 -44.08 11.36 -26.23
C ILE AA 200 -45.03 10.39 -26.97
N ASP AA 201 -46.11 10.94 -27.52
CA ASP AA 201 -47.19 10.17 -28.15
C ASP AA 201 -47.17 10.37 -29.65
N LYS AA 202 -47.42 9.30 -30.40
CA LYS AA 202 -47.40 9.36 -31.87
C LYS AA 202 -48.59 10.11 -32.49
N ASN AA 203 -49.59 10.41 -31.67
CA ASN AA 203 -50.75 11.18 -32.12
C ASN AA 203 -50.80 12.59 -31.57
N THR AA 204 -50.37 12.77 -30.32
CA THR AA 204 -50.45 14.08 -29.64
C THR AA 204 -49.09 14.75 -29.40
N GLY AA 205 -48.02 14.14 -29.89
CA GLY AA 205 -46.68 14.72 -29.83
C GLY AA 205 -46.06 14.69 -28.44
N LEU AA 206 -45.48 15.82 -28.03
CA LEU AA 206 -44.75 15.93 -26.78
C LEU AA 206 -45.57 16.68 -25.74
N THR AA 207 -45.82 16.02 -24.62
CA THR AA 207 -46.43 16.66 -23.45
C THR AA 207 -45.41 16.65 -22.32
N PHE AA 208 -45.02 17.84 -21.87
CA PHE AA 208 -44.00 17.98 -20.84
C PHE AA 208 -44.60 18.55 -19.57
N LYS AA 209 -44.74 17.69 -18.55
CA LYS AA 209 -45.36 18.07 -17.29
C LYS AA 209 -44.33 18.48 -16.24
N LYS AA 210 -44.44 19.72 -15.75
CA LYS AA 210 -43.50 20.27 -14.78
C LYS AA 210 -44.09 20.42 -13.38
N ASN AA 211 -43.20 20.47 -12.38
CA ASN AA 211 -43.55 20.71 -10.98
C ASN AA 211 -44.61 19.76 -10.40
N LEU AA 212 -44.45 18.47 -10.70
CA LEU AA 212 -45.31 17.45 -10.13
C LEU AA 212 -44.86 17.10 -8.71
N GLN AA 213 -45.75 16.49 -7.94
CA GLN AA 213 -45.46 16.09 -6.57
C GLN AA 213 -45.98 14.69 -6.26
N VAL AA 214 -45.19 13.96 -5.49
CA VAL AA 214 -45.62 12.67 -4.94
C VAL AA 214 -46.73 12.92 -3.94
N GLU AA 215 -47.87 12.26 -4.15
CA GLU AA 215 -49.04 12.43 -3.29
C GLU AA 215 -49.51 11.07 -2.76
N ASN AA 216 -50.52 11.09 -1.88
CA ASN AA 216 -51.15 9.88 -1.35
C ASN AA 216 -50.17 8.87 -0.77
N MET AA 217 -49.28 9.35 0.09
CA MET AA 217 -48.30 8.50 0.74
C MET AA 217 -48.91 7.84 1.98
N LYS AA 218 -48.29 6.74 2.41
CA LYS AA 218 -48.72 6.05 3.62
C LYS AA 218 -47.69 6.26 4.73
N TRP AA 219 -48.09 6.98 5.77
CA TRP AA 219 -47.23 7.27 6.91
C TRP AA 219 -47.92 7.02 8.24
N ASP AA 220 -49.25 6.95 8.22
CA ASP AA 220 -50.05 6.83 9.44
C ASP AA 220 -49.63 5.69 10.36
N PHE AA 221 -49.35 4.52 9.78
CA PHE AA 221 -48.96 3.32 10.53
C PHE AA 221 -47.73 3.53 11.43
N ALA AA 222 -46.95 4.58 11.13
CA ALA AA 222 -45.73 4.91 11.86
C ALA AA 222 -45.96 5.24 13.34
N LYS AA 223 -47.15 5.73 13.67
CA LYS AA 223 -47.48 6.08 15.07
C LYS AA 223 -47.56 4.85 15.96
N ASP AA 224 -47.86 3.71 15.34
CA ASP AA 224 -48.02 2.44 16.05
C ASP AA 224 -46.68 1.78 16.35
N ILE AA 225 -45.65 2.18 15.62
CA ILE AA 225 -44.31 1.62 15.79
C ILE AA 225 -43.54 2.38 16.85
N LYS AA 226 -43.28 1.70 17.97
CA LYS AA 226 -42.45 2.24 19.04
C LYS AA 226 -41.33 1.26 19.39
N GLY AA 227 -40.15 1.80 19.68
CA GLY AA 227 -38.99 1.01 20.06
C GLY AA 227 -38.39 0.23 18.90
N TYR AA 228 -37.51 -0.73 19.23
CA TYR AA 228 -36.88 -1.59 18.23
C TYR AA 228 -36.97 -3.07 18.60
N GLY AA 229 -37.87 -3.39 19.53
CA GLY AA 229 -38.05 -4.77 19.95
C GLY AA 229 -38.93 -4.97 21.16
N THR AA 230 -38.45 -4.55 22.32
CA THR AA 230 -39.11 -4.84 23.60
C THR AA 230 -39.89 -3.66 24.19
N GLN AA 231 -39.54 -2.45 23.76
CA GLN AA 231 -40.18 -1.23 24.27
C GLN AA 231 -41.69 -1.21 24.01
N LYS AA 232 -42.45 -0.84 25.04
CA LYS AA 232 -43.91 -0.82 24.95
C LYS AA 232 -44.50 0.59 24.77
N ILE AA 233 -43.84 1.60 25.31
CA ILE AA 233 -44.30 2.98 25.18
C ILE AA 233 -43.46 3.80 24.18
N THR BA 1 -13.38 29.31 4.60
CA THR BA 1 -14.27 30.35 4.11
C THR BA 1 -15.70 30.20 4.58
N SER BA 2 -16.66 31.46 4.70
CA SER BA 2 -18.11 31.65 4.42
C SER BA 2 -18.34 32.79 3.45
N ILE BA 3 -19.01 32.49 2.35
CA ILE BA 3 -19.35 33.50 1.35
C ILE BA 3 -20.84 33.40 0.98
N MET BA 4 -21.42 34.52 0.57
CA MET BA 4 -22.81 34.53 0.08
C MET BA 4 -23.14 35.75 -0.78
N ALA BA 5 -24.13 35.59 -1.66
CA ALA BA 5 -24.66 36.69 -2.46
C ALA BA 5 -26.18 36.62 -2.47
N VAL BA 6 -26.83 37.78 -2.37
CA VAL BA 6 -28.29 37.86 -2.25
C VAL BA 6 -28.87 38.94 -3.16
N THR BA 7 -29.75 38.55 -4.07
CA THR BA 7 -30.46 39.51 -4.92
C THR BA 7 -31.58 40.16 -4.13
N PHE BA 8 -31.84 41.43 -4.42
CA PHE BA 8 -32.91 42.17 -3.75
C PHE BA 8 -33.53 43.22 -4.66
N LYS BA 9 -34.52 43.95 -4.11
CA LYS BA 9 -35.26 45.01 -4.81
C LYS BA 9 -34.42 45.89 -5.75
N ASP BA 10 -33.29 46.39 -5.25
CA ASP BA 10 -32.46 47.34 -6.00
C ASP BA 10 -31.26 46.74 -6.75
N GLY BA 11 -30.96 45.46 -6.51
CA GLY BA 11 -29.84 44.80 -7.17
C GLY BA 11 -29.35 43.56 -6.46
N VAL BA 12 -28.08 43.56 -6.07
CA VAL BA 12 -27.47 42.42 -5.38
C VAL BA 12 -26.41 42.86 -4.37
N ILE BA 13 -26.26 42.08 -3.30
CA ILE BA 13 -25.17 42.28 -2.33
C ILE BA 13 -24.38 40.99 -2.15
N LEU BA 14 -23.06 41.12 -2.17
CA LEU BA 14 -22.15 40.00 -1.90
C LEU BA 14 -21.54 40.16 -0.52
N GLY BA 15 -21.42 39.04 0.20
CA GLY BA 15 -20.82 39.04 1.54
C GLY BA 15 -19.82 37.90 1.74
N ALA BA 16 -18.81 38.16 2.57
CA ALA BA 16 -17.76 37.18 2.87
C ALA BA 16 -17.08 37.45 4.20
N ASP BA 17 -16.48 36.42 4.78
CA ASP BA 17 -15.60 36.60 5.94
C ASP BA 17 -14.23 37.06 5.45
N SER BA 18 -13.21 37.01 6.30
CA SER BA 18 -11.88 37.49 5.90
C SER BA 18 -10.75 36.57 6.35
N ARG BA 19 -11.08 35.32 6.61
CA ARG BA 19 -10.11 34.35 7.11
C ARG BA 19 -9.53 33.46 6.00
N THR BA 20 -8.20 33.33 5.97
CA THR BA 20 -7.53 32.31 5.17
C THR BA 20 -6.69 31.45 6.10
N THR BA 21 -6.68 30.14 5.85
CA THR BA 21 -6.06 29.20 6.78
C THR BA 21 -5.05 28.25 6.14
N THR BA 22 -4.09 27.80 6.95
CA THR BA 22 -3.28 26.62 6.66
C THR BA 22 -3.48 25.66 7.83
N GLY BA 23 -4.30 24.64 7.60
CA GLY BA 23 -4.76 23.78 8.68
C GLY BA 23 -5.56 24.62 9.66
N ALA BA 24 -5.03 24.80 10.86
CA ALA BA 24 -5.70 25.57 11.90
C ALA BA 24 -4.98 26.89 12.21
N TYR BA 25 -4.01 27.25 11.38
CA TYR BA 25 -3.34 28.54 11.50
C TYR BA 25 -3.97 29.55 10.54
N ILE BA 26 -4.20 30.76 11.04
CA ILE BA 26 -4.76 31.82 10.20
C ILE BA 26 -3.64 32.61 9.55
N ALA BA 27 -3.40 32.32 8.27
CA ALA BA 27 -2.34 32.96 7.50
C ALA BA 27 -2.62 34.44 7.28
N ASN BA 28 -3.89 34.76 6.98
CA ASN BA 28 -4.34 36.14 6.83
C ASN BA 28 -5.73 36.28 7.45
N ARG BA 29 -5.91 37.31 8.27
CA ARG BA 29 -7.19 37.53 8.94
C ARG BA 29 -8.02 38.69 8.37
N VAL BA 30 -7.46 39.41 7.41
CA VAL BA 30 -8.12 40.57 6.82
C VAL BA 30 -8.24 40.44 5.31
N THR BA 31 -8.38 39.19 4.86
CA THR BA 31 -8.49 38.86 3.44
C THR BA 31 -9.71 39.52 2.78
N ASP BA 32 -9.55 39.89 1.51
CA ASP BA 32 -10.67 40.35 0.72
C ASP BA 32 -11.04 39.31 -0.33
N LYS BA 33 -12.11 38.57 -0.04
CA LYS BA 33 -12.56 37.47 -0.91
C LYS BA 33 -13.56 37.96 -1.95
N LEU BA 34 -13.95 39.22 -1.86
CA LEU BA 34 -14.88 39.82 -2.82
C LEU BA 34 -14.09 40.44 -3.96
N THR BA 35 -14.07 39.74 -5.10
CA THR BA 35 -13.19 40.07 -6.22
C THR BA 35 -13.94 40.62 -7.44
N ARG BA 36 -13.49 41.79 -7.91
CA ARG BA 36 -14.05 42.45 -9.09
C ARG BA 36 -13.56 41.78 -10.37
N VAL BA 37 -14.49 41.48 -11.27
CA VAL BA 37 -14.13 41.00 -12.61
C VAL BA 37 -14.63 41.96 -13.70
N HIS BA 38 -15.54 42.86 -13.31
CA HIS BA 38 -16.03 43.94 -14.16
C HIS BA 38 -16.84 44.95 -13.35
N ASP BA 39 -16.80 46.22 -13.75
CA ASP BA 39 -17.45 47.32 -13.03
C ASP BA 39 -18.54 46.90 -12.03
N LYS BA 40 -19.56 46.22 -12.55
CA LYS BA 40 -20.69 45.78 -11.72
C LYS BA 40 -20.89 44.26 -11.75
N ILE BA 41 -19.84 43.53 -12.15
CA ILE BA 41 -19.83 42.06 -12.00
C ILE BA 41 -18.70 41.67 -11.04
N TRP BA 42 -19.08 41.10 -9.90
CA TRP BA 42 -18.14 40.67 -8.88
C TRP BA 42 -18.32 39.19 -8.58
N CYS BA 43 -17.38 38.62 -7.84
CA CYS BA 43 -17.48 37.23 -7.43
C CYS BA 43 -17.05 37.00 -5.99
N CYS BA 44 -17.51 35.89 -5.43
CA CYS BA 44 -17.07 35.43 -4.11
C CYS BA 44 -16.16 34.22 -4.29
N ARG BA 45 -15.02 34.23 -3.60
CA ARG BA 45 -14.04 33.15 -3.74
C ARG BA 45 -13.99 32.25 -2.51
N SER BA 46 -14.04 30.95 -2.75
CA SER BA 46 -13.82 29.93 -1.71
C SER BA 46 -13.11 28.72 -2.28
N GLY BA 47 -12.34 28.04 -1.42
CA GLY BA 47 -11.50 26.92 -1.84
C GLY BA 47 -10.04 27.30 -1.80
N SER BA 48 -9.27 26.83 -2.79
CA SER BA 48 -7.87 27.20 -2.90
C SER BA 48 -7.74 28.68 -3.20
N ALA BA 49 -6.94 29.37 -2.44
CA ALA BA 49 -6.67 30.75 -2.69
C ALA BA 49 -5.92 30.94 -3.97
N ALA BA 50 -4.97 30.08 -4.25
CA ALA BA 50 -4.27 30.19 -5.49
C ALA BA 50 -5.13 29.95 -6.70
N ASP BA 51 -5.93 28.93 -6.67
CA ASP BA 51 -6.73 28.60 -7.83
C ASP BA 51 -7.77 29.65 -8.15
N THR BA 52 -8.42 30.17 -7.13
CA THR BA 52 -9.42 31.21 -7.28
C THR BA 52 -8.89 32.52 -7.76
N GLN BA 53 -7.73 32.91 -7.28
CA GLN BA 53 -7.08 34.10 -7.75
C GLN BA 53 -6.67 34.00 -9.17
N ALA BA 54 -6.15 32.87 -9.57
CA ALA BA 54 -5.74 32.62 -10.94
C ALA BA 54 -6.93 32.62 -11.88
N ILE BA 55 -8.04 32.01 -11.45
CA ILE BA 55 -9.27 31.94 -12.24
C ILE BA 55 -9.88 33.33 -12.43
N ALA BA 56 -10.03 34.06 -11.33
CA ALA BA 56 -10.59 35.41 -11.35
C ALA BA 56 -9.81 36.34 -12.26
N ASP BA 57 -8.48 36.25 -12.20
CA ASP BA 57 -7.61 37.07 -13.03
C ASP BA 57 -7.77 36.76 -14.52
N ILE BA 58 -7.96 35.49 -14.85
CA ILE BA 58 -8.22 35.08 -16.23
C ILE BA 58 -9.57 35.59 -16.73
N VAL BA 59 -10.59 35.52 -15.86
CA VAL BA 59 -11.93 36.00 -16.19
C VAL BA 59 -11.94 37.51 -16.43
N GLN BA 60 -11.31 38.26 -15.52
CA GLN BA 60 -11.19 39.72 -15.64
C GLN BA 60 -10.56 40.10 -16.98
N TYR BA 61 -9.58 39.32 -17.39
CA TYR BA 61 -8.94 39.48 -18.69
C TYR BA 61 -9.94 39.24 -19.83
N HIS BA 62 -10.73 38.17 -19.74
CA HIS BA 62 -11.68 37.82 -20.79
C HIS BA 62 -12.78 38.86 -20.96
N LEU BA 63 -13.23 39.43 -19.85
CA LEU BA 63 -14.31 40.43 -19.89
C LEU BA 63 -13.81 41.81 -20.30
N GLU BA 64 -12.53 42.10 -20.05
CA GLU BA 64 -11.91 43.32 -20.55
C GLU BA 64 -11.78 43.25 -22.07
N LEU BA 65 -11.39 42.08 -22.58
CA LEU BA 65 -11.31 41.86 -24.02
C LEU BA 65 -12.71 41.85 -24.64
N TYR BA 66 -13.68 41.31 -23.90
CA TYR BA 66 -15.09 41.32 -24.30
C TYR BA 66 -15.63 42.75 -24.42
N THR BA 67 -15.32 43.56 -23.40
CA THR BA 67 -15.79 44.96 -23.35
C THR BA 67 -15.24 45.78 -24.50
N SER BA 68 -13.97 45.58 -24.83
CA SER BA 68 -13.30 46.28 -25.91
C SER BA 68 -13.92 46.00 -27.28
N GLN BA 69 -14.48 44.81 -27.44
CA GLN BA 69 -15.05 44.41 -28.72
C GLN BA 69 -16.58 44.55 -28.78
N TYR BA 70 -17.27 44.06 -27.75
CA TYR BA 70 -18.72 43.89 -27.81
C TYR BA 70 -19.54 44.69 -26.79
N GLY BA 71 -18.88 45.54 -26.01
CA GLY BA 71 -19.55 46.31 -24.96
C GLY BA 71 -19.67 45.52 -23.68
N THR BA 72 -20.43 46.06 -22.73
CA THR BA 72 -20.55 45.48 -21.39
C THR BA 72 -21.21 44.09 -21.40
N PRO BA 73 -20.51 43.09 -20.84
CA PRO BA 73 -21.04 41.72 -20.75
C PRO BA 73 -22.16 41.59 -19.72
N SER BA 74 -23.03 40.62 -19.92
CA SER BA 74 -24.06 40.29 -18.92
C SER BA 74 -23.44 39.52 -17.76
N THR BA 75 -24.19 39.31 -16.69
CA THR BA 75 -23.72 38.49 -15.58
C THR BA 75 -23.65 37.02 -16.00
N GLU BA 76 -24.62 36.61 -16.83
CA GLU BA 76 -24.67 35.24 -17.35
C GLU BA 76 -23.41 34.88 -18.14
N THR BA 77 -22.93 35.81 -18.96
CA THR BA 77 -21.71 35.62 -19.75
C THR BA 77 -20.49 35.45 -18.84
N ALA BA 78 -20.39 36.26 -17.79
CA ALA BA 78 -19.29 36.17 -16.83
C ALA BA 78 -19.25 34.80 -16.14
N ALA BA 79 -20.41 34.31 -15.73
CA ALA BA 79 -20.54 33.00 -15.09
C ALA BA 79 -20.16 31.88 -16.05
N SER BA 80 -20.43 32.09 -17.33
CA SER BA 80 -20.09 31.14 -18.38
C SER BA 80 -18.58 31.03 -18.57
N VAL BA 81 -17.87 32.15 -18.38
CA VAL BA 81 -16.42 32.16 -18.48
C VAL BA 81 -15.78 31.41 -17.31
N PHE BA 82 -16.31 31.65 -16.11
CA PHE BA 82 -15.91 30.91 -14.91
C PHE BA 82 -16.19 29.43 -15.08
N LYS BA 83 -17.39 29.10 -15.55
CA LYS BA 83 -17.80 27.72 -15.77
C LYS BA 83 -16.88 27.02 -16.76
N GLU BA 84 -16.56 27.71 -17.86
CA GLU BA 84 -15.68 27.16 -18.88
C GLU BA 84 -14.33 26.76 -18.29
N LEU BA 85 -13.77 27.61 -17.44
CA LEU BA 85 -12.50 27.33 -16.79
C LEU BA 85 -12.62 26.22 -15.73
N CYS BA 86 -13.63 26.33 -14.87
CA CYS BA 86 -13.84 25.39 -13.76
C CYS BA 86 -14.20 23.98 -14.22
N TYR BA 87 -15.05 23.89 -15.23
CA TYR BA 87 -15.46 22.59 -15.77
C TYR BA 87 -14.29 21.88 -16.47
N GLU BA 88 -13.60 22.61 -17.33
CA GLU BA 88 -12.58 22.04 -18.21
C GLU BA 88 -11.30 21.67 -17.47
N ASN BA 89 -11.03 22.33 -16.35
CA ASN BA 89 -9.87 22.05 -15.51
C ASN BA 89 -10.26 21.49 -14.14
N LYS BA 90 -11.35 20.72 -14.10
CA LYS BA 90 -11.89 20.18 -12.85
C LYS BA 90 -10.94 19.26 -12.08
N ASP BA 91 -10.04 18.59 -12.81
CA ASP BA 91 -9.08 17.66 -12.21
C ASP BA 91 -7.99 18.35 -11.39
N ASN BA 92 -7.67 19.60 -11.75
CA ASN BA 92 -6.56 20.33 -11.16
C ASN BA 92 -6.99 21.55 -10.36
N LEU BA 93 -8.30 21.73 -10.23
CA LEU BA 93 -8.84 22.90 -9.51
C LEU BA 93 -9.65 22.53 -8.29
N THR BA 94 -9.62 23.42 -7.30
CA THR BA 94 -10.45 23.33 -6.11
C THR BA 94 -10.96 24.74 -5.86
N ALA BA 95 -12.05 25.07 -6.53
CA ALA BA 95 -12.62 26.40 -6.49
C ALA BA 95 -14.14 26.34 -6.46
N GLY BA 96 -14.73 27.00 -5.47
CA GLY BA 96 -16.17 27.18 -5.39
C GLY BA 96 -16.43 28.67 -5.47
N ILE BA 97 -17.02 29.11 -6.58
CA ILE BA 97 -17.16 30.54 -6.86
C ILE BA 97 -18.64 30.93 -7.00
N ILE BA 98 -18.99 32.06 -6.39
CA ILE BA 98 -20.31 32.67 -6.60
C ILE BA 98 -20.14 33.94 -7.45
N VAL BA 99 -20.85 33.99 -8.57
CA VAL BA 99 -20.83 35.16 -9.44
C VAL BA 99 -22.08 35.98 -9.18
N ALA BA 100 -21.92 37.29 -9.06
CA ALA BA 100 -23.04 38.22 -8.86
C ALA BA 100 -22.77 39.55 -9.53
N GLY BA 101 -23.69 39.96 -10.39
CA GLY BA 101 -23.56 41.22 -11.11
C GLY BA 101 -24.86 42.00 -11.22
N TYR BA 102 -24.74 43.30 -11.46
CA TYR BA 102 -25.89 44.14 -11.68
C TYR BA 102 -25.97 44.59 -13.14
N ASP BA 103 -27.11 44.33 -13.76
CA ASP BA 103 -27.40 44.73 -15.13
C ASP BA 103 -28.54 45.72 -15.04
N ASP BA 104 -28.67 46.58 -16.05
CA ASP BA 104 -29.75 47.56 -16.07
C ASP BA 104 -31.06 46.94 -16.55
N LYS BA 105 -30.95 45.96 -17.44
CA LYS BA 105 -32.11 45.22 -17.96
C LYS BA 105 -32.48 44.06 -17.03
N ASN BA 106 -31.50 43.22 -16.68
CA ASN BA 106 -31.72 42.01 -15.88
C ASN BA 106 -31.76 42.24 -14.37
N LYS BA 107 -31.51 43.48 -13.96
CA LYS BA 107 -31.39 43.87 -12.54
C LYS BA 107 -30.28 43.08 -11.83
N GLY BA 108 -30.56 42.49 -10.68
CA GLY BA 108 -29.55 41.74 -9.93
C GLY BA 108 -29.66 40.23 -10.14
N GLU BA 109 -28.53 39.61 -10.48
CA GLU BA 109 -28.48 38.16 -10.70
C GLU BA 109 -27.38 37.49 -9.88
N VAL BA 110 -27.61 36.23 -9.52
CA VAL BA 110 -26.62 35.42 -8.77
C VAL BA 110 -26.45 34.04 -9.40
N TYR BA 111 -25.19 33.68 -9.64
CA TYR BA 111 -24.84 32.35 -10.16
C TYR BA 111 -23.85 31.67 -9.23
N THR BA 112 -24.10 30.39 -8.92
CA THR BA 112 -23.15 29.61 -8.10
C THR BA 112 -22.52 28.48 -8.91
N ILE BA 113 -21.21 28.35 -8.78
CA ILE BA 113 -20.43 27.33 -9.48
C ILE BA 113 -19.64 26.50 -8.46
N PRO BA 114 -20.18 25.31 -8.09
CA PRO BA 114 -19.52 24.41 -7.14
C PRO BA 114 -18.30 23.74 -7.76
N LEU BA 115 -17.76 22.73 -7.07
CA LEU BA 115 -16.53 22.04 -7.48
C LEU BA 115 -16.53 21.46 -8.90
N GLY BA 116 -17.65 20.92 -9.34
CA GLY BA 116 -17.72 20.29 -10.67
C GLY BA 116 -17.53 21.22 -11.86
N GLY BA 117 -18.04 22.44 -11.76
CA GLY BA 117 -18.06 23.36 -12.89
C GLY BA 117 -19.46 23.54 -13.48
N SER BA 118 -20.47 23.07 -12.75
CA SER BA 118 -21.86 23.24 -13.13
C SER BA 118 -22.32 24.64 -12.74
N VAL BA 119 -23.29 25.18 -13.48
CA VAL BA 119 -23.83 26.51 -13.18
C VAL BA 119 -25.25 26.41 -12.65
N HIS BA 120 -25.56 27.24 -11.67
CA HIS BA 120 -26.89 27.30 -11.08
C HIS BA 120 -27.25 28.75 -10.79
N LYS BA 121 -28.26 29.26 -11.50
CA LYS BA 121 -28.79 30.59 -11.25
C LYS BA 121 -29.76 30.50 -10.07
N LEU BA 122 -29.63 31.43 -9.13
CA LEU BA 122 -30.40 31.37 -7.88
C LEU BA 122 -30.82 32.75 -7.38
N PRO BA 123 -31.93 32.82 -6.60
CA PRO BA 123 -32.30 34.08 -5.94
C PRO BA 123 -31.21 34.53 -4.96
N TYR BA 124 -30.57 33.55 -4.31
CA TYR BA 124 -29.39 33.76 -3.48
C TYR BA 124 -28.58 32.47 -3.42
N ALA BA 125 -27.31 32.58 -3.04
CA ALA BA 125 -26.45 31.42 -2.91
C ALA BA 125 -25.48 31.56 -1.74
N ILE BA 126 -25.25 30.44 -1.04
CA ILE BA 126 -24.24 30.36 0.02
C ILE BA 126 -23.19 29.32 -0.35
N ALA BA 127 -21.95 29.54 0.08
CA ALA BA 127 -20.86 28.60 -0.20
C ALA BA 127 -19.71 28.73 0.81
N GLY BA 128 -18.78 27.78 0.75
CA GLY BA 128 -17.65 27.74 1.68
C GLY BA 128 -17.93 26.82 2.86
N SER BA 129 -16.88 26.46 3.60
CA SER BA 129 -17.00 25.54 4.73
C SER BA 129 -18.08 25.95 5.73
N GLY BA 130 -18.13 27.24 6.05
CA GLY BA 130 -19.05 27.77 7.07
C GLY BA 130 -20.51 27.81 6.67
N SER BA 131 -20.80 27.56 5.40
CA SER BA 131 -22.15 27.68 4.88
C SER BA 131 -23.08 26.53 5.29
N THR BA 132 -22.52 25.36 5.60
CA THR BA 132 -23.32 24.21 6.03
C THR BA 132 -24.14 24.55 7.28
N PHE BA 133 -23.58 25.42 8.12
CA PHE BA 133 -24.19 25.74 9.40
C PHE BA 133 -25.37 26.70 9.30
N ILE BA 134 -25.54 27.31 8.12
CA ILE BA 134 -26.56 28.33 7.94
C ILE BA 134 -27.63 28.00 6.88
N TYR BA 135 -27.63 26.78 6.36
CA TYR BA 135 -28.68 26.36 5.43
C TYR BA 135 -30.07 26.53 6.05
N GLY BA 136 -30.24 25.98 7.25
CA GLY BA 136 -31.50 26.11 7.99
C GLY BA 136 -31.91 27.55 8.18
N TYR BA 137 -30.99 28.36 8.69
CA TYR BA 137 -31.27 29.77 8.97
C TYR BA 137 -31.65 30.57 7.72
N CYS BA 138 -30.90 30.37 6.64
CA CYS BA 138 -31.09 31.14 5.41
C CYS BA 138 -32.38 30.79 4.69
N ASP BA 139 -32.72 29.50 4.66
CA ASP BA 139 -33.94 29.06 3.99
C ASP BA 139 -35.18 29.63 4.67
N LYS BA 140 -35.15 29.72 6.00
CA LYS BA 140 -36.27 30.24 6.78
C LYS BA 140 -36.38 31.76 6.76
N ASN BA 141 -35.27 32.44 6.50
CA ASN BA 141 -35.24 33.91 6.59
C ASN BA 141 -35.21 34.68 5.28
N PHE BA 142 -34.82 34.02 4.18
CA PHE BA 142 -34.76 34.70 2.89
C PHE BA 142 -36.15 35.02 2.34
N ARG BA 143 -36.30 36.26 1.86
CA ARG BA 143 -37.50 36.72 1.15
C ARG BA 143 -37.04 37.42 -0.11
N GLU BA 144 -37.86 37.36 -1.16
CA GLU BA 144 -37.54 38.06 -2.41
C GLU BA 144 -37.90 39.54 -2.33
N ASN BA 145 -37.10 40.35 -3.02
CA ASN BA 145 -37.32 41.81 -3.13
C ASN BA 145 -37.25 42.57 -1.81
N MET BA 146 -36.31 42.17 -0.95
CA MET BA 146 -36.06 42.85 0.32
C MET BA 146 -35.42 44.21 0.08
N SER BA 147 -35.50 45.09 1.06
CA SER BA 147 -34.81 46.38 1.00
C SER BA 147 -33.30 46.20 1.21
N LYS BA 148 -32.54 47.26 0.96
CA LYS BA 148 -31.10 47.23 1.17
C LYS BA 148 -30.77 46.93 2.63
N GLU BA 149 -31.43 47.63 3.55
CA GLU BA 149 -31.27 47.41 4.99
C GLU BA 149 -31.56 45.97 5.41
N GLU BA 150 -32.67 45.43 4.91
CA GLU BA 150 -33.09 44.06 5.21
C GLU BA 150 -32.09 43.01 4.70
N THR BA 151 -31.50 43.28 3.54
CA THR BA 151 -30.54 42.37 2.93
C THR BA 151 -29.19 42.40 3.65
N VAL BA 152 -28.69 43.61 3.92
CA VAL BA 152 -27.47 43.78 4.72
C VAL BA 152 -27.62 43.06 6.07
N ASP BA 153 -28.78 43.21 6.70
CA ASP BA 153 -29.11 42.50 7.94
C ASP BA 153 -29.15 40.99 7.76
N PHE BA 154 -29.85 40.53 6.73
CA PHE BA 154 -29.94 39.10 6.43
C PHE BA 154 -28.55 38.49 6.27
N ILE BA 155 -27.69 39.15 5.50
CA ILE BA 155 -26.31 38.70 5.30
C ILE BA 155 -25.49 38.80 6.58
N LYS BA 156 -25.65 39.90 7.30
CA LYS BA 156 -24.91 40.13 8.54
C LYS BA 156 -25.18 39.03 9.57
N HIS BA 157 -26.46 38.71 9.75
CA HIS BA 157 -26.88 37.67 10.68
C HIS BA 157 -26.44 36.27 10.27
N SER BA 158 -26.50 36.00 8.96
CA SER BA 158 -26.15 34.69 8.42
C SER BA 158 -24.66 34.39 8.57
N LEU BA 159 -23.82 35.32 8.12
CA LEU BA 159 -22.37 35.14 8.20
C LEU BA 159 -21.85 35.12 9.64
N SER BA 160 -22.51 35.86 10.52
CA SER BA 160 -22.14 35.85 11.94
C SER BA 160 -22.34 34.47 12.56
N GLN BA 161 -23.38 33.76 12.11
CA GLN BA 161 -23.62 32.39 12.56
C GLN BA 161 -22.61 31.42 11.95
N ALA BA 162 -22.32 31.60 10.67
CA ALA BA 162 -21.30 30.82 9.97
C ALA BA 162 -19.94 30.96 10.65
N ILE BA 163 -19.55 32.19 10.95
CA ILE BA 163 -18.31 32.50 11.66
C ILE BA 163 -18.29 31.89 13.07
N LYS BA 164 -19.44 31.94 13.75
CA LYS BA 164 -19.56 31.46 15.12
C LYS BA 164 -19.28 29.97 15.24
N TRP BA 165 -19.84 29.18 14.32
CA TRP BA 165 -19.72 27.73 14.39
C TRP BA 165 -18.52 27.17 13.62
N ASP BA 166 -18.18 27.81 12.50
CA ASP BA 166 -17.04 27.38 11.69
C ASP BA 166 -15.73 28.01 12.13
N GLY BA 167 -14.76 27.16 12.46
CA GLY BA 167 -13.42 27.60 12.84
C GLY BA 167 -12.62 28.11 11.66
N SER BA 168 -13.00 27.67 10.45
CA SER BA 168 -12.34 28.10 9.21
C SER BA 168 -12.84 29.48 8.75
N SER BA 169 -13.83 30.02 9.47
CA SER BA 169 -14.35 31.35 9.16
C SER BA 169 -14.13 32.30 10.32
N GLY BA 170 -14.01 33.58 10.02
CA GLY BA 170 -13.80 34.59 11.04
C GLY BA 170 -13.26 35.89 10.46
N GLY BA 171 -12.90 36.80 11.36
CA GLY BA 171 -12.37 38.11 10.97
C GLY BA 171 -13.46 39.15 10.91
N VAL BA 172 -13.51 39.87 9.78
CA VAL BA 172 -14.53 40.88 9.56
C VAL BA 172 -15.49 40.41 8.47
N ILE BA 173 -16.73 40.87 8.54
CA ILE BA 173 -17.70 40.62 7.47
C ILE BA 173 -17.58 41.74 6.42
N ARG BA 174 -17.19 41.37 5.22
CA ARG BA 174 -17.08 42.31 4.12
C ARG BA 174 -18.31 42.23 3.24
N MET BA 175 -18.77 43.39 2.75
CA MET BA 175 -19.91 43.41 1.84
C MET BA 175 -19.65 44.32 0.64
N VAL BA 176 -20.22 43.95 -0.50
CA VAL BA 176 -20.19 44.78 -1.69
C VAL BA 176 -21.61 44.93 -2.22
N VAL BA 177 -22.09 46.17 -2.30
CA VAL BA 177 -23.44 46.46 -2.78
C VAL BA 177 -23.41 46.91 -4.24
N LEU BA 178 -24.15 46.19 -5.08
CA LEU BA 178 -24.24 46.46 -6.51
C LEU BA 178 -25.65 46.89 -6.89
N THR BA 179 -25.83 48.19 -7.14
CA THR BA 179 -27.11 48.75 -7.57
C THR BA 179 -26.92 49.64 -8.80
N ALA BA 180 -27.98 50.38 -9.16
CA ALA BA 180 -27.91 51.36 -10.23
C ALA BA 180 -27.04 52.55 -9.85
N ALA BA 181 -26.95 52.80 -8.54
CA ALA BA 181 -26.17 53.92 -7.99
C ALA BA 181 -24.65 53.71 -8.06
N GLY BA 182 -24.22 52.46 -8.25
CA GLY BA 182 -22.81 52.13 -8.35
C GLY BA 182 -22.38 51.00 -7.45
N VAL BA 183 -21.19 51.13 -6.88
CA VAL BA 183 -20.59 50.12 -6.00
C VAL BA 183 -20.37 50.70 -4.61
N GLU BA 184 -20.71 49.93 -3.57
CA GLU BA 184 -20.52 50.37 -2.19
C GLU BA 184 -19.87 49.29 -1.33
N ARG BA 185 -18.79 49.68 -0.66
CA ARG BA 185 -18.05 48.78 0.23
C ARG BA 185 -18.56 48.89 1.66
N LEU BA 186 -18.83 47.74 2.28
CA LEU BA 186 -19.26 47.71 3.68
C LEU BA 186 -18.38 46.77 4.49
N ILE BA 187 -18.12 47.18 5.73
CA ILE BA 187 -17.34 46.36 6.66
C ILE BA 187 -18.03 46.31 8.03
N PHE BA 188 -17.96 45.14 8.67
CA PHE BA 188 -18.54 44.96 10.01
C PHE BA 188 -17.57 44.18 10.90
N TYR BA 189 -17.37 44.68 12.11
CA TYR BA 189 -16.33 44.16 13.01
C TYR BA 189 -16.89 43.19 14.07
N PRO BA 190 -16.05 42.24 14.53
CA PRO BA 190 -16.38 41.27 15.58
C PRO BA 190 -17.21 41.84 16.73
N ASP BA 191 -16.82 43.01 17.24
CA ASP BA 191 -17.51 43.65 18.37
C ASP BA 191 -18.97 43.99 18.08
N GLU BA 192 -19.32 44.05 16.80
CA GLU BA 192 -20.70 44.31 16.38
C GLU BA 192 -21.48 43.04 16.06
N TYR BA 193 -20.93 42.17 15.20
CA TYR BA 193 -21.70 41.02 14.72
C TYR BA 193 -21.77 39.80 15.67
N GLU BA 194 -20.84 39.72 16.62
CA GLU BA 194 -20.90 38.66 17.65
C GLU BA 194 -22.00 38.95 18.68
N GLN BA 195 -22.41 40.21 18.77
CA GLN BA 195 -23.45 40.65 19.69
C GLN BA 195 -24.84 40.16 19.28
N LEU BA 196 -25.03 39.95 17.98
CA LEU BA 196 -26.32 39.54 17.41
C LEU BA 196 -26.86 38.25 18.05
#